data_6JO6
#
_entry.id   6JO6
#
_cell.length_a   1.00
_cell.length_b   1.00
_cell.length_c   1.00
_cell.angle_alpha   90.00
_cell.angle_beta   90.00
_cell.angle_gamma   90.00
#
_symmetry.space_group_name_H-M   'P 1'
#
loop_
_entity.id
_entity.type
_entity.pdbx_description
1 polymer 'Photosystem I P700 chlorophyll a apoprotein A1'
2 polymer 'Photosystem I P700 chlorophyll a apoprotein A2'
3 polymer 'Photosystem I iron-sulfur center'
4 polymer 'Photosystem I reaction center subunit II, chloroplastic'
5 polymer 'Photosystem I reaction center subunit IV, chloroplastic'
6 polymer 'Photosystem I reaction center subunit F, Photosystem I reaction center subunit III, chloroplastic'
7 polymer 'Photosystem I reaction center subunit V, chloroplastic'
8 polymer 'Photosystem I reaction center subunit VIII'
9 polymer 'Photosystem I reaction center subunit IX'
10 polymer 'Photosystem I reaction center subunit psaK, chloroplastic'
11 polymer 'Photosystem I reaction center subunit XI'
12 polymer 'Chlorophyll a-b binding protein, chloroplastic'
13 polymer 'Chlorophyll a-b binding protein, chloroplastic'
14 polymer 'Chlorophyll a-b binding protein, chloroplastic'
15 polymer 'Chlorophyll a-b binding protein, chloroplastic'
16 polymer 'Chlorophyll a-b binding protein, chloroplastic'
17 polymer 'Chlorophyll a-b binding protein, chloroplastic'
18 polymer 'Chlorophyll a-b binding protein, chloroplastic'
19 non-polymer 'CHLOROPHYLL A ISOMER'
20 non-polymer 'CHLOROPHYLL A'
21 non-polymer PHYLLOQUINONE
22 non-polymer 1,2-DIPALMITOYL-PHOSPHATIDYL-GLYCEROLE
23 non-polymer BETA-CAROTENE
24 non-polymer 'IRON/SULFUR CLUSTER'
25 non-polymer 'DIGALACTOSYL DIACYL GLYCEROL (DGDG)'
26 non-polymer 1,2-DISTEAROYL-MONOGALACTOSYL-DIGLYCERIDE
27 non-polymer 'CHLOROPHYLL B'
28 non-polymer "(3R,3'R,6S)-4,5-DIDEHYDRO-5,6-DIHYDRO-BETA,BETA-CAROTENE-3,3'-DIOL"
#
loop_
_entity_poly.entity_id
_entity_poly.type
_entity_poly.pdbx_seq_one_letter_code
_entity_poly.pdbx_strand_id
1 'polypeptide(L)'
;MTISTPEREAKKVKIAVDRNPVETSFEKWAKPGHFSRTLSKGPNTTTWIWNLHADAHDFDSHTSDLEEISRKVFSAHFGQ
LGIIFIWLSGMYFHGARFSNYEAWLSDPTHIKPSAQVVWPIVGQEILNGDVGGGFQGIQITSGFFQLWRASGITSELQLY
TTAIGGLVMAAAMFFAGWFHYHKAAPKLEWFQNVESMLNHHLGGLLGLGSLAWAGHQIHVSLPVNKLLDAGVDPKEIPLP
HDLLLNRAIMADLYPSFAKGIAPFFTLNWSEYSDFLTFKGGLNPVTGGLWLSDTAHHHVAIAVLFLVAGHMYRTNWGIGH
SMKEILEAHRGPFTGEGHVGLYEILTTSWHAQLAINLALFGSLSIIVAHHMYAMPPYPYLATDYGTQLSLFTHHTWIGGF
CIVGAGAHAAIFMVRDYDPTNNYNNLLDRVIRHRDAIISHLNWVCIFLGFHSFGLYIHNDTMSALGRPQDMFSDTAIQLQ
PVFAQWIQNTHFLAPQLTAPNALAATSLTWGGDLVAVGGKVAMMPISLGTSDFMVHHIHAFTIHVTVLILLKGVLFARSS
RLIPDKANLGFRFPCDGPGRGGTCQVSAWDHVFLGLFWMYNSLSIVIFHFSWKMQSDVWGTVTASGVSHITGGNFAQSAN
TINGWLRDFLWAQSSQVIQSYGSALSAYGLIFLGAHFVWAFSLMFLFSGRGYWQELIESIVWAHNKLKVAPAIQPRALSI
TQGRAVGVAHYLLGGIATTWSFFLARIISVG
;
A
2 'polypeptide(L)'
;MATHHHHHHHHHHHHHHHHHHHHKLFPKFSQGLAQDPTTRRIWYGLAMAHDFESHDGMTEENLYQKIFASHFGQLSIIFL
WTSGNLFHVAWQGNFEQWVTDPVHIRPIAHAIWDPHFGQPAVEAFTRGGASGPVNISTSGVYQWWYTIGMRTNQDLYVGS
VFLALVSAIFLFAGWLHLQPNFQPSLSWFKDAESRLNHHLSGLFGVSSLAWTGHLVHVAIPESRGQHVGWDNFLSVLPHP
QGLTPFFTGNWAAYAQSPDTASHVFGTAQGSGQAILTFLGGFHPQTQSLWLTDMAHHHLAIAVIFIVAGHMYRTNFGIGH
RMQAILEAHTPPSGSLGAGHKGLFDTVNNSLHFQLGLALASVGTITSLVAQHMYSLPPYAFQAIDFTTQAALYTHHQYIA
GFIMCGAFAHGAIFFIRDYDPEQNKGNVLARMLDHKEALISHLSWVSLFLGFHTLGLYVHNDVMQAFGTPEKQILIEPVF
AQWIQAAHGKALYGFDFLLSSKTSAAFANGQSLWLPGWLDAINNNQNSLFLTIGPGDFLVHHAIALGLHTTTLILVKGAL
DARGSKLMPDKKDFGYSFPCDGPGRGGTCDISAYDAFYLAVFWMLNTIGWVTFYWHWKHLTLWQGNVAQFDESSTYLMGW
LRDYLWLNSSQLINGYNPFGMNSLSVWAWTFLFGHLIYATGFMFLISWRGYWQELIETLVWAHEKTPLANLVYWKDKPVA
LSIVQARLVGLAHFSVGYIFTYAAFLIASTSGRFG
;
B
3 'polypeptide(L)'
;MAHIVKIYDTCIGCTQCVRACPLDVLEMVPWDGCKASQMASAPRTEDCVGCKRCETACPTDFLSVRVYLGSESTRSMGLS
Y
;
C
4 'polypeptide(L)'
;EAEAAPAAAKKAAEKPAWTVPTLNPDTPSPIFGGSTGGLLRKAQTEEFYVITWEAKKEQIFEMPTGGAAIMRQGPNLLKF
GKKEQCLALTTQLRNKFKLTPCFYRVFPDGKVQYLHPADGVYPEKVNAGRVGANQNMRRIGQNVNPIKVKFSGRMMSPAE
I
;
D
5 'polypeptide(L)' EEVKAAPKKEVGPKRGSLVKILRPESYWFNQVGKVVSVDQSGVRYPVVVRFENQNYAGVTTNNYALDEVVAAK E
6 'polypeptide(L)'
;DIAGLTPCSESKAYAKLEKKELKTLEKRLKQYEADSAPAVALKATMERTKARFANYAKAGLLCGNDGLPHLIADPGLALK
YGHAGEVFIPTFGFLYVAGYIGYVGRQYLIAVKGEAKPTDKEIIIDVPLATKLAWQGAGWPLAAVQELQRGTLLEKEENI
TVSPR
;
F
7 'polypeptide(L)'
;ALDPQIVISGSTAAFLAIGRFVFLGYQRREANFDSTVGPKTTGATYFDDLQKNSTIFATNDPAGFNIIDVAGWGALGHAV
GFAVLAINSLQGAN
;
G
8 'polypeptide(L)'
;MALRAVSAKSAVRPTVARASVKPVAALKPAQKMALAGAASVALLAASSSSAEASQVIATVASAAQGYPFVPPSWAPSVFV
PLTGLVLPAIAMATLFVYIEKEAPSS
;
I
9 'polypeptide(L)' MKDFTTYLSTAPVIATIWFTFTAGLLIEINRYFPDPLVFSF J
10 'polypeptide(L)'
;DGFIGSSTNLIMVASTTATLAAARFGLAPTVKKNTTAGLKLVDSKNSAGVISNDPAGFTIVDVLAMGAAGHGLGVGIVLG
LKGIGAL
;
K
11 'polypeptide(L)'
;QVISPVNGDPFVGMLETPVTSAPIVATYLSNLPAYRTGVAPVLRGVEIGLAHGFLLAGPFIKLGPLRNVPETAEIAGSLS
AAGLVLILALCLSIYGSAQFQSTPSIGVKTLSGRSVARDPLFSADGWSEFAAGFLVGGEAGVAWAYVCTQILPYYS
;
L
12 'polypeptide(L)'
;KAGNWLPGSDAPAWLPDDLPGNYGFDPLSLGKEPASLKRFTESEVIHGRWAMLGVAGSLAVELLGYGNWYDAPLWAVNGG
KATWFGIEVPFDLNALLAFEFVAMAAAEGQRGDAGGVVYPGGAFDPLGFAKDSSKSGELKLKEIKNGRLAMVAFLGFVAQ
HAATGKGPIAALGEHLANPWGANFATNGISVPFF
;
1,Z
13 'polypeptide(L)'
;EEKSIAKVDRSKDQLYVGASQSSLAYLDGSLPGDFGFDPLGLLDPVNSGGFIEPKWLQYSEVIHARWAMLGAAGCIAPEV
LGAAGLIPDATNIKWFESGVIPPAGSYNGYWADPYTIFFVEIVAMQFAELRRLQDFRYPGSMGQQYFLGLEAIFKGSGDA
AYPGGPFFNLFNLGKTEAAMKELKLKEIKNGRLAMLAMLGYGAQAVMTGKGPFQNLVEHLADPVNNNILTNFAGRVSGSS
QPWRPHGWWRRRYRSVAALALIRNRSVC
;
3
14 'polypeptide(L)'
;AAVRPVWFPGNPPPAHLDGSLAGDYGFDPLFLGQEPQTLKWYVQAELVHGRFAMLGAAGIILTSIGAKVGLGFPEWYDAG
KVVVEKNNIDFPTLMVIQFYLMGWAETKRWYDFKNPGSQADGSFLGFTEEFKGLENGYPGGRFFDPMGLSRGDAAKYQEY
KQKEVKNGRLAMIACLGFAAQYAATGKGPLDNLADHLADPNHVNFATNGVSIPIA
;
7
15 'polypeptide(L)'
;RQSWLPGSQIPAHLDTPAAQALAGNFGFDPLGLGKDPVALRWYQQAELIHCRTAMAGVAGILIPGLLTKAGALNVPEWYD
AGKVAIENSFAPWGSLLAVQLFLCGFVEAKRWQDIRKPGSQGEPGSFLGFEASLKGTSELGYPGGPFDPLGLSKEADKWA
DWKLKEVKNGRLAMLAFLGFVAQKYATGAGPVDNLAAHLKDPWHVNYATNGVSLPFL
;
8
16 'polypeptide(L)'
;SAVPENVKEAREWIDAWKSKSGGAKRDAALPSWMPGADLPGYLNGTLPGDFGFDPLYLGQDPVKLKWYAQAELMNARFAM
LAVAGILVPELLSNIGFSWPGAGVAWYDAGKFEYFAPASSLFGVQMLLFAWVEIRRYQDFVKPGSANQDPIFTNNKLPDG
NEPGYPGGIFDPFGWSKGDIKSLKLKEIKNGRLAMLAFAGFIGQAYTTGTTPLKNLSTHLADPWSTTVWQNDLARL
;
4
17 'polypeptide(L)'
;AADRKLWAPGVVAPEYLKGDLAGDYGWDPLGLGADPTALKWYRQSELQHARWAMLGVAGVLVQEIVKPDVYFYEAGLPQN
LPEPFTNINMGGLLAWEFILMHWVEVRRWQDYKNFGSVNEDPIFKGNKVPNPEMGYPGGIFDPFGFSKGNLKELQTKEIK
NGRLAMIAYMAFILQAQATGKGPLAALSAHLSNPFGNNILKNIGTCTVPHSVDVQGLTIPLTCLWPGSQ
;
5
18 'polypeptide(L)'
;ASSRPLWLPGSTPPAHLKGDLPGDFGFDPLGLGANAESLKWFKESELVHSRWAMAAVAGILVQEIVRPDVFWYNAGKEVE
SPLGPLGLLAVEFFLMHWVEVRRWQDLRKPGSVDQDPIFSQYKLPPHEVGYPGGVFAPFIPGDLAELKVKEIKNGRLAML
AFVGFVMAAQVTGKGPIAALQEHLADPWGTTIFSKAAVVPGQAVAPPCKIPASVSYKGIEIPTPCFLQGLWP
;
6
#
loop_
_chem_comp.id
_chem_comp.type
_chem_comp.name
_chem_comp.formula
BCR non-polymer BETA-CAROTENE 'C40 H56'
CHL non-polymer 'CHLOROPHYLL B' 'C55 H70 Mg N4 O6 2'
CL0 non-polymer 'CHLOROPHYLL A ISOMER' 'C55 H72 Mg N4 O5 2'
CLA non-polymer 'CHLOROPHYLL A' 'C55 H72 Mg N4 O5'
DGD saccharide 'DIGALACTOSYL DIACYL GLYCEROL (DGDG)' 'C51 H96 O15'
LHG non-polymer 1,2-DIPALMITOYL-PHOSPHATIDYL-GLYCEROLE 'C38 H75 O10 P'
LMG non-polymer 1,2-DISTEAROYL-MONOGALACTOSYL-DIGLYCERIDE 'C45 H86 O10'
LUT non-polymer (3R,3'R,6S)-4,5-DIDEHYDRO-5,6-DIHYDRO-BETA,BETA-CAROTENE-3,3'-DIOL 'C40 H56 O2'
PQN non-polymer PHYLLOQUINONE 'C31 H46 O2'
SF4 non-polymer 'IRON/SULFUR CLUSTER' 'Fe4 S4'
#
# COMPACT_ATOMS: atom_id res chain seq x y z
N LYS A 12 38.80 22.21 -38.75
CA LYS A 12 39.64 21.45 -37.84
C LYS A 12 38.82 20.64 -36.85
N VAL A 13 38.91 19.33 -36.95
CA VAL A 13 38.23 18.42 -36.03
C VAL A 13 39.15 18.17 -34.84
N LYS A 14 38.69 18.51 -33.64
CA LYS A 14 39.51 18.35 -32.46
C LYS A 14 38.62 18.15 -31.23
N ILE A 15 39.27 17.79 -30.13
CA ILE A 15 38.57 17.59 -28.87
C ILE A 15 38.33 18.94 -28.23
N ALA A 16 37.07 19.25 -27.93
CA ALA A 16 36.70 20.52 -27.32
C ALA A 16 35.86 20.25 -26.09
N VAL A 17 36.30 20.75 -24.94
CA VAL A 17 35.69 20.40 -23.66
C VAL A 17 35.76 21.60 -22.73
N ASP A 18 34.68 21.84 -21.99
CA ASP A 18 34.64 22.82 -20.91
C ASP A 18 34.90 22.11 -19.59
N ARG A 19 35.67 22.76 -18.71
CA ARG A 19 36.08 22.15 -17.45
C ARG A 19 35.13 22.55 -16.34
N ASN A 20 34.60 21.53 -15.64
CA ASN A 20 33.77 21.69 -14.45
C ASN A 20 32.55 22.61 -14.62
N PRO A 21 31.57 22.24 -15.47
CA PRO A 21 30.42 23.12 -15.64
C PRO A 21 29.46 23.09 -14.47
N VAL A 22 29.14 21.88 -14.00
CA VAL A 22 28.08 21.67 -13.03
C VAL A 22 28.69 20.98 -11.82
N GLU A 23 28.52 21.57 -10.65
CA GLU A 23 29.04 20.99 -9.42
C GLU A 23 28.23 19.77 -9.03
N THR A 24 28.93 18.71 -8.61
CA THR A 24 28.25 17.52 -8.12
C THR A 24 27.76 17.83 -6.71
N SER A 25 26.44 18.00 -6.56
CA SER A 25 25.88 18.35 -5.27
C SER A 25 24.48 17.76 -5.14
N PHE A 26 24.11 17.40 -3.91
CA PHE A 26 22.79 16.88 -3.61
C PHE A 26 21.73 17.97 -3.45
N GLU A 27 22.09 19.24 -3.67
CA GLU A 27 21.18 20.36 -3.48
C GLU A 27 19.96 20.28 -4.39
N LYS A 28 20.17 20.11 -5.69
CA LYS A 28 19.05 20.11 -6.62
C LYS A 28 18.26 18.81 -6.60
N TRP A 29 18.76 17.75 -5.94
CA TRP A 29 17.95 16.58 -5.68
C TRP A 29 16.83 16.91 -4.70
N ALA A 30 17.08 17.83 -3.79
CA ALA A 30 16.14 18.23 -2.75
C ALA A 30 15.18 19.32 -3.20
N LYS A 31 15.23 19.71 -4.48
CA LYS A 31 14.33 20.74 -5.00
C LYS A 31 13.66 20.21 -6.27
N PRO A 32 12.53 19.51 -6.13
CA PRO A 32 11.81 18.97 -7.29
C PRO A 32 11.38 20.03 -8.28
N GLY A 33 11.68 19.78 -9.55
CA GLY A 33 11.30 20.67 -10.63
C GLY A 33 12.23 21.83 -10.83
N HIS A 34 13.48 21.69 -10.35
CA HIS A 34 14.50 22.73 -10.45
C HIS A 34 14.78 23.12 -11.90
N PHE A 35 14.62 22.17 -12.81
CA PHE A 35 14.94 22.34 -14.23
C PHE A 35 14.00 23.29 -14.98
N SER A 36 12.81 23.52 -14.46
CA SER A 36 11.83 24.38 -15.13
C SER A 36 11.47 25.57 -14.26
N ARG A 37 11.52 26.76 -14.84
CA ARG A 37 11.18 27.99 -14.13
C ARG A 37 9.73 27.96 -13.65
N THR A 38 8.84 27.30 -14.39
CA THR A 38 7.45 27.19 -13.98
C THR A 38 7.31 26.20 -12.82
N LEU A 39 7.99 25.06 -12.92
CA LEU A 39 7.86 23.98 -11.95
C LEU A 39 8.69 24.18 -10.70
N SER A 40 9.71 25.03 -10.72
CA SER A 40 10.52 25.28 -9.52
C SER A 40 9.81 26.14 -8.50
N LYS A 41 8.66 26.71 -8.85
CA LYS A 41 7.89 27.53 -7.91
C LYS A 41 7.27 26.69 -6.81
N GLY A 42 7.07 25.40 -7.04
CA GLY A 42 6.51 24.48 -6.09
C GLY A 42 5.13 24.01 -6.50
N PRO A 43 4.56 23.09 -5.76
CA PRO A 43 3.25 22.54 -6.14
C PRO A 43 2.10 23.29 -5.49
N ASN A 44 1.16 23.75 -6.30
CA ASN A 44 -0.09 24.26 -5.74
C ASN A 44 -1.26 23.32 -5.96
N THR A 45 -1.40 22.77 -7.15
CA THR A 45 -2.37 21.74 -7.46
C THR A 45 -1.65 20.45 -7.79
N THR A 46 -2.42 19.37 -7.98
CA THR A 46 -1.85 18.06 -8.27
C THR A 46 -1.28 17.95 -9.68
N THR A 47 -1.73 18.81 -10.60
CA THR A 47 -1.27 18.81 -11.99
C THR A 47 0.25 18.89 -12.08
N TRP A 48 0.85 19.73 -11.22
CA TRP A 48 2.29 19.94 -11.03
C TRP A 48 3.10 18.64 -11.09
N ILE A 49 2.76 17.64 -10.24
CA ILE A 49 3.43 16.34 -10.21
C ILE A 49 3.56 15.75 -11.61
N TRP A 50 2.41 15.59 -12.29
CA TRP A 50 2.41 15.01 -13.63
C TRP A 50 3.28 15.84 -14.56
N ASN A 51 3.17 17.17 -14.47
CA ASN A 51 4.01 18.03 -15.30
C ASN A 51 5.49 17.77 -15.02
N LEU A 52 5.84 17.60 -13.72
CA LEU A 52 7.21 17.34 -13.28
C LEU A 52 7.77 16.09 -13.94
N HIS A 53 6.92 15.09 -14.14
CA HIS A 53 7.47 13.87 -14.73
C HIS A 53 7.39 13.90 -16.24
N ALA A 54 6.43 14.65 -16.80
CA ALA A 54 6.23 14.67 -18.25
C ALA A 54 7.33 15.46 -18.94
N ASP A 55 7.77 16.56 -18.34
CA ASP A 55 8.75 17.45 -18.92
C ASP A 55 10.14 17.27 -18.36
N ALA A 56 10.35 16.20 -17.58
CA ALA A 56 11.64 15.94 -16.94
C ALA A 56 12.77 15.79 -17.94
N HIS A 57 12.53 15.10 -19.05
CA HIS A 57 13.54 14.84 -20.05
C HIS A 57 13.34 15.62 -21.34
N ASP A 58 12.46 16.62 -21.33
CA ASP A 58 12.25 17.50 -22.48
C ASP A 58 13.22 18.67 -22.37
N PHE A 59 14.47 18.42 -22.76
CA PHE A 59 15.58 19.36 -22.56
C PHE A 59 15.43 20.64 -23.37
N ASP A 60 14.61 20.62 -24.43
CA ASP A 60 14.37 21.81 -25.22
C ASP A 60 13.59 22.85 -24.41
N SER A 61 12.72 22.39 -23.50
CA SER A 61 11.93 23.27 -22.67
C SER A 61 12.69 23.75 -21.44
N HIS A 62 13.90 23.23 -21.22
CA HIS A 62 14.78 23.64 -20.14
C HIS A 62 15.64 24.83 -20.53
N THR A 63 16.34 24.73 -21.65
CA THR A 63 17.26 25.76 -22.10
C THR A 63 17.08 25.97 -23.59
N SER A 64 17.49 27.14 -24.07
CA SER A 64 17.51 27.42 -25.49
C SER A 64 18.87 27.12 -26.08
N ASP A 65 19.88 27.00 -25.22
CA ASP A 65 21.26 26.79 -25.61
C ASP A 65 21.47 25.35 -26.07
N LEU A 66 21.81 25.18 -27.35
CA LEU A 66 21.98 23.86 -27.96
C LEU A 66 23.10 23.06 -27.30
N GLU A 67 24.14 23.73 -26.79
CA GLU A 67 25.28 23.06 -26.17
C GLU A 67 24.86 22.31 -24.91
N GLU A 68 24.18 23.00 -23.99
CA GLU A 68 23.73 22.40 -22.73
C GLU A 68 22.79 21.23 -22.99
N ILE A 69 21.88 21.38 -23.94
CA ILE A 69 20.98 20.30 -24.36
C ILE A 69 21.77 19.10 -24.84
N SER A 70 22.75 19.33 -25.73
CA SER A 70 23.60 18.27 -26.27
C SER A 70 24.34 17.50 -25.18
N ARG A 71 24.87 18.24 -24.19
CA ARG A 71 25.55 17.61 -23.05
C ARG A 71 24.59 16.73 -22.25
N LYS A 72 23.41 17.28 -21.96
CA LYS A 72 22.36 16.53 -21.26
C LYS A 72 22.01 15.23 -21.97
N VAL A 73 21.78 15.27 -23.29
CA VAL A 73 21.44 14.05 -24.03
C VAL A 73 22.61 13.07 -24.03
N PHE A 74 23.86 13.56 -24.06
CA PHE A 74 25.04 12.69 -24.04
C PHE A 74 25.12 11.88 -22.76
N SER A 75 25.07 12.57 -21.60
CA SER A 75 25.08 11.87 -20.33
C SER A 75 23.85 10.99 -20.13
N ALA A 76 22.69 11.41 -20.64
CA ALA A 76 21.49 10.58 -20.60
C ALA A 76 21.72 9.24 -21.32
N HIS A 77 22.28 9.32 -22.52
CA HIS A 77 22.63 8.12 -23.29
C HIS A 77 23.57 7.20 -22.50
N PHE A 78 24.57 7.79 -21.82
CA PHE A 78 25.44 7.00 -20.93
C PHE A 78 24.66 6.29 -19.83
N GLY A 79 23.69 6.99 -19.25
CA GLY A 79 22.82 6.38 -18.24
C GLY A 79 22.06 5.19 -18.79
N GLN A 80 21.48 5.35 -19.99
CA GLN A 80 20.77 4.27 -20.66
C GLN A 80 21.67 3.06 -20.87
N LEU A 81 22.89 3.29 -21.39
CA LEU A 81 23.85 2.20 -21.62
C LEU A 81 24.24 1.49 -20.32
N GLY A 82 24.41 2.24 -19.23
CA GLY A 82 24.70 1.61 -17.95
C GLY A 82 23.55 0.75 -17.44
N ILE A 83 22.32 1.21 -17.66
CA ILE A 83 21.13 0.43 -17.31
C ILE A 83 21.07 -0.87 -18.11
N ILE A 84 21.32 -0.78 -19.43
CA ILE A 84 21.30 -1.96 -20.29
C ILE A 84 22.39 -2.94 -19.87
N PHE A 85 23.57 -2.42 -19.50
CA PHE A 85 24.64 -3.29 -19.00
C PHE A 85 24.25 -3.97 -17.68
N ILE A 86 23.52 -3.28 -16.80
CA ILE A 86 22.97 -3.91 -15.59
C ILE A 86 22.02 -5.04 -15.96
N TRP A 87 21.19 -4.80 -16.96
CA TRP A 87 20.24 -5.81 -17.44
C TRP A 87 20.94 -7.04 -18.01
N LEU A 88 21.93 -6.84 -18.88
CA LEU A 88 22.72 -7.96 -19.42
C LEU A 88 23.45 -8.72 -18.32
N SER A 89 24.05 -7.99 -17.37
CA SER A 89 24.71 -8.59 -16.21
C SER A 89 23.75 -9.50 -15.45
N GLY A 90 22.52 -9.00 -15.26
CA GLY A 90 21.49 -9.79 -14.60
C GLY A 90 21.14 -11.06 -15.34
N MET A 91 21.00 -10.96 -16.66
CA MET A 91 20.64 -12.13 -17.45
C MET A 91 21.73 -13.19 -17.39
N TYR A 92 22.99 -12.78 -17.50
CA TYR A 92 24.09 -13.74 -17.40
C TYR A 92 24.18 -14.34 -15.99
N PHE A 93 24.03 -13.51 -14.95
CA PHE A 93 24.10 -14.01 -13.58
C PHE A 93 22.96 -14.99 -13.29
N HIS A 94 21.75 -14.67 -13.76
CA HIS A 94 20.63 -15.57 -13.56
C HIS A 94 20.79 -16.84 -14.41
N GLY A 95 21.46 -16.71 -15.56
CA GLY A 95 21.76 -17.87 -16.38
C GLY A 95 22.80 -18.78 -15.79
N ALA A 96 23.66 -18.25 -14.93
CA ALA A 96 24.73 -19.02 -14.30
C ALA A 96 24.29 -19.65 -13.00
N ARG A 97 23.56 -18.90 -12.17
CA ARG A 97 23.23 -19.32 -10.82
C ARG A 97 21.86 -19.96 -10.70
N PHE A 98 20.88 -19.47 -11.44
CA PHE A 98 19.52 -19.99 -11.31
C PHE A 98 19.01 -20.54 -12.63
N SER A 99 19.73 -21.49 -13.22
CA SER A 99 19.30 -22.04 -14.50
C SER A 99 19.69 -23.50 -14.59
N ASN A 100 19.33 -24.10 -15.72
CA ASN A 100 19.64 -25.48 -16.07
C ASN A 100 20.43 -25.53 -17.38
N TYR A 101 21.32 -24.54 -17.57
CA TYR A 101 22.00 -24.34 -18.84
C TYR A 101 22.92 -25.50 -19.19
N GLU A 102 23.70 -26.00 -18.22
CA GLU A 102 24.60 -27.14 -18.48
C GLU A 102 23.82 -28.40 -18.83
N ALA A 103 22.81 -28.72 -18.03
CA ALA A 103 21.91 -29.85 -18.31
C ALA A 103 21.32 -29.73 -19.71
N TRP A 104 20.88 -28.51 -20.07
CA TRP A 104 20.37 -28.24 -21.41
C TRP A 104 21.42 -28.50 -22.47
N LEU A 105 22.68 -28.12 -22.19
CA LEU A 105 23.77 -28.38 -23.13
C LEU A 105 23.95 -29.87 -23.37
N SER A 106 23.77 -30.68 -22.33
CA SER A 106 23.87 -32.13 -22.50
C SER A 106 22.71 -32.73 -23.30
N ASP A 107 21.54 -32.09 -23.30
CA ASP A 107 20.36 -32.62 -24.01
C ASP A 107 19.46 -31.47 -24.42
N PRO A 108 19.78 -30.80 -25.53
CA PRO A 108 18.98 -29.64 -25.94
C PRO A 108 17.58 -29.97 -26.46
N THR A 109 17.38 -31.17 -26.99
CA THR A 109 16.10 -31.50 -27.62
C THR A 109 15.01 -31.92 -26.64
N HIS A 110 15.37 -32.28 -25.41
CA HIS A 110 14.38 -32.73 -24.44
C HIS A 110 14.48 -32.01 -23.10
N ILE A 111 15.13 -30.85 -23.05
CA ILE A 111 15.18 -30.04 -21.83
C ILE A 111 14.72 -28.64 -22.19
N LYS A 112 13.81 -28.09 -21.40
CA LYS A 112 13.26 -26.75 -21.62
C LYS A 112 14.14 -25.69 -20.96
N PRO A 113 14.57 -24.69 -21.73
CA PRO A 113 15.42 -23.61 -21.19
C PRO A 113 14.73 -22.85 -20.09
N SER A 114 15.34 -22.82 -18.91
CA SER A 114 14.73 -22.12 -17.78
C SER A 114 15.81 -21.37 -17.02
N ALA A 115 15.55 -20.10 -16.71
CA ALA A 115 16.51 -19.29 -15.99
C ALA A 115 15.84 -18.34 -14.99
N GLN A 116 14.66 -18.72 -14.49
CA GLN A 116 13.99 -17.95 -13.44
C GLN A 116 13.33 -18.96 -12.51
N VAL A 117 13.54 -18.78 -11.21
CA VAL A 117 12.95 -19.63 -10.18
C VAL A 117 12.25 -18.73 -9.19
N VAL A 118 11.13 -19.21 -8.63
CA VAL A 118 10.37 -18.42 -7.67
C VAL A 118 10.57 -19.05 -6.29
N TRP A 119 10.42 -18.21 -5.29
CA TRP A 119 10.51 -18.63 -3.90
C TRP A 119 9.24 -19.34 -3.44
N PRO A 120 9.34 -20.27 -2.47
CA PRO A 120 8.15 -21.00 -1.99
C PRO A 120 7.43 -20.19 -0.92
N ILE A 121 6.58 -19.27 -1.37
CA ILE A 121 5.62 -18.58 -0.52
C ILE A 121 4.29 -18.54 -1.26
N VAL A 122 3.20 -18.30 -0.50
CA VAL A 122 1.78 -18.20 -0.89
C VAL A 122 1.28 -19.08 -2.05
N GLY A 123 2.00 -20.14 -2.35
CA GLY A 123 1.64 -21.10 -3.36
C GLY A 123 2.19 -20.80 -4.73
N GLN A 124 2.93 -19.69 -4.91
CA GLN A 124 3.47 -19.36 -6.22
C GLN A 124 4.57 -20.32 -6.66
N GLU A 125 5.03 -21.19 -5.77
CA GLU A 125 6.00 -22.26 -6.03
C GLU A 125 5.59 -23.17 -7.18
N ILE A 126 4.28 -23.28 -7.45
CA ILE A 126 3.75 -24.12 -8.55
C ILE A 126 4.27 -23.65 -9.91
N LEU A 127 4.67 -22.37 -10.02
CA LEU A 127 5.20 -21.81 -11.25
C LEU A 127 6.54 -22.42 -11.62
N ASN A 128 7.27 -22.94 -10.63
CA ASN A 128 8.50 -23.69 -10.89
C ASN A 128 8.12 -25.06 -11.43
N GLY A 129 8.02 -25.17 -12.75
CA GLY A 129 7.54 -26.39 -13.35
C GLY A 129 8.66 -27.33 -13.74
N ASP A 130 8.27 -28.52 -14.20
CA ASP A 130 9.19 -29.56 -14.62
C ASP A 130 9.73 -29.25 -16.00
N VAL A 131 10.84 -28.50 -16.06
CA VAL A 131 11.44 -28.13 -17.34
C VAL A 131 12.51 -29.13 -17.76
N GLY A 132 12.82 -30.12 -16.93
CA GLY A 132 13.81 -31.13 -17.23
C GLY A 132 15.15 -30.80 -16.60
N GLY A 133 16.09 -31.72 -16.78
CA GLY A 133 17.43 -31.54 -16.25
C GLY A 133 17.53 -31.56 -14.74
N GLY A 134 16.54 -32.11 -14.05
CA GLY A 134 16.54 -32.12 -12.60
C GLY A 134 16.40 -30.72 -12.04
N PHE A 135 15.65 -29.87 -12.73
CA PHE A 135 15.50 -28.47 -12.38
C PHE A 135 14.02 -28.12 -12.36
N GLN A 136 13.69 -27.09 -11.57
CA GLN A 136 12.33 -26.56 -11.51
C GLN A 136 12.40 -25.05 -11.60
N GLY A 137 11.77 -24.50 -12.63
CA GLY A 137 11.67 -23.05 -12.75
C GLY A 137 10.72 -22.68 -13.87
N ILE A 138 10.79 -21.42 -14.25
CA ILE A 138 9.97 -20.87 -15.33
C ILE A 138 10.73 -21.02 -16.62
N GLN A 139 10.09 -21.64 -17.61
CA GLN A 139 10.70 -21.80 -18.92
C GLN A 139 10.82 -20.44 -19.60
N ILE A 140 12.03 -20.09 -19.99
CA ILE A 140 12.30 -18.81 -20.64
C ILE A 140 12.21 -18.98 -22.14
N THR A 141 11.81 -17.89 -22.83
CA THR A 141 11.69 -17.88 -24.28
C THR A 141 12.46 -16.71 -24.88
N SER A 142 13.43 -16.18 -24.16
CA SER A 142 14.24 -15.08 -24.67
C SER A 142 15.30 -15.57 -25.65
N GLY A 143 15.70 -16.84 -25.52
CA GLY A 143 16.67 -17.42 -26.42
C GLY A 143 18.11 -17.24 -26.03
N PHE A 144 18.38 -16.89 -24.77
CA PHE A 144 19.75 -16.69 -24.32
C PHE A 144 20.57 -17.97 -24.36
N PHE A 145 19.95 -19.13 -24.08
CA PHE A 145 20.67 -20.41 -24.06
C PHE A 145 21.28 -20.74 -25.41
N GLN A 146 20.51 -20.53 -26.49
CA GLN A 146 21.00 -20.79 -27.84
C GLN A 146 22.10 -19.80 -28.21
N LEU A 147 21.98 -18.55 -27.77
CA LEU A 147 23.01 -17.54 -28.01
C LEU A 147 24.30 -17.89 -27.28
N TRP A 148 24.18 -18.46 -26.09
CA TRP A 148 25.34 -18.85 -25.30
C TRP A 148 26.01 -20.10 -25.84
N ARG A 149 25.21 -21.05 -26.33
CA ARG A 149 25.79 -22.25 -26.93
C ARG A 149 26.49 -21.88 -28.23
N ALA A 150 25.90 -20.96 -29.01
CA ALA A 150 26.50 -20.53 -30.27
C ALA A 150 27.82 -19.79 -30.05
N SER A 151 27.95 -19.09 -28.94
CA SER A 151 29.15 -18.34 -28.61
C SER A 151 30.24 -19.25 -28.05
N GLY A 152 29.92 -20.51 -27.77
CA GLY A 152 30.86 -21.48 -27.28
C GLY A 152 30.95 -21.59 -25.78
N ILE A 153 30.08 -20.90 -25.04
CA ILE A 153 30.05 -20.99 -23.59
C ILE A 153 29.61 -22.39 -23.18
N THR A 154 30.29 -22.98 -22.20
CA THR A 154 29.99 -24.34 -21.80
C THR A 154 29.73 -24.46 -20.30
N SER A 155 30.30 -23.58 -19.50
CA SER A 155 30.16 -23.70 -18.05
C SER A 155 29.42 -22.49 -17.48
N GLU A 156 28.92 -22.66 -16.26
CA GLU A 156 28.27 -21.56 -15.55
C GLU A 156 29.29 -20.52 -15.09
N LEU A 157 30.55 -20.94 -14.90
CA LEU A 157 31.60 -20.04 -14.44
C LEU A 157 31.84 -18.91 -15.44
N GLN A 158 31.91 -19.25 -16.73
CA GLN A 158 32.09 -18.26 -17.78
C GLN A 158 30.93 -17.27 -17.82
N LEU A 159 29.70 -17.76 -17.61
CA LEU A 159 28.55 -16.87 -17.53
C LEU A 159 28.63 -15.93 -16.33
N TYR A 160 29.05 -16.46 -15.17
CA TYR A 160 29.27 -15.65 -13.97
C TYR A 160 30.31 -14.56 -14.22
N THR A 161 31.41 -14.91 -14.89
CA THR A 161 32.46 -13.95 -15.22
C THR A 161 31.93 -12.88 -16.18
N THR A 162 31.09 -13.28 -17.13
CA THR A 162 30.46 -12.31 -18.03
C THR A 162 29.53 -11.37 -17.27
N ALA A 163 28.84 -11.90 -16.25
CA ALA A 163 27.96 -11.08 -15.42
C ALA A 163 28.75 -10.02 -14.65
N ILE A 164 29.87 -10.44 -14.03
CA ILE A 164 30.74 -9.49 -13.32
C ILE A 164 31.29 -8.44 -14.29
N GLY A 165 31.73 -8.89 -15.47
CA GLY A 165 32.23 -7.97 -16.48
C GLY A 165 31.20 -6.93 -16.92
N GLY A 166 29.97 -7.37 -17.15
CA GLY A 166 28.90 -6.45 -17.52
C GLY A 166 28.53 -5.50 -16.40
N LEU A 167 28.63 -5.95 -15.15
CA LEU A 167 28.39 -5.05 -14.02
C LEU A 167 29.47 -3.97 -13.93
N VAL A 168 30.74 -4.39 -14.08
CA VAL A 168 31.87 -3.46 -14.16
C VAL A 168 31.66 -2.44 -15.29
N MET A 169 31.21 -2.90 -16.47
CA MET A 169 30.95 -1.99 -17.58
C MET A 169 29.79 -1.04 -17.30
N ALA A 170 28.79 -1.50 -16.55
CA ALA A 170 27.72 -0.61 -16.11
C ALA A 170 28.23 0.49 -15.19
N ALA A 171 29.11 0.12 -14.25
CA ALA A 171 29.73 1.12 -13.37
C ALA A 171 30.58 2.11 -14.16
N ALA A 172 31.27 1.62 -15.19
CA ALA A 172 32.05 2.48 -16.06
C ALA A 172 31.15 3.43 -16.87
N MET A 173 29.98 2.96 -17.29
CA MET A 173 29.08 3.82 -18.05
C MET A 173 28.45 4.90 -17.17
N PHE A 174 28.09 4.56 -15.93
CA PHE A 174 27.56 5.59 -15.04
C PHE A 174 28.63 6.60 -14.63
N PHE A 175 29.88 6.13 -14.47
CA PHE A 175 30.98 7.06 -14.24
C PHE A 175 31.20 7.96 -15.45
N ALA A 176 31.08 7.38 -16.66
CA ALA A 176 31.27 8.16 -17.88
C ALA A 176 30.20 9.23 -18.01
N GLY A 177 28.96 8.90 -17.62
CA GLY A 177 27.89 9.88 -17.63
C GLY A 177 28.17 11.04 -16.68
N TRP A 178 28.43 10.71 -15.40
CA TRP A 178 28.76 11.73 -14.41
C TRP A 178 29.96 12.56 -14.85
N PHE A 179 30.98 11.91 -15.42
CA PHE A 179 32.21 12.58 -15.81
C PHE A 179 31.96 13.54 -16.97
N HIS A 180 31.28 13.07 -18.01
CA HIS A 180 31.07 13.92 -19.18
C HIS A 180 29.89 14.88 -19.01
N TYR A 181 29.24 14.92 -17.85
CA TYR A 181 28.33 16.03 -17.57
C TYR A 181 28.89 17.00 -16.54
N HIS A 182 29.51 16.49 -15.47
CA HIS A 182 29.88 17.33 -14.35
C HIS A 182 31.35 17.73 -14.36
N LYS A 183 32.25 16.89 -14.88
CA LYS A 183 33.68 17.18 -14.80
C LYS A 183 34.23 17.72 -16.12
N ALA A 184 34.08 16.98 -17.21
CA ALA A 184 34.60 17.36 -18.53
C ALA A 184 33.49 17.19 -19.57
N ALA A 185 32.71 18.24 -19.78
CA ALA A 185 31.54 18.18 -20.65
C ALA A 185 31.85 18.76 -22.02
N PRO A 186 31.73 17.95 -23.09
CA PRO A 186 32.05 18.40 -24.46
C PRO A 186 31.37 19.69 -24.89
N LYS A 187 32.09 20.44 -25.71
CA LYS A 187 31.59 21.68 -26.30
C LYS A 187 30.68 21.36 -27.48
N LEU A 188 29.92 22.37 -27.91
CA LEU A 188 28.95 22.21 -29.00
C LEU A 188 29.60 21.81 -30.33
N GLU A 189 30.74 22.41 -30.67
CA GLU A 189 31.35 22.09 -31.96
C GLU A 189 31.99 20.71 -31.99
N TRP A 190 32.19 20.09 -30.82
CA TRP A 190 32.54 18.67 -30.76
C TRP A 190 31.38 17.81 -31.24
N PHE A 191 30.17 18.05 -30.71
CA PHE A 191 28.97 17.34 -31.13
C PHE A 191 28.64 17.55 -32.60
N GLN A 192 28.96 18.71 -33.16
CA GLN A 192 28.60 19.01 -34.54
C GLN A 192 29.56 18.43 -35.57
N ASN A 193 30.62 17.73 -35.13
CA ASN A 193 31.50 17.03 -36.06
C ASN A 193 30.83 15.73 -36.50
N VAL A 194 29.91 15.87 -37.46
CA VAL A 194 29.11 14.71 -37.86
C VAL A 194 29.87 13.83 -38.84
N GLU A 195 30.76 14.42 -39.65
CA GLU A 195 31.59 13.67 -40.59
C GLU A 195 32.53 12.73 -39.84
N SER A 196 33.16 13.26 -38.79
CA SER A 196 34.05 12.49 -37.95
C SER A 196 33.27 11.41 -37.21
N MET A 197 32.08 11.76 -36.70
CA MET A 197 31.24 10.81 -36.00
C MET A 197 30.87 9.63 -36.90
N LEU A 198 30.47 9.91 -38.16
CA LEU A 198 30.16 8.82 -39.09
C LEU A 198 31.38 7.98 -39.38
N ASN A 199 32.55 8.62 -39.61
CA ASN A 199 33.77 7.86 -39.87
C ASN A 199 34.09 6.93 -38.70
N HIS A 200 34.10 7.47 -37.47
CA HIS A 200 34.42 6.66 -36.31
C HIS A 200 33.35 5.60 -36.04
N HIS A 201 32.08 5.89 -36.27
CA HIS A 201 31.11 4.84 -35.97
C HIS A 201 31.07 3.75 -37.03
N LEU A 202 31.28 4.11 -38.31
CA LEU A 202 31.27 3.11 -39.37
C LEU A 202 32.54 2.26 -39.36
N GLY A 203 33.71 2.89 -39.20
CA GLY A 203 34.89 2.11 -38.98
C GLY A 203 34.82 1.42 -37.63
N GLY A 204 34.96 2.18 -36.55
CA GLY A 204 35.25 1.59 -35.25
C GLY A 204 34.12 0.75 -34.67
N LEU A 205 32.88 1.27 -34.66
CA LEU A 205 31.78 0.56 -34.06
C LEU A 205 31.38 -0.64 -34.92
N LEU A 206 30.73 -0.43 -36.07
CA LEU A 206 30.28 -1.57 -36.86
C LEU A 206 31.45 -2.39 -37.39
N GLY A 207 32.45 -1.72 -37.98
CA GLY A 207 33.60 -2.38 -38.54
C GLY A 207 34.42 -3.18 -37.55
N LEU A 208 35.01 -2.52 -36.54
CA LEU A 208 35.80 -3.24 -35.55
C LEU A 208 34.96 -4.18 -34.71
N GLY A 209 33.66 -3.91 -34.56
CA GLY A 209 32.73 -4.75 -33.85
C GLY A 209 32.63 -6.09 -34.55
N SER A 210 32.29 -6.05 -35.83
CA SER A 210 32.14 -7.29 -36.56
C SER A 210 33.47 -7.95 -36.84
N LEU A 211 34.57 -7.18 -36.86
CA LEU A 211 35.90 -7.78 -37.02
C LEU A 211 36.29 -8.58 -35.78
N ALA A 212 36.15 -7.95 -34.61
CA ALA A 212 36.45 -8.63 -33.35
C ALA A 212 35.49 -9.77 -33.09
N TRP A 213 34.24 -9.65 -33.53
CA TRP A 213 33.32 -10.76 -33.34
C TRP A 213 33.68 -11.92 -34.25
N ALA A 214 34.03 -11.64 -35.51
CA ALA A 214 34.53 -12.68 -36.41
C ALA A 214 35.79 -13.33 -35.86
N GLY A 215 36.62 -12.54 -35.17
CA GLY A 215 37.79 -13.07 -34.50
C GLY A 215 37.41 -14.08 -33.43
N HIS A 216 36.46 -13.68 -32.56
CA HIS A 216 35.95 -14.56 -31.52
C HIS A 216 35.32 -15.81 -32.11
N GLN A 217 34.59 -15.67 -33.21
CA GLN A 217 33.93 -16.81 -33.83
C GLN A 217 34.93 -17.81 -34.35
N ILE A 218 35.83 -17.36 -35.24
CA ILE A 218 36.85 -18.21 -35.86
C ILE A 218 37.75 -18.85 -34.82
N HIS A 219 38.00 -18.16 -33.71
CA HIS A 219 38.93 -18.70 -32.74
C HIS A 219 38.28 -19.47 -31.59
N VAL A 220 37.01 -19.21 -31.26
CA VAL A 220 36.35 -19.86 -30.12
C VAL A 220 35.08 -20.60 -30.52
N SER A 221 34.18 -19.94 -31.27
CA SER A 221 32.86 -20.51 -31.59
C SER A 221 32.95 -21.75 -32.46
N LEU A 222 33.57 -21.63 -33.64
CA LEU A 222 33.71 -22.75 -34.58
C LEU A 222 34.25 -24.05 -33.96
N PRO A 223 35.40 -24.08 -33.25
CA PRO A 223 35.85 -25.39 -32.74
C PRO A 223 34.95 -25.98 -31.67
N VAL A 224 34.49 -25.17 -30.72
CA VAL A 224 33.65 -25.64 -29.63
C VAL A 224 32.33 -26.16 -30.16
N ASN A 225 31.72 -25.45 -31.11
CA ASN A 225 30.45 -25.91 -31.65
C ASN A 225 30.62 -27.05 -32.63
N LYS A 226 31.78 -27.16 -33.29
CA LYS A 226 32.07 -28.34 -34.10
C LYS A 226 32.18 -29.58 -33.23
N LEU A 227 32.81 -29.44 -32.06
CA LEU A 227 32.86 -30.56 -31.12
C LEU A 227 31.49 -30.86 -30.51
N LEU A 228 30.70 -29.82 -30.23
CA LEU A 228 29.35 -30.02 -29.71
C LEU A 228 28.45 -30.72 -30.73
N ASP A 229 28.66 -30.43 -32.02
CA ASP A 229 27.93 -31.15 -33.05
C ASP A 229 28.52 -32.54 -33.28
N ALA A 230 29.80 -32.74 -32.93
CA ALA A 230 30.39 -34.07 -33.04
C ALA A 230 29.83 -35.04 -32.00
N GLY A 231 29.44 -34.54 -30.84
CA GLY A 231 28.80 -35.35 -29.81
C GLY A 231 29.57 -35.47 -28.51
N VAL A 232 30.81 -34.96 -28.44
CA VAL A 232 31.63 -35.07 -27.25
C VAL A 232 31.01 -34.26 -26.11
N ASP A 233 31.05 -34.82 -24.91
CA ASP A 233 30.56 -34.20 -23.67
C ASP A 233 31.14 -32.80 -23.50
N PRO A 234 30.32 -31.78 -23.17
CA PRO A 234 30.81 -30.39 -23.02
C PRO A 234 31.98 -30.20 -22.07
N LYS A 235 31.97 -30.89 -20.93
CA LYS A 235 33.06 -30.78 -19.95
C LYS A 235 34.38 -31.32 -20.54
N GLU A 236 34.30 -32.23 -21.50
CA GLU A 236 35.47 -32.86 -22.09
C GLU A 236 36.06 -32.01 -23.23
N ILE A 237 35.30 -31.05 -23.75
CA ILE A 237 35.77 -30.17 -24.81
C ILE A 237 36.86 -29.24 -24.27
N PRO A 238 37.97 -29.05 -24.99
CA PRO A 238 39.03 -28.13 -24.55
C PRO A 238 38.54 -26.70 -24.36
N LEU A 239 39.01 -26.07 -23.30
CA LEU A 239 38.70 -24.67 -23.01
C LEU A 239 39.24 -23.76 -24.12
N PRO A 240 38.56 -22.63 -24.40
CA PRO A 240 38.95 -21.76 -25.54
C PRO A 240 40.39 -21.25 -25.52
N HIS A 241 40.93 -20.93 -24.35
CA HIS A 241 42.32 -20.44 -24.30
C HIS A 241 43.30 -21.52 -24.75
N ASP A 242 42.97 -22.79 -24.55
CA ASP A 242 43.77 -23.88 -25.11
C ASP A 242 43.59 -23.98 -26.62
N LEU A 243 42.48 -23.46 -27.14
CA LEU A 243 42.29 -23.40 -28.58
C LEU A 243 43.11 -22.28 -29.20
N LEU A 244 43.23 -21.15 -28.50
CA LEU A 244 44.12 -20.09 -28.96
C LEU A 244 45.59 -20.48 -28.82
N LEU A 245 45.93 -21.15 -27.73
CA LEU A 245 47.33 -21.35 -27.37
C LEU A 245 47.99 -22.41 -28.24
N ASN A 246 47.38 -23.58 -28.35
CA ASN A 246 47.93 -24.68 -29.14
C ASN A 246 47.21 -24.78 -30.49
N ARG A 247 47.80 -24.17 -31.51
CA ARG A 247 47.28 -24.13 -32.87
C ARG A 247 47.24 -25.50 -33.55
N ALA A 248 47.95 -26.51 -33.00
CA ALA A 248 47.88 -27.86 -33.55
C ALA A 248 46.50 -28.48 -33.42
N ILE A 249 45.75 -28.13 -32.36
CA ILE A 249 44.37 -28.61 -32.24
C ILE A 249 43.50 -27.96 -33.31
N MET A 250 43.69 -26.65 -33.53
CA MET A 250 42.99 -25.94 -34.59
C MET A 250 43.29 -26.54 -35.96
N ALA A 251 44.51 -27.05 -36.15
CA ALA A 251 44.84 -27.75 -37.39
C ALA A 251 44.25 -29.16 -37.41
N ASP A 252 43.99 -29.76 -36.24
CA ASP A 252 43.34 -31.06 -36.21
C ASP A 252 41.89 -30.97 -36.66
N LEU A 253 41.19 -29.89 -36.29
CA LEU A 253 39.82 -29.72 -36.79
C LEU A 253 39.79 -29.15 -38.21
N TYR A 254 40.56 -28.12 -38.48
CA TYR A 254 40.64 -27.48 -39.80
C TYR A 254 42.09 -27.29 -40.18
N PRO A 255 42.62 -28.13 -41.08
CA PRO A 255 44.07 -28.09 -41.42
C PRO A 255 44.59 -26.76 -41.94
N SER A 256 43.70 -25.85 -42.39
CA SER A 256 44.12 -24.51 -42.83
C SER A 256 44.93 -23.79 -41.76
N PHE A 257 44.53 -23.94 -40.49
CA PHE A 257 45.21 -23.29 -39.37
C PHE A 257 46.64 -23.73 -39.20
N ALA A 258 47.06 -24.84 -39.81
CA ALA A 258 48.46 -25.26 -39.76
C ALA A 258 49.36 -24.26 -40.46
N LYS A 259 48.88 -23.70 -41.57
CA LYS A 259 49.65 -22.75 -42.35
C LYS A 259 49.66 -21.35 -41.74
N GLY A 260 48.83 -21.10 -40.74
CA GLY A 260 48.88 -19.84 -40.04
C GLY A 260 48.26 -18.71 -40.85
N ILE A 261 48.87 -17.54 -40.73
CA ILE A 261 48.33 -16.33 -41.35
C ILE A 261 49.13 -16.08 -42.61
N ALA A 262 49.99 -17.04 -42.97
CA ALA A 262 50.69 -16.97 -44.25
C ALA A 262 49.78 -16.95 -45.49
N PRO A 263 48.65 -17.69 -45.57
CA PRO A 263 47.79 -17.49 -46.75
C PRO A 263 47.05 -16.16 -46.75
N PHE A 264 46.86 -15.54 -45.60
CA PHE A 264 46.19 -14.24 -45.55
C PHE A 264 47.01 -13.14 -46.21
N PHE A 265 48.27 -12.98 -45.78
CA PHE A 265 49.11 -11.92 -46.32
C PHE A 265 49.57 -12.20 -47.76
N THR A 266 49.67 -13.47 -48.15
CA THR A 266 50.12 -13.78 -49.50
C THR A 266 48.96 -13.82 -50.49
N LEU A 267 47.75 -13.49 -50.02
CA LEU A 267 46.50 -13.41 -50.78
C LEU A 267 46.03 -14.76 -51.31
N ASN A 268 46.54 -15.85 -50.76
CA ASN A 268 46.03 -17.18 -51.09
C ASN A 268 44.87 -17.56 -50.15
N TRP A 269 43.82 -16.73 -50.22
CA TRP A 269 42.69 -16.84 -49.29
C TRP A 269 41.86 -18.09 -49.50
N SER A 270 41.94 -18.72 -50.68
CA SER A 270 41.19 -19.95 -50.98
C SER A 270 41.49 -21.08 -50.01
N GLU A 271 42.67 -21.09 -49.39
CA GLU A 271 43.02 -22.14 -48.44
C GLU A 271 42.29 -22.00 -47.12
N TYR A 272 41.65 -20.85 -46.86
CA TYR A 272 40.83 -20.65 -45.67
C TYR A 272 39.40 -21.14 -45.84
N SER A 273 39.12 -21.93 -46.88
CA SER A 273 37.77 -22.43 -47.16
C SER A 273 37.31 -23.52 -46.19
N ASP A 274 38.13 -23.96 -45.24
CA ASP A 274 37.66 -24.89 -44.22
C ASP A 274 36.69 -24.25 -43.24
N PHE A 275 36.96 -23.01 -42.83
CA PHE A 275 36.17 -22.31 -41.85
C PHE A 275 35.53 -21.03 -42.38
N LEU A 276 35.85 -20.61 -43.60
CA LEU A 276 35.17 -19.48 -44.24
C LEU A 276 34.49 -20.09 -45.46
N THR A 277 33.22 -20.47 -45.29
CA THR A 277 32.45 -21.21 -46.27
C THR A 277 31.36 -20.35 -46.90
N PHE A 278 30.60 -21.00 -47.79
CA PHE A 278 29.43 -20.45 -48.44
C PHE A 278 28.43 -21.58 -48.66
N LYS A 279 28.21 -22.37 -47.60
CA LYS A 279 27.34 -23.54 -47.69
C LYS A 279 25.88 -23.15 -47.89
N GLY A 280 25.39 -22.20 -47.09
CA GLY A 280 23.98 -21.88 -47.07
C GLY A 280 23.18 -22.94 -46.34
N GLY A 281 21.86 -22.75 -46.34
CA GLY A 281 20.96 -23.66 -45.65
C GLY A 281 21.20 -23.66 -44.16
N LEU A 282 20.94 -24.80 -43.54
CA LEU A 282 21.06 -24.97 -42.11
C LEU A 282 21.96 -26.15 -41.80
N ASN A 283 22.55 -26.16 -40.61
CA ASN A 283 23.27 -27.32 -40.11
C ASN A 283 22.26 -28.43 -39.85
N PRO A 284 22.35 -29.58 -40.53
CA PRO A 284 21.25 -30.56 -40.48
C PRO A 284 21.11 -31.25 -39.14
N VAL A 285 22.20 -31.44 -38.40
CA VAL A 285 22.11 -32.06 -37.09
C VAL A 285 21.79 -31.04 -36.00
N THR A 286 21.80 -29.75 -36.34
CA THR A 286 21.67 -28.72 -35.33
C THR A 286 20.55 -27.72 -35.61
N GLY A 287 20.09 -27.60 -36.85
CA GLY A 287 19.01 -26.71 -37.25
C GLY A 287 19.30 -25.24 -37.26
N GLY A 288 20.57 -24.83 -37.21
CA GLY A 288 20.95 -23.44 -37.25
C GLY A 288 21.88 -23.22 -38.43
N LEU A 289 22.09 -21.94 -38.77
CA LEU A 289 23.02 -21.59 -39.84
C LEU A 289 24.44 -22.06 -39.48
N TRP A 290 25.23 -22.37 -40.51
CA TRP A 290 26.62 -22.75 -40.31
C TRP A 290 27.44 -21.60 -39.75
N LEU A 291 28.12 -21.84 -38.62
CA LEU A 291 28.95 -20.81 -38.01
C LEU A 291 30.12 -20.41 -38.90
N SER A 292 30.53 -21.27 -39.82
CA SER A 292 31.55 -20.91 -40.80
C SER A 292 31.04 -19.87 -41.78
N ASP A 293 29.77 -20.03 -42.20
CA ASP A 293 29.10 -19.02 -43.03
C ASP A 293 28.98 -17.70 -42.28
N THR A 294 28.65 -17.78 -40.98
CA THR A 294 28.51 -16.58 -40.16
C THR A 294 29.87 -15.92 -39.92
N ALA A 295 30.93 -16.72 -39.83
CA ALA A 295 32.28 -16.17 -39.66
C ALA A 295 32.72 -15.42 -40.92
N HIS A 296 32.53 -16.05 -42.09
CA HIS A 296 32.86 -15.38 -43.35
C HIS A 296 32.03 -14.12 -43.51
N HIS A 297 30.74 -14.21 -43.13
CA HIS A 297 29.84 -13.07 -43.18
C HIS A 297 30.36 -11.90 -42.36
N HIS A 298 30.74 -12.15 -41.10
CA HIS A 298 31.23 -11.07 -40.25
C HIS A 298 32.59 -10.54 -40.71
N VAL A 299 33.43 -11.37 -41.33
CA VAL A 299 34.69 -10.87 -41.89
C VAL A 299 34.42 -9.92 -43.07
N ALA A 300 33.51 -10.33 -43.97
CA ALA A 300 33.13 -9.50 -45.11
C ALA A 300 32.49 -8.18 -44.65
N ILE A 301 31.55 -8.27 -43.71
CA ILE A 301 30.89 -7.11 -43.11
C ILE A 301 31.92 -6.16 -42.50
N ALA A 302 32.89 -6.72 -41.77
CA ALA A 302 33.97 -5.94 -41.17
C ALA A 302 34.74 -5.15 -42.22
N VAL A 303 35.22 -5.83 -43.26
CA VAL A 303 36.02 -5.19 -44.30
C VAL A 303 35.22 -4.13 -45.03
N LEU A 304 33.96 -4.42 -45.30
CA LEU A 304 33.05 -3.47 -45.94
C LEU A 304 32.86 -2.21 -45.10
N PHE A 305 32.55 -2.36 -43.81
CA PHE A 305 32.36 -1.18 -42.97
C PHE A 305 33.66 -0.41 -42.75
N LEU A 306 34.82 -1.08 -42.61
CA LEU A 306 36.07 -0.33 -42.47
C LEU A 306 36.40 0.45 -43.73
N VAL A 307 36.04 -0.09 -44.90
CA VAL A 307 36.15 0.70 -46.13
C VAL A 307 35.19 1.87 -46.10
N ALA A 308 33.96 1.65 -45.61
CA ALA A 308 32.95 2.71 -45.59
C ALA A 308 33.30 3.83 -44.61
N GLY A 309 34.01 3.53 -43.53
CA GLY A 309 34.39 4.51 -42.54
C GLY A 309 35.52 5.46 -42.88
N HIS A 310 36.05 5.42 -44.09
CA HIS A 310 37.10 6.33 -44.55
C HIS A 310 36.59 7.22 -45.68
N MET A 311 35.32 7.62 -45.59
CA MET A 311 34.69 8.37 -46.67
C MET A 311 34.69 9.88 -46.47
N TYR A 312 34.54 10.37 -45.24
CA TYR A 312 34.33 11.78 -44.99
C TYR A 312 35.62 12.48 -44.54
N ARG A 313 35.82 13.70 -45.06
CA ARG A 313 37.02 14.47 -44.75
C ARG A 313 37.01 14.96 -43.31
N THR A 314 38.14 14.79 -42.62
CA THR A 314 38.26 15.29 -41.26
C THR A 314 39.42 16.26 -41.23
N ASN A 315 40.60 15.85 -40.76
CA ASN A 315 41.72 16.78 -40.61
C ASN A 315 42.70 16.73 -41.77
N TRP A 316 42.36 16.03 -42.85
CA TRP A 316 43.22 15.97 -44.02
C TRP A 316 42.36 16.09 -45.27
N GLY A 317 43.02 16.49 -46.36
CA GLY A 317 42.33 16.86 -47.59
C GLY A 317 41.40 15.79 -48.14
N ILE A 318 41.83 14.52 -48.08
CA ILE A 318 41.04 13.42 -48.63
C ILE A 318 39.72 13.28 -47.88
N GLY A 319 38.72 12.78 -48.57
CA GLY A 319 37.44 12.53 -47.94
C GLY A 319 36.35 13.45 -48.50
N HIS A 320 35.13 12.96 -48.46
CA HIS A 320 33.98 13.71 -48.91
C HIS A 320 33.51 14.71 -47.85
N SER A 321 32.64 15.63 -48.28
CA SER A 321 32.01 16.60 -47.39
C SER A 321 30.50 16.47 -47.55
N MET A 322 29.79 16.32 -46.42
CA MET A 322 28.36 15.99 -46.45
C MET A 322 27.53 17.09 -47.09
N LYS A 323 27.84 18.35 -46.79
CA LYS A 323 27.09 19.46 -47.36
C LYS A 323 27.32 19.58 -48.86
N GLU A 324 28.51 19.21 -49.34
CA GLU A 324 28.77 19.27 -50.77
C GLU A 324 28.03 18.19 -51.54
N ILE A 325 27.95 16.97 -50.99
CA ILE A 325 27.18 15.90 -51.61
C ILE A 325 25.70 16.23 -51.60
N LEU A 326 25.21 16.83 -50.51
CA LEU A 326 23.80 17.23 -50.45
C LEU A 326 23.49 18.33 -51.46
N GLU A 327 24.33 19.37 -51.50
CA GLU A 327 24.09 20.50 -52.39
C GLU A 327 24.40 20.19 -53.85
N ALA A 328 25.00 19.03 -54.15
CA ALA A 328 25.31 18.67 -55.52
C ALA A 328 24.15 18.01 -56.25
N HIS A 329 23.17 17.47 -55.53
CA HIS A 329 22.06 16.73 -56.13
C HIS A 329 20.84 17.65 -56.20
N ARG A 330 20.71 18.36 -57.32
CA ARG A 330 19.64 19.32 -57.58
C ARG A 330 19.09 19.09 -58.98
N GLY A 331 17.77 18.97 -59.12
CA GLY A 331 17.22 18.82 -60.44
C GLY A 331 16.24 19.89 -60.86
N PRO A 332 15.69 19.74 -62.08
CA PRO A 332 14.70 20.69 -62.59
C PRO A 332 13.34 20.62 -61.88
N PHE A 333 12.94 19.45 -61.42
CA PHE A 333 11.65 19.24 -60.76
C PHE A 333 11.63 19.68 -59.31
N THR A 334 12.77 19.72 -58.64
CA THR A 334 12.82 19.93 -57.20
C THR A 334 13.45 21.25 -56.82
N GLY A 335 13.97 22.01 -57.79
CA GLY A 335 14.55 23.31 -57.54
C GLY A 335 15.86 23.26 -56.79
N GLU A 336 15.89 23.82 -55.57
CA GLU A 336 17.15 23.87 -54.83
C GLU A 336 17.55 22.51 -54.28
N GLY A 337 16.65 21.54 -54.25
CA GLY A 337 17.01 20.17 -53.91
C GLY A 337 17.37 20.04 -52.44
N HIS A 338 18.51 19.40 -52.17
CA HIS A 338 18.89 19.05 -50.80
C HIS A 338 19.69 20.16 -50.12
N VAL A 339 19.54 21.40 -50.53
CA VAL A 339 20.22 22.53 -49.89
C VAL A 339 19.51 22.87 -48.59
N GLY A 340 20.26 23.01 -47.51
CA GLY A 340 19.71 23.38 -46.23
C GLY A 340 19.51 22.21 -45.28
N LEU A 341 19.51 20.99 -45.81
CA LEU A 341 19.27 19.81 -44.99
C LEU A 341 20.41 19.53 -44.03
N TYR A 342 21.65 19.86 -44.43
CA TYR A 342 22.80 19.67 -43.55
C TYR A 342 22.67 20.53 -42.31
N GLU A 343 22.27 21.79 -42.48
CA GLU A 343 22.08 22.72 -41.38
C GLU A 343 20.97 22.24 -40.44
N ILE A 344 19.91 21.66 -41.01
CA ILE A 344 18.82 21.11 -40.22
C ILE A 344 19.29 19.91 -39.40
N LEU A 345 20.01 18.99 -40.02
CA LEU A 345 20.42 17.76 -39.33
C LEU A 345 21.67 17.91 -38.47
N THR A 346 22.21 19.11 -38.32
CA THR A 346 23.34 19.33 -37.42
C THR A 346 23.01 20.36 -36.35
N THR A 347 21.75 20.75 -36.22
CA THR A 347 21.30 21.71 -35.22
C THR A 347 20.01 21.29 -34.54
N SER A 348 19.32 20.27 -35.03
CA SER A 348 18.05 19.83 -34.45
C SER A 348 18.17 18.37 -34.06
N TRP A 349 18.12 18.11 -32.74
CA TRP A 349 18.17 16.74 -32.25
C TRP A 349 16.94 15.94 -32.65
N HIS A 350 15.78 16.60 -32.76
CA HIS A 350 14.53 15.88 -33.05
C HIS A 350 14.49 15.32 -34.46
N ALA A 351 15.08 16.03 -35.44
CA ALA A 351 15.14 15.53 -36.80
C ALA A 351 15.98 14.27 -36.87
N GLN A 352 17.17 14.32 -36.25
CA GLN A 352 18.04 13.16 -36.11
C GLN A 352 17.32 12.00 -35.45
N LEU A 353 16.62 12.28 -34.34
CA LEU A 353 15.89 11.24 -33.61
C LEU A 353 14.79 10.62 -34.47
N ALA A 354 14.13 11.43 -35.29
CA ALA A 354 13.08 10.92 -36.17
C ALA A 354 13.66 9.97 -37.22
N ILE A 355 14.75 10.39 -37.87
CA ILE A 355 15.41 9.53 -38.87
C ILE A 355 15.90 8.23 -38.25
N ASN A 356 16.64 8.35 -37.15
CA ASN A 356 17.22 7.18 -36.49
C ASN A 356 16.17 6.25 -35.93
N LEU A 357 15.06 6.79 -35.40
CA LEU A 357 13.97 5.95 -34.93
C LEU A 357 13.28 5.19 -36.06
N ALA A 358 13.03 5.87 -37.19
CA ALA A 358 12.40 5.21 -38.34
C ALA A 358 13.25 4.06 -38.85
N LEU A 359 14.54 4.30 -39.03
CA LEU A 359 15.39 3.25 -39.57
C LEU A 359 15.69 2.18 -38.55
N PHE A 360 15.67 2.53 -37.26
CA PHE A 360 15.95 1.58 -36.20
C PHE A 360 14.77 0.64 -35.99
N GLY A 361 13.54 1.19 -36.08
CA GLY A 361 12.35 0.36 -36.06
C GLY A 361 12.25 -0.57 -37.26
N SER A 362 12.40 -0.01 -38.47
CA SER A 362 12.41 -0.81 -39.68
C SER A 362 13.45 -1.92 -39.60
N LEU A 363 14.65 -1.58 -39.11
CA LEU A 363 15.73 -2.55 -38.93
C LEU A 363 15.32 -3.67 -37.97
N SER A 364 14.61 -3.34 -36.89
CA SER A 364 14.14 -4.35 -35.95
C SER A 364 13.12 -5.29 -36.58
N ILE A 365 12.25 -4.76 -37.44
CA ILE A 365 11.29 -5.61 -38.15
C ILE A 365 11.99 -6.54 -39.14
N ILE A 366 13.01 -6.01 -39.83
CA ILE A 366 13.85 -6.82 -40.72
C ILE A 366 14.59 -7.90 -39.94
N VAL A 367 15.04 -7.58 -38.73
CA VAL A 367 15.68 -8.56 -37.85
C VAL A 367 14.72 -9.70 -37.53
N ALA A 368 13.47 -9.36 -37.19
CA ALA A 368 12.43 -10.36 -36.92
C ALA A 368 12.23 -11.31 -38.10
N HIS A 369 12.06 -10.77 -39.30
CA HIS A 369 11.83 -11.60 -40.49
C HIS A 369 13.05 -12.44 -40.85
N HIS A 370 14.23 -11.85 -40.82
CA HIS A 370 15.41 -12.59 -41.23
C HIS A 370 15.81 -13.63 -40.17
N MET A 371 15.48 -13.40 -38.90
CA MET A 371 15.80 -14.38 -37.87
C MET A 371 14.77 -15.50 -37.80
N TYR A 372 13.50 -15.26 -38.18
CA TYR A 372 12.61 -16.42 -38.28
C TYR A 372 13.00 -17.25 -39.50
N ALA A 373 13.32 -16.59 -40.62
CA ALA A 373 13.46 -17.33 -41.87
C ALA A 373 14.77 -18.08 -41.98
N MET A 374 15.83 -17.54 -41.38
CA MET A 374 17.18 -18.08 -41.48
C MET A 374 17.71 -18.23 -40.06
N PRO A 375 17.23 -19.24 -39.32
CA PRO A 375 17.61 -19.41 -37.88
C PRO A 375 19.11 -19.45 -37.64
N PRO A 376 19.65 -18.40 -37.00
CA PRO A 376 21.09 -18.27 -36.86
C PRO A 376 21.69 -18.97 -35.66
N TYR A 377 20.87 -19.42 -34.73
CA TYR A 377 21.40 -20.06 -33.55
C TYR A 377 21.07 -21.54 -33.55
N PRO A 378 21.95 -22.37 -33.00
CA PRO A 378 21.67 -23.80 -32.91
C PRO A 378 20.55 -24.13 -31.94
N TYR A 379 19.70 -25.08 -32.35
CA TYR A 379 18.52 -25.53 -31.57
C TYR A 379 17.58 -24.38 -31.25
N LEU A 380 17.41 -23.50 -32.23
CA LEU A 380 16.53 -22.35 -32.13
C LEU A 380 15.24 -22.57 -32.89
N ALA A 381 15.35 -23.07 -34.13
CA ALA A 381 14.19 -23.30 -34.99
C ALA A 381 13.19 -24.27 -34.39
N THR A 382 13.65 -25.22 -33.58
CA THR A 382 12.78 -26.22 -32.98
C THR A 382 12.33 -25.83 -31.59
N ASP A 383 12.80 -24.68 -31.09
CA ASP A 383 12.30 -24.10 -29.85
C ASP A 383 11.25 -23.07 -30.29
N TYR A 384 10.09 -23.61 -30.69
CA TYR A 384 8.99 -22.85 -31.30
C TYR A 384 8.57 -21.64 -30.45
N GLY A 385 8.63 -21.80 -29.12
CA GLY A 385 8.32 -20.70 -28.24
C GLY A 385 9.28 -19.54 -28.35
N THR A 386 10.57 -19.86 -28.47
CA THR A 386 11.59 -18.83 -28.65
C THR A 386 11.41 -18.11 -29.97
N GLN A 387 11.14 -18.85 -31.06
CA GLN A 387 10.95 -18.24 -32.38
C GLN A 387 9.76 -17.29 -32.39
N LEU A 388 8.61 -17.75 -31.89
CA LEU A 388 7.41 -16.91 -31.81
C LEU A 388 7.68 -15.67 -30.97
N SER A 389 8.30 -15.85 -29.80
CA SER A 389 8.61 -14.76 -28.89
C SER A 389 9.53 -13.71 -29.51
N LEU A 390 10.63 -14.16 -30.14
CA LEU A 390 11.59 -13.26 -30.75
C LEU A 390 10.98 -12.44 -31.88
N PHE A 391 10.30 -13.12 -32.81
CA PHE A 391 9.63 -12.45 -33.92
C PHE A 391 8.66 -11.40 -33.43
N THR A 392 7.74 -11.81 -32.55
CA THR A 392 6.70 -10.92 -32.03
C THR A 392 7.31 -9.72 -31.32
N HIS A 393 8.22 -9.97 -30.38
CA HIS A 393 8.92 -8.94 -29.61
C HIS A 393 9.55 -7.88 -30.50
N HIS A 394 10.45 -8.31 -31.40
CA HIS A 394 11.15 -7.36 -32.26
C HIS A 394 10.23 -6.64 -33.23
N THR A 395 9.12 -7.28 -33.64
CA THR A 395 8.12 -6.58 -34.46
C THR A 395 7.45 -5.45 -33.68
N TRP A 396 7.07 -5.71 -32.43
CA TRP A 396 6.48 -4.68 -31.57
C TRP A 396 7.45 -3.51 -31.35
N ILE A 397 8.69 -3.82 -30.98
CA ILE A 397 9.73 -2.80 -30.78
C ILE A 397 9.86 -1.92 -32.02
N GLY A 398 9.92 -2.56 -33.19
CA GLY A 398 9.97 -1.88 -34.48
C GLY A 398 8.85 -0.89 -34.66
N GLY A 399 7.61 -1.36 -34.51
CA GLY A 399 6.43 -0.51 -34.66
C GLY A 399 6.46 0.71 -33.75
N PHE A 400 6.80 0.48 -32.47
CA PHE A 400 6.91 1.58 -31.51
C PHE A 400 7.94 2.62 -31.95
N CYS A 401 9.09 2.16 -32.44
CA CYS A 401 10.11 3.12 -32.88
C CYS A 401 9.69 3.88 -34.13
N ILE A 402 8.89 3.27 -35.01
CA ILE A 402 8.36 4.00 -36.17
C ILE A 402 7.39 5.10 -35.74
N VAL A 403 6.46 4.77 -34.84
CA VAL A 403 5.54 5.79 -34.30
C VAL A 403 6.33 6.93 -33.63
N GLY A 404 7.39 6.57 -32.89
CA GLY A 404 8.28 7.56 -32.31
C GLY A 404 8.93 8.46 -33.34
N ALA A 405 9.33 7.87 -34.47
CA ALA A 405 9.90 8.62 -35.59
C ALA A 405 8.93 9.68 -36.08
N GLY A 406 7.67 9.30 -36.28
CA GLY A 406 6.67 10.28 -36.68
C GLY A 406 6.46 11.37 -35.64
N ALA A 407 6.47 10.98 -34.36
CA ALA A 407 6.34 11.93 -33.25
C ALA A 407 7.44 12.99 -33.28
N HIS A 408 8.69 12.56 -33.30
CA HIS A 408 9.79 13.50 -33.22
C HIS A 408 9.98 14.27 -34.53
N ALA A 409 9.53 13.71 -35.66
CA ALA A 409 9.45 14.49 -36.90
C ALA A 409 8.54 15.68 -36.71
N ALA A 410 7.35 15.44 -36.15
CA ALA A 410 6.39 16.53 -35.89
C ALA A 410 6.96 17.54 -34.88
N ILE A 411 7.67 17.06 -33.87
CA ILE A 411 8.27 17.94 -32.86
C ILE A 411 9.32 18.86 -33.51
N PHE A 412 10.10 18.31 -34.45
CA PHE A 412 10.98 19.15 -35.26
C PHE A 412 10.18 20.20 -36.02
N MET A 413 9.10 19.76 -36.68
CA MET A 413 8.28 20.62 -37.53
C MET A 413 7.72 21.82 -36.77
N VAL A 414 7.43 21.63 -35.49
CA VAL A 414 6.87 22.73 -34.69
C VAL A 414 7.98 23.57 -34.06
N ARG A 415 8.99 22.94 -33.46
CA ARG A 415 9.96 23.70 -32.67
C ARG A 415 11.21 24.17 -33.41
N ASP A 416 11.72 23.41 -34.37
CA ASP A 416 13.01 23.67 -34.99
C ASP A 416 12.94 24.19 -36.41
N TYR A 417 11.86 23.89 -37.13
CA TYR A 417 11.63 24.34 -38.50
C TYR A 417 11.67 25.87 -38.54
N ASP A 418 12.45 26.40 -39.47
CA ASP A 418 12.62 27.84 -39.61
C ASP A 418 12.86 28.12 -41.09
N PRO A 419 11.82 28.59 -41.79
CA PRO A 419 11.86 28.72 -43.25
C PRO A 419 12.70 29.87 -43.78
N THR A 420 13.25 30.73 -42.94
CA THR A 420 14.05 31.81 -43.47
C THR A 420 15.51 31.38 -43.62
N ASN A 421 15.81 30.14 -43.26
CA ASN A 421 16.96 29.40 -43.74
C ASN A 421 16.55 28.19 -44.58
N ASN A 422 15.26 28.09 -44.92
CA ASN A 422 14.71 26.89 -45.55
C ASN A 422 13.57 27.34 -46.47
N TYR A 423 13.91 27.73 -47.70
CA TYR A 423 13.00 28.61 -48.44
C TYR A 423 12.31 28.02 -49.65
N ASN A 424 13.02 27.44 -50.61
CA ASN A 424 12.34 26.73 -51.69
C ASN A 424 13.16 25.46 -51.82
N ASN A 425 12.76 24.46 -51.04
CA ASN A 425 13.58 23.34 -50.64
C ASN A 425 12.71 22.12 -50.83
N LEU A 426 13.29 20.94 -50.66
CA LEU A 426 12.52 19.69 -50.69
C LEU A 426 11.43 19.71 -49.63
N LEU A 427 11.81 20.08 -48.39
CA LEU A 427 10.87 20.17 -47.29
C LEU A 427 9.77 21.18 -47.59
N ASP A 428 10.13 22.34 -48.15
CA ASP A 428 9.15 23.36 -48.47
C ASP A 428 8.13 22.88 -49.49
N ARG A 429 8.59 22.24 -50.56
CA ARG A 429 7.68 21.71 -51.58
C ARG A 429 6.77 20.62 -51.01
N VAL A 430 7.30 19.76 -50.15
CA VAL A 430 6.48 18.77 -49.44
C VAL A 430 5.37 19.46 -48.64
N ILE A 431 5.73 20.46 -47.84
CA ILE A 431 4.75 21.26 -47.09
C ILE A 431 3.81 22.00 -48.04
N ARG A 432 4.28 22.31 -49.24
CA ARG A 432 3.53 23.14 -50.15
C ARG A 432 2.59 22.31 -51.04
N HIS A 433 2.74 20.98 -51.09
CA HIS A 433 1.76 20.16 -51.82
C HIS A 433 1.23 19.04 -50.91
N ARG A 434 1.26 19.29 -49.59
CA ARG A 434 0.78 18.35 -48.59
C ARG A 434 -0.68 17.94 -48.80
N ASP A 435 -1.53 18.84 -49.33
CA ASP A 435 -2.92 18.51 -49.58
C ASP A 435 -3.05 17.41 -50.63
N ALA A 436 -2.24 17.50 -51.67
CA ALA A 436 -2.20 16.47 -52.72
C ALA A 436 -1.70 15.15 -52.15
N ILE A 437 -0.63 15.22 -51.35
CA ILE A 437 -0.06 14.02 -50.72
C ILE A 437 -1.09 13.31 -49.84
N ILE A 438 -1.70 14.05 -48.91
CA ILE A 438 -2.67 13.47 -47.97
C ILE A 438 -3.92 12.99 -48.68
N SER A 439 -4.42 13.73 -49.68
CA SER A 439 -5.60 13.28 -50.41
C SER A 439 -5.35 11.99 -51.18
N HIS A 440 -4.20 11.87 -51.85
CA HIS A 440 -3.89 10.63 -52.55
C HIS A 440 -3.71 9.46 -51.58
N LEU A 441 -3.01 9.70 -50.45
CA LEU A 441 -2.87 8.67 -49.42
C LEU A 441 -4.21 8.26 -48.85
N ASN A 442 -5.10 9.23 -48.64
CA ASN A 442 -6.46 9.00 -48.20
C ASN A 442 -7.18 8.05 -49.14
N TRP A 443 -7.23 8.39 -50.44
CA TRP A 443 -7.90 7.56 -51.43
C TRP A 443 -7.34 6.14 -51.46
N VAL A 444 -6.00 6.00 -51.54
CA VAL A 444 -5.40 4.66 -51.62
C VAL A 444 -5.66 3.86 -50.35
N CYS A 445 -5.80 4.52 -49.19
CA CYS A 445 -6.16 3.81 -47.97
C CYS A 445 -7.59 3.29 -48.04
N ILE A 446 -8.52 4.11 -48.54
CA ILE A 446 -9.92 3.68 -48.68
C ILE A 446 -10.02 2.53 -49.70
N PHE A 447 -9.32 2.66 -50.83
CA PHE A 447 -9.27 1.61 -51.84
C PHE A 447 -8.78 0.29 -51.26
N LEU A 448 -7.64 0.34 -50.55
CA LEU A 448 -7.08 -0.86 -49.93
C LEU A 448 -8.05 -1.47 -48.93
N GLY A 449 -8.63 -0.62 -48.08
CA GLY A 449 -9.60 -1.08 -47.09
C GLY A 449 -10.79 -1.78 -47.71
N PHE A 450 -11.44 -1.12 -48.68
CA PHE A 450 -12.55 -1.71 -49.42
C PHE A 450 -12.20 -3.04 -50.04
N HIS A 451 -11.13 -3.12 -50.82
CA HIS A 451 -10.96 -4.38 -51.53
C HIS A 451 -10.36 -5.49 -50.67
N SER A 452 -9.31 -5.22 -49.88
CA SER A 452 -8.78 -6.19 -48.91
C SER A 452 -9.82 -6.69 -47.90
N PHE A 453 -10.39 -5.79 -47.08
CA PHE A 453 -11.34 -6.22 -46.06
C PHE A 453 -12.64 -6.74 -46.70
N GLY A 454 -13.07 -6.13 -47.81
CA GLY A 454 -14.26 -6.55 -48.52
C GLY A 454 -14.20 -7.98 -49.02
N LEU A 455 -12.99 -8.48 -49.35
CA LEU A 455 -12.91 -9.89 -49.74
C LEU A 455 -13.26 -10.79 -48.56
N TYR A 456 -12.80 -10.43 -47.36
CA TYR A 456 -13.11 -11.20 -46.16
C TYR A 456 -14.60 -11.17 -45.86
N ILE A 457 -15.20 -9.97 -45.90
CA ILE A 457 -16.65 -9.85 -45.67
C ILE A 457 -17.45 -10.60 -46.73
N HIS A 458 -17.01 -10.50 -48.01
CA HIS A 458 -17.60 -11.24 -49.11
C HIS A 458 -17.59 -12.74 -48.83
N ASN A 459 -16.43 -13.27 -48.44
CA ASN A 459 -16.28 -14.69 -48.10
C ASN A 459 -17.17 -15.09 -46.94
N ASP A 460 -17.23 -14.25 -45.89
CA ASP A 460 -18.12 -14.51 -44.76
C ASP A 460 -19.57 -14.63 -45.21
N THR A 461 -19.99 -13.72 -46.08
CA THR A 461 -21.36 -13.74 -46.57
C THR A 461 -21.64 -14.98 -47.41
N MET A 462 -20.76 -15.28 -48.40
CA MET A 462 -20.93 -16.46 -49.24
C MET A 462 -20.90 -17.76 -48.47
N SER A 463 -20.00 -17.87 -47.49
CA SER A 463 -19.91 -19.06 -46.66
C SER A 463 -21.16 -19.20 -45.80
N ALA A 464 -21.68 -18.07 -45.29
CA ALA A 464 -22.87 -18.09 -44.46
C ALA A 464 -24.11 -18.41 -45.27
N LEU A 465 -24.15 -18.02 -46.55
CA LEU A 465 -25.32 -18.23 -47.40
C LEU A 465 -25.33 -19.60 -48.06
N GLY A 466 -24.37 -20.46 -47.73
CA GLY A 466 -24.28 -21.79 -48.29
C GLY A 466 -23.82 -21.81 -49.73
N ARG A 467 -22.97 -20.88 -50.12
CA ARG A 467 -22.45 -20.78 -51.48
C ARG A 467 -20.92 -20.67 -51.45
N PRO A 468 -20.22 -21.74 -51.05
CA PRO A 468 -18.74 -21.68 -50.95
C PRO A 468 -18.04 -21.55 -52.29
N GLN A 469 -18.68 -21.92 -53.39
CA GLN A 469 -18.10 -21.83 -54.72
C GLN A 469 -18.01 -20.39 -55.22
N ASP A 470 -18.60 -19.44 -54.52
CA ASP A 470 -18.57 -18.02 -54.87
C ASP A 470 -17.60 -17.22 -54.00
N MET A 471 -16.79 -17.89 -53.19
CA MET A 471 -15.83 -17.25 -52.30
C MET A 471 -14.52 -16.94 -53.02
N PHE A 472 -13.69 -16.16 -52.36
CA PHE A 472 -12.30 -15.92 -52.78
C PHE A 472 -11.46 -16.93 -52.01
N SER A 473 -11.08 -18.02 -52.66
CA SER A 473 -10.32 -19.08 -52.02
C SER A 473 -9.52 -19.82 -53.09
N ASP A 474 -8.80 -20.86 -52.67
CA ASP A 474 -7.99 -21.65 -53.60
C ASP A 474 -8.82 -22.61 -54.44
N THR A 475 -10.08 -22.85 -54.09
CA THR A 475 -10.91 -23.76 -54.85
C THR A 475 -12.05 -23.06 -55.56
N ALA A 476 -12.42 -21.87 -55.11
CA ALA A 476 -13.45 -21.05 -55.75
C ALA A 476 -12.77 -20.02 -56.65
N ILE A 477 -13.04 -18.73 -56.52
CA ILE A 477 -12.38 -17.65 -57.27
C ILE A 477 -10.98 -17.44 -56.70
N GLN A 478 -9.97 -17.94 -57.40
CA GLN A 478 -8.60 -17.92 -56.92
C GLN A 478 -7.95 -16.55 -57.13
N LEU A 479 -7.11 -16.14 -56.16
CA LEU A 479 -6.30 -14.91 -56.25
C LEU A 479 -4.87 -15.27 -55.85
N GLN A 480 -4.15 -15.90 -56.77
CA GLN A 480 -2.81 -16.41 -56.52
C GLN A 480 -1.78 -15.28 -56.46
N PRO A 481 -0.87 -15.32 -55.48
CA PRO A 481 0.27 -14.39 -55.39
C PRO A 481 1.38 -14.71 -56.38
N VAL A 482 1.07 -14.57 -57.68
CA VAL A 482 1.98 -14.94 -58.78
C VAL A 482 3.37 -14.29 -58.64
N PHE A 483 3.43 -12.99 -58.31
CA PHE A 483 4.70 -12.29 -58.20
C PHE A 483 5.58 -12.84 -57.07
N ALA A 484 5.00 -13.02 -55.89
CA ALA A 484 5.75 -13.57 -54.76
C ALA A 484 6.18 -15.00 -55.02
N GLN A 485 5.33 -15.80 -55.67
CA GLN A 485 5.68 -17.17 -56.03
C GLN A 485 6.84 -17.19 -57.03
N TRP A 486 6.83 -16.27 -57.99
CA TRP A 486 7.91 -16.16 -58.96
C TRP A 486 9.23 -15.75 -58.29
N ILE A 487 9.20 -14.78 -57.38
CA ILE A 487 10.40 -14.39 -56.64
C ILE A 487 10.91 -15.54 -55.78
N GLN A 488 9.99 -16.28 -55.15
CA GLN A 488 10.34 -17.46 -54.35
C GLN A 488 11.03 -18.52 -55.20
N ASN A 489 10.42 -18.87 -56.34
CA ASN A 489 10.99 -19.86 -57.26
C ASN A 489 12.36 -19.42 -57.76
N THR A 490 12.49 -18.14 -58.14
CA THR A 490 13.77 -17.59 -58.61
C THR A 490 14.86 -17.69 -57.55
N HIS A 491 14.52 -17.37 -56.30
CA HIS A 491 15.50 -17.44 -55.22
C HIS A 491 15.85 -18.87 -54.85
N PHE A 492 14.92 -19.80 -55.10
CA PHE A 492 15.26 -21.21 -54.90
C PHE A 492 16.17 -21.72 -56.02
N LEU A 493 15.96 -21.26 -57.25
CA LEU A 493 16.82 -21.68 -58.35
C LEU A 493 18.12 -20.89 -58.43
N ALA A 494 18.27 -19.86 -57.59
CA ALA A 494 19.47 -19.03 -57.58
C ALA A 494 20.82 -19.76 -57.41
N PRO A 495 21.00 -20.75 -56.49
CA PRO A 495 22.33 -21.40 -56.39
C PRO A 495 22.88 -22.04 -57.66
N GLN A 496 22.02 -22.38 -58.62
CA GLN A 496 22.48 -23.06 -59.81
C GLN A 496 23.12 -22.10 -60.82
N LEU A 497 22.53 -20.93 -61.03
CA LEU A 497 22.97 -20.05 -62.10
C LEU A 497 23.52 -18.72 -61.64
N THR A 498 22.77 -17.97 -60.83
CA THR A 498 23.13 -16.60 -60.51
C THR A 498 23.95 -16.48 -59.22
N ALA A 499 24.16 -17.61 -58.53
CA ALA A 499 25.04 -17.67 -57.36
C ALA A 499 25.81 -18.98 -57.41
N PRO A 500 26.75 -19.12 -58.36
CA PRO A 500 27.42 -20.43 -58.60
C PRO A 500 28.13 -21.04 -57.40
N ASN A 501 28.71 -20.23 -56.51
CA ASN A 501 29.49 -20.75 -55.39
C ASN A 501 28.64 -21.06 -54.17
N ALA A 502 27.32 -21.08 -54.29
CA ALA A 502 26.44 -21.40 -53.18
C ALA A 502 26.03 -22.87 -53.26
N LEU A 503 26.21 -23.59 -52.16
CA LEU A 503 25.87 -25.01 -52.14
C LEU A 503 24.37 -25.23 -52.00
N ALA A 504 23.70 -24.39 -51.21
CA ALA A 504 22.26 -24.45 -51.04
C ALA A 504 21.71 -23.03 -51.12
N ALA A 505 20.39 -22.93 -51.04
CA ALA A 505 19.75 -21.62 -50.99
C ALA A 505 19.98 -20.98 -49.63
N THR A 506 19.71 -19.67 -49.56
CA THR A 506 19.93 -18.92 -48.32
C THR A 506 18.90 -19.27 -47.26
N SER A 507 17.77 -19.83 -47.64
CA SER A 507 16.71 -20.18 -46.70
C SER A 507 15.88 -21.31 -47.26
N LEU A 508 15.48 -22.21 -46.37
CA LEU A 508 14.64 -23.34 -46.76
C LEU A 508 13.26 -22.90 -47.26
N THR A 509 12.77 -21.73 -46.84
CA THR A 509 11.40 -21.33 -47.17
C THR A 509 11.19 -21.06 -48.66
N TRP A 510 12.28 -20.91 -49.43
CA TRP A 510 12.17 -20.68 -50.87
C TRP A 510 11.63 -21.91 -51.58
N GLY A 511 11.94 -23.07 -51.05
CA GLY A 511 11.67 -24.34 -51.69
C GLY A 511 12.76 -25.33 -51.32
N GLY A 512 12.52 -26.59 -51.67
CA GLY A 512 13.51 -27.61 -51.38
C GLY A 512 13.10 -28.70 -50.43
N ASP A 513 14.07 -29.23 -49.68
CA ASP A 513 13.84 -30.42 -48.88
C ASP A 513 13.28 -30.07 -47.50
N LEU A 514 13.78 -30.70 -46.44
CA LEU A 514 13.27 -30.43 -45.10
C LEU A 514 14.33 -30.80 -44.08
N VAL A 515 14.65 -29.87 -43.21
CA VAL A 515 15.62 -30.06 -42.14
C VAL A 515 14.86 -30.25 -40.84
N ALA A 516 15.09 -31.39 -40.17
CA ALA A 516 14.43 -31.71 -38.93
C ALA A 516 15.47 -32.04 -37.88
N VAL A 517 15.16 -31.69 -36.63
CA VAL A 517 16.05 -31.93 -35.50
C VAL A 517 15.20 -32.45 -34.35
N GLY A 518 15.54 -33.65 -33.86
CA GLY A 518 14.87 -34.25 -32.72
C GLY A 518 13.41 -34.56 -32.96
N GLY A 519 13.04 -34.84 -34.21
CA GLY A 519 11.67 -35.16 -34.54
C GLY A 519 10.80 -33.96 -34.87
N LYS A 520 11.27 -32.75 -34.61
CA LYS A 520 10.57 -31.52 -34.91
C LYS A 520 11.06 -30.91 -36.22
N VAL A 521 10.16 -30.20 -36.90
CA VAL A 521 10.48 -29.48 -38.13
C VAL A 521 11.20 -28.20 -37.79
N ALA A 522 12.43 -28.05 -38.28
CA ALA A 522 13.14 -26.79 -38.13
C ALA A 522 12.64 -25.77 -39.14
N MET A 523 12.63 -26.13 -40.42
CA MET A 523 12.09 -25.26 -41.46
C MET A 523 11.76 -26.11 -42.68
N MET A 524 10.67 -25.77 -43.36
CA MET A 524 10.24 -26.39 -44.60
C MET A 524 9.85 -25.29 -45.57
N PRO A 525 9.66 -25.62 -46.86
CA PRO A 525 9.18 -24.61 -47.82
C PRO A 525 7.79 -24.08 -47.51
N ILE A 526 7.68 -22.75 -47.49
CA ILE A 526 6.43 -22.06 -47.19
C ILE A 526 5.70 -21.78 -48.51
N SER A 527 4.49 -22.31 -48.63
CA SER A 527 3.67 -22.09 -49.81
C SER A 527 2.79 -20.86 -49.62
N LEU A 528 2.46 -20.19 -50.72
CA LEU A 528 1.71 -18.94 -50.70
C LEU A 528 0.46 -19.09 -51.57
N GLY A 529 -0.71 -18.89 -50.96
CA GLY A 529 -1.95 -18.99 -51.70
C GLY A 529 -2.85 -17.78 -51.54
N THR A 530 -4.15 -17.97 -51.79
CA THR A 530 -5.12 -16.87 -51.72
C THR A 530 -5.16 -16.23 -50.33
N SER A 531 -5.04 -17.05 -49.29
CA SER A 531 -5.04 -16.54 -47.91
C SER A 531 -3.84 -15.64 -47.64
N ASP A 532 -2.68 -16.00 -48.20
CA ASP A 532 -1.48 -15.19 -48.01
C ASP A 532 -1.58 -13.88 -48.77
N PHE A 533 -2.17 -13.93 -49.98
CA PHE A 533 -2.53 -12.75 -50.76
C PHE A 533 -3.39 -11.79 -49.96
N MET A 534 -4.43 -12.34 -49.31
CA MET A 534 -5.38 -11.53 -48.56
C MET A 534 -4.73 -10.90 -47.32
N VAL A 535 -3.92 -11.67 -46.58
CA VAL A 535 -3.31 -11.10 -45.37
C VAL A 535 -2.25 -10.07 -45.74
N HIS A 536 -1.51 -10.30 -46.84
CA HIS A 536 -0.50 -9.31 -47.25
C HIS A 536 -1.16 -8.00 -47.64
N HIS A 537 -2.29 -8.05 -48.34
CA HIS A 537 -2.97 -6.79 -48.65
C HIS A 537 -3.62 -6.16 -47.42
N ILE A 538 -4.03 -6.96 -46.42
CA ILE A 538 -4.44 -6.40 -45.13
C ILE A 538 -3.28 -5.64 -44.47
N HIS A 539 -2.09 -6.24 -44.49
CA HIS A 539 -0.88 -5.61 -43.96
C HIS A 539 -0.60 -4.29 -44.65
N ALA A 540 -0.62 -4.31 -45.98
CA ALA A 540 -0.44 -3.10 -46.80
C ALA A 540 -1.44 -2.01 -46.43
N PHE A 541 -2.71 -2.39 -46.26
CA PHE A 541 -3.76 -1.44 -45.88
C PHE A 541 -3.47 -0.78 -44.53
N THR A 542 -3.27 -1.59 -43.48
CA THR A 542 -3.03 -1.07 -42.14
C THR A 542 -1.78 -0.20 -42.08
N ILE A 543 -0.68 -0.64 -42.72
CA ILE A 543 0.54 0.16 -42.78
C ILE A 543 0.30 1.50 -43.48
N HIS A 544 -0.39 1.49 -44.63
CA HIS A 544 -0.71 2.73 -45.33
C HIS A 544 -1.56 3.68 -44.48
N VAL A 545 -2.53 3.16 -43.72
CA VAL A 545 -3.33 4.02 -42.83
C VAL A 545 -2.46 4.63 -41.73
N THR A 546 -1.62 3.81 -41.08
CA THR A 546 -0.70 4.30 -40.05
C THR A 546 0.19 5.42 -40.60
N VAL A 547 0.75 5.20 -41.80
CA VAL A 547 1.56 6.22 -42.48
C VAL A 547 0.74 7.48 -42.74
N LEU A 548 -0.54 7.30 -43.12
CA LEU A 548 -1.45 8.42 -43.37
C LEU A 548 -1.60 9.30 -42.13
N ILE A 549 -1.97 8.69 -41.00
CA ILE A 549 -2.12 9.42 -39.73
C ILE A 549 -0.83 10.14 -39.35
N LEU A 550 0.29 9.40 -39.29
CA LEU A 550 1.55 9.99 -38.84
C LEU A 550 2.03 11.09 -39.78
N LEU A 551 2.03 10.82 -41.08
CA LEU A 551 2.46 11.80 -42.09
C LEU A 551 1.56 13.04 -42.10
N LYS A 552 0.22 12.85 -42.01
CA LYS A 552 -0.69 13.98 -41.88
C LYS A 552 -0.36 14.80 -40.63
N GLY A 553 -0.02 14.11 -39.55
CA GLY A 553 0.38 14.76 -38.31
C GLY A 553 1.61 15.64 -38.50
N VAL A 554 2.58 15.15 -39.26
CA VAL A 554 3.80 15.92 -39.43
C VAL A 554 3.61 17.02 -40.48
N LEU A 555 2.78 16.80 -41.50
CA LEU A 555 2.64 17.80 -42.55
C LEU A 555 1.74 18.95 -42.14
N PHE A 556 0.76 18.69 -41.27
CA PHE A 556 -0.14 19.73 -40.81
C PHE A 556 0.15 20.17 -39.38
N ALA A 557 1.37 19.92 -38.89
CA ALA A 557 1.71 20.26 -37.52
C ALA A 557 1.76 21.76 -37.33
N ARG A 558 2.17 22.49 -38.36
CA ARG A 558 2.33 23.93 -38.28
C ARG A 558 1.06 24.70 -38.58
N SER A 559 0.32 24.28 -39.61
CA SER A 559 -0.88 24.99 -40.01
C SER A 559 -1.77 24.06 -40.82
N SER A 560 -3.04 24.42 -40.86
CA SER A 560 -4.03 23.78 -41.71
C SER A 560 -5.06 24.84 -42.03
N ARG A 561 -6.00 24.49 -42.93
CA ARG A 561 -7.09 25.40 -43.25
C ARG A 561 -7.98 25.63 -42.03
N LEU A 562 -8.02 24.65 -41.12
CA LEU A 562 -8.80 24.76 -39.89
C LEU A 562 -8.07 25.64 -38.87
N ILE A 563 -6.81 25.33 -38.57
CA ILE A 563 -6.04 26.12 -37.61
C ILE A 563 -4.83 26.73 -38.32
N PRO A 564 -4.96 27.96 -38.83
CA PRO A 564 -3.84 28.57 -39.58
C PRO A 564 -2.60 28.87 -38.75
N ASP A 565 -2.72 29.00 -37.44
CA ASP A 565 -1.62 29.35 -36.56
C ASP A 565 -1.35 28.27 -35.53
N LYS A 566 -1.53 27.00 -35.94
CA LYS A 566 -1.39 25.85 -35.05
C LYS A 566 0.00 25.76 -34.42
N ALA A 567 1.03 26.24 -35.13
CA ALA A 567 2.41 26.22 -34.64
C ALA A 567 2.56 26.99 -33.33
N ASN A 568 1.88 28.13 -33.19
CA ASN A 568 1.96 28.92 -31.97
C ASN A 568 1.30 28.23 -30.77
N LEU A 569 0.47 27.22 -31.01
CA LEU A 569 -0.21 26.48 -29.95
C LEU A 569 0.66 25.36 -29.40
N GLY A 570 1.78 25.08 -30.06
CA GLY A 570 2.74 24.08 -29.65
C GLY A 570 2.55 22.76 -30.37
N PHE A 571 3.36 21.79 -29.94
CA PHE A 571 3.28 20.43 -30.44
C PHE A 571 2.18 19.64 -29.72
N ARG A 572 2.12 19.78 -28.41
CA ARG A 572 1.19 19.05 -27.55
C ARG A 572 0.21 20.05 -26.92
N PHE A 573 -1.03 20.04 -27.38
CA PHE A 573 -2.08 20.87 -26.80
C PHE A 573 -3.41 20.18 -27.07
N PRO A 574 -4.39 20.34 -26.18
CA PRO A 574 -5.65 19.59 -26.35
C PRO A 574 -6.47 19.93 -27.58
N CYS A 575 -6.60 21.22 -27.92
CA CYS A 575 -7.50 21.71 -28.96
C CYS A 575 -7.42 23.22 -29.11
N ASP A 576 -8.39 23.79 -29.81
CA ASP A 576 -8.56 25.24 -29.88
C ASP A 576 -10.02 25.60 -29.64
N GLY A 577 -10.69 24.85 -28.78
CA GLY A 577 -12.04 25.19 -28.36
C GLY A 577 -13.12 24.52 -29.19
N PRO A 578 -14.36 24.57 -28.71
CA PRO A 578 -15.47 23.94 -29.43
C PRO A 578 -15.93 24.69 -30.65
N GLY A 579 -15.38 25.87 -30.93
CA GLY A 579 -15.76 26.62 -32.10
C GLY A 579 -15.30 26.02 -33.41
N ARG A 580 -15.75 26.69 -34.49
CA ARG A 580 -15.51 26.32 -35.90
C ARG A 580 -15.98 24.89 -36.20
N GLY A 581 -16.95 24.41 -35.41
CA GLY A 581 -17.48 23.07 -35.43
C GLY A 581 -16.85 22.13 -34.41
N GLY A 582 -15.65 22.41 -33.93
CA GLY A 582 -14.97 21.53 -33.01
C GLY A 582 -13.56 21.19 -33.46
N THR A 583 -12.57 21.40 -32.59
CA THR A 583 -11.18 21.20 -32.97
C THR A 583 -10.47 20.25 -32.03
N CYS A 584 -11.16 19.23 -31.55
CA CYS A 584 -10.51 18.27 -30.68
C CYS A 584 -9.51 17.47 -31.50
N GLN A 585 -8.37 17.14 -30.88
CA GLN A 585 -7.30 16.33 -31.47
C GLN A 585 -6.78 16.90 -32.79
N VAL A 586 -6.46 18.21 -32.80
CA VAL A 586 -5.88 18.83 -33.97
C VAL A 586 -4.35 18.85 -33.89
N SER A 587 -3.79 18.68 -32.71
CA SER A 587 -2.35 18.71 -32.50
C SER A 587 -1.69 17.47 -33.08
N ALA A 588 -0.42 17.61 -33.46
CA ALA A 588 0.37 16.52 -34.00
C ALA A 588 0.54 15.39 -32.98
N TRP A 589 0.59 15.74 -31.69
CA TRP A 589 0.67 14.77 -30.61
C TRP A 589 -0.52 13.81 -30.67
N ASP A 590 -1.70 14.36 -30.94
CA ASP A 590 -2.91 13.54 -31.05
C ASP A 590 -2.87 12.64 -32.28
N HIS A 591 -2.09 13.04 -33.28
CA HIS A 591 -1.89 12.20 -34.46
C HIS A 591 -0.97 11.05 -34.12
N VAL A 592 0.01 11.29 -33.24
CA VAL A 592 0.84 10.20 -32.71
C VAL A 592 -0.02 9.23 -31.89
N PHE A 593 -0.97 9.79 -31.14
CA PHE A 593 -1.89 9.02 -30.30
C PHE A 593 -2.75 8.07 -31.13
N LEU A 594 -3.28 8.56 -32.26
CA LEU A 594 -4.07 7.70 -33.13
C LEU A 594 -3.20 6.73 -33.89
N GLY A 595 -2.02 7.19 -34.35
CA GLY A 595 -1.07 6.31 -34.99
C GLY A 595 -0.63 5.17 -34.09
N LEU A 596 -0.58 5.40 -32.77
CA LEU A 596 -0.26 4.34 -31.81
C LEU A 596 -1.33 3.25 -31.84
N PHE A 597 -2.61 3.67 -31.80
CA PHE A 597 -3.69 2.67 -31.89
C PHE A 597 -3.63 1.87 -33.20
N TRP A 598 -3.43 2.57 -34.31
CA TRP A 598 -3.37 1.91 -35.62
C TRP A 598 -2.14 1.02 -35.78
N MET A 599 -1.02 1.40 -35.15
CA MET A 599 0.17 0.57 -35.14
C MET A 599 -0.10 -0.72 -34.38
N TYR A 600 -0.81 -0.62 -33.25
CA TYR A 600 -1.22 -1.80 -32.51
C TYR A 600 -2.07 -2.74 -33.36
N ASN A 601 -3.05 -2.17 -34.07
CA ASN A 601 -3.90 -2.94 -34.98
C ASN A 601 -3.10 -3.70 -36.02
N SER A 602 -2.26 -2.97 -36.76
CA SER A 602 -1.42 -3.53 -37.82
C SER A 602 -0.53 -4.65 -37.29
N LEU A 603 0.23 -4.38 -36.23
CA LEU A 603 1.17 -5.40 -35.76
C LEU A 603 0.49 -6.58 -35.09
N SER A 604 -0.72 -6.39 -34.54
CA SER A 604 -1.45 -7.53 -34.01
C SER A 604 -1.90 -8.47 -35.13
N ILE A 605 -2.35 -7.90 -36.26
CA ILE A 605 -2.68 -8.75 -37.40
C ILE A 605 -1.43 -9.41 -37.98
N VAL A 606 -0.30 -8.72 -37.93
CA VAL A 606 0.97 -9.27 -38.43
C VAL A 606 1.42 -10.48 -37.61
N ILE A 607 1.45 -10.33 -36.28
CA ILE A 607 1.88 -11.44 -35.43
C ILE A 607 0.86 -12.57 -35.43
N PHE A 608 -0.44 -12.28 -35.63
CA PHE A 608 -1.43 -13.34 -35.80
C PHE A 608 -1.16 -14.14 -37.08
N HIS A 609 -0.88 -13.43 -38.18
CA HIS A 609 -0.48 -14.06 -39.44
C HIS A 609 0.69 -15.01 -39.23
N PHE A 610 1.75 -14.49 -38.60
CA PHE A 610 2.95 -15.30 -38.35
C PHE A 610 2.65 -16.53 -37.51
N SER A 611 1.98 -16.33 -36.37
CA SER A 611 1.63 -17.42 -35.46
C SER A 611 0.84 -18.52 -36.14
N TRP A 612 -0.29 -18.16 -36.77
CA TRP A 612 -1.16 -19.16 -37.39
C TRP A 612 -0.46 -19.89 -38.52
N LYS A 613 0.20 -19.13 -39.40
CA LYS A 613 0.91 -19.70 -40.55
C LYS A 613 2.02 -20.65 -40.12
N MET A 614 2.83 -20.27 -39.13
CA MET A 614 3.90 -21.15 -38.65
C MET A 614 3.34 -22.43 -38.04
N GLN A 615 2.33 -22.29 -37.17
CA GLN A 615 1.74 -23.46 -36.54
C GLN A 615 1.01 -24.36 -37.53
N SER A 616 0.57 -23.82 -38.68
CA SER A 616 -0.25 -24.56 -39.62
C SER A 616 0.56 -25.20 -40.75
N ASP A 617 1.47 -24.45 -41.37
CA ASP A 617 2.14 -24.91 -42.58
C ASP A 617 3.63 -25.17 -42.42
N VAL A 618 4.22 -24.88 -41.25
CA VAL A 618 5.67 -25.05 -41.10
C VAL A 618 6.01 -26.00 -39.96
N TRP A 619 5.69 -25.59 -38.73
CA TRP A 619 6.05 -26.34 -37.53
C TRP A 619 5.30 -27.69 -37.46
N GLY A 620 5.68 -28.49 -36.47
CA GLY A 620 5.11 -29.80 -36.26
C GLY A 620 6.18 -30.87 -36.14
N THR A 621 5.71 -32.09 -35.89
CA THR A 621 6.59 -33.24 -35.73
C THR A 621 6.76 -34.01 -37.03
N VAL A 622 7.84 -34.78 -37.09
CA VAL A 622 8.14 -35.67 -38.21
C VAL A 622 8.05 -37.11 -37.72
N THR A 623 7.22 -37.90 -38.40
CA THR A 623 7.06 -39.31 -38.04
C THR A 623 8.26 -40.13 -38.52
N GLY A 626 5.01 -38.97 -42.45
CA GLY A 626 5.10 -37.60 -42.91
C GLY A 626 5.05 -36.58 -41.78
N VAL A 627 5.01 -35.31 -42.15
CA VAL A 627 4.98 -34.23 -41.17
C VAL A 627 3.55 -34.05 -40.67
N SER A 628 3.37 -34.09 -39.35
CA SER A 628 2.11 -33.77 -38.71
C SER A 628 2.23 -32.38 -38.09
N HIS A 629 1.53 -31.42 -38.69
CA HIS A 629 1.60 -30.03 -38.24
C HIS A 629 0.79 -29.84 -36.96
N ILE A 630 1.06 -28.72 -36.28
CA ILE A 630 0.45 -28.43 -34.99
C ILE A 630 -1.06 -28.23 -35.14
N THR A 631 -1.50 -27.61 -36.24
CA THR A 631 -2.92 -27.42 -36.49
C THR A 631 -3.36 -28.09 -37.78
N GLY A 632 -2.55 -29.01 -38.31
CA GLY A 632 -2.98 -29.85 -39.41
C GLY A 632 -3.04 -29.21 -40.78
N GLY A 633 -2.64 -27.95 -40.91
CA GLY A 633 -2.72 -27.32 -42.21
C GLY A 633 -4.03 -26.62 -42.51
N ASN A 634 -4.69 -26.07 -41.49
CA ASN A 634 -5.97 -25.43 -41.68
C ASN A 634 -5.90 -24.02 -42.27
N PHE A 635 -4.71 -23.40 -42.33
CA PHE A 635 -4.56 -22.01 -42.77
C PHE A 635 -5.19 -21.74 -44.14
N ALA A 636 -4.78 -22.52 -45.15
CA ALA A 636 -5.17 -22.31 -46.56
C ALA A 636 -6.68 -22.26 -46.80
N GLN A 637 -7.48 -22.92 -45.98
CA GLN A 637 -8.92 -22.91 -46.20
C GLN A 637 -9.68 -22.05 -45.21
N SER A 638 -9.10 -21.75 -44.05
CA SER A 638 -9.80 -21.06 -42.99
C SER A 638 -9.49 -19.57 -42.91
N ALA A 639 -8.31 -19.14 -43.38
CA ALA A 639 -7.88 -17.76 -43.22
C ALA A 639 -8.45 -16.81 -44.27
N ASN A 640 -9.58 -17.17 -44.89
CA ASN A 640 -10.25 -16.31 -45.84
C ASN A 640 -11.53 -15.69 -45.29
N THR A 641 -12.02 -16.13 -44.13
CA THR A 641 -13.18 -15.54 -43.50
C THR A 641 -12.80 -15.04 -42.11
N ILE A 642 -13.53 -14.02 -41.63
CA ILE A 642 -13.30 -13.52 -40.29
C ILE A 642 -13.68 -14.58 -39.25
N ASN A 643 -14.76 -15.33 -39.53
CA ASN A 643 -15.21 -16.40 -38.65
C ASN A 643 -14.15 -17.49 -38.52
N GLY A 644 -13.38 -17.69 -39.60
CA GLY A 644 -12.29 -18.66 -39.57
C GLY A 644 -11.19 -18.25 -38.62
N TRP A 645 -10.82 -16.96 -38.62
CA TRP A 645 -9.83 -16.48 -37.67
C TRP A 645 -10.37 -16.54 -36.24
N LEU A 646 -11.66 -16.21 -36.09
CA LEU A 646 -12.34 -16.17 -34.80
C LEU A 646 -12.42 -17.54 -34.15
N ARG A 647 -12.62 -18.58 -34.94
CA ARG A 647 -12.85 -19.90 -34.41
C ARG A 647 -11.56 -20.71 -34.42
N ASP A 648 -10.92 -20.85 -35.57
CA ASP A 648 -9.76 -21.72 -35.69
C ASP A 648 -8.50 -21.11 -35.11
N PHE A 649 -8.40 -19.77 -35.01
CA PHE A 649 -7.21 -19.22 -34.40
C PHE A 649 -7.45 -18.84 -32.94
N LEU A 650 -8.20 -17.75 -32.71
CA LEU A 650 -8.44 -17.25 -31.36
C LEU A 650 -9.10 -18.26 -30.45
N TRP A 651 -10.33 -18.70 -30.80
CA TRP A 651 -11.09 -19.62 -29.96
C TRP A 651 -10.36 -20.94 -29.75
N ALA A 652 -9.89 -21.56 -30.85
CA ALA A 652 -9.23 -22.86 -30.76
C ALA A 652 -7.92 -22.81 -29.98
N GLN A 653 -7.09 -21.81 -30.24
CA GLN A 653 -5.77 -21.81 -29.63
C GLN A 653 -5.74 -21.17 -28.26
N SER A 654 -6.88 -20.67 -27.77
CA SER A 654 -6.90 -20.18 -26.41
C SER A 654 -7.29 -21.26 -25.41
N SER A 655 -7.49 -22.50 -25.87
CA SER A 655 -7.67 -23.65 -25.00
C SER A 655 -6.57 -23.76 -23.95
N GLN A 656 -5.32 -23.70 -24.40
CA GLN A 656 -4.17 -23.84 -23.51
C GLN A 656 -4.14 -22.76 -22.41
N VAL A 657 -4.39 -21.49 -22.78
CA VAL A 657 -4.39 -20.41 -21.80
C VAL A 657 -5.57 -20.53 -20.82
N ILE A 658 -6.75 -20.97 -21.29
CA ILE A 658 -7.91 -20.99 -20.41
C ILE A 658 -7.92 -22.19 -19.48
N GLN A 659 -7.12 -23.21 -19.77
CA GLN A 659 -7.05 -24.38 -18.90
C GLN A 659 -5.67 -24.54 -18.30
N SER A 660 -4.94 -23.43 -18.17
CA SER A 660 -3.60 -23.45 -17.62
C SER A 660 -3.58 -23.42 -16.10
N TYR A 661 -4.73 -23.26 -15.45
CA TYR A 661 -4.81 -23.23 -13.99
C TYR A 661 -4.35 -24.55 -13.37
N GLY A 662 -3.76 -24.47 -12.18
CA GLY A 662 -3.31 -25.65 -11.49
C GLY A 662 -2.03 -26.25 -12.03
N SER A 663 -1.35 -25.55 -12.95
CA SER A 663 -0.08 -26.00 -13.50
C SER A 663 0.93 -24.86 -13.48
N ALA A 664 2.06 -25.05 -14.15
CA ALA A 664 3.09 -24.01 -14.15
C ALA A 664 2.75 -22.85 -15.09
N LEU A 665 1.79 -23.04 -16.00
CA LEU A 665 1.39 -22.00 -16.92
C LEU A 665 0.25 -21.14 -16.39
N SER A 666 -0.11 -21.30 -15.11
CA SER A 666 -1.26 -20.59 -14.54
C SER A 666 -1.06 -19.09 -14.54
N ALA A 667 0.20 -18.64 -14.43
CA ALA A 667 0.52 -17.22 -14.47
C ALA A 667 0.11 -16.61 -15.80
N TYR A 668 0.11 -17.40 -16.88
CA TYR A 668 -0.32 -16.89 -18.18
C TYR A 668 -1.82 -16.70 -18.20
N GLY A 669 -2.55 -17.50 -17.44
CA GLY A 669 -3.99 -17.30 -17.33
C GLY A 669 -4.29 -16.04 -16.52
N LEU A 670 -3.59 -15.89 -15.39
CA LEU A 670 -3.71 -14.69 -14.58
C LEU A 670 -3.39 -13.42 -15.38
N ILE A 671 -2.34 -13.46 -16.20
CA ILE A 671 -1.98 -12.27 -16.96
C ILE A 671 -2.89 -12.09 -18.19
N PHE A 672 -3.49 -13.18 -18.69
CA PHE A 672 -4.58 -13.09 -19.66
C PHE A 672 -5.74 -12.26 -19.10
N LEU A 673 -6.26 -12.66 -17.93
CA LEU A 673 -7.35 -11.93 -17.30
C LEU A 673 -6.94 -10.50 -16.94
N GLY A 674 -5.75 -10.34 -16.37
CA GLY A 674 -5.27 -9.02 -15.98
C GLY A 674 -5.12 -8.07 -17.15
N ALA A 675 -4.62 -8.60 -18.27
CA ALA A 675 -4.45 -7.81 -19.48
C ALA A 675 -5.80 -7.42 -20.08
N HIS A 676 -6.76 -8.36 -20.12
CA HIS A 676 -8.14 -8.01 -20.53
C HIS A 676 -8.67 -6.87 -19.66
N PHE A 677 -8.45 -6.97 -18.34
CA PHE A 677 -8.91 -5.96 -17.38
C PHE A 677 -8.29 -4.59 -17.66
N VAL A 678 -6.96 -4.54 -17.83
CA VAL A 678 -6.26 -3.27 -18.10
C VAL A 678 -6.73 -2.65 -19.42
N TRP A 679 -6.93 -3.50 -20.44
CA TRP A 679 -7.44 -3.02 -21.73
C TRP A 679 -8.79 -2.34 -21.57
N ALA A 680 -9.73 -3.01 -20.89
CA ALA A 680 -11.04 -2.43 -20.61
C ALA A 680 -10.92 -1.17 -19.76
N PHE A 681 -9.97 -1.18 -18.82
CA PHE A 681 -9.74 -0.07 -17.91
C PHE A 681 -9.32 1.19 -18.67
N SER A 682 -8.63 1.00 -19.79
CA SER A 682 -8.24 2.13 -20.63
C SER A 682 -9.43 2.85 -21.25
N LEU A 683 -10.53 2.12 -21.50
CA LEU A 683 -11.68 2.70 -22.19
C LEU A 683 -12.34 3.81 -21.37
N MET A 684 -12.22 3.76 -20.04
CA MET A 684 -12.75 4.83 -19.19
C MET A 684 -12.04 6.14 -19.48
N PHE A 685 -10.72 6.09 -19.66
CA PHE A 685 -9.96 7.30 -19.98
C PHE A 685 -10.19 7.73 -21.41
N LEU A 686 -10.24 6.77 -22.34
CA LEU A 686 -10.39 7.10 -23.76
C LEU A 686 -11.77 7.65 -24.11
N PHE A 687 -12.81 7.14 -23.46
CA PHE A 687 -14.15 7.52 -23.88
C PHE A 687 -14.69 8.74 -23.14
N SER A 688 -14.05 9.18 -22.06
CA SER A 688 -14.62 10.24 -21.24
C SER A 688 -13.81 11.53 -21.35
N GLY A 689 -14.13 12.48 -20.49
CA GLY A 689 -13.49 13.77 -20.47
C GLY A 689 -13.39 14.32 -19.07
N ARG A 690 -12.40 15.20 -18.88
CA ARG A 690 -11.99 15.64 -17.55
C ARG A 690 -12.95 16.60 -16.87
N GLY A 691 -13.96 17.14 -17.56
CA GLY A 691 -14.91 18.02 -16.90
C GLY A 691 -15.73 17.29 -15.85
N TYR A 692 -16.31 16.16 -16.26
CA TYR A 692 -17.06 15.27 -15.36
C TYR A 692 -16.21 14.90 -14.16
N TRP A 693 -14.98 14.45 -14.41
CA TRP A 693 -14.09 13.99 -13.35
C TRP A 693 -13.72 15.12 -12.41
N GLN A 694 -13.54 16.33 -12.94
CA GLN A 694 -13.24 17.48 -12.09
C GLN A 694 -14.40 17.78 -11.16
N GLU A 695 -15.64 17.73 -11.67
CA GLU A 695 -16.82 17.97 -10.84
C GLU A 695 -17.01 16.88 -9.78
N LEU A 696 -16.80 15.62 -10.17
CA LEU A 696 -16.82 14.51 -9.21
C LEU A 696 -15.80 14.76 -8.10
N ILE A 697 -14.56 15.12 -8.48
CA ILE A 697 -13.51 15.49 -7.53
C ILE A 697 -13.93 16.66 -6.65
N GLU A 698 -14.73 17.60 -7.17
CA GLU A 698 -15.26 18.70 -6.36
C GLU A 698 -16.12 18.17 -5.22
N SER A 699 -17.06 17.28 -5.54
CA SER A 699 -17.90 16.66 -4.51
C SER A 699 -17.06 15.93 -3.46
N ILE A 700 -16.10 15.12 -3.92
CA ILE A 700 -15.22 14.36 -3.02
C ILE A 700 -14.40 15.31 -2.14
N VAL A 701 -13.87 16.39 -2.74
CA VAL A 701 -13.14 17.43 -2.01
C VAL A 701 -14.01 18.05 -0.93
N TRP A 702 -15.29 18.32 -1.23
CA TRP A 702 -16.23 18.78 -0.19
C TRP A 702 -16.27 17.80 0.98
N ALA A 703 -16.44 16.50 0.66
CA ALA A 703 -16.48 15.46 1.70
C ALA A 703 -15.20 15.46 2.54
N HIS A 704 -14.05 15.70 1.91
CA HIS A 704 -12.80 15.76 2.67
C HIS A 704 -12.72 17.03 3.51
N ASN A 705 -13.25 18.14 2.98
CA ASN A 705 -13.30 19.39 3.74
C ASN A 705 -14.16 19.24 4.99
N LYS A 706 -15.28 18.53 4.88
CA LYS A 706 -16.17 18.29 6.01
C LYS A 706 -15.47 17.61 7.18
N LEU A 707 -14.46 16.78 6.92
CA LEU A 707 -13.72 16.06 7.96
C LEU A 707 -12.30 16.55 8.15
N LYS A 708 -12.00 17.78 7.68
CA LYS A 708 -10.70 18.43 7.86
C LYS A 708 -9.53 17.62 7.29
N VAL A 709 -9.77 16.93 6.18
CA VAL A 709 -8.74 16.13 5.53
C VAL A 709 -8.57 16.56 4.08
N ALA A 710 -8.81 17.83 3.81
CA ALA A 710 -8.55 18.32 2.45
C ALA A 710 -7.07 18.65 2.30
N PRO A 711 -6.40 18.12 1.29
CA PRO A 711 -4.96 18.35 1.14
C PRO A 711 -4.64 19.77 0.72
N ALA A 712 -3.44 20.21 1.09
CA ALA A 712 -2.99 21.54 0.69
C ALA A 712 -2.69 21.61 -0.80
N ILE A 713 -2.31 20.49 -1.40
CA ILE A 713 -2.12 20.39 -2.84
C ILE A 713 -3.46 19.99 -3.46
N GLN A 714 -4.08 20.93 -4.18
CA GLN A 714 -5.47 20.79 -4.64
C GLN A 714 -5.71 19.67 -5.64
N PRO A 715 -6.56 18.70 -5.30
CA PRO A 715 -6.89 17.60 -6.22
C PRO A 715 -7.51 18.06 -7.53
N ARG A 716 -6.85 17.73 -8.63
CA ARG A 716 -7.27 18.13 -9.96
C ARG A 716 -7.46 16.89 -10.82
N ALA A 717 -8.44 16.95 -11.72
CA ALA A 717 -8.61 15.90 -12.70
C ALA A 717 -7.45 15.98 -13.68
N LEU A 718 -7.11 14.84 -14.28
CA LEU A 718 -6.03 14.79 -15.27
C LEU A 718 -6.34 15.70 -16.45
N SER A 719 -5.29 16.21 -17.08
CA SER A 719 -5.49 17.03 -18.27
C SER A 719 -6.03 16.18 -19.42
N ILE A 720 -6.59 16.89 -20.41
CA ILE A 720 -7.12 16.28 -21.63
C ILE A 720 -6.07 15.38 -22.30
N THR A 721 -4.88 15.95 -22.53
CA THR A 721 -3.81 15.18 -23.16
C THR A 721 -3.28 14.09 -22.23
N GLN A 722 -3.30 14.30 -20.91
CA GLN A 722 -2.90 13.20 -20.04
C GLN A 722 -3.97 12.12 -20.00
N GLY A 723 -5.25 12.49 -20.11
CA GLY A 723 -6.31 11.49 -20.21
C GLY A 723 -6.12 10.61 -21.44
N ARG A 724 -5.79 11.24 -22.57
CA ARG A 724 -5.52 10.51 -23.81
C ARG A 724 -4.28 9.63 -23.66
N ALA A 725 -3.24 10.15 -23.01
CA ALA A 725 -1.99 9.41 -22.86
C ALA A 725 -2.17 8.18 -21.97
N VAL A 726 -2.81 8.35 -20.81
CA VAL A 726 -3.14 7.25 -19.91
C VAL A 726 -3.98 6.21 -20.62
N GLY A 727 -5.00 6.67 -21.37
CA GLY A 727 -5.84 5.83 -22.19
C GLY A 727 -5.05 4.95 -23.14
N VAL A 728 -4.27 5.56 -24.02
CA VAL A 728 -3.53 4.80 -25.03
C VAL A 728 -2.49 3.89 -24.38
N ALA A 729 -1.89 4.31 -23.24
CA ALA A 729 -0.87 3.49 -22.59
C ALA A 729 -1.47 2.23 -21.98
N HIS A 730 -2.60 2.37 -21.26
CA HIS A 730 -3.26 1.20 -20.71
C HIS A 730 -3.87 0.33 -21.80
N TYR A 731 -4.30 0.95 -22.92
CA TYR A 731 -4.84 0.21 -24.06
C TYR A 731 -3.78 -0.70 -24.66
N LEU A 732 -2.61 -0.12 -24.95
CA LEU A 732 -1.49 -0.87 -25.53
C LEU A 732 -1.02 -1.96 -24.57
N LEU A 733 -0.79 -1.60 -23.30
CA LEU A 733 -0.34 -2.56 -22.29
C LEU A 733 -1.29 -3.75 -22.20
N GLY A 734 -2.60 -3.49 -22.14
CA GLY A 734 -3.62 -4.51 -22.06
C GLY A 734 -3.62 -5.43 -23.26
N GLY A 735 -3.77 -4.87 -24.46
CA GLY A 735 -3.82 -5.68 -25.67
C GLY A 735 -2.57 -6.51 -25.91
N ILE A 736 -1.40 -5.86 -25.87
CA ILE A 736 -0.12 -6.54 -26.08
C ILE A 736 0.11 -7.64 -25.05
N ALA A 737 -0.15 -7.36 -23.76
CA ALA A 737 0.02 -8.38 -22.73
C ALA A 737 -0.97 -9.54 -22.91
N THR A 738 -2.17 -9.25 -23.44
CA THR A 738 -3.14 -10.30 -23.72
C THR A 738 -2.58 -11.27 -24.75
N THR A 739 -2.13 -10.71 -25.89
CA THR A 739 -1.55 -11.54 -26.95
C THR A 739 -0.27 -12.23 -26.46
N TRP A 740 0.45 -11.60 -25.51
CA TRP A 740 1.64 -12.19 -24.91
C TRP A 740 1.30 -13.47 -24.17
N SER A 741 0.31 -13.39 -23.27
CA SER A 741 -0.08 -14.54 -22.46
C SER A 741 -0.65 -15.65 -23.33
N PHE A 742 -1.50 -15.28 -24.29
CA PHE A 742 -2.05 -16.21 -25.27
C PHE A 742 -0.95 -16.97 -26.01
N PHE A 743 -0.06 -16.22 -26.66
CA PHE A 743 1.06 -16.78 -27.42
C PHE A 743 1.91 -17.70 -26.57
N LEU A 744 2.43 -17.21 -25.44
CA LEU A 744 3.35 -18.00 -24.62
C LEU A 744 2.72 -19.27 -24.07
N ALA A 745 1.50 -19.18 -23.50
CA ALA A 745 0.83 -20.38 -22.99
C ALA A 745 0.58 -21.40 -24.09
N ARG A 746 0.03 -20.93 -25.23
CA ARG A 746 -0.21 -21.77 -26.41
C ARG A 746 1.06 -22.50 -26.85
N ILE A 747 2.11 -21.75 -27.20
CA ILE A 747 3.29 -22.33 -27.83
C ILE A 747 4.12 -23.13 -26.82
N ILE A 748 4.07 -22.80 -25.52
CA ILE A 748 4.81 -23.63 -24.57
C ILE A 748 4.08 -24.93 -24.33
N SER A 749 2.75 -24.92 -24.33
CA SER A 749 2.03 -26.17 -24.09
C SER A 749 2.02 -27.10 -25.30
N VAL A 750 1.82 -26.57 -26.51
CA VAL A 750 1.78 -27.43 -27.69
C VAL A 750 3.14 -27.54 -28.38
N GLY A 751 4.19 -26.96 -27.78
CA GLY A 751 5.51 -27.03 -28.36
C GLY A 751 6.35 -28.15 -27.76
N HIS B 23 -32.28 30.58 -48.32
CA HIS B 23 -31.77 29.38 -47.66
C HIS B 23 -32.71 28.21 -47.90
N LYS B 24 -32.58 27.15 -47.14
CA LYS B 24 -33.31 25.92 -47.41
C LYS B 24 -34.50 25.77 -46.48
N LEU B 25 -35.42 24.89 -46.87
CA LEU B 25 -36.64 24.69 -46.10
C LEU B 25 -36.40 23.80 -44.89
N PHE B 26 -35.88 22.60 -45.12
CA PHE B 26 -35.63 21.64 -44.05
C PHE B 26 -34.48 22.12 -43.17
N PRO B 27 -34.62 22.08 -41.84
CA PRO B 27 -35.84 21.73 -41.10
C PRO B 27 -36.77 22.93 -40.91
N LYS B 28 -38.08 22.70 -40.99
CA LYS B 28 -39.03 23.80 -40.96
C LYS B 28 -39.31 24.33 -39.55
N PHE B 29 -38.79 23.66 -38.52
CA PHE B 29 -38.99 24.14 -37.15
C PHE B 29 -37.86 25.02 -36.65
N SER B 30 -36.74 25.10 -37.35
CA SER B 30 -35.60 25.90 -36.90
C SER B 30 -35.04 26.66 -38.08
N GLN B 31 -35.18 27.99 -38.07
CA GLN B 31 -34.55 28.79 -39.10
C GLN B 31 -33.08 29.06 -38.80
N GLY B 32 -32.65 28.81 -37.56
CA GLY B 32 -31.23 28.81 -37.28
C GLY B 32 -30.53 27.63 -37.89
N LEU B 33 -31.22 26.49 -37.96
CA LEU B 33 -30.69 25.33 -38.67
C LEU B 33 -30.92 25.43 -40.17
N ALA B 34 -31.98 26.11 -40.60
CA ALA B 34 -32.27 26.22 -42.03
C ALA B 34 -31.27 27.12 -42.74
N GLN B 35 -30.62 28.04 -42.03
CA GLN B 35 -29.59 28.90 -42.59
C GLN B 35 -28.19 28.33 -42.41
N ASP B 36 -28.07 27.03 -42.18
CA ASP B 36 -26.77 26.38 -42.04
C ASP B 36 -26.32 25.90 -43.41
N PRO B 37 -25.19 26.37 -43.93
CA PRO B 37 -24.74 25.94 -45.26
C PRO B 37 -24.04 24.59 -45.30
N THR B 38 -24.04 23.82 -44.22
CA THR B 38 -23.24 22.62 -44.11
C THR B 38 -24.13 21.38 -44.09
N THR B 39 -23.48 20.22 -43.96
CA THR B 39 -24.19 18.95 -43.77
C THR B 39 -24.63 18.75 -42.33
N ARG B 40 -24.28 19.69 -41.43
CA ARG B 40 -24.74 19.65 -40.05
C ARG B 40 -26.25 19.85 -39.96
N ARG B 41 -26.83 20.54 -40.96
CA ARG B 41 -28.25 20.84 -41.00
C ARG B 41 -29.11 19.59 -41.05
N ILE B 42 -28.71 18.60 -41.84
CA ILE B 42 -29.50 17.37 -41.99
C ILE B 42 -29.53 16.59 -40.69
N TRP B 43 -28.36 16.43 -40.06
CA TRP B 43 -28.28 15.64 -38.82
C TRP B 43 -28.98 16.35 -37.68
N TYR B 44 -28.83 17.68 -37.59
CA TYR B 44 -29.49 18.43 -36.52
C TYR B 44 -30.96 18.67 -36.79
N GLY B 45 -31.42 18.50 -38.02
CA GLY B 45 -32.84 18.48 -38.28
C GLY B 45 -33.44 17.14 -37.89
N LEU B 46 -32.67 16.07 -38.09
CA LEU B 46 -33.11 14.75 -37.65
C LEU B 46 -33.13 14.63 -36.12
N ALA B 47 -32.13 15.19 -35.44
CA ALA B 47 -31.95 14.96 -34.02
C ALA B 47 -32.79 15.87 -33.15
N MET B 48 -33.40 16.91 -33.72
CA MET B 48 -34.14 17.91 -32.96
C MET B 48 -35.60 17.98 -33.39
N ALA B 49 -36.07 16.99 -34.12
CA ALA B 49 -37.40 17.01 -34.70
C ALA B 49 -38.48 16.91 -33.65
N HIS B 50 -38.22 16.17 -32.58
CA HIS B 50 -39.23 15.83 -31.59
C HIS B 50 -39.01 16.59 -30.28
N ASP B 51 -38.05 17.51 -30.24
CA ASP B 51 -37.85 18.40 -29.10
C ASP B 51 -38.68 19.65 -29.37
N PHE B 52 -39.98 19.55 -29.10
CA PHE B 52 -40.91 20.59 -29.52
C PHE B 52 -40.77 21.87 -28.72
N GLU B 53 -40.29 21.80 -27.47
CA GLU B 53 -40.14 22.96 -26.60
C GLU B 53 -39.21 24.02 -27.16
N SER B 54 -38.29 23.65 -28.05
CA SER B 54 -37.32 24.58 -28.61
C SER B 54 -37.46 24.70 -30.12
N HIS B 55 -38.70 24.77 -30.60
CA HIS B 55 -38.95 25.07 -32.01
C HIS B 55 -39.29 26.55 -32.18
N ASP B 56 -39.36 26.98 -33.43
CA ASP B 56 -39.67 28.38 -33.72
C ASP B 56 -41.15 28.66 -33.45
N GLY B 57 -41.39 29.63 -32.57
CA GLY B 57 -42.75 30.07 -32.31
C GLY B 57 -43.58 29.11 -31.52
N MET B 58 -42.96 28.19 -30.79
CA MET B 58 -43.70 27.21 -30.01
C MET B 58 -44.28 27.85 -28.77
N THR B 59 -45.60 27.76 -28.64
CA THR B 59 -46.31 28.15 -27.43
C THR B 59 -46.58 26.89 -26.61
N GLU B 60 -47.28 27.06 -25.49
CA GLU B 60 -47.50 25.95 -24.57
C GLU B 60 -48.68 25.07 -24.99
N GLU B 61 -49.77 25.69 -25.45
CA GLU B 61 -50.90 24.93 -25.98
C GLU B 61 -50.48 24.11 -27.19
N ASN B 62 -49.70 24.71 -28.08
CA ASN B 62 -49.18 24.01 -29.25
C ASN B 62 -48.30 22.83 -28.85
N LEU B 63 -47.50 23.01 -27.79
CA LEU B 63 -46.66 21.95 -27.25
C LEU B 63 -47.50 20.76 -26.81
N TYR B 64 -48.51 20.99 -25.96
CA TYR B 64 -49.35 19.90 -25.46
C TYR B 64 -50.16 19.23 -26.58
N GLN B 65 -50.61 20.00 -27.57
CA GLN B 65 -51.38 19.43 -28.68
C GLN B 65 -50.52 18.52 -29.55
N LYS B 66 -49.28 18.95 -29.87
CA LYS B 66 -48.40 18.09 -30.67
C LYS B 66 -47.98 16.85 -29.89
N ILE B 67 -47.80 16.96 -28.57
CA ILE B 67 -47.47 15.80 -27.75
C ILE B 67 -48.62 14.78 -27.74
N PHE B 68 -49.86 15.28 -27.65
CA PHE B 68 -51.05 14.42 -27.65
C PHE B 68 -51.19 13.67 -28.98
N ALA B 69 -50.99 14.39 -30.10
CA ALA B 69 -51.05 13.73 -31.41
C ALA B 69 -49.91 12.74 -31.62
N SER B 70 -48.72 13.05 -31.09
CA SER B 70 -47.59 12.15 -31.19
C SER B 70 -47.82 10.87 -30.40
N HIS B 71 -48.50 10.98 -29.27
CA HIS B 71 -48.81 9.79 -28.48
C HIS B 71 -49.84 8.92 -29.20
N PHE B 72 -50.77 9.56 -29.95
CA PHE B 72 -51.63 8.78 -30.85
C PHE B 72 -50.83 8.04 -31.92
N GLY B 73 -49.82 8.71 -32.49
CA GLY B 73 -48.99 8.05 -33.50
C GLY B 73 -48.23 6.84 -32.97
N GLN B 74 -47.69 6.95 -31.75
CA GLN B 74 -47.06 5.81 -31.09
C GLN B 74 -48.06 4.68 -30.85
N LEU B 75 -49.29 5.01 -30.43
CA LEU B 75 -50.33 3.99 -30.25
C LEU B 75 -50.64 3.25 -31.55
N SER B 76 -50.75 3.98 -32.66
CA SER B 76 -51.06 3.34 -33.94
C SER B 76 -49.92 2.44 -34.40
N ILE B 77 -48.67 2.86 -34.16
CA ILE B 77 -47.53 2.02 -34.54
C ILE B 77 -47.47 0.75 -33.68
N ILE B 78 -47.84 0.85 -32.40
CA ILE B 78 -47.86 -0.34 -31.54
C ILE B 78 -48.91 -1.34 -31.99
N PHE B 79 -50.12 -0.87 -32.31
CA PHE B 79 -51.15 -1.82 -32.75
C PHE B 79 -50.88 -2.37 -34.14
N LEU B 80 -50.23 -1.60 -35.01
CA LEU B 80 -49.84 -2.13 -36.31
C LEU B 80 -48.75 -3.20 -36.17
N TRP B 81 -47.82 -2.99 -35.23
CA TRP B 81 -46.80 -3.99 -34.92
C TRP B 81 -47.42 -5.30 -34.42
N THR B 82 -48.43 -5.20 -33.55
CA THR B 82 -49.04 -6.40 -33.01
C THR B 82 -49.87 -7.13 -34.08
N SER B 83 -50.56 -6.36 -34.93
CA SER B 83 -51.32 -6.96 -36.03
C SER B 83 -50.39 -7.63 -37.04
N GLY B 84 -49.19 -7.08 -37.23
CA GLY B 84 -48.23 -7.73 -38.10
C GLY B 84 -47.68 -9.02 -37.54
N ASN B 85 -47.43 -9.06 -36.23
CA ASN B 85 -47.06 -10.31 -35.56
C ASN B 85 -48.14 -11.37 -35.74
N LEU B 86 -49.39 -10.99 -35.51
CA LEU B 86 -50.51 -11.91 -35.67
C LEU B 86 -50.66 -12.39 -37.10
N PHE B 87 -50.48 -11.50 -38.07
CA PHE B 87 -50.67 -11.86 -39.48
C PHE B 87 -49.59 -12.80 -39.97
N HIS B 88 -48.33 -12.52 -39.61
CA HIS B 88 -47.25 -13.38 -40.08
C HIS B 88 -47.23 -14.72 -39.35
N VAL B 89 -47.73 -14.78 -38.11
CA VAL B 89 -47.89 -16.07 -37.46
C VAL B 89 -49.04 -16.86 -38.10
N ALA B 90 -50.15 -16.18 -38.41
CA ALA B 90 -51.31 -16.86 -38.98
C ALA B 90 -51.04 -17.37 -40.39
N TRP B 91 -50.25 -16.65 -41.17
CA TRP B 91 -50.02 -17.08 -42.55
C TRP B 91 -48.77 -17.93 -42.70
N GLN B 92 -47.71 -17.66 -41.94
CA GLN B 92 -46.44 -18.34 -42.18
C GLN B 92 -46.01 -19.26 -41.05
N GLY B 93 -46.65 -19.18 -39.89
CA GLY B 93 -46.29 -19.99 -38.75
C GLY B 93 -46.89 -21.39 -38.84
N ASN B 94 -46.61 -22.18 -37.80
CA ASN B 94 -47.12 -23.53 -37.65
C ASN B 94 -48.00 -23.63 -36.41
N PHE B 95 -48.86 -22.62 -36.21
CA PHE B 95 -49.58 -22.48 -34.95
C PHE B 95 -50.65 -23.55 -34.79
N GLU B 96 -51.33 -23.92 -35.87
CA GLU B 96 -52.32 -24.99 -35.79
C GLU B 96 -51.67 -26.36 -35.65
N GLN B 97 -50.38 -26.48 -35.93
CA GLN B 97 -49.66 -27.71 -35.69
C GLN B 97 -48.90 -27.68 -34.36
N TRP B 98 -48.60 -26.47 -33.86
CA TRP B 98 -47.86 -26.33 -32.62
C TRP B 98 -48.70 -26.76 -31.42
N VAL B 99 -50.01 -26.51 -31.46
CA VAL B 99 -50.84 -26.68 -30.29
C VAL B 99 -51.12 -28.14 -29.97
N THR B 100 -50.87 -29.06 -30.90
CA THR B 100 -51.08 -30.47 -30.62
C THR B 100 -49.92 -31.07 -29.83
N ASP B 101 -48.67 -30.74 -30.21
CA ASP B 101 -47.50 -31.20 -29.48
C ASP B 101 -46.60 -29.99 -29.24
N PRO B 102 -46.87 -29.19 -28.21
CA PRO B 102 -46.08 -27.98 -27.97
C PRO B 102 -44.74 -28.23 -27.29
N VAL B 103 -44.38 -29.48 -27.02
CA VAL B 103 -43.10 -29.80 -26.40
C VAL B 103 -42.03 -30.05 -27.46
N HIS B 104 -42.39 -30.63 -28.59
CA HIS B 104 -41.43 -31.11 -29.58
C HIS B 104 -41.47 -30.33 -30.89
N ILE B 105 -42.32 -29.33 -31.02
CA ILE B 105 -42.49 -28.58 -32.26
C ILE B 105 -42.04 -27.14 -32.02
N ARG B 106 -41.18 -26.64 -32.92
CA ARG B 106 -40.62 -25.30 -32.79
C ARG B 106 -41.55 -24.26 -33.42
N PRO B 107 -41.77 -23.16 -32.71
CA PRO B 107 -42.65 -22.08 -33.21
C PRO B 107 -42.00 -21.35 -34.39
N ILE B 108 -42.76 -21.11 -35.45
CA ILE B 108 -42.25 -20.43 -36.63
C ILE B 108 -42.66 -18.96 -36.59
N ALA B 109 -41.68 -18.07 -36.77
CA ALA B 109 -41.98 -16.63 -36.76
C ALA B 109 -42.52 -16.17 -38.10
N HIS B 110 -41.69 -16.21 -39.14
CA HIS B 110 -42.08 -15.75 -40.47
C HIS B 110 -41.19 -16.43 -41.49
N ALA B 111 -41.69 -16.53 -42.71
CA ALA B 111 -40.96 -17.20 -43.78
C ALA B 111 -39.85 -16.31 -44.31
N ILE B 112 -38.85 -16.94 -44.91
CA ILE B 112 -37.67 -16.26 -45.45
C ILE B 112 -37.77 -16.26 -46.96
N TRP B 113 -37.73 -15.08 -47.56
CA TRP B 113 -37.54 -14.95 -49.00
C TRP B 113 -36.26 -14.13 -49.17
N ASP B 114 -35.14 -14.82 -49.30
CA ASP B 114 -33.85 -14.15 -49.48
C ASP B 114 -33.27 -14.65 -50.80
N PRO B 115 -33.31 -13.86 -51.87
CA PRO B 115 -32.78 -14.32 -53.16
C PRO B 115 -31.26 -14.42 -53.19
N HIS B 116 -30.57 -13.93 -52.17
CA HIS B 116 -29.13 -14.10 -52.07
C HIS B 116 -28.74 -15.49 -51.57
N PHE B 117 -29.70 -16.30 -51.12
CA PHE B 117 -29.43 -17.64 -50.60
C PHE B 117 -28.85 -18.57 -51.67
N GLY B 118 -28.26 -19.65 -51.18
CA GLY B 118 -27.94 -20.81 -52.00
C GLY B 118 -28.78 -21.99 -51.54
N GLN B 119 -28.71 -23.07 -52.31
CA GLN B 119 -29.49 -24.27 -52.00
C GLN B 119 -29.16 -24.94 -50.67
N PRO B 120 -27.90 -24.98 -50.16
CA PRO B 120 -27.73 -25.45 -48.77
C PRO B 120 -28.42 -24.58 -47.72
N ALA B 121 -28.49 -23.26 -47.93
CA ALA B 121 -29.19 -22.41 -46.97
C ALA B 121 -30.69 -22.61 -47.04
N VAL B 122 -31.23 -22.79 -48.25
CA VAL B 122 -32.65 -23.08 -48.40
C VAL B 122 -33.00 -24.43 -47.81
N GLU B 123 -32.09 -25.40 -47.94
CA GLU B 123 -32.31 -26.71 -47.33
C GLU B 123 -32.18 -26.65 -45.80
N ALA B 124 -31.26 -25.84 -45.27
CA ALA B 124 -30.99 -25.85 -43.84
C ALA B 124 -31.98 -25.01 -43.05
N PHE B 125 -32.48 -23.92 -43.64
CA PHE B 125 -33.51 -23.15 -42.97
C PHE B 125 -34.91 -23.68 -43.22
N THR B 126 -35.06 -24.73 -44.02
CA THR B 126 -36.32 -25.47 -44.12
C THR B 126 -36.28 -26.52 -43.03
N ARG B 127 -36.61 -26.10 -41.81
CA ARG B 127 -36.41 -26.94 -40.63
C ARG B 127 -37.55 -27.95 -40.46
N GLY B 128 -38.76 -27.46 -40.27
CA GLY B 128 -39.90 -28.35 -40.06
C GLY B 128 -40.88 -27.82 -39.02
N GLY B 129 -42.18 -27.89 -39.31
CA GLY B 129 -42.69 -28.37 -40.58
C GLY B 129 -43.11 -27.22 -41.47
N ALA B 130 -42.26 -26.92 -42.46
CA ALA B 130 -42.49 -25.77 -43.33
C ALA B 130 -42.26 -26.17 -44.78
N SER B 131 -42.74 -25.31 -45.68
CA SER B 131 -42.50 -25.53 -47.10
C SER B 131 -41.12 -25.04 -47.50
N GLY B 132 -40.77 -23.81 -47.09
CA GLY B 132 -39.49 -23.24 -47.44
C GLY B 132 -38.71 -22.79 -46.22
N PRO B 133 -37.81 -21.82 -46.41
CA PRO B 133 -37.01 -21.33 -45.28
C PRO B 133 -37.83 -20.45 -44.35
N VAL B 134 -37.77 -20.75 -43.06
CA VAL B 134 -38.52 -20.02 -42.04
C VAL B 134 -37.60 -19.68 -40.87
N ASN B 135 -38.04 -18.71 -40.07
CA ASN B 135 -37.38 -18.35 -38.82
C ASN B 135 -38.14 -18.93 -37.63
N ILE B 136 -37.40 -19.42 -36.65
CA ILE B 136 -37.96 -20.02 -35.45
C ILE B 136 -38.03 -18.99 -34.35
N SER B 137 -39.26 -18.69 -33.89
CA SER B 137 -39.47 -17.55 -33.01
C SER B 137 -39.03 -17.84 -31.59
N THR B 138 -38.52 -16.81 -30.93
CA THR B 138 -38.07 -16.86 -29.54
C THR B 138 -38.85 -15.84 -28.72
N SER B 139 -39.74 -15.10 -29.36
CA SER B 139 -40.48 -14.03 -28.71
C SER B 139 -41.61 -14.52 -27.82
N GLY B 140 -41.94 -15.81 -27.88
CA GLY B 140 -42.88 -16.37 -26.94
C GLY B 140 -44.33 -16.06 -27.18
N VAL B 141 -44.71 -15.71 -28.40
CA VAL B 141 -46.09 -15.30 -28.62
C VAL B 141 -47.02 -16.50 -28.75
N TYR B 142 -46.48 -17.69 -29.06
CA TYR B 142 -47.36 -18.84 -29.19
C TYR B 142 -47.87 -19.29 -27.83
N GLN B 143 -47.02 -19.24 -26.80
CA GLN B 143 -47.46 -19.61 -25.46
C GLN B 143 -48.50 -18.63 -24.92
N TRP B 144 -48.29 -17.33 -25.15
CA TRP B 144 -49.25 -16.32 -24.71
C TRP B 144 -50.58 -16.45 -25.44
N TRP B 145 -50.54 -16.65 -26.76
CA TRP B 145 -51.78 -16.76 -27.52
C TRP B 145 -52.50 -18.06 -27.25
N TYR B 146 -51.77 -19.16 -27.04
CA TYR B 146 -52.40 -20.43 -26.70
C TYR B 146 -52.96 -20.41 -25.28
N THR B 147 -52.37 -19.62 -24.38
CA THR B 147 -52.91 -19.51 -23.04
C THR B 147 -54.18 -18.68 -23.02
N ILE B 148 -54.21 -17.59 -23.79
CA ILE B 148 -55.39 -16.72 -23.75
C ILE B 148 -56.51 -17.20 -24.66
N GLY B 149 -56.35 -18.35 -25.32
CA GLY B 149 -57.48 -18.99 -25.99
C GLY B 149 -57.37 -19.17 -27.50
N MET B 150 -56.26 -18.82 -28.15
CA MET B 150 -56.15 -19.04 -29.58
C MET B 150 -55.92 -20.51 -29.88
N ARG B 151 -56.64 -21.05 -30.87
CA ARG B 151 -56.47 -22.44 -31.24
C ARG B 151 -56.25 -22.61 -32.74
N THR B 152 -56.79 -21.70 -33.55
CA THR B 152 -56.71 -21.80 -35.00
C THR B 152 -56.02 -20.57 -35.58
N ASN B 153 -55.68 -20.67 -36.87
CA ASN B 153 -55.10 -19.53 -37.58
C ASN B 153 -56.13 -18.44 -37.86
N GLN B 154 -57.40 -18.82 -38.03
CA GLN B 154 -58.44 -17.87 -38.39
C GLN B 154 -58.71 -16.88 -37.26
N ASP B 155 -58.58 -17.33 -36.01
CA ASP B 155 -58.66 -16.43 -34.86
C ASP B 155 -57.56 -15.39 -34.91
N LEU B 156 -56.36 -15.80 -35.33
CA LEU B 156 -55.25 -14.87 -35.46
C LEU B 156 -55.45 -13.90 -36.62
N TYR B 157 -56.07 -14.35 -37.72
CA TYR B 157 -56.39 -13.44 -38.81
C TYR B 157 -57.42 -12.39 -38.36
N VAL B 158 -58.44 -12.81 -37.61
CA VAL B 158 -59.45 -11.89 -37.10
C VAL B 158 -58.81 -10.89 -36.14
N GLY B 159 -57.88 -11.35 -35.30
CA GLY B 159 -57.17 -10.44 -34.40
C GLY B 159 -56.28 -9.45 -35.13
N SER B 160 -55.63 -9.91 -36.21
CA SER B 160 -54.78 -9.01 -37.00
C SER B 160 -55.59 -7.95 -37.72
N VAL B 161 -56.74 -8.34 -38.28
CA VAL B 161 -57.59 -7.38 -38.98
C VAL B 161 -58.18 -6.38 -37.99
N PHE B 162 -58.59 -6.87 -36.81
CA PHE B 162 -59.11 -6.00 -35.76
C PHE B 162 -58.07 -5.01 -35.27
N LEU B 163 -56.82 -5.45 -35.09
CA LEU B 163 -55.81 -4.53 -34.60
C LEU B 163 -55.32 -3.58 -35.68
N ALA B 164 -55.35 -3.98 -36.96
CA ALA B 164 -55.07 -3.02 -38.03
C ALA B 164 -56.16 -1.96 -38.11
N LEU B 165 -57.41 -2.34 -37.85
CA LEU B 165 -58.50 -1.37 -37.81
C LEU B 165 -58.36 -0.42 -36.62
N VAL B 166 -57.95 -0.94 -35.45
CA VAL B 166 -57.73 -0.11 -34.27
C VAL B 166 -56.55 0.84 -34.48
N SER B 167 -55.50 0.37 -35.17
CA SER B 167 -54.37 1.23 -35.52
C SER B 167 -54.78 2.35 -36.46
N ALA B 168 -55.64 2.05 -37.43
CA ALA B 168 -56.14 3.08 -38.33
C ALA B 168 -57.02 4.09 -37.58
N ILE B 169 -57.78 3.61 -36.58
CA ILE B 169 -58.60 4.52 -35.77
C ILE B 169 -57.74 5.46 -34.94
N PHE B 170 -56.66 4.94 -34.33
CA PHE B 170 -55.78 5.82 -33.56
C PHE B 170 -55.01 6.78 -34.44
N LEU B 171 -54.67 6.37 -35.67
CA LEU B 171 -54.02 7.28 -36.60
C LEU B 171 -54.96 8.40 -37.03
N PHE B 172 -56.23 8.05 -37.28
CA PHE B 172 -57.21 9.07 -37.63
C PHE B 172 -57.51 9.99 -36.45
N ALA B 173 -57.51 9.47 -35.22
CA ALA B 173 -57.71 10.32 -34.05
C ALA B 173 -56.53 11.24 -33.82
N GLY B 174 -55.32 10.79 -34.16
CA GLY B 174 -54.16 11.69 -34.11
C GLY B 174 -54.23 12.79 -35.14
N TRP B 175 -54.75 12.49 -36.32
CA TRP B 175 -55.02 13.55 -37.29
C TRP B 175 -56.16 14.45 -36.82
N LEU B 176 -57.15 13.87 -36.13
CA LEU B 176 -58.38 14.58 -35.84
C LEU B 176 -58.19 15.59 -34.72
N HIS B 177 -57.50 15.21 -33.65
CA HIS B 177 -57.34 16.13 -32.52
C HIS B 177 -56.27 17.20 -32.77
N LEU B 178 -55.80 17.38 -34.00
CA LEU B 178 -55.02 18.56 -34.38
C LEU B 178 -55.84 19.57 -35.17
N GLN B 179 -57.02 19.19 -35.62
CA GLN B 179 -57.90 20.04 -36.39
C GLN B 179 -58.49 21.13 -35.49
N PRO B 180 -58.67 22.34 -36.01
CA PRO B 180 -58.95 23.50 -35.13
C PRO B 180 -60.28 23.46 -34.39
N ASN B 181 -61.27 22.69 -34.86
CA ASN B 181 -62.48 22.48 -34.09
C ASN B 181 -62.34 21.34 -33.09
N PHE B 182 -61.18 20.68 -33.04
CA PHE B 182 -60.96 19.56 -32.14
C PHE B 182 -59.69 19.71 -31.30
N GLN B 183 -59.07 20.88 -31.29
CA GLN B 183 -57.88 21.10 -30.49
C GLN B 183 -58.26 21.34 -29.04
N PRO B 184 -57.74 20.57 -28.09
CA PRO B 184 -58.06 20.81 -26.69
C PRO B 184 -57.35 22.05 -26.15
N SER B 185 -57.99 22.68 -25.17
CA SER B 185 -57.42 23.85 -24.52
C SER B 185 -56.32 23.43 -23.56
N LEU B 186 -55.57 24.42 -23.07
CA LEU B 186 -54.51 24.16 -22.09
C LEU B 186 -55.08 23.72 -20.76
N SER B 187 -56.30 24.15 -20.42
CA SER B 187 -56.94 23.73 -19.19
C SER B 187 -57.33 22.26 -19.21
N TRP B 188 -57.53 21.70 -20.41
CA TRP B 188 -57.88 20.28 -20.50
C TRP B 188 -56.69 19.39 -20.20
N PHE B 189 -55.49 19.84 -20.57
CA PHE B 189 -54.29 19.03 -20.35
C PHE B 189 -53.82 19.07 -18.91
N LYS B 190 -53.90 20.23 -18.26
CA LYS B 190 -53.43 20.40 -16.90
C LYS B 190 -54.47 20.03 -15.85
N ASP B 191 -55.56 19.36 -16.25
CA ASP B 191 -56.58 18.90 -15.32
C ASP B 191 -56.12 17.53 -14.79
N ALA B 192 -55.44 17.56 -13.64
CA ALA B 192 -54.80 16.36 -13.10
C ALA B 192 -55.77 15.42 -12.41
N GLU B 193 -56.75 15.95 -11.68
CA GLU B 193 -57.66 15.10 -10.91
C GLU B 193 -58.56 14.29 -11.82
N SER B 194 -59.09 14.91 -12.88
CA SER B 194 -59.93 14.20 -13.83
C SER B 194 -59.15 13.12 -14.57
N ARG B 195 -57.88 13.40 -14.89
CA ARG B 195 -57.10 12.43 -15.64
C ARG B 195 -56.70 11.24 -14.77
N LEU B 196 -56.31 11.47 -13.52
CA LEU B 196 -56.03 10.34 -12.63
C LEU B 196 -57.28 9.55 -12.28
N ASN B 197 -58.42 10.22 -12.06
CA ASN B 197 -59.65 9.50 -11.77
C ASN B 197 -60.08 8.63 -12.95
N HIS B 198 -60.11 9.21 -14.16
CA HIS B 198 -60.52 8.44 -15.32
C HIS B 198 -59.52 7.36 -15.69
N HIS B 199 -58.21 7.63 -15.59
CA HIS B 199 -57.25 6.59 -15.94
C HIS B 199 -57.23 5.46 -14.92
N LEU B 200 -57.13 5.76 -13.62
CA LEU B 200 -57.12 4.71 -12.60
C LEU B 200 -58.43 3.95 -12.55
N SER B 201 -59.56 4.61 -12.81
CA SER B 201 -60.80 3.87 -12.84
C SER B 201 -60.94 3.09 -14.14
N GLY B 202 -61.10 3.78 -15.28
CA GLY B 202 -61.30 3.13 -16.56
C GLY B 202 -60.12 2.31 -17.04
N LEU B 203 -59.00 2.98 -17.39
CA LEU B 203 -57.90 2.37 -18.13
C LEU B 203 -57.23 1.25 -17.36
N PHE B 204 -57.27 1.30 -16.04
CA PHE B 204 -56.76 0.22 -15.21
C PHE B 204 -57.85 -0.75 -14.79
N GLY B 205 -58.85 -0.29 -14.02
CA GLY B 205 -59.77 -1.22 -13.40
C GLY B 205 -60.79 -1.80 -14.36
N VAL B 206 -61.33 -0.98 -15.26
CA VAL B 206 -62.31 -1.50 -16.22
C VAL B 206 -61.63 -2.41 -17.23
N SER B 207 -60.38 -2.10 -17.59
CA SER B 207 -59.64 -2.98 -18.50
C SER B 207 -59.26 -4.29 -17.82
N SER B 208 -58.92 -4.24 -16.53
CA SER B 208 -58.63 -5.49 -15.81
C SER B 208 -59.90 -6.30 -15.55
N LEU B 209 -61.02 -5.62 -15.35
CA LEU B 209 -62.31 -6.30 -15.20
C LEU B 209 -62.74 -6.94 -16.51
N ALA B 210 -62.54 -6.24 -17.62
CA ALA B 210 -62.85 -6.80 -18.93
C ALA B 210 -61.89 -7.93 -19.28
N TRP B 211 -60.65 -7.88 -18.80
CA TRP B 211 -59.76 -9.00 -19.02
C TRP B 211 -60.13 -10.20 -18.15
N THR B 212 -60.65 -9.95 -16.95
CA THR B 212 -61.24 -11.03 -16.16
C THR B 212 -62.44 -11.63 -16.87
N GLY B 213 -63.23 -10.76 -17.52
CA GLY B 213 -64.33 -11.24 -18.33
C GLY B 213 -63.88 -12.09 -19.50
N HIS B 214 -62.78 -11.70 -20.16
CA HIS B 214 -62.22 -12.52 -21.22
C HIS B 214 -61.73 -13.86 -20.70
N LEU B 215 -61.00 -13.85 -19.59
CA LEU B 215 -60.48 -15.10 -19.01
C LEU B 215 -61.61 -16.05 -18.64
N VAL B 216 -62.57 -15.56 -17.86
CA VAL B 216 -63.70 -16.36 -17.39
C VAL B 216 -64.57 -16.84 -18.54
N HIS B 217 -64.87 -15.98 -19.51
CA HIS B 217 -65.80 -16.35 -20.56
C HIS B 217 -65.15 -17.17 -21.67
N VAL B 218 -63.86 -17.00 -21.96
CA VAL B 218 -63.21 -17.65 -23.09
C VAL B 218 -62.03 -18.51 -22.66
N ALA B 219 -61.07 -17.92 -21.93
CA ALA B 219 -59.76 -18.54 -21.82
C ALA B 219 -59.74 -19.72 -20.87
N ILE B 220 -60.57 -19.68 -19.83
CA ILE B 220 -60.74 -20.84 -18.97
C ILE B 220 -61.54 -21.94 -19.69
N PRO B 221 -62.67 -21.68 -20.39
CA PRO B 221 -63.29 -22.80 -21.13
C PRO B 221 -62.50 -23.34 -22.31
N GLU B 222 -61.63 -22.53 -22.95
CA GLU B 222 -60.78 -23.08 -24.00
C GLU B 222 -59.78 -24.09 -23.46
N SER B 223 -59.29 -23.87 -22.24
CA SER B 223 -58.42 -24.84 -21.60
C SER B 223 -59.15 -26.09 -21.14
N ARG B 224 -60.48 -26.02 -20.99
CA ARG B 224 -61.30 -27.17 -20.65
C ARG B 224 -61.70 -27.98 -21.87
N GLY B 225 -61.21 -27.62 -23.06
CA GLY B 225 -61.56 -28.33 -24.27
C GLY B 225 -62.83 -27.89 -24.94
N GLN B 226 -63.37 -26.72 -24.57
CA GLN B 226 -64.63 -26.23 -25.10
C GLN B 226 -64.39 -24.96 -25.88
N HIS B 227 -64.81 -24.94 -27.15
CA HIS B 227 -64.70 -23.74 -27.96
C HIS B 227 -65.74 -22.72 -27.50
N VAL B 228 -65.26 -21.53 -27.15
CA VAL B 228 -66.14 -20.39 -26.89
C VAL B 228 -65.64 -19.25 -27.76
N GLY B 229 -66.39 -18.93 -28.79
CA GLY B 229 -66.09 -17.83 -29.68
C GLY B 229 -67.19 -16.80 -29.69
N TRP B 230 -67.11 -15.87 -30.64
CA TRP B 230 -68.15 -14.87 -30.81
C TRP B 230 -69.46 -15.48 -31.30
N ASP B 231 -69.42 -16.71 -31.83
CA ASP B 231 -70.63 -17.42 -32.20
C ASP B 231 -71.47 -17.77 -30.96
N ASN B 232 -70.87 -18.47 -29.99
CA ASN B 232 -71.65 -19.14 -28.96
C ASN B 232 -71.39 -18.64 -27.55
N PHE B 233 -70.78 -17.46 -27.37
CA PHE B 233 -70.49 -17.02 -26.01
C PHE B 233 -71.72 -16.51 -25.28
N LEU B 234 -72.79 -16.18 -26.01
CA LEU B 234 -74.06 -15.81 -25.40
C LEU B 234 -74.96 -17.01 -25.15
N SER B 235 -74.43 -18.23 -25.26
CA SER B 235 -75.19 -19.45 -25.00
C SER B 235 -74.38 -20.48 -24.23
N VAL B 236 -73.18 -20.14 -23.78
CA VAL B 236 -72.33 -21.04 -22.99
C VAL B 236 -72.09 -20.39 -21.64
N LEU B 237 -72.57 -21.03 -20.58
CA LEU B 237 -72.41 -20.50 -19.24
C LEU B 237 -70.96 -20.69 -18.77
N PRO B 238 -70.32 -19.66 -18.25
CA PRO B 238 -68.97 -19.85 -17.69
C PRO B 238 -68.97 -20.71 -16.44
N HIS B 239 -70.05 -20.67 -15.67
CA HIS B 239 -70.21 -21.46 -14.46
C HIS B 239 -71.59 -22.09 -14.53
N PRO B 240 -71.75 -23.33 -14.04
CA PRO B 240 -73.05 -24.00 -14.14
C PRO B 240 -74.19 -23.33 -13.40
N GLN B 241 -73.90 -22.45 -12.44
CA GLN B 241 -74.90 -21.58 -11.82
C GLN B 241 -74.44 -20.13 -12.05
N GLY B 242 -74.93 -19.53 -13.13
CA GLY B 242 -74.51 -18.20 -13.49
C GLY B 242 -75.21 -17.10 -12.71
N LEU B 243 -74.43 -16.25 -12.03
CA LEU B 243 -74.84 -15.01 -11.38
C LEU B 243 -75.75 -15.20 -10.16
N THR B 244 -76.13 -16.42 -9.84
CA THR B 244 -76.85 -16.64 -8.59
C THR B 244 -75.88 -16.65 -7.40
N PRO B 245 -74.68 -17.28 -7.45
CA PRO B 245 -73.72 -17.04 -6.36
C PRO B 245 -73.17 -15.63 -6.33
N PHE B 246 -73.19 -14.90 -7.45
CA PHE B 246 -72.63 -13.54 -7.44
C PHE B 246 -73.56 -12.56 -6.75
N PHE B 247 -74.87 -12.67 -6.97
CA PHE B 247 -75.81 -11.75 -6.34
C PHE B 247 -76.39 -12.28 -5.04
N THR B 248 -76.24 -13.58 -4.77
CA THR B 248 -76.51 -14.10 -3.43
C THR B 248 -75.36 -13.78 -2.48
N GLY B 249 -74.18 -13.47 -3.02
CA GLY B 249 -73.00 -13.31 -2.20
C GLY B 249 -72.32 -14.61 -1.84
N ASN B 250 -72.73 -15.71 -2.46
CA ASN B 250 -72.14 -17.03 -2.21
C ASN B 250 -70.93 -17.24 -3.13
N TRP B 251 -69.95 -16.33 -2.98
CA TRP B 251 -68.85 -16.26 -3.94
C TRP B 251 -67.92 -17.45 -3.86
N ALA B 252 -67.93 -18.20 -2.76
CA ALA B 252 -67.13 -19.41 -2.65
C ALA B 252 -67.63 -20.54 -3.54
N ALA B 253 -68.82 -20.42 -4.11
CA ALA B 253 -69.30 -21.38 -5.10
C ALA B 253 -68.52 -21.33 -6.40
N TYR B 254 -67.92 -20.18 -6.74
CA TYR B 254 -67.09 -20.08 -7.93
C TYR B 254 -65.69 -20.64 -7.74
N ALA B 255 -65.32 -21.01 -6.51
CA ALA B 255 -64.04 -21.64 -6.24
C ALA B 255 -64.17 -23.15 -6.04
N GLN B 256 -65.38 -23.69 -6.11
CA GLN B 256 -65.57 -25.11 -5.87
C GLN B 256 -65.24 -25.92 -7.11
N SER B 257 -64.63 -27.09 -6.89
CA SER B 257 -64.12 -28.03 -7.89
C SER B 257 -63.16 -27.37 -8.87
N PRO B 258 -61.92 -27.08 -8.48
CA PRO B 258 -60.93 -26.54 -9.42
C PRO B 258 -60.38 -27.65 -10.32
N ASP B 259 -59.40 -27.28 -11.14
CA ASP B 259 -58.79 -28.25 -12.04
C ASP B 259 -57.92 -29.22 -11.26
N THR B 260 -58.04 -30.50 -11.61
CA THR B 260 -57.30 -31.57 -10.95
C THR B 260 -55.82 -31.48 -11.33
N ALA B 261 -54.96 -32.01 -10.46
CA ALA B 261 -53.52 -32.14 -10.71
C ALA B 261 -53.17 -33.22 -11.77
N SER B 262 -54.14 -33.82 -12.46
CA SER B 262 -53.89 -34.69 -13.59
C SER B 262 -54.63 -34.19 -14.83
N HIS B 263 -54.66 -32.86 -15.00
CA HIS B 263 -55.39 -32.24 -16.09
C HIS B 263 -54.50 -32.04 -17.31
N VAL B 264 -54.98 -32.45 -18.47
CA VAL B 264 -54.30 -32.18 -19.73
C VAL B 264 -54.82 -30.87 -20.28
N PHE B 265 -53.92 -29.91 -20.50
CA PHE B 265 -54.30 -28.55 -20.85
C PHE B 265 -54.87 -28.50 -22.26
N GLY B 266 -56.04 -27.88 -22.41
CA GLY B 266 -56.69 -27.81 -23.69
C GLY B 266 -57.72 -28.89 -23.95
N THR B 267 -57.86 -29.85 -23.05
CA THR B 267 -58.87 -30.91 -23.13
C THR B 267 -59.73 -30.90 -21.87
N ALA B 268 -60.68 -31.83 -21.82
CA ALA B 268 -61.60 -31.94 -20.70
C ALA B 268 -61.22 -33.05 -19.72
N GLN B 269 -60.12 -33.76 -19.97
CA GLN B 269 -59.69 -34.83 -19.08
C GLN B 269 -59.08 -34.22 -17.83
N GLY B 270 -59.63 -34.54 -16.67
CA GLY B 270 -59.15 -33.99 -15.42
C GLY B 270 -59.58 -32.56 -15.18
N SER B 271 -60.65 -32.11 -15.83
CA SER B 271 -61.07 -30.73 -15.77
C SER B 271 -61.81 -30.43 -14.47
N GLY B 272 -62.20 -29.17 -14.31
CA GLY B 272 -62.96 -28.75 -13.16
C GLY B 272 -64.15 -27.92 -13.55
N GLN B 273 -64.74 -27.21 -12.58
CA GLN B 273 -65.85 -26.32 -12.84
C GLN B 273 -65.58 -24.89 -12.40
N ALA B 274 -64.55 -24.66 -11.59
CA ALA B 274 -64.34 -23.37 -10.98
C ALA B 274 -63.75 -22.37 -11.96
N ILE B 275 -64.02 -21.09 -11.70
CA ILE B 275 -63.54 -20.01 -12.54
C ILE B 275 -62.69 -19.01 -11.76
N LEU B 276 -62.74 -19.01 -10.44
CA LEU B 276 -62.02 -18.05 -9.61
C LEU B 276 -61.50 -18.81 -8.39
N THR B 277 -60.28 -19.32 -8.48
CA THR B 277 -59.66 -20.03 -7.37
C THR B 277 -58.50 -19.20 -6.84
N PHE B 278 -57.92 -19.68 -5.75
CA PHE B 278 -56.58 -19.22 -5.37
C PHE B 278 -55.86 -20.45 -4.81
N LEU B 279 -55.16 -21.16 -5.70
CA LEU B 279 -54.54 -22.44 -5.45
C LEU B 279 -53.07 -22.34 -5.10
N GLY B 280 -52.34 -21.42 -5.73
CA GLY B 280 -50.92 -21.30 -5.49
C GLY B 280 -50.10 -22.27 -6.30
N GLY B 281 -48.86 -21.92 -6.61
CA GLY B 281 -48.00 -22.81 -7.35
C GLY B 281 -48.36 -22.84 -8.83
N PHE B 282 -48.11 -23.99 -9.45
CA PHE B 282 -48.19 -24.13 -10.88
C PHE B 282 -49.14 -25.25 -11.29
N HIS B 283 -49.65 -25.15 -12.50
CA HIS B 283 -50.28 -26.28 -13.17
C HIS B 283 -49.24 -27.39 -13.33
N PRO B 284 -49.62 -28.66 -13.13
CA PRO B 284 -48.60 -29.72 -13.12
C PRO B 284 -48.03 -30.04 -14.50
N GLN B 285 -48.85 -30.00 -15.56
CA GLN B 285 -48.33 -30.30 -16.89
C GLN B 285 -47.55 -29.13 -17.47
N THR B 286 -48.22 -27.98 -17.59
CA THR B 286 -47.64 -26.84 -18.29
C THR B 286 -46.57 -26.12 -17.48
N GLN B 287 -46.48 -26.40 -16.17
CA GLN B 287 -45.56 -25.75 -15.22
C GLN B 287 -45.75 -24.23 -15.22
N SER B 288 -47.01 -23.83 -15.33
CA SER B 288 -47.38 -22.42 -15.40
C SER B 288 -48.52 -22.16 -14.43
N LEU B 289 -48.85 -20.88 -14.29
CA LEU B 289 -49.87 -20.47 -13.33
C LEU B 289 -51.26 -20.90 -13.79
N TRP B 290 -52.14 -21.09 -12.82
CA TRP B 290 -53.51 -21.48 -13.11
C TRP B 290 -54.27 -20.30 -13.71
N LEU B 291 -55.17 -20.59 -14.65
CA LEU B 291 -55.95 -19.53 -15.27
C LEU B 291 -56.97 -18.94 -14.31
N THR B 292 -57.48 -19.75 -13.38
CA THR B 292 -58.45 -19.23 -12.42
C THR B 292 -57.78 -18.33 -11.38
N ASP B 293 -56.51 -18.59 -11.08
CA ASP B 293 -55.75 -17.71 -10.20
C ASP B 293 -55.51 -16.36 -10.86
N MET B 294 -55.18 -16.36 -12.15
CA MET B 294 -55.00 -15.10 -12.86
C MET B 294 -56.32 -14.37 -13.05
N ALA B 295 -57.42 -15.12 -13.14
CA ALA B 295 -58.74 -14.51 -13.21
C ALA B 295 -59.12 -13.79 -11.92
N HIS B 296 -58.95 -14.46 -10.77
CA HIS B 296 -59.31 -13.79 -9.51
C HIS B 296 -58.29 -12.72 -9.15
N HIS B 297 -57.05 -12.85 -9.67
CA HIS B 297 -56.06 -11.79 -9.59
C HIS B 297 -56.54 -10.52 -10.28
N HIS B 298 -56.89 -10.63 -11.56
CA HIS B 298 -57.33 -9.45 -12.30
C HIS B 298 -58.68 -8.93 -11.81
N LEU B 299 -59.52 -9.79 -11.24
CA LEU B 299 -60.77 -9.31 -10.67
C LEU B 299 -60.55 -8.51 -9.39
N ALA B 300 -59.66 -9.00 -8.51
CA ALA B 300 -59.35 -8.29 -7.28
C ALA B 300 -58.69 -6.94 -7.56
N ILE B 301 -57.70 -6.92 -8.45
CA ILE B 301 -57.06 -5.65 -8.74
C ILE B 301 -57.96 -4.75 -9.58
N ALA B 302 -58.93 -5.30 -10.31
CA ALA B 302 -59.91 -4.47 -11.01
C ALA B 302 -60.79 -3.73 -10.03
N VAL B 303 -61.26 -4.43 -8.98
CA VAL B 303 -62.05 -3.78 -7.94
C VAL B 303 -61.22 -2.73 -7.21
N ILE B 304 -59.94 -3.04 -6.94
CA ILE B 304 -59.08 -2.11 -6.22
C ILE B 304 -58.80 -0.86 -7.05
N PHE B 305 -58.56 -1.01 -8.36
CA PHE B 305 -58.34 0.19 -9.18
C PHE B 305 -59.61 1.00 -9.42
N ILE B 306 -60.78 0.36 -9.51
CA ILE B 306 -62.01 1.14 -9.66
C ILE B 306 -62.34 1.89 -8.38
N VAL B 307 -62.01 1.30 -7.22
CA VAL B 307 -62.17 2.05 -5.96
C VAL B 307 -61.14 3.19 -5.89
N ALA B 308 -59.89 2.93 -6.30
CA ALA B 308 -58.85 3.95 -6.25
C ALA B 308 -59.09 5.10 -7.21
N GLY B 309 -59.81 4.86 -8.31
CA GLY B 309 -60.14 5.91 -9.25
C GLY B 309 -61.29 6.80 -8.85
N HIS B 310 -61.84 6.64 -7.64
CA HIS B 310 -62.84 7.53 -7.09
C HIS B 310 -62.27 8.36 -5.94
N MET B 311 -61.03 8.84 -6.09
CA MET B 311 -60.33 9.48 -4.99
C MET B 311 -60.30 11.00 -5.13
N TYR B 312 -60.09 11.52 -6.33
CA TYR B 312 -59.76 12.92 -6.50
C TYR B 312 -61.00 13.73 -6.89
N ARG B 313 -60.90 15.05 -6.68
CA ARG B 313 -62.04 15.95 -6.77
C ARG B 313 -62.20 16.44 -8.19
N THR B 314 -63.17 15.88 -8.89
CA THR B 314 -63.68 16.42 -10.15
C THR B 314 -64.89 17.31 -9.85
N ASN B 315 -65.71 17.59 -10.86
CA ASN B 315 -66.88 18.45 -10.71
C ASN B 315 -68.06 17.76 -10.01
N PHE B 316 -67.84 17.21 -8.81
CA PHE B 316 -68.91 16.56 -8.07
C PHE B 316 -68.84 16.85 -6.58
N GLY B 317 -68.01 17.78 -6.15
CA GLY B 317 -67.97 18.14 -4.73
C GLY B 317 -67.14 17.28 -3.81
N ILE B 318 -67.24 15.96 -3.94
CA ILE B 318 -66.44 15.06 -3.12
C ILE B 318 -65.11 14.82 -3.80
N GLY B 319 -64.13 14.34 -3.06
CA GLY B 319 -62.85 14.00 -3.64
C GLY B 319 -61.69 14.73 -3.00
N HIS B 320 -60.48 14.21 -3.20
CA HIS B 320 -59.28 14.84 -2.69
C HIS B 320 -58.77 15.90 -3.65
N ARG B 321 -58.20 16.95 -3.07
CA ARG B 321 -57.57 18.05 -3.79
C ARG B 321 -56.07 17.90 -3.61
N MET B 322 -55.36 17.69 -4.73
CA MET B 322 -53.97 17.23 -4.67
C MET B 322 -53.04 18.28 -4.11
N GLN B 323 -53.30 19.55 -4.42
CA GLN B 323 -52.47 20.62 -3.89
C GLN B 323 -52.65 20.76 -2.38
N ALA B 324 -53.85 20.48 -1.89
CA ALA B 324 -54.07 20.50 -0.44
C ALA B 324 -53.36 19.34 0.25
N ILE B 325 -53.28 18.18 -0.43
CA ILE B 325 -52.53 17.05 0.10
C ILE B 325 -51.04 17.37 0.14
N LEU B 326 -50.53 18.02 -0.89
CA LEU B 326 -49.12 18.40 -0.91
C LEU B 326 -48.80 19.49 0.11
N GLU B 327 -49.73 20.43 0.32
CA GLU B 327 -49.52 21.47 1.32
C GLU B 327 -49.62 20.92 2.74
N ALA B 328 -50.38 19.84 2.93
CA ALA B 328 -50.53 19.28 4.28
C ALA B 328 -49.27 18.58 4.77
N HIS B 329 -48.67 17.74 3.92
CA HIS B 329 -47.56 16.89 4.35
C HIS B 329 -46.26 17.70 4.46
N THR B 330 -46.19 18.48 5.54
CA THR B 330 -44.96 19.14 5.95
C THR B 330 -44.75 18.88 7.44
N PRO B 331 -43.67 18.20 7.84
CA PRO B 331 -43.54 17.76 9.22
C PRO B 331 -43.14 18.90 10.13
N PRO B 332 -43.46 18.82 11.43
CA PRO B 332 -42.90 19.77 12.40
C PRO B 332 -41.40 19.55 12.59
N SER B 333 -40.74 20.51 13.25
CA SER B 333 -39.30 20.71 13.45
C SER B 333 -38.57 21.10 12.17
N GLY B 334 -39.27 21.23 11.05
CA GLY B 334 -38.65 21.70 9.81
C GLY B 334 -37.62 20.77 9.24
N SER B 335 -37.74 19.47 9.46
CA SER B 335 -36.75 18.51 8.98
C SER B 335 -36.80 18.37 7.46
N LEU B 336 -37.93 18.67 6.84
CA LEU B 336 -38.02 18.75 5.38
C LEU B 336 -38.15 20.18 4.90
N GLY B 337 -37.90 21.14 5.79
CA GLY B 337 -38.02 22.55 5.44
C GLY B 337 -39.46 22.95 5.27
N ALA B 338 -39.82 23.39 4.05
CA ALA B 338 -41.21 23.69 3.73
C ALA B 338 -41.99 22.48 3.29
N GLY B 339 -41.41 21.28 3.37
CA GLY B 339 -42.15 20.06 3.08
C GLY B 339 -42.38 19.91 1.59
N HIS B 340 -43.63 19.62 1.22
CA HIS B 340 -44.02 19.49 -0.18
C HIS B 340 -44.78 20.72 -0.66
N LYS B 341 -44.49 21.88 -0.09
CA LYS B 341 -45.15 23.12 -0.50
C LYS B 341 -44.62 23.58 -1.84
N GLY B 342 -45.54 23.91 -2.75
CA GLY B 342 -45.17 24.42 -4.05
C GLY B 342 -44.72 23.38 -5.04
N LEU B 343 -44.92 22.09 -4.76
CA LEU B 343 -44.57 21.07 -5.73
C LEU B 343 -45.69 20.76 -6.70
N PHE B 344 -46.90 21.24 -6.45
CA PHE B 344 -47.98 20.98 -7.41
C PHE B 344 -47.77 21.79 -8.68
N ASP B 345 -47.23 22.99 -8.56
CA ASP B 345 -46.95 23.83 -9.73
C ASP B 345 -45.61 23.50 -10.38
N THR B 346 -44.91 22.46 -9.91
CA THR B 346 -43.70 22.00 -10.57
C THR B 346 -43.85 20.63 -11.20
N VAL B 347 -44.86 19.85 -10.78
CA VAL B 347 -45.17 18.62 -11.48
C VAL B 347 -46.16 18.88 -12.61
N ASN B 348 -47.19 19.69 -12.34
CA ASN B 348 -48.22 19.93 -13.34
C ASN B 348 -47.72 20.86 -14.44
N ASN B 349 -46.87 21.83 -14.11
CA ASN B 349 -46.40 22.76 -15.10
C ASN B 349 -45.25 22.21 -15.94
N SER B 350 -44.51 21.25 -15.44
CA SER B 350 -43.36 20.69 -16.15
C SER B 350 -43.71 19.36 -16.77
N LEU B 351 -43.22 19.13 -17.98
CA LEU B 351 -43.42 17.86 -18.65
C LEU B 351 -42.25 16.92 -18.49
N HIS B 352 -41.05 17.46 -18.27
CA HIS B 352 -39.89 16.61 -18.05
C HIS B 352 -39.90 15.98 -16.67
N PHE B 353 -40.51 16.64 -15.68
CA PHE B 353 -40.70 16.03 -14.37
C PHE B 353 -41.66 14.85 -14.48
N GLN B 354 -42.74 15.03 -15.24
CA GLN B 354 -43.73 13.97 -15.41
C GLN B 354 -43.16 12.81 -16.21
N LEU B 355 -42.36 13.11 -17.23
CA LEU B 355 -41.73 12.06 -18.01
C LEU B 355 -40.65 11.34 -17.21
N GLY B 356 -39.96 12.05 -16.31
CA GLY B 356 -39.01 11.40 -15.44
C GLY B 356 -39.67 10.45 -14.44
N LEU B 357 -40.79 10.88 -13.85
CA LEU B 357 -41.56 10.01 -12.96
C LEU B 357 -42.11 8.80 -13.72
N ALA B 358 -42.63 9.03 -14.92
CA ALA B 358 -43.18 7.96 -15.74
C ALA B 358 -42.12 6.95 -16.14
N LEU B 359 -40.94 7.42 -16.54
CA LEU B 359 -39.89 6.51 -16.97
C LEU B 359 -39.27 5.77 -15.79
N ALA B 360 -39.18 6.42 -14.62
CA ALA B 360 -38.71 5.72 -13.42
C ALA B 360 -39.65 4.57 -13.05
N SER B 361 -40.95 4.86 -13.06
CA SER B 361 -41.95 3.85 -12.74
C SER B 361 -41.96 2.72 -13.76
N VAL B 362 -41.97 3.06 -15.05
CA VAL B 362 -42.07 2.04 -16.11
C VAL B 362 -40.80 1.20 -16.20
N GLY B 363 -39.63 1.79 -15.95
CA GLY B 363 -38.41 0.99 -15.91
C GLY B 363 -38.35 0.04 -14.74
N THR B 364 -38.80 0.48 -13.56
CA THR B 364 -38.83 -0.43 -12.42
C THR B 364 -39.87 -1.53 -12.61
N ILE B 365 -41.01 -1.19 -13.22
CA ILE B 365 -42.04 -2.18 -13.52
C ILE B 365 -41.58 -3.14 -14.61
N THR B 366 -40.71 -2.71 -15.53
CA THR B 366 -40.22 -3.62 -16.55
C THR B 366 -39.22 -4.60 -15.97
N SER B 367 -38.37 -4.13 -15.05
CA SER B 367 -37.54 -5.03 -14.26
C SER B 367 -38.40 -6.02 -13.47
N LEU B 368 -39.54 -5.55 -12.95
CA LEU B 368 -40.46 -6.40 -12.22
C LEU B 368 -41.08 -7.46 -13.10
N VAL B 369 -41.43 -7.08 -14.33
CA VAL B 369 -41.99 -7.99 -15.32
C VAL B 369 -41.00 -9.11 -15.63
N ALA B 370 -39.73 -8.75 -15.84
CA ALA B 370 -38.72 -9.77 -16.12
C ALA B 370 -38.48 -10.68 -14.93
N GLN B 371 -38.35 -10.09 -13.73
CA GLN B 371 -38.05 -10.85 -12.53
C GLN B 371 -39.20 -11.78 -12.13
N HIS B 372 -40.44 -11.40 -12.41
CA HIS B 372 -41.55 -12.26 -12.05
C HIS B 372 -42.00 -13.18 -13.17
N MET B 373 -41.61 -12.91 -14.42
CA MET B 373 -41.94 -13.84 -15.48
C MET B 373 -40.91 -14.94 -15.67
N TYR B 374 -39.66 -14.77 -15.22
CA TYR B 374 -38.78 -15.93 -15.34
C TYR B 374 -39.08 -16.96 -14.26
N SER B 375 -39.45 -16.49 -13.06
CA SER B 375 -39.56 -17.38 -11.92
C SER B 375 -40.98 -17.92 -11.76
N LEU B 376 -41.97 -17.10 -12.10
CA LEU B 376 -43.38 -17.50 -12.11
C LEU B 376 -43.89 -17.40 -13.55
N PRO B 377 -43.63 -18.39 -14.39
CA PRO B 377 -44.02 -18.29 -15.79
C PRO B 377 -45.52 -18.40 -15.95
N PRO B 378 -46.16 -17.43 -16.58
CA PRO B 378 -47.61 -17.42 -16.65
C PRO B 378 -48.21 -18.29 -17.74
N TYR B 379 -47.50 -18.50 -18.84
CA TYR B 379 -48.14 -19.07 -20.01
C TYR B 379 -47.83 -20.55 -20.16
N ALA B 380 -48.77 -21.28 -20.76
CA ALA B 380 -48.68 -22.72 -20.86
C ALA B 380 -47.53 -23.12 -21.79
N PHE B 381 -46.69 -24.04 -21.31
CA PHE B 381 -45.51 -24.60 -21.98
C PHE B 381 -44.41 -23.57 -22.20
N GLN B 382 -44.53 -22.40 -21.57
CA GLN B 382 -43.38 -21.60 -21.23
C GLN B 382 -42.60 -22.30 -20.12
N ALA B 383 -41.30 -21.98 -20.02
CA ALA B 383 -40.28 -22.53 -19.12
C ALA B 383 -39.90 -23.97 -19.47
N ILE B 384 -40.48 -24.57 -20.50
CA ILE B 384 -39.89 -25.72 -21.16
C ILE B 384 -39.29 -25.32 -22.51
N ASP B 385 -39.66 -24.15 -23.03
CA ASP B 385 -39.00 -23.53 -24.17
C ASP B 385 -37.96 -22.58 -23.57
N PHE B 386 -36.72 -23.04 -23.53
CA PHE B 386 -35.71 -22.33 -22.73
C PHE B 386 -35.21 -21.08 -23.45
N THR B 387 -35.14 -21.13 -24.78
CA THR B 387 -34.70 -20.00 -25.58
C THR B 387 -35.67 -18.84 -25.46
N THR B 388 -36.96 -19.15 -25.35
CA THR B 388 -37.99 -18.15 -25.09
C THR B 388 -37.80 -17.47 -23.74
N GLN B 389 -37.51 -18.27 -22.70
CA GLN B 389 -37.22 -17.74 -21.37
C GLN B 389 -36.05 -16.76 -21.38
N ALA B 390 -34.93 -17.19 -22.00
CA ALA B 390 -33.73 -16.35 -22.04
C ALA B 390 -33.97 -15.08 -22.85
N ALA B 391 -34.66 -15.21 -23.98
CA ALA B 391 -34.94 -14.05 -24.83
C ALA B 391 -35.85 -13.04 -24.13
N LEU B 392 -36.93 -13.51 -23.49
CA LEU B 392 -37.86 -12.58 -22.84
C LEU B 392 -37.21 -11.88 -21.65
N TYR B 393 -36.43 -12.62 -20.84
CA TYR B 393 -35.77 -12.00 -19.70
C TYR B 393 -34.78 -10.94 -20.15
N THR B 394 -33.92 -11.28 -21.12
CA THR B 394 -32.89 -10.36 -21.58
C THR B 394 -33.50 -9.14 -22.27
N HIS B 395 -34.56 -9.34 -23.05
CA HIS B 395 -35.28 -8.25 -23.70
C HIS B 395 -35.81 -7.24 -22.71
N HIS B 396 -36.61 -7.70 -21.74
CA HIS B 396 -37.21 -6.72 -20.83
C HIS B 396 -36.21 -6.15 -19.83
N GLN B 397 -35.10 -6.84 -19.53
CA GLN B 397 -34.06 -6.23 -18.69
C GLN B 397 -33.32 -5.11 -19.40
N TYR B 398 -33.01 -5.27 -20.70
CA TYR B 398 -32.35 -4.16 -21.40
C TYR B 398 -33.31 -3.00 -21.67
N ILE B 399 -34.58 -3.30 -21.93
CA ILE B 399 -35.61 -2.26 -22.02
C ILE B 399 -35.68 -1.45 -20.72
N ALA B 400 -35.66 -2.14 -19.58
CA ALA B 400 -35.72 -1.47 -18.28
C ALA B 400 -34.48 -0.61 -18.03
N GLY B 401 -33.30 -1.10 -18.43
CA GLY B 401 -32.09 -0.30 -18.25
C GLY B 401 -32.08 0.99 -19.05
N PHE B 402 -32.46 0.91 -20.34
CA PHE B 402 -32.55 2.13 -21.16
C PHE B 402 -33.61 3.10 -20.62
N ILE B 403 -34.74 2.57 -20.14
CA ILE B 403 -35.80 3.44 -19.64
C ILE B 403 -35.39 4.13 -18.33
N MET B 404 -34.61 3.44 -17.49
CA MET B 404 -34.14 4.08 -16.26
C MET B 404 -33.11 5.18 -16.53
N CYS B 405 -32.21 4.95 -17.50
CA CYS B 405 -31.30 6.02 -17.90
C CYS B 405 -32.04 7.21 -18.50
N GLY B 406 -33.13 6.94 -19.23
CA GLY B 406 -33.94 8.04 -19.74
C GLY B 406 -34.68 8.79 -18.67
N ALA B 407 -35.07 8.10 -17.59
CA ALA B 407 -35.69 8.75 -16.44
C ALA B 407 -34.76 9.77 -15.81
N PHE B 408 -33.52 9.36 -15.56
CA PHE B 408 -32.57 10.30 -14.98
C PHE B 408 -32.16 11.41 -15.95
N ALA B 409 -32.12 11.10 -17.25
CA ALA B 409 -31.81 12.13 -18.25
C ALA B 409 -32.88 13.21 -18.29
N HIS B 410 -34.16 12.82 -18.35
CA HIS B 410 -35.22 13.82 -18.35
C HIS B 410 -35.40 14.48 -17.00
N GLY B 411 -34.91 13.89 -15.91
CA GLY B 411 -34.83 14.62 -14.66
C GLY B 411 -33.79 15.73 -14.67
N ALA B 412 -32.64 15.48 -15.29
CA ALA B 412 -31.66 16.55 -15.48
C ALA B 412 -32.20 17.64 -16.41
N ILE B 413 -32.96 17.24 -17.43
CA ILE B 413 -33.58 18.21 -18.33
C ILE B 413 -34.62 19.04 -17.58
N PHE B 414 -35.33 18.43 -16.63
CA PHE B 414 -36.22 19.18 -15.74
C PHE B 414 -35.47 20.23 -14.95
N PHE B 415 -34.34 19.85 -14.33
CA PHE B 415 -33.58 20.82 -13.54
C PHE B 415 -33.07 21.98 -14.39
N ILE B 416 -32.66 21.69 -15.63
CA ILE B 416 -32.12 22.76 -16.47
C ILE B 416 -33.23 23.68 -16.98
N ARG B 417 -34.33 23.12 -17.49
CA ARG B 417 -35.31 23.95 -18.17
C ARG B 417 -36.45 24.43 -17.28
N ASP B 418 -37.00 23.55 -16.45
CA ASP B 418 -38.30 23.83 -15.83
C ASP B 418 -38.23 24.22 -14.36
N TYR B 419 -37.09 24.04 -13.70
CA TYR B 419 -37.00 24.27 -12.26
C TYR B 419 -36.92 25.76 -11.95
N ASP B 420 -37.93 26.27 -11.24
CA ASP B 420 -37.91 27.64 -10.75
C ASP B 420 -37.53 27.62 -9.28
N PRO B 421 -36.39 28.20 -8.89
CA PRO B 421 -36.00 28.16 -7.47
C PRO B 421 -36.85 29.04 -6.58
N GLU B 422 -37.47 30.10 -7.10
CA GLU B 422 -38.30 30.95 -6.26
C GLU B 422 -39.65 30.32 -5.98
N GLN B 423 -40.12 29.43 -6.86
CA GLN B 423 -41.35 28.70 -6.59
C GLN B 423 -41.11 27.43 -5.80
N ASN B 424 -39.88 27.21 -5.34
CA ASN B 424 -39.51 26.03 -4.56
C ASN B 424 -38.62 26.41 -3.39
N LYS B 425 -38.84 27.59 -2.82
CA LYS B 425 -37.95 28.13 -1.79
C LYS B 425 -38.20 27.39 -0.48
N GLY B 426 -37.39 26.37 -0.22
CA GLY B 426 -37.39 25.69 1.07
C GLY B 426 -38.01 24.31 1.06
N ASN B 427 -38.59 23.83 -0.04
CA ASN B 427 -39.24 22.54 -0.04
C ASN B 427 -38.20 21.43 -0.20
N VAL B 428 -38.65 20.20 -0.45
CA VAL B 428 -37.76 19.05 -0.50
C VAL B 428 -36.85 19.10 -1.72
N LEU B 429 -37.32 19.66 -2.84
CA LEU B 429 -36.57 19.61 -4.09
C LEU B 429 -35.38 20.57 -4.07
N ALA B 430 -35.53 21.72 -3.40
CA ALA B 430 -34.40 22.63 -3.23
C ALA B 430 -33.40 22.10 -2.21
N ARG B 431 -33.90 21.43 -1.16
CA ARG B 431 -33.03 20.85 -0.15
C ARG B 431 -32.28 19.63 -0.68
N MET B 432 -32.70 19.06 -1.81
CA MET B 432 -31.85 18.08 -2.49
C MET B 432 -30.64 18.74 -3.14
N LEU B 433 -30.84 19.91 -3.74
CA LEU B 433 -29.72 20.66 -4.27
C LEU B 433 -28.84 21.22 -3.16
N ASP B 434 -29.39 21.36 -1.96
CA ASP B 434 -28.60 21.89 -0.85
C ASP B 434 -27.60 20.88 -0.30
N HIS B 435 -27.93 19.58 -0.31
CA HIS B 435 -26.98 18.58 0.20
C HIS B 435 -26.52 17.62 -0.91
N LYS B 436 -26.32 18.15 -2.12
CA LYS B 436 -25.96 17.30 -3.25
C LYS B 436 -24.54 16.75 -3.13
N GLU B 437 -23.65 17.45 -2.44
CA GLU B 437 -22.28 16.96 -2.29
C GLU B 437 -22.22 15.74 -1.38
N ALA B 438 -23.05 15.71 -0.33
CA ALA B 438 -23.12 14.54 0.53
C ALA B 438 -23.73 13.35 -0.21
N LEU B 439 -24.72 13.61 -1.07
CA LEU B 439 -25.33 12.59 -1.91
C LEU B 439 -24.30 11.95 -2.84
N ILE B 440 -23.58 12.79 -3.59
CA ILE B 440 -22.62 12.30 -4.56
C ILE B 440 -21.42 11.66 -3.86
N SER B 441 -21.07 12.15 -2.68
CA SER B 441 -19.96 11.59 -1.91
C SER B 441 -20.28 10.21 -1.36
N HIS B 442 -21.49 10.02 -0.83
CA HIS B 442 -21.85 8.70 -0.31
C HIS B 442 -22.14 7.69 -1.41
N LEU B 443 -22.67 8.13 -2.57
CA LEU B 443 -22.73 7.24 -3.72
C LEU B 443 -21.34 6.86 -4.21
N SER B 444 -20.39 7.80 -4.18
CA SER B 444 -19.01 7.50 -4.51
C SER B 444 -18.41 6.51 -3.53
N TRP B 445 -18.78 6.61 -2.25
CA TRP B 445 -18.23 5.70 -1.25
C TRP B 445 -18.75 4.28 -1.45
N VAL B 446 -20.06 4.12 -1.66
CA VAL B 446 -20.58 2.75 -1.85
C VAL B 446 -20.10 2.16 -3.16
N SER B 447 -19.89 2.98 -4.19
CA SER B 447 -19.37 2.48 -5.45
C SER B 447 -17.93 2.02 -5.30
N LEU B 448 -17.09 2.82 -4.64
CA LEU B 448 -15.70 2.44 -4.43
C LEU B 448 -15.58 1.22 -3.53
N PHE B 449 -16.42 1.13 -2.48
CA PHE B 449 -16.39 -0.02 -1.59
C PHE B 449 -16.74 -1.31 -2.32
N LEU B 450 -17.86 -1.30 -3.03
CA LEU B 450 -18.31 -2.50 -3.73
C LEU B 450 -17.33 -2.91 -4.83
N GLY B 451 -16.73 -1.92 -5.51
CA GLY B 451 -15.76 -2.24 -6.53
C GLY B 451 -14.49 -2.84 -5.98
N PHE B 452 -13.90 -2.20 -4.95
CA PHE B 452 -12.67 -2.72 -4.35
C PHE B 452 -12.87 -4.12 -3.79
N HIS B 453 -13.95 -4.34 -3.03
CA HIS B 453 -14.02 -5.63 -2.36
C HIS B 453 -14.56 -6.73 -3.26
N THR B 454 -15.45 -6.41 -4.21
CA THR B 454 -15.90 -7.43 -5.15
C THR B 454 -14.77 -7.84 -6.10
N LEU B 455 -14.05 -6.85 -6.66
CA LEU B 455 -12.91 -7.15 -7.51
C LEU B 455 -11.80 -7.85 -6.74
N GLY B 456 -11.56 -7.46 -5.48
CA GLY B 456 -10.52 -8.11 -4.69
C GLY B 456 -10.85 -9.55 -4.37
N LEU B 457 -12.12 -9.85 -4.05
CA LEU B 457 -12.51 -11.23 -3.81
C LEU B 457 -12.43 -12.08 -5.07
N TYR B 458 -12.83 -11.51 -6.22
CA TYR B 458 -12.70 -12.29 -7.47
C TYR B 458 -11.23 -12.53 -7.85
N VAL B 459 -10.37 -11.52 -7.71
CA VAL B 459 -8.96 -11.69 -8.05
C VAL B 459 -8.28 -12.65 -7.07
N HIS B 460 -8.66 -12.59 -5.79
CA HIS B 460 -8.18 -13.54 -4.79
C HIS B 460 -8.56 -14.96 -5.16
N ASN B 461 -9.82 -15.20 -5.55
CA ASN B 461 -10.23 -16.56 -5.86
C ASN B 461 -9.61 -17.05 -7.16
N ASP B 462 -9.37 -16.13 -8.11
CA ASP B 462 -8.63 -16.49 -9.32
C ASP B 462 -7.19 -16.88 -9.04
N VAL B 463 -6.55 -16.21 -8.08
CA VAL B 463 -5.19 -16.59 -7.71
C VAL B 463 -5.18 -17.92 -6.96
N MET B 464 -6.23 -18.20 -6.18
CA MET B 464 -6.31 -19.50 -5.52
C MET B 464 -6.58 -20.63 -6.52
N GLN B 465 -7.37 -20.36 -7.56
CA GLN B 465 -7.61 -21.38 -8.57
C GLN B 465 -6.39 -21.58 -9.46
N ALA B 466 -5.62 -20.51 -9.69
CA ALA B 466 -4.42 -20.64 -10.51
C ALA B 466 -3.34 -21.44 -9.78
N PHE B 467 -3.13 -21.17 -8.50
CA PHE B 467 -2.08 -21.82 -7.74
C PHE B 467 -2.45 -23.23 -7.29
N GLY B 468 -3.60 -23.75 -7.71
CA GLY B 468 -3.95 -25.13 -7.48
C GLY B 468 -4.63 -25.43 -6.17
N THR B 469 -4.94 -24.40 -5.37
CA THR B 469 -5.52 -24.58 -4.04
C THR B 469 -6.88 -23.89 -3.98
N PRO B 470 -7.95 -24.58 -4.37
CA PRO B 470 -9.30 -23.99 -4.24
C PRO B 470 -9.82 -23.93 -2.82
N GLU B 471 -9.20 -24.62 -1.88
CA GLU B 471 -9.67 -24.62 -0.49
C GLU B 471 -9.32 -23.34 0.25
N LYS B 472 -8.52 -22.46 -0.33
CA LYS B 472 -8.13 -21.22 0.31
C LYS B 472 -9.01 -20.05 -0.05
N GLN B 473 -9.96 -20.22 -0.96
CA GLN B 473 -10.61 -19.07 -1.57
C GLN B 473 -11.78 -18.61 -0.73
N ILE B 474 -11.99 -17.29 -0.70
CA ILE B 474 -12.97 -16.67 0.19
C ILE B 474 -14.36 -16.88 -0.38
N LEU B 475 -15.14 -17.74 0.26
CA LEU B 475 -16.48 -18.08 -0.18
C LEU B 475 -17.45 -17.67 0.93
N ILE B 476 -18.03 -16.48 0.81
CA ILE B 476 -18.95 -15.99 1.82
C ILE B 476 -20.35 -16.49 1.50
N GLU B 477 -21.00 -17.10 2.48
CA GLU B 477 -22.31 -17.71 2.28
C GLU B 477 -23.39 -16.64 2.34
N PRO B 478 -24.34 -16.64 1.39
CA PRO B 478 -25.38 -15.59 1.37
C PRO B 478 -26.51 -15.88 2.35
N VAL B 479 -26.24 -15.70 3.64
CA VAL B 479 -27.16 -16.21 4.64
C VAL B 479 -28.40 -15.33 4.78
N PHE B 480 -28.37 -14.11 4.24
CA PHE B 480 -29.51 -13.21 4.38
C PHE B 480 -30.59 -13.54 3.35
N ALA B 481 -30.19 -13.76 2.10
CA ALA B 481 -31.17 -14.15 1.09
C ALA B 481 -31.64 -15.59 1.29
N GLN B 482 -30.79 -16.43 1.86
CA GLN B 482 -31.22 -17.77 2.25
C GLN B 482 -32.17 -17.72 3.43
N TRP B 483 -31.98 -16.73 4.32
CA TRP B 483 -32.93 -16.48 5.39
C TRP B 483 -34.29 -16.04 4.84
N ILE B 484 -34.27 -15.20 3.80
CA ILE B 484 -35.53 -14.82 3.13
C ILE B 484 -36.18 -16.02 2.46
N GLN B 485 -35.39 -16.89 1.82
CA GLN B 485 -35.96 -18.09 1.19
C GLN B 485 -36.55 -19.05 2.21
N ALA B 486 -35.94 -19.15 3.39
CA ALA B 486 -36.54 -19.93 4.46
C ALA B 486 -37.79 -19.25 5.01
N ALA B 487 -37.83 -17.91 4.98
CA ALA B 487 -39.04 -17.19 5.36
C ALA B 487 -40.17 -17.37 4.36
N HIS B 488 -39.86 -17.73 3.12
CA HIS B 488 -40.90 -17.95 2.14
C HIS B 488 -41.31 -19.40 2.01
N GLY B 489 -40.62 -20.32 2.67
CA GLY B 489 -41.10 -21.69 2.75
C GLY B 489 -40.18 -22.73 2.16
N LYS B 490 -38.89 -22.42 2.04
CA LYS B 490 -37.93 -23.34 1.44
C LYS B 490 -37.21 -24.11 2.54
N ALA B 491 -37.27 -25.45 2.46
CA ALA B 491 -36.82 -26.33 3.52
C ALA B 491 -35.42 -26.89 3.26
N LEU B 492 -34.53 -26.09 2.70
CA LEU B 492 -33.21 -26.58 2.34
C LEU B 492 -32.12 -26.05 3.28
N TYR B 493 -32.36 -24.89 3.89
CA TYR B 493 -31.33 -24.24 4.69
C TYR B 493 -31.55 -24.41 6.19
N GLY B 494 -32.68 -24.99 6.60
CA GLY B 494 -32.88 -25.39 7.98
C GLY B 494 -33.09 -24.27 8.97
N PHE B 495 -33.58 -23.10 8.54
CA PHE B 495 -33.87 -22.05 9.51
C PHE B 495 -35.19 -22.29 10.21
N ASP B 496 -36.20 -22.75 9.44
CA ASP B 496 -37.51 -23.23 9.93
C ASP B 496 -38.26 -22.14 10.70
N PHE B 497 -38.66 -21.11 9.97
CA PHE B 497 -39.39 -20.01 10.58
C PHE B 497 -40.36 -19.39 9.58
N LEU B 498 -41.56 -19.11 10.08
CA LEU B 498 -42.62 -18.28 9.51
C LEU B 498 -43.33 -18.83 8.28
N LEU B 499 -42.70 -19.72 7.52
CA LEU B 499 -43.44 -20.43 6.49
C LEU B 499 -42.82 -21.81 6.35
N SER B 500 -41.61 -21.97 6.90
CA SER B 500 -40.88 -23.22 6.86
C SER B 500 -41.10 -24.07 8.11
N SER B 501 -41.55 -23.45 9.19
CA SER B 501 -41.91 -24.18 10.40
C SER B 501 -43.39 -24.50 10.37
N LYS B 502 -43.74 -25.74 10.70
CA LYS B 502 -45.13 -26.16 10.73
C LYS B 502 -45.93 -25.50 11.84
N THR B 503 -45.28 -25.08 12.92
CA THR B 503 -45.95 -24.50 14.09
C THR B 503 -46.00 -22.97 14.03
N SER B 504 -46.01 -22.40 12.83
CA SER B 504 -46.06 -20.96 12.67
C SER B 504 -47.49 -20.49 12.48
N ALA B 505 -47.74 -19.22 12.79
CA ALA B 505 -49.08 -18.67 12.64
C ALA B 505 -49.42 -18.40 11.19
N ALA B 506 -48.45 -17.88 10.41
CA ALA B 506 -48.68 -17.62 9.00
C ALA B 506 -48.80 -18.92 8.22
N PHE B 507 -48.00 -19.92 8.58
CA PHE B 507 -48.09 -21.24 7.97
C PHE B 507 -49.45 -21.87 8.22
N ALA B 508 -49.94 -21.78 9.46
CA ALA B 508 -51.21 -22.42 9.79
C ALA B 508 -52.40 -21.65 9.23
N ASN B 509 -52.29 -20.33 9.11
CA ASN B 509 -53.39 -19.55 8.57
C ASN B 509 -53.49 -19.67 7.06
N GLY B 510 -52.35 -19.72 6.37
CA GLY B 510 -52.44 -19.88 4.93
C GLY B 510 -52.54 -21.29 4.42
N GLN B 511 -52.69 -22.29 5.31
CA GLN B 511 -52.49 -23.68 4.92
C GLN B 511 -53.67 -24.25 4.14
N SER B 512 -54.89 -23.80 4.44
CA SER B 512 -56.05 -24.41 3.80
C SER B 512 -56.22 -23.98 2.35
N LEU B 513 -55.67 -22.82 1.97
CA LEU B 513 -56.11 -22.15 0.77
C LEU B 513 -55.04 -21.95 -0.30
N TRP B 514 -53.92 -21.27 -0.03
CA TRP B 514 -52.94 -21.04 -1.09
C TRP B 514 -51.55 -21.63 -0.84
N LEU B 515 -51.18 -21.90 0.41
CA LEU B 515 -49.86 -22.49 0.68
C LEU B 515 -49.53 -23.87 0.11
N PRO B 516 -50.45 -24.85 -0.04
CA PRO B 516 -49.99 -26.17 -0.56
C PRO B 516 -49.50 -26.16 -2.00
N GLY B 517 -49.83 -25.15 -2.79
CA GLY B 517 -49.26 -25.06 -4.12
C GLY B 517 -47.95 -24.33 -4.10
N TRP B 518 -47.89 -23.27 -3.27
CA TRP B 518 -46.68 -22.47 -3.13
C TRP B 518 -45.54 -23.28 -2.54
N LEU B 519 -45.84 -24.15 -1.58
CA LEU B 519 -44.80 -24.97 -0.96
C LEU B 519 -44.29 -26.04 -1.91
N ASP B 520 -45.20 -26.68 -2.65
CA ASP B 520 -44.80 -27.69 -3.62
C ASP B 520 -43.99 -27.07 -4.75
N ALA B 521 -44.30 -25.83 -5.11
CA ALA B 521 -43.56 -25.18 -6.18
C ALA B 521 -42.26 -24.55 -5.68
N ILE B 522 -42.16 -24.22 -4.40
CA ILE B 522 -40.93 -23.61 -3.89
C ILE B 522 -39.94 -24.66 -3.42
N ASN B 523 -40.39 -25.88 -3.11
CA ASN B 523 -39.46 -26.93 -2.73
C ASN B 523 -39.07 -27.82 -3.91
N ASN B 524 -39.47 -27.45 -5.11
CA ASN B 524 -38.97 -28.09 -6.32
C ASN B 524 -37.68 -27.39 -6.76
N ASN B 525 -36.66 -28.16 -7.07
CA ASN B 525 -35.41 -27.62 -7.58
C ASN B 525 -35.30 -27.75 -9.10
N GLN B 526 -36.42 -28.01 -9.77
CA GLN B 526 -36.46 -28.14 -11.22
C GLN B 526 -37.08 -26.93 -11.90
N ASN B 527 -37.54 -25.95 -11.13
CA ASN B 527 -38.08 -24.72 -11.67
C ASN B 527 -37.19 -23.56 -11.25
N SER B 528 -37.54 -22.36 -11.70
CA SER B 528 -36.78 -21.16 -11.36
C SER B 528 -37.36 -20.43 -10.16
N LEU B 529 -38.34 -21.03 -9.47
CA LEU B 529 -38.95 -20.40 -8.31
C LEU B 529 -38.03 -20.54 -7.11
N PHE B 530 -37.34 -19.44 -6.77
CA PHE B 530 -36.43 -19.35 -5.62
C PHE B 530 -35.31 -20.39 -5.70
N LEU B 531 -34.45 -20.18 -6.70
CA LEU B 531 -33.31 -21.04 -6.96
C LEU B 531 -32.35 -21.13 -5.78
N THR B 532 -31.67 -22.27 -5.67
CA THR B 532 -30.68 -22.47 -4.63
C THR B 532 -29.46 -21.61 -4.90
N ILE B 533 -29.02 -20.87 -3.88
CA ILE B 533 -27.97 -19.89 -4.05
C ILE B 533 -26.77 -20.22 -3.18
N GLY B 534 -25.65 -19.54 -3.47
CA GLY B 534 -24.39 -19.77 -2.80
C GLY B 534 -23.39 -18.67 -3.06
N PRO B 535 -22.10 -18.91 -2.81
CA PRO B 535 -21.11 -17.82 -2.83
C PRO B 535 -20.88 -17.17 -4.19
N GLY B 536 -21.11 -17.89 -5.29
CA GLY B 536 -21.12 -17.24 -6.59
C GLY B 536 -22.27 -16.26 -6.72
N ASP B 537 -23.44 -16.64 -6.21
CA ASP B 537 -24.61 -15.77 -6.22
C ASP B 537 -24.39 -14.55 -5.33
N PHE B 538 -23.67 -14.76 -4.21
CA PHE B 538 -23.21 -13.68 -3.33
C PHE B 538 -22.39 -12.65 -4.10
N LEU B 539 -21.31 -13.11 -4.73
CA LEU B 539 -20.40 -12.23 -5.44
C LEU B 539 -21.08 -11.51 -6.59
N VAL B 540 -21.98 -12.20 -7.29
CA VAL B 540 -22.63 -11.55 -8.43
C VAL B 540 -23.67 -10.54 -7.97
N HIS B 541 -24.42 -10.81 -6.89
CA HIS B 541 -25.34 -9.80 -6.38
C HIS B 541 -24.61 -8.57 -5.85
N HIS B 542 -23.41 -8.73 -5.31
CA HIS B 542 -22.67 -7.53 -4.91
C HIS B 542 -22.06 -6.81 -6.13
N ALA B 543 -21.75 -7.54 -7.20
CA ALA B 543 -21.36 -6.87 -8.44
C ALA B 543 -22.53 -6.12 -9.06
N ILE B 544 -23.75 -6.66 -8.94
CA ILE B 544 -24.95 -5.99 -9.41
C ILE B 544 -25.21 -4.73 -8.60
N ALA B 545 -25.01 -4.79 -7.29
CA ALA B 545 -25.14 -3.61 -6.43
C ALA B 545 -24.10 -2.55 -6.80
N LEU B 546 -22.88 -2.99 -7.14
CA LEU B 546 -21.84 -2.10 -7.65
C LEU B 546 -22.27 -1.38 -8.92
N GLY B 547 -22.81 -2.14 -9.88
CA GLY B 547 -23.23 -1.54 -11.14
C GLY B 547 -24.39 -0.58 -10.97
N LEU B 548 -25.35 -0.93 -10.12
CA LEU B 548 -26.50 -0.06 -9.88
C LEU B 548 -26.09 1.21 -9.16
N HIS B 549 -25.25 1.10 -8.13
CA HIS B 549 -24.84 2.29 -7.39
C HIS B 549 -23.91 3.17 -8.20
N THR B 550 -23.11 2.58 -9.10
CA THR B 550 -22.24 3.41 -9.92
C THR B 550 -23.03 4.15 -10.99
N THR B 551 -23.95 3.44 -11.68
CA THR B 551 -24.79 4.07 -12.68
C THR B 551 -25.67 5.15 -12.06
N THR B 552 -26.15 4.89 -10.84
CA THR B 552 -26.92 5.89 -10.10
C THR B 552 -26.05 7.07 -9.71
N LEU B 553 -24.78 6.83 -9.39
CA LEU B 553 -23.84 7.93 -9.11
C LEU B 553 -23.68 8.84 -10.31
N ILE B 554 -23.46 8.26 -11.51
CA ILE B 554 -23.26 9.11 -12.68
C ILE B 554 -24.54 9.85 -13.04
N LEU B 555 -25.69 9.17 -12.94
CA LEU B 555 -26.96 9.79 -13.33
C LEU B 555 -27.42 10.85 -12.33
N VAL B 556 -27.29 10.58 -11.03
CA VAL B 556 -27.64 11.56 -10.00
C VAL B 556 -26.69 12.74 -10.05
N LYS B 557 -25.40 12.49 -10.29
CA LYS B 557 -24.43 13.56 -10.38
C LYS B 557 -24.65 14.41 -11.63
N GLY B 558 -25.20 13.80 -12.69
CA GLY B 558 -25.58 14.59 -13.84
C GLY B 558 -26.84 15.39 -13.62
N ALA B 559 -27.78 14.84 -12.85
CA ALA B 559 -29.01 15.58 -12.55
C ALA B 559 -28.74 16.77 -11.63
N LEU B 560 -27.85 16.61 -10.66
CA LEU B 560 -27.65 17.63 -9.64
C LEU B 560 -26.64 18.70 -10.03
N ASP B 561 -25.58 18.35 -10.74
CA ASP B 561 -24.62 19.32 -11.24
C ASP B 561 -25.04 19.91 -12.59
N ALA B 562 -26.31 19.76 -12.96
CA ALA B 562 -26.81 20.29 -14.21
C ALA B 562 -26.99 21.81 -14.16
N ARG B 563 -27.40 22.33 -13.00
CA ARG B 563 -27.50 23.79 -12.84
C ARG B 563 -26.14 24.45 -12.85
N GLY B 564 -25.10 23.73 -12.46
CA GLY B 564 -23.77 24.28 -12.41
C GLY B 564 -22.92 23.59 -11.37
N SER B 565 -21.62 23.67 -11.58
CA SER B 565 -20.64 23.16 -10.62
C SER B 565 -19.67 24.27 -10.27
N LYS B 566 -18.63 23.98 -9.50
CA LYS B 566 -17.62 24.99 -9.24
C LYS B 566 -16.73 25.22 -10.45
N LEU B 567 -16.49 24.19 -11.26
CA LEU B 567 -15.76 24.37 -12.51
C LEU B 567 -16.55 25.19 -13.51
N MET B 568 -17.88 25.11 -13.46
CA MET B 568 -18.73 25.84 -14.40
C MET B 568 -19.99 26.29 -13.68
N PRO B 569 -19.98 27.51 -13.14
CA PRO B 569 -21.14 27.95 -12.34
C PRO B 569 -22.36 28.33 -13.15
N ASP B 570 -22.20 28.70 -14.42
CA ASP B 570 -23.31 29.15 -15.26
C ASP B 570 -23.72 28.09 -16.27
N LYS B 571 -23.69 26.82 -15.86
CA LYS B 571 -23.99 25.71 -16.76
C LYS B 571 -25.45 25.71 -17.21
N LYS B 572 -26.36 26.26 -16.39
CA LYS B 572 -27.75 26.37 -16.77
C LYS B 572 -27.96 27.35 -17.93
N ASP B 573 -27.02 28.26 -18.17
CA ASP B 573 -27.13 29.20 -19.27
C ASP B 573 -26.76 28.60 -20.62
N PHE B 574 -26.07 27.46 -20.66
CA PHE B 574 -25.76 26.85 -21.95
C PHE B 574 -26.80 25.84 -22.39
N GLY B 575 -27.52 25.23 -21.46
CA GLY B 575 -28.55 24.27 -21.78
C GLY B 575 -28.24 22.88 -21.26
N TYR B 576 -28.78 21.89 -21.95
CA TYR B 576 -28.61 20.49 -21.57
C TYR B 576 -27.51 19.81 -22.36
N SER B 577 -27.45 20.06 -23.66
CA SER B 577 -26.54 19.35 -24.55
C SER B 577 -25.71 20.38 -25.32
N PHE B 578 -24.58 20.73 -24.74
CA PHE B 578 -23.56 21.56 -25.34
C PHE B 578 -22.23 20.80 -25.32
N PRO B 579 -21.31 21.05 -26.31
CA PRO B 579 -20.12 20.19 -26.45
C PRO B 579 -19.17 20.22 -25.26
N CYS B 580 -18.73 21.42 -24.91
CA CYS B 580 -17.76 21.63 -23.84
C CYS B 580 -17.80 23.12 -23.50
N ASP B 581 -16.86 23.58 -22.69
CA ASP B 581 -16.67 25.01 -22.48
C ASP B 581 -15.25 25.44 -22.85
N GLY B 582 -14.56 24.65 -23.67
CA GLY B 582 -13.26 25.01 -24.14
C GLY B 582 -12.13 24.47 -23.28
N PRO B 583 -10.88 24.68 -23.72
CA PRO B 583 -9.74 24.14 -22.99
C PRO B 583 -9.31 24.97 -21.78
N GLY B 584 -9.91 26.14 -21.58
CA GLY B 584 -9.55 26.95 -20.44
C GLY B 584 -10.04 26.36 -19.13
N ARG B 585 -9.53 26.95 -18.03
CA ARG B 585 -9.77 26.49 -16.65
C ARG B 585 -9.37 25.03 -16.46
N GLY B 586 -8.28 24.62 -17.11
CA GLY B 586 -7.81 23.26 -17.04
C GLY B 586 -8.35 22.34 -18.11
N GLY B 587 -9.41 22.72 -18.79
CA GLY B 587 -10.06 21.86 -19.76
C GLY B 587 -11.37 21.35 -19.22
N THR B 588 -12.45 21.46 -19.99
CA THR B 588 -13.78 21.04 -19.54
C THR B 588 -14.38 20.14 -20.61
N CYS B 589 -14.01 18.88 -20.63
CA CYS B 589 -14.56 17.93 -21.59
C CYS B 589 -15.60 17.08 -20.88
N ASP B 590 -16.73 16.85 -21.56
CA ASP B 590 -17.87 16.08 -21.03
C ASP B 590 -18.41 16.68 -19.74
N ILE B 591 -18.75 17.97 -19.77
CA ILE B 591 -19.17 18.67 -18.56
C ILE B 591 -20.68 18.85 -18.48
N SER B 592 -21.39 18.67 -19.58
CA SER B 592 -22.84 18.82 -19.57
C SER B 592 -23.52 17.61 -18.94
N ALA B 593 -24.81 17.76 -18.63
CA ALA B 593 -25.56 16.67 -18.04
C ALA B 593 -25.87 15.58 -19.07
N TYR B 594 -25.99 15.98 -20.34
CA TYR B 594 -26.08 15.03 -21.44
C TYR B 594 -24.86 14.12 -21.49
N ASP B 595 -23.70 14.67 -21.17
CA ASP B 595 -22.48 13.86 -21.19
C ASP B 595 -22.42 12.91 -20.01
N ALA B 596 -23.04 13.27 -18.88
CA ALA B 596 -23.18 12.32 -17.79
C ALA B 596 -24.13 11.18 -18.16
N PHE B 597 -25.21 11.49 -18.89
CA PHE B 597 -26.04 10.43 -19.46
C PHE B 597 -25.24 9.52 -20.38
N TYR B 598 -24.48 10.13 -21.29
CA TYR B 598 -23.59 9.43 -22.21
C TYR B 598 -22.63 8.48 -21.48
N LEU B 599 -22.03 8.96 -20.39
CA LEU B 599 -21.12 8.11 -19.63
C LEU B 599 -21.86 7.04 -18.81
N ALA B 600 -23.13 7.26 -18.51
CA ALA B 600 -23.87 6.29 -17.71
C ALA B 600 -24.53 5.18 -18.54
N VAL B 601 -24.70 5.38 -19.85
CA VAL B 601 -25.23 4.31 -20.69
C VAL B 601 -24.25 3.14 -20.77
N PHE B 602 -22.93 3.42 -20.72
CA PHE B 602 -21.93 2.37 -20.67
C PHE B 602 -22.06 1.52 -19.42
N TRP B 603 -22.30 2.16 -18.28
CA TRP B 603 -22.49 1.41 -17.04
C TRP B 603 -23.82 0.68 -17.00
N MET B 604 -24.86 1.23 -17.64
CA MET B 604 -26.12 0.51 -17.75
C MET B 604 -25.96 -0.76 -18.57
N LEU B 605 -25.27 -0.66 -19.71
CA LEU B 605 -24.98 -1.83 -20.53
C LEU B 605 -24.12 -2.84 -19.77
N ASN B 606 -23.15 -2.36 -19.00
CA ASN B 606 -22.33 -3.22 -18.16
C ASN B 606 -23.15 -3.97 -17.12
N THR B 607 -24.03 -3.25 -16.42
CA THR B 607 -24.80 -3.85 -15.33
C THR B 607 -25.81 -4.86 -15.87
N ILE B 608 -26.49 -4.53 -16.97
CA ILE B 608 -27.44 -5.48 -17.53
C ILE B 608 -26.69 -6.66 -18.17
N GLY B 609 -25.47 -6.43 -18.65
CA GLY B 609 -24.65 -7.53 -19.12
C GLY B 609 -24.26 -8.48 -18.00
N TRP B 610 -23.98 -7.93 -16.82
CA TRP B 610 -23.69 -8.77 -15.66
C TRP B 610 -24.91 -9.57 -15.23
N VAL B 611 -26.09 -8.92 -15.17
CA VAL B 611 -27.28 -9.64 -14.71
C VAL B 611 -27.72 -10.68 -15.73
N THR B 612 -27.47 -10.46 -17.02
CA THR B 612 -27.89 -11.44 -18.00
C THR B 612 -26.88 -12.56 -18.21
N PHE B 613 -25.58 -12.29 -18.08
CA PHE B 613 -24.59 -13.36 -17.98
C PHE B 613 -24.91 -14.28 -16.81
N TYR B 614 -25.22 -13.67 -15.65
CA TYR B 614 -25.53 -14.42 -14.45
C TYR B 614 -26.80 -15.23 -14.58
N TRP B 615 -27.88 -14.60 -15.05
CA TRP B 615 -29.15 -15.27 -15.27
C TRP B 615 -28.99 -16.44 -16.23
N HIS B 616 -28.35 -16.17 -17.38
CA HIS B 616 -28.23 -17.15 -18.44
C HIS B 616 -27.36 -18.32 -18.00
N TRP B 617 -26.27 -18.07 -17.28
CA TRP B 617 -25.40 -19.18 -16.94
C TRP B 617 -25.98 -20.03 -15.81
N LYS B 618 -26.66 -19.39 -14.84
CA LYS B 618 -27.31 -20.17 -13.79
C LYS B 618 -28.47 -20.99 -14.36
N HIS B 619 -29.18 -20.44 -15.33
CA HIS B 619 -30.24 -21.23 -15.95
C HIS B 619 -29.72 -22.28 -16.91
N LEU B 620 -28.58 -22.07 -17.58
CA LEU B 620 -28.00 -23.14 -18.41
C LEU B 620 -27.54 -24.30 -17.56
N THR B 621 -26.90 -24.00 -16.42
CA THR B 621 -26.53 -25.08 -15.51
C THR B 621 -27.73 -25.72 -14.84
N LEU B 622 -28.85 -25.00 -14.70
CA LEU B 622 -30.07 -25.65 -14.22
C LEU B 622 -30.67 -26.57 -15.28
N TRP B 623 -30.73 -26.10 -16.53
CA TRP B 623 -31.38 -26.84 -17.61
C TRP B 623 -30.57 -28.05 -18.04
N GLN B 624 -29.25 -27.99 -17.95
CA GLN B 624 -28.43 -29.17 -18.25
C GLN B 624 -28.51 -30.18 -17.13
N GLY B 625 -28.61 -29.73 -15.88
CA GLY B 625 -28.68 -30.63 -14.75
C GLY B 625 -27.59 -30.40 -13.73
N ASN B 626 -26.42 -29.96 -14.19
CA ASN B 626 -25.27 -29.78 -13.32
C ASN B 626 -25.21 -28.34 -12.81
N VAL B 627 -25.97 -28.08 -11.73
CA VAL B 627 -25.84 -26.82 -11.02
C VAL B 627 -24.55 -26.76 -10.22
N ALA B 628 -23.92 -27.91 -9.99
CA ALA B 628 -22.60 -27.95 -9.35
C ALA B 628 -21.55 -27.28 -10.21
N GLN B 629 -21.73 -27.28 -11.54
CA GLN B 629 -20.80 -26.57 -12.42
C GLN B 629 -20.82 -25.07 -12.17
N PHE B 630 -22.02 -24.49 -12.05
CA PHE B 630 -22.12 -23.07 -11.71
C PHE B 630 -21.61 -22.81 -10.30
N ASP B 631 -21.95 -23.69 -9.35
CA ASP B 631 -21.51 -23.51 -7.96
C ASP B 631 -20.00 -23.59 -7.79
N GLU B 632 -19.33 -24.37 -8.65
CA GLU B 632 -17.88 -24.50 -8.57
C GLU B 632 -17.15 -23.46 -9.41
N SER B 633 -17.74 -23.01 -10.51
CA SER B 633 -17.01 -22.16 -11.44
C SER B 633 -17.41 -20.69 -11.38
N SER B 634 -18.47 -20.33 -10.66
CA SER B 634 -18.91 -18.94 -10.66
C SER B 634 -18.23 -18.09 -9.60
N THR B 635 -17.37 -18.69 -8.79
CA THR B 635 -16.70 -17.96 -7.73
C THR B 635 -15.39 -17.36 -8.19
N TYR B 636 -15.04 -17.49 -9.46
CA TYR B 636 -13.80 -16.96 -9.99
C TYR B 636 -14.00 -16.70 -11.48
N LEU B 637 -13.43 -15.58 -11.95
CA LEU B 637 -13.76 -15.05 -13.27
C LEU B 637 -13.18 -15.87 -14.42
N MET B 638 -12.16 -16.67 -14.16
CA MET B 638 -11.70 -17.59 -15.19
C MET B 638 -12.72 -18.69 -15.43
N GLY B 639 -13.46 -19.07 -14.39
CA GLY B 639 -14.55 -20.02 -14.58
C GLY B 639 -15.65 -19.45 -15.43
N TRP B 640 -15.92 -18.15 -15.29
CA TRP B 640 -16.83 -17.44 -16.19
C TRP B 640 -16.34 -17.50 -17.63
N LEU B 641 -15.11 -17.03 -17.87
CA LEU B 641 -14.59 -16.92 -19.23
C LEU B 641 -14.40 -18.29 -19.89
N ARG B 642 -14.17 -19.35 -19.10
CA ARG B 642 -13.94 -20.66 -19.67
C ARG B 642 -15.23 -21.44 -19.84
N ASP B 643 -16.13 -21.39 -18.85
CA ASP B 643 -17.27 -22.29 -18.80
C ASP B 643 -18.58 -21.63 -19.20
N TYR B 644 -18.58 -20.33 -19.53
CA TYR B 644 -19.78 -19.70 -20.03
C TYR B 644 -19.56 -19.03 -21.38
N LEU B 645 -18.42 -18.39 -21.59
CA LEU B 645 -18.22 -17.68 -22.86
C LEU B 645 -17.50 -18.57 -23.87
N TRP B 646 -16.41 -19.21 -23.46
CA TRP B 646 -15.69 -20.12 -24.35
C TRP B 646 -16.50 -21.37 -24.62
N LEU B 647 -17.12 -21.93 -23.58
CA LEU B 647 -17.76 -23.24 -23.70
C LEU B 647 -19.06 -23.17 -24.48
N ASN B 648 -19.91 -22.18 -24.19
CA ASN B 648 -21.22 -22.10 -24.81
C ASN B 648 -21.22 -21.42 -26.17
N SER B 649 -20.06 -21.13 -26.74
CA SER B 649 -19.96 -20.55 -28.07
C SER B 649 -19.20 -21.47 -29.03
N SER B 650 -19.39 -22.78 -28.90
CA SER B 650 -18.82 -23.74 -29.83
C SER B 650 -19.72 -23.95 -31.05
N GLN B 651 -21.01 -24.18 -30.81
CA GLN B 651 -21.97 -24.35 -31.89
C GLN B 651 -22.35 -23.04 -32.55
N LEU B 652 -22.18 -21.91 -31.86
CA LEU B 652 -22.39 -20.60 -32.45
C LEU B 652 -21.43 -20.36 -33.61
N ILE B 653 -20.13 -20.38 -33.32
CA ILE B 653 -19.12 -20.04 -34.33
C ILE B 653 -18.93 -21.15 -35.36
N ASN B 654 -19.48 -22.34 -35.12
CA ASN B 654 -19.60 -23.39 -36.12
C ASN B 654 -20.88 -23.29 -36.93
N GLY B 655 -21.52 -22.13 -36.94
CA GLY B 655 -22.72 -21.95 -37.75
C GLY B 655 -22.42 -22.04 -39.24
N TYR B 656 -21.31 -21.46 -39.67
CA TYR B 656 -20.77 -21.74 -40.99
C TYR B 656 -19.28 -21.99 -40.85
N ASN B 657 -18.76 -22.82 -41.74
CA ASN B 657 -17.38 -23.28 -41.70
C ASN B 657 -17.02 -23.80 -43.09
N PRO B 658 -15.72 -24.07 -43.37
CA PRO B 658 -15.40 -24.63 -44.70
C PRO B 658 -15.90 -26.05 -44.99
N PHE B 659 -16.64 -26.68 -44.07
CA PHE B 659 -17.29 -27.95 -44.34
C PHE B 659 -18.76 -27.80 -44.71
N GLY B 660 -19.39 -26.68 -44.39
CA GLY B 660 -20.79 -26.48 -44.74
C GLY B 660 -21.40 -25.36 -43.92
N MET B 661 -22.71 -25.49 -43.68
CA MET B 661 -23.44 -24.56 -42.83
C MET B 661 -24.67 -25.25 -42.28
N ASN B 662 -25.26 -24.66 -41.25
CA ASN B 662 -26.51 -25.15 -40.69
C ASN B 662 -27.38 -23.96 -40.34
N SER B 663 -28.41 -24.19 -39.52
CA SER B 663 -29.40 -23.16 -39.19
C SER B 663 -28.85 -22.07 -38.27
N LEU B 664 -27.73 -22.30 -37.62
CA LEU B 664 -27.13 -21.31 -36.72
C LEU B 664 -26.17 -20.37 -37.43
N SER B 665 -26.10 -20.43 -38.77
CA SER B 665 -25.18 -19.56 -39.50
C SER B 665 -25.63 -18.11 -39.47
N VAL B 666 -26.93 -17.86 -39.35
CA VAL B 666 -27.42 -16.49 -39.26
C VAL B 666 -27.04 -15.87 -37.92
N TRP B 667 -26.99 -16.66 -36.86
CA TRP B 667 -26.59 -16.11 -35.57
C TRP B 667 -25.08 -15.96 -35.47
N ALA B 668 -24.32 -16.77 -36.21
CA ALA B 668 -22.88 -16.56 -36.29
C ALA B 668 -22.55 -15.28 -37.07
N TRP B 669 -23.28 -15.06 -38.16
CA TRP B 669 -23.08 -13.85 -38.94
C TRP B 669 -23.50 -12.61 -38.14
N THR B 670 -24.56 -12.74 -37.34
CA THR B 670 -25.02 -11.64 -36.51
C THR B 670 -24.08 -11.41 -35.33
N PHE B 671 -23.43 -12.47 -34.86
CA PHE B 671 -22.43 -12.38 -33.79
C PHE B 671 -21.22 -11.57 -34.25
N LEU B 672 -20.68 -11.92 -35.43
CA LEU B 672 -19.61 -11.11 -36.03
C LEU B 672 -20.06 -9.71 -36.39
N PHE B 673 -21.31 -9.58 -36.83
CA PHE B 673 -21.91 -8.29 -37.15
C PHE B 673 -21.94 -7.37 -35.94
N GLY B 674 -22.28 -7.92 -34.77
CA GLY B 674 -22.28 -7.14 -33.56
C GLY B 674 -20.90 -6.76 -33.08
N HIS B 675 -19.94 -7.70 -33.15
CA HIS B 675 -18.54 -7.35 -32.88
C HIS B 675 -18.04 -6.22 -33.78
N LEU B 676 -18.47 -6.22 -35.05
CA LEU B 676 -18.04 -5.18 -35.98
C LEU B 676 -18.67 -3.83 -35.66
N ILE B 677 -19.96 -3.79 -35.30
CA ILE B 677 -20.60 -2.50 -35.02
C ILE B 677 -20.05 -1.91 -33.72
N TYR B 678 -19.84 -2.75 -32.70
CA TYR B 678 -19.15 -2.39 -31.47
C TYR B 678 -17.81 -1.73 -31.74
N ALA B 679 -16.99 -2.41 -32.56
CA ALA B 679 -15.66 -1.92 -32.89
C ALA B 679 -15.71 -0.61 -33.67
N THR B 680 -16.72 -0.47 -34.55
CA THR B 680 -16.85 0.77 -35.30
C THR B 680 -17.28 1.93 -34.41
N GLY B 681 -18.05 1.63 -33.36
CA GLY B 681 -18.40 2.68 -32.41
C GLY B 681 -17.21 3.15 -31.59
N PHE B 682 -16.26 2.24 -31.34
CA PHE B 682 -15.01 2.66 -30.71
C PHE B 682 -14.27 3.76 -31.49
N MET B 683 -14.42 3.81 -32.82
CA MET B 683 -13.79 4.86 -33.61
C MET B 683 -14.35 6.23 -33.30
N PHE B 684 -15.67 6.33 -33.16
CA PHE B 684 -16.28 7.61 -32.82
C PHE B 684 -16.05 7.98 -31.37
N LEU B 685 -15.88 6.97 -30.50
CA LEU B 685 -15.69 7.28 -29.09
C LEU B 685 -14.25 7.68 -28.80
N ILE B 686 -13.27 7.13 -29.53
CA ILE B 686 -11.87 7.41 -29.25
C ILE B 686 -11.36 8.59 -30.06
N SER B 687 -11.43 8.50 -31.38
CA SER B 687 -10.94 9.57 -32.24
C SER B 687 -11.96 10.70 -32.29
N TRP B 688 -11.48 11.94 -32.23
CA TRP B 688 -12.35 13.11 -32.14
C TRP B 688 -12.15 14.00 -33.38
N ARG B 689 -12.75 15.18 -33.34
CA ARG B 689 -13.29 15.80 -34.55
C ARG B 689 -12.23 16.38 -35.46
N GLY B 690 -11.25 17.11 -34.91
CA GLY B 690 -10.43 18.00 -35.72
C GLY B 690 -9.52 17.29 -36.71
N TYR B 691 -9.10 16.08 -36.37
CA TYR B 691 -8.49 15.16 -37.33
C TYR B 691 -9.37 14.98 -38.56
N TRP B 692 -10.64 14.64 -38.33
CA TRP B 692 -11.56 14.37 -39.42
C TRP B 692 -11.90 15.62 -40.19
N GLN B 693 -11.91 16.78 -39.53
CA GLN B 693 -12.21 18.01 -40.24
C GLN B 693 -11.06 18.44 -41.15
N GLU B 694 -9.82 18.22 -40.71
CA GLU B 694 -8.68 18.46 -41.60
C GLU B 694 -8.66 17.47 -42.77
N LEU B 695 -9.05 16.21 -42.50
CA LEU B 695 -9.12 15.20 -43.56
C LEU B 695 -10.19 15.55 -44.59
N ILE B 696 -11.35 16.03 -44.12
CA ILE B 696 -12.43 16.44 -45.01
C ILE B 696 -12.05 17.70 -45.80
N GLU B 697 -11.26 18.61 -45.21
CA GLU B 697 -10.77 19.76 -45.97
C GLU B 697 -9.84 19.33 -47.11
N THR B 698 -8.97 18.34 -46.86
CA THR B 698 -8.16 17.78 -47.94
C THR B 698 -9.02 17.09 -49.00
N LEU B 699 -10.11 16.43 -48.59
CA LEU B 699 -11.02 15.82 -49.56
C LEU B 699 -11.76 16.86 -50.39
N VAL B 700 -12.10 18.00 -49.78
CA VAL B 700 -12.76 19.09 -50.49
C VAL B 700 -11.84 19.66 -51.56
N TRP B 701 -10.55 19.86 -51.21
CA TRP B 701 -9.55 20.25 -52.20
C TRP B 701 -9.44 19.23 -53.33
N ALA B 702 -9.41 17.94 -52.98
CA ALA B 702 -9.21 16.89 -53.97
C ALA B 702 -10.39 16.76 -54.91
N HIS B 703 -11.60 17.06 -54.43
CA HIS B 703 -12.74 17.00 -55.34
C HIS B 703 -12.81 18.25 -56.21
N GLU B 704 -12.51 19.42 -55.66
CA GLU B 704 -12.60 20.63 -56.46
C GLU B 704 -11.47 20.76 -57.46
N LYS B 705 -10.39 20.00 -57.32
CA LYS B 705 -9.30 20.07 -58.29
C LYS B 705 -9.31 18.95 -59.32
N THR B 706 -10.03 17.86 -59.07
CA THR B 706 -10.05 16.74 -60.02
C THR B 706 -10.88 17.08 -61.25
N PRO B 707 -10.34 17.04 -62.46
CA PRO B 707 -11.14 17.34 -63.65
C PRO B 707 -12.14 16.24 -63.93
N LEU B 708 -13.26 16.64 -64.53
CA LEU B 708 -14.37 15.82 -65.02
C LEU B 708 -15.17 15.19 -63.89
N ALA B 709 -14.82 15.45 -62.63
CA ALA B 709 -15.68 15.19 -61.49
C ALA B 709 -16.05 16.44 -60.72
N ASN B 710 -15.32 17.53 -60.89
CA ASN B 710 -15.67 18.80 -60.25
C ASN B 710 -16.79 19.54 -60.98
N LEU B 711 -17.26 19.03 -62.11
CA LEU B 711 -18.51 19.52 -62.69
C LEU B 711 -19.71 19.13 -61.84
N VAL B 712 -19.60 18.05 -61.07
CA VAL B 712 -20.56 17.69 -60.04
C VAL B 712 -20.08 18.30 -58.73
N TYR B 713 -20.96 19.03 -58.06
CA TYR B 713 -20.59 19.77 -56.87
C TYR B 713 -21.70 19.64 -55.84
N TRP B 714 -21.30 19.56 -54.56
CA TRP B 714 -22.25 19.37 -53.48
C TRP B 714 -23.10 20.62 -53.27
N LYS B 715 -24.29 20.40 -52.70
CA LYS B 715 -25.13 21.51 -52.30
C LYS B 715 -24.94 21.87 -50.83
N ASP B 716 -24.78 20.87 -49.97
CA ASP B 716 -24.44 21.07 -48.57
C ASP B 716 -22.94 20.90 -48.40
N LYS B 717 -22.31 21.87 -47.73
CA LYS B 717 -20.86 21.85 -47.54
C LYS B 717 -20.47 20.72 -46.61
N PRO B 718 -19.58 19.82 -47.01
CA PRO B 718 -19.19 18.71 -46.13
C PRO B 718 -18.30 19.17 -44.98
N VAL B 719 -18.71 18.83 -43.77
CA VAL B 719 -17.93 19.06 -42.56
C VAL B 719 -17.93 17.76 -41.75
N ALA B 720 -17.15 17.76 -40.68
CA ALA B 720 -17.10 16.60 -39.81
C ALA B 720 -18.30 16.60 -38.86
N LEU B 721 -18.50 15.47 -38.19
CA LEU B 721 -19.57 15.36 -37.21
C LEU B 721 -19.22 16.20 -36.01
N SER B 722 -20.24 16.75 -35.34
CA SER B 722 -19.96 17.55 -34.17
C SER B 722 -19.63 16.65 -32.97
N ILE B 723 -19.25 17.28 -31.86
CA ILE B 723 -18.71 16.56 -30.71
C ILE B 723 -19.81 15.77 -30.03
N VAL B 724 -20.96 16.41 -29.79
CA VAL B 724 -22.13 15.77 -29.22
C VAL B 724 -22.68 14.69 -30.15
N GLN B 725 -22.70 15.00 -31.45
CA GLN B 725 -23.11 14.02 -32.45
C GLN B 725 -22.16 12.83 -32.49
N ALA B 726 -20.86 13.08 -32.31
CA ALA B 726 -19.88 12.00 -32.24
C ALA B 726 -20.15 11.08 -31.06
N ARG B 727 -20.44 11.68 -29.89
CA ARG B 727 -20.73 10.87 -28.71
C ARG B 727 -22.00 10.06 -28.89
N LEU B 728 -23.02 10.64 -29.52
CA LEU B 728 -24.27 9.91 -29.76
C LEU B 728 -24.08 8.78 -30.77
N VAL B 729 -23.36 9.02 -31.86
CA VAL B 729 -23.16 8.00 -32.89
C VAL B 729 -22.27 6.87 -32.37
N GLY B 730 -21.22 7.21 -31.62
CA GLY B 730 -20.38 6.19 -31.01
C GLY B 730 -21.11 5.34 -30.00
N LEU B 731 -21.91 5.98 -29.13
CA LEU B 731 -22.71 5.23 -28.18
C LEU B 731 -23.78 4.39 -28.87
N ALA B 732 -24.29 4.87 -30.01
CA ALA B 732 -25.30 4.12 -30.75
C ALA B 732 -24.72 2.86 -31.39
N HIS B 733 -23.61 2.99 -32.11
CA HIS B 733 -22.94 1.81 -32.67
C HIS B 733 -22.49 0.84 -31.56
N PHE B 734 -21.98 1.40 -30.46
CA PHE B 734 -21.58 0.62 -29.29
C PHE B 734 -22.73 -0.23 -28.75
N SER B 735 -23.88 0.40 -28.54
CA SER B 735 -25.02 -0.29 -27.94
C SER B 735 -25.65 -1.28 -28.89
N VAL B 736 -25.74 -0.95 -30.18
CA VAL B 736 -26.32 -1.86 -31.17
C VAL B 736 -25.45 -3.10 -31.33
N GLY B 737 -24.13 -2.91 -31.35
CA GLY B 737 -23.24 -4.05 -31.44
C GLY B 737 -23.25 -4.90 -30.18
N TYR B 738 -23.38 -4.26 -29.02
CA TYR B 738 -23.52 -4.94 -27.74
C TYR B 738 -24.75 -5.84 -27.73
N ILE B 739 -25.90 -5.28 -28.15
CA ILE B 739 -27.17 -6.01 -28.11
C ILE B 739 -27.18 -7.13 -29.13
N PHE B 740 -26.68 -6.89 -30.35
CA PHE B 740 -26.69 -7.94 -31.37
C PHE B 740 -25.71 -9.06 -31.04
N THR B 741 -24.55 -8.74 -30.46
CA THR B 741 -23.60 -9.76 -30.05
C THR B 741 -24.18 -10.66 -28.97
N TYR B 742 -24.77 -10.07 -27.92
CA TYR B 742 -25.29 -10.92 -26.86
C TYR B 742 -26.57 -11.64 -27.26
N ALA B 743 -27.40 -11.04 -28.10
CA ALA B 743 -28.61 -11.72 -28.54
C ALA B 743 -28.27 -12.89 -29.46
N ALA B 744 -27.27 -12.72 -30.33
CA ALA B 744 -26.82 -13.81 -31.18
C ALA B 744 -26.25 -14.96 -30.36
N PHE B 745 -25.39 -14.64 -29.38
CA PHE B 745 -24.81 -15.68 -28.54
C PHE B 745 -25.86 -16.40 -27.70
N LEU B 746 -26.77 -15.65 -27.09
CA LEU B 746 -27.79 -16.23 -26.21
C LEU B 746 -28.75 -17.13 -26.98
N ILE B 747 -29.31 -16.62 -28.09
CA ILE B 747 -30.25 -17.41 -28.88
C ILE B 747 -29.57 -18.63 -29.48
N ALA B 748 -28.34 -18.48 -29.97
CA ALA B 748 -27.66 -19.59 -30.62
C ALA B 748 -27.26 -20.68 -29.64
N SER B 749 -26.74 -20.30 -28.46
CA SER B 749 -26.36 -21.31 -27.47
C SER B 749 -27.58 -22.02 -26.90
N THR B 750 -28.62 -21.26 -26.53
CA THR B 750 -29.76 -21.87 -25.88
C THR B 750 -30.60 -22.68 -26.86
N SER B 751 -30.63 -22.30 -28.14
CA SER B 751 -31.41 -23.05 -29.11
C SER B 751 -30.61 -24.21 -29.69
N GLY B 752 -29.29 -24.08 -29.81
CA GLY B 752 -28.50 -25.17 -30.35
C GLY B 752 -28.27 -26.28 -29.36
N ARG B 753 -28.17 -25.97 -28.07
CA ARG B 753 -27.94 -27.03 -27.10
C ARG B 753 -29.20 -27.54 -26.42
N PHE B 754 -30.36 -27.06 -26.84
CA PHE B 754 -31.64 -27.57 -26.34
C PHE B 754 -32.68 -27.59 -27.44
N ALA C 2 -24.64 32.67 -36.10
CA ALA C 2 -23.76 33.57 -35.34
C ALA C 2 -23.80 33.22 -33.86
N HIS C 3 -22.65 33.34 -33.20
CA HIS C 3 -22.55 33.03 -31.78
C HIS C 3 -22.89 34.25 -30.95
N ILE C 4 -23.09 34.03 -29.66
CA ILE C 4 -23.46 35.08 -28.72
C ILE C 4 -22.27 35.34 -27.81
N VAL C 5 -21.73 36.56 -27.87
CA VAL C 5 -20.63 36.98 -27.02
C VAL C 5 -21.10 38.16 -26.17
N LYS C 6 -20.96 38.04 -24.86
CA LYS C 6 -21.41 39.04 -23.91
C LYS C 6 -20.24 39.49 -23.04
N ILE C 7 -20.26 40.77 -22.67
CA ILE C 7 -19.27 41.34 -21.76
C ILE C 7 -20.00 41.75 -20.50
N TYR C 8 -19.42 41.42 -19.34
CA TYR C 8 -20.01 41.72 -18.04
C TYR C 8 -19.19 42.75 -17.28
N ASP C 9 -19.84 43.43 -16.34
CA ASP C 9 -19.25 44.61 -15.69
C ASP C 9 -18.12 44.29 -14.73
N THR C 10 -17.73 43.03 -14.57
CA THR C 10 -16.57 42.67 -13.76
C THR C 10 -15.26 42.85 -14.51
N CYS C 11 -15.32 43.31 -15.76
CA CYS C 11 -14.15 43.56 -16.58
C CYS C 11 -13.25 44.62 -15.94
N ILE C 12 -11.95 44.34 -15.94
CA ILE C 12 -10.95 45.22 -15.36
C ILE C 12 -10.05 45.83 -16.43
N GLY C 13 -10.41 45.68 -17.69
CA GLY C 13 -9.75 46.28 -18.84
C GLY C 13 -8.27 45.92 -18.95
N CYS C 14 -7.99 44.64 -18.83
CA CYS C 14 -6.65 44.11 -18.94
C CYS C 14 -6.24 43.83 -20.38
N THR C 15 -7.19 43.92 -21.31
CA THR C 15 -7.06 43.78 -22.76
C THR C 15 -6.64 42.36 -23.19
N GLN C 16 -6.61 41.41 -22.26
CA GLN C 16 -6.15 40.05 -22.55
C GLN C 16 -7.07 39.33 -23.54
N CYS C 17 -8.37 39.56 -23.42
CA CYS C 17 -9.33 38.89 -24.31
C CYS C 17 -9.16 39.37 -25.74
N VAL C 18 -8.92 40.67 -25.91
CA VAL C 18 -8.78 41.27 -27.23
C VAL C 18 -7.56 40.69 -27.94
N ARG C 19 -6.43 40.61 -27.22
CA ARG C 19 -5.22 40.08 -27.84
C ARG C 19 -5.19 38.56 -27.92
N ALA C 20 -6.28 37.88 -27.56
CA ALA C 20 -6.37 36.44 -27.67
C ALA C 20 -7.27 35.97 -28.80
N CYS C 21 -8.17 36.82 -29.28
CA CYS C 21 -9.08 36.40 -30.33
C CYS C 21 -8.37 36.27 -31.66
N PRO C 22 -8.49 35.13 -32.34
CA PRO C 22 -7.80 34.93 -33.62
C PRO C 22 -8.60 35.46 -34.80
N LEU C 23 -9.62 36.30 -34.53
CA LEU C 23 -10.55 36.71 -35.57
C LEU C 23 -10.94 38.18 -35.53
N ASP C 24 -10.45 38.94 -34.54
CA ASP C 24 -10.72 40.37 -34.36
C ASP C 24 -12.22 40.67 -34.27
N VAL C 25 -12.79 40.24 -33.15
CA VAL C 25 -14.20 40.43 -32.87
C VAL C 25 -14.40 41.46 -31.77
N LEU C 26 -13.51 41.47 -30.78
CA LEU C 26 -13.60 42.31 -29.60
C LEU C 26 -12.74 43.56 -29.77
N GLU C 27 -13.03 44.56 -28.95
CA GLU C 27 -12.25 45.78 -28.89
C GLU C 27 -12.51 46.45 -27.55
N MET C 28 -11.64 47.40 -27.20
CA MET C 28 -11.74 48.10 -25.93
C MET C 28 -12.36 49.48 -26.15
N VAL C 29 -13.30 49.83 -25.26
CA VAL C 29 -14.03 51.09 -25.37
C VAL C 29 -13.74 51.90 -24.11
N PRO C 30 -13.91 53.23 -24.15
CA PRO C 30 -13.85 54.02 -22.92
C PRO C 30 -14.97 53.63 -21.95
N TRP C 31 -14.64 53.67 -20.66
CA TRP C 31 -15.57 53.30 -19.61
C TRP C 31 -15.08 53.93 -18.31
N ASP C 32 -15.95 53.95 -17.31
CA ASP C 32 -15.62 54.52 -16.01
C ASP C 32 -15.85 53.55 -14.86
N GLY C 33 -16.12 52.28 -15.15
CA GLY C 33 -16.47 51.31 -14.12
C GLY C 33 -15.29 50.65 -13.44
N CYS C 34 -14.10 50.75 -14.02
CA CYS C 34 -12.90 50.15 -13.45
C CYS C 34 -11.75 51.14 -13.50
N LYS C 35 -10.72 50.85 -12.70
CA LYS C 35 -9.56 51.73 -12.57
C LYS C 35 -8.84 51.93 -13.90
N ALA C 36 -8.85 50.92 -14.78
CA ALA C 36 -8.18 51.00 -16.07
C ALA C 36 -8.92 51.90 -17.06
N SER C 37 -10.18 52.26 -16.76
CA SER C 37 -11.06 53.05 -17.62
C SER C 37 -11.18 52.44 -19.01
N GLN C 38 -11.33 51.13 -19.05
CA GLN C 38 -11.37 50.35 -20.29
C GLN C 38 -12.35 49.20 -20.10
N MET C 39 -13.19 48.98 -21.10
CA MET C 39 -14.10 47.86 -21.08
C MET C 39 -14.10 47.18 -22.44
N ALA C 40 -14.26 45.87 -22.45
CA ALA C 40 -14.37 45.17 -23.71
C ALA C 40 -15.77 45.33 -24.30
N SER C 41 -15.88 45.02 -25.58
CA SER C 41 -17.11 45.15 -26.34
C SER C 41 -16.99 44.22 -27.54
N ALA C 42 -18.11 43.72 -28.03
CA ALA C 42 -18.13 42.72 -29.10
C ALA C 42 -18.98 43.19 -30.28
N PRO C 43 -18.48 44.14 -31.07
CA PRO C 43 -19.29 44.69 -32.18
C PRO C 43 -19.31 43.83 -33.42
N ARG C 44 -18.46 42.80 -33.51
CA ARG C 44 -18.31 41.99 -34.71
C ARG C 44 -18.46 40.50 -34.39
N THR C 45 -19.58 40.13 -33.79
CA THR C 45 -19.82 38.74 -33.42
C THR C 45 -20.23 37.88 -34.61
N GLU C 46 -20.44 38.48 -35.77
CA GLU C 46 -20.76 37.71 -36.97
C GLU C 46 -19.56 36.93 -37.50
N ASP C 47 -18.34 37.33 -37.12
CA ASP C 47 -17.15 36.63 -37.54
C ASP C 47 -16.60 35.70 -36.46
N CYS C 48 -17.27 35.65 -35.31
CA CYS C 48 -16.84 34.82 -34.19
C CYS C 48 -17.07 33.33 -34.48
N VAL C 49 -16.03 32.52 -34.23
CA VAL C 49 -16.13 31.08 -34.45
C VAL C 49 -16.46 30.35 -33.15
N GLY C 50 -16.16 30.94 -32.00
CA GLY C 50 -16.48 30.31 -30.74
C GLY C 50 -15.36 29.47 -30.18
N CYS C 51 -14.11 29.82 -30.50
CA CYS C 51 -12.93 29.08 -30.06
C CYS C 51 -12.71 29.22 -28.56
N LYS C 52 -13.19 30.31 -27.97
CA LYS C 52 -13.11 30.62 -26.54
C LYS C 52 -11.69 30.89 -26.04
N ARG C 53 -10.83 31.47 -26.88
CA ARG C 53 -9.53 31.92 -26.41
C ARG C 53 -9.69 33.12 -25.48
N CYS C 54 -10.70 33.95 -25.76
CA CYS C 54 -11.00 35.12 -24.94
C CYS C 54 -11.32 34.70 -23.51
N GLU C 55 -12.15 33.66 -23.36
CA GLU C 55 -12.51 33.16 -22.03
C GLU C 55 -11.29 32.59 -21.31
N THR C 56 -10.36 32.00 -22.05
CA THR C 56 -9.12 31.52 -21.45
C THR C 56 -8.24 32.67 -21.00
N ALA C 57 -8.22 33.77 -21.74
CA ALA C 57 -7.35 34.89 -21.41
C ALA C 57 -7.88 35.76 -20.28
N CYS C 58 -9.16 35.66 -19.95
CA CYS C 58 -9.75 36.54 -18.94
C CYS C 58 -9.31 36.14 -17.54
N PRO C 59 -8.83 37.07 -16.72
CA PRO C 59 -8.32 36.72 -15.38
C PRO C 59 -9.38 36.66 -14.30
N THR C 60 -10.50 37.36 -14.51
CA THR C 60 -11.51 37.53 -13.47
C THR C 60 -12.19 36.21 -13.14
N ASP C 61 -12.70 36.13 -11.91
CA ASP C 61 -13.41 34.95 -11.40
C ASP C 61 -14.75 35.42 -10.86
N PHE C 62 -15.86 35.09 -11.55
CA PHE C 62 -15.85 34.29 -12.78
C PHE C 62 -15.59 35.15 -14.04
N LEU C 63 -15.74 34.55 -15.22
CA LEU C 63 -15.46 35.17 -16.52
C LEU C 63 -16.25 36.44 -16.74
N SER C 64 -15.64 37.39 -17.44
CA SER C 64 -16.31 38.61 -17.84
C SER C 64 -16.66 38.60 -19.31
N VAL C 65 -16.14 37.64 -20.07
CA VAL C 65 -16.50 37.40 -21.46
C VAL C 65 -17.02 35.97 -21.58
N ARG C 66 -18.17 35.79 -22.24
CA ARG C 66 -18.80 34.48 -22.38
C ARG C 66 -19.25 34.26 -23.80
N VAL C 67 -18.99 33.07 -24.31
CA VAL C 67 -19.32 32.68 -25.68
C VAL C 67 -20.36 31.58 -25.62
N TYR C 68 -21.57 31.89 -26.06
CA TYR C 68 -22.69 30.96 -26.15
C TYR C 68 -22.80 30.54 -27.61
N LEU C 69 -22.39 29.31 -27.91
CA LEU C 69 -22.45 28.76 -29.26
C LEU C 69 -23.87 28.71 -29.79
N GLY C 70 -24.13 29.56 -30.79
CA GLY C 70 -25.43 29.69 -31.39
C GLY C 70 -25.55 29.01 -32.74
N SER C 71 -26.24 29.66 -33.67
CA SER C 71 -26.45 29.10 -35.00
C SER C 71 -25.18 29.23 -35.82
N GLU C 72 -24.88 28.21 -36.61
CA GLU C 72 -23.66 28.18 -37.39
C GLU C 72 -23.86 28.83 -38.74
N SER C 73 -22.83 29.51 -39.20
CA SER C 73 -22.81 30.10 -40.54
C SER C 73 -21.56 29.61 -41.26
N THR C 74 -21.25 30.16 -42.43
CA THR C 74 -19.99 29.79 -43.05
C THR C 74 -18.81 30.46 -42.39
N ARG C 75 -19.00 31.65 -41.80
CA ARG C 75 -17.92 32.31 -41.08
C ARG C 75 -17.70 31.71 -39.69
N SER C 76 -18.77 31.33 -38.99
CA SER C 76 -18.59 30.79 -37.64
C SER C 76 -18.06 29.36 -37.65
N MET C 77 -18.20 28.63 -38.75
CA MET C 77 -17.66 27.28 -38.85
C MET C 77 -16.21 27.28 -39.29
N GLY C 78 -15.63 28.46 -39.56
CA GLY C 78 -14.24 28.57 -39.97
C GLY C 78 -13.95 27.95 -41.32
N LEU C 79 -14.94 27.83 -42.19
CA LEU C 79 -14.76 27.20 -43.48
C LEU C 79 -14.05 28.14 -44.44
N SER C 80 -12.98 27.63 -45.05
CA SER C 80 -12.33 28.30 -46.16
C SER C 80 -12.92 27.87 -47.49
N TYR C 81 -13.94 27.02 -47.48
CA TYR C 81 -14.61 26.57 -48.69
C TYR C 81 -16.10 26.82 -48.59
N TRP D 18 -7.59 60.13 -39.62
CA TRP D 18 -7.58 58.85 -40.33
C TRP D 18 -8.85 58.66 -41.16
N THR D 19 -8.67 58.26 -42.41
CA THR D 19 -9.78 57.90 -43.29
C THR D 19 -9.63 56.45 -43.73
N VAL D 20 -10.74 55.88 -44.20
CA VAL D 20 -10.77 54.48 -44.64
C VAL D 20 -9.98 54.33 -45.93
N PRO D 21 -8.98 53.45 -45.99
CA PRO D 21 -8.21 53.27 -47.22
C PRO D 21 -8.99 52.49 -48.27
N THR D 22 -8.41 52.43 -49.46
CA THR D 22 -9.01 51.74 -50.59
C THR D 22 -8.11 50.61 -51.06
N LEU D 23 -8.69 49.67 -51.80
CA LEU D 23 -7.94 48.55 -52.33
C LEU D 23 -7.35 48.91 -53.68
N ASN D 24 -6.03 48.78 -53.79
CA ASN D 24 -5.35 48.85 -55.07
C ASN D 24 -5.19 47.42 -55.57
N PRO D 25 -5.90 47.01 -56.62
CA PRO D 25 -5.73 45.64 -57.13
C PRO D 25 -4.38 45.42 -57.81
N ASP D 26 -3.71 46.48 -58.27
CA ASP D 26 -2.41 46.38 -58.92
C ASP D 26 -1.27 46.54 -57.91
N THR D 27 -1.31 45.77 -56.84
CA THR D 27 -0.27 45.75 -55.83
C THR D 27 0.52 44.46 -55.98
N PRO D 28 1.85 44.51 -56.02
CA PRO D 28 2.63 43.29 -56.29
C PRO D 28 2.58 42.30 -55.14
N SER D 29 2.34 41.05 -55.47
CA SER D 29 2.25 39.96 -54.51
C SER D 29 3.64 39.53 -54.09
N PRO D 30 3.76 38.93 -52.90
CA PRO D 30 5.05 38.35 -52.48
C PRO D 30 5.49 37.20 -53.38
N ILE D 31 6.80 36.94 -53.36
CA ILE D 31 7.40 35.91 -54.19
C ILE D 31 7.06 34.56 -53.60
N PHE D 32 6.28 33.77 -54.32
CA PHE D 32 5.76 32.51 -53.80
C PHE D 32 5.46 31.58 -54.95
N GLY D 33 5.93 30.33 -54.86
CA GLY D 33 5.82 29.38 -55.94
C GLY D 33 4.45 28.78 -56.15
N GLY D 34 3.54 28.90 -55.19
CA GLY D 34 2.19 28.41 -55.37
C GLY D 34 1.90 27.14 -54.57
N SER D 35 0.95 27.24 -53.64
CA SER D 35 0.62 26.13 -52.76
C SER D 35 -0.67 25.44 -53.19
N THR D 36 -0.91 24.29 -52.58
CA THR D 36 -2.20 23.62 -52.69
C THR D 36 -3.19 24.06 -51.62
N GLY D 37 -2.74 24.89 -50.67
CA GLY D 37 -3.60 25.35 -49.60
C GLY D 37 -4.19 26.71 -49.87
N GLY D 38 -4.26 27.09 -51.14
CA GLY D 38 -4.75 28.40 -51.52
C GLY D 38 -6.26 28.52 -51.56
N LEU D 39 -6.76 29.27 -52.53
CA LEU D 39 -8.18 29.55 -52.62
C LEU D 39 -8.95 28.36 -53.18
N LEU D 40 -10.27 28.42 -53.02
CA LEU D 40 -11.19 27.39 -53.46
C LEU D 40 -12.38 28.09 -54.09
N ARG D 41 -13.50 27.38 -54.27
CA ARG D 41 -14.66 27.99 -54.91
C ARG D 41 -15.40 28.98 -54.01
N LYS D 42 -15.05 29.06 -52.72
CA LYS D 42 -15.60 30.11 -51.87
C LYS D 42 -15.18 31.50 -52.35
N ALA D 43 -13.98 31.60 -52.92
CA ALA D 43 -13.50 32.88 -53.44
C ALA D 43 -14.29 33.33 -54.66
N GLN D 44 -14.80 32.39 -55.44
CA GLN D 44 -15.56 32.72 -56.64
C GLN D 44 -17.04 32.84 -56.39
N THR D 45 -17.58 32.13 -55.40
CA THR D 45 -19.01 32.14 -55.14
C THR D 45 -19.41 33.00 -53.96
N GLU D 46 -18.62 33.05 -52.88
CA GLU D 46 -19.04 33.77 -51.68
C GLU D 46 -18.21 35.01 -51.41
N GLU D 47 -16.91 34.87 -51.17
CA GLU D 47 -16.02 35.96 -50.74
C GLU D 47 -14.61 35.42 -50.62
N PHE D 48 -13.65 36.35 -50.67
CA PHE D 48 -12.26 36.08 -50.31
C PHE D 48 -11.69 37.37 -49.74
N TYR D 49 -10.68 37.22 -48.87
CA TYR D 49 -10.19 38.34 -48.09
C TYR D 49 -8.79 38.67 -48.55
N VAL D 50 -8.48 39.97 -48.62
CA VAL D 50 -7.26 40.45 -49.26
C VAL D 50 -6.48 41.31 -48.27
N ILE D 51 -5.23 40.92 -48.00
CA ILE D 51 -4.38 41.58 -47.02
C ILE D 51 -3.35 42.45 -47.75
N THR D 52 -2.95 43.56 -47.11
CA THR D 52 -2.06 44.54 -47.70
C THR D 52 -1.18 45.13 -46.61
N TRP D 53 0.14 45.19 -46.85
CA TRP D 53 1.04 45.87 -45.93
C TRP D 53 2.18 46.47 -46.73
N GLU D 54 2.86 47.43 -46.11
CA GLU D 54 4.01 48.10 -46.71
C GLU D 54 5.26 47.70 -45.93
N ALA D 55 6.20 47.06 -46.62
CA ALA D 55 7.39 46.50 -46.00
C ALA D 55 8.56 47.48 -46.06
N LYS D 56 9.49 47.29 -45.13
CA LYS D 56 10.68 48.11 -45.05
C LYS D 56 11.87 47.50 -45.78
N LYS D 57 11.92 46.17 -45.87
CA LYS D 57 12.98 45.48 -46.58
C LYS D 57 12.46 44.14 -47.08
N GLU D 58 13.28 43.48 -47.88
CA GLU D 58 12.93 42.19 -48.46
C GLU D 58 13.30 41.08 -47.49
N GLN D 59 12.31 40.28 -47.08
CA GLN D 59 12.53 39.33 -45.99
C GLN D 59 11.53 38.19 -46.09
N ILE D 60 11.97 36.99 -45.72
CA ILE D 60 11.15 35.78 -45.82
C ILE D 60 10.19 35.71 -44.63
N PHE D 61 8.92 35.44 -44.90
CA PHE D 61 7.93 35.16 -43.88
C PHE D 61 7.29 33.79 -44.16
N GLU D 62 6.57 33.28 -43.18
CA GLU D 62 5.86 32.02 -43.31
C GLU D 62 4.44 32.30 -43.79
N MET D 63 4.04 31.63 -44.86
CA MET D 63 2.67 31.75 -45.33
C MET D 63 1.75 30.94 -44.41
N PRO D 64 0.59 31.48 -44.05
CA PRO D 64 -0.32 30.74 -43.15
C PRO D 64 -0.97 29.53 -43.80
N THR D 65 -0.96 29.43 -45.12
CA THR D 65 -1.46 28.27 -45.83
C THR D 65 -0.38 27.24 -46.10
N GLY D 66 0.82 27.42 -45.56
CA GLY D 66 1.90 26.48 -45.74
C GLY D 66 2.96 26.96 -46.71
N GLY D 67 4.21 26.98 -46.25
CA GLY D 67 5.33 27.35 -47.09
C GLY D 67 5.90 28.70 -46.73
N ALA D 68 7.04 29.00 -47.35
CA ALA D 68 7.75 30.25 -47.15
C ALA D 68 7.55 31.17 -48.34
N ALA D 69 7.67 32.47 -48.10
CA ALA D 69 7.48 33.46 -49.16
C ALA D 69 8.35 34.68 -48.88
N ILE D 70 8.91 35.24 -49.94
CA ILE D 70 9.67 36.48 -49.89
C ILE D 70 8.71 37.64 -50.13
N MET D 71 8.65 38.58 -49.19
CA MET D 71 7.88 39.80 -49.40
C MET D 71 8.72 40.79 -50.18
N ARG D 72 8.04 41.69 -50.89
CA ARG D 72 8.74 42.70 -51.65
C ARG D 72 8.91 43.96 -50.82
N GLN D 73 9.93 44.75 -51.15
CA GLN D 73 10.17 46.02 -50.49
C GLN D 73 9.15 47.02 -51.03
N GLY D 74 8.27 47.49 -50.15
CA GLY D 74 7.17 48.33 -50.55
C GLY D 74 5.84 47.67 -50.27
N PRO D 75 4.83 47.96 -51.09
CA PRO D 75 3.51 47.36 -50.87
C PRO D 75 3.49 45.89 -51.23
N ASN D 76 2.62 45.13 -50.57
CA ASN D 76 2.44 43.72 -50.81
C ASN D 76 0.96 43.39 -50.81
N LEU D 77 0.62 42.22 -51.35
CA LEU D 77 -0.79 41.88 -51.57
C LEU D 77 -0.94 40.37 -51.56
N LEU D 78 -1.74 39.85 -50.65
CA LEU D 78 -2.10 38.44 -50.64
C LEU D 78 -3.59 38.29 -50.42
N LYS D 79 -4.15 37.21 -50.96
CA LYS D 79 -5.56 36.92 -50.79
C LYS D 79 -5.73 35.54 -50.18
N PHE D 80 -6.57 35.47 -49.14
CA PHE D 80 -6.78 34.25 -48.38
C PHE D 80 -8.25 33.85 -48.44
N GLY D 81 -8.57 32.74 -47.80
CA GLY D 81 -9.90 32.16 -47.88
C GLY D 81 -10.80 32.44 -46.70
N LYS D 82 -10.22 32.69 -45.53
CA LYS D 82 -10.98 32.96 -44.32
C LYS D 82 -10.32 34.09 -43.54
N LYS D 83 -10.99 34.56 -42.50
CA LYS D 83 -10.49 35.70 -41.74
C LYS D 83 -9.34 35.32 -40.82
N GLU D 84 -9.34 34.07 -40.34
CA GLU D 84 -8.33 33.65 -39.37
C GLU D 84 -6.95 33.54 -40.01
N GLN D 85 -6.89 33.23 -41.32
CA GLN D 85 -5.63 33.24 -42.04
C GLN D 85 -5.05 34.65 -42.13
N CYS D 86 -5.92 35.64 -42.35
CA CYS D 86 -5.47 37.03 -42.39
C CYS D 86 -5.07 37.52 -41.01
N LEU D 87 -5.75 37.09 -39.95
CA LEU D 87 -5.31 37.45 -38.60
C LEU D 87 -3.99 36.80 -38.24
N ALA D 88 -3.78 35.56 -38.69
CA ALA D 88 -2.53 34.88 -38.39
C ALA D 88 -1.36 35.55 -39.11
N LEU D 89 -1.56 35.95 -40.37
CA LEU D 89 -0.51 36.67 -41.07
C LEU D 89 -0.31 38.07 -40.49
N THR D 90 -1.39 38.72 -40.05
CA THR D 90 -1.28 40.03 -39.40
C THR D 90 -0.51 39.95 -38.09
N THR D 91 -0.80 38.94 -37.28
CA THR D 91 -0.11 38.75 -36.00
C THR D 91 1.36 38.42 -36.22
N GLN D 92 1.66 37.62 -37.25
CA GLN D 92 3.05 37.29 -37.57
C GLN D 92 3.81 38.53 -38.06
N LEU D 93 3.21 39.30 -38.97
CA LEU D 93 3.89 40.48 -39.50
C LEU D 93 3.93 41.62 -38.50
N ARG D 94 3.11 41.57 -37.47
CA ARG D 94 3.03 42.63 -36.47
C ARG D 94 3.91 42.38 -35.25
N ASN D 95 4.02 41.13 -34.79
CA ASN D 95 4.86 40.83 -33.65
C ASN D 95 6.31 40.52 -34.00
N LYS D 96 6.56 39.92 -35.17
CA LYS D 96 7.91 39.55 -35.55
C LYS D 96 8.63 40.61 -36.36
N PHE D 97 7.92 41.30 -37.26
CA PHE D 97 8.56 42.25 -38.16
C PHE D 97 8.27 43.70 -37.83
N LYS D 98 7.37 43.96 -36.87
CA LYS D 98 6.91 45.30 -36.47
C LYS D 98 6.37 46.09 -37.66
N LEU D 99 5.32 45.55 -38.27
CA LEU D 99 4.66 46.17 -39.41
C LEU D 99 3.21 46.45 -39.08
N THR D 100 2.57 47.26 -39.93
CA THR D 100 1.18 47.67 -39.74
C THR D 100 0.35 47.27 -40.96
N PRO D 101 -0.16 46.03 -41.00
CA PRO D 101 -0.99 45.60 -42.12
C PRO D 101 -2.47 45.89 -41.90
N CYS D 102 -3.24 45.65 -42.95
CA CYS D 102 -4.69 45.75 -42.93
C CYS D 102 -5.25 44.87 -44.04
N PHE D 103 -6.32 44.14 -43.73
CA PHE D 103 -6.88 43.19 -44.68
C PHE D 103 -8.36 43.47 -44.91
N TYR D 104 -8.81 43.25 -46.13
CA TYR D 104 -10.14 43.71 -46.54
C TYR D 104 -11.03 42.49 -46.77
N ARG D 105 -12.28 42.76 -47.18
CA ARG D 105 -13.23 41.73 -47.55
C ARG D 105 -13.74 42.01 -48.95
N VAL D 106 -13.57 41.05 -49.86
CA VAL D 106 -13.85 41.24 -51.27
C VAL D 106 -14.92 40.24 -51.71
N PHE D 107 -15.95 40.73 -52.38
CA PHE D 107 -17.05 39.96 -52.91
C PHE D 107 -16.87 39.75 -54.41
N PRO D 108 -17.49 38.71 -55.00
CA PRO D 108 -17.32 38.48 -56.45
C PRO D 108 -17.96 39.56 -57.33
N ASP D 109 -18.83 40.41 -56.79
CA ASP D 109 -19.30 41.56 -57.53
C ASP D 109 -18.18 42.59 -57.69
N GLY D 110 -17.21 42.58 -56.77
CA GLY D 110 -16.19 43.62 -56.68
C GLY D 110 -16.36 44.52 -55.49
N LYS D 111 -17.29 44.20 -54.59
CA LYS D 111 -17.54 45.03 -53.43
C LYS D 111 -16.43 44.85 -52.41
N VAL D 112 -15.92 45.96 -51.89
CA VAL D 112 -14.76 45.97 -51.00
C VAL D 112 -15.23 46.48 -49.64
N GLN D 113 -15.01 45.67 -48.61
CA GLN D 113 -15.38 46.01 -47.24
C GLN D 113 -14.12 46.08 -46.38
N TYR D 114 -13.77 47.28 -45.93
CA TYR D 114 -12.61 47.46 -45.07
C TYR D 114 -12.93 47.13 -43.61
N LEU D 115 -11.96 46.51 -42.95
CA LEU D 115 -12.01 46.15 -41.54
C LEU D 115 -10.59 45.85 -41.06
N HIS D 116 -10.39 45.94 -39.73
CA HIS D 116 -9.14 45.65 -39.03
C HIS D 116 -7.91 46.41 -39.54
N PRO D 117 -7.67 47.64 -39.07
CA PRO D 117 -8.43 48.28 -38.00
C PRO D 117 -9.58 49.14 -38.51
N ALA D 118 -10.80 48.73 -38.19
CA ALA D 118 -11.99 49.46 -38.65
C ALA D 118 -12.08 50.83 -37.99
N ASP D 119 -11.55 50.96 -36.78
CA ASP D 119 -11.37 52.25 -36.13
C ASP D 119 -10.18 53.02 -36.68
N GLY D 120 -9.24 52.33 -37.34
CA GLY D 120 -7.96 52.89 -37.71
C GLY D 120 -6.88 52.64 -36.68
N VAL D 121 -7.23 52.69 -35.41
CA VAL D 121 -6.37 52.26 -34.32
C VAL D 121 -6.69 50.80 -34.04
N TYR D 122 -5.64 50.02 -33.79
CA TYR D 122 -5.79 48.59 -33.52
C TYR D 122 -6.60 48.37 -32.24
N PRO D 123 -7.41 47.31 -32.20
CA PRO D 123 -8.38 47.15 -31.10
C PRO D 123 -7.77 46.80 -29.75
N GLU D 124 -6.46 46.57 -29.69
CA GLU D 124 -5.79 46.20 -28.45
C GLU D 124 -5.43 47.41 -27.59
N LYS D 125 -5.97 48.58 -27.91
CA LYS D 125 -5.80 49.78 -27.10
C LYS D 125 -7.02 50.66 -27.28
N VAL D 126 -7.34 51.43 -26.26
CA VAL D 126 -8.59 52.16 -26.21
C VAL D 126 -8.51 53.38 -27.12
N ASN D 127 -9.62 53.69 -27.78
CA ASN D 127 -9.73 54.86 -28.64
C ASN D 127 -11.11 55.47 -28.42
N ALA D 128 -11.17 56.81 -28.40
CA ALA D 128 -12.44 57.49 -28.23
C ALA D 128 -13.26 57.40 -29.51
N GLY D 129 -14.57 57.36 -29.36
CA GLY D 129 -15.48 57.25 -30.49
C GLY D 129 -16.08 55.87 -30.68
N ARG D 130 -15.51 54.85 -30.04
CA ARG D 130 -16.07 53.51 -30.13
C ARG D 130 -17.30 53.41 -29.24
N VAL D 131 -18.30 52.67 -29.71
CA VAL D 131 -19.53 52.46 -28.97
C VAL D 131 -19.56 51.01 -28.50
N GLY D 132 -19.79 50.82 -27.20
CA GLY D 132 -19.76 49.47 -26.64
C GLY D 132 -20.97 48.66 -27.08
N ALA D 133 -20.71 47.53 -27.70
CA ALA D 133 -21.76 46.60 -28.12
C ALA D 133 -21.64 45.32 -27.33
N ASN D 134 -22.80 44.66 -27.14
CA ASN D 134 -22.91 43.35 -26.50
C ASN D 134 -22.36 43.34 -25.07
N GLN D 135 -22.63 44.42 -24.33
CA GLN D 135 -22.17 44.57 -22.95
C GLN D 135 -23.35 44.45 -22.01
N ASN D 136 -23.40 43.38 -21.23
CA ASN D 136 -24.35 43.28 -20.14
C ASN D 136 -23.79 44.03 -18.93
N MET D 137 -24.59 44.93 -18.36
CA MET D 137 -24.14 45.74 -17.23
C MET D 137 -24.50 45.09 -15.89
N ARG D 138 -24.08 43.84 -15.73
CA ARG D 138 -24.39 43.07 -14.54
C ARG D 138 -23.34 41.98 -14.40
N ARG D 139 -23.41 41.24 -13.30
CA ARG D 139 -22.55 40.09 -13.14
C ARG D 139 -23.10 38.90 -13.92
N ILE D 140 -22.34 37.80 -13.88
CA ILE D 140 -22.77 36.59 -14.55
C ILE D 140 -23.66 35.76 -13.61
N GLY D 141 -23.53 35.95 -12.30
CA GLY D 141 -24.42 35.32 -11.37
C GLY D 141 -25.78 35.96 -11.27
N GLN D 142 -25.95 37.14 -11.85
CA GLN D 142 -27.20 37.87 -11.85
C GLN D 142 -28.04 37.61 -13.10
N ASN D 143 -27.68 36.60 -13.89
CA ASN D 143 -28.55 36.17 -14.97
C ASN D 143 -29.79 35.48 -14.41
N VAL D 144 -30.85 35.50 -15.21
CA VAL D 144 -32.10 34.87 -14.80
C VAL D 144 -32.02 33.37 -15.07
N ASN D 145 -32.98 32.64 -14.57
CA ASN D 145 -33.06 31.20 -14.77
C ASN D 145 -33.64 30.90 -16.16
N PRO D 146 -33.38 29.71 -16.72
CA PRO D 146 -33.97 29.36 -18.02
C PRO D 146 -35.48 29.21 -18.02
N ILE D 147 -36.13 29.13 -16.86
CA ILE D 147 -37.59 29.11 -16.81
C ILE D 147 -38.18 30.47 -17.20
N LYS D 148 -37.41 31.54 -17.02
CA LYS D 148 -37.92 32.89 -17.30
C LYS D 148 -37.92 33.23 -18.78
N VAL D 149 -37.20 32.47 -19.61
CA VAL D 149 -37.09 32.77 -21.03
C VAL D 149 -37.66 31.64 -21.89
N LYS D 150 -38.43 30.74 -21.29
CA LYS D 150 -39.08 29.69 -22.07
C LYS D 150 -40.20 30.27 -22.94
N PHE D 151 -40.46 29.55 -24.04
CA PHE D 151 -41.54 29.81 -24.99
C PHE D 151 -41.45 31.22 -25.58
N SER D 152 -40.23 31.56 -26.01
CA SER D 152 -40.01 32.71 -26.86
C SER D 152 -40.09 32.25 -28.31
N GLY D 153 -39.63 33.09 -29.23
CA GLY D 153 -39.65 32.70 -30.63
C GLY D 153 -38.59 31.73 -31.07
N ARG D 154 -37.65 31.38 -30.18
CA ARG D 154 -36.50 30.56 -30.52
C ARG D 154 -35.89 30.02 -29.24
N MET D 155 -34.75 29.33 -29.39
CA MET D 155 -33.91 29.04 -28.23
C MET D 155 -33.28 30.33 -27.73
N MET D 156 -33.30 30.52 -26.41
CA MET D 156 -32.64 31.66 -25.81
C MET D 156 -31.83 31.20 -24.61
N SER D 157 -30.60 31.56 -24.61
CA SER D 157 -29.90 31.53 -23.35
C SER D 157 -30.37 32.70 -22.50
N PRO D 158 -30.39 32.55 -21.16
CA PRO D 158 -30.86 33.66 -20.31
C PRO D 158 -29.95 34.88 -20.32
N ALA D 159 -28.73 34.77 -20.84
CA ALA D 159 -27.84 35.92 -20.97
C ALA D 159 -28.17 36.79 -22.18
N GLU D 160 -29.10 36.37 -23.03
CA GLU D 160 -29.49 37.17 -24.19
C GLU D 160 -30.24 38.42 -23.76
N ILE D 161 -31.10 38.30 -22.75
CA ILE D 161 -31.76 39.46 -22.18
C ILE D 161 -30.85 40.12 -21.15
N GLY E 12 -13.63 50.55 2.81
CA GLY E 12 -14.16 49.36 3.43
C GLY E 12 -13.18 48.68 4.37
N PRO E 13 -12.88 47.41 4.11
CA PRO E 13 -11.88 46.71 4.94
C PRO E 13 -10.48 47.21 4.67
N LYS E 14 -9.59 46.94 5.62
CA LYS E 14 -8.25 47.49 5.57
C LYS E 14 -7.28 46.49 4.94
N ARG E 15 -6.08 46.97 4.65
CA ARG E 15 -5.04 46.14 4.04
C ARG E 15 -4.56 45.08 5.01
N GLY E 16 -4.42 43.85 4.52
CA GLY E 16 -3.94 42.75 5.32
C GLY E 16 -4.99 42.03 6.13
N SER E 17 -6.19 42.59 6.25
CA SER E 17 -7.24 41.95 7.03
C SER E 17 -7.82 40.75 6.29
N LEU E 18 -8.32 39.79 7.06
CA LEU E 18 -8.92 38.58 6.50
C LEU E 18 -10.40 38.82 6.24
N VAL E 19 -10.84 38.48 5.03
CA VAL E 19 -12.25 38.62 4.68
C VAL E 19 -12.80 37.28 4.19
N LYS E 20 -14.11 37.25 3.94
CA LYS E 20 -14.81 36.05 3.55
C LYS E 20 -15.74 36.40 2.39
N ILE E 21 -15.78 35.54 1.38
CA ILE E 21 -16.38 35.89 0.10
C ILE E 21 -17.81 35.36 0.05
N LEU E 22 -18.74 36.21 -0.38
CA LEU E 22 -20.14 35.85 -0.49
C LEU E 22 -20.66 35.87 -1.93
N ARG E 23 -19.78 36.01 -2.91
CA ARG E 23 -20.17 35.84 -4.31
C ARG E 23 -20.31 34.36 -4.62
N PRO E 24 -21.51 33.86 -4.91
CA PRO E 24 -21.70 32.40 -4.95
C PRO E 24 -21.12 31.73 -6.19
N GLU E 25 -20.93 32.46 -7.29
CA GLU E 25 -20.29 31.89 -8.47
C GLU E 25 -18.80 32.18 -8.51
N SER E 26 -18.16 32.28 -7.36
CA SER E 26 -16.72 32.46 -7.30
C SER E 26 -16.05 31.16 -6.86
N TYR E 27 -14.76 31.04 -7.17
CA TYR E 27 -14.02 29.86 -6.75
C TYR E 27 -13.78 29.86 -5.25
N TRP E 28 -13.61 31.05 -4.66
CA TRP E 28 -13.29 31.16 -3.25
C TRP E 28 -14.48 31.64 -2.43
N PHE E 29 -15.69 31.36 -2.90
CA PHE E 29 -16.90 31.55 -2.11
C PHE E 29 -16.81 30.75 -0.82
N ASN E 30 -17.28 31.35 0.28
CA ASN E 30 -17.35 30.75 1.61
C ASN E 30 -15.95 30.36 2.11
N GLN E 31 -14.93 31.10 1.68
CA GLN E 31 -13.52 30.88 2.02
C GLN E 31 -12.88 32.20 2.41
N VAL E 32 -11.62 32.13 2.83
CA VAL E 32 -10.94 33.24 3.50
C VAL E 32 -9.74 33.68 2.66
N GLY E 33 -9.66 34.98 2.38
CA GLY E 33 -8.50 35.56 1.74
C GLY E 33 -7.94 36.75 2.47
N LYS E 34 -7.12 37.56 1.80
CA LYS E 34 -6.45 38.70 2.43
C LYS E 34 -6.57 39.92 1.52
N VAL E 35 -7.03 41.04 2.09
CA VAL E 35 -7.25 42.26 1.33
C VAL E 35 -5.92 42.89 0.94
N VAL E 36 -5.77 43.22 -0.33
CA VAL E 36 -4.58 43.89 -0.83
C VAL E 36 -4.78 45.40 -0.80
N SER E 37 -5.85 45.87 -1.43
CA SER E 37 -6.15 47.30 -1.47
C SER E 37 -7.64 47.48 -1.75
N VAL E 38 -8.14 48.65 -1.36
CA VAL E 38 -9.50 49.07 -1.68
C VAL E 38 -9.41 50.39 -2.43
N ASP E 39 -9.88 50.39 -3.68
CA ASP E 39 -9.85 51.59 -4.49
C ASP E 39 -10.94 52.55 -4.03
N GLN E 40 -10.58 53.83 -3.91
CA GLN E 40 -11.48 54.83 -3.33
C GLN E 40 -12.22 55.62 -4.40
N SER E 41 -12.14 55.21 -5.66
CA SER E 41 -12.86 55.84 -6.75
C SER E 41 -14.28 55.27 -6.83
N GLY E 42 -14.97 55.55 -7.93
CA GLY E 42 -16.31 55.02 -8.14
C GLY E 42 -16.33 53.68 -8.85
N VAL E 43 -15.25 52.91 -8.69
CA VAL E 43 -15.16 51.57 -9.28
C VAL E 43 -16.16 50.64 -8.59
N ARG E 44 -16.74 49.73 -9.36
CA ARG E 44 -17.80 48.87 -8.86
C ARG E 44 -17.28 47.75 -7.98
N TYR E 45 -16.04 47.31 -8.18
CA TYR E 45 -15.45 46.19 -7.44
C TYR E 45 -14.08 46.59 -6.94
N PRO E 46 -14.01 47.31 -5.81
CA PRO E 46 -12.72 47.88 -5.38
C PRO E 46 -11.86 46.97 -4.51
N VAL E 47 -12.45 45.96 -3.89
CA VAL E 47 -11.76 45.18 -2.86
C VAL E 47 -10.91 44.13 -3.56
N VAL E 48 -9.59 44.24 -3.40
CA VAL E 48 -8.66 43.32 -4.04
C VAL E 48 -8.22 42.29 -3.01
N VAL E 49 -8.57 41.04 -3.23
CA VAL E 49 -8.31 39.96 -2.27
C VAL E 49 -7.45 38.91 -2.94
N ARG E 50 -6.30 38.61 -2.33
CA ARG E 50 -5.49 37.47 -2.73
C ARG E 50 -5.87 36.23 -1.93
N PHE E 51 -5.64 35.07 -2.55
CA PHE E 51 -5.95 33.80 -1.93
C PHE E 51 -4.72 32.91 -2.03
N GLU E 52 -4.49 32.10 -1.00
CA GLU E 52 -3.32 31.23 -0.96
C GLU E 52 -3.41 30.07 -1.95
N ASN E 53 -4.62 29.68 -2.35
CA ASN E 53 -4.80 28.63 -3.33
C ASN E 53 -5.36 29.21 -4.63
N GLN E 54 -4.99 28.59 -5.74
CA GLN E 54 -5.38 29.09 -7.05
C GLN E 54 -6.65 28.41 -7.54
N ASN E 55 -7.32 29.05 -8.47
CA ASN E 55 -8.54 28.51 -9.06
C ASN E 55 -8.20 27.57 -10.20
N TYR E 56 -9.21 27.21 -11.01
CA TYR E 56 -8.94 26.33 -12.14
C TYR E 56 -8.19 27.03 -13.26
N ALA E 57 -8.19 28.36 -13.29
CA ALA E 57 -7.44 29.14 -14.26
C ALA E 57 -6.06 29.53 -13.76
N GLY E 58 -5.65 29.07 -12.58
CA GLY E 58 -4.34 29.40 -12.05
C GLY E 58 -4.19 30.79 -11.49
N VAL E 59 -5.30 31.48 -11.22
CA VAL E 59 -5.28 32.85 -10.74
C VAL E 59 -5.47 32.82 -9.22
N THR E 60 -4.78 33.72 -8.51
CA THR E 60 -4.90 33.82 -7.06
C THR E 60 -5.39 35.19 -6.60
N THR E 61 -6.01 35.97 -7.46
CA THR E 61 -6.44 37.32 -7.10
C THR E 61 -7.74 37.64 -7.81
N ASN E 62 -8.69 38.23 -7.09
CA ASN E 62 -9.96 38.64 -7.69
C ASN E 62 -10.39 39.97 -7.07
N ASN E 63 -11.21 40.71 -7.82
CA ASN E 63 -11.82 41.93 -7.31
C ASN E 63 -13.25 41.68 -6.90
N TYR E 64 -13.64 42.25 -5.76
CA TYR E 64 -14.98 42.05 -5.22
C TYR E 64 -15.57 43.39 -4.80
N ALA E 65 -16.88 43.39 -4.59
CA ALA E 65 -17.60 44.56 -4.12
C ALA E 65 -17.54 44.64 -2.59
N LEU E 66 -18.20 45.65 -2.03
CA LEU E 66 -18.21 45.80 -0.58
C LEU E 66 -19.15 44.80 0.09
N ASP E 67 -20.30 44.53 -0.50
CA ASP E 67 -21.28 43.61 0.05
C ASP E 67 -20.97 42.15 -0.28
N GLU E 68 -19.83 41.88 -0.92
CA GLU E 68 -19.39 40.53 -1.19
C GLU E 68 -18.27 40.07 -0.28
N VAL E 69 -17.79 40.94 0.62
CA VAL E 69 -16.74 40.60 1.56
C VAL E 69 -17.23 40.87 2.98
N VAL E 70 -16.88 39.98 3.90
CA VAL E 70 -17.18 40.11 5.32
C VAL E 70 -15.90 39.84 6.09
N ALA E 71 -15.49 40.81 6.92
CA ALA E 71 -14.24 40.72 7.66
C ALA E 71 -14.41 39.70 8.79
N ALA E 72 -14.21 38.44 8.46
CA ALA E 72 -14.36 37.36 9.41
C ALA E 72 -13.14 36.45 9.43
N ASP F 1 -25.44 -27.99 9.39
CA ASP F 1 -25.29 -26.93 10.38
C ASP F 1 -26.01 -25.69 9.84
N ILE F 2 -25.30 -24.58 9.71
CA ILE F 2 -25.88 -23.36 9.16
C ILE F 2 -26.08 -23.54 7.66
N ALA F 3 -27.30 -23.26 7.19
CA ALA F 3 -27.69 -23.27 5.77
C ALA F 3 -27.48 -24.63 5.10
N GLY F 4 -27.59 -25.70 5.87
CA GLY F 4 -27.38 -27.03 5.35
C GLY F 4 -25.94 -27.38 5.04
N LEU F 5 -24.98 -26.64 5.58
CA LEU F 5 -23.57 -26.89 5.32
C LEU F 5 -23.03 -27.87 6.34
N THR F 6 -22.35 -28.90 5.86
CA THR F 6 -21.66 -29.83 6.74
C THR F 6 -20.34 -29.24 7.21
N PRO F 7 -19.85 -29.64 8.39
CA PRO F 7 -18.49 -29.25 8.78
C PRO F 7 -17.46 -29.91 7.89
N CYS F 8 -16.32 -29.23 7.73
CA CYS F 8 -15.28 -29.70 6.81
C CYS F 8 -14.58 -30.95 7.32
N SER F 9 -14.54 -31.14 8.63
CA SER F 9 -13.99 -32.38 9.19
C SER F 9 -14.92 -33.56 8.97
N GLU F 10 -16.19 -33.32 8.66
CA GLU F 10 -17.14 -34.36 8.36
C GLU F 10 -17.37 -34.53 6.85
N SER F 11 -17.06 -33.50 6.06
CA SER F 11 -17.30 -33.51 4.63
C SER F 11 -16.39 -34.50 3.91
N LYS F 12 -16.95 -35.19 2.93
CA LYS F 12 -16.23 -36.18 2.16
C LYS F 12 -15.54 -35.61 0.94
N ALA F 13 -16.13 -34.60 0.29
CA ALA F 13 -15.49 -33.94 -0.84
C ALA F 13 -14.27 -33.15 -0.40
N TYR F 14 -14.23 -32.72 0.87
CA TYR F 14 -13.05 -32.09 1.43
C TYR F 14 -11.87 -33.06 1.48
N ALA F 15 -12.11 -34.28 1.97
CA ALA F 15 -11.08 -35.31 1.98
C ALA F 15 -10.71 -35.75 0.57
N LYS F 16 -11.69 -35.74 -0.34
CA LYS F 16 -11.41 -36.08 -1.74
C LYS F 16 -10.53 -35.04 -2.40
N LEU F 17 -10.73 -33.75 -2.08
CA LEU F 17 -9.91 -32.69 -2.65
C LEU F 17 -8.51 -32.72 -2.06
N GLU F 18 -8.42 -33.05 -0.76
CA GLU F 18 -7.12 -33.22 -0.11
C GLU F 18 -6.32 -34.36 -0.74
N LYS F 19 -6.98 -35.50 -0.96
CA LYS F 19 -6.34 -36.64 -1.61
C LYS F 19 -5.97 -36.34 -3.06
N LYS F 20 -6.80 -35.58 -3.77
CA LYS F 20 -6.52 -35.23 -5.15
C LYS F 20 -5.31 -34.31 -5.26
N GLU F 21 -5.17 -33.35 -4.34
CA GLU F 21 -4.00 -32.47 -4.39
C GLU F 21 -2.73 -33.21 -3.99
N LEU F 22 -2.83 -34.12 -3.02
CA LEU F 22 -1.67 -34.95 -2.70
C LEU F 22 -1.29 -35.87 -3.85
N LYS F 23 -2.28 -36.34 -4.60
CA LYS F 23 -2.01 -37.20 -5.75
C LYS F 23 -1.32 -36.44 -6.88
N THR F 24 -1.75 -35.20 -7.13
CA THR F 24 -1.06 -34.38 -8.13
C THR F 24 0.37 -34.06 -7.72
N LEU F 25 0.57 -33.75 -6.43
CA LEU F 25 1.92 -33.46 -5.95
C LEU F 25 2.82 -34.69 -5.98
N GLU F 26 2.29 -35.88 -5.70
CA GLU F 26 3.16 -37.05 -5.74
C GLU F 26 3.39 -37.56 -7.16
N LYS F 27 2.45 -37.29 -8.08
CA LYS F 27 2.73 -37.54 -9.50
C LYS F 27 3.79 -36.60 -10.04
N ARG F 28 3.85 -35.37 -9.53
CA ARG F 28 4.98 -34.51 -9.89
C ARG F 28 6.26 -34.93 -9.15
N LEU F 29 6.12 -35.54 -7.97
CA LEU F 29 7.27 -35.93 -7.17
C LEU F 29 8.00 -37.14 -7.73
N LYS F 30 7.26 -38.11 -8.28
CA LYS F 30 7.84 -39.42 -8.59
C LYS F 30 8.74 -39.43 -9.84
N GLN F 31 9.13 -38.28 -10.38
CA GLN F 31 10.04 -38.21 -11.52
C GLN F 31 11.35 -37.50 -11.15
N TYR F 32 11.76 -37.59 -9.89
CA TYR F 32 13.02 -37.01 -9.45
C TYR F 32 13.80 -38.02 -8.61
N GLU F 33 14.94 -37.60 -8.09
CA GLU F 33 15.73 -38.42 -7.19
C GLU F 33 15.15 -38.32 -5.78
N ALA F 34 15.73 -39.06 -4.83
CA ALA F 34 15.24 -39.08 -3.46
C ALA F 34 15.63 -37.81 -2.70
N ASP F 35 16.92 -37.54 -2.57
CA ASP F 35 17.42 -36.42 -1.78
C ASP F 35 17.82 -35.22 -2.62
N SER F 36 17.09 -34.95 -3.70
CA SER F 36 17.40 -33.80 -4.55
C SER F 36 16.55 -32.60 -4.16
N ALA F 37 16.97 -31.42 -4.62
CA ALA F 37 16.25 -30.19 -4.27
C ALA F 37 14.83 -30.08 -4.81
N PRO F 38 14.47 -30.52 -6.03
CA PRO F 38 13.04 -30.57 -6.36
C PRO F 38 12.24 -31.52 -5.49
N ALA F 39 12.85 -32.63 -5.06
CA ALA F 39 12.16 -33.56 -4.17
C ALA F 39 11.92 -32.94 -2.81
N VAL F 40 12.90 -32.20 -2.28
CA VAL F 40 12.74 -31.53 -1.00
C VAL F 40 11.69 -30.43 -1.09
N ALA F 41 11.67 -29.70 -2.22
CA ALA F 41 10.68 -28.65 -2.41
C ALA F 41 9.26 -29.22 -2.51
N LEU F 42 9.09 -30.33 -3.22
CA LEU F 42 7.76 -30.92 -3.33
C LEU F 42 7.32 -31.59 -2.04
N LYS F 43 8.25 -32.13 -1.26
CA LYS F 43 7.88 -32.68 0.04
C LYS F 43 7.50 -31.58 1.03
N ALA F 44 8.14 -30.42 0.95
CA ALA F 44 7.71 -29.28 1.76
C ALA F 44 6.35 -28.77 1.33
N THR F 45 6.08 -28.82 0.02
CA THR F 45 4.76 -28.46 -0.50
C THR F 45 3.68 -29.40 0.02
N MET F 46 3.95 -30.71 0.03
CA MET F 46 2.99 -31.69 0.54
C MET F 46 2.80 -31.53 2.04
N GLU F 47 3.87 -31.21 2.77
CA GLU F 47 3.77 -30.96 4.21
C GLU F 47 2.89 -29.75 4.51
N ARG F 48 3.08 -28.66 3.76
CA ARG F 48 2.23 -27.48 3.94
C ARG F 48 0.79 -27.75 3.54
N THR F 49 0.57 -28.60 2.52
CA THR F 49 -0.79 -28.94 2.12
C THR F 49 -1.51 -29.73 3.21
N LYS F 50 -0.85 -30.75 3.77
CA LYS F 50 -1.44 -31.53 4.85
C LYS F 50 -1.69 -30.68 6.09
N ALA F 51 -0.75 -29.78 6.40
CA ALA F 51 -0.90 -28.89 7.55
C ALA F 51 -2.04 -27.90 7.35
N ARG F 52 -2.22 -27.41 6.12
CA ARG F 52 -3.29 -26.47 5.83
C ARG F 52 -4.66 -27.13 5.91
N PHE F 53 -4.79 -28.35 5.38
CA PHE F 53 -6.07 -29.05 5.49
C PHE F 53 -6.38 -29.44 6.93
N ALA F 54 -5.35 -29.81 7.72
CA ALA F 54 -5.57 -30.10 9.13
C ALA F 54 -5.95 -28.84 9.90
N ASN F 55 -5.39 -27.69 9.53
CA ASN F 55 -5.74 -26.45 10.23
C ASN F 55 -7.12 -25.96 9.86
N TYR F 56 -7.55 -26.19 8.61
CA TYR F 56 -8.90 -25.78 8.24
C TYR F 56 -9.95 -26.70 8.83
N ALA F 57 -9.66 -28.00 8.94
CA ALA F 57 -10.60 -28.90 9.60
C ALA F 57 -10.58 -28.70 11.11
N LYS F 58 -9.47 -28.20 11.66
CA LYS F 58 -9.38 -27.95 13.08
C LYS F 58 -10.21 -26.75 13.51
N ALA F 59 -10.25 -25.70 12.70
CA ALA F 59 -10.90 -24.45 13.07
C ALA F 59 -12.42 -24.49 12.98
N GLY F 60 -13.01 -25.62 12.59
CA GLY F 60 -14.46 -25.72 12.55
C GLY F 60 -15.12 -25.03 11.38
N LEU F 61 -14.44 -24.96 10.24
CA LEU F 61 -15.02 -24.36 9.05
C LEU F 61 -16.14 -25.23 8.49
N LEU F 62 -17.08 -24.57 7.81
CA LEU F 62 -18.21 -25.24 7.17
C LEU F 62 -17.92 -25.41 5.69
N CYS F 63 -18.05 -26.64 5.21
CA CYS F 63 -17.89 -26.96 3.80
C CYS F 63 -19.25 -27.20 3.16
N GLY F 64 -19.29 -27.03 1.84
CA GLY F 64 -20.51 -27.18 1.07
C GLY F 64 -20.61 -28.55 0.43
N ASN F 65 -21.32 -28.59 -0.70
CA ASN F 65 -21.44 -29.83 -1.45
C ASN F 65 -20.25 -30.08 -2.36
N ASP F 66 -19.28 -29.16 -2.39
CA ASP F 66 -18.07 -29.30 -3.18
C ASP F 66 -16.82 -29.43 -2.33
N GLY F 67 -16.93 -29.28 -1.01
CA GLY F 67 -15.78 -29.46 -0.14
C GLY F 67 -14.90 -28.24 0.01
N LEU F 68 -15.50 -27.05 0.00
CA LEU F 68 -14.73 -25.83 0.14
C LEU F 68 -15.23 -25.03 1.33
N PRO F 69 -14.34 -24.38 2.09
CA PRO F 69 -14.76 -23.66 3.30
C PRO F 69 -15.63 -22.45 2.98
N HIS F 70 -16.75 -22.36 3.68
CA HIS F 70 -17.69 -21.26 3.54
C HIS F 70 -17.65 -20.39 4.79
N LEU F 71 -17.81 -19.08 4.59
CA LEU F 71 -17.72 -18.13 5.68
C LEU F 71 -19.11 -17.60 6.02
N ILE F 72 -19.30 -17.24 7.29
CA ILE F 72 -20.59 -16.81 7.81
C ILE F 72 -20.48 -15.35 8.21
N ALA F 73 -21.29 -14.50 7.59
CA ALA F 73 -21.26 -13.06 7.85
C ALA F 73 -22.62 -12.62 8.36
N ASP F 74 -22.80 -12.76 9.67
CA ASP F 74 -23.90 -12.33 10.51
C ASP F 74 -23.29 -12.37 11.89
N PRO F 75 -23.33 -11.28 12.66
CA PRO F 75 -22.69 -11.31 13.98
C PRO F 75 -23.29 -12.32 14.95
N GLY F 76 -24.62 -12.38 15.03
CA GLY F 76 -25.24 -13.24 16.03
C GLY F 76 -25.18 -14.70 15.69
N LEU F 77 -25.34 -15.03 14.41
CA LEU F 77 -25.29 -16.43 13.98
C LEU F 77 -23.88 -17.01 14.13
N ALA F 78 -22.86 -16.20 13.85
CA ALA F 78 -21.49 -16.67 13.96
C ALA F 78 -21.02 -16.70 15.41
N LEU F 79 -21.47 -15.74 16.22
CA LEU F 79 -21.19 -15.81 17.65
C LEU F 79 -21.94 -16.94 18.35
N LYS F 80 -23.11 -17.32 17.84
CA LYS F 80 -23.85 -18.45 18.38
C LYS F 80 -23.22 -19.79 18.02
N TYR F 81 -22.85 -19.98 16.75
CA TYR F 81 -22.36 -21.27 16.30
C TYR F 81 -20.85 -21.35 16.22
N GLY F 82 -20.14 -20.38 16.80
CA GLY F 82 -18.70 -20.47 16.90
C GLY F 82 -17.96 -20.23 15.60
N HIS F 83 -18.38 -19.21 14.86
CA HIS F 83 -17.72 -18.85 13.61
C HIS F 83 -17.30 -17.39 13.63
N ALA F 84 -16.94 -16.87 14.80
CA ALA F 84 -16.64 -15.44 14.93
C ALA F 84 -15.26 -15.07 14.39
N GLY F 85 -14.40 -16.05 14.18
CA GLY F 85 -13.03 -15.74 13.77
C GLY F 85 -12.82 -15.60 12.29
N GLU F 86 -13.88 -15.52 11.49
CA GLU F 86 -13.72 -15.50 10.05
C GLU F 86 -14.20 -14.22 9.38
N VAL F 87 -15.20 -13.54 9.96
CA VAL F 87 -15.64 -12.23 9.48
C VAL F 87 -15.59 -11.18 10.58
N PHE F 88 -16.07 -11.52 11.78
CA PHE F 88 -16.33 -10.56 12.85
C PHE F 88 -15.04 -10.04 13.49
N ILE F 89 -14.20 -10.95 13.97
CA ILE F 89 -12.87 -10.55 14.42
C ILE F 89 -12.02 -9.98 13.29
N PRO F 90 -12.03 -10.52 12.04
CA PRO F 90 -11.39 -9.77 10.95
C PRO F 90 -11.98 -8.40 10.63
N THR F 91 -13.30 -8.18 10.75
CA THR F 91 -13.79 -6.84 10.43
C THR F 91 -13.41 -5.83 11.50
N PHE F 92 -13.35 -6.24 12.77
CA PHE F 92 -12.90 -5.24 13.74
C PHE F 92 -11.38 -5.05 13.71
N GLY F 93 -10.62 -6.08 13.32
CA GLY F 93 -9.20 -5.88 13.07
C GLY F 93 -8.93 -4.93 11.92
N PHE F 94 -9.71 -5.06 10.83
CA PHE F 94 -9.55 -4.14 9.71
C PHE F 94 -9.95 -2.73 10.10
N LEU F 95 -11.03 -2.57 10.86
CA LEU F 95 -11.45 -1.22 11.21
C LEU F 95 -10.43 -0.55 12.12
N TYR F 96 -9.76 -1.33 12.98
CA TYR F 96 -8.67 -0.79 13.78
C TYR F 96 -7.52 -0.29 12.91
N VAL F 97 -7.04 -1.12 11.97
CA VAL F 97 -5.88 -0.67 11.20
C VAL F 97 -6.24 0.40 10.16
N ALA F 98 -7.45 0.37 9.60
CA ALA F 98 -7.86 1.37 8.62
C ALA F 98 -8.08 2.73 9.27
N GLY F 99 -8.73 2.76 10.45
CA GLY F 99 -8.85 4.01 11.17
C GLY F 99 -7.54 4.50 11.72
N TYR F 100 -6.60 3.58 12.01
CA TYR F 100 -5.23 3.98 12.35
C TYR F 100 -4.61 4.81 11.24
N ILE F 101 -4.63 4.27 10.02
CA ILE F 101 -4.04 4.93 8.86
C ILE F 101 -4.71 6.27 8.59
N GLY F 102 -6.05 6.29 8.65
CA GLY F 102 -6.78 7.53 8.40
C GLY F 102 -6.53 8.60 9.45
N TYR F 103 -6.44 8.19 10.73
CA TYR F 103 -6.22 9.16 11.79
C TYR F 103 -4.79 9.71 11.76
N VAL F 104 -3.80 8.88 11.41
CA VAL F 104 -2.44 9.37 11.28
C VAL F 104 -2.31 10.34 10.10
N GLY F 105 -2.99 10.05 8.99
CA GLY F 105 -2.98 10.98 7.86
C GLY F 105 -3.67 12.30 8.18
N ARG F 106 -4.78 12.23 8.92
CA ARG F 106 -5.50 13.45 9.30
C ARG F 106 -4.70 14.31 10.26
N GLN F 107 -4.01 13.67 11.21
CA GLN F 107 -3.17 14.43 12.13
C GLN F 107 -1.96 15.01 11.43
N TYR F 108 -1.42 14.33 10.41
CA TYR F 108 -0.33 14.91 9.64
C TYR F 108 -0.80 16.13 8.85
N LEU F 109 -1.99 16.05 8.26
CA LEU F 109 -2.53 17.20 7.51
C LEU F 109 -2.76 18.40 8.42
N ILE F 110 -3.38 18.19 9.58
CA ILE F 110 -3.63 19.31 10.49
C ILE F 110 -2.32 19.82 11.08
N ALA F 111 -1.32 18.96 11.24
CA ALA F 111 -0.02 19.42 11.72
C ALA F 111 0.71 20.26 10.68
N VAL F 112 0.58 19.94 9.39
CA VAL F 112 1.32 20.70 8.38
C VAL F 112 0.54 21.88 7.81
N LYS F 113 -0.76 22.01 8.09
CA LYS F 113 -1.47 23.20 7.62
C LYS F 113 -1.09 24.46 8.38
N GLY F 114 -0.55 24.32 9.59
CA GLY F 114 -0.24 25.48 10.40
C GLY F 114 1.15 26.04 10.18
N GLU F 115 1.66 25.95 8.95
CA GLU F 115 3.00 26.43 8.65
C GLU F 115 2.97 27.37 7.45
N ALA F 116 4.13 27.89 7.07
CA ALA F 116 4.26 28.78 5.92
C ALA F 116 4.35 28.03 4.60
N LYS F 117 4.50 26.70 4.65
CA LYS F 117 4.61 25.89 3.43
C LYS F 117 3.91 24.54 3.63
N PRO F 118 2.57 24.53 3.59
CA PRO F 118 1.87 23.25 3.80
C PRO F 118 2.04 22.30 2.63
N THR F 119 2.00 22.84 1.40
CA THR F 119 2.23 22.03 0.22
C THR F 119 3.66 21.51 0.17
N ASP F 120 4.63 22.29 0.66
CA ASP F 120 6.02 21.83 0.62
C ASP F 120 6.27 20.73 1.65
N LYS F 121 5.47 20.68 2.70
CA LYS F 121 5.49 19.52 3.60
C LYS F 121 4.67 18.37 3.06
N GLU F 122 3.72 18.63 2.16
CA GLU F 122 3.00 17.55 1.51
C GLU F 122 3.82 16.84 0.44
N ILE F 123 4.68 17.57 -0.28
CA ILE F 123 5.58 16.92 -1.24
C ILE F 123 6.75 16.24 -0.54
N ILE F 124 7.43 16.94 0.35
CA ILE F 124 8.60 16.43 1.05
C ILE F 124 8.19 16.17 2.49
N ILE F 125 8.25 14.91 2.90
CA ILE F 125 7.61 14.48 4.14
C ILE F 125 8.50 14.86 5.32
N ASP F 126 7.90 15.49 6.33
CA ASP F 126 8.55 15.67 7.62
C ASP F 126 8.56 14.34 8.33
N VAL F 127 9.67 13.62 8.21
CA VAL F 127 9.83 12.25 8.73
C VAL F 127 9.78 12.17 10.26
N PRO F 128 10.43 13.05 11.06
CA PRO F 128 10.22 12.94 12.53
C PRO F 128 8.80 13.22 12.98
N LEU F 129 8.12 14.19 12.38
CA LEU F 129 6.72 14.46 12.74
C LEU F 129 5.81 13.32 12.28
N ALA F 130 6.13 12.71 11.14
CA ALA F 130 5.35 11.58 10.66
C ALA F 130 5.52 10.36 11.55
N THR F 131 6.75 10.12 12.04
CA THR F 131 6.96 9.00 12.95
C THR F 131 6.35 9.26 14.33
N LYS F 132 6.37 10.52 14.78
CA LYS F 132 5.74 10.86 16.05
C LYS F 132 4.24 10.63 15.99
N LEU F 133 3.59 11.06 14.91
CA LEU F 133 2.16 10.83 14.76
C LEU F 133 1.86 9.34 14.52
N ALA F 134 2.76 8.62 13.85
CA ALA F 134 2.58 7.20 13.64
C ALA F 134 2.64 6.41 14.94
N TRP F 135 3.51 6.81 15.87
CA TRP F 135 3.51 6.13 17.16
C TRP F 135 2.35 6.58 18.04
N GLN F 136 1.98 7.87 17.99
CA GLN F 136 0.88 8.34 18.81
C GLN F 136 -0.49 7.90 18.31
N GLY F 137 -0.60 7.39 17.08
CA GLY F 137 -1.90 7.00 16.60
C GLY F 137 -2.46 5.68 17.07
N ALA F 138 -1.93 5.09 18.14
CA ALA F 138 -2.47 3.82 18.62
C ALA F 138 -3.72 4.00 19.47
N GLY F 139 -3.94 5.21 19.99
CA GLY F 139 -5.16 5.49 20.70
C GLY F 139 -6.12 6.27 19.83
N TRP F 140 -6.14 5.95 18.53
CA TRP F 140 -7.03 6.65 17.61
C TRP F 140 -8.54 6.47 17.85
N PRO F 141 -9.10 5.34 18.35
CA PRO F 141 -10.56 5.35 18.54
C PRO F 141 -10.99 6.22 19.70
N LEU F 142 -10.19 6.25 20.76
CA LEU F 142 -10.48 7.12 21.90
C LEU F 142 -10.38 8.58 21.50
N ALA F 143 -9.31 8.95 20.78
CA ALA F 143 -9.17 10.33 20.33
C ALA F 143 -10.20 10.69 19.28
N ALA F 144 -10.65 9.70 18.49
CA ALA F 144 -11.67 9.94 17.48
C ALA F 144 -13.02 10.23 18.13
N VAL F 145 -13.41 9.43 19.13
CA VAL F 145 -14.69 9.71 19.79
C VAL F 145 -14.61 10.95 20.65
N GLN F 146 -13.43 11.32 21.15
CA GLN F 146 -13.31 12.57 21.88
C GLN F 146 -13.40 13.78 20.96
N GLU F 147 -12.80 13.71 19.77
CA GLU F 147 -12.97 14.79 18.80
C GLU F 147 -14.39 14.84 18.25
N LEU F 148 -15.09 13.69 18.23
CA LEU F 148 -16.49 13.67 17.86
C LEU F 148 -17.36 14.37 18.90
N GLN F 149 -17.09 14.12 20.17
CA GLN F 149 -17.94 14.67 21.22
C GLN F 149 -17.68 16.15 21.50
N ARG F 150 -16.56 16.70 21.08
CA ARG F 150 -16.30 18.12 21.27
C ARG F 150 -16.75 18.99 20.11
N GLY F 151 -17.08 18.40 18.97
CA GLY F 151 -17.43 19.19 17.80
C GLY F 151 -16.25 19.68 17.00
N THR F 152 -15.05 19.19 17.30
CA THR F 152 -13.86 19.55 16.56
C THR F 152 -13.51 18.52 15.49
N LEU F 153 -14.28 17.45 15.38
CA LEU F 153 -14.09 16.48 14.30
C LEU F 153 -14.56 17.07 12.97
N LEU F 154 -15.56 17.92 13.00
CA LEU F 154 -16.21 18.44 11.81
C LEU F 154 -15.82 19.88 11.55
N GLU F 155 -15.72 20.22 10.28
CA GLU F 155 -15.73 21.61 9.86
C GLU F 155 -17.18 22.07 9.77
N LYS F 156 -17.42 23.34 10.07
CA LYS F 156 -18.76 23.93 9.99
C LYS F 156 -19.09 24.21 8.53
N GLU F 157 -20.15 24.98 8.27
CA GLU F 157 -20.46 25.39 6.91
C GLU F 157 -19.67 26.64 6.52
N GLU F 158 -18.35 26.49 6.61
CA GLU F 158 -17.38 27.33 5.93
C GLU F 158 -16.73 26.56 4.78
N ASN F 159 -17.40 25.52 4.30
CA ASN F 159 -16.91 24.68 3.23
C ASN F 159 -17.19 25.32 1.88
N ILE F 160 -16.56 24.78 0.85
CA ILE F 160 -16.75 25.25 -0.51
C ILE F 160 -17.96 24.56 -1.13
N THR F 161 -18.90 25.35 -1.64
CA THR F 161 -20.08 24.83 -2.32
C THR F 161 -20.36 25.62 -3.59
N VAL F 162 -21.33 25.15 -4.35
CA VAL F 162 -21.72 25.72 -5.64
C VAL F 162 -22.78 26.77 -5.33
N SER F 163 -23.08 27.66 -6.30
CA SER F 163 -24.10 28.68 -6.10
C SER F 163 -25.53 28.17 -5.77
N PRO F 164 -26.01 26.97 -6.20
CA PRO F 164 -27.26 26.47 -5.60
C PRO F 164 -27.06 25.65 -4.33
N ARG F 165 -25.89 25.79 -3.70
CA ARG F 165 -25.48 25.08 -2.48
C ARG F 165 -25.46 23.57 -2.69
N LEU G 2 -77.98 -18.37 3.41
CA LEU G 2 -77.68 -17.11 4.08
C LEU G 2 -78.75 -16.07 3.79
N ASP G 3 -78.58 -14.87 4.35
CA ASP G 3 -79.53 -13.77 4.20
C ASP G 3 -78.81 -12.62 3.52
N PRO G 4 -78.86 -12.55 2.19
CA PRO G 4 -78.12 -11.48 1.49
C PRO G 4 -78.75 -10.11 1.66
N GLN G 5 -80.08 -10.04 1.62
CA GLN G 5 -80.79 -8.77 1.67
C GLN G 5 -80.61 -8.08 3.01
N ILE G 6 -80.63 -8.86 4.09
CA ILE G 6 -80.45 -8.31 5.44
C ILE G 6 -79.05 -7.73 5.61
N VAL G 7 -78.04 -8.45 5.13
CA VAL G 7 -76.65 -7.99 5.28
C VAL G 7 -76.38 -6.75 4.45
N ILE G 8 -76.84 -6.75 3.18
CA ILE G 8 -76.60 -5.61 2.30
C ILE G 8 -77.37 -4.38 2.78
N SER G 9 -78.65 -4.55 3.14
CA SER G 9 -79.46 -3.43 3.59
C SER G 9 -78.99 -2.89 4.93
N GLY G 10 -78.53 -3.78 5.82
CA GLY G 10 -78.04 -3.34 7.11
C GLY G 10 -76.71 -2.60 7.01
N SER G 11 -75.80 -3.10 6.16
CA SER G 11 -74.52 -2.41 5.97
C SER G 11 -74.72 -1.07 5.28
N THR G 12 -75.63 -1.01 4.30
CA THR G 12 -75.90 0.25 3.62
C THR G 12 -76.55 1.26 4.57
N ALA G 13 -77.52 0.80 5.39
CA ALA G 13 -78.15 1.68 6.36
C ALA G 13 -77.16 2.17 7.41
N ALA G 14 -76.25 1.29 7.85
CA ALA G 14 -75.26 1.68 8.85
C ALA G 14 -74.29 2.71 8.31
N PHE G 15 -73.76 2.49 7.10
CA PHE G 15 -72.81 3.46 6.54
C PHE G 15 -73.49 4.76 6.14
N LEU G 16 -74.73 4.71 5.66
CA LEU G 16 -75.45 5.95 5.35
C LEU G 16 -75.80 6.74 6.61
N ALA G 17 -76.16 6.05 7.70
CA ALA G 17 -76.41 6.77 8.95
C ALA G 17 -75.13 7.32 9.54
N ILE G 18 -74.03 6.57 9.44
CA ILE G 18 -72.78 7.00 10.05
C ILE G 18 -72.15 8.12 9.22
N GLY G 19 -72.51 8.23 7.95
CA GLY G 19 -72.09 9.39 7.18
C GLY G 19 -73.07 10.54 7.23
N ARG G 20 -74.32 10.26 7.58
CA ARG G 20 -75.33 11.31 7.70
C ARG G 20 -75.16 12.08 9.01
N PHE G 21 -74.77 11.41 10.08
CA PHE G 21 -74.83 12.07 11.38
C PHE G 21 -73.47 12.44 11.97
N VAL G 22 -72.51 11.51 12.04
CA VAL G 22 -71.28 11.78 12.78
C VAL G 22 -70.10 12.15 11.89
N PHE G 23 -70.12 11.83 10.60
CA PHE G 23 -69.03 12.19 9.71
C PHE G 23 -69.40 13.25 8.68
N LEU G 24 -70.54 13.93 8.85
CA LEU G 24 -70.91 14.95 7.88
C LEU G 24 -70.09 16.22 8.08
N GLY G 25 -69.99 16.71 9.33
CA GLY G 25 -69.32 17.97 9.57
C GLY G 25 -67.82 17.91 9.35
N TYR G 26 -67.21 16.76 9.62
CA TYR G 26 -65.79 16.57 9.35
C TYR G 26 -65.52 16.56 7.85
N GLN G 27 -66.40 15.92 7.07
CA GLN G 27 -66.26 15.92 5.62
C GLN G 27 -66.52 17.29 5.03
N ARG G 28 -67.38 18.10 5.66
CA ARG G 28 -67.57 19.47 5.19
C ARG G 28 -66.38 20.36 5.55
N ARG G 29 -65.76 20.13 6.71
CA ARG G 29 -64.58 20.92 7.07
C ARG G 29 -63.38 20.57 6.20
N GLU G 30 -63.24 19.30 5.82
CA GLU G 30 -62.10 18.91 5.00
C GLU G 30 -62.27 19.27 3.53
N ALA G 31 -63.49 19.44 3.06
CA ALA G 31 -63.73 19.82 1.67
C ALA G 31 -63.68 21.32 1.43
N ASN G 32 -63.51 22.11 2.49
CA ASN G 32 -63.45 23.57 2.35
C ASN G 32 -62.03 24.06 2.61
N ILE G 56 -77.54 17.55 -7.30
CA ILE G 56 -76.10 17.64 -7.15
C ILE G 56 -75.73 18.85 -6.30
N PHE G 57 -76.12 20.03 -6.74
CA PHE G 57 -75.73 21.26 -6.06
C PHE G 57 -76.63 21.62 -4.88
N ALA G 58 -77.87 21.16 -4.87
CA ALA G 58 -78.79 21.57 -3.80
C ALA G 58 -79.85 20.50 -3.60
N THR G 59 -80.03 20.09 -2.33
CA THR G 59 -81.15 19.26 -1.92
C THR G 59 -81.82 19.93 -0.74
N ASN G 60 -83.06 19.50 -0.45
CA ASN G 60 -83.78 20.07 0.68
C ASN G 60 -83.57 19.28 1.96
N ASP G 61 -82.55 18.43 2.01
CA ASP G 61 -82.14 17.83 3.27
C ASP G 61 -81.55 18.92 4.16
N PRO G 62 -81.87 18.94 5.46
CA PRO G 62 -81.44 20.06 6.30
C PRO G 62 -79.95 20.12 6.61
N ALA G 63 -79.19 19.05 6.32
CA ALA G 63 -77.75 19.06 6.55
C ALA G 63 -76.95 19.07 5.25
N GLY G 64 -77.58 19.27 4.11
CA GLY G 64 -76.87 19.27 2.84
C GLY G 64 -76.40 17.92 2.38
N PHE G 65 -77.04 16.85 2.86
CA PHE G 65 -76.64 15.48 2.55
C PHE G 65 -77.21 15.13 1.18
N ASN G 66 -76.49 15.53 0.13
CA ASN G 66 -77.02 15.48 -1.24
C ASN G 66 -76.83 14.10 -1.86
N ILE G 67 -77.02 14.01 -3.18
CA ILE G 67 -77.09 12.74 -3.90
C ILE G 67 -75.72 12.06 -3.95
N ILE G 68 -74.65 12.84 -4.11
CA ILE G 68 -73.33 12.26 -4.25
C ILE G 68 -72.80 11.73 -2.91
N ASP G 69 -73.23 12.35 -1.80
CA ASP G 69 -72.96 11.79 -0.48
C ASP G 69 -73.66 10.45 -0.29
N VAL G 70 -74.92 10.35 -0.72
CA VAL G 70 -75.66 9.10 -0.71
C VAL G 70 -74.94 8.05 -1.54
N ALA G 71 -74.41 8.45 -2.71
CA ALA G 71 -73.71 7.52 -3.59
C ALA G 71 -72.42 7.01 -2.97
N GLY G 72 -71.64 7.90 -2.34
CA GLY G 72 -70.38 7.48 -1.74
C GLY G 72 -70.58 6.59 -0.53
N TRP G 73 -71.47 6.98 0.38
CA TRP G 73 -71.66 6.18 1.58
C TRP G 73 -72.41 4.88 1.29
N GLY G 74 -73.30 4.87 0.30
CA GLY G 74 -73.93 3.64 -0.12
C GLY G 74 -72.99 2.72 -0.88
N ALA G 75 -72.02 3.30 -1.58
CA ALA G 75 -70.99 2.49 -2.23
C ALA G 75 -70.12 1.79 -1.20
N LEU G 76 -69.72 2.53 -0.14
CA LEU G 76 -69.00 1.90 0.96
C LEU G 76 -69.85 0.86 1.67
N GLY G 77 -71.16 1.12 1.78
CA GLY G 77 -72.04 0.16 2.43
C GLY G 77 -72.19 -1.14 1.66
N HIS G 78 -72.44 -1.05 0.35
CA HIS G 78 -72.48 -2.23 -0.52
C HIS G 78 -71.16 -2.97 -0.54
N ALA G 79 -70.04 -2.24 -0.52
CA ALA G 79 -68.72 -2.87 -0.56
C ALA G 79 -68.45 -3.67 0.71
N VAL G 80 -68.71 -3.07 1.88
CA VAL G 80 -68.50 -3.79 3.14
C VAL G 80 -69.52 -4.92 3.30
N GLY G 81 -70.73 -4.75 2.79
CA GLY G 81 -71.73 -5.81 2.88
C GLY G 81 -71.38 -7.02 2.03
N PHE G 82 -70.93 -6.80 0.79
CA PHE G 82 -70.50 -7.92 -0.03
C PHE G 82 -69.19 -8.53 0.46
N ALA G 83 -68.33 -7.75 1.13
CA ALA G 83 -67.14 -8.33 1.75
C ALA G 83 -67.52 -9.26 2.90
N VAL G 84 -68.48 -8.84 3.74
CA VAL G 84 -68.99 -9.68 4.82
C VAL G 84 -69.64 -10.95 4.26
N LEU G 85 -70.42 -10.81 3.16
CA LEU G 85 -71.06 -11.97 2.55
C LEU G 85 -70.04 -12.95 1.97
N ALA G 86 -68.96 -12.44 1.38
CA ALA G 86 -67.94 -13.32 0.81
C ALA G 86 -67.14 -14.05 1.88
N ILE G 87 -66.75 -13.33 2.94
CA ILE G 87 -66.01 -13.96 4.04
C ILE G 87 -66.90 -14.97 4.77
N ASN G 88 -68.21 -14.68 4.87
CA ASN G 88 -69.14 -15.66 5.41
C ASN G 88 -69.30 -16.86 4.49
N SER G 89 -69.24 -16.63 3.17
CA SER G 89 -69.44 -17.73 2.21
C SER G 89 -68.25 -18.68 2.20
N LEU G 90 -67.05 -18.17 2.47
CA LEU G 90 -65.91 -19.06 2.63
C LEU G 90 -65.97 -19.85 3.95
N GLN G 91 -66.74 -19.35 4.93
CA GLN G 91 -66.82 -19.85 6.30
C GLN G 91 -65.45 -19.85 6.96
N GLY G 92 -64.84 -18.67 6.97
CA GLY G 92 -63.52 -18.50 7.54
C GLY G 92 -63.27 -17.09 8.08
N PRO H 68 -60.99 -15.97 -46.16
CA PRO H 68 -60.37 -15.35 -47.34
C PRO H 68 -59.29 -14.34 -46.94
N PHE H 69 -58.30 -14.81 -46.19
CA PHE H 69 -57.28 -13.93 -45.62
C PHE H 69 -55.92 -14.15 -46.26
N VAL H 70 -55.66 -15.37 -46.73
CA VAL H 70 -54.33 -15.83 -47.12
C VAL H 70 -53.85 -15.13 -48.39
N PRO H 71 -52.75 -14.38 -48.33
CA PRO H 71 -52.18 -13.83 -49.56
C PRO H 71 -51.51 -14.94 -50.36
N PRO H 72 -51.42 -14.79 -51.70
CA PRO H 72 -51.01 -15.93 -52.54
C PRO H 72 -49.55 -16.35 -52.40
N SER H 73 -49.17 -17.41 -53.13
CA SER H 73 -47.84 -17.98 -52.99
C SER H 73 -46.76 -17.14 -53.65
N TRP H 74 -47.13 -16.26 -54.57
CA TRP H 74 -46.17 -15.37 -55.21
C TRP H 74 -45.97 -14.05 -54.46
N ALA H 75 -46.66 -13.86 -53.34
CA ALA H 75 -46.60 -12.62 -52.57
C ALA H 75 -45.24 -12.27 -51.96
N PRO H 76 -44.41 -13.20 -51.44
CA PRO H 76 -43.06 -12.78 -51.05
C PRO H 76 -42.21 -12.30 -52.22
N SER H 77 -42.26 -12.99 -53.36
CA SER H 77 -41.44 -12.67 -54.53
C SER H 77 -41.75 -11.31 -55.13
N VAL H 78 -42.88 -10.71 -54.79
CA VAL H 78 -43.20 -9.35 -55.22
C VAL H 78 -43.05 -8.36 -54.08
N PHE H 79 -43.61 -8.67 -52.91
CA PHE H 79 -43.64 -7.68 -51.83
C PHE H 79 -42.28 -7.46 -51.17
N VAL H 80 -41.43 -8.48 -51.10
CA VAL H 80 -40.11 -8.30 -50.49
C VAL H 80 -39.19 -7.44 -51.37
N PRO H 81 -39.03 -7.66 -52.70
CA PRO H 81 -38.22 -6.70 -53.46
C PRO H 81 -38.87 -5.33 -53.62
N LEU H 82 -40.19 -5.24 -53.50
CA LEU H 82 -40.89 -3.95 -53.55
C LEU H 82 -40.45 -3.06 -52.40
N THR H 83 -40.71 -3.47 -51.16
CA THR H 83 -40.29 -2.70 -50.00
C THR H 83 -38.81 -2.84 -49.68
N GLY H 84 -38.06 -3.65 -50.41
CA GLY H 84 -36.64 -3.74 -50.20
C GLY H 84 -35.83 -2.87 -51.14
N LEU H 85 -36.33 -2.65 -52.35
CA LEU H 85 -35.61 -1.87 -53.35
C LEU H 85 -36.39 -0.66 -53.83
N VAL H 86 -37.66 -0.82 -54.19
CA VAL H 86 -38.36 0.20 -54.95
C VAL H 86 -38.84 1.32 -54.04
N LEU H 87 -39.59 0.98 -52.99
CA LEU H 87 -39.97 1.97 -51.99
C LEU H 87 -38.81 2.59 -51.22
N PRO H 88 -37.70 1.89 -50.88
CA PRO H 88 -36.52 2.64 -50.41
C PRO H 88 -35.95 3.61 -51.44
N ALA H 89 -35.99 3.28 -52.72
CA ALA H 89 -35.45 4.19 -53.74
C ALA H 89 -36.33 5.43 -53.89
N ILE H 90 -37.65 5.23 -53.95
CA ILE H 90 -38.59 6.35 -54.04
C ILE H 90 -38.52 7.20 -52.77
N ALA H 91 -38.38 6.54 -51.62
CA ALA H 91 -38.30 7.25 -50.35
C ALA H 91 -37.03 8.08 -50.25
N MET H 92 -35.87 7.50 -50.59
CA MET H 92 -34.62 8.24 -50.51
C MET H 92 -34.55 9.35 -51.56
N ALA H 93 -35.16 9.13 -52.74
CA ALA H 93 -35.16 10.18 -53.76
C ALA H 93 -36.05 11.35 -53.36
N THR H 94 -37.26 11.06 -52.85
CA THR H 94 -38.17 12.12 -52.41
C THR H 94 -37.61 12.87 -51.21
N LEU H 95 -36.99 12.15 -50.27
CA LEU H 95 -36.37 12.82 -49.13
C LEU H 95 -35.15 13.64 -49.53
N PHE H 96 -34.35 13.17 -50.49
CA PHE H 96 -33.21 13.95 -50.95
C PHE H 96 -33.64 15.22 -51.68
N VAL H 97 -34.73 15.14 -52.45
CA VAL H 97 -35.24 16.35 -53.10
C VAL H 97 -35.86 17.30 -52.07
N TYR H 98 -36.48 16.75 -51.01
CA TYR H 98 -37.07 17.60 -49.98
C TYR H 98 -36.01 18.28 -49.12
N ILE H 99 -34.89 17.61 -48.85
CA ILE H 99 -33.81 18.19 -48.05
C ILE H 99 -33.21 19.40 -48.74
N GLU H 100 -32.96 19.29 -50.04
CA GLU H 100 -32.16 20.27 -50.75
C GLU H 100 -32.98 21.39 -51.37
N LYS H 101 -34.23 21.58 -50.93
CA LYS H 101 -35.10 22.55 -51.57
C LYS H 101 -34.90 23.94 -50.98
N GLU H 102 -34.72 24.93 -51.84
CA GLU H 102 -34.53 26.32 -51.46
C GLU H 102 -35.83 26.91 -50.92
N ALA H 103 -35.70 27.71 -49.86
CA ALA H 103 -36.88 28.42 -49.39
C ALA H 103 -37.15 29.64 -50.27
N PRO H 104 -38.42 29.96 -50.56
CA PRO H 104 -38.78 31.14 -51.35
C PRO H 104 -38.45 32.45 -50.63
N MET I 1 24.76 16.06 2.85
CA MET I 1 24.15 14.98 3.60
C MET I 1 22.77 15.38 4.08
N LYS I 2 22.62 16.66 4.43
CA LYS I 2 21.31 17.21 4.75
C LYS I 2 20.40 17.20 3.52
N ASP I 3 20.96 17.52 2.36
CA ASP I 3 20.20 17.50 1.12
C ASP I 3 19.92 16.09 0.65
N PHE I 4 20.80 15.14 0.95
CA PHE I 4 20.54 13.74 0.61
C PHE I 4 19.42 13.16 1.46
N THR I 5 19.35 13.54 2.74
CA THR I 5 18.23 13.09 3.56
C THR I 5 16.95 13.83 3.22
N THR I 6 17.06 15.07 2.72
CA THR I 6 15.88 15.77 2.21
C THR I 6 15.34 15.09 0.96
N TYR I 7 16.24 14.63 0.08
CA TYR I 7 15.81 13.86 -1.09
C TYR I 7 15.21 12.52 -0.68
N LEU I 8 15.79 11.87 0.34
CA LEU I 8 15.18 10.64 0.85
C LEU I 8 13.85 10.90 1.54
N SER I 9 13.59 12.14 1.96
CA SER I 9 12.30 12.51 2.52
C SER I 9 11.24 12.80 1.46
N THR I 10 11.56 12.72 0.18
CA THR I 10 10.58 13.00 -0.86
C THR I 10 9.55 11.89 -0.96
N ALA I 11 8.45 12.20 -1.65
CA ALA I 11 7.28 11.32 -1.67
C ALA I 11 7.51 9.96 -2.35
N PRO I 12 8.11 9.83 -3.56
CA PRO I 12 8.24 8.47 -4.11
C PRO I 12 9.28 7.62 -3.40
N VAL I 13 10.32 8.23 -2.82
CA VAL I 13 11.32 7.47 -2.09
C VAL I 13 10.74 6.90 -0.80
N ILE I 14 9.99 7.73 -0.07
CA ILE I 14 9.34 7.26 1.17
C ILE I 14 8.23 6.26 0.85
N ALA I 15 7.50 6.46 -0.25
CA ALA I 15 6.50 5.48 -0.65
C ALA I 15 7.13 4.15 -1.02
N THR I 16 8.31 4.18 -1.64
CA THR I 16 9.05 2.96 -1.96
C THR I 16 9.52 2.24 -0.70
N ILE I 17 10.15 2.99 0.22
CA ILE I 17 10.65 2.42 1.47
C ILE I 17 9.51 1.86 2.31
N TRP I 18 8.39 2.60 2.38
CA TRP I 18 7.28 2.21 3.23
C TRP I 18 6.53 1.02 2.65
N PHE I 19 6.37 0.97 1.33
CA PHE I 19 5.70 -0.18 0.73
C PHE I 19 6.61 -1.40 0.71
N THR I 20 7.93 -1.19 0.66
CA THR I 20 8.87 -2.30 0.83
C THR I 20 8.77 -2.86 2.25
N PHE I 21 8.66 -1.98 3.24
CA PHE I 21 8.49 -2.41 4.63
C PHE I 21 7.17 -3.14 4.84
N THR I 22 6.07 -2.59 4.30
CA THR I 22 4.75 -3.18 4.49
C THR I 22 4.63 -4.51 3.76
N ALA I 23 5.10 -4.56 2.51
CA ALA I 23 5.08 -5.79 1.73
C ALA I 23 5.98 -6.85 2.34
N GLY I 24 7.16 -6.45 2.82
CA GLY I 24 8.05 -7.42 3.47
C GLY I 24 7.50 -7.94 4.78
N LEU I 25 6.81 -7.08 5.53
CA LEU I 25 6.16 -7.52 6.77
C LEU I 25 5.05 -8.53 6.49
N LEU I 26 4.23 -8.26 5.46
CA LEU I 26 3.20 -9.22 5.05
C LEU I 26 3.81 -10.51 4.53
N ILE I 27 4.93 -10.43 3.80
CA ILE I 27 5.58 -11.62 3.26
C ILE I 27 6.17 -12.47 4.37
N GLU I 28 6.78 -11.85 5.38
CA GLU I 28 7.33 -12.62 6.49
C GLU I 28 6.22 -13.25 7.33
N ILE I 29 5.10 -12.54 7.49
CA ILE I 29 3.94 -13.11 8.19
C ILE I 29 3.37 -14.31 7.42
N ASN I 30 3.25 -14.19 6.10
CA ASN I 30 2.74 -15.32 5.33
C ASN I 30 3.76 -16.44 5.17
N ARG I 31 5.04 -16.18 5.42
CA ARG I 31 6.00 -17.29 5.48
C ARG I 31 5.89 -18.05 6.78
N TYR I 32 6.04 -17.35 7.91
CA TYR I 32 6.08 -18.06 9.20
C TYR I 32 4.71 -18.56 9.62
N PHE I 33 3.65 -17.92 9.13
CA PHE I 33 2.28 -18.38 9.36
C PHE I 33 1.68 -18.68 7.99
N PRO I 34 1.91 -19.89 7.46
CA PRO I 34 1.46 -20.19 6.09
C PRO I 34 -0.05 -20.37 6.03
N ASP I 35 -0.65 -19.65 5.08
CA ASP I 35 -2.04 -19.72 4.64
C ASP I 35 -3.07 -19.46 5.74
N PRO I 36 -3.17 -18.23 6.31
CA PRO I 36 -4.23 -17.98 7.30
C PRO I 36 -5.56 -17.56 6.68
N LEU I 37 -6.61 -18.32 6.96
CA LEU I 37 -7.95 -18.02 6.46
C LEU I 37 -8.89 -17.54 7.55
N VAL I 38 -8.68 -17.95 8.79
CA VAL I 38 -9.56 -17.62 9.92
C VAL I 38 -8.73 -17.05 11.06
N PHE I 39 -9.37 -16.84 12.21
CA PHE I 39 -8.82 -16.22 13.43
C PHE I 39 -8.37 -14.79 13.16
N PHE J 3 57.82 -16.77 -53.21
CA PHE J 3 56.75 -15.80 -53.36
C PHE J 3 57.23 -14.56 -54.12
N ILE J 4 58.51 -14.24 -53.97
CA ILE J 4 59.08 -13.09 -54.66
C ILE J 4 59.21 -13.39 -56.14
N GLY J 5 58.60 -12.55 -56.97
CA GLY J 5 58.59 -12.76 -58.40
C GLY J 5 57.40 -13.50 -58.95
N SER J 6 56.43 -13.85 -58.10
CA SER J 6 55.24 -14.55 -58.56
C SER J 6 54.27 -13.57 -59.22
N SER J 7 53.10 -14.11 -59.60
CA SER J 7 52.09 -13.28 -60.25
C SER J 7 51.48 -12.28 -59.28
N THR J 8 51.11 -12.75 -58.08
CA THR J 8 50.42 -11.91 -57.11
C THR J 8 51.33 -10.80 -56.60
N ASN J 9 52.63 -11.11 -56.43
CA ASN J 9 53.61 -10.10 -56.02
C ASN J 9 53.72 -8.99 -57.05
N LEU J 10 53.80 -9.35 -58.34
CA LEU J 10 53.93 -8.36 -59.39
C LEU J 10 52.65 -7.52 -59.53
N ILE J 11 51.48 -8.14 -59.36
CA ILE J 11 50.23 -7.40 -59.42
C ILE J 11 50.12 -6.41 -58.25
N MET J 12 50.51 -6.84 -57.05
CA MET J 12 50.44 -5.96 -55.88
C MET J 12 51.43 -4.80 -55.98
N VAL J 13 52.66 -5.08 -56.42
CA VAL J 13 53.66 -4.02 -56.58
C VAL J 13 53.26 -3.07 -57.71
N ALA J 14 52.68 -3.59 -58.80
CA ALA J 14 52.24 -2.75 -59.89
C ALA J 14 51.06 -1.88 -59.49
N SER J 15 50.15 -2.41 -58.67
CA SER J 15 49.02 -1.62 -58.18
C SER J 15 49.48 -0.52 -57.23
N THR J 16 50.43 -0.84 -56.34
CA THR J 16 50.92 0.15 -55.40
C THR J 16 51.71 1.26 -56.11
N THR J 17 52.51 0.90 -57.10
CA THR J 17 53.22 1.92 -57.88
C THR J 17 52.28 2.72 -58.76
N ALA J 18 51.21 2.10 -59.27
CA ALA J 18 50.27 2.82 -60.12
C ALA J 18 49.44 3.81 -59.31
N THR J 19 49.17 3.49 -58.04
CA THR J 19 48.45 4.46 -57.22
C THR J 19 49.37 5.51 -56.61
N LEU J 20 50.59 5.13 -56.23
CA LEU J 20 51.52 6.12 -55.68
C LEU J 20 52.06 7.06 -56.74
N ALA J 21 52.15 6.62 -57.99
CA ALA J 21 52.54 7.52 -59.07
C ALA J 21 51.44 8.52 -59.42
N ALA J 22 50.18 8.14 -59.23
CA ALA J 22 49.06 9.05 -59.49
C ALA J 22 48.80 9.93 -58.27
N THR J 59 53.33 13.70 -49.19
CA THR J 59 53.12 13.66 -47.74
C THR J 59 52.90 12.24 -47.26
N ILE J 60 52.89 12.06 -45.93
CA ILE J 60 52.64 10.75 -45.34
C ILE J 60 51.19 10.34 -45.54
N VAL J 61 50.28 11.32 -45.57
CA VAL J 61 48.85 11.05 -45.69
C VAL J 61 48.53 10.55 -47.10
N ASP J 62 49.16 11.14 -48.11
CA ASP J 62 49.00 10.66 -49.48
C ASP J 62 49.58 9.27 -49.66
N VAL J 63 50.71 8.98 -48.98
CA VAL J 63 51.30 7.65 -49.01
C VAL J 63 50.35 6.62 -48.41
N LEU J 64 49.75 6.94 -47.25
CA LEU J 64 48.82 6.01 -46.60
C LEU J 64 47.56 5.80 -47.44
N ALA J 65 47.00 6.88 -47.98
CA ALA J 65 45.77 6.79 -48.77
C ALA J 65 45.97 6.02 -50.06
N MET J 66 47.00 6.37 -50.82
CA MET J 66 47.22 5.69 -52.09
C MET J 66 47.78 4.29 -51.90
N GLY J 67 48.44 4.01 -50.78
CA GLY J 67 48.86 2.65 -50.50
C GLY J 67 47.71 1.75 -50.10
N ALA J 68 46.75 2.29 -49.33
CA ALA J 68 45.54 1.54 -49.01
C ALA J 68 44.71 1.29 -50.27
N ALA J 69 44.60 2.29 -51.14
CA ALA J 69 43.88 2.11 -52.39
C ALA J 69 44.59 1.12 -53.32
N GLY J 70 45.93 1.15 -53.33
CA GLY J 70 46.66 0.20 -54.15
C GLY J 70 46.57 -1.22 -53.65
N HIS J 71 46.58 -1.41 -52.32
CA HIS J 71 46.38 -2.73 -51.75
C HIS J 71 44.97 -3.24 -52.02
N GLY J 72 43.96 -2.38 -51.94
CA GLY J 72 42.60 -2.80 -52.25
C GLY J 72 42.42 -3.20 -53.70
N LEU J 73 42.93 -2.36 -54.61
CA LEU J 73 42.86 -2.62 -56.05
C LEU J 73 43.67 -3.87 -56.42
N GLY J 74 44.81 -4.08 -55.77
CA GLY J 74 45.62 -5.24 -56.06
C GLY J 74 45.02 -6.53 -55.57
N VAL J 75 44.44 -6.52 -54.36
CA VAL J 75 43.72 -7.70 -53.85
C VAL J 75 42.52 -8.01 -54.74
N GLY J 76 41.84 -6.97 -55.25
CA GLY J 76 40.74 -7.19 -56.18
C GLY J 76 41.19 -7.84 -57.48
N ILE J 77 42.29 -7.35 -58.06
CA ILE J 77 42.76 -7.91 -59.33
C ILE J 77 43.32 -9.32 -59.14
N VAL J 78 44.01 -9.58 -58.02
CA VAL J 78 44.56 -10.91 -57.75
C VAL J 78 43.44 -11.93 -57.55
N LEU J 79 42.45 -11.60 -56.72
CA LEU J 79 41.36 -12.54 -56.50
C LEU J 79 40.39 -12.58 -57.67
N GLY J 80 40.46 -11.63 -58.60
CA GLY J 80 39.63 -11.68 -59.78
C GLY J 80 40.26 -12.40 -60.95
N LEU J 81 41.59 -12.49 -60.97
CA LEU J 81 42.24 -13.30 -61.99
C LEU J 81 42.28 -14.78 -61.61
N LYS J 82 41.76 -15.14 -60.44
CA LYS J 82 41.57 -16.55 -60.13
C LYS J 82 40.22 -17.06 -60.62
N GLY J 83 39.39 -16.15 -61.13
CA GLY J 83 38.09 -16.52 -61.66
C GLY J 83 37.79 -15.86 -62.99
N GLY K 13 -0.79 31.29 -55.27
CA GLY K 13 -1.67 30.78 -56.31
C GLY K 13 -1.70 29.26 -56.37
N MET K 14 -2.33 28.73 -57.41
CA MET K 14 -2.42 27.30 -57.65
C MET K 14 -1.04 26.77 -58.00
N LEU K 15 -0.75 25.54 -57.56
CA LEU K 15 0.57 24.97 -57.76
C LEU K 15 0.72 24.51 -59.22
N GLU K 16 1.68 25.11 -59.92
CA GLU K 16 1.91 24.84 -61.32
C GLU K 16 2.53 23.48 -61.52
N THR K 17 1.91 22.66 -62.34
CA THR K 17 2.25 21.24 -62.44
C THR K 17 2.16 20.78 -63.89
N PRO K 18 3.11 19.96 -64.35
CA PRO K 18 2.97 19.36 -65.69
C PRO K 18 1.93 18.26 -65.79
N VAL K 19 1.14 18.00 -64.74
CA VAL K 19 0.00 17.11 -64.86
C VAL K 19 -1.30 17.93 -64.97
N THR K 20 -1.40 18.98 -64.17
CA THR K 20 -2.57 19.86 -64.21
C THR K 20 -2.51 20.88 -65.35
N SER K 21 -1.33 21.15 -65.88
CA SER K 21 -1.15 22.18 -66.90
C SER K 21 -0.35 21.65 -68.07
N ALA K 22 -0.62 20.42 -68.49
CA ALA K 22 0.01 19.92 -69.70
C ALA K 22 -0.85 20.25 -70.91
N PRO K 23 -0.23 20.55 -72.06
CA PRO K 23 -1.02 20.90 -73.24
C PRO K 23 -1.80 19.73 -73.83
N ILE K 24 -1.17 18.55 -73.95
CA ILE K 24 -1.85 17.42 -74.57
C ILE K 24 -2.94 16.87 -73.65
N VAL K 25 -2.75 17.01 -72.33
CA VAL K 25 -3.77 16.63 -71.37
C VAL K 25 -4.96 17.59 -71.46
N ALA K 26 -4.68 18.89 -71.65
CA ALA K 26 -5.75 19.87 -71.79
C ALA K 26 -6.54 19.65 -73.08
N THR K 27 -5.86 19.30 -74.18
CA THR K 27 -6.57 19.01 -75.42
C THR K 27 -7.39 17.73 -75.31
N TYR K 28 -6.86 16.71 -74.62
CA TYR K 28 -7.60 15.47 -74.42
C TYR K 28 -8.83 15.69 -73.55
N LEU K 29 -8.72 16.54 -72.52
CA LEU K 29 -9.88 16.84 -71.70
C LEU K 29 -10.87 17.73 -72.44
N SER K 30 -10.40 18.57 -73.36
CA SER K 30 -11.31 19.36 -74.16
C SER K 30 -12.03 18.52 -75.22
N ASN K 31 -11.48 17.37 -75.61
CA ASN K 31 -12.12 16.53 -76.60
C ASN K 31 -13.18 15.60 -76.04
N LEU K 32 -13.16 15.34 -74.74
CA LEU K 32 -14.14 14.44 -74.12
C LEU K 32 -15.52 15.11 -74.04
N PRO K 33 -16.60 14.33 -74.12
CA PRO K 33 -17.94 14.90 -74.29
C PRO K 33 -18.49 15.70 -73.12
N ALA K 34 -17.80 15.79 -71.99
CA ALA K 34 -18.26 16.63 -70.89
C ALA K 34 -17.79 18.07 -71.01
N TYR K 35 -17.09 18.41 -72.10
CA TYR K 35 -16.42 19.70 -72.19
C TYR K 35 -16.55 20.41 -73.53
N ARG K 36 -17.30 19.88 -74.51
CA ARG K 36 -17.17 20.38 -75.88
C ARG K 36 -17.81 21.75 -76.10
N THR K 37 -18.73 22.16 -75.22
CA THR K 37 -19.27 23.54 -75.14
C THR K 37 -19.94 23.96 -76.45
N GLY K 38 -21.07 23.32 -76.72
CA GLY K 38 -21.84 23.67 -77.89
C GLY K 38 -22.60 22.53 -78.53
N VAL K 39 -22.34 21.31 -78.09
CA VAL K 39 -23.16 20.18 -78.47
C VAL K 39 -24.32 20.10 -77.49
N ALA K 40 -25.38 19.41 -77.91
CA ALA K 40 -26.60 19.28 -77.12
C ALA K 40 -26.35 18.40 -75.89
N PRO K 41 -27.06 18.66 -74.78
CA PRO K 41 -26.95 17.77 -73.62
C PRO K 41 -27.48 16.37 -73.87
N VAL K 42 -28.41 16.21 -74.82
CA VAL K 42 -28.87 14.88 -75.22
C VAL K 42 -27.74 14.10 -75.88
N LEU K 43 -26.93 14.78 -76.70
CA LEU K 43 -25.82 14.13 -77.39
C LEU K 43 -24.71 13.75 -76.42
N ARG K 44 -24.42 14.65 -75.47
CA ARG K 44 -23.48 14.35 -74.39
C ARG K 44 -23.94 13.16 -73.57
N GLY K 45 -25.25 13.12 -73.26
CA GLY K 45 -25.80 12.03 -72.49
C GLY K 45 -25.73 10.70 -73.21
N VAL K 46 -26.05 10.68 -74.51
CA VAL K 46 -26.03 9.41 -75.23
C VAL K 46 -24.60 8.93 -75.47
N GLU K 47 -23.63 9.85 -75.63
CA GLU K 47 -22.25 9.41 -75.80
C GLU K 47 -21.67 8.87 -74.49
N ILE K 48 -21.93 9.57 -73.38
CA ILE K 48 -21.48 9.10 -72.07
C ILE K 48 -22.16 7.79 -71.68
N GLY K 49 -23.43 7.63 -72.07
CA GLY K 49 -24.12 6.38 -71.79
C GLY K 49 -23.62 5.22 -72.64
N LEU K 50 -23.34 5.46 -73.93
CA LEU K 50 -22.79 4.42 -74.78
C LEU K 50 -21.39 4.01 -74.34
N ALA K 51 -20.63 4.92 -73.73
CA ALA K 51 -19.38 4.50 -73.12
C ALA K 51 -19.62 3.67 -71.87
N HIS K 52 -20.38 4.22 -70.91
CA HIS K 52 -20.42 3.65 -69.57
C HIS K 52 -21.24 2.36 -69.48
N GLY K 53 -22.36 2.24 -70.21
CA GLY K 53 -23.10 0.99 -70.19
C GLY K 53 -22.34 -0.14 -70.85
N PHE K 54 -21.62 0.17 -71.92
CA PHE K 54 -20.79 -0.83 -72.60
C PHE K 54 -19.66 -1.31 -71.70
N LEU K 55 -19.07 -0.42 -70.91
CA LEU K 55 -18.04 -0.91 -69.99
C LEU K 55 -18.63 -1.60 -68.77
N LEU K 56 -19.82 -1.18 -68.32
CA LEU K 56 -20.44 -1.79 -67.13
C LEU K 56 -21.06 -3.15 -67.41
N ALA K 57 -21.27 -3.51 -68.68
CA ALA K 57 -21.84 -4.82 -68.98
C ALA K 57 -20.89 -5.97 -68.62
N GLY K 58 -19.59 -5.71 -68.58
CA GLY K 58 -18.56 -6.71 -68.39
C GLY K 58 -18.55 -7.53 -67.09
N PRO K 59 -18.30 -6.87 -65.95
CA PRO K 59 -18.10 -7.65 -64.71
C PRO K 59 -19.33 -8.34 -64.18
N PHE K 60 -20.53 -7.87 -64.55
CA PHE K 60 -21.74 -8.60 -64.18
C PHE K 60 -21.83 -9.92 -64.93
N ILE K 61 -21.29 -9.97 -66.14
CA ILE K 61 -21.25 -11.22 -66.89
C ILE K 61 -20.14 -12.12 -66.35
N LYS K 62 -18.94 -11.57 -66.19
CA LYS K 62 -17.79 -12.43 -65.87
C LYS K 62 -17.74 -12.86 -64.41
N LEU K 63 -18.29 -12.07 -63.49
CA LEU K 63 -18.13 -12.35 -62.07
C LEU K 63 -19.44 -12.51 -61.31
N GLY K 64 -20.59 -12.31 -61.93
CA GLY K 64 -21.85 -12.32 -61.25
C GLY K 64 -22.26 -13.71 -60.77
N PRO K 65 -23.42 -13.79 -60.12
CA PRO K 65 -23.85 -15.07 -59.54
C PRO K 65 -24.27 -16.13 -60.54
N LEU K 66 -24.51 -15.75 -61.80
CA LEU K 66 -24.87 -16.72 -62.84
C LEU K 66 -23.75 -16.90 -63.86
N ARG K 67 -22.51 -16.68 -63.45
CA ARG K 67 -21.39 -16.62 -64.39
C ARG K 67 -20.99 -18.00 -64.91
N ASN K 68 -21.35 -19.08 -64.23
CA ASN K 68 -20.92 -20.42 -64.61
C ASN K 68 -22.04 -21.24 -65.21
N VAL K 69 -23.26 -20.73 -65.19
CA VAL K 69 -24.39 -21.36 -65.87
C VAL K 69 -24.37 -20.90 -67.31
N PRO K 70 -24.19 -21.80 -68.28
CA PRO K 70 -24.11 -21.38 -69.68
C PRO K 70 -25.47 -20.91 -70.20
N GLU K 71 -25.39 -20.05 -71.23
CA GLU K 71 -26.48 -19.47 -72.03
C GLU K 71 -27.28 -18.42 -71.25
N THR K 72 -27.02 -18.27 -69.95
CA THR K 72 -27.72 -17.30 -69.13
C THR K 72 -26.81 -16.32 -68.40
N ALA K 73 -25.48 -16.46 -68.55
CA ALA K 73 -24.55 -15.55 -67.88
C ALA K 73 -24.63 -14.15 -68.48
N GLU K 74 -24.62 -14.08 -69.81
CA GLU K 74 -24.62 -12.79 -70.49
C GLU K 74 -25.97 -12.11 -70.38
N ILE K 75 -27.05 -12.90 -70.33
CA ILE K 75 -28.40 -12.36 -70.18
C ILE K 75 -28.57 -11.69 -68.82
N ALA K 76 -28.24 -12.41 -67.75
CA ALA K 76 -28.36 -11.85 -66.40
C ALA K 76 -27.37 -10.72 -66.16
N GLY K 77 -26.18 -10.81 -66.75
CA GLY K 77 -25.21 -9.73 -66.63
C GLY K 77 -25.67 -8.45 -67.30
N SER K 78 -26.20 -8.55 -68.52
CA SER K 78 -26.72 -7.37 -69.19
C SER K 78 -27.99 -6.85 -68.53
N LEU K 79 -28.81 -7.72 -67.95
CA LEU K 79 -30.04 -7.27 -67.31
C LEU K 79 -29.73 -6.52 -66.01
N SER K 80 -28.76 -7.01 -65.24
CA SER K 80 -28.30 -6.29 -64.06
C SER K 80 -27.58 -5.00 -64.44
N ALA K 81 -26.84 -4.99 -65.56
CA ALA K 81 -26.21 -3.76 -66.03
C ALA K 81 -27.26 -2.72 -66.42
N ALA K 82 -28.36 -3.17 -67.05
CA ALA K 82 -29.43 -2.24 -67.42
C ALA K 82 -30.15 -1.70 -66.20
N GLY K 83 -30.35 -2.54 -65.18
CA GLY K 83 -30.90 -2.06 -63.92
C GLY K 83 -30.02 -1.03 -63.25
N LEU K 84 -28.70 -1.25 -63.29
CA LEU K 84 -27.78 -0.28 -62.70
C LEU K 84 -27.75 1.03 -63.49
N VAL K 85 -27.87 0.95 -64.83
CA VAL K 85 -27.95 2.16 -65.65
C VAL K 85 -29.23 2.94 -65.33
N LEU K 86 -30.34 2.23 -65.07
CA LEU K 86 -31.58 2.91 -64.68
C LEU K 86 -31.44 3.59 -63.32
N ILE K 87 -30.75 2.93 -62.38
CA ILE K 87 -30.49 3.55 -61.07
C ILE K 87 -29.61 4.80 -61.22
N LEU K 88 -28.61 4.73 -62.10
CA LEU K 88 -27.74 5.88 -62.33
C LEU K 88 -28.49 7.04 -62.99
N ALA K 89 -29.43 6.73 -63.87
CA ALA K 89 -30.23 7.79 -64.50
C ALA K 89 -31.17 8.44 -63.49
N LEU K 90 -31.72 7.63 -62.57
CA LEU K 90 -32.52 8.20 -61.48
C LEU K 90 -31.67 9.09 -60.58
N CYS K 91 -30.41 8.69 -60.34
CA CYS K 91 -29.49 9.50 -59.55
C CYS K 91 -29.19 10.84 -60.23
N LEU K 92 -28.97 10.80 -61.55
CA LEU K 92 -28.76 12.03 -62.31
C LEU K 92 -29.99 12.94 -62.25
N SER K 93 -31.19 12.35 -62.34
CA SER K 93 -32.41 13.13 -62.32
C SER K 93 -32.63 13.79 -60.96
N ILE K 94 -32.39 13.08 -59.86
CA ILE K 94 -32.58 13.71 -58.56
C ILE K 94 -31.45 14.69 -58.24
N TYR K 95 -30.24 14.48 -58.79
CA TYR K 95 -29.19 15.46 -58.66
C TYR K 95 -29.55 16.77 -59.35
N GLY K 96 -30.11 16.67 -60.56
CA GLY K 96 -30.53 17.88 -61.25
C GLY K 96 -31.74 18.54 -60.61
N SER K 97 -32.61 17.73 -60.00
CA SER K 97 -33.75 18.28 -59.28
C SER K 97 -33.30 19.01 -58.02
N ALA K 98 -32.20 18.58 -57.41
CA ALA K 98 -31.72 19.24 -56.19
C ALA K 98 -30.71 20.34 -56.46
N GLN K 99 -30.11 20.38 -57.66
CA GLN K 99 -28.96 21.27 -57.87
C GLN K 99 -29.37 22.62 -58.43
N PHE K 100 -30.30 22.65 -59.40
CA PHE K 100 -30.64 23.89 -60.09
C PHE K 100 -32.09 24.22 -59.80
N GLN K 101 -32.30 25.27 -59.00
CA GLN K 101 -33.64 25.61 -58.52
C GLN K 101 -33.92 27.09 -58.74
N PRO K 120 -25.71 25.63 -70.66
CA PRO K 120 -26.69 24.74 -71.29
C PRO K 120 -26.81 23.39 -70.56
N LEU K 121 -25.67 22.80 -70.21
CA LEU K 121 -25.69 21.56 -69.43
C LEU K 121 -26.05 21.85 -67.98
N PHE K 122 -25.69 23.02 -67.48
CA PHE K 122 -25.90 23.37 -66.08
C PHE K 122 -27.18 24.18 -65.90
N SER K 123 -28.29 23.52 -66.21
CA SER K 123 -29.62 24.05 -65.98
C SER K 123 -30.54 22.88 -65.71
N ALA K 124 -31.78 23.18 -65.32
CA ALA K 124 -32.73 22.12 -65.00
C ALA K 124 -33.15 21.35 -66.24
N ASP K 125 -33.54 22.07 -67.29
CA ASP K 125 -33.94 21.45 -68.56
C ASP K 125 -32.76 20.74 -69.21
N GLY K 126 -31.59 21.35 -69.17
CA GLY K 126 -30.41 20.74 -69.77
C GLY K 126 -29.96 19.49 -69.05
N TRP K 127 -30.02 19.49 -67.72
CA TRP K 127 -29.63 18.29 -66.99
C TRP K 127 -30.69 17.20 -67.10
N SER K 128 -31.96 17.57 -67.24
CA SER K 128 -32.99 16.55 -67.46
C SER K 128 -32.84 15.89 -68.83
N GLU K 129 -32.52 16.70 -69.85
CA GLU K 129 -32.19 16.16 -71.17
C GLU K 129 -30.93 15.30 -71.12
N PHE K 130 -29.95 15.70 -70.32
CA PHE K 130 -28.71 14.94 -70.16
C PHE K 130 -28.97 13.60 -69.48
N ALA K 131 -29.84 13.58 -68.47
CA ALA K 131 -30.16 12.33 -67.77
C ALA K 131 -30.96 11.39 -68.66
N ALA K 132 -31.89 11.94 -69.44
CA ALA K 132 -32.64 11.10 -70.39
C ALA K 132 -31.73 10.55 -71.48
N GLY K 133 -30.80 11.38 -71.96
CA GLY K 133 -29.82 10.90 -72.93
C GLY K 133 -28.90 9.86 -72.36
N PHE K 134 -28.53 9.98 -71.07
CA PHE K 134 -27.72 8.95 -70.43
C PHE K 134 -28.48 7.65 -70.29
N LEU K 135 -29.78 7.72 -69.98
CA LEU K 135 -30.61 6.52 -69.90
C LEU K 135 -30.67 5.81 -71.25
N VAL K 136 -30.94 6.58 -72.32
CA VAL K 136 -31.05 6.00 -73.67
C VAL K 136 -29.71 5.43 -74.12
N GLY K 137 -28.63 6.21 -73.95
CA GLY K 137 -27.31 5.74 -74.36
C GLY K 137 -26.78 4.58 -73.54
N GLY K 138 -27.12 4.53 -72.25
CA GLY K 138 -26.66 3.41 -71.44
C GLY K 138 -27.39 2.12 -71.75
N GLU K 139 -28.72 2.21 -71.96
CA GLU K 139 -29.47 1.03 -72.38
C GLU K 139 -29.04 0.57 -73.77
N ALA K 140 -28.73 1.52 -74.66
CA ALA K 140 -28.24 1.15 -75.99
C ALA K 140 -26.85 0.53 -75.92
N GLY K 141 -26.00 1.01 -75.00
CA GLY K 141 -24.68 0.43 -74.84
C GLY K 141 -24.73 -0.97 -74.26
N VAL K 142 -25.63 -1.21 -73.31
CA VAL K 142 -25.82 -2.56 -72.77
C VAL K 142 -26.38 -3.50 -73.84
N ALA K 143 -27.34 -3.00 -74.64
CA ALA K 143 -27.92 -3.82 -75.70
C ALA K 143 -26.89 -4.12 -76.80
N TRP K 144 -25.98 -3.19 -77.07
CA TRP K 144 -24.93 -3.45 -78.05
C TRP K 144 -23.85 -4.36 -77.48
N ALA K 145 -23.62 -4.30 -76.17
CA ALA K 145 -22.67 -5.22 -75.55
C ALA K 145 -23.23 -6.64 -75.43
N TYR K 146 -24.55 -6.80 -75.43
CA TYR K 146 -25.12 -8.14 -75.43
C TYR K 146 -24.95 -8.81 -76.79
N VAL K 147 -24.99 -8.03 -77.87
CA VAL K 147 -24.81 -8.55 -79.21
C VAL K 147 -23.34 -8.87 -79.42
N CYS K 148 -22.46 -7.99 -78.95
CA CYS K 148 -21.02 -8.21 -79.06
C CYS K 148 -20.54 -9.31 -78.12
N LYS L 1 -44.56 20.55 38.80
CA LYS L 1 -43.73 19.45 38.34
C LYS L 1 -43.92 18.24 39.24
N ALA L 2 -44.16 17.07 38.62
CA ALA L 2 -44.47 15.88 39.40
C ALA L 2 -43.22 15.30 40.05
N GLY L 3 -42.06 15.50 39.44
CA GLY L 3 -40.82 14.97 39.95
C GLY L 3 -39.71 15.06 38.93
N ASN L 4 -38.85 14.05 38.86
CA ASN L 4 -37.78 14.04 37.88
C ASN L 4 -37.44 12.60 37.54
N TRP L 5 -37.49 12.27 36.25
CA TRP L 5 -37.32 10.90 35.79
C TRP L 5 -35.88 10.42 35.97
N LEU L 6 -34.95 11.35 36.02
CA LEU L 6 -33.52 11.16 36.19
C LEU L 6 -33.04 12.32 37.06
N PRO L 7 -32.73 12.08 38.33
CA PRO L 7 -32.36 13.17 39.23
C PRO L 7 -31.04 13.83 38.84
N GLY L 8 -31.04 15.16 38.86
CA GLY L 8 -29.91 15.97 38.53
C GLY L 8 -29.97 16.61 37.16
N SER L 9 -30.65 15.98 36.21
CA SER L 9 -30.75 16.54 34.87
C SER L 9 -31.75 17.69 34.85
N ASP L 10 -31.59 18.58 33.88
CA ASP L 10 -32.51 19.68 33.72
C ASP L 10 -33.81 19.22 33.08
N ALA L 11 -34.88 19.94 33.38
CA ALA L 11 -36.11 19.70 32.67
C ALA L 11 -36.11 20.47 31.36
N PRO L 12 -36.72 19.91 30.31
CA PRO L 12 -36.83 20.65 29.05
C PRO L 12 -37.72 21.87 29.19
N ALA L 13 -37.33 22.95 28.51
CA ALA L 13 -38.06 24.21 28.59
C ALA L 13 -39.39 24.19 27.83
N TRP L 14 -39.63 23.18 27.00
CA TRP L 14 -40.88 23.10 26.25
C TRP L 14 -41.96 22.34 27.00
N LEU L 15 -41.66 21.73 28.14
CA LEU L 15 -42.65 21.07 28.96
C LEU L 15 -43.09 22.03 30.06
N PRO L 16 -44.32 22.55 30.02
CA PRO L 16 -44.76 23.47 31.07
C PRO L 16 -44.98 22.75 32.39
N ASP L 17 -44.75 23.46 33.49
CA ASP L 17 -44.70 22.82 34.81
C ASP L 17 -46.09 22.56 35.37
N ASP L 18 -47.12 23.20 34.81
CA ASP L 18 -48.49 23.04 35.31
C ASP L 18 -49.16 21.78 34.77
N LEU L 19 -48.54 21.17 33.76
CA LEU L 19 -49.13 20.09 33.01
C LEU L 19 -49.04 18.83 33.87
N PRO L 20 -50.11 18.03 33.96
CA PRO L 20 -50.07 16.84 34.82
C PRO L 20 -49.18 15.74 34.24
N GLY L 21 -48.42 15.10 35.12
CA GLY L 21 -47.50 14.06 34.71
C GLY L 21 -46.13 14.56 34.29
N ASN L 22 -45.85 15.85 34.48
CA ASN L 22 -44.60 16.45 33.99
C ASN L 22 -43.46 16.02 34.91
N TYR L 23 -42.75 14.98 34.49
CA TYR L 23 -41.51 14.58 35.12
C TYR L 23 -40.27 15.09 34.40
N GLY L 24 -40.46 15.77 33.27
CA GLY L 24 -39.33 16.23 32.49
C GLY L 24 -38.75 15.18 31.57
N PHE L 25 -39.49 14.13 31.27
CA PHE L 25 -39.01 13.00 30.50
C PHE L 25 -39.29 13.24 29.02
N ASP L 26 -38.26 13.64 28.27
CA ASP L 26 -38.33 13.71 26.81
C ASP L 26 -36.91 13.66 26.24
N PRO L 27 -36.30 12.46 26.18
CA PRO L 27 -34.94 12.38 25.64
C PRO L 27 -34.87 12.58 24.13
N LEU L 28 -35.85 12.07 23.40
CA LEU L 28 -35.87 12.24 21.95
C LEU L 28 -36.45 13.57 21.50
N SER L 29 -36.88 14.41 22.46
CA SER L 29 -37.43 15.75 22.23
C SER L 29 -38.63 15.72 21.28
N LEU L 30 -39.52 14.75 21.50
CA LEU L 30 -40.67 14.57 20.63
C LEU L 30 -41.74 15.64 20.82
N GLY L 31 -41.84 16.22 22.01
CA GLY L 31 -42.90 17.17 22.27
C GLY L 31 -42.45 18.62 22.26
N LYS L 32 -41.41 18.91 21.47
CA LYS L 32 -40.84 20.26 21.45
C LYS L 32 -41.77 21.28 20.79
N GLU L 33 -42.55 20.86 19.81
CA GLU L 33 -43.46 21.76 19.12
C GLU L 33 -44.83 21.74 19.79
N PRO L 34 -45.47 22.91 19.95
CA PRO L 34 -46.64 22.98 20.84
C PRO L 34 -47.89 22.25 20.33
N ALA L 35 -48.13 22.25 19.02
CA ALA L 35 -49.30 21.55 18.49
C ALA L 35 -49.12 20.05 18.59
N SER L 36 -47.91 19.57 18.29
CA SER L 36 -47.58 18.17 18.50
C SER L 36 -47.69 17.79 19.98
N LEU L 37 -47.25 18.68 20.87
CA LEU L 37 -47.33 18.45 22.31
C LEU L 37 -48.77 18.35 22.78
N LYS L 38 -49.65 19.20 22.25
CA LYS L 38 -51.07 19.15 22.59
C LYS L 38 -51.71 17.84 22.12
N ARG L 39 -51.36 17.42 20.89
CA ARG L 39 -51.84 16.13 20.39
C ARG L 39 -51.30 14.97 21.22
N PHE L 40 -50.05 15.07 21.70
CA PHE L 40 -49.52 13.99 22.51
C PHE L 40 -50.16 13.94 23.90
N THR L 41 -50.56 15.09 24.45
CA THR L 41 -51.28 15.08 25.73
C THR L 41 -52.63 14.39 25.58
N GLU L 42 -53.37 14.75 24.51
CA GLU L 42 -54.62 14.07 24.17
C GLU L 42 -54.42 12.56 24.02
N SER L 43 -53.40 12.17 23.24
CA SER L 43 -53.17 10.76 22.93
C SER L 43 -52.69 9.99 24.15
N GLU L 44 -51.91 10.63 25.04
CA GLU L 44 -51.44 9.94 26.24
C GLU L 44 -52.60 9.66 27.18
N VAL L 45 -53.49 10.63 27.37
CA VAL L 45 -54.63 10.41 28.25
C VAL L 45 -55.58 9.35 27.67
N ILE L 46 -55.78 9.36 26.35
CA ILE L 46 -56.69 8.39 25.73
C ILE L 46 -56.10 6.98 25.76
N HIS L 47 -54.81 6.84 25.39
CA HIS L 47 -54.12 5.55 25.49
C HIS L 47 -54.09 5.03 26.92
N GLY L 48 -53.92 5.92 27.90
CA GLY L 48 -53.91 5.49 29.28
C GLY L 48 -55.26 4.98 29.75
N ARG L 49 -56.35 5.64 29.37
CA ARG L 49 -57.67 5.19 29.76
C ARG L 49 -58.04 3.86 29.10
N TRP L 50 -57.72 3.70 27.82
CA TRP L 50 -57.98 2.42 27.15
C TRP L 50 -57.12 1.31 27.73
N ALA L 51 -55.90 1.63 28.18
CA ALA L 51 -55.06 0.58 28.75
C ALA L 51 -55.49 0.21 30.16
N MET L 52 -56.03 1.17 30.93
CA MET L 52 -56.62 0.82 32.22
C MET L 52 -57.79 -0.12 32.04
N LEU L 53 -58.66 0.18 31.07
CA LEU L 53 -59.77 -0.73 30.76
C LEU L 53 -59.27 -2.09 30.28
N GLY L 54 -58.19 -2.12 29.50
CA GLY L 54 -57.67 -3.39 29.01
C GLY L 54 -57.04 -4.26 30.08
N VAL L 55 -56.25 -3.65 30.97
CA VAL L 55 -55.62 -4.40 32.05
C VAL L 55 -56.66 -4.86 33.06
N ALA L 56 -57.63 -3.99 33.39
CA ALA L 56 -58.71 -4.39 34.28
C ALA L 56 -59.54 -5.52 33.68
N GLY L 57 -59.75 -5.49 32.36
CA GLY L 57 -60.47 -6.56 31.71
C GLY L 57 -59.72 -7.88 31.71
N SER L 58 -58.41 -7.84 31.45
CA SER L 58 -57.60 -9.06 31.44
C SER L 58 -57.52 -9.68 32.84
N LEU L 59 -57.34 -8.85 33.87
CA LEU L 59 -57.33 -9.33 35.25
C LEU L 59 -58.69 -9.90 35.65
N ALA L 60 -59.77 -9.22 35.28
CA ALA L 60 -61.10 -9.69 35.68
C ALA L 60 -61.51 -10.94 34.91
N VAL L 61 -60.98 -11.14 33.71
CA VAL L 61 -61.24 -12.38 33.00
C VAL L 61 -60.49 -13.54 33.66
N GLU L 62 -59.20 -13.34 33.97
CA GLU L 62 -58.44 -14.51 34.41
C GLU L 62 -58.63 -14.82 35.89
N LEU L 63 -58.91 -13.82 36.74
CA LEU L 63 -59.12 -14.11 38.16
C LEU L 63 -60.47 -14.78 38.41
N LEU L 64 -61.49 -14.43 37.63
CA LEU L 64 -62.81 -15.00 37.81
C LEU L 64 -62.98 -16.36 37.13
N GLY L 65 -62.01 -16.80 36.34
CA GLY L 65 -62.02 -18.15 35.80
C GLY L 65 -62.68 -18.30 34.45
N TYR L 66 -62.27 -17.51 33.47
CA TYR L 66 -62.83 -17.55 32.13
C TYR L 66 -61.73 -17.49 31.08
N GLY L 67 -60.65 -18.24 31.30
CA GLY L 67 -59.50 -18.17 30.43
C GLY L 67 -58.72 -16.89 30.65
N ASN L 68 -57.83 -16.61 29.71
CA ASN L 68 -57.09 -15.35 29.76
C ASN L 68 -57.56 -14.43 28.63
N TRP L 69 -56.90 -13.28 28.49
CA TRP L 69 -57.26 -12.30 27.47
C TRP L 69 -56.96 -12.78 26.06
N TYR L 70 -56.08 -13.76 25.90
CA TYR L 70 -55.74 -14.33 24.60
C TYR L 70 -56.74 -15.38 24.15
N ASP L 71 -57.24 -16.19 25.07
CA ASP L 71 -58.23 -17.23 24.77
C ASP L 71 -59.63 -16.67 24.61
N ALA L 72 -59.85 -15.40 24.94
CA ALA L 72 -61.19 -14.81 24.91
C ALA L 72 -61.80 -14.64 23.51
N PRO L 73 -61.10 -14.21 22.45
CA PRO L 73 -61.76 -14.21 21.13
C PRO L 73 -61.72 -15.54 20.39
N LEU L 74 -61.36 -16.64 21.05
CA LEU L 74 -61.14 -17.90 20.34
C LEU L 74 -62.45 -18.63 20.04
N TRP L 75 -63.58 -18.14 20.56
CA TRP L 75 -64.87 -18.71 20.17
C TRP L 75 -65.22 -18.34 18.74
N ALA L 76 -64.77 -17.19 18.27
CA ALA L 76 -65.10 -16.71 16.93
C ALA L 76 -64.33 -17.41 15.83
N VAL L 77 -63.25 -18.12 16.17
CA VAL L 77 -62.52 -18.87 15.16
C VAL L 77 -63.07 -20.28 15.04
N ASN L 78 -63.21 -20.97 16.17
CA ASN L 78 -63.74 -22.33 16.20
C ASN L 78 -65.26 -22.28 16.20
N GLY L 79 -65.89 -23.44 16.41
CA GLY L 79 -67.33 -23.48 16.55
C GLY L 79 -67.75 -23.28 17.98
N GLY L 80 -68.13 -22.05 18.33
CA GLY L 80 -68.46 -21.74 19.71
C GLY L 80 -69.36 -20.52 19.86
N LYS L 81 -69.86 -20.32 21.07
CA LYS L 81 -70.73 -19.20 21.38
C LYS L 81 -70.04 -18.32 22.41
N ALA L 82 -70.25 -17.00 22.30
CA ALA L 82 -69.65 -16.05 23.21
C ALA L 82 -70.26 -16.17 24.60
N THR L 83 -69.50 -15.69 25.59
CA THR L 83 -69.96 -15.73 26.98
C THR L 83 -69.53 -14.45 27.68
N TRP L 84 -70.17 -14.18 28.82
CA TRP L 84 -69.88 -13.02 29.63
C TRP L 84 -70.36 -13.31 31.04
N PHE L 85 -69.42 -13.42 31.99
CA PHE L 85 -69.67 -13.87 33.38
C PHE L 85 -70.33 -15.25 33.42
N GLY L 86 -70.02 -16.10 32.44
CA GLY L 86 -70.65 -17.40 32.34
C GLY L 86 -71.93 -17.42 31.53
N ILE L 87 -72.57 -16.25 31.38
CA ILE L 87 -73.84 -16.15 30.68
C ILE L 87 -73.57 -16.06 29.19
N GLU L 88 -74.25 -16.90 28.41
CA GLU L 88 -74.05 -16.93 26.96
C GLU L 88 -74.60 -15.67 26.30
N VAL L 89 -73.94 -15.25 25.24
CA VAL L 89 -74.30 -14.04 24.50
C VAL L 89 -74.69 -14.46 23.09
N PRO L 90 -75.93 -14.23 22.65
CA PRO L 90 -76.43 -14.76 21.39
C PRO L 90 -76.10 -13.90 20.16
N PHE L 91 -74.82 -13.72 19.87
CA PHE L 91 -74.40 -12.95 18.72
C PHE L 91 -73.23 -13.62 18.02
N ASP L 92 -73.07 -13.27 16.74
CA ASP L 92 -72.00 -13.78 15.89
C ASP L 92 -71.00 -12.65 15.64
N LEU L 93 -69.86 -13.00 15.05
CA LEU L 93 -68.74 -12.06 14.92
C LEU L 93 -69.06 -10.91 13.97
N ASN L 94 -69.86 -11.19 12.94
CA ASN L 94 -70.23 -10.15 11.98
C ASN L 94 -71.15 -9.11 12.63
N ALA L 95 -72.12 -9.58 13.42
CA ALA L 95 -73.04 -8.69 14.12
C ALA L 95 -72.30 -7.85 15.15
N LEU L 96 -71.39 -8.47 15.91
CA LEU L 96 -70.62 -7.74 16.92
C LEU L 96 -69.68 -6.73 16.30
N LEU L 97 -69.07 -7.07 15.17
CA LEU L 97 -68.24 -6.13 14.44
C LEU L 97 -69.06 -4.95 13.91
N ALA L 98 -70.30 -5.21 13.49
CA ALA L 98 -71.19 -4.13 13.06
C ALA L 98 -71.57 -3.21 14.21
N PHE L 99 -71.95 -3.80 15.36
CA PHE L 99 -72.29 -3.01 16.54
C PHE L 99 -71.12 -2.17 17.01
N GLU L 100 -69.93 -2.77 17.07
CA GLU L 100 -68.75 -2.05 17.52
C GLU L 100 -68.36 -0.94 16.55
N PHE L 101 -68.44 -1.20 15.23
CA PHE L 101 -68.08 -0.18 14.26
C PHE L 101 -69.04 1.01 14.31
N VAL L 102 -70.35 0.75 14.39
CA VAL L 102 -71.32 1.85 14.44
C VAL L 102 -71.20 2.63 15.74
N ALA L 103 -71.13 1.92 16.87
CA ALA L 103 -71.12 2.59 18.17
C ALA L 103 -69.82 3.34 18.41
N MET L 104 -68.67 2.70 18.13
CA MET L 104 -67.39 3.37 18.29
C MET L 104 -67.19 4.47 17.27
N ALA L 105 -67.74 4.34 16.05
CA ALA L 105 -67.67 5.42 15.09
C ALA L 105 -68.46 6.63 15.56
N ALA L 106 -69.64 6.41 16.15
CA ALA L 106 -70.44 7.51 16.69
C ALA L 106 -69.74 8.18 17.86
N ALA L 107 -69.25 7.40 18.82
CA ALA L 107 -68.64 7.97 20.02
C ALA L 107 -67.32 8.67 19.71
N GLU L 108 -66.46 8.03 18.90
CA GLU L 108 -65.20 8.64 18.50
C GLU L 108 -65.42 9.85 17.60
N GLY L 109 -66.47 9.85 16.78
CA GLY L 109 -66.74 11.01 15.95
C GLY L 109 -67.25 12.19 16.75
N GLN L 110 -68.09 11.93 17.76
CA GLN L 110 -68.51 13.00 18.64
C GLN L 110 -67.37 13.52 19.50
N ARG L 111 -66.43 12.65 19.87
CA ARG L 111 -65.25 13.10 20.61
C ARG L 111 -64.32 13.91 19.71
N GLY L 112 -64.20 13.52 18.44
CA GLY L 112 -63.32 14.21 17.52
C GLY L 112 -63.88 15.49 16.96
N ASP L 113 -65.20 15.67 17.00
CA ASP L 113 -65.78 16.95 16.61
C ASP L 113 -65.42 18.05 17.58
N ALA L 114 -65.23 17.70 18.85
CA ALA L 114 -64.68 18.65 19.81
C ALA L 114 -63.22 18.93 19.49
N GLY L 115 -62.78 20.16 19.77
CA GLY L 115 -61.46 20.59 19.38
C GLY L 115 -60.31 19.95 20.12
N GLY L 116 -60.17 20.28 21.40
CA GLY L 116 -59.08 19.75 22.19
C GLY L 116 -59.52 19.27 23.55
N VAL L 117 -60.72 18.70 23.60
CA VAL L 117 -61.33 18.33 24.88
C VAL L 117 -60.72 17.03 25.39
N VAL L 118 -59.96 17.12 26.47
CA VAL L 118 -59.38 15.97 27.13
C VAL L 118 -60.14 15.62 28.40
N TYR L 119 -60.55 16.63 29.17
CA TYR L 119 -61.25 16.46 30.44
C TYR L 119 -62.61 17.13 30.30
N PRO L 120 -63.62 16.42 29.76
CA PRO L 120 -64.89 17.06 29.43
C PRO L 120 -65.76 17.45 30.62
N GLY L 121 -65.95 16.54 31.57
CA GLY L 121 -66.88 16.78 32.65
C GLY L 121 -68.33 16.61 32.18
N GLY L 122 -69.24 17.20 32.96
CA GLY L 122 -70.64 17.19 32.62
C GLY L 122 -71.30 15.84 32.75
N ALA L 123 -71.81 15.31 31.63
CA ALA L 123 -72.45 14.01 31.64
C ALA L 123 -71.44 12.89 31.80
N PHE L 124 -70.19 13.11 31.39
CA PHE L 124 -69.13 12.14 31.63
C PHE L 124 -68.64 12.16 33.07
N ASP L 125 -68.99 13.18 33.85
CA ASP L 125 -68.60 13.30 35.25
C ASP L 125 -69.86 13.49 36.09
N PRO L 126 -70.61 12.41 36.35
CA PRO L 126 -71.88 12.55 37.08
C PRO L 126 -71.71 12.75 38.58
N LEU L 127 -70.73 12.07 39.17
CA LEU L 127 -70.53 12.13 40.62
C LEU L 127 -69.85 13.40 41.07
N GLY L 128 -69.23 14.14 40.15
CA GLY L 128 -68.70 15.45 40.46
C GLY L 128 -67.45 15.46 41.31
N PHE L 129 -66.47 14.61 40.99
CA PHE L 129 -65.20 14.66 41.70
C PHE L 129 -64.32 15.79 41.20
N ALA L 130 -64.57 16.29 39.98
CA ALA L 130 -63.79 17.38 39.40
C ALA L 130 -64.54 18.71 39.42
N LYS L 131 -65.47 18.89 40.36
CA LYS L 131 -66.23 20.13 40.48
C LYS L 131 -65.67 21.05 41.56
N ASP L 132 -64.35 21.05 41.71
CA ASP L 132 -63.66 21.84 42.74
C ASP L 132 -62.71 22.87 42.16
N SER L 133 -62.08 22.56 41.02
CA SER L 133 -61.15 23.42 40.27
C SER L 133 -59.87 23.76 41.03
N SER L 134 -59.63 23.13 42.17
CA SER L 134 -58.38 23.21 42.90
C SER L 134 -57.82 21.84 43.24
N LYS L 135 -58.68 20.87 43.54
CA LYS L 135 -58.29 19.49 43.76
C LYS L 135 -58.29 18.67 42.48
N SER L 136 -58.48 19.31 41.32
CA SER L 136 -58.60 18.56 40.08
C SER L 136 -57.25 18.10 39.56
N GLY L 137 -56.19 18.89 39.80
CA GLY L 137 -54.89 18.57 39.23
C GLY L 137 -54.25 17.36 39.88
N GLU L 138 -54.51 17.14 41.17
CA GLU L 138 -54.03 15.93 41.85
C GLU L 138 -54.71 14.68 41.28
N LEU L 139 -56.01 14.78 40.99
CA LEU L 139 -56.71 13.67 40.38
C LEU L 139 -56.26 13.42 38.95
N LYS L 140 -55.94 14.49 38.21
CA LYS L 140 -55.39 14.35 36.86
C LYS L 140 -54.02 13.66 36.89
N LEU L 141 -53.21 14.00 37.89
CA LEU L 141 -51.89 13.38 38.04
C LEU L 141 -52.01 11.91 38.44
N LYS L 142 -52.98 11.59 39.31
CA LYS L 142 -53.28 10.19 39.61
C LYS L 142 -53.74 9.43 38.38
N GLU L 143 -54.57 10.07 37.57
CA GLU L 143 -55.07 9.46 36.35
C GLU L 143 -53.97 9.17 35.33
N ILE L 144 -53.04 10.11 35.14
CA ILE L 144 -51.98 9.88 34.18
C ILE L 144 -50.96 8.88 34.71
N LYS L 145 -50.78 8.78 36.04
CA LYS L 145 -49.83 7.80 36.57
C LYS L 145 -50.37 6.38 36.55
N ASN L 146 -51.64 6.18 36.97
CA ASN L 146 -52.29 4.88 36.77
C ASN L 146 -52.39 4.51 35.30
N GLY L 147 -52.51 5.49 34.40
CA GLY L 147 -52.57 5.19 32.98
C GLY L 147 -51.24 4.74 32.39
N ARG L 148 -50.15 5.39 32.79
CA ARG L 148 -48.82 4.95 32.38
C ARG L 148 -48.50 3.56 32.90
N LEU L 149 -48.84 3.31 34.17
CA LEU L 149 -48.68 1.97 34.73
C LEU L 149 -49.50 0.92 34.00
N ALA L 150 -50.72 1.28 33.58
CA ALA L 150 -51.56 0.35 32.85
C ALA L 150 -51.04 0.09 31.43
N MET L 151 -50.48 1.11 30.78
CA MET L 151 -49.90 0.92 29.45
C MET L 151 -48.69 -0.02 29.51
N VAL L 152 -47.82 0.20 30.51
CA VAL L 152 -46.66 -0.67 30.71
C VAL L 152 -47.11 -2.09 31.06
N ALA L 153 -48.19 -2.23 31.83
CA ALA L 153 -48.69 -3.54 32.21
C ALA L 153 -49.30 -4.28 31.03
N PHE L 154 -49.97 -3.57 30.12
CA PHE L 154 -50.57 -4.25 28.97
C PHE L 154 -49.51 -4.66 27.97
N LEU L 155 -48.48 -3.82 27.76
CA LEU L 155 -47.38 -4.25 26.91
C LEU L 155 -46.62 -5.42 27.55
N GLY L 156 -46.58 -5.46 28.88
CA GLY L 156 -46.02 -6.63 29.55
C GLY L 156 -46.85 -7.88 29.37
N PHE L 157 -48.17 -7.74 29.35
CA PHE L 157 -49.06 -8.85 29.04
C PHE L 157 -48.76 -9.41 27.65
N VAL L 158 -48.64 -8.51 26.66
CA VAL L 158 -48.39 -8.92 25.28
C VAL L 158 -47.03 -9.61 25.15
N ALA L 159 -45.99 -9.03 25.75
CA ALA L 159 -44.66 -9.60 25.62
C ALA L 159 -44.50 -10.90 26.41
N GLN L 160 -45.18 -11.00 27.55
CA GLN L 160 -45.14 -12.24 28.33
C GLN L 160 -45.86 -13.36 27.60
N HIS L 161 -46.98 -13.06 26.93
CA HIS L 161 -47.63 -14.12 26.17
C HIS L 161 -46.85 -14.44 24.90
N ALA L 162 -46.15 -13.46 24.33
CA ALA L 162 -45.36 -13.73 23.13
C ALA L 162 -44.12 -14.55 23.45
N ALA L 163 -43.63 -14.48 24.69
CA ALA L 163 -42.43 -15.25 25.05
C ALA L 163 -42.81 -16.60 25.65
N THR L 164 -43.49 -16.60 26.80
CA THR L 164 -43.78 -17.84 27.49
C THR L 164 -45.02 -18.53 26.94
N GLY L 165 -46.11 -17.80 26.74
CA GLY L 165 -47.31 -18.36 26.18
C GLY L 165 -48.41 -18.67 27.17
N LYS L 166 -48.39 -18.03 28.33
CA LYS L 166 -49.40 -18.29 29.36
C LYS L 166 -50.05 -16.97 29.78
N GLY L 167 -51.04 -17.09 30.65
CA GLY L 167 -51.72 -15.93 31.18
C GLY L 167 -50.86 -15.17 32.17
N PRO L 168 -51.17 -13.89 32.39
CA PRO L 168 -50.39 -13.10 33.36
C PRO L 168 -50.55 -13.56 34.80
N ILE L 169 -51.74 -14.04 35.19
CA ILE L 169 -51.90 -14.55 36.55
C ILE L 169 -51.16 -15.87 36.71
N ALA L 170 -51.12 -16.68 35.66
CA ALA L 170 -50.32 -17.90 35.69
C ALA L 170 -48.82 -17.59 35.69
N ALA L 171 -48.42 -16.51 35.02
CA ALA L 171 -47.01 -16.10 35.07
C ALA L 171 -46.64 -15.58 36.44
N LEU L 172 -47.56 -14.87 37.10
CA LEU L 172 -47.34 -14.47 38.49
C LEU L 172 -47.29 -15.67 39.42
N GLY L 173 -48.08 -16.72 39.13
CA GLY L 173 -47.99 -17.93 39.92
C GLY L 173 -46.68 -18.68 39.73
N GLU L 174 -46.16 -18.68 38.50
CA GLU L 174 -44.85 -19.29 38.26
C GLU L 174 -43.73 -18.48 38.89
N HIS L 175 -43.84 -17.15 38.88
CA HIS L 175 -42.83 -16.32 39.51
C HIS L 175 -42.90 -16.39 41.03
N LEU L 176 -44.07 -16.70 41.59
CA LEU L 176 -44.11 -16.92 43.03
C LEU L 176 -43.71 -18.34 43.41
N ALA L 177 -43.87 -19.30 42.49
CA ALA L 177 -43.43 -20.66 42.78
C ALA L 177 -41.91 -20.76 42.81
N ASN L 178 -41.24 -20.28 41.78
CA ASN L 178 -39.77 -20.28 41.72
C ASN L 178 -39.35 -18.95 41.12
N PRO L 179 -39.01 -17.97 41.97
CA PRO L 179 -38.65 -16.65 41.43
C PRO L 179 -37.34 -16.62 40.69
N TRP L 180 -36.43 -17.53 40.99
CA TRP L 180 -35.12 -17.54 40.36
C TRP L 180 -35.07 -18.45 39.15
N GLY L 181 -35.88 -19.51 39.13
CA GLY L 181 -35.96 -20.40 38.00
C GLY L 181 -37.07 -20.11 37.01
N ALA L 182 -37.80 -19.01 37.19
CA ALA L 182 -38.88 -18.66 36.27
C ALA L 182 -38.99 -17.15 36.21
N ASN L 183 -38.35 -16.57 35.19
CA ASN L 183 -38.36 -15.13 34.93
C ASN L 183 -38.05 -14.93 33.46
N PHE L 184 -37.75 -13.68 33.08
CA PHE L 184 -37.51 -13.41 31.66
C PHE L 184 -36.15 -13.89 31.19
N ALA L 185 -35.25 -14.22 32.11
CA ALA L 185 -33.93 -14.70 31.75
C ALA L 185 -33.81 -16.22 31.78
N THR L 186 -34.83 -16.91 32.29
CA THR L 186 -34.93 -18.36 32.21
C THR L 186 -35.86 -18.77 31.07
N ASN L 187 -35.80 -18.04 29.96
CA ASN L 187 -36.88 -18.08 28.97
C ASN L 187 -36.40 -18.71 27.66
N GLY L 188 -35.23 -18.29 27.20
CA GLY L 188 -34.75 -18.66 25.88
C GLY L 188 -35.23 -17.77 24.76
N ILE L 189 -35.97 -16.71 25.08
CA ILE L 189 -36.53 -15.82 24.08
C ILE L 189 -36.06 -14.39 24.25
N SER L 190 -36.14 -13.85 25.48
CA SER L 190 -35.89 -12.43 25.72
C SER L 190 -34.41 -12.08 25.61
N VAL L 191 -33.55 -12.95 26.13
CA VAL L 191 -32.10 -12.84 25.97
C VAL L 191 -31.63 -14.11 25.29
N PRO L 192 -31.16 -14.05 24.04
CA PRO L 192 -30.86 -15.28 23.30
C PRO L 192 -29.64 -16.04 23.79
N PHE L 193 -28.74 -15.41 24.54
CA PHE L 193 -27.50 -16.07 24.94
C PHE L 193 -27.50 -16.54 26.39
N PHE L 194 -28.58 -16.34 27.13
CA PHE L 194 -28.66 -16.91 28.48
C PHE L 194 -29.02 -18.39 28.44
N LEU M 31 57.61 19.83 -23.30
CA LEU M 31 58.81 20.43 -23.89
C LEU M 31 60.04 19.50 -24.12
N PRO M 32 60.39 18.57 -23.21
CA PRO M 32 61.43 17.60 -23.59
C PRO M 32 60.92 16.62 -24.63
N GLY M 33 61.59 16.58 -25.78
CA GLY M 33 61.16 15.75 -26.88
C GLY M 33 60.20 16.42 -27.83
N ASP M 34 60.15 17.76 -27.84
CA ASP M 34 59.24 18.51 -28.69
C ASP M 34 59.83 18.55 -30.09
N PHE M 35 59.46 17.56 -30.90
CA PHE M 35 59.86 17.52 -32.30
C PHE M 35 58.73 17.95 -33.23
N GLY M 36 57.60 18.39 -32.68
CA GLY M 36 56.47 18.80 -33.48
C GLY M 36 55.61 17.68 -34.01
N PHE M 37 55.93 16.42 -33.70
CA PHE M 37 55.14 15.29 -34.17
C PHE M 37 53.88 15.18 -33.33
N ASP M 38 52.83 15.88 -33.76
CA ASP M 38 51.51 15.72 -33.17
C ASP M 38 50.49 15.78 -34.30
N PRO M 39 50.31 14.68 -35.04
CA PRO M 39 49.38 14.71 -36.18
C PRO M 39 47.92 14.76 -35.76
N LEU M 40 47.57 14.22 -34.60
CA LEU M 40 46.18 14.20 -34.17
C LEU M 40 45.87 15.28 -33.15
N GLY M 41 46.82 16.18 -32.88
CA GLY M 41 46.59 17.42 -32.16
C GLY M 41 46.07 17.31 -30.74
N LEU M 42 46.83 16.67 -29.85
CA LEU M 42 46.35 16.44 -28.50
C LEU M 42 47.00 17.32 -27.45
N LEU M 43 48.03 18.10 -27.80
CA LEU M 43 48.56 19.11 -26.89
C LEU M 43 47.99 20.49 -27.15
N ASP M 44 46.76 20.58 -27.63
CA ASP M 44 46.14 21.89 -27.84
C ASP M 44 45.68 22.44 -26.49
N PRO M 45 46.21 23.58 -26.03
CA PRO M 45 45.81 24.09 -24.73
C PRO M 45 44.41 24.68 -24.72
N VAL M 46 43.90 25.10 -25.87
CA VAL M 46 42.58 25.72 -25.94
C VAL M 46 41.51 24.63 -25.82
N ASN M 47 40.59 24.83 -24.86
CA ASN M 47 39.41 23.98 -24.64
C ASN M 47 39.81 22.55 -24.30
N SER M 48 40.81 22.41 -23.43
CA SER M 48 41.28 21.12 -22.97
C SER M 48 40.75 20.82 -21.58
N GLY M 49 40.73 19.55 -21.23
CA GLY M 49 40.28 19.13 -19.93
C GLY M 49 40.49 17.64 -19.75
N GLY M 50 40.05 17.16 -18.60
CA GLY M 50 40.10 15.72 -18.32
C GLY M 50 41.54 15.24 -18.18
N PHE M 51 41.80 14.05 -18.72
CA PHE M 51 43.14 13.49 -18.75
C PHE M 51 43.89 13.82 -20.03
N ILE M 52 43.30 14.59 -20.93
CA ILE M 52 43.99 15.09 -22.12
C ILE M 52 44.30 16.55 -21.86
N GLU M 53 45.48 16.78 -21.32
CA GLU M 53 46.04 18.05 -20.89
C GLU M 53 47.53 17.87 -21.11
N PRO M 54 48.30 18.93 -21.44
CA PRO M 54 49.76 18.76 -21.54
C PRO M 54 50.42 18.31 -20.25
N LYS M 55 49.89 18.77 -19.10
CA LYS M 55 50.42 18.38 -17.80
C LYS M 55 50.24 16.89 -17.53
N TRP M 56 49.13 16.31 -17.97
CA TRP M 56 48.97 14.87 -17.76
C TRP M 56 49.68 14.07 -18.83
N LEU M 57 49.70 14.56 -20.07
CA LEU M 57 50.23 13.76 -21.18
C LEU M 57 51.75 13.67 -21.16
N GLN M 58 52.44 14.78 -20.86
CA GLN M 58 53.91 14.73 -20.79
C GLN M 58 54.36 13.89 -19.60
N TYR M 59 53.63 13.98 -18.49
CA TYR M 59 53.97 13.24 -17.29
C TYR M 59 53.68 11.75 -17.45
N SER M 60 52.59 11.39 -18.11
CA SER M 60 52.35 9.99 -18.41
C SER M 60 53.29 9.45 -19.47
N GLU M 61 53.77 10.32 -20.35
CA GLU M 61 54.74 9.93 -21.36
C GLU M 61 56.06 9.52 -20.70
N VAL M 62 56.53 10.29 -19.72
CA VAL M 62 57.77 9.91 -19.07
C VAL M 62 57.57 8.75 -18.08
N ILE M 63 56.36 8.57 -17.53
CA ILE M 63 56.12 7.41 -16.67
C ILE M 63 56.14 6.12 -17.48
N HIS M 64 55.44 6.11 -18.63
CA HIS M 64 55.53 4.98 -19.54
C HIS M 64 56.94 4.77 -20.07
N ALA M 65 57.70 5.86 -20.27
CA ALA M 65 59.07 5.74 -20.75
C ALA M 65 59.96 5.05 -19.72
N ARG M 66 59.84 5.43 -18.46
CA ARG M 66 60.69 4.85 -17.42
C ARG M 66 60.30 3.40 -17.13
N TRP M 67 58.99 3.11 -17.06
CA TRP M 67 58.57 1.71 -16.89
C TRP M 67 58.95 0.86 -18.09
N ALA M 68 59.01 1.43 -19.29
CA ALA M 68 59.39 0.64 -20.44
C ALA M 68 60.89 0.46 -20.56
N MET M 69 61.69 1.41 -20.06
CA MET M 69 63.14 1.17 -19.96
C MET M 69 63.41 0.01 -19.02
N LEU M 70 62.76 0.02 -17.85
CA LEU M 70 62.91 -1.08 -16.91
C LEU M 70 62.37 -2.38 -17.50
N GLY M 71 61.29 -2.30 -18.28
CA GLY M 71 60.73 -3.48 -18.90
C GLY M 71 61.62 -4.07 -19.99
N ALA M 72 62.27 -3.21 -20.78
CA ALA M 72 63.16 -3.68 -21.83
C ALA M 72 64.40 -4.33 -21.25
N ALA M 73 65.03 -3.68 -20.26
CA ALA M 73 66.20 -4.27 -19.62
C ALA M 73 65.84 -5.56 -18.89
N GLY M 74 64.67 -5.62 -18.25
CA GLY M 74 64.29 -6.81 -17.52
C GLY M 74 63.87 -7.96 -18.39
N CYS M 75 63.32 -7.68 -19.58
CA CYS M 75 62.97 -8.75 -20.48
C CYS M 75 64.15 -9.22 -21.31
N ILE M 76 65.22 -8.42 -21.43
CA ILE M 76 66.43 -8.92 -22.08
C ILE M 76 67.29 -9.72 -21.11
N ALA M 77 67.50 -9.19 -19.88
CA ALA M 77 68.64 -9.60 -19.06
C ALA M 77 68.76 -11.08 -18.67
N PRO M 78 67.70 -11.85 -18.38
CA PRO M 78 67.93 -13.30 -18.14
C PRO M 78 68.43 -14.05 -19.36
N GLU M 79 68.01 -13.67 -20.56
CA GLU M 79 68.46 -14.37 -21.77
C GLU M 79 69.93 -14.10 -22.05
N VAL M 80 70.39 -12.87 -21.86
CA VAL M 80 71.80 -12.58 -22.14
C VAL M 80 72.69 -13.03 -20.99
N LEU M 81 72.16 -13.12 -19.77
CA LEU M 81 72.97 -13.66 -18.68
C LEU M 81 72.98 -15.19 -18.66
N GLY M 82 72.02 -15.83 -19.33
CA GLY M 82 72.14 -17.25 -19.58
C GLY M 82 72.97 -17.54 -20.80
N ALA M 83 73.01 -16.59 -21.73
CA ALA M 83 73.88 -16.71 -22.90
C ALA M 83 75.35 -16.59 -22.52
N ALA M 84 75.69 -15.60 -21.69
CA ALA M 84 77.06 -15.42 -21.24
C ALA M 84 77.49 -16.45 -20.21
N GLY M 85 76.56 -17.23 -19.66
CA GLY M 85 76.91 -18.24 -18.68
C GLY M 85 77.12 -17.71 -17.28
N LEU M 86 76.42 -16.65 -16.90
CA LEU M 86 76.54 -16.05 -15.57
C LEU M 86 75.50 -16.57 -14.59
N ILE M 87 74.27 -16.78 -15.04
CA ILE M 87 73.20 -17.29 -14.19
C ILE M 87 72.91 -18.72 -14.65
N PRO M 88 72.42 -19.62 -13.77
CA PRO M 88 72.22 -21.02 -14.19
C PRO M 88 71.06 -21.22 -15.16
N ASP M 89 70.89 -22.46 -15.62
CA ASP M 89 69.85 -22.79 -16.58
C ASP M 89 68.50 -23.09 -15.95
N ALA M 90 68.43 -23.17 -14.62
CA ALA M 90 67.13 -23.26 -13.96
C ALA M 90 66.38 -21.95 -14.07
N THR M 91 67.09 -20.83 -13.91
CA THR M 91 66.64 -19.52 -14.31
C THR M 91 67.02 -19.33 -15.79
N ASN M 92 67.06 -18.07 -16.26
CA ASN M 92 67.36 -17.59 -17.62
C ASN M 92 66.24 -17.92 -18.61
N ILE M 93 65.04 -18.16 -18.09
CA ILE M 93 63.86 -18.48 -18.90
C ILE M 93 63.42 -17.26 -19.71
N LYS M 94 62.53 -17.49 -20.67
CA LYS M 94 61.94 -16.40 -21.43
C LYS M 94 61.06 -15.54 -20.52
N TRP M 95 60.89 -14.27 -20.92
CA TRP M 95 60.32 -13.29 -20.01
C TRP M 95 58.83 -13.52 -19.78
N PHE M 96 58.13 -14.08 -20.76
CA PHE M 96 56.72 -14.37 -20.57
C PHE M 96 56.46 -15.69 -19.85
N GLU M 97 57.51 -16.46 -19.55
CA GLU M 97 57.38 -17.68 -18.78
C GLU M 97 57.67 -17.48 -17.30
N SER M 98 57.77 -16.23 -16.85
CA SER M 98 58.12 -15.94 -15.46
C SER M 98 56.98 -16.20 -14.50
N GLY M 99 55.75 -16.25 -14.99
CA GLY M 99 54.57 -16.21 -14.15
C GLY M 99 53.70 -15.00 -14.39
N VAL M 100 54.07 -14.16 -15.36
CA VAL M 100 53.21 -13.08 -15.81
C VAL M 100 51.95 -13.66 -16.44
N ILE M 101 52.15 -14.59 -17.35
CA ILE M 101 51.08 -15.37 -17.96
C ILE M 101 51.33 -16.83 -17.63
N PRO M 102 50.68 -17.36 -16.59
CA PRO M 102 50.78 -18.78 -16.25
C PRO M 102 50.26 -19.73 -17.33
N PRO M 103 49.34 -19.33 -18.23
CA PRO M 103 49.18 -20.16 -19.45
C PRO M 103 50.41 -20.24 -20.32
N ALA M 104 51.23 -19.18 -20.37
CA ALA M 104 52.42 -19.21 -21.21
C ALA M 104 53.62 -19.85 -20.53
N GLY M 105 53.45 -20.32 -19.30
CA GLY M 105 54.55 -20.89 -18.53
C GLY M 105 54.75 -20.11 -17.26
N SER M 106 55.20 -20.81 -16.22
CA SER M 106 55.42 -20.21 -14.91
C SER M 106 56.58 -20.91 -14.22
N TYR M 107 57.49 -20.09 -13.68
CA TYR M 107 58.65 -20.58 -12.95
C TYR M 107 58.26 -20.88 -11.52
N ASN M 108 58.47 -22.12 -11.10
CA ASN M 108 58.32 -22.51 -9.70
C ASN M 108 59.69 -22.60 -9.08
N GLY M 109 59.89 -21.94 -7.95
CA GLY M 109 61.22 -21.77 -7.39
C GLY M 109 61.38 -20.39 -6.79
N TYR M 110 60.33 -19.59 -6.89
CA TYR M 110 60.26 -18.35 -6.13
C TYR M 110 60.05 -18.66 -4.65
N TRP M 111 60.23 -17.66 -3.80
CA TRP M 111 60.09 -17.89 -2.37
C TRP M 111 58.64 -18.01 -1.92
N ALA M 112 57.68 -17.72 -2.79
CA ALA M 112 56.27 -17.88 -2.48
C ALA M 112 55.50 -18.12 -3.77
N ASP M 113 54.19 -18.33 -3.62
CA ASP M 113 53.29 -18.33 -4.76
C ASP M 113 53.20 -16.92 -5.34
N PRO M 114 52.92 -16.79 -6.65
CA PRO M 114 52.89 -15.44 -7.26
C PRO M 114 51.76 -14.54 -6.76
N TYR M 115 50.73 -15.09 -6.11
CA TYR M 115 49.72 -14.25 -5.50
C TYR M 115 50.16 -13.70 -4.15
N THR M 116 50.95 -14.48 -3.40
CA THR M 116 51.60 -13.98 -2.21
C THR M 116 52.59 -12.86 -2.56
N ILE M 117 53.28 -13.01 -3.69
CA ILE M 117 54.10 -11.92 -4.23
C ILE M 117 53.21 -10.75 -4.64
N PHE M 118 52.05 -11.05 -5.23
CA PHE M 118 51.22 -10.02 -5.84
C PHE M 118 50.54 -9.15 -4.81
N PHE M 119 50.24 -9.68 -3.61
CA PHE M 119 49.65 -8.81 -2.59
C PHE M 119 50.69 -7.84 -2.03
N VAL M 120 51.94 -8.28 -1.90
CA VAL M 120 53.04 -7.39 -1.54
C VAL M 120 53.21 -6.32 -2.59
N GLU M 121 53.07 -6.70 -3.87
CA GLU M 121 53.11 -5.74 -4.96
C GLU M 121 51.96 -4.74 -4.89
N ILE M 122 50.74 -5.21 -4.54
CA ILE M 122 49.58 -4.35 -4.39
C ILE M 122 49.84 -3.28 -3.32
N VAL M 123 50.29 -3.72 -2.15
CA VAL M 123 50.51 -2.79 -1.04
C VAL M 123 51.63 -1.81 -1.37
N ALA M 124 52.74 -2.32 -1.90
CA ALA M 124 53.92 -1.50 -2.16
C ALA M 124 53.66 -0.48 -3.27
N MET M 125 53.12 -0.93 -4.41
CA MET M 125 52.83 -0.03 -5.50
C MET M 125 51.67 0.91 -5.17
N GLN M 126 50.75 0.49 -4.30
CA GLN M 126 49.68 1.39 -3.85
C GLN M 126 50.26 2.56 -3.08
N PHE M 127 51.16 2.28 -2.11
CA PHE M 127 51.90 3.34 -1.41
C PHE M 127 52.67 4.26 -2.36
N ALA M 128 53.48 3.67 -3.25
CA ALA M 128 54.37 4.47 -4.10
C ALA M 128 53.60 5.32 -5.10
N GLU M 129 52.78 4.65 -5.90
CA GLU M 129 51.99 5.31 -6.92
C GLU M 129 50.99 6.30 -6.34
N LEU M 130 50.51 6.04 -5.13
CA LEU M 130 49.47 6.87 -4.56
C LEU M 130 50.05 8.12 -3.94
N ARG M 131 51.23 8.02 -3.32
CA ARG M 131 51.93 9.23 -2.87
C ARG M 131 52.42 10.07 -4.05
N ARG M 132 52.80 9.41 -5.15
CA ARG M 132 53.17 10.13 -6.36
C ARG M 132 51.98 10.89 -6.95
N LEU M 133 50.80 10.25 -6.95
CA LEU M 133 49.57 10.91 -7.35
C LEU M 133 49.26 12.12 -6.47
N GLN M 134 49.48 11.99 -5.16
CA GLN M 134 49.18 13.11 -4.28
C GLN M 134 50.13 14.29 -4.48
N ASP M 135 51.38 14.02 -4.85
CA ASP M 135 52.24 15.16 -5.17
C ASP M 135 51.88 15.76 -6.52
N PHE M 136 51.34 14.95 -7.45
CA PHE M 136 50.87 15.56 -8.69
C PHE M 136 49.65 16.45 -8.45
N ARG M 137 48.69 15.99 -7.66
CA ARG M 137 47.46 16.76 -7.48
C ARG M 137 47.68 17.92 -6.51
N TYR M 138 48.52 17.74 -5.51
CA TYR M 138 48.86 18.80 -4.56
C TYR M 138 50.38 18.92 -4.52
N PRO M 139 50.96 19.87 -5.24
CA PRO M 139 52.43 19.97 -5.34
C PRO M 139 53.07 20.39 -4.03
N GLY M 140 54.01 19.58 -3.56
CA GLY M 140 54.71 19.83 -2.32
C GLY M 140 54.06 19.27 -1.08
N SER M 141 52.91 18.60 -1.22
CA SER M 141 52.15 18.11 -0.07
C SER M 141 52.77 16.91 0.60
N MET M 142 53.81 16.30 0.03
CA MET M 142 54.43 15.11 0.60
C MET M 142 55.64 15.43 1.46
N GLY M 143 55.73 16.64 1.99
CA GLY M 143 56.82 16.98 2.87
C GLY M 143 56.38 17.50 4.23
N GLN M 144 55.10 17.34 4.55
CA GLN M 144 54.57 17.82 5.82
C GLN M 144 54.18 16.72 6.79
N GLN M 145 53.30 15.80 6.38
CA GLN M 145 52.85 14.76 7.28
C GLN M 145 53.95 13.72 7.47
N TYR M 146 54.06 13.22 8.70
CA TYR M 146 55.17 12.38 9.12
C TYR M 146 55.17 11.04 8.40
N PHE M 147 56.32 10.71 7.79
CA PHE M 147 56.49 9.45 7.06
C PHE M 147 57.84 8.84 7.47
N LEU M 148 58.03 8.70 8.79
CA LEU M 148 59.21 8.09 9.43
C LEU M 148 60.49 8.90 9.16
N GLY M 149 60.38 10.22 9.14
CA GLY M 149 61.51 11.06 8.79
C GLY M 149 61.70 11.26 7.30
N LEU M 150 60.97 10.54 6.47
CA LEU M 150 61.08 10.67 5.02
C LEU M 150 60.11 11.74 4.51
N GLU M 151 60.47 12.99 4.77
CA GLU M 151 59.67 14.12 4.30
C GLU M 151 60.47 15.13 3.49
N ALA M 152 61.73 15.35 3.82
CA ALA M 152 62.58 16.22 3.01
C ALA M 152 62.95 15.58 1.68
N ILE M 153 62.92 14.25 1.63
CA ILE M 153 63.14 13.50 0.39
C ILE M 153 62.00 13.74 -0.60
N PHE M 154 60.77 13.93 -0.13
CA PHE M 154 59.60 14.00 -0.99
C PHE M 154 59.01 15.39 -1.04
N LYS M 155 59.83 16.43 -0.89
CA LYS M 155 59.30 17.78 -1.05
C LYS M 155 59.00 18.09 -2.50
N GLY M 156 59.63 17.38 -3.43
CA GLY M 156 59.37 17.54 -4.84
C GLY M 156 59.91 18.86 -5.37
N SER M 157 59.34 19.27 -6.49
CA SER M 157 59.64 20.57 -7.09
C SER M 157 58.35 21.29 -7.38
N GLY M 158 58.43 22.40 -8.13
CA GLY M 158 57.24 23.02 -8.67
C GLY M 158 56.90 22.48 -10.04
N ASP M 159 57.25 21.21 -10.27
CA ASP M 159 57.14 20.54 -11.54
C ASP M 159 57.02 19.05 -11.27
N ALA M 160 55.97 18.44 -11.80
CA ALA M 160 55.86 16.99 -11.78
C ALA M 160 56.89 16.38 -12.74
N ALA M 161 57.04 15.06 -12.61
CA ALA M 161 57.89 14.14 -13.40
C ALA M 161 59.37 14.28 -13.09
N TYR M 162 59.75 15.32 -12.35
CA TYR M 162 61.16 15.58 -12.05
C TYR M 162 61.25 16.10 -10.62
N PRO M 163 61.05 15.21 -9.60
CA PRO M 163 61.09 15.68 -8.20
C PRO M 163 62.48 16.12 -7.76
N GLY M 164 63.46 15.26 -7.96
CA GLY M 164 64.80 15.53 -7.46
C GLY M 164 64.88 15.34 -5.95
N GLY M 165 65.64 16.21 -5.30
CA GLY M 165 65.83 16.11 -3.87
C GLY M 165 67.07 15.30 -3.54
N PRO M 166 67.11 14.72 -2.35
CA PRO M 166 68.30 13.96 -1.96
C PRO M 166 68.33 12.53 -2.46
N PHE M 167 67.20 11.97 -2.90
CA PHE M 167 67.17 10.58 -3.34
C PHE M 167 66.77 10.39 -4.80
N PHE M 168 65.77 11.12 -5.30
CA PHE M 168 65.41 10.91 -6.70
C PHE M 168 66.43 11.48 -7.65
N ASN M 169 67.24 12.43 -7.19
CA ASN M 169 68.45 12.87 -7.90
C ASN M 169 69.55 12.84 -6.84
N LEU M 170 70.21 11.68 -6.67
CA LEU M 170 71.22 11.54 -5.63
C LEU M 170 72.42 12.43 -5.92
N PHE M 171 73.09 12.17 -7.03
CA PHE M 171 74.20 12.97 -7.50
C PHE M 171 73.63 14.25 -8.08
N ASN M 172 74.34 15.36 -7.92
CA ASN M 172 73.90 16.57 -8.60
C ASN M 172 74.23 16.50 -10.08
N LEU M 173 73.38 15.82 -10.84
CA LEU M 173 73.54 15.67 -12.28
C LEU M 173 72.51 16.56 -12.96
N GLY M 174 72.99 17.47 -13.79
CA GLY M 174 72.12 18.47 -14.37
C GLY M 174 72.15 19.74 -13.55
N LYS M 175 73.34 20.11 -13.08
CA LYS M 175 73.51 21.37 -12.36
C LYS M 175 73.34 22.56 -13.30
N THR M 176 73.93 22.49 -14.48
CA THR M 176 73.68 23.44 -15.55
C THR M 176 72.28 23.19 -16.09
N GLU M 177 71.54 24.28 -16.35
CA GLU M 177 70.18 24.17 -16.87
C GLU M 177 70.17 23.57 -18.27
N ALA M 178 71.18 23.90 -19.09
CA ALA M 178 71.28 23.30 -20.42
C ALA M 178 71.63 21.83 -20.34
N ALA M 179 72.48 21.45 -19.38
CA ALA M 179 72.76 20.04 -19.13
C ALA M 179 71.52 19.31 -18.64
N MET M 180 70.67 19.99 -17.86
CA MET M 180 69.44 19.39 -17.39
C MET M 180 68.47 19.16 -18.55
N LYS M 181 68.38 20.12 -19.48
CA LYS M 181 67.55 19.95 -20.67
C LYS M 181 68.07 18.82 -21.55
N GLU M 182 69.40 18.72 -21.70
CA GLU M 182 69.97 17.66 -22.51
C GLU M 182 69.74 16.29 -21.90
N LEU M 183 69.82 16.19 -20.56
CA LEU M 183 69.54 14.92 -19.90
C LEU M 183 68.07 14.55 -19.97
N LYS M 184 67.16 15.54 -19.88
CA LYS M 184 65.74 15.26 -20.07
C LYS M 184 65.45 14.79 -21.48
N LEU M 185 66.14 15.37 -22.47
CA LEU M 185 65.93 14.97 -23.86
C LEU M 185 66.47 13.55 -24.12
N LYS M 186 67.61 13.22 -23.50
CA LYS M 186 68.14 11.87 -23.62
C LYS M 186 67.25 10.85 -22.92
N GLU M 187 66.64 11.24 -21.80
CA GLU M 187 65.69 10.36 -21.11
C GLU M 187 64.45 10.13 -21.97
N ILE M 188 63.97 11.19 -22.62
CA ILE M 188 62.84 11.08 -23.56
C ILE M 188 63.17 10.13 -24.72
N LYS M 189 64.35 10.27 -25.32
CA LYS M 189 64.65 9.48 -26.52
C LYS M 189 64.93 8.02 -26.19
N ASN M 190 65.75 7.76 -25.15
CA ASN M 190 65.94 6.39 -24.66
C ASN M 190 64.62 5.76 -24.22
N GLY M 191 63.71 6.56 -23.66
CA GLY M 191 62.44 6.00 -23.21
C GLY M 191 61.52 5.64 -24.35
N ARG M 192 61.42 6.50 -25.37
CA ARG M 192 60.58 6.21 -26.53
C ARG M 192 61.11 5.01 -27.30
N LEU M 193 62.45 4.89 -27.40
CA LEU M 193 63.04 3.69 -27.99
C LEU M 193 62.71 2.44 -27.18
N ALA M 194 62.72 2.55 -25.85
CA ALA M 194 62.39 1.39 -25.02
C ALA M 194 60.90 1.04 -25.09
N MET M 195 60.03 2.04 -25.30
CA MET M 195 58.60 1.76 -25.47
C MET M 195 58.34 1.01 -26.76
N LEU M 196 58.98 1.45 -27.86
CA LEU M 196 58.93 0.70 -29.12
C LEU M 196 59.51 -0.70 -28.95
N ALA M 197 60.57 -0.83 -28.15
CA ALA M 197 61.17 -2.14 -27.90
C ALA M 197 60.25 -3.05 -27.11
N MET M 198 59.49 -2.52 -26.16
CA MET M 198 58.60 -3.38 -25.38
C MET M 198 57.39 -3.80 -26.18
N LEU M 199 56.86 -2.91 -27.03
CA LEU M 199 55.84 -3.31 -28.01
C LEU M 199 56.37 -4.38 -28.95
N GLY M 200 57.65 -4.26 -29.32
CA GLY M 200 58.26 -5.29 -30.15
C GLY M 200 58.42 -6.60 -29.45
N TYR M 201 58.73 -6.57 -28.15
CA TYR M 201 58.83 -7.80 -27.36
C TYR M 201 57.47 -8.48 -27.27
N GLY M 202 56.40 -7.70 -27.11
CA GLY M 202 55.07 -8.28 -27.09
C GLY M 202 54.67 -8.92 -28.40
N ALA M 203 54.83 -8.20 -29.51
CA ALA M 203 54.44 -8.73 -30.82
C ALA M 203 55.32 -9.90 -31.23
N GLN M 204 56.61 -9.78 -30.98
CA GLN M 204 57.54 -10.86 -31.25
C GLN M 204 57.22 -12.08 -30.37
N ALA M 205 56.83 -11.85 -29.11
CA ALA M 205 56.59 -13.00 -28.22
C ALA M 205 55.32 -13.72 -28.61
N VAL M 206 54.32 -13.00 -29.09
CA VAL M 206 53.09 -13.65 -29.54
C VAL M 206 53.32 -14.41 -30.84
N MET M 207 54.00 -13.78 -31.81
CA MET M 207 54.00 -14.35 -33.15
C MET M 207 54.98 -15.51 -33.31
N THR M 208 56.22 -15.35 -32.83
CA THR M 208 57.17 -16.44 -33.02
C THR M 208 57.30 -17.35 -31.81
N GLY M 209 56.76 -16.96 -30.65
CA GLY M 209 56.76 -17.82 -29.48
C GLY M 209 58.11 -18.00 -28.82
N LYS M 210 59.07 -17.12 -29.10
CA LYS M 210 60.40 -17.23 -28.52
C LYS M 210 60.81 -15.91 -27.88
N GLY M 211 61.98 -15.88 -27.24
CA GLY M 211 62.47 -14.69 -26.60
C GLY M 211 63.12 -13.74 -27.58
N PRO M 212 63.32 -12.48 -27.16
CA PRO M 212 63.87 -11.47 -28.08
C PRO M 212 65.34 -11.69 -28.43
N PHE M 213 66.14 -12.19 -27.49
CA PHE M 213 67.54 -12.50 -27.81
C PHE M 213 67.63 -13.69 -28.74
N GLN M 214 66.67 -14.62 -28.67
CA GLN M 214 66.59 -15.68 -29.66
C GLN M 214 66.27 -15.12 -31.04
N ASN M 215 65.46 -14.05 -31.10
CA ASN M 215 65.21 -13.37 -32.37
C ASN M 215 66.45 -12.66 -32.88
N LEU M 216 67.28 -12.12 -31.96
CA LEU M 216 68.59 -11.58 -32.35
C LEU M 216 69.47 -12.65 -33.00
N VAL M 217 69.55 -13.82 -32.36
CA VAL M 217 70.39 -14.90 -32.86
C VAL M 217 69.89 -15.40 -34.21
N GLU M 218 68.57 -15.49 -34.37
CA GLU M 218 68.02 -16.02 -35.62
C GLU M 218 68.08 -14.98 -36.75
N HIS M 219 68.00 -13.68 -36.43
CA HIS M 219 68.12 -12.68 -37.48
C HIS M 219 69.58 -12.43 -37.84
N LEU M 220 70.50 -12.61 -36.91
CA LEU M 220 71.92 -12.45 -37.25
C LEU M 220 72.49 -13.70 -37.90
N ALA M 221 71.90 -14.87 -37.68
CA ALA M 221 72.37 -16.07 -38.38
C ALA M 221 71.93 -16.05 -39.83
N ASP M 222 70.64 -15.88 -40.09
CA ASP M 222 70.08 -15.85 -41.44
C ASP M 222 69.21 -14.61 -41.58
N PRO M 223 69.78 -13.49 -42.03
CA PRO M 223 68.98 -12.26 -42.16
C PRO M 223 67.93 -12.31 -43.26
N VAL M 224 68.12 -13.16 -44.27
CA VAL M 224 67.16 -13.27 -45.36
C VAL M 224 66.05 -14.25 -45.03
N ASN M 225 66.40 -15.41 -44.47
CA ASN M 225 65.46 -16.49 -44.26
C ASN M 225 64.83 -16.50 -42.88
N ASN M 226 65.09 -15.47 -42.06
CA ASN M 226 64.46 -15.35 -40.74
C ASN M 226 64.07 -13.89 -40.54
N ASN M 227 62.84 -13.56 -40.94
CA ASN M 227 62.29 -12.22 -40.83
C ASN M 227 60.85 -12.34 -40.39
N ILE M 228 60.12 -11.22 -40.46
CA ILE M 228 58.67 -11.29 -40.23
C ILE M 228 58.00 -12.00 -41.40
N LEU M 229 58.58 -11.93 -42.60
CA LEU M 229 57.99 -12.55 -43.78
C LEU M 229 58.08 -14.07 -43.73
N THR M 230 59.03 -14.62 -42.99
CA THR M 230 59.16 -16.06 -42.84
C THR M 230 58.21 -16.61 -41.78
N ASN M 231 58.03 -15.90 -40.68
CA ASN M 231 57.27 -16.42 -39.54
C ASN M 231 55.76 -16.33 -39.71
N PHE M 232 55.25 -15.93 -40.88
CA PHE M 232 53.80 -15.95 -41.10
C PHE M 232 53.28 -17.38 -41.17
N VAL N 3 48.45 20.23 8.90
CA VAL N 3 49.17 20.29 10.17
C VAL N 3 49.07 18.96 10.88
N ARG N 4 47.86 18.60 11.30
CA ARG N 4 47.65 17.33 11.97
C ARG N 4 47.64 16.19 10.95
N PRO N 5 48.07 14.99 11.35
CA PRO N 5 48.13 13.88 10.39
C PRO N 5 46.74 13.42 9.96
N VAL N 6 46.56 13.33 8.65
CA VAL N 6 45.31 12.95 8.03
C VAL N 6 45.45 11.50 7.58
N TRP N 7 44.33 10.79 7.50
CA TRP N 7 44.29 9.40 7.05
C TRP N 7 44.81 9.22 5.61
N PHE N 8 44.75 10.28 4.82
CA PHE N 8 45.07 10.26 3.39
C PHE N 8 45.91 11.51 3.17
N PRO N 9 47.24 11.37 3.18
CA PRO N 9 48.11 12.55 3.06
C PRO N 9 47.95 13.27 1.73
N GLY N 10 47.94 14.60 1.79
CA GLY N 10 47.70 15.42 0.63
C GLY N 10 46.31 16.03 0.60
N ASN N 11 45.28 15.24 0.92
CA ASN N 11 43.95 15.81 0.94
C ASN N 11 43.72 16.58 2.23
N PRO N 12 43.03 17.73 2.17
CA PRO N 12 42.66 18.41 3.40
C PRO N 12 41.54 17.66 4.12
N PRO N 13 41.43 17.81 5.43
CA PRO N 13 40.29 17.21 6.14
C PRO N 13 39.02 17.97 5.86
N PRO N 14 37.86 17.33 6.04
CA PRO N 14 36.58 18.05 5.88
C PRO N 14 36.38 19.08 6.98
N ALA N 15 35.41 19.96 6.74
CA ALA N 15 35.20 21.10 7.62
C ALA N 15 34.57 20.70 8.95
N HIS N 16 33.81 19.62 8.97
CA HIS N 16 33.15 19.19 10.20
C HIS N 16 34.03 18.36 11.10
N LEU N 17 35.22 17.97 10.64
CA LEU N 17 36.19 17.25 11.48
C LEU N 17 37.35 18.20 11.76
N ASP N 18 37.43 18.69 12.99
CA ASP N 18 38.36 19.76 13.34
C ASP N 18 39.61 19.27 14.04
N GLY N 19 39.56 18.14 14.73
CA GLY N 19 40.63 17.69 15.60
C GLY N 19 40.29 17.76 17.07
N SER N 20 39.10 18.25 17.42
CA SER N 20 38.66 18.21 18.82
C SER N 20 38.37 16.79 19.27
N LEU N 21 37.93 15.93 18.35
CA LEU N 21 37.60 14.56 18.68
C LEU N 21 38.86 13.72 18.81
N ALA N 22 38.76 12.67 19.62
CA ALA N 22 39.84 11.70 19.74
C ALA N 22 39.82 10.78 18.54
N GLY N 23 40.98 10.60 17.91
CA GLY N 23 41.06 9.84 16.68
C GLY N 23 40.53 10.54 15.47
N ASP N 24 40.65 11.87 15.42
CA ASP N 24 40.10 12.68 14.34
C ASP N 24 41.16 12.79 13.25
N TYR N 25 41.08 11.92 12.25
CA TYR N 25 42.01 11.92 11.13
C TYR N 25 41.39 12.47 9.86
N GLY N 26 40.21 13.06 9.94
CA GLY N 26 39.53 13.55 8.76
C GLY N 26 38.97 12.48 7.86
N PHE N 27 38.73 11.28 8.38
CA PHE N 27 38.22 10.18 7.56
C PHE N 27 36.69 10.24 7.57
N ASP N 28 36.14 10.92 6.57
CA ASP N 28 34.70 10.90 6.31
C ASP N 28 34.47 11.11 4.82
N PRO N 29 34.78 10.09 3.99
CA PRO N 29 34.62 10.28 2.55
C PRO N 29 33.17 10.24 2.07
N LEU N 30 32.26 9.64 2.84
CA LEU N 30 30.86 9.62 2.48
C LEU N 30 30.05 10.70 3.18
N PHE N 31 30.71 11.53 4.01
CA PHE N 31 30.12 12.70 4.68
C PHE N 31 28.93 12.31 5.57
N LEU N 32 29.08 11.20 6.29
CA LEU N 32 27.98 10.69 7.10
C LEU N 32 27.74 11.53 8.35
N GLY N 33 28.67 12.39 8.72
CA GLY N 33 28.53 13.18 9.93
C GLY N 33 28.61 14.68 9.74
N GLN N 34 28.00 15.23 8.67
CA GLN N 34 28.04 16.67 8.47
C GLN N 34 27.27 17.42 9.53
N GLU N 35 26.16 16.86 10.01
CA GLU N 35 25.42 17.50 11.08
C GLU N 35 26.12 17.27 12.41
N PRO N 36 26.16 18.27 13.30
CA PRO N 36 26.84 18.08 14.59
C PRO N 36 26.13 17.11 15.52
N GLN N 37 24.80 17.02 15.45
CA GLN N 37 24.09 16.06 16.29
C GLN N 37 24.28 14.64 15.81
N THR N 38 24.28 14.45 14.49
CA THR N 38 24.54 13.13 13.91
C THR N 38 25.97 12.70 14.15
N LEU N 39 26.92 13.64 14.12
CA LEU N 39 28.31 13.33 14.44
C LEU N 39 28.48 13.02 15.92
N LYS N 40 27.72 13.70 16.79
CA LYS N 40 27.72 13.41 18.22
C LYS N 40 27.23 11.99 18.50
N TRP N 41 26.12 11.62 17.86
CA TRP N 41 25.57 10.27 17.96
C TRP N 41 26.52 9.22 17.41
N TYR N 42 27.21 9.53 16.31
CA TYR N 42 28.16 8.58 15.74
C TYR N 42 29.43 8.46 16.56
N VAL N 43 29.86 9.53 17.23
CA VAL N 43 30.98 9.44 18.19
C VAL N 43 30.64 8.46 19.30
N GLN N 44 29.43 8.56 19.83
CA GLN N 44 29.07 7.65 20.91
C GLN N 44 28.87 6.22 20.39
N ALA N 45 28.36 6.05 19.17
CA ALA N 45 28.24 4.71 18.59
C ALA N 45 29.60 4.09 18.31
N GLU N 46 30.56 4.92 17.88
CA GLU N 46 31.91 4.45 17.62
C GLU N 46 32.56 3.98 18.93
N LEU N 47 32.35 4.74 20.01
CA LEU N 47 32.91 4.35 21.30
C LEU N 47 32.27 3.08 21.84
N VAL N 48 30.96 2.91 21.65
CA VAL N 48 30.30 1.70 22.16
C VAL N 48 30.73 0.46 21.36
N HIS N 49 30.73 0.56 20.02
CA HIS N 49 31.26 -0.53 19.19
C HIS N 49 32.71 -0.84 19.50
N GLY N 50 33.53 0.20 19.74
CA GLY N 50 34.93 -0.02 20.03
C GLY N 50 35.15 -0.71 21.36
N ARG N 51 34.42 -0.30 22.39
CA ARG N 51 34.58 -0.90 23.71
C ARG N 51 34.08 -2.34 23.75
N PHE N 52 32.96 -2.63 23.05
CA PHE N 52 32.55 -4.03 22.92
C PHE N 52 33.53 -4.84 22.11
N ALA N 53 34.17 -4.25 21.10
CA ALA N 53 35.11 -5.03 20.30
C ALA N 53 36.40 -5.29 21.07
N MET N 54 36.85 -4.34 21.89
CA MET N 54 38.02 -4.57 22.74
C MET N 54 37.75 -5.66 23.76
N LEU N 55 36.56 -5.61 24.36
CA LEU N 55 36.19 -6.57 25.39
C LEU N 55 36.04 -7.97 24.79
N GLY N 56 35.34 -8.06 23.66
CA GLY N 56 35.19 -9.34 22.99
C GLY N 56 36.48 -9.87 22.40
N ALA N 57 37.34 -8.99 21.89
CA ALA N 57 38.59 -9.44 21.30
C ALA N 57 39.57 -9.94 22.36
N ALA N 58 39.59 -9.31 23.53
CA ALA N 58 40.38 -9.87 24.63
C ALA N 58 39.81 -11.21 25.09
N GLY N 59 38.49 -11.36 25.03
CA GLY N 59 37.89 -12.67 25.31
C GLY N 59 38.31 -13.73 24.31
N ILE N 60 38.30 -13.39 23.01
CA ILE N 60 38.75 -14.29 21.94
C ILE N 60 40.20 -14.72 22.18
N ILE N 61 41.08 -13.75 22.44
CA ILE N 61 42.50 -14.01 22.55
C ILE N 61 42.81 -14.86 23.77
N LEU N 62 42.20 -14.53 24.93
CA LEU N 62 42.46 -15.31 26.14
C LEU N 62 41.91 -16.72 26.02
N THR N 63 40.70 -16.87 25.47
CA THR N 63 40.10 -18.21 25.32
C THR N 63 40.88 -19.04 24.30
N SER N 64 41.44 -18.41 23.26
CA SER N 64 42.22 -19.16 22.28
C SER N 64 43.59 -19.56 22.83
N ILE N 65 44.22 -18.69 23.62
CA ILE N 65 45.45 -19.06 24.34
C ILE N 65 45.19 -20.23 25.28
N GLY N 66 44.08 -20.19 26.00
CA GLY N 66 43.71 -21.32 26.83
C GLY N 66 43.23 -22.55 26.08
N ALA N 67 42.87 -22.41 24.81
CA ALA N 67 42.36 -23.52 24.04
C ALA N 67 43.44 -24.26 23.24
N LYS N 68 44.47 -23.57 22.77
CA LYS N 68 45.55 -24.28 22.07
C LYS N 68 46.35 -25.15 23.02
N VAL N 69 46.83 -24.56 24.12
CA VAL N 69 47.41 -25.37 25.19
C VAL N 69 46.29 -26.16 25.85
N GLY N 70 46.56 -27.42 26.17
CA GLY N 70 45.52 -28.35 26.56
C GLY N 70 44.86 -28.09 27.91
N LEU N 71 44.05 -27.04 27.99
CA LEU N 71 43.31 -26.72 29.20
C LEU N 71 41.82 -27.03 29.08
N GLY N 72 41.37 -27.51 27.92
CA GLY N 72 39.99 -27.87 27.73
C GLY N 72 39.05 -26.74 27.35
N PHE N 73 39.58 -25.56 27.09
CA PHE N 73 38.74 -24.44 26.68
C PHE N 73 38.23 -24.65 25.26
N PRO N 74 36.98 -24.31 24.98
CA PRO N 74 36.46 -24.40 23.62
C PRO N 74 37.01 -23.28 22.75
N GLU N 75 36.83 -23.45 21.46
CA GLU N 75 37.04 -22.34 20.55
C GLU N 75 35.75 -21.53 20.47
N TRP N 76 35.91 -20.23 20.18
CA TRP N 76 34.87 -19.24 20.47
C TRP N 76 33.60 -19.44 19.68
N TYR N 77 33.66 -20.12 18.54
CA TYR N 77 32.47 -20.46 17.78
C TYR N 77 31.74 -21.69 18.32
N ASP N 78 32.26 -22.30 19.39
CA ASP N 78 31.62 -23.43 20.04
C ASP N 78 31.33 -23.16 21.51
N ALA N 79 31.77 -22.00 22.02
CA ALA N 79 31.77 -21.74 23.45
C ALA N 79 30.36 -21.57 24.00
N GLY N 80 29.50 -20.89 23.24
CA GLY N 80 28.13 -20.70 23.70
C GLY N 80 27.36 -22.00 23.78
N LYS N 81 27.56 -22.87 22.80
CA LYS N 81 26.91 -24.18 22.82
C LYS N 81 27.43 -25.05 23.97
N VAL N 82 28.73 -25.04 24.22
CA VAL N 82 29.22 -25.91 25.28
C VAL N 82 28.98 -25.31 26.67
N VAL N 83 28.74 -24.01 26.78
CA VAL N 83 28.37 -23.44 28.07
C VAL N 83 26.90 -23.72 28.37
N VAL N 84 26.04 -23.59 27.35
CA VAL N 84 24.62 -23.89 27.55
C VAL N 84 24.40 -25.38 27.78
N GLU N 85 25.22 -26.24 27.15
CA GLU N 85 25.05 -27.68 27.34
C GLU N 85 25.83 -28.25 28.51
N LYS N 86 26.95 -27.66 28.89
CA LYS N 86 27.72 -28.18 30.03
C LYS N 86 27.01 -27.90 31.34
N ASN N 87 26.66 -26.64 31.59
CA ASN N 87 25.77 -26.29 32.68
C ASN N 87 24.34 -26.65 32.27
N ASN N 88 23.39 -26.50 33.19
CA ASN N 88 21.99 -26.80 32.90
C ASN N 88 21.24 -25.53 32.51
N ILE N 89 21.95 -24.61 31.85
CA ILE N 89 21.42 -23.31 31.47
C ILE N 89 20.48 -23.47 30.30
N ASP N 90 19.27 -22.94 30.42
CA ASP N 90 18.40 -22.80 29.26
C ASP N 90 18.78 -21.54 28.50
N PHE N 91 18.84 -21.67 27.19
CA PHE N 91 19.16 -20.56 26.29
C PHE N 91 18.21 -19.36 26.37
N PRO N 92 16.87 -19.50 26.25
CA PRO N 92 16.05 -18.28 26.14
C PRO N 92 15.94 -17.49 27.43
N THR N 93 16.02 -18.13 28.60
CA THR N 93 15.97 -17.37 29.84
C THR N 93 17.22 -16.52 30.03
N LEU N 94 18.40 -17.03 29.63
CA LEU N 94 19.61 -16.23 29.73
C LEU N 94 19.60 -15.12 28.70
N MET N 95 19.02 -15.36 27.52
CA MET N 95 18.80 -14.30 26.54
C MET N 95 17.92 -13.18 27.09
N VAL N 96 16.80 -13.53 27.72
CA VAL N 96 15.85 -12.51 28.20
C VAL N 96 16.42 -11.75 29.40
N ILE N 97 17.18 -12.43 30.27
CA ILE N 97 17.81 -11.74 31.39
C ILE N 97 18.90 -10.78 30.90
N GLN N 98 19.65 -11.20 29.88
CA GLN N 98 20.62 -10.32 29.23
C GLN N 98 19.94 -9.09 28.64
N PHE N 99 18.80 -9.28 27.96
CA PHE N 99 18.12 -8.13 27.37
C PHE N 99 17.50 -7.24 28.44
N TYR N 100 17.10 -7.82 29.59
CA TYR N 100 16.62 -7.02 30.72
C TYR N 100 17.71 -6.08 31.24
N LEU N 101 18.85 -6.66 31.64
CA LEU N 101 19.92 -5.85 32.24
C LEU N 101 20.52 -4.89 31.23
N MET N 102 20.74 -5.36 30.00
CA MET N 102 21.34 -4.55 28.96
C MET N 102 20.38 -3.45 28.50
N GLY N 103 19.07 -3.72 28.53
CA GLY N 103 18.11 -2.70 28.13
C GLY N 103 17.96 -1.63 29.18
N TRP N 104 18.05 -2.02 30.47
CA TRP N 104 18.09 -1.05 31.54
C TRP N 104 19.27 -0.09 31.37
N ALA N 105 20.49 -0.64 31.29
CA ALA N 105 21.69 0.18 31.20
C ALA N 105 21.74 1.00 29.92
N GLU N 106 21.30 0.40 28.82
CA GLU N 106 21.42 1.03 27.52
C GLU N 106 20.33 2.08 27.35
N THR N 107 19.18 1.91 28.00
CA THR N 107 18.13 2.93 27.97
C THR N 107 18.50 4.12 28.84
N LYS N 108 19.19 3.88 29.95
CA LYS N 108 19.78 4.98 30.72
C LYS N 108 20.76 5.79 29.88
N ARG N 109 21.62 5.09 29.12
CA ARG N 109 22.56 5.77 28.22
C ARG N 109 21.85 6.53 27.10
N TRP N 110 20.78 5.95 26.55
CA TRP N 110 19.96 6.58 25.51
C TRP N 110 19.32 7.88 26.00
N TYR N 111 18.60 7.83 27.11
CA TYR N 111 17.95 9.04 27.58
C TYR N 111 18.91 10.00 28.26
N ASP N 112 20.15 9.60 28.54
CA ASP N 112 21.15 10.60 28.87
C ASP N 112 21.74 11.26 27.62
N PHE N 113 21.76 10.57 26.48
CA PHE N 113 22.08 11.27 25.24
C PHE N 113 21.00 12.28 24.88
N LYS N 114 19.73 11.91 25.08
CA LYS N 114 18.63 12.80 24.73
C LYS N 114 18.59 14.03 25.62
N ASN N 115 18.76 13.84 26.93
CA ASN N 115 18.78 14.95 27.88
C ASN N 115 20.11 14.86 28.63
N PRO N 116 21.04 15.78 28.42
CA PRO N 116 22.45 15.47 28.70
C PRO N 116 22.87 15.58 30.15
N GLY N 117 21.95 15.69 31.10
CA GLY N 117 22.34 15.64 32.50
C GLY N 117 21.32 14.96 33.37
N SER N 118 20.31 14.36 32.74
CA SER N 118 19.05 14.06 33.40
C SER N 118 19.05 12.79 34.23
N GLN N 119 19.99 11.88 34.02
CA GLN N 119 19.93 10.63 34.76
C GLN N 119 20.52 10.73 36.15
N ALA N 120 21.01 11.90 36.54
CA ALA N 120 21.52 12.15 37.89
C ALA N 120 20.54 12.97 38.73
N ASP N 121 19.24 12.76 38.53
CA ASP N 121 18.24 13.50 39.31
C ASP N 121 17.88 12.80 40.61
N GLY N 122 18.48 11.65 40.89
CA GLY N 122 18.16 10.89 42.08
C GLY N 122 17.02 9.92 41.92
N SER N 123 16.46 9.79 40.71
CA SER N 123 15.30 8.92 40.52
C SER N 123 15.70 7.46 40.57
N PHE N 124 16.81 7.10 39.92
CA PHE N 124 17.46 5.84 40.24
C PHE N 124 18.00 5.92 41.66
N LEU N 125 18.14 4.75 42.30
CA LEU N 125 17.81 4.47 43.70
C LEU N 125 17.98 5.63 44.68
N GLY N 126 19.18 6.20 44.75
CA GLY N 126 19.38 7.44 45.45
C GLY N 126 20.52 8.22 44.84
N PHE N 127 21.01 7.72 43.70
CA PHE N 127 22.31 8.14 43.20
C PHE N 127 22.21 9.46 42.44
N THR N 128 23.16 10.34 42.69
CA THR N 128 23.19 11.68 42.11
C THR N 128 24.63 12.02 41.80
N GLU N 129 24.88 12.51 40.58
CA GLU N 129 26.16 12.90 39.98
C GLU N 129 27.08 11.72 39.70
N GLU N 130 26.71 10.50 40.08
CA GLU N 130 27.41 9.29 39.69
C GLU N 130 26.86 8.71 38.40
N PHE N 131 25.72 9.22 37.92
CA PHE N 131 25.21 8.94 36.60
C PHE N 131 25.11 10.19 35.75
N LYS N 132 25.65 11.31 36.23
CA LYS N 132 25.89 12.46 35.38
C LYS N 132 27.10 12.21 34.52
N GLY N 133 26.97 12.48 33.23
CA GLY N 133 28.09 12.27 32.33
C GLY N 133 29.12 13.38 32.43
N LEU N 134 30.20 13.20 31.68
CA LEU N 134 31.22 14.23 31.58
C LEU N 134 31.30 14.77 30.15
N GLU N 135 31.36 13.87 29.18
CA GLU N 135 31.33 14.22 27.76
C GLU N 135 30.38 13.24 27.08
N ASN N 136 30.25 13.37 25.75
CA ASN N 136 29.52 12.39 24.96
C ASN N 136 30.30 11.09 24.94
N GLY N 137 29.73 10.04 25.52
CA GLY N 137 30.40 8.77 25.51
C GLY N 137 31.48 8.60 26.57
N TYR N 138 31.60 9.56 27.49
CA TYR N 138 32.62 9.54 28.53
C TYR N 138 31.95 9.75 29.88
N PRO N 139 31.32 8.69 30.46
CA PRO N 139 30.49 8.85 31.66
C PRO N 139 31.20 8.65 32.99
N GLY N 140 32.28 9.38 33.21
CA GLY N 140 33.10 9.10 34.38
C GLY N 140 32.64 9.74 35.68
N GLY N 141 32.26 8.90 36.64
CA GLY N 141 31.93 9.37 37.97
C GLY N 141 32.67 8.59 39.04
N ARG N 142 31.93 7.99 39.97
CA ARG N 142 32.49 7.05 40.92
C ARG N 142 32.31 5.60 40.50
N PHE N 143 31.26 5.30 39.73
CA PHE N 143 31.05 3.93 39.27
C PHE N 143 31.88 3.61 38.03
N PHE N 144 31.71 4.40 36.98
CA PHE N 144 32.31 4.07 35.70
C PHE N 144 33.79 4.43 35.63
N ASP N 145 34.23 5.41 36.41
CA ASP N 145 35.65 5.73 36.57
C ASP N 145 35.98 5.67 38.05
N PRO N 146 36.11 4.46 38.64
CA PRO N 146 36.36 4.39 40.08
C PRO N 146 37.78 4.77 40.46
N MET N 147 38.76 4.51 39.59
CA MET N 147 40.15 4.84 39.89
C MET N 147 40.47 6.30 39.62
N GLY N 148 39.58 7.03 38.96
CA GLY N 148 39.63 8.48 38.92
C GLY N 148 40.73 9.08 38.06
N LEU N 149 40.76 8.76 36.78
CA LEU N 149 41.80 9.26 35.89
C LEU N 149 41.31 10.33 34.94
N SER N 150 40.02 10.67 34.97
CA SER N 150 39.46 11.65 34.05
C SER N 150 39.35 13.04 34.65
N ARG N 151 39.89 13.27 35.84
CA ARG N 151 39.74 14.53 36.53
C ARG N 151 41.07 15.06 37.08
N GLY N 152 42.14 14.28 36.97
CA GLY N 152 43.48 14.77 37.23
C GLY N 152 44.37 14.53 36.03
N ASP N 153 45.23 15.51 35.69
CA ASP N 153 46.10 15.50 34.51
C ASP N 153 45.28 15.34 33.23
N ALA N 154 44.54 16.42 32.92
CA ALA N 154 43.59 16.43 31.80
C ALA N 154 44.26 16.16 30.46
N ALA N 155 45.52 16.60 30.30
CA ALA N 155 46.25 16.29 29.07
C ALA N 155 46.55 14.80 28.96
N LYS N 156 46.88 14.16 30.09
CA LYS N 156 47.04 12.72 30.11
C LYS N 156 45.70 12.01 29.88
N TYR N 157 44.60 12.61 30.31
CA TYR N 157 43.28 12.06 29.99
C TYR N 157 42.96 12.17 28.50
N GLN N 158 43.38 13.25 27.84
CA GLN N 158 43.24 13.32 26.39
C GLN N 158 44.10 12.27 25.69
N GLU N 159 45.29 12.01 26.24
CA GLU N 159 46.14 10.93 25.75
C GLU N 159 45.46 9.57 25.88
N TYR N 160 44.80 9.33 27.02
CA TYR N 160 44.06 8.09 27.19
C TYR N 160 42.85 8.00 26.26
N LYS N 161 42.21 9.14 25.96
CA LYS N 161 41.12 9.14 24.98
C LYS N 161 41.62 8.72 23.60
N GLN N 162 42.77 9.27 23.20
CA GLN N 162 43.39 8.88 21.93
C GLN N 162 43.75 7.41 21.91
N LYS N 163 44.33 6.90 23.00
CA LYS N 163 44.69 5.48 23.08
C LYS N 163 43.46 4.58 23.06
N GLU N 164 42.39 5.01 23.71
CA GLU N 164 41.14 4.26 23.74
C GLU N 164 40.49 4.13 22.36
N VAL N 165 40.46 5.23 21.60
CA VAL N 165 39.88 5.20 20.26
C VAL N 165 40.75 4.38 19.31
N LYS N 166 42.08 4.47 19.45
CA LYS N 166 42.97 3.71 18.56
C LYS N 166 42.91 2.20 18.83
N ASN N 167 43.01 1.80 20.10
CA ASN N 167 42.86 0.39 20.45
C ASN N 167 41.45 -0.13 20.12
N GLY N 168 40.44 0.73 20.14
CA GLY N 168 39.09 0.30 19.80
C GLY N 168 38.90 0.05 18.31
N ARG N 169 39.44 0.94 17.47
CA ARG N 169 39.41 0.70 16.03
C ARG N 169 40.22 -0.54 15.66
N LEU N 170 41.35 -0.73 16.35
CA LEU N 170 42.19 -1.90 16.12
C LEU N 170 41.48 -3.19 16.52
N ALA N 171 40.72 -3.15 17.61
CA ALA N 171 39.98 -4.33 18.00
C ALA N 171 38.74 -4.56 17.16
N MET N 172 38.14 -3.51 16.59
CA MET N 172 37.03 -3.71 15.67
C MET N 172 37.50 -4.42 14.40
N ILE N 173 38.63 -3.98 13.83
CA ILE N 173 39.13 -4.70 12.66
C ILE N 173 39.69 -6.06 13.05
N ALA N 174 40.12 -6.24 14.30
CA ALA N 174 40.53 -7.57 14.76
C ALA N 174 39.33 -8.52 14.88
N CYS N 175 38.18 -8.03 15.34
CA CYS N 175 37.00 -8.89 15.46
C CYS N 175 36.43 -9.23 14.10
N LEU N 176 36.44 -8.26 13.17
CA LEU N 176 36.11 -8.57 11.78
C LEU N 176 37.08 -9.59 11.19
N GLY N 177 38.35 -9.50 11.58
CA GLY N 177 39.34 -10.50 11.27
C GLY N 177 39.04 -11.89 11.79
N PHE N 178 38.61 -12.00 13.05
CA PHE N 178 38.25 -13.30 13.60
C PHE N 178 37.07 -13.91 12.85
N ALA N 179 36.07 -13.08 12.54
CA ALA N 179 34.87 -13.57 11.85
C ALA N 179 35.19 -14.04 10.43
N ALA N 180 35.85 -13.20 9.64
CA ALA N 180 36.14 -13.57 8.26
C ALA N 180 37.20 -14.66 8.18
N GLN N 181 38.13 -14.62 9.15
CA GLN N 181 39.21 -15.60 9.27
C GLN N 181 38.66 -16.98 9.54
N TYR N 182 37.70 -17.10 10.44
CA TYR N 182 37.04 -18.38 10.70
C TYR N 182 36.13 -18.78 9.54
N ALA N 183 35.50 -17.80 8.88
CA ALA N 183 34.65 -18.12 7.73
C ALA N 183 35.44 -18.69 6.57
N ALA N 184 36.69 -18.27 6.41
CA ALA N 184 37.55 -18.88 5.39
C ALA N 184 38.20 -20.16 5.89
N THR N 185 38.96 -20.08 6.98
CA THR N 185 39.81 -21.19 7.37
C THR N 185 39.08 -22.28 8.15
N GLY N 186 37.99 -21.96 8.83
CA GLY N 186 37.30 -22.96 9.63
C GLY N 186 38.04 -23.37 10.88
N LYS N 187 38.93 -22.52 11.39
CA LYS N 187 39.76 -22.85 12.54
C LYS N 187 39.71 -21.71 13.54
N GLY N 188 40.21 -21.99 14.74
CA GLY N 188 40.39 -20.96 15.74
C GLY N 188 41.50 -20.01 15.32
N PRO N 189 41.50 -18.79 15.86
CA PRO N 189 42.42 -17.76 15.35
C PRO N 189 43.87 -17.99 15.68
N LEU N 190 44.19 -18.52 16.86
CA LEU N 190 45.60 -18.73 17.18
C LEU N 190 46.12 -20.01 16.56
N ASP N 191 45.24 -20.92 16.17
CA ASP N 191 45.60 -21.98 15.23
C ASP N 191 46.06 -21.40 13.90
N ASN N 192 45.36 -20.37 13.42
CA ASN N 192 45.78 -19.69 12.18
C ASN N 192 47.08 -18.94 12.38
N LEU N 193 47.30 -18.39 13.58
CA LEU N 193 48.56 -17.73 13.88
C LEU N 193 49.71 -18.73 13.90
N ALA N 194 49.50 -19.91 14.47
CA ALA N 194 50.53 -20.95 14.45
C ALA N 194 50.77 -21.47 13.04
N ASP N 195 49.72 -21.53 12.21
CA ASP N 195 49.89 -21.96 10.83
C ASP N 195 50.64 -20.92 10.01
N HIS N 196 50.45 -19.63 10.32
CA HIS N 196 51.25 -18.60 9.67
C HIS N 196 52.68 -18.62 10.17
N LEU N 197 52.91 -18.98 11.43
CA LEU N 197 54.29 -19.05 11.91
C LEU N 197 55.00 -20.30 11.42
N ALA N 198 54.25 -21.33 11.02
CA ALA N 198 54.87 -22.53 10.48
C ALA N 198 55.45 -22.28 9.09
N ASP N 199 54.58 -21.92 8.13
CA ASP N 199 55.00 -21.51 6.78
C ASP N 199 54.43 -20.13 6.51
N PRO N 200 55.20 -19.07 6.72
CA PRO N 200 54.69 -17.74 6.38
C PRO N 200 54.53 -17.53 4.88
N ASN N 201 55.46 -18.09 4.10
CA ASN N 201 55.45 -17.88 2.66
C ASN N 201 54.37 -18.70 1.96
N HIS N 202 53.80 -19.70 2.63
CA HIS N 202 52.90 -20.64 1.99
C HIS N 202 51.56 -20.82 2.68
N VAL N 203 51.41 -20.42 3.95
CA VAL N 203 50.14 -20.53 4.65
C VAL N 203 49.71 -19.11 5.00
N ASN N 204 48.75 -18.59 4.22
CA ASN N 204 48.28 -17.21 4.28
C ASN N 204 46.99 -17.15 3.48
N PHE N 205 46.46 -15.94 3.25
CA PHE N 205 45.15 -15.83 2.64
C PHE N 205 45.20 -16.08 1.13
N ALA N 206 46.37 -16.11 0.53
CA ALA N 206 46.52 -16.42 -0.88
C ALA N 206 46.77 -17.91 -1.13
N THR N 207 46.35 -18.78 -0.20
CA THR N 207 46.49 -20.22 -0.36
C THR N 207 45.19 -20.95 0.00
N ASN N 208 44.20 -20.24 0.55
CA ASN N 208 42.96 -20.87 0.96
C ASN N 208 42.13 -21.34 -0.23
N GLY N 209 42.04 -20.51 -1.27
CA GLY N 209 41.08 -20.73 -2.32
C GLY N 209 39.77 -20.01 -2.11
N VAL N 210 39.70 -19.13 -1.11
CA VAL N 210 38.46 -18.44 -0.74
C VAL N 210 38.60 -16.93 -0.93
N SER N 211 39.70 -16.36 -0.43
CA SER N 211 39.84 -14.90 -0.43
C SER N 211 40.11 -14.35 -1.81
N ILE N 212 40.98 -15.03 -2.57
CA ILE N 212 41.14 -14.77 -4.00
C ILE N 212 40.90 -16.08 -4.74
N PRO N 213 39.73 -16.26 -5.37
CA PRO N 213 39.39 -17.54 -6.00
C PRO N 213 39.93 -17.71 -7.41
N ILE N 214 41.21 -17.37 -7.60
CA ILE N 214 41.84 -17.49 -8.91
C ILE N 214 43.09 -18.34 -8.78
N ARG O 1 10.07 16.74 38.64
CA ARG O 1 9.32 15.84 39.49
C ARG O 1 9.50 14.40 39.06
N GLN O 2 8.77 13.48 39.72
CA GLN O 2 8.92 12.07 39.45
C GLN O 2 8.29 11.70 38.11
N SER O 3 8.99 10.85 37.37
CA SER O 3 8.53 10.47 36.04
C SER O 3 8.74 8.98 35.83
N TRP O 4 7.98 8.44 34.89
CA TRP O 4 8.10 7.05 34.49
C TRP O 4 9.38 6.78 33.73
N LEU O 5 9.92 7.79 33.05
CA LEU O 5 11.26 7.77 32.47
C LEU O 5 12.02 8.97 33.01
N PRO O 6 13.08 8.77 33.78
CA PRO O 6 14.00 9.88 34.04
C PRO O 6 14.71 10.30 32.76
N GLY O 7 14.46 11.53 32.33
CA GLY O 7 15.08 12.05 31.14
C GLY O 7 14.14 12.36 30.00
N SER O 8 13.04 11.62 29.85
CA SER O 8 12.06 11.95 28.84
C SER O 8 11.32 13.23 29.24
N GLN O 9 10.84 13.96 28.25
CA GLN O 9 10.10 15.17 28.54
C GLN O 9 8.67 14.82 28.93
N ILE O 10 8.17 15.50 29.96
CA ILE O 10 6.80 15.32 30.42
C ILE O 10 5.89 16.00 29.41
N PRO O 11 4.77 15.38 29.01
CA PRO O 11 3.82 16.05 28.12
C PRO O 11 3.19 17.27 28.80
N ALA O 12 2.83 18.25 27.97
CA ALA O 12 2.40 19.55 28.47
C ALA O 12 1.03 19.49 29.16
N HIS O 13 0.21 18.49 28.85
CA HIS O 13 -1.10 18.39 29.47
C HIS O 13 -1.05 17.71 30.84
N LEU O 14 -0.06 16.85 31.08
CA LEU O 14 0.13 16.27 32.41
C LEU O 14 1.01 17.14 33.29
N ASP O 15 1.51 18.26 32.76
CA ASP O 15 2.25 19.25 33.55
C ASP O 15 1.40 20.51 33.50
N THR O 16 0.36 20.54 34.34
CA THR O 16 -0.54 21.65 34.57
C THR O 16 -0.97 21.58 36.03
N PRO O 17 -1.44 22.69 36.62
CA PRO O 17 -1.94 22.61 38.00
C PRO O 17 -3.18 21.74 38.17
N ALA O 18 -3.95 21.53 37.11
CA ALA O 18 -5.12 20.65 37.21
C ALA O 18 -4.73 19.18 37.09
N ALA O 19 -3.56 18.89 36.52
CA ALA O 19 -3.16 17.50 36.34
C ALA O 19 -2.13 17.04 37.36
N GLN O 20 -1.21 17.92 37.77
CA GLN O 20 -0.17 17.56 38.73
C GLN O 20 -0.71 17.18 40.09
N ALA O 21 -1.89 17.66 40.46
CA ALA O 21 -2.46 17.39 41.76
C ALA O 21 -3.51 16.29 41.74
N LEU O 22 -3.46 15.36 40.78
CA LEU O 22 -4.57 14.43 40.67
C LEU O 22 -4.40 13.27 41.64
N ALA O 23 -3.58 12.28 41.25
CA ALA O 23 -3.05 11.17 42.06
C ALA O 23 -2.13 10.34 41.17
N GLY O 24 -0.93 10.02 41.65
CA GLY O 24 -0.02 9.17 40.89
C GLY O 24 0.39 9.70 39.54
N ASN O 25 0.59 11.02 39.42
CA ASN O 25 1.01 11.62 38.16
C ASN O 25 2.50 11.39 37.96
N PHE O 26 2.86 10.70 36.88
CA PHE O 26 4.26 10.51 36.54
C PHE O 26 4.56 10.90 35.11
N GLY O 27 3.70 11.69 34.47
CA GLY O 27 3.93 12.12 33.10
C GLY O 27 3.86 11.01 32.08
N PHE O 28 2.99 10.04 32.27
CA PHE O 28 2.93 8.85 31.43
C PHE O 28 1.70 8.94 30.53
N ASP O 29 1.87 9.57 29.38
CA ASP O 29 0.88 9.54 28.31
C ASP O 29 1.60 9.60 26.97
N PRO O 30 2.26 8.49 26.54
CA PRO O 30 2.96 8.53 25.26
C PRO O 30 2.03 8.50 24.06
N LEU O 31 0.79 8.08 24.24
CA LEU O 31 -0.19 8.16 23.16
C LEU O 31 -0.96 9.47 23.15
N GLY O 32 -0.79 10.31 24.17
CA GLY O 32 -1.45 11.60 24.19
C GLY O 32 -2.95 11.53 24.37
N LEU O 33 -3.42 10.53 25.11
CA LEU O 33 -4.86 10.32 25.27
C LEU O 33 -5.51 11.36 26.17
N GLY O 34 -4.74 12.04 27.00
CA GLY O 34 -5.32 12.96 27.97
C GLY O 34 -5.12 14.43 27.65
N LYS O 35 -4.96 14.76 26.37
CA LYS O 35 -4.73 16.15 25.98
C LYS O 35 -5.99 16.99 26.17
N ASP O 36 -7.15 16.40 25.91
CA ASP O 36 -8.42 17.06 26.18
C ASP O 36 -8.71 16.95 27.68
N PRO O 37 -8.90 18.06 28.40
CA PRO O 37 -9.11 17.97 29.86
C PRO O 37 -10.41 17.30 30.26
N VAL O 38 -11.46 17.40 29.43
CA VAL O 38 -12.69 16.65 29.66
C VAL O 38 -12.41 15.16 29.52
N ALA O 39 -11.59 14.78 28.53
CA ALA O 39 -11.20 13.39 28.37
C ALA O 39 -10.31 12.93 29.53
N LEU O 40 -9.46 13.82 30.06
CA LEU O 40 -8.62 13.42 31.19
C LEU O 40 -9.44 13.25 32.46
N ARG O 41 -10.49 14.06 32.63
CA ARG O 41 -11.43 13.88 33.73
C ARG O 41 -12.16 12.54 33.63
N TRP O 42 -12.66 12.22 32.43
CA TRP O 42 -13.32 10.94 32.19
C TRP O 42 -12.38 9.77 32.40
N TYR O 43 -11.12 9.91 32.00
CA TYR O 43 -10.16 8.82 32.13
C TYR O 43 -9.69 8.65 33.55
N GLN O 44 -9.62 9.74 34.33
CA GLN O 44 -9.42 9.66 35.77
C GLN O 44 -10.50 8.82 36.42
N GLN O 45 -11.76 9.06 36.02
CA GLN O 45 -12.86 8.28 36.58
C GLN O 45 -12.79 6.81 36.18
N ALA O 46 -12.48 6.54 34.91
CA ALA O 46 -12.35 5.17 34.44
C ALA O 46 -11.19 4.45 35.11
N GLU O 47 -10.10 5.17 35.36
CA GLU O 47 -8.96 4.58 36.06
C GLU O 47 -9.31 4.24 37.52
N LEU O 48 -9.99 5.14 38.21
CA LEU O 48 -10.41 4.86 39.58
C LEU O 48 -11.33 3.66 39.67
N ILE O 49 -12.28 3.54 38.74
CA ILE O 49 -13.22 2.42 38.79
C ILE O 49 -12.51 1.11 38.45
N HIS O 50 -11.66 1.11 37.41
CA HIS O 50 -10.86 -0.08 37.09
C HIS O 50 -9.91 -0.46 38.22
N CYS O 51 -9.31 0.53 38.91
CA CYS O 51 -8.46 0.29 40.08
C CYS O 51 -9.23 -0.43 41.18
N ARG O 52 -10.39 0.11 41.55
CA ARG O 52 -11.11 -0.42 42.71
C ARG O 52 -11.69 -1.80 42.43
N THR O 53 -12.30 -2.01 41.25
CA THR O 53 -12.81 -3.34 40.97
C THR O 53 -11.70 -4.34 40.65
N ALA O 54 -10.53 -3.86 40.19
CA ALA O 54 -9.41 -4.77 39.96
C ALA O 54 -8.81 -5.22 41.28
N MET O 55 -8.71 -4.31 42.26
CA MET O 55 -8.24 -4.71 43.59
C MET O 55 -9.18 -5.70 44.25
N ALA O 56 -10.49 -5.43 44.19
CA ALA O 56 -11.46 -6.34 44.79
C ALA O 56 -11.44 -7.71 44.11
N GLY O 57 -11.31 -7.73 42.78
CA GLY O 57 -11.24 -8.98 42.06
C GLY O 57 -9.97 -9.76 42.35
N VAL O 58 -8.82 -9.08 42.33
CA VAL O 58 -7.53 -9.75 42.56
C VAL O 58 -7.41 -10.22 44.01
N ALA O 59 -8.02 -9.50 44.95
CA ALA O 59 -8.13 -10.01 46.32
C ALA O 59 -8.97 -11.29 46.37
N GLY O 60 -10.09 -11.32 45.64
CA GLY O 60 -10.87 -12.54 45.52
C GLY O 60 -10.16 -13.68 44.80
N ILE O 61 -9.15 -13.36 43.98
CA ILE O 61 -8.29 -14.41 43.43
C ILE O 61 -7.32 -14.92 44.49
N LEU O 62 -6.58 -13.99 45.11
CA LEU O 62 -5.39 -14.34 45.86
C LEU O 62 -5.69 -14.88 47.24
N ILE O 63 -6.51 -14.18 48.04
CA ILE O 63 -6.73 -14.59 49.43
C ILE O 63 -7.44 -15.93 49.54
N PRO O 64 -8.50 -16.23 48.76
CA PRO O 64 -8.92 -17.65 48.69
C PRO O 64 -7.89 -18.55 48.03
N GLY O 65 -7.06 -18.03 47.12
CA GLY O 65 -6.05 -18.85 46.48
C GLY O 65 -4.82 -19.08 47.33
N LEU O 66 -4.54 -18.16 48.27
CA LEU O 66 -3.46 -18.40 49.22
C LEU O 66 -3.92 -19.28 50.36
N LEU O 67 -5.14 -19.05 50.86
CA LEU O 67 -5.62 -19.82 51.99
C LEU O 67 -6.02 -21.24 51.62
N THR O 68 -6.25 -21.53 50.33
CA THR O 68 -6.51 -22.91 49.94
C THR O 68 -5.24 -23.76 49.92
N LYS O 69 -4.06 -23.13 49.87
CA LYS O 69 -2.81 -23.86 50.04
C LYS O 69 -2.48 -24.04 51.51
N ALA O 70 -3.13 -23.29 52.39
CA ALA O 70 -3.15 -23.54 53.81
C ALA O 70 -4.28 -24.53 54.12
N GLY O 71 -4.62 -24.67 55.40
CA GLY O 71 -5.60 -25.65 55.83
C GLY O 71 -7.02 -25.44 55.34
N ALA O 72 -7.66 -24.35 55.76
CA ALA O 72 -9.08 -24.16 55.52
C ALA O 72 -9.34 -23.67 54.09
N LEU O 73 -10.62 -23.40 53.81
CA LEU O 73 -11.10 -22.78 52.57
C LEU O 73 -10.71 -23.58 51.33
N ASN O 74 -11.33 -24.76 51.21
CA ASN O 74 -11.20 -25.52 49.98
C ASN O 74 -11.97 -24.80 48.87
N VAL O 75 -11.25 -23.95 48.15
CA VAL O 75 -11.84 -23.06 47.14
C VAL O 75 -11.30 -23.48 45.78
N PRO O 76 -12.13 -23.61 44.75
CA PRO O 76 -11.62 -23.97 43.42
C PRO O 76 -10.87 -22.81 42.79
N GLU O 77 -10.30 -23.09 41.62
CA GLU O 77 -9.58 -22.07 40.88
C GLU O 77 -10.54 -21.03 40.33
N TRP O 78 -10.02 -19.83 40.08
CA TRP O 78 -10.85 -18.72 39.64
C TRP O 78 -11.40 -18.92 38.25
N TYR O 79 -10.71 -19.68 37.40
CA TYR O 79 -11.25 -20.08 36.11
C TYR O 79 -12.19 -21.28 36.23
N ASP O 80 -12.37 -21.81 37.43
CA ASP O 80 -13.32 -22.88 37.68
C ASP O 80 -14.36 -22.54 38.75
N ALA O 81 -14.27 -21.37 39.37
CA ALA O 81 -15.11 -21.07 40.52
C ALA O 81 -16.55 -20.76 40.13
N GLY O 82 -16.77 -20.20 38.95
CA GLY O 82 -18.12 -19.90 38.52
C GLY O 82 -18.95 -21.14 38.25
N LYS O 83 -18.30 -22.19 37.73
CA LYS O 83 -19.02 -23.44 37.45
C LYS O 83 -19.41 -24.17 38.73
N VAL O 84 -18.48 -24.27 39.67
CA VAL O 84 -18.75 -24.91 40.96
C VAL O 84 -19.79 -24.10 41.74
N ALA O 85 -19.70 -22.77 41.64
CA ALA O 85 -20.65 -21.90 42.33
C ALA O 85 -22.04 -22.02 41.73
N ILE O 86 -22.15 -22.17 40.41
CA ILE O 86 -23.47 -22.30 39.81
C ILE O 86 -24.01 -23.73 39.98
N GLU O 87 -23.14 -24.71 40.24
CA GLU O 87 -23.64 -26.02 40.64
C GLU O 87 -24.20 -25.97 42.06
N ASN O 88 -23.57 -25.18 42.94
CA ASN O 88 -24.05 -25.10 44.32
C ASN O 88 -25.21 -24.12 44.46
N SER O 89 -25.46 -23.26 43.47
CA SER O 89 -26.37 -22.13 43.66
C SER O 89 -27.83 -22.56 43.54
N PHE O 90 -28.70 -21.57 43.52
CA PHE O 90 -30.15 -21.72 43.50
C PHE O 90 -30.79 -21.23 42.21
N ALA O 91 -30.12 -20.35 41.48
CA ALA O 91 -30.52 -19.69 40.25
C ALA O 91 -29.60 -20.08 39.10
N PRO O 92 -30.09 -20.08 37.86
CA PRO O 92 -29.17 -20.18 36.72
C PRO O 92 -28.41 -18.88 36.53
N TRP O 93 -27.38 -18.94 35.68
CA TRP O 93 -26.46 -17.81 35.58
C TRP O 93 -27.06 -16.65 34.81
N GLY O 94 -28.02 -16.91 33.93
CA GLY O 94 -28.65 -15.82 33.19
C GLY O 94 -29.54 -14.96 34.05
N SER O 95 -30.30 -15.58 34.95
CA SER O 95 -31.14 -14.84 35.88
C SER O 95 -30.31 -14.01 36.84
N LEU O 96 -29.22 -14.59 37.34
CA LEU O 96 -28.33 -13.88 38.24
C LEU O 96 -27.61 -12.74 37.54
N LEU O 97 -27.29 -12.93 36.24
CA LEU O 97 -26.66 -11.87 35.47
C LEU O 97 -27.66 -10.74 35.18
N ALA O 98 -28.94 -11.09 35.00
CA ALA O 98 -29.95 -10.05 34.78
C ALA O 98 -30.17 -9.22 36.04
N VAL O 99 -30.21 -9.89 37.20
CA VAL O 99 -30.37 -9.20 38.48
C VAL O 99 -29.17 -8.28 38.73
N GLN O 100 -27.96 -8.76 38.45
CA GLN O 100 -26.80 -7.90 38.67
C GLN O 100 -26.73 -6.79 37.62
N LEU O 101 -27.31 -6.98 36.43
CA LEU O 101 -27.31 -5.87 35.47
C LEU O 101 -28.26 -4.77 35.90
N PHE O 102 -29.42 -5.11 36.47
CA PHE O 102 -30.30 -4.06 36.97
C PHE O 102 -29.69 -3.36 38.19
N LEU O 103 -29.14 -4.15 39.13
CA LEU O 103 -28.59 -3.58 40.35
C LEU O 103 -27.34 -2.75 40.09
N CYS O 104 -26.48 -3.18 39.16
CA CYS O 104 -25.33 -2.39 38.78
C CYS O 104 -25.71 -1.22 37.89
N GLY O 105 -26.77 -1.35 37.08
CA GLY O 105 -27.16 -0.25 36.23
C GLY O 105 -27.69 0.93 37.00
N PHE O 106 -28.42 0.68 38.08
CA PHE O 106 -28.92 1.76 38.93
C PHE O 106 -27.76 2.56 39.53
N VAL O 107 -26.81 1.84 40.15
CA VAL O 107 -25.66 2.46 40.82
C VAL O 107 -24.75 3.16 39.82
N GLU O 108 -24.46 2.49 38.70
CA GLU O 108 -23.59 3.06 37.69
C GLU O 108 -24.23 4.27 37.03
N ALA O 109 -25.56 4.30 36.91
CA ALA O 109 -26.20 5.48 36.33
C ALA O 109 -26.21 6.65 37.31
N LYS O 110 -26.31 6.36 38.61
CA LYS O 110 -26.08 7.38 39.64
C LYS O 110 -24.69 8.00 39.49
N ARG O 111 -23.67 7.15 39.37
CA ARG O 111 -22.30 7.65 39.22
C ARG O 111 -22.11 8.36 37.89
N TRP O 112 -22.78 7.89 36.83
CA TRP O 112 -22.79 8.53 35.53
C TRP O 112 -23.30 9.96 35.60
N GLN O 113 -24.48 10.15 36.20
CA GLN O 113 -25.05 11.49 36.29
C GLN O 113 -24.29 12.36 37.27
N ASP O 114 -23.57 11.75 38.22
CA ASP O 114 -22.70 12.56 39.07
C ASP O 114 -21.40 12.95 38.35
N ILE O 115 -20.97 12.17 37.37
CA ILE O 115 -19.86 12.60 36.52
C ILE O 115 -20.32 13.76 35.63
N ARG O 116 -21.52 13.66 35.07
CA ARG O 116 -21.99 14.67 34.11
C ARG O 116 -22.24 16.01 34.79
N LYS O 117 -22.69 15.99 36.04
CA LYS O 117 -22.83 17.19 36.86
C LYS O 117 -22.35 16.85 38.27
N PRO O 118 -21.41 17.59 38.84
CA PRO O 118 -20.93 17.28 40.19
C PRO O 118 -21.98 17.49 41.27
N GLY O 119 -22.67 18.62 41.24
CA GLY O 119 -23.78 18.85 42.14
C GLY O 119 -25.09 18.39 41.54
N SER O 120 -25.27 17.08 41.44
CA SER O 120 -26.40 16.48 40.73
C SER O 120 -27.32 15.67 41.63
N GLN O 121 -26.79 14.72 42.38
CA GLN O 121 -27.62 13.80 43.13
C GLN O 121 -28.00 14.34 44.51
N GLY O 122 -27.78 15.63 44.74
CA GLY O 122 -28.23 16.28 45.96
C GLY O 122 -29.51 17.06 45.76
N GLU O 123 -30.33 16.64 44.81
CA GLU O 123 -31.65 17.25 44.64
C GLU O 123 -32.54 16.87 45.81
N PRO O 124 -33.16 17.84 46.49
CA PRO O 124 -34.18 17.51 47.48
C PRO O 124 -35.43 16.93 46.84
N GLY O 125 -36.00 15.88 47.45
CA GLY O 125 -37.15 15.19 46.91
C GLY O 125 -36.79 13.98 46.07
N SER O 126 -35.60 13.97 45.47
CA SER O 126 -35.21 12.93 44.54
C SER O 126 -35.00 11.58 45.23
N PHE O 127 -34.60 11.62 46.49
CA PHE O 127 -34.39 10.42 47.33
C PHE O 127 -35.10 10.59 48.67
N LEU O 128 -35.46 9.49 49.32
CA LEU O 128 -36.23 9.53 50.54
C LEU O 128 -35.44 10.22 51.65
N GLY O 129 -34.26 9.69 51.96
CA GLY O 129 -33.37 10.41 52.85
C GLY O 129 -31.91 10.31 52.47
N PHE O 130 -31.60 9.56 51.42
CA PHE O 130 -30.23 9.40 50.99
C PHE O 130 -29.81 10.47 50.00
N GLU O 131 -30.69 11.43 49.74
CA GLU O 131 -30.44 12.47 48.74
C GLU O 131 -29.43 13.52 49.21
N ALA O 132 -29.26 13.67 50.53
CA ALA O 132 -28.34 14.68 51.03
C ALA O 132 -26.96 14.10 51.28
N SER O 133 -26.83 12.78 51.28
CA SER O 133 -25.55 12.11 51.48
C SER O 133 -25.03 11.48 50.20
N LEU O 134 -25.68 11.78 49.07
CA LEU O 134 -25.25 11.27 47.78
C LEU O 134 -24.59 12.35 46.92
N LYS O 135 -24.16 13.44 47.54
CA LYS O 135 -23.32 14.42 46.87
C LYS O 135 -21.88 13.93 46.87
N GLY O 136 -21.00 14.70 46.22
CA GLY O 136 -19.59 14.42 46.25
C GLY O 136 -18.92 15.03 47.46
N THR O 137 -17.60 15.03 47.43
CA THR O 137 -16.77 15.62 48.48
C THR O 137 -15.76 16.57 47.85
N SER O 138 -16.25 17.39 46.92
CA SER O 138 -15.57 18.47 46.19
C SER O 138 -14.50 17.97 45.22
N GLU O 139 -14.24 16.68 45.18
CA GLU O 139 -13.26 16.08 44.27
C GLU O 139 -13.93 14.86 43.66
N LEU O 140 -14.15 14.91 42.35
CA LEU O 140 -15.02 13.94 41.71
C LEU O 140 -14.30 12.61 41.52
N GLY O 141 -14.99 11.54 41.85
CA GLY O 141 -14.38 10.24 42.00
C GLY O 141 -14.17 9.82 43.43
N TYR O 142 -14.33 10.74 44.39
CA TYR O 142 -14.07 10.50 45.80
C TYR O 142 -15.29 10.93 46.61
N PRO O 143 -16.32 10.09 46.69
CA PRO O 143 -17.57 10.49 47.35
C PRO O 143 -17.47 10.33 48.87
N GLY O 144 -18.43 10.91 49.57
CA GLY O 144 -18.44 10.78 51.01
C GLY O 144 -19.70 10.15 51.56
N GLY O 145 -20.02 10.46 52.81
CA GLY O 145 -21.27 10.04 53.40
C GLY O 145 -21.30 8.57 53.76
N PRO O 146 -22.21 7.82 53.14
CA PRO O 146 -22.27 6.37 53.43
C PRO O 146 -21.10 5.62 52.87
N PHE O 147 -20.60 6.01 51.69
CA PHE O 147 -19.28 5.63 51.28
C PHE O 147 -18.27 6.26 52.24
N ASP O 148 -17.15 5.56 52.51
CA ASP O 148 -16.22 5.84 53.61
C ASP O 148 -16.93 5.90 54.96
N PRO O 149 -17.25 4.74 55.56
CA PRO O 149 -17.87 4.78 56.90
C PRO O 149 -16.94 5.22 58.02
N LEU O 150 -15.68 4.82 57.99
CA LEU O 150 -14.78 5.05 59.13
C LEU O 150 -14.27 6.47 59.24
N GLY O 151 -14.59 7.34 58.27
CA GLY O 151 -14.21 8.74 58.39
C GLY O 151 -12.75 9.02 58.18
N LEU O 152 -12.05 8.16 57.43
CA LEU O 152 -10.61 8.36 57.22
C LEU O 152 -10.32 9.47 56.23
N SER O 153 -11.29 9.84 55.39
CA SER O 153 -11.13 10.90 54.41
C SER O 153 -11.18 12.28 55.04
N LYS O 154 -11.60 12.38 56.30
CA LYS O 154 -11.75 13.67 56.98
C LYS O 154 -10.42 14.34 57.26
N GLU O 155 -9.38 13.57 57.55
CA GLU O 155 -8.07 14.11 57.90
C GLU O 155 -7.34 14.55 56.63
N ALA O 156 -6.94 15.81 56.58
CA ALA O 156 -6.42 16.42 55.35
C ALA O 156 -4.94 16.14 55.12
N ASP O 157 -4.16 15.96 56.18
CA ASP O 157 -2.72 15.81 56.03
C ASP O 157 -2.29 14.40 55.60
N LYS O 158 -3.18 13.41 55.73
CA LYS O 158 -2.93 12.06 55.22
C LYS O 158 -3.47 11.84 53.82
N TRP O 159 -4.12 12.83 53.23
CA TRP O 159 -5.10 12.58 52.19
C TRP O 159 -4.47 12.30 50.83
N ALA O 160 -3.41 13.05 50.47
CA ALA O 160 -2.66 12.74 49.27
C ALA O 160 -1.98 11.39 49.35
N ASP O 161 -1.54 11.00 50.56
CA ASP O 161 -0.94 9.68 50.76
C ASP O 161 -1.97 8.58 50.57
N TRP O 162 -3.19 8.78 51.07
CA TRP O 162 -4.25 7.78 50.87
C TRP O 162 -4.59 7.64 49.38
N LYS O 163 -4.71 8.77 48.68
CA LYS O 163 -4.97 8.75 47.23
C LYS O 163 -3.88 8.01 46.47
N LEU O 164 -2.62 8.28 46.82
CA LEU O 164 -1.53 7.73 46.03
C LEU O 164 -1.29 6.25 46.35
N LYS O 165 -1.55 5.83 47.60
CA LYS O 165 -1.57 4.40 47.90
C LYS O 165 -2.67 3.68 47.14
N GLU O 166 -3.85 4.33 47.02
CA GLU O 166 -4.95 3.72 46.28
C GLU O 166 -4.61 3.57 44.80
N VAL O 167 -4.01 4.60 44.20
CA VAL O 167 -3.76 4.50 42.77
C VAL O 167 -2.60 3.54 42.47
N LYS O 168 -1.63 3.41 43.39
CA LYS O 168 -0.53 2.47 43.15
C LYS O 168 -0.97 1.02 43.33
N ASN O 169 -1.68 0.72 44.44
CA ASN O 169 -2.23 -0.62 44.62
C ASN O 169 -3.24 -0.98 43.52
N GLY O 170 -3.95 0.01 42.98
CA GLY O 170 -4.93 -0.29 41.95
C GLY O 170 -4.31 -0.59 40.59
N ARG O 171 -3.31 0.21 40.19
CA ARG O 171 -2.59 -0.07 38.95
C ARG O 171 -1.86 -1.41 39.03
N LEU O 172 -1.31 -1.71 40.21
CA LEU O 172 -0.63 -2.97 40.42
C LEU O 172 -1.60 -4.15 40.40
N ALA O 173 -2.82 -3.96 40.90
CA ALA O 173 -3.82 -5.02 40.82
C ALA O 173 -4.36 -5.22 39.41
N MET O 174 -4.39 -4.15 38.60
CA MET O 174 -4.73 -4.32 37.18
C MET O 174 -3.70 -5.18 36.47
N LEU O 175 -2.41 -4.90 36.71
CA LEU O 175 -1.35 -5.76 36.16
C LEU O 175 -1.46 -7.18 36.68
N ALA O 176 -1.86 -7.34 37.94
CA ALA O 176 -2.04 -8.67 38.52
C ALA O 176 -3.15 -9.44 37.82
N PHE O 177 -4.27 -8.79 37.49
CA PHE O 177 -5.35 -9.53 36.85
C PHE O 177 -5.03 -9.86 35.40
N LEU O 178 -4.37 -8.93 34.68
CA LEU O 178 -3.94 -9.26 33.33
C LEU O 178 -2.90 -10.37 33.33
N GLY O 179 -2.08 -10.44 34.38
CA GLY O 179 -1.18 -11.56 34.53
C GLY O 179 -1.87 -12.86 34.90
N PHE O 180 -2.97 -12.77 35.64
CA PHE O 180 -3.79 -13.95 35.92
C PHE O 180 -4.35 -14.53 34.64
N VAL O 181 -4.84 -13.65 33.76
CA VAL O 181 -5.41 -14.10 32.48
C VAL O 181 -4.35 -14.73 31.60
N ALA O 182 -3.21 -14.06 31.42
CA ALA O 182 -2.17 -14.58 30.54
C ALA O 182 -1.52 -15.84 31.10
N GLN O 183 -1.29 -15.84 32.40
CA GLN O 183 -0.75 -17.03 33.03
C GLN O 183 -1.75 -18.17 32.87
N LYS O 184 -3.06 -17.87 32.97
CA LYS O 184 -4.04 -18.95 32.84
C LYS O 184 -4.01 -19.56 31.45
N TYR O 185 -3.85 -18.71 30.42
CA TYR O 185 -3.84 -19.26 29.06
C TYR O 185 -2.53 -19.99 28.75
N ALA O 186 -1.39 -19.51 29.25
CA ALA O 186 -0.12 -20.08 28.84
C ALA O 186 0.21 -21.37 29.58
N THR O 187 -0.17 -21.45 30.86
CA THR O 187 0.22 -22.58 31.68
C THR O 187 -0.92 -23.56 31.90
N GLY O 188 -2.08 -23.08 32.29
CA GLY O 188 -3.20 -23.93 32.62
C GLY O 188 -3.30 -24.29 34.09
N ALA O 189 -2.47 -23.70 34.95
CA ALA O 189 -2.53 -23.90 36.39
C ALA O 189 -2.86 -22.57 37.06
N GLY O 190 -3.04 -22.62 38.38
CA GLY O 190 -3.39 -21.45 39.13
C GLY O 190 -2.20 -20.54 39.37
N PRO O 191 -2.49 -19.29 39.76
CA PRO O 191 -1.41 -18.31 39.96
C PRO O 191 -0.52 -18.62 41.15
N VAL O 192 -1.07 -19.24 42.20
CA VAL O 192 -0.22 -19.67 43.31
C VAL O 192 0.63 -20.85 42.90
N ASP O 193 0.12 -21.70 42.00
CA ASP O 193 0.93 -22.76 41.42
C ASP O 193 2.04 -22.20 40.54
N ASN O 194 1.74 -21.11 39.81
CA ASN O 194 2.79 -20.44 39.02
C ASN O 194 3.86 -19.84 39.92
N LEU O 195 3.46 -19.29 41.07
CA LEU O 195 4.43 -18.73 42.01
C LEU O 195 5.27 -19.82 42.65
N ALA O 196 4.65 -20.97 42.97
CA ALA O 196 5.40 -22.10 43.50
C ALA O 196 6.35 -22.70 42.47
N ALA O 197 5.97 -22.68 41.19
CA ALA O 197 6.85 -23.19 40.15
C ALA O 197 8.01 -22.23 39.88
N HIS O 198 7.78 -20.91 39.98
CA HIS O 198 8.89 -19.97 39.86
C HIS O 198 9.79 -19.99 41.08
N LEU O 199 9.26 -20.35 42.25
CA LEU O 199 10.15 -20.46 43.41
C LEU O 199 10.90 -21.79 43.46
N LYS O 200 10.34 -22.85 42.85
CA LYS O 200 11.01 -24.14 42.91
C LYS O 200 12.21 -24.21 41.97
N ASP O 201 12.07 -23.67 40.76
CA ASP O 201 13.18 -23.65 39.79
C ASP O 201 13.04 -22.37 38.99
N PRO O 202 13.65 -21.28 39.45
CA PRO O 202 13.43 -19.97 38.80
C PRO O 202 14.09 -19.88 37.44
N TRP O 203 15.26 -20.49 37.28
CA TRP O 203 16.08 -20.33 36.09
C TRP O 203 15.66 -21.28 34.97
N HIS O 204 14.61 -22.06 35.18
CA HIS O 204 14.10 -22.99 34.17
C HIS O 204 12.60 -22.92 33.97
N VAL O 205 11.84 -22.38 34.91
CA VAL O 205 10.38 -22.32 34.82
C VAL O 205 9.99 -20.86 34.82
N ASN O 206 9.80 -20.30 33.63
CA ASN O 206 9.38 -18.91 33.42
C ASN O 206 8.78 -18.81 32.03
N TYR O 207 8.55 -17.58 31.55
CA TYR O 207 7.83 -17.41 30.29
C TYR O 207 8.73 -17.58 29.08
N ALA O 208 10.03 -17.74 29.28
CA ALA O 208 10.89 -18.13 28.16
C ALA O 208 10.87 -19.63 27.90
N THR O 209 10.23 -20.40 28.78
CA THR O 209 10.24 -21.85 28.70
C THR O 209 8.84 -22.44 28.50
N ASN O 210 7.78 -21.64 28.65
CA ASN O 210 6.41 -22.15 28.52
C ASN O 210 6.04 -22.51 27.08
N GLY O 211 6.80 -22.05 26.09
CA GLY O 211 6.55 -22.40 24.71
C GLY O 211 5.42 -21.65 24.04
N VAL O 212 4.91 -20.60 24.68
CA VAL O 212 3.76 -19.84 24.18
C VAL O 212 4.12 -18.38 23.95
N SER O 213 4.78 -17.75 24.94
CA SER O 213 4.88 -16.29 24.98
C SER O 213 5.82 -15.74 23.92
N LEU O 214 6.91 -16.44 23.62
CA LEU O 214 7.81 -16.05 22.55
C LEU O 214 8.21 -17.33 21.79
N PRO O 215 7.48 -17.69 20.74
CA PRO O 215 7.68 -18.98 20.08
C PRO O 215 8.79 -19.01 19.05
N PHE O 216 9.58 -17.93 18.90
CA PHE O 216 10.73 -17.97 18.01
C PHE O 216 11.95 -18.58 18.68
N LEU O 217 11.85 -18.95 19.95
CA LEU O 217 12.92 -19.59 20.68
C LEU O 217 12.52 -21.00 21.10
N LYS P 1 -29.91 15.57 75.74
CA LYS P 1 -28.98 14.54 75.29
C LYS P 1 -29.10 13.28 76.13
N ALA P 2 -29.35 12.15 75.47
CA ALA P 2 -29.55 10.89 76.18
C ALA P 2 -28.25 10.24 76.65
N GLY P 3 -27.10 10.68 76.14
CA GLY P 3 -25.83 10.10 76.53
C GLY P 3 -24.77 10.30 75.47
N ASN P 4 -23.90 9.31 75.29
CA ASN P 4 -22.84 9.41 74.31
C ASN P 4 -22.48 8.01 73.85
N TRP P 5 -22.64 7.75 72.54
CA TRP P 5 -22.40 6.43 71.97
C TRP P 5 -20.94 6.03 72.04
N LEU P 6 -20.03 7.00 72.08
CA LEU P 6 -18.61 6.79 72.18
C LEU P 6 -18.04 7.94 73.01
N PRO P 7 -17.52 7.66 74.20
CA PRO P 7 -17.03 8.74 75.07
C PRO P 7 -15.76 9.38 74.52
N GLY P 8 -15.70 10.70 74.62
CA GLY P 8 -14.60 11.45 74.06
C GLY P 8 -14.93 12.04 72.71
N SER P 9 -15.86 11.43 72.00
CA SER P 9 -16.31 11.97 70.72
C SER P 9 -17.17 13.20 70.95
N ASP P 10 -17.38 13.95 69.88
CA ASP P 10 -18.13 15.20 69.95
C ASP P 10 -19.54 15.00 69.43
N ALA P 11 -20.45 15.82 69.93
CA ALA P 11 -21.83 15.77 69.46
C ALA P 11 -21.93 16.45 68.10
N PRO P 12 -22.61 15.82 67.14
CA PRO P 12 -22.85 16.46 65.85
C PRO P 12 -23.74 17.69 65.99
N ALA P 13 -23.40 18.73 65.22
CA ALA P 13 -24.05 20.03 65.35
C ALA P 13 -25.45 20.07 64.76
N TRP P 14 -25.89 19.02 64.08
CA TRP P 14 -27.22 18.98 63.47
C TRP P 14 -28.23 18.19 64.28
N LEU P 15 -27.86 17.71 65.46
CA LEU P 15 -28.78 16.94 66.29
C LEU P 15 -29.15 17.76 67.51
N PRO P 16 -30.41 18.13 67.70
CA PRO P 16 -30.79 18.98 68.84
C PRO P 16 -30.99 18.17 70.11
N ASP P 17 -30.86 18.84 71.24
CA ASP P 17 -30.94 18.15 72.52
C ASP P 17 -32.38 17.91 72.98
N ASP P 18 -33.35 18.59 72.37
CA ASP P 18 -34.76 18.36 72.71
C ASP P 18 -35.39 17.31 71.83
N LEU P 19 -34.76 16.14 71.76
CA LEU P 19 -35.15 15.10 70.82
C LEU P 19 -34.77 13.74 71.42
N PRO P 20 -35.69 12.77 71.47
CA PRO P 20 -35.45 11.54 72.23
C PRO P 20 -34.45 10.60 71.58
N GLY P 21 -33.54 10.06 72.39
CA GLY P 21 -32.53 9.14 71.91
C GLY P 21 -31.31 9.79 71.31
N ASN P 22 -31.10 11.07 71.55
CA ASN P 22 -29.99 11.80 70.94
C ASN P 22 -28.71 11.47 71.70
N TYR P 23 -28.12 10.33 71.34
CA TYR P 23 -26.80 9.94 71.83
C TYR P 23 -25.67 10.53 71.00
N GLY P 24 -25.99 11.35 70.00
CA GLY P 24 -24.99 11.88 69.12
C GLY P 24 -24.45 10.90 68.11
N PHE P 25 -25.20 9.85 67.78
CA PHE P 25 -24.73 8.79 66.90
C PHE P 25 -25.12 9.10 65.47
N ASP P 26 -24.20 9.70 64.72
CA ASP P 26 -24.34 9.85 63.28
C ASP P 26 -22.96 9.91 62.65
N PRO P 27 -22.31 8.75 62.46
CA PRO P 27 -21.00 8.77 61.79
C PRO P 27 -21.07 9.09 60.32
N LEU P 28 -22.08 8.58 59.62
CA LEU P 28 -22.19 8.81 58.18
C LEU P 28 -22.75 10.18 57.83
N SER P 29 -23.15 10.97 58.83
CA SER P 29 -23.78 12.29 58.68
C SER P 29 -25.00 12.23 57.77
N LEU P 30 -25.85 11.22 58.02
CA LEU P 30 -27.02 10.99 57.19
C LEU P 30 -28.12 12.02 57.43
N GLY P 31 -28.36 12.39 58.69
CA GLY P 31 -29.44 13.31 58.99
C GLY P 31 -28.99 14.73 59.23
N LYS P 32 -28.00 15.19 58.46
CA LYS P 32 -27.49 16.55 58.61
C LYS P 32 -28.49 17.60 58.15
N GLU P 33 -29.28 17.30 57.14
CA GLU P 33 -30.29 18.19 56.58
C GLU P 33 -31.64 17.94 57.23
N PRO P 34 -32.40 18.99 57.54
CA PRO P 34 -33.53 18.85 58.48
C PRO P 34 -34.71 18.04 57.95
N ALA P 35 -35.01 18.11 56.64
CA ALA P 35 -36.12 17.32 56.11
C ALA P 35 -35.80 15.83 56.14
N SER P 36 -34.56 15.47 55.79
CA SER P 36 -34.10 14.10 55.89
C SER P 36 -34.17 13.61 57.34
N LEU P 37 -33.72 14.44 58.29
CA LEU P 37 -33.70 14.04 59.70
C LEU P 37 -35.11 13.90 60.25
N LYS P 38 -36.04 14.72 59.76
CA LYS P 38 -37.44 14.58 60.16
C LYS P 38 -38.02 13.26 59.67
N ARG P 39 -37.77 12.93 58.41
CA ARG P 39 -38.19 11.64 57.87
C ARG P 39 -37.54 10.47 58.61
N PHE P 40 -36.27 10.62 59.02
CA PHE P 40 -35.64 9.52 59.72
C PHE P 40 -36.13 9.36 61.15
N THR P 41 -36.52 10.46 61.82
CA THR P 41 -37.16 10.32 63.13
C THR P 41 -38.48 9.59 63.02
N GLU P 42 -39.28 9.92 61.99
CA GLU P 42 -40.52 9.20 61.72
C GLU P 42 -40.25 7.71 61.48
N SER P 43 -39.26 7.40 60.63
CA SER P 43 -38.95 6.02 60.27
C SER P 43 -38.39 5.25 61.45
N GLU P 44 -37.58 5.89 62.29
CA GLU P 44 -37.02 5.24 63.47
C GLU P 44 -38.09 4.86 64.48
N VAL P 45 -39.03 5.76 64.73
CA VAL P 45 -40.11 5.47 65.68
C VAL P 45 -41.04 4.39 65.14
N ILE P 46 -41.32 4.41 63.83
CA ILE P 46 -42.22 3.41 63.24
C ILE P 46 -41.56 2.03 63.20
N HIS P 47 -40.28 1.97 62.77
CA HIS P 47 -39.52 0.71 62.81
C HIS P 47 -39.40 0.16 64.22
N GLY P 48 -39.19 1.04 65.21
CA GLY P 48 -39.10 0.58 66.59
C GLY P 48 -40.40 -0.02 67.10
N ARG P 49 -41.53 0.62 66.80
CA ARG P 49 -42.81 0.11 67.27
C ARG P 49 -43.18 -1.22 66.60
N TRP P 50 -43.00 -1.32 65.27
CA TRP P 50 -43.25 -2.58 64.59
C TRP P 50 -42.31 -3.69 65.06
N ALA P 51 -41.07 -3.33 65.42
CA ALA P 51 -40.15 -4.35 65.90
C ALA P 51 -40.48 -4.81 67.31
N MET P 52 -40.97 -3.90 68.17
CA MET P 52 -41.45 -4.31 69.49
C MET P 52 -42.59 -5.30 69.37
N LEU P 53 -43.56 -4.98 68.50
CA LEU P 53 -44.69 -5.89 68.29
C LEU P 53 -44.24 -7.21 67.69
N GLY P 54 -43.26 -7.18 66.78
CA GLY P 54 -42.80 -8.42 66.16
C GLY P 54 -42.00 -9.31 67.09
N VAL P 55 -41.14 -8.72 67.92
CA VAL P 55 -40.37 -9.50 68.89
C VAL P 55 -41.29 -10.07 69.97
N ALA P 56 -42.25 -9.28 70.44
CA ALA P 56 -43.23 -9.79 71.42
C ALA P 56 -44.07 -10.90 70.81
N GLY P 57 -44.38 -10.80 69.52
CA GLY P 57 -45.11 -11.87 68.85
C GLY P 57 -44.31 -13.15 68.72
N SER P 58 -43.05 -13.05 68.33
CA SER P 58 -42.22 -14.25 68.19
C SER P 58 -41.94 -14.91 69.55
N LEU P 59 -41.72 -14.09 70.58
CA LEU P 59 -41.56 -14.62 71.94
C LEU P 59 -42.83 -15.29 72.44
N ALA P 60 -44.00 -14.70 72.18
CA ALA P 60 -45.24 -15.31 72.65
C ALA P 60 -45.55 -16.60 71.89
N VAL P 61 -45.24 -16.64 70.59
CA VAL P 61 -45.44 -17.85 69.79
C VAL P 61 -44.56 -18.98 70.30
N GLU P 62 -43.29 -18.68 70.64
CA GLU P 62 -42.44 -19.80 71.04
C GLU P 62 -42.61 -20.17 72.52
N LEU P 63 -42.89 -19.20 73.39
CA LEU P 63 -43.09 -19.51 74.79
C LEU P 63 -44.42 -20.22 75.04
N LEU P 64 -45.47 -19.84 74.31
CA LEU P 64 -46.75 -20.50 74.52
C LEU P 64 -46.87 -21.83 73.79
N GLY P 65 -45.84 -22.25 73.05
CA GLY P 65 -45.77 -23.60 72.54
C GLY P 65 -46.55 -23.84 71.26
N TYR P 66 -46.32 -23.03 70.25
CA TYR P 66 -46.98 -23.17 68.95
C TYR P 66 -45.98 -22.97 67.82
N GLY P 67 -44.82 -23.61 67.92
CA GLY P 67 -43.75 -23.36 66.97
C GLY P 67 -43.06 -22.05 67.26
N ASN P 68 -42.31 -21.58 66.28
CA ASN P 68 -41.65 -20.29 66.37
C ASN P 68 -42.14 -19.36 65.27
N TRP P 69 -41.47 -18.21 65.11
CA TRP P 69 -41.82 -17.25 64.08
C TRP P 69 -41.51 -17.74 62.66
N TYR P 70 -40.69 -18.78 62.54
CA TYR P 70 -40.34 -19.38 61.27
C TYR P 70 -41.30 -20.49 60.84
N ASP P 71 -41.88 -21.21 61.81
CA ASP P 71 -42.82 -22.29 61.53
C ASP P 71 -44.23 -21.76 61.29
N ALA P 72 -44.51 -20.50 61.63
CA ALA P 72 -45.85 -19.94 61.55
C ALA P 72 -46.42 -19.81 60.14
N PRO P 73 -45.68 -19.34 59.08
CA PRO P 73 -46.34 -19.29 57.76
C PRO P 73 -46.22 -20.58 56.96
N LEU P 74 -45.86 -21.68 57.61
CA LEU P 74 -45.59 -22.92 56.89
C LEU P 74 -46.86 -23.61 56.41
N TRP P 75 -48.02 -23.29 56.99
CA TRP P 75 -49.27 -23.93 56.59
C TRP P 75 -49.70 -23.51 55.19
N ALA P 76 -49.42 -22.27 54.80
CA ALA P 76 -49.82 -21.76 53.50
C ALA P 76 -49.01 -22.33 52.35
N VAL P 77 -47.75 -22.69 52.59
CA VAL P 77 -46.97 -23.38 51.57
C VAL P 77 -47.49 -24.80 51.39
N ASN P 78 -47.90 -25.44 52.49
CA ASN P 78 -48.54 -26.75 52.45
C ASN P 78 -49.93 -26.61 51.85
N LYS P 81 -53.48 -24.81 56.58
CA LYS P 81 -54.52 -24.59 57.57
C LYS P 81 -54.01 -23.71 58.70
N ALA P 82 -54.60 -22.53 58.85
CA ALA P 82 -54.15 -21.57 59.84
C ALA P 82 -54.59 -21.97 61.24
N THR P 83 -53.93 -21.39 62.24
CA THR P 83 -54.27 -21.62 63.63
C THR P 83 -53.86 -20.41 64.45
N TRP P 84 -54.54 -20.23 65.58
CA TRP P 84 -54.29 -19.11 66.48
C TRP P 84 -54.80 -19.49 67.85
N PHE P 85 -53.92 -19.39 68.86
CA PHE P 85 -54.13 -19.94 70.22
C PHE P 85 -54.45 -21.43 70.21
N GLY P 86 -53.97 -22.15 69.20
CA GLY P 86 -54.37 -23.53 68.97
C GLY P 86 -55.74 -23.70 68.35
N ILE P 87 -56.42 -22.62 67.99
CA ILE P 87 -57.74 -22.70 67.40
C ILE P 87 -57.64 -22.31 65.93
N GLU P 88 -58.29 -23.09 65.06
CA GLU P 88 -58.14 -22.91 63.62
C GLU P 88 -58.79 -21.61 63.16
N VAL P 89 -58.21 -21.04 62.10
CA VAL P 89 -58.72 -19.82 61.48
C VAL P 89 -59.07 -20.17 60.03
N PRO P 90 -60.32 -19.98 59.60
CA PRO P 90 -60.76 -20.51 58.28
C PRO P 90 -60.51 -19.55 57.12
N PHE P 91 -59.23 -19.37 56.77
CA PHE P 91 -58.87 -18.50 55.65
C PHE P 91 -57.68 -19.08 54.91
N ASP P 92 -57.40 -18.49 53.75
CA ASP P 92 -56.28 -18.84 52.89
C ASP P 92 -55.49 -17.56 52.60
N LEU P 93 -54.28 -17.72 52.06
CA LEU P 93 -53.34 -16.60 51.95
C LEU P 93 -53.82 -15.54 50.96
N ASN P 94 -54.66 -15.92 49.99
CA ASN P 94 -55.22 -14.93 49.08
C ASN P 94 -56.18 -13.99 49.80
N ALA P 95 -57.09 -14.55 50.59
CA ALA P 95 -58.04 -13.74 51.36
C ALA P 95 -57.33 -12.95 52.45
N LEU P 96 -56.35 -13.58 53.13
CA LEU P 96 -55.58 -12.89 54.16
C LEU P 96 -54.78 -11.74 53.57
N LEU P 97 -54.18 -11.96 52.40
CA LEU P 97 -53.45 -10.90 51.71
C LEU P 97 -54.37 -9.77 51.27
N ALA P 98 -55.60 -10.11 50.87
CA ALA P 98 -56.58 -9.09 50.49
C ALA P 98 -56.99 -8.23 51.68
N PHE P 99 -57.36 -8.87 52.80
CA PHE P 99 -57.76 -8.12 53.99
C PHE P 99 -56.61 -7.31 54.56
N GLU P 100 -55.39 -7.89 54.56
CA GLU P 100 -54.23 -7.18 55.05
C GLU P 100 -53.86 -5.99 54.18
N PHE P 101 -53.98 -6.14 52.85
CA PHE P 101 -53.66 -5.04 51.96
C PHE P 101 -54.67 -3.90 52.10
N VAL P 102 -55.96 -4.24 52.22
CA VAL P 102 -56.98 -3.20 52.40
C VAL P 102 -56.79 -2.47 53.74
N ALA P 103 -56.56 -3.23 54.82
CA ALA P 103 -56.44 -2.64 56.14
C ALA P 103 -55.17 -1.81 56.28
N MET P 104 -54.04 -2.33 55.80
CA MET P 104 -52.80 -1.58 55.87
C MET P 104 -52.79 -0.39 54.93
N ALA P 105 -53.44 -0.50 53.75
CA ALA P 105 -53.56 0.65 52.86
C ALA P 105 -54.38 1.76 53.50
N ALA P 106 -55.48 1.41 54.15
CA ALA P 106 -56.31 2.41 54.80
C ALA P 106 -55.61 3.07 55.98
N ALA P 107 -55.00 2.25 56.87
CA ALA P 107 -54.36 2.79 58.07
C ALA P 107 -53.11 3.58 57.72
N GLU P 108 -52.30 3.04 56.82
CA GLU P 108 -51.09 3.71 56.38
C GLU P 108 -51.44 5.02 55.66
N GLY P 109 -52.49 5.00 54.86
CA GLY P 109 -52.89 6.20 54.13
C GLY P 109 -53.41 7.29 55.05
N GLN P 110 -54.16 6.90 56.09
CA GLN P 110 -54.60 7.87 57.08
C GLN P 110 -53.41 8.41 57.89
N ARG P 111 -52.38 7.58 58.10
CA ARG P 111 -51.18 8.07 58.78
C ARG P 111 -50.38 9.01 57.88
N GLY P 112 -50.29 8.68 56.58
CA GLY P 112 -49.52 9.48 55.65
C GLY P 112 -50.22 10.75 55.20
N ASP P 113 -51.53 10.86 55.43
CA ASP P 113 -52.22 12.13 55.16
C ASP P 113 -51.72 13.24 56.09
N ALA P 114 -51.40 12.89 57.33
CA ALA P 114 -50.82 13.86 58.25
C ALA P 114 -49.40 14.20 57.81
N GLY P 115 -48.98 15.43 58.10
CA GLY P 115 -47.71 15.95 57.62
C GLY P 115 -46.48 15.33 58.26
N GLY P 116 -46.26 15.60 59.54
CA GLY P 116 -45.10 15.09 60.23
C GLY P 116 -45.41 14.53 61.60
N VAL P 117 -46.60 13.97 61.75
CA VAL P 117 -47.09 13.54 63.06
C VAL P 117 -46.42 12.22 63.42
N VAL P 118 -45.51 12.27 64.39
CA VAL P 118 -44.93 11.09 65.00
C VAL P 118 -45.74 10.66 66.21
N TYR P 119 -46.24 11.62 66.99
CA TYR P 119 -46.94 11.38 68.24
C TYR P 119 -48.37 11.88 68.12
N PRO P 120 -49.32 11.02 67.74
CA PRO P 120 -50.69 11.49 67.50
C PRO P 120 -51.48 11.80 68.76
N GLY P 121 -51.42 10.93 69.77
CA GLY P 121 -52.29 11.06 70.92
C GLY P 121 -53.74 10.84 70.54
N GLY P 122 -54.62 11.47 71.32
CA GLY P 122 -56.04 11.47 71.00
C GLY P 122 -56.66 10.10 71.23
N ALA P 123 -57.26 9.55 70.17
CA ALA P 123 -57.83 8.21 70.25
C ALA P 123 -56.77 7.12 70.32
N PHE P 124 -55.55 7.39 69.83
CA PHE P 124 -54.47 6.43 69.98
C PHE P 124 -53.95 6.38 71.40
N ASP P 125 -54.16 7.44 72.18
CA ASP P 125 -53.74 7.50 73.58
C ASP P 125 -54.97 7.63 74.47
N PRO P 126 -55.65 6.53 74.81
CA PRO P 126 -56.87 6.63 75.61
C PRO P 126 -56.61 6.97 77.07
N LEU P 127 -55.47 6.54 77.60
CA LEU P 127 -55.22 6.69 79.04
C LEU P 127 -54.59 8.04 79.40
N GLY P 128 -54.17 8.83 78.41
CA GLY P 128 -53.73 10.19 78.67
C GLY P 128 -52.42 10.34 79.42
N PHE P 129 -51.40 9.55 79.05
CA PHE P 129 -50.10 9.66 79.70
C PHE P 129 -49.36 10.94 79.33
N ALA P 130 -49.46 11.38 78.07
CA ALA P 130 -48.69 12.51 77.56
C ALA P 130 -49.47 13.81 77.64
N LYS P 131 -50.34 13.95 78.64
CA LYS P 131 -51.11 15.17 78.85
C LYS P 131 -50.47 16.07 79.91
N ASP P 132 -49.15 15.94 80.08
CA ASP P 132 -48.43 16.70 81.09
C ASP P 132 -47.18 17.40 80.56
N SER P 133 -46.56 16.90 79.50
CA SER P 133 -45.37 17.43 78.81
C SER P 133 -44.15 17.56 79.71
N SER P 134 -44.05 16.79 80.79
CA SER P 134 -42.83 16.73 81.59
C SER P 134 -42.25 15.33 81.64
N LYS P 135 -43.09 14.33 81.93
CA LYS P 135 -42.63 12.95 81.86
C LYS P 135 -42.83 12.36 80.48
N SER P 136 -43.42 13.14 79.57
CA SER P 136 -43.69 12.66 78.22
C SER P 136 -42.40 12.47 77.44
N GLY P 137 -41.43 13.37 77.60
CA GLY P 137 -40.15 13.21 76.94
C GLY P 137 -39.36 12.03 77.48
N GLU P 138 -39.49 11.76 78.78
CA GLU P 138 -38.87 10.57 79.36
C GLU P 138 -39.52 9.30 78.83
N LEU P 139 -40.84 9.31 78.66
CA LEU P 139 -41.51 8.16 78.07
C LEU P 139 -41.15 7.97 76.59
N LYS P 140 -40.93 9.07 75.87
CA LYS P 140 -40.44 8.99 74.49
C LYS P 140 -39.04 8.40 74.43
N LEU P 141 -38.18 8.76 75.39
CA LEU P 141 -36.83 8.20 75.46
C LEU P 141 -36.86 6.71 75.80
N LYS P 142 -37.73 6.32 76.72
CA LYS P 142 -37.94 4.90 77.03
C LYS P 142 -38.45 4.14 75.82
N GLU P 143 -39.35 4.77 75.08
CA GLU P 143 -39.91 4.20 73.86
C GLU P 143 -38.88 4.00 72.75
N ILE P 144 -37.98 4.97 72.54
CA ILE P 144 -36.99 4.83 71.48
C ILE P 144 -35.89 3.86 71.89
N LYS P 145 -35.58 3.75 73.19
CA LYS P 145 -34.58 2.77 73.61
C LYS P 145 -35.12 1.35 73.54
N ASN P 146 -36.38 1.14 73.96
CA ASN P 146 -37.00 -0.17 73.83
C ASN P 146 -37.16 -0.59 72.38
N GLY P 147 -37.41 0.39 71.49
CA GLY P 147 -37.57 0.06 70.09
C GLY P 147 -36.26 -0.28 69.41
N ARG P 148 -35.19 0.43 69.76
CA ARG P 148 -33.86 0.06 69.26
C ARG P 148 -33.45 -1.32 69.76
N LEU P 149 -33.73 -1.62 71.03
CA LEU P 149 -33.42 -2.94 71.58
C LEU P 149 -34.22 -4.03 70.87
N ALA P 150 -35.48 -3.75 70.54
CA ALA P 150 -36.30 -4.74 69.83
C ALA P 150 -35.88 -4.91 68.38
N MET P 151 -35.41 -3.84 67.71
CA MET P 151 -34.87 -3.98 66.36
C MET P 151 -33.61 -4.83 66.34
N VAL P 152 -32.71 -4.60 67.31
CA VAL P 152 -31.51 -5.41 67.45
C VAL P 152 -31.88 -6.86 67.77
N ALA P 153 -32.92 -7.05 68.59
CA ALA P 153 -33.38 -8.40 68.93
C ALA P 153 -33.95 -9.13 67.71
N PHE P 154 -34.68 -8.43 66.84
CA PHE P 154 -35.27 -9.11 65.69
C PHE P 154 -34.22 -9.45 64.65
N LEU P 155 -33.25 -8.53 64.42
CA LEU P 155 -32.15 -8.89 63.52
C LEU P 155 -31.30 -10.01 64.11
N GLY P 156 -31.20 -10.07 65.43
CA GLY P 156 -30.58 -11.22 66.06
C GLY P 156 -31.34 -12.51 65.87
N PHE P 157 -32.67 -12.44 65.88
CA PHE P 157 -33.51 -13.61 65.61
C PHE P 157 -33.28 -14.12 64.20
N VAL P 158 -33.24 -13.20 63.24
CA VAL P 158 -33.09 -13.59 61.83
C VAL P 158 -31.71 -14.19 61.58
N ALA P 159 -30.65 -13.53 62.06
CA ALA P 159 -29.30 -14.06 61.88
C ALA P 159 -29.09 -15.36 62.65
N GLN P 160 -29.69 -15.46 63.84
CA GLN P 160 -29.56 -16.63 64.70
C GLN P 160 -30.25 -17.84 64.08
N HIS P 161 -31.42 -17.63 63.47
CA HIS P 161 -32.09 -18.74 62.80
C HIS P 161 -31.41 -19.09 61.47
N ALA P 162 -30.87 -18.09 60.77
CA ALA P 162 -30.15 -18.37 59.52
C ALA P 162 -28.87 -19.15 59.79
N ALA P 163 -28.30 -18.99 60.99
CA ALA P 163 -27.14 -19.78 61.37
C ALA P 163 -27.53 -21.17 61.89
N THR P 164 -28.27 -21.22 63.00
CA THR P 164 -28.54 -22.47 63.67
C THR P 164 -29.71 -23.26 63.08
N GLY P 165 -30.78 -22.57 62.68
CA GLY P 165 -31.97 -23.27 62.23
C GLY P 165 -32.99 -23.52 63.30
N LYS P 166 -32.89 -22.82 64.43
CA LYS P 166 -33.77 -23.02 65.58
C LYS P 166 -34.31 -21.69 66.06
N GLY P 167 -35.32 -21.77 66.92
CA GLY P 167 -35.95 -20.58 67.46
C GLY P 167 -35.07 -19.89 68.49
N PRO P 168 -35.44 -18.66 68.88
CA PRO P 168 -34.63 -17.94 69.87
C PRO P 168 -34.67 -18.52 71.28
N ILE P 169 -35.81 -19.05 71.75
CA ILE P 169 -35.87 -19.58 73.11
C ILE P 169 -35.12 -20.90 73.21
N ALA P 170 -35.20 -21.72 72.16
CA ALA P 170 -34.48 -23.00 72.15
C ALA P 170 -32.97 -22.79 72.09
N ALA P 171 -32.52 -21.82 71.30
CA ALA P 171 -31.10 -21.51 71.26
C ALA P 171 -30.63 -20.81 72.52
N LEU P 172 -31.52 -20.05 73.17
CA LEU P 172 -31.22 -19.52 74.50
C LEU P 172 -31.05 -20.63 75.52
N GLY P 173 -31.87 -21.69 75.42
CA GLY P 173 -31.70 -22.83 76.30
C GLY P 173 -30.43 -23.60 76.00
N GLU P 174 -30.03 -23.63 74.72
CA GLU P 174 -28.75 -24.24 74.36
C GLU P 174 -27.57 -23.44 74.90
N HIS P 175 -27.67 -22.11 74.87
CA HIS P 175 -26.61 -21.28 75.45
C HIS P 175 -26.58 -21.39 76.97
N LEU P 176 -27.73 -21.57 77.60
CA LEU P 176 -27.71 -21.75 79.06
C LEU P 176 -27.26 -23.15 79.45
N ALA P 177 -27.45 -24.14 78.59
CA ALA P 177 -27.01 -25.50 78.90
C ALA P 177 -25.49 -25.64 78.74
N ASN P 178 -24.99 -25.40 77.54
CA ASN P 178 -23.56 -25.50 77.22
C ASN P 178 -23.11 -24.14 76.70
N PRO P 179 -22.65 -23.24 77.57
CA PRO P 179 -22.27 -21.90 77.10
C PRO P 179 -21.01 -21.88 76.27
N TRP P 180 -20.06 -22.76 76.56
CA TRP P 180 -18.81 -22.84 75.81
C TRP P 180 -18.88 -23.85 74.67
N GLY P 181 -20.06 -24.35 74.35
CA GLY P 181 -20.23 -25.28 73.25
C GLY P 181 -21.44 -24.98 72.40
N ALA P 182 -22.11 -23.87 72.71
CA ALA P 182 -23.28 -23.42 71.92
C ALA P 182 -23.29 -21.90 71.94
N ASN P 183 -22.72 -21.32 70.90
CA ASN P 183 -22.68 -19.87 70.69
C ASN P 183 -22.54 -19.62 69.20
N PHE P 184 -22.17 -18.41 68.82
CA PHE P 184 -22.03 -18.09 67.40
C PHE P 184 -20.74 -18.63 66.79
N ALA P 185 -19.91 -19.33 67.56
CA ALA P 185 -18.62 -19.79 67.08
C ALA P 185 -18.52 -21.30 66.97
N THR P 186 -19.22 -22.06 67.82
CA THR P 186 -19.39 -23.49 67.58
C THR P 186 -20.36 -23.74 66.44
N ASN P 187 -21.16 -22.72 66.11
CA ASN P 187 -21.95 -22.57 64.89
C ASN P 187 -21.25 -23.07 63.62
N GLY P 188 -20.06 -22.52 63.33
CA GLY P 188 -19.40 -22.81 62.08
C GLY P 188 -19.79 -21.94 60.91
N ILE P 189 -20.60 -20.89 61.14
CA ILE P 189 -21.05 -19.99 60.10
C ILE P 189 -20.56 -18.57 60.33
N SER P 190 -20.68 -18.06 61.56
CA SER P 190 -20.38 -16.67 61.84
C SER P 190 -18.88 -16.38 61.78
N VAL P 191 -18.06 -17.37 62.12
CA VAL P 191 -16.61 -17.33 61.94
C VAL P 191 -16.25 -18.47 61.02
N PRO P 192 -15.85 -18.20 59.77
CA PRO P 192 -15.79 -19.27 58.76
C PRO P 192 -14.63 -20.23 58.92
N PHE P 193 -13.65 -19.91 59.76
CA PHE P 193 -12.52 -20.80 59.96
C PHE P 193 -12.85 -21.84 61.02
N PHE P 194 -11.85 -22.64 61.38
CA PHE P 194 -11.89 -23.65 62.45
C PHE P 194 -12.96 -24.71 62.25
N LEU Q 30 25.12 11.64 71.93
CA LEU Q 30 23.95 10.82 71.62
C LEU Q 30 24.35 9.50 70.97
N PRO Q 31 23.85 8.38 71.50
CA PRO Q 31 24.23 7.07 70.98
C PRO Q 31 23.64 6.77 69.62
N SER Q 32 24.49 6.36 68.67
CA SER Q 32 24.02 6.00 67.35
C SER Q 32 24.07 4.49 67.17
N TRP Q 33 23.30 4.02 66.19
CA TRP Q 33 23.35 2.61 65.81
C TRP Q 33 24.64 2.28 65.08
N MET Q 34 25.29 3.29 64.51
CA MET Q 34 26.55 3.15 63.77
C MET Q 34 27.29 4.45 64.00
N PRO Q 35 28.33 4.44 64.83
CA PRO Q 35 29.02 5.69 65.17
C PRO Q 35 29.76 6.31 63.99
N GLY Q 36 29.58 7.62 63.82
CA GLY Q 36 30.14 8.34 62.70
C GLY Q 36 29.19 8.56 61.55
N ALA Q 37 28.09 7.82 61.51
CA ALA Q 37 27.13 7.97 60.43
C ALA Q 37 26.29 9.23 60.61
N ASP Q 38 25.68 9.67 59.52
CA ASP Q 38 24.81 10.85 59.55
C ASP Q 38 23.40 10.42 59.93
N LEU Q 39 22.84 11.09 60.88
CA LEU Q 39 21.54 10.71 61.40
C LEU Q 39 20.44 11.55 60.76
N PRO Q 40 19.23 11.01 60.62
CA PRO Q 40 18.12 11.79 60.09
C PRO Q 40 17.71 12.90 61.05
N GLY Q 41 17.24 14.01 60.47
CA GLY Q 41 16.93 15.19 61.25
C GLY Q 41 15.65 15.11 62.06
N TYR Q 42 14.71 14.25 61.64
CA TYR Q 42 13.45 14.10 62.36
C TYR Q 42 13.56 13.20 63.58
N LEU Q 43 14.70 12.57 63.80
CA LEU Q 43 14.92 11.75 64.98
C LEU Q 43 15.76 12.55 65.96
N ASN Q 44 15.16 12.90 67.11
CA ASN Q 44 15.73 13.92 67.98
C ASN Q 44 15.80 13.53 69.45
N GLY Q 45 15.74 12.24 69.79
CA GLY Q 45 15.81 11.82 71.16
C GLY Q 45 14.54 11.95 71.96
N THR Q 46 13.46 12.46 71.36
CA THR Q 46 12.20 12.59 72.08
C THR Q 46 11.51 11.25 72.26
N LEU Q 47 11.83 10.29 71.43
CA LEU Q 47 11.25 8.96 71.53
C LEU Q 47 12.15 8.05 72.37
N PRO Q 48 11.58 7.05 73.04
CA PRO Q 48 12.43 6.09 73.77
C PRO Q 48 13.18 5.17 72.80
N GLY Q 49 14.50 5.11 72.97
CA GLY Q 49 15.32 4.33 72.08
C GLY Q 49 15.56 4.98 70.75
N ASP Q 50 15.80 6.29 70.74
CA ASP Q 50 16.05 7.03 69.50
C ASP Q 50 17.54 6.96 69.22
N PHE Q 51 17.93 6.05 68.34
CA PHE Q 51 19.33 5.82 67.99
C PHE Q 51 19.64 6.25 66.57
N GLY Q 52 18.69 6.88 65.89
CA GLY Q 52 18.93 7.39 64.55
C GLY Q 52 18.84 6.36 63.45
N PHE Q 53 18.36 5.17 63.74
CA PHE Q 53 18.34 4.09 62.76
C PHE Q 53 17.07 4.19 61.92
N ASP Q 54 17.21 4.72 60.71
CA ASP Q 54 16.16 4.69 59.71
C ASP Q 54 16.80 4.80 58.33
N PRO Q 55 17.40 3.72 57.81
CA PRO Q 55 18.05 3.84 56.49
C PRO Q 55 17.07 3.90 55.34
N LEU Q 56 15.86 3.37 55.50
CA LEU Q 56 14.85 3.43 54.45
C LEU Q 56 13.98 4.67 54.54
N TYR Q 57 14.23 5.54 55.53
CA TYR Q 57 13.56 6.84 55.69
C TYR Q 57 12.05 6.67 55.84
N LEU Q 58 11.64 5.64 56.59
CA LEU Q 58 10.23 5.29 56.70
C LEU Q 58 9.41 6.26 57.52
N GLY Q 59 10.05 7.11 58.34
CA GLY Q 59 9.29 7.96 59.23
C GLY Q 59 9.55 9.44 59.08
N GLN Q 60 9.73 9.92 57.85
CA GLN Q 60 9.91 11.36 57.63
C GLN Q 60 8.66 12.15 57.99
N ASP Q 61 7.49 11.58 57.72
CA ASP Q 61 6.25 12.20 58.15
C ASP Q 61 6.10 12.07 59.67
N PRO Q 62 5.84 13.17 60.38
CA PRO Q 62 5.63 13.07 61.83
C PRO Q 62 4.36 12.32 62.22
N VAL Q 63 3.33 12.34 61.39
CA VAL Q 63 2.11 11.60 61.68
C VAL Q 63 2.36 10.10 61.55
N LYS Q 64 3.06 9.71 60.49
CA LYS Q 64 3.51 8.33 60.36
C LYS Q 64 4.47 7.94 61.48
N LEU Q 65 5.26 8.89 61.98
CA LEU Q 65 6.16 8.60 63.09
C LEU Q 65 5.39 8.38 64.39
N LYS Q 66 4.28 9.10 64.58
CA LYS Q 66 3.40 8.85 65.73
C LYS Q 66 2.80 7.44 65.65
N TRP Q 67 2.28 7.08 64.48
CA TRP Q 67 1.67 5.76 64.30
C TRP Q 67 2.72 4.66 64.46
N TYR Q 68 3.93 4.88 63.98
CA TYR Q 68 4.98 3.87 64.09
C TYR Q 68 5.51 3.76 65.51
N ALA Q 69 5.54 4.85 66.28
CA ALA Q 69 5.93 4.77 67.68
C ALA Q 69 4.94 3.95 68.49
N GLN Q 70 3.64 4.21 68.29
CA GLN Q 70 2.63 3.44 69.01
C GLN Q 70 2.60 1.98 68.55
N ALA Q 71 2.81 1.74 67.26
CA ALA Q 71 2.83 0.36 66.77
C ALA Q 71 4.06 -0.39 67.22
N GLU Q 72 5.17 0.34 67.42
CA GLU Q 72 6.40 -0.26 67.94
C GLU Q 72 6.15 -0.71 69.39
N LEU Q 73 5.51 0.16 70.18
CA LEU Q 73 5.15 -0.19 71.55
C LEU Q 73 4.22 -1.40 71.61
N MET Q 74 3.24 -1.47 70.71
CA MET Q 74 2.26 -2.56 70.77
C MET Q 74 2.87 -3.90 70.34
N ASN Q 75 3.54 -3.91 69.17
CA ASN Q 75 4.23 -5.12 68.71
C ASN Q 75 5.31 -5.55 69.71
N ALA Q 76 5.98 -4.59 70.36
CA ALA Q 76 7.05 -4.92 71.30
C ALA Q 76 6.50 -5.54 72.58
N ARG Q 77 5.38 -5.02 73.10
CA ARG Q 77 4.83 -5.55 74.34
C ARG Q 77 4.17 -6.91 74.13
N PHE Q 78 3.45 -7.08 73.01
CA PHE Q 78 2.94 -8.42 72.71
C PHE Q 78 4.06 -9.40 72.41
N ALA Q 79 5.19 -8.94 71.85
CA ALA Q 79 6.32 -9.83 71.66
C ALA Q 79 6.99 -10.20 72.97
N MET Q 80 7.05 -9.27 73.93
CA MET Q 80 7.60 -9.59 75.24
C MET Q 80 6.76 -10.64 75.97
N LEU Q 81 5.44 -10.46 75.96
CA LEU Q 81 4.56 -11.48 76.54
C LEU Q 81 4.65 -12.80 75.78
N ALA Q 82 4.85 -12.75 74.46
CA ALA Q 82 4.95 -13.97 73.67
C ALA Q 82 6.22 -14.75 73.97
N VAL Q 83 7.35 -14.05 74.08
CA VAL Q 83 8.61 -14.73 74.35
C VAL Q 83 8.63 -15.27 75.77
N ALA Q 84 7.98 -14.56 76.72
CA ALA Q 84 7.82 -15.13 78.06
C ALA Q 84 6.94 -16.36 78.04
N GLY Q 85 5.84 -16.33 77.30
CA GLY Q 85 4.95 -17.48 77.20
C GLY Q 85 5.48 -18.65 76.40
N ILE Q 86 6.55 -18.45 75.63
CA ILE Q 86 7.21 -19.57 74.97
C ILE Q 86 8.37 -20.09 75.80
N LEU Q 87 9.14 -19.21 76.46
CA LEU Q 87 10.23 -19.64 77.33
C LEU Q 87 9.73 -20.39 78.56
N VAL Q 88 8.94 -19.73 79.41
CA VAL Q 88 8.66 -20.19 80.78
C VAL Q 88 7.93 -21.54 80.85
N PRO Q 89 6.91 -21.86 80.03
CA PRO Q 89 6.41 -23.25 80.05
C PRO Q 89 7.40 -24.30 79.58
N GLU Q 90 8.22 -24.00 78.56
CA GLU Q 90 9.22 -24.96 78.13
C GLU Q 90 10.40 -25.02 79.10
N LEU Q 91 10.72 -23.90 79.75
CA LEU Q 91 11.75 -23.90 80.80
C LEU Q 91 11.30 -24.65 82.04
N LEU Q 92 10.00 -24.71 82.30
CA LEU Q 92 9.49 -25.51 83.41
C LEU Q 92 9.20 -26.96 83.03
N SER Q 93 8.98 -27.25 81.75
CA SER Q 93 8.71 -28.62 81.35
C SER Q 93 9.97 -29.48 81.31
N ASN Q 94 11.14 -28.86 81.14
CA ASN Q 94 12.39 -29.61 81.18
C ASN Q 94 12.82 -29.97 82.59
N ILE Q 95 12.28 -29.29 83.59
CA ILE Q 95 12.60 -29.55 84.99
C ILE Q 95 11.35 -30.08 85.67
N GLY Q 96 11.47 -30.41 86.96
CA GLY Q 96 10.32 -30.88 87.72
C GLY Q 96 9.30 -29.80 88.00
N PRO Q 100 1.65 -27.14 84.69
CA PRO Q 100 2.09 -28.54 84.72
C PRO Q 100 1.05 -29.48 84.14
N GLY Q 101 -0.06 -28.94 83.67
CA GLY Q 101 -1.08 -29.75 83.03
C GLY Q 101 -0.67 -30.25 81.65
N ALA Q 102 0.27 -29.55 81.01
CA ALA Q 102 0.74 -29.94 79.69
C ALA Q 102 2.16 -29.45 79.50
N GLY Q 103 3.01 -30.31 78.93
CA GLY Q 103 4.36 -29.95 78.56
C GLY Q 103 4.51 -29.88 77.05
N VAL Q 104 3.49 -29.33 76.40
CA VAL Q 104 3.41 -29.33 74.94
C VAL Q 104 4.11 -28.10 74.39
N ALA Q 105 4.75 -28.24 73.24
CA ALA Q 105 5.44 -27.14 72.57
C ALA Q 105 4.47 -26.04 72.15
N TRP Q 106 5.04 -24.86 71.86
CA TRP Q 106 4.22 -23.67 71.63
C TRP Q 106 3.46 -23.74 70.31
N TYR Q 107 4.02 -24.38 69.29
CA TYR Q 107 3.35 -24.48 68.00
C TYR Q 107 2.36 -25.64 67.94
N ASP Q 108 2.32 -26.48 68.98
CA ASP Q 108 1.32 -27.52 69.11
C ASP Q 108 0.33 -27.18 70.22
N ALA Q 109 0.21 -25.89 70.55
CA ALA Q 109 -0.72 -25.46 71.59
C ALA Q 109 -2.17 -25.46 71.11
N GLY Q 110 -2.39 -25.45 69.80
CA GLY Q 110 -3.76 -25.46 69.30
C GLY Q 110 -4.43 -26.81 69.39
N LYS Q 111 -3.66 -27.89 69.34
CA LYS Q 111 -4.21 -29.24 69.39
C LYS Q 111 -4.27 -29.79 70.83
N PHE Q 112 -4.87 -28.99 71.71
CA PHE Q 112 -5.05 -29.36 73.11
C PHE Q 112 -6.47 -28.96 73.47
N GLU Q 113 -7.01 -29.56 74.55
CA GLU Q 113 -8.46 -29.56 74.73
C GLU Q 113 -8.99 -28.20 75.18
N TYR Q 114 -8.47 -27.64 76.29
CA TYR Q 114 -8.82 -26.33 76.86
C TYR Q 114 -10.33 -26.17 77.09
N PHE Q 115 -10.97 -27.25 77.57
CA PHE Q 115 -12.36 -27.34 78.06
C PHE Q 115 -13.44 -26.84 77.10
N ALA Q 116 -13.09 -26.53 75.84
CA ALA Q 116 -13.91 -25.78 74.90
C ALA Q 116 -13.20 -25.76 73.55
N PRO Q 117 -13.92 -25.60 72.44
CA PRO Q 117 -13.22 -25.43 71.16
C PRO Q 117 -12.52 -24.09 71.07
N ALA Q 118 -11.58 -24.01 70.13
CA ALA Q 118 -10.82 -22.78 69.95
C ALA Q 118 -11.64 -21.68 69.28
N SER Q 119 -12.74 -22.03 68.63
CA SER Q 119 -13.58 -21.04 67.96
C SER Q 119 -14.31 -20.16 68.97
N SER Q 120 -14.87 -20.76 70.02
CA SER Q 120 -15.55 -19.99 71.06
C SER Q 120 -14.59 -19.07 71.79
N LEU Q 121 -13.38 -19.56 72.04
CA LEU Q 121 -12.32 -18.75 72.63
C LEU Q 121 -11.90 -17.63 71.70
N PHE Q 122 -11.91 -17.88 70.39
CA PHE Q 122 -11.66 -16.83 69.39
C PHE Q 122 -12.72 -15.76 69.47
N GLY Q 123 -13.99 -16.16 69.64
CA GLY Q 123 -15.07 -15.19 69.74
C GLY Q 123 -14.98 -14.33 71.00
N VAL Q 124 -14.67 -14.96 72.14
CA VAL Q 124 -14.49 -14.23 73.40
C VAL Q 124 -13.31 -13.27 73.30
N GLN Q 125 -12.20 -13.75 72.72
CA GLN Q 125 -11.01 -12.94 72.49
C GLN Q 125 -11.32 -11.72 71.63
N MET Q 126 -12.06 -11.92 70.54
CA MET Q 126 -12.34 -10.79 69.64
C MET Q 126 -13.31 -9.79 70.26
N LEU Q 127 -14.27 -10.24 71.07
CA LEU Q 127 -15.16 -9.28 71.74
C LEU Q 127 -14.40 -8.44 72.76
N LEU Q 128 -13.65 -9.09 73.65
CA LEU Q 128 -13.00 -8.35 74.74
C LEU Q 128 -11.86 -7.48 74.20
N PHE Q 129 -11.12 -7.97 73.20
CA PHE Q 129 -10.09 -7.14 72.59
C PHE Q 129 -10.65 -6.06 71.69
N ALA Q 130 -11.86 -6.23 71.13
CA ALA Q 130 -12.50 -5.14 70.44
C ALA Q 130 -12.79 -3.99 71.40
N TRP Q 131 -13.30 -4.33 72.59
CA TRP Q 131 -13.52 -3.34 73.65
C TRP Q 131 -12.23 -2.60 74.02
N VAL Q 132 -11.21 -3.36 74.41
CA VAL Q 132 -9.97 -2.76 74.94
C VAL Q 132 -9.22 -1.99 73.85
N GLU Q 133 -9.12 -2.60 72.68
CA GLU Q 133 -8.43 -1.99 71.55
C GLU Q 133 -9.07 -0.69 71.06
N ILE Q 134 -10.39 -0.66 70.96
CA ILE Q 134 -11.07 0.55 70.51
C ILE Q 134 -10.98 1.64 71.58
N ARG Q 135 -10.97 1.26 72.86
CA ARG Q 135 -10.79 2.26 73.91
C ARG Q 135 -9.38 2.86 73.88
N ARG Q 136 -8.36 2.03 73.65
CA ARG Q 136 -6.98 2.51 73.51
C ARG Q 136 -6.82 3.38 72.27
N TYR Q 137 -7.48 3.01 71.17
CA TYR Q 137 -7.41 3.81 69.94
C TYR Q 137 -8.08 5.16 70.13
N GLN Q 138 -9.16 5.21 70.90
CA GLN Q 138 -9.81 6.49 71.16
C GLN Q 138 -8.96 7.36 72.08
N ASP Q 139 -8.15 6.74 72.95
CA ASP Q 139 -7.13 7.51 73.65
C ASP Q 139 -6.11 8.08 72.67
N PHE Q 140 -5.66 7.27 71.72
CA PHE Q 140 -4.62 7.72 70.79
C PHE Q 140 -5.10 8.82 69.86
N VAL Q 141 -6.37 8.78 69.44
CA VAL Q 141 -6.90 9.83 68.57
C VAL Q 141 -7.04 11.13 69.33
N LYS Q 142 -7.72 11.09 70.48
CA LYS Q 142 -7.92 12.28 71.31
C LYS Q 142 -7.36 12.02 72.70
N PRO Q 143 -6.14 12.46 73.00
CA PRO Q 143 -5.57 12.23 74.33
C PRO Q 143 -6.24 13.07 75.39
N GLY Q 144 -6.57 12.42 76.51
CA GLY Q 144 -7.32 13.08 77.56
C GLY Q 144 -8.81 12.83 77.47
N SER Q 145 -9.24 11.90 76.62
CA SER Q 145 -10.65 11.64 76.42
C SER Q 145 -11.07 10.24 76.84
N ALA Q 146 -10.13 9.32 77.06
CA ALA Q 146 -10.42 7.97 77.56
C ALA Q 146 -9.66 7.80 78.86
N ASN Q 147 -10.27 8.22 79.95
CA ASN Q 147 -9.58 8.15 81.24
C ASN Q 147 -10.42 7.52 82.34
N GLN Q 148 -11.73 7.80 82.39
CA GLN Q 148 -12.53 7.40 83.53
C GLN Q 148 -13.34 6.14 83.23
N ASP Q 149 -13.60 5.38 84.29
CA ASP Q 149 -14.42 4.17 84.20
C ASP Q 149 -15.85 4.57 83.87
N PRO Q 150 -16.43 4.04 82.78
CA PRO Q 150 -17.79 4.47 82.41
C PRO Q 150 -18.87 3.93 83.32
N ILE Q 151 -18.72 2.71 83.83
CA ILE Q 151 -19.72 2.18 84.76
C ILE Q 151 -19.59 2.86 86.12
N PHE Q 152 -18.41 2.80 86.72
CA PHE Q 152 -18.16 3.40 88.03
C PHE Q 152 -17.47 4.74 87.77
N THR Q 153 -18.27 5.80 87.65
CA THR Q 153 -17.81 7.09 87.13
C THR Q 153 -16.89 7.87 88.09
N ASN Q 154 -16.41 7.31 89.20
CA ASN Q 154 -15.41 7.98 90.02
C ASN Q 154 -14.02 7.40 89.80
N ASN Q 155 -13.92 6.16 89.34
CA ASN Q 155 -12.63 5.59 88.98
C ASN Q 155 -12.11 6.24 87.70
N LYS Q 156 -10.84 6.65 87.73
CA LYS Q 156 -10.33 7.51 86.68
C LYS Q 156 -8.80 7.43 86.67
N LEU Q 157 -8.21 7.50 85.47
CA LEU Q 157 -6.77 7.67 85.31
C LEU Q 157 -6.41 9.15 85.43
N PRO Q 158 -5.23 9.48 85.97
CA PRO Q 158 -4.87 10.89 86.16
C PRO Q 158 -4.55 11.57 84.84
N ASP Q 159 -4.38 12.89 84.93
CA ASP Q 159 -4.29 13.77 83.76
C ASP Q 159 -2.94 13.69 83.05
N GLY Q 160 -1.98 12.92 83.55
CA GLY Q 160 -0.73 12.70 82.84
C GLY Q 160 -0.92 11.66 81.77
N ASN Q 161 -1.52 12.08 80.65
CA ASN Q 161 -2.13 11.15 79.70
C ASN Q 161 -1.11 10.32 78.95
N GLU Q 162 -0.29 10.96 78.08
CA GLU Q 162 0.83 10.38 77.34
C GLU Q 162 0.43 9.12 76.56
N PRO Q 163 -0.16 9.28 75.37
CA PRO Q 163 -0.66 8.13 74.59
C PRO Q 163 0.38 7.06 74.32
N GLY Q 164 0.07 5.83 74.73
CA GLY Q 164 1.02 4.75 74.80
C GLY Q 164 1.52 4.46 76.19
N TYR Q 165 1.42 5.43 77.10
CA TYR Q 165 1.89 5.29 78.48
C TYR Q 165 0.77 5.74 79.40
N PRO Q 166 -0.19 4.84 79.71
CA PRO Q 166 -1.40 5.24 80.44
C PRO Q 166 -1.17 5.69 81.88
N GLY Q 167 -0.61 4.82 82.71
CA GLY Q 167 -0.45 5.12 84.12
C GLY Q 167 -1.67 4.72 84.94
N GLY Q 168 -1.72 5.25 86.16
CA GLY Q 168 -2.83 5.01 87.06
C GLY Q 168 -2.96 3.58 87.53
N ILE Q 169 -4.05 2.91 87.15
CA ILE Q 169 -4.23 1.51 87.48
C ILE Q 169 -3.32 0.62 86.64
N PHE Q 170 -2.86 1.11 85.49
CA PHE Q 170 -1.88 0.38 84.70
C PHE Q 170 -0.47 0.48 85.28
N ASP Q 171 -0.27 1.32 86.29
CA ASP Q 171 0.96 1.33 87.08
C ASP Q 171 0.57 1.23 88.56
N PRO Q 172 0.13 0.04 89.02
CA PRO Q 172 -0.42 -0.06 90.38
C PRO Q 172 0.63 -0.11 91.48
N PHE Q 173 1.83 -0.59 91.17
CA PHE Q 173 2.85 -0.85 92.18
C PHE Q 173 3.70 0.37 92.49
N GLY Q 174 3.30 1.56 92.06
CA GLY Q 174 3.99 2.78 92.44
C GLY Q 174 5.34 2.97 91.78
N TRP Q 175 5.44 2.66 90.49
CA TRP Q 175 6.68 2.86 89.75
C TRP Q 175 6.73 4.29 89.21
N SER Q 176 7.64 4.52 88.27
CA SER Q 176 7.98 5.79 87.63
C SER Q 176 8.58 6.78 88.63
N LYS Q 177 9.33 6.32 89.62
CA LYS Q 177 10.08 7.24 90.47
C LYS Q 177 11.31 7.77 89.74
N GLY Q 178 12.21 6.88 89.32
CA GLY Q 178 13.18 7.22 88.28
C GLY Q 178 12.43 7.59 87.01
N ASP Q 179 12.69 8.82 86.55
CA ASP Q 179 11.61 9.77 86.26
C ASP Q 179 10.57 9.20 85.30
N ILE Q 180 10.89 9.09 84.01
CA ILE Q 180 10.16 8.15 83.16
C ILE Q 180 11.12 7.57 82.11
N LYS Q 181 12.28 8.21 81.94
CA LYS Q 181 13.01 8.11 80.68
C LYS Q 181 13.77 6.79 80.57
N SER Q 182 14.56 6.45 81.60
CA SER Q 182 15.40 5.27 81.56
C SER Q 182 14.57 3.99 81.51
N LEU Q 183 13.42 4.00 82.18
CA LEU Q 183 12.55 2.83 82.14
C LEU Q 183 11.85 2.70 80.79
N LYS Q 184 11.54 3.82 80.14
CA LYS Q 184 11.04 3.78 78.76
C LYS Q 184 12.08 3.18 77.82
N LEU Q 185 13.35 3.56 78.01
CA LEU Q 185 14.40 3.05 77.13
C LEU Q 185 14.67 1.57 77.39
N LYS Q 186 14.61 1.14 78.66
CA LYS Q 186 14.70 -0.29 78.97
C LYS Q 186 13.52 -1.05 78.38
N GLU Q 187 12.34 -0.43 78.39
CA GLU Q 187 11.14 -1.04 77.83
C GLU Q 187 11.24 -1.25 76.32
N ILE Q 188 11.76 -0.26 75.60
CA ILE Q 188 11.89 -0.41 74.15
C ILE Q 188 13.07 -1.31 73.80
N LYS Q 189 14.10 -1.41 74.64
CA LYS Q 189 15.20 -2.32 74.32
C LYS Q 189 14.82 -3.78 74.54
N ASN Q 190 14.22 -4.10 75.71
CA ASN Q 190 13.69 -5.44 75.94
C ASN Q 190 12.62 -5.80 74.91
N GLY Q 191 11.84 -4.81 74.44
CA GLY Q 191 10.81 -5.10 73.46
C GLY Q 191 11.34 -5.37 72.06
N ARG Q 192 12.35 -4.60 71.62
CA ARG Q 192 12.98 -4.88 70.33
C ARG Q 192 13.71 -6.22 70.36
N LEU Q 193 14.31 -6.54 71.50
CA LEU Q 193 15.01 -7.81 71.64
C LEU Q 193 14.01 -8.97 71.61
N ALA Q 194 12.83 -8.77 72.19
CA ALA Q 194 11.81 -9.82 72.15
C ALA Q 194 11.13 -9.92 70.78
N MET Q 195 11.01 -8.81 70.04
CA MET Q 195 10.51 -8.89 68.66
C MET Q 195 11.46 -9.70 67.79
N LEU Q 196 12.77 -9.42 67.91
CA LEU Q 196 13.77 -10.23 67.22
C LEU Q 196 13.74 -11.68 67.70
N ALA Q 197 13.47 -11.91 68.98
CA ALA Q 197 13.39 -13.27 69.52
C ALA Q 197 12.20 -14.03 68.95
N PHE Q 198 11.05 -13.36 68.77
CA PHE Q 198 9.89 -14.06 68.24
C PHE Q 198 10.04 -14.34 66.75
N ALA Q 199 10.63 -13.38 66.00
CA ALA Q 199 11.01 -13.64 64.62
C ALA Q 199 12.00 -14.81 64.54
N GLY Q 200 12.89 -14.90 65.53
CA GLY Q 200 13.66 -16.08 65.83
C GLY Q 200 12.80 -17.32 65.87
N PHE Q 201 11.93 -17.45 66.89
CA PHE Q 201 11.16 -18.67 67.15
C PHE Q 201 10.41 -19.16 65.91
N ILE Q 202 9.82 -18.23 65.17
CA ILE Q 202 9.14 -18.57 63.91
C ILE Q 202 10.14 -19.13 62.90
N GLY Q 203 11.27 -18.45 62.71
CA GLY Q 203 12.24 -18.92 61.72
C GLY Q 203 12.93 -20.23 62.09
N GLN Q 204 13.40 -20.30 63.32
CA GLN Q 204 14.11 -21.48 63.80
C GLN Q 204 13.21 -22.70 63.81
N ALA Q 205 11.95 -22.51 64.18
CA ALA Q 205 11.01 -23.62 64.22
C ALA Q 205 10.56 -24.01 62.82
N TYR Q 206 10.52 -23.06 61.88
CA TYR Q 206 10.17 -23.41 60.52
C TYR Q 206 11.32 -24.12 59.81
N THR Q 207 12.55 -23.81 60.19
CA THR Q 207 13.70 -24.44 59.53
C THR Q 207 14.10 -25.74 60.21
N THR Q 208 14.43 -25.69 61.50
CA THR Q 208 14.92 -26.88 62.19
C THR Q 208 13.80 -27.85 62.56
N GLY Q 209 12.54 -27.40 62.54
CA GLY Q 209 11.42 -28.26 62.83
C GLY Q 209 11.24 -28.62 64.29
N THR Q 210 12.03 -28.03 65.20
CA THR Q 210 12.01 -28.44 66.59
C THR Q 210 11.68 -27.27 67.53
N THR Q 211 11.81 -27.51 68.82
CA THR Q 211 11.51 -26.56 69.88
C THR Q 211 12.73 -25.69 70.16
N PRO Q 212 12.55 -24.44 70.64
CA PRO Q 212 13.69 -23.52 70.71
C PRO Q 212 14.71 -23.81 71.81
N LEU Q 213 14.28 -24.29 72.98
CA LEU Q 213 15.27 -24.61 74.02
C LEU Q 213 16.05 -25.86 73.67
N LYS Q 214 15.48 -26.77 72.87
CA LYS Q 214 16.28 -27.89 72.37
C LYS Q 214 17.26 -27.42 71.31
N ASN Q 215 16.91 -26.38 70.55
CA ASN Q 215 17.86 -25.77 69.63
C ASN Q 215 19.00 -25.09 70.38
N LEU Q 216 18.69 -24.42 71.50
CA LEU Q 216 19.75 -23.85 72.34
C LEU Q 216 20.60 -24.93 72.99
N SER Q 217 19.99 -26.07 73.35
CA SER Q 217 20.77 -27.18 73.89
C SER Q 217 21.69 -27.81 72.85
N THR Q 218 21.25 -27.85 71.59
CA THR Q 218 22.14 -28.35 70.54
C THR Q 218 23.25 -27.35 70.22
N HIS Q 219 22.96 -26.05 70.33
CA HIS Q 219 24.04 -25.06 70.16
C HIS Q 219 25.00 -25.07 71.34
N LEU Q 220 24.54 -25.42 72.54
CA LEU Q 220 25.45 -25.50 73.67
C LEU Q 220 26.20 -26.82 73.72
N ALA Q 221 25.66 -27.87 73.11
CA ALA Q 221 26.34 -29.17 73.13
C ALA Q 221 27.57 -29.16 72.22
N ASP Q 222 27.43 -28.61 71.02
CA ASP Q 222 28.55 -28.53 70.07
C ASP Q 222 28.27 -27.35 69.16
N PRO Q 223 28.71 -26.15 69.54
CA PRO Q 223 28.44 -24.96 68.70
C PRO Q 223 29.20 -24.93 67.40
N TRP Q 224 30.32 -25.65 67.32
CA TRP Q 224 31.17 -25.57 66.14
C TRP Q 224 30.68 -26.46 65.01
N SER Q 225 29.81 -27.41 65.30
CA SER Q 225 29.17 -28.23 64.28
C SER Q 225 27.69 -27.89 64.11
N THR Q 226 27.14 -27.00 64.94
CA THR Q 226 25.74 -26.59 64.87
C THR Q 226 25.70 -25.07 64.74
N THR Q 227 25.82 -24.59 63.51
CA THR Q 227 25.57 -23.20 63.16
C THR Q 227 24.39 -23.17 62.20
N VAL Q 228 23.99 -21.97 61.80
CA VAL Q 228 22.97 -21.82 60.77
C VAL Q 228 23.50 -22.33 59.44
N TRP Q 229 24.79 -22.13 59.21
CA TRP Q 229 25.40 -22.56 57.95
C TRP Q 229 25.51 -24.08 57.89
N GLN Q 230 25.80 -24.72 59.03
CA GLN Q 230 25.83 -26.17 59.13
C GLN Q 230 24.46 -26.78 58.86
N ASN Q 231 23.41 -26.24 59.48
CA ASN Q 231 22.08 -26.83 59.35
C ASN Q 231 21.47 -26.52 57.99
N ASP Q 232 21.78 -25.36 57.42
CA ASP Q 232 21.40 -25.05 56.05
C ASP Q 232 22.08 -25.98 55.04
N LEU Q 233 23.41 -26.17 55.17
CA LEU Q 233 24.12 -27.04 54.25
C LEU Q 233 23.88 -28.51 54.53
N ALA Q 234 23.27 -28.87 55.66
CA ALA Q 234 22.90 -30.26 55.92
C ALA Q 234 21.73 -30.70 55.04
N ARG Q 235 20.97 -29.76 54.50
CA ARG Q 235 19.93 -30.08 53.52
C ARG Q 235 20.60 -30.41 52.19
N ARG R 4 86.37 20.08 2.50
CA ARG R 4 85.88 18.92 3.23
C ARG R 4 85.27 17.89 2.30
N LYS R 5 86.11 17.05 1.70
CA LYS R 5 85.62 16.01 0.81
C LYS R 5 84.31 15.42 1.31
N LEU R 6 83.45 15.06 0.36
CA LEU R 6 82.15 14.49 0.66
C LEU R 6 82.08 13.07 0.07
N TRP R 7 80.90 12.46 0.13
CA TRP R 7 80.74 11.06 -0.24
C TRP R 7 80.80 10.84 -1.75
N ALA R 8 80.64 11.90 -2.55
CA ALA R 8 80.71 11.81 -4.00
C ALA R 8 81.06 13.20 -4.53
N PRO R 9 81.74 13.29 -5.67
CA PRO R 9 82.05 14.61 -6.23
C PRO R 9 80.83 15.25 -6.88
N GLY R 10 80.64 16.54 -6.61
CA GLY R 10 79.55 17.30 -7.14
C GLY R 10 78.32 17.37 -6.27
N VAL R 11 78.19 16.49 -5.30
CA VAL R 11 77.02 16.44 -4.43
C VAL R 11 77.17 17.50 -3.34
N VAL R 12 76.12 18.27 -3.10
CA VAL R 12 76.10 19.28 -2.06
C VAL R 12 75.56 18.67 -0.78
N ALA R 13 76.29 18.89 0.33
CA ALA R 13 75.86 18.38 1.62
C ALA R 13 74.60 19.10 2.10
N PRO R 14 73.77 18.43 2.90
CA PRO R 14 72.58 19.08 3.46
C PRO R 14 72.93 20.18 4.46
N GLU R 15 71.92 20.97 4.80
CA GLU R 15 72.14 22.13 5.66
C GLU R 15 72.36 21.74 7.12
N TYR R 16 71.79 20.62 7.57
CA TYR R 16 72.01 20.17 8.94
C TYR R 16 73.30 19.38 9.09
N LEU R 17 73.94 18.97 7.99
CA LEU R 17 75.23 18.29 8.05
C LEU R 17 76.32 19.31 7.78
N LYS R 18 77.16 19.55 8.79
CA LYS R 18 78.10 20.66 8.78
C LYS R 18 79.53 20.24 9.08
N GLY R 19 79.74 19.20 9.88
CA GLY R 19 81.05 18.89 10.43
C GLY R 19 81.07 18.88 11.94
N ASP R 20 79.93 19.07 12.60
CA ASP R 20 79.88 19.02 14.06
C ASP R 20 80.07 17.60 14.56
N LEU R 21 79.44 16.63 13.91
CA LEU R 21 79.65 15.23 14.23
C LEU R 21 80.86 14.70 13.47
N ALA R 22 81.52 13.71 14.06
CA ALA R 22 82.69 13.12 13.44
C ALA R 22 82.29 12.15 12.34
N GLY R 23 83.09 12.12 11.28
CA GLY R 23 82.81 11.24 10.16
C GLY R 23 81.71 11.75 9.25
N ASP R 24 81.52 13.07 9.18
CA ASP R 24 80.45 13.66 8.39
C ASP R 24 80.94 13.79 6.94
N TYR R 25 80.31 13.05 6.04
CA TYR R 25 80.55 13.16 4.61
C TYR R 25 79.38 13.80 3.88
N GLY R 26 78.40 14.34 4.61
CA GLY R 26 77.24 14.91 3.98
C GLY R 26 76.32 13.92 3.32
N TRP R 27 76.39 12.64 3.72
CA TRP R 27 75.66 11.58 3.05
C TRP R 27 74.41 11.24 3.86
N ASP R 28 73.30 11.89 3.54
CA ASP R 28 71.99 11.50 4.03
C ASP R 28 71.00 11.63 2.87
N PRO R 29 70.96 10.62 1.99
CA PRO R 29 70.05 10.70 0.85
C PRO R 29 68.58 10.48 1.19
N LEU R 30 68.27 10.02 2.40
CA LEU R 30 66.87 9.88 2.79
C LEU R 30 66.39 10.99 3.71
N GLY R 31 67.27 11.90 4.10
CA GLY R 31 66.87 12.99 4.98
C GLY R 31 66.47 12.55 6.36
N LEU R 32 67.01 11.44 6.84
CA LEU R 32 66.59 10.88 8.12
C LEU R 32 67.06 11.72 9.30
N GLY R 33 68.14 12.47 9.12
CA GLY R 33 68.64 13.31 10.20
C GLY R 33 68.14 14.73 10.15
N ALA R 34 67.01 14.96 9.47
CA ALA R 34 66.48 16.31 9.32
C ALA R 34 65.98 16.86 10.65
N ASP R 35 65.41 16.02 11.51
CA ASP R 35 65.08 16.43 12.87
C ASP R 35 66.32 16.28 13.75
N PRO R 36 66.58 17.23 14.64
CA PRO R 36 67.82 17.14 15.45
C PRO R 36 67.78 16.05 16.52
N THR R 37 66.62 15.81 17.14
CA THR R 37 66.54 14.78 18.18
C THR R 37 66.65 13.39 17.59
N ALA R 38 65.99 13.18 16.44
CA ALA R 38 66.16 11.94 15.71
C ALA R 38 67.60 11.76 15.24
N LEU R 39 68.28 12.85 14.86
CA LEU R 39 69.67 12.77 14.45
C LEU R 39 70.58 12.37 15.62
N LYS R 40 70.27 12.88 16.82
CA LYS R 40 71.03 12.47 18.01
C LYS R 40 70.80 11.00 18.34
N TRP R 41 69.56 10.53 18.18
CA TRP R 41 69.26 9.12 18.41
C TRP R 41 69.95 8.23 17.39
N TYR R 42 69.97 8.61 16.12
CA TYR R 42 70.65 7.78 15.14
C TYR R 42 72.16 7.87 15.26
N ARG R 43 72.69 8.97 15.82
CA ARG R 43 74.12 9.00 16.12
C ARG R 43 74.48 8.03 17.23
N GLN R 44 73.64 7.96 18.27
CA GLN R 44 73.86 6.99 19.33
C GLN R 44 73.71 5.56 18.82
N SER R 45 72.75 5.33 17.93
CA SER R 45 72.59 4.01 17.33
C SER R 45 73.75 3.65 16.42
N GLU R 46 74.31 4.65 15.73
CA GLU R 46 75.47 4.42 14.87
C GLU R 46 76.67 4.02 15.73
N LEU R 47 76.88 4.73 16.84
CA LEU R 47 77.96 4.39 17.76
C LEU R 47 77.78 2.99 18.34
N GLN R 48 76.54 2.60 18.67
CA GLN R 48 76.31 1.28 19.24
C GLN R 48 76.54 0.17 18.21
N HIS R 49 75.97 0.32 17.01
CA HIS R 49 76.20 -0.66 15.94
C HIS R 49 77.67 -0.71 15.54
N ALA R 50 78.35 0.44 15.53
CA ALA R 50 79.76 0.49 15.17
C ALA R 50 80.62 -0.25 16.17
N ARG R 51 80.39 -0.03 17.46
CA ARG R 51 81.23 -0.64 18.48
C ARG R 51 80.92 -2.13 18.64
N TRP R 52 79.64 -2.52 18.58
CA TRP R 52 79.32 -3.94 18.63
C TRP R 52 79.80 -4.68 17.38
N ALA R 53 79.85 -4.00 16.23
CA ALA R 53 80.33 -4.68 15.03
C ALA R 53 81.86 -4.76 15.01
N MET R 54 82.56 -3.77 15.55
CA MET R 54 84.00 -3.88 15.70
C MET R 54 84.36 -5.01 16.67
N LEU R 55 83.61 -5.13 17.77
CA LEU R 55 83.80 -6.26 18.68
C LEU R 55 83.49 -7.58 17.99
N GLY R 56 82.46 -7.63 17.16
CA GLY R 56 82.11 -8.87 16.48
C GLY R 56 83.11 -9.28 15.43
N VAL R 57 83.67 -8.31 14.69
CA VAL R 57 84.67 -8.62 13.68
C VAL R 57 85.96 -9.09 14.32
N ALA R 58 86.44 -8.37 15.35
CA ALA R 58 87.63 -8.78 16.07
C ALA R 58 87.43 -10.11 16.76
N GLY R 59 86.22 -10.36 17.27
CA GLY R 59 85.80 -11.64 17.78
C GLY R 59 86.00 -12.74 16.75
N VAL R 60 85.22 -12.72 15.66
CA VAL R 60 85.25 -13.76 14.62
C VAL R 60 86.67 -13.99 14.09
N LEU R 61 87.45 -12.91 13.95
CA LEU R 61 88.85 -13.00 13.57
C LEU R 61 89.67 -13.83 14.56
N VAL R 62 89.59 -13.49 15.86
CA VAL R 62 90.42 -14.18 16.85
C VAL R 62 89.92 -15.60 17.09
N GLN R 63 88.61 -15.78 17.11
CA GLN R 63 88.04 -17.09 17.33
C GLN R 63 88.49 -18.02 16.22
N GLU R 64 88.55 -17.51 14.99
CA GLU R 64 88.99 -18.37 13.90
C GLU R 64 90.50 -18.60 13.92
N ILE R 65 91.29 -17.61 14.37
CA ILE R 65 92.74 -17.76 14.38
C ILE R 65 93.18 -18.74 15.48
N VAL R 66 92.72 -18.52 16.71
CA VAL R 66 93.24 -19.26 17.86
C VAL R 66 92.78 -20.71 17.83
N LYS R 67 91.46 -20.92 17.70
CA LYS R 67 90.88 -22.25 17.54
C LYS R 67 90.28 -22.34 16.15
N PRO R 68 91.02 -22.89 15.16
CA PRO R 68 90.49 -23.01 13.79
C PRO R 68 89.58 -24.23 13.58
N ASP R 69 88.66 -24.44 14.51
CA ASP R 69 87.65 -25.48 14.39
C ASP R 69 86.32 -24.98 14.96
N VAL R 70 86.21 -23.68 15.24
CA VAL R 70 85.00 -23.14 15.84
C VAL R 70 83.88 -23.06 14.82
N TYR R 71 84.09 -22.30 13.74
CA TYR R 71 83.07 -21.91 12.76
C TYR R 71 81.93 -21.20 13.48
N PHE R 72 82.17 -19.93 13.81
CA PHE R 72 81.34 -19.01 14.61
C PHE R 72 79.83 -19.08 14.38
N TYR R 73 79.42 -19.44 13.16
CA TYR R 73 78.01 -19.66 12.87
C TYR R 73 77.43 -20.84 13.65
N GLU R 74 78.25 -21.80 14.06
CA GLU R 74 77.80 -22.90 14.91
C GLU R 74 78.24 -22.74 16.36
N ALA R 75 78.86 -21.60 16.71
CA ALA R 75 79.44 -21.45 18.04
C ALA R 75 78.40 -21.21 19.13
N GLY R 76 77.18 -20.84 18.76
CA GLY R 76 76.15 -20.60 19.76
C GLY R 76 75.55 -21.85 20.37
N LEU R 77 75.82 -23.02 19.78
CA LEU R 77 75.24 -24.25 20.27
C LEU R 77 75.86 -24.65 21.62
N PRO R 78 75.12 -25.36 22.47
CA PRO R 78 75.70 -25.81 23.75
C PRO R 78 76.83 -26.80 23.59
N GLN R 79 76.80 -27.65 22.56
CA GLN R 79 77.87 -28.62 22.37
C GLN R 79 79.17 -27.96 21.94
N ASN R 80 79.08 -26.84 21.22
CA ASN R 80 80.25 -26.13 20.69
C ASN R 80 80.70 -25.02 21.64
N LEU R 81 81.04 -25.40 22.86
CA LEU R 81 81.40 -24.47 23.93
C LEU R 81 82.72 -24.86 24.58
N PRO R 82 83.42 -23.91 25.26
CA PRO R 82 84.73 -24.23 25.86
C PRO R 82 84.70 -25.20 27.03
N GLU R 83 85.87 -25.41 27.64
CA GLU R 83 86.09 -26.55 28.53
C GLU R 83 85.33 -26.51 29.85
N PRO R 84 85.23 -25.39 30.60
CA PRO R 84 84.41 -25.45 31.83
C PRO R 84 82.92 -25.62 31.57
N PHE R 85 82.35 -24.79 30.71
CA PHE R 85 80.93 -24.79 30.42
C PHE R 85 80.75 -25.34 29.02
N THR R 86 80.31 -26.60 28.90
CA THR R 86 80.16 -27.22 27.58
C THR R 86 78.90 -28.07 27.44
N ASN R 87 78.05 -28.14 28.45
CA ASN R 87 76.76 -28.81 28.36
C ASN R 87 75.75 -27.98 29.13
N ILE R 88 75.94 -26.66 29.11
CA ILE R 88 75.31 -25.80 30.08
C ILE R 88 73.84 -25.57 29.71
N ASN R 89 73.03 -25.31 30.74
CA ASN R 89 71.65 -24.89 30.56
C ASN R 89 71.68 -23.48 29.97
N MET R 90 71.15 -23.33 28.76
CA MET R 90 71.15 -22.03 28.10
C MET R 90 70.17 -21.04 28.73
N GLY R 91 69.19 -21.55 29.47
CA GLY R 91 68.25 -20.67 30.16
C GLY R 91 68.91 -19.81 31.22
N GLY R 92 69.76 -20.41 32.05
CA GLY R 92 70.47 -19.64 33.06
C GLY R 92 71.49 -18.68 32.48
N LEU R 93 72.13 -19.06 31.37
CA LEU R 93 73.03 -18.17 30.67
C LEU R 93 72.29 -16.96 30.11
N LEU R 94 71.13 -17.18 29.52
CA LEU R 94 70.30 -16.08 29.03
C LEU R 94 69.75 -15.26 30.18
N ALA R 95 69.56 -15.88 31.36
CA ALA R 95 69.14 -15.13 32.55
C ALA R 95 70.21 -14.15 33.00
N TRP R 96 71.46 -14.63 33.12
CA TRP R 96 72.60 -13.76 33.42
C TRP R 96 72.71 -12.61 32.43
N GLU R 97 72.64 -12.95 31.13
CA GLU R 97 72.79 -11.93 30.09
C GLU R 97 71.65 -10.92 30.13
N PHE R 98 70.41 -11.39 30.33
CA PHE R 98 69.26 -10.50 30.35
C PHE R 98 69.33 -9.53 31.51
N ILE R 99 69.67 -10.01 32.71
CA ILE R 99 69.73 -9.15 33.88
C ILE R 99 70.83 -8.09 33.74
N LEU R 100 72.06 -8.53 33.41
CA LEU R 100 73.15 -7.56 33.37
C LEU R 100 73.05 -6.61 32.19
N MET R 101 72.58 -7.10 31.04
CA MET R 101 72.41 -6.24 29.87
C MET R 101 71.24 -5.29 30.03
N HIS R 102 70.15 -5.72 30.68
CA HIS R 102 69.03 -4.81 30.95
C HIS R 102 69.48 -3.69 31.88
N TRP R 103 70.33 -4.02 32.86
CA TRP R 103 70.92 -3.00 33.74
C TRP R 103 71.71 -1.96 32.95
N VAL R 104 72.73 -2.40 32.22
CA VAL R 104 73.65 -1.46 31.56
C VAL R 104 72.93 -0.68 30.45
N GLU R 105 72.03 -1.36 29.75
CA GLU R 105 71.24 -0.73 28.70
C GLU R 105 70.31 0.36 29.24
N VAL R 106 69.64 0.12 30.38
CA VAL R 106 68.77 1.14 30.96
C VAL R 106 69.61 2.30 31.49
N ARG R 107 70.82 2.05 31.99
CA ARG R 107 71.72 3.14 32.37
C ARG R 107 72.08 4.03 31.19
N ARG R 108 72.43 3.41 30.05
CA ARG R 108 72.77 4.20 28.87
C ARG R 108 71.55 4.88 28.25
N TRP R 109 70.38 4.26 28.36
CA TRP R 109 69.14 4.88 27.89
C TRP R 109 68.79 6.11 28.71
N GLN R 110 69.00 6.06 30.02
CA GLN R 110 68.76 7.23 30.85
C GLN R 110 69.82 8.29 30.65
N ASP R 111 71.03 7.88 30.23
CA ASP R 111 72.01 8.86 29.76
C ASP R 111 71.51 9.60 28.52
N TYR R 112 70.88 8.87 27.59
CA TYR R 112 70.31 9.55 26.41
C TYR R 112 69.15 10.46 26.80
N LYS R 113 68.27 10.00 27.69
CA LYS R 113 67.10 10.78 28.05
C LYS R 113 67.46 12.01 28.87
N ASN R 114 68.34 11.85 29.86
CA ASN R 114 68.84 12.96 30.65
C ASN R 114 70.37 12.93 30.58
N PHE R 115 70.95 13.85 29.83
CA PHE R 115 72.39 13.91 29.70
C PHE R 115 72.99 14.51 30.97
N GLY R 116 73.82 13.73 31.65
CA GLY R 116 74.42 14.17 32.89
C GLY R 116 73.66 13.80 34.13
N SER R 117 73.00 12.64 34.15
CA SER R 117 72.19 12.24 35.28
C SER R 117 72.51 10.86 35.83
N VAL R 118 73.23 10.03 35.08
CA VAL R 118 73.60 8.71 35.53
C VAL R 118 75.12 8.57 35.54
N ASN R 119 75.82 9.69 35.75
CA ASN R 119 77.27 9.64 35.84
C ASN R 119 77.73 8.99 37.13
N GLU R 120 76.98 9.14 38.20
CA GLU R 120 77.44 8.71 39.51
C GLU R 120 77.16 7.23 39.75
N ASP R 121 78.05 6.61 40.50
CA ASP R 121 77.82 5.25 40.99
C ASP R 121 76.72 5.30 42.05
N PRO R 122 75.63 4.55 41.88
CA PRO R 122 74.53 4.62 42.86
C PRO R 122 74.87 3.98 44.21
N ILE R 123 75.80 3.03 44.25
CA ILE R 123 76.18 2.42 45.52
C ILE R 123 77.27 3.24 46.20
N PHE R 124 78.40 3.39 45.54
CA PHE R 124 79.56 4.09 46.09
C PHE R 124 79.53 5.52 45.57
N LYS R 125 78.99 6.43 46.37
CA LYS R 125 78.62 7.76 45.89
C LYS R 125 79.81 8.71 45.68
N GLY R 126 81.05 8.23 45.78
CA GLY R 126 82.19 9.07 45.46
C GLY R 126 82.85 8.69 44.15
N ASN R 127 82.03 8.21 43.21
CA ASN R 127 82.52 7.77 41.90
C ASN R 127 81.63 8.35 40.82
N LYS R 128 82.24 8.84 39.74
CA LYS R 128 81.52 9.60 38.72
C LYS R 128 82.37 9.67 37.46
N VAL R 129 81.73 9.51 36.31
CA VAL R 129 82.39 9.60 35.01
C VAL R 129 82.05 10.95 34.39
N PRO R 130 83.03 11.75 33.98
CA PRO R 130 82.73 12.96 33.21
C PRO R 130 82.53 12.67 31.73
N ASN R 131 81.29 12.79 31.23
CA ASN R 131 81.06 12.58 29.82
C ASN R 131 81.08 13.91 29.08
N PRO R 132 82.07 14.18 28.23
CA PRO R 132 82.09 15.47 27.53
C PRO R 132 81.08 15.54 26.39
N GLU R 133 80.80 14.42 25.73
CA GLU R 133 79.82 14.35 24.66
C GLU R 133 78.89 13.19 24.95
N MET R 134 77.69 13.25 24.37
CA MET R 134 76.77 12.13 24.49
C MET R 134 77.23 10.96 23.65
N GLY R 135 77.30 9.78 24.26
CA GLY R 135 77.86 8.62 23.62
C GLY R 135 79.33 8.41 23.89
N TYR R 136 79.95 9.26 24.69
CA TYR R 136 81.38 9.19 24.99
C TYR R 136 81.54 9.35 26.49
N PRO R 137 81.41 8.25 27.26
CA PRO R 137 81.37 8.36 28.73
C PRO R 137 82.69 8.76 29.37
N GLY R 138 83.76 8.05 29.05
CA GLY R 138 85.06 8.37 29.63
C GLY R 138 85.22 7.82 31.03
N GLY R 139 86.19 8.39 31.74
CA GLY R 139 86.47 8.03 33.12
C GLY R 139 86.97 6.62 33.30
N ILE R 140 86.14 5.76 33.91
CA ILE R 140 86.48 4.35 34.06
C ILE R 140 86.35 3.61 32.74
N PHE R 141 85.61 4.15 31.78
CA PHE R 141 85.55 3.59 30.44
C PHE R 141 86.74 3.98 29.59
N ASP R 142 87.50 4.97 30.01
CA ASP R 142 88.74 5.39 29.36
C ASP R 142 89.87 5.29 30.39
N PRO R 143 90.34 4.07 30.68
CA PRO R 143 91.34 3.94 31.75
C PRO R 143 92.73 4.40 31.36
N PHE R 144 93.16 4.17 30.12
CA PHE R 144 94.45 4.66 29.67
C PHE R 144 94.41 6.16 29.37
N GLY R 145 93.27 6.67 28.92
CA GLY R 145 93.05 8.10 28.82
C GLY R 145 93.85 8.82 27.74
N PHE R 146 93.72 8.41 26.49
CA PHE R 146 94.39 9.11 25.40
C PHE R 146 93.70 10.41 25.02
N SER R 147 92.46 10.61 25.45
CA SER R 147 91.72 11.82 25.14
C SER R 147 91.95 12.90 26.20
N ASN R 150 93.86 14.94 19.25
CA ASN R 150 92.92 15.16 20.33
C ASN R 150 91.77 14.16 20.27
N LEU R 151 90.56 14.63 20.58
CA LEU R 151 89.39 13.77 20.63
C LEU R 151 88.69 13.63 19.29
N LYS R 152 88.68 14.70 18.49
CA LYS R 152 87.90 14.72 17.24
C LYS R 152 88.45 13.74 16.22
N GLU R 153 89.78 13.71 16.06
CA GLU R 153 90.37 12.80 15.08
C GLU R 153 90.26 11.35 15.52
N LEU R 154 90.30 11.09 16.83
CA LEU R 154 90.09 9.73 17.32
C LEU R 154 88.64 9.30 17.15
N GLN R 155 87.69 10.24 17.26
CA GLN R 155 86.30 9.92 16.98
C GLN R 155 86.06 9.64 15.50
N THR R 156 86.76 10.35 14.62
CA THR R 156 86.67 10.04 13.19
C THR R 156 87.25 8.67 12.89
N LYS R 157 88.39 8.33 13.52
CA LYS R 157 88.96 6.99 13.37
C LYS R 157 88.00 5.92 13.89
N GLU R 158 87.36 6.21 15.01
CA GLU R 158 86.40 5.30 15.63
C GLU R 158 85.16 5.06 14.77
N ILE R 159 84.63 6.11 14.13
CA ILE R 159 83.43 5.94 13.32
C ILE R 159 83.75 5.33 11.95
N LYS R 160 84.94 5.61 11.39
CA LYS R 160 85.30 4.98 10.12
C LYS R 160 85.60 3.49 10.30
N ASN R 161 86.28 3.16 11.37
CA ASN R 161 86.56 1.78 11.68
C ASN R 161 85.25 1.03 11.95
N GLY R 162 84.32 1.68 12.63
CA GLY R 162 83.04 1.05 12.95
C GLY R 162 82.16 0.82 11.73
N ARG R 163 82.16 1.78 10.79
CA ARG R 163 81.42 1.59 9.55
C ARG R 163 82.01 0.48 8.70
N LEU R 164 83.35 0.46 8.61
CA LEU R 164 84.03 -0.61 7.89
C LEU R 164 83.79 -1.98 8.55
N ALA R 165 83.70 -2.01 9.88
CA ALA R 165 83.45 -3.27 10.56
C ALA R 165 81.99 -3.70 10.49
N MET R 166 81.04 -2.75 10.40
CA MET R 166 79.65 -3.11 10.14
C MET R 166 79.51 -3.78 8.77
N ILE R 167 80.12 -3.18 7.75
CA ILE R 167 80.11 -3.77 6.41
C ILE R 167 80.82 -5.11 6.41
N ALA R 168 81.93 -5.22 7.13
CA ALA R 168 82.68 -6.46 7.17
C ALA R 168 81.97 -7.56 7.96
N TYR R 169 81.21 -7.20 9.00
CA TYR R 169 80.52 -8.25 9.74
C TYR R 169 79.32 -8.77 8.97
N MET R 170 78.57 -7.89 8.32
CA MET R 170 77.49 -8.41 7.48
C MET R 170 78.03 -9.13 6.26
N ALA R 171 79.24 -8.77 5.82
CA ALA R 171 79.97 -9.59 4.86
C ALA R 171 80.25 -10.98 5.40
N PHE R 172 80.72 -11.07 6.65
CA PHE R 172 81.01 -12.36 7.28
C PHE R 172 79.77 -13.24 7.36
N ILE R 173 78.66 -12.65 7.81
CA ILE R 173 77.39 -13.37 7.90
C ILE R 173 76.89 -13.81 6.53
N LEU R 174 77.00 -12.94 5.52
CA LEU R 174 76.44 -13.22 4.21
C LEU R 174 77.24 -14.30 3.50
N GLN R 175 78.55 -14.16 3.55
CA GLN R 175 79.46 -15.13 2.97
C GLN R 175 79.36 -16.45 3.69
N ALA R 176 79.15 -16.42 5.00
CA ALA R 176 79.15 -17.66 5.77
C ALA R 176 77.84 -18.40 5.58
N GLN R 177 76.75 -17.68 5.30
CA GLN R 177 75.52 -18.34 4.87
C GLN R 177 75.63 -18.85 3.45
N ALA R 178 76.43 -18.19 2.61
CA ALA R 178 76.52 -18.59 1.21
C ALA R 178 77.33 -19.86 1.04
N THR R 179 78.61 -19.83 1.39
CA THR R 179 79.50 -20.96 1.14
C THR R 179 79.79 -21.81 2.37
N GLY R 180 79.19 -21.48 3.51
CA GLY R 180 79.29 -22.34 4.68
C GLY R 180 80.63 -22.32 5.38
N LYS R 181 81.47 -21.33 5.12
CA LYS R 181 82.80 -21.27 5.69
C LYS R 181 82.99 -19.95 6.43
N GLY R 182 84.03 -19.89 7.25
CA GLY R 182 84.40 -18.67 7.92
C GLY R 182 85.08 -17.70 6.99
N PRO R 183 85.46 -16.53 7.53
CA PRO R 183 86.05 -15.50 6.67
C PRO R 183 87.46 -15.83 6.20
N LEU R 184 88.29 -16.41 7.06
CA LEU R 184 89.64 -16.76 6.67
C LEU R 184 89.66 -17.96 5.74
N ALA R 185 88.75 -18.92 5.96
CA ALA R 185 88.63 -20.06 5.05
C ALA R 185 88.12 -19.62 3.68
N ALA R 186 87.21 -18.65 3.65
CA ALA R 186 86.74 -18.13 2.36
C ALA R 186 87.82 -17.30 1.67
N LEU R 187 88.64 -16.61 2.45
CA LEU R 187 89.77 -15.89 1.86
C LEU R 187 90.80 -16.84 1.28
N SER R 188 91.07 -17.96 1.98
CA SER R 188 91.96 -18.98 1.43
C SER R 188 91.34 -19.68 0.22
N ALA R 189 90.01 -19.79 0.17
CA ALA R 189 89.36 -20.39 -0.99
C ALA R 189 89.42 -19.47 -2.20
N HIS R 190 89.32 -18.15 -1.99
CA HIS R 190 89.47 -17.22 -3.10
C HIS R 190 90.93 -17.12 -3.54
N LEU R 191 91.88 -17.28 -2.60
CA LEU R 191 93.28 -17.29 -2.98
C LEU R 191 93.71 -18.62 -3.61
N SER R 192 92.93 -19.69 -3.41
CA SER R 192 93.24 -20.96 -4.03
C SER R 192 92.98 -20.91 -5.54
N ASN R 193 91.73 -20.69 -5.92
CA ASN R 193 91.40 -20.26 -7.26
C ASN R 193 90.43 -19.09 -7.13
N PRO R 194 90.64 -18.01 -7.88
CA PRO R 194 89.73 -16.87 -7.76
C PRO R 194 88.54 -16.94 -8.70
N PHE R 195 88.65 -17.76 -9.74
CA PHE R 195 87.61 -17.84 -10.75
C PHE R 195 86.56 -18.88 -10.40
N GLY R 196 86.98 -20.09 -10.05
CA GLY R 196 86.12 -20.98 -9.31
C GLY R 196 86.09 -20.58 -7.84
N ASN R 197 85.02 -20.99 -7.16
CA ASN R 197 84.71 -20.62 -5.77
C ASN R 197 84.67 -19.09 -5.61
N ASN R 198 83.72 -18.49 -6.32
CA ASN R 198 83.54 -17.05 -6.38
C ASN R 198 82.16 -16.73 -5.83
N ILE R 199 81.75 -15.46 -5.92
CA ILE R 199 80.38 -15.13 -5.57
C ILE R 199 79.43 -15.53 -6.68
N LEU R 200 79.93 -15.62 -7.93
CA LEU R 200 79.08 -15.95 -9.08
C LEU R 200 78.56 -17.38 -9.02
N LYS R 201 79.23 -18.27 -8.28
CA LYS R 201 78.85 -19.66 -8.14
C LYS R 201 78.21 -19.96 -6.79
N ASN R 202 78.77 -19.41 -5.70
CA ASN R 202 78.37 -19.81 -4.36
C ASN R 202 77.02 -19.25 -3.95
N ILE R 203 76.59 -18.13 -4.53
CA ILE R 203 75.32 -17.55 -4.13
C ILE R 203 74.17 -18.36 -4.74
N GLY R 204 73.01 -18.30 -4.09
CA GLY R 204 71.87 -19.08 -4.50
C GLY R 204 71.66 -20.34 -3.70
N THR R 205 72.63 -20.73 -2.86
CA THR R 205 72.53 -21.91 -2.02
C THR R 205 72.88 -21.51 -0.59
N CYS R 206 71.87 -21.34 0.25
CA CYS R 206 72.11 -21.05 1.66
C CYS R 206 72.53 -22.33 2.37
N THR R 207 73.60 -22.24 3.16
CA THR R 207 74.06 -23.34 4.00
C THR R 207 73.41 -23.33 5.37
N VAL R 208 72.30 -22.62 5.53
CA VAL R 208 71.59 -22.49 6.80
C VAL R 208 70.92 -23.82 7.12
N PRO R 209 71.22 -24.43 8.28
CA PRO R 209 70.83 -25.83 8.50
C PRO R 209 69.38 -26.08 8.91
N HIS R 210 68.49 -25.08 8.73
CA HIS R 210 67.04 -25.25 8.80
C HIS R 210 66.53 -25.77 10.15
N SER R 211 66.46 -24.88 11.15
CA SER R 211 65.85 -25.12 12.45
C SER R 211 66.57 -26.18 13.29
N VAL R 212 67.78 -25.85 13.72
CA VAL R 212 68.54 -26.69 14.65
C VAL R 212 67.77 -26.86 15.96
N ASP R 213 67.56 -28.11 16.37
CA ASP R 213 66.95 -28.41 17.65
C ASP R 213 67.95 -28.16 18.76
N VAL R 214 67.69 -27.13 19.56
CA VAL R 214 68.43 -26.86 20.79
C VAL R 214 67.77 -27.75 21.84
N GLN R 215 68.39 -27.85 23.04
CA GLN R 215 68.08 -28.78 24.13
C GLN R 215 66.60 -29.07 24.37
N GLY R 216 65.78 -28.04 24.38
CA GLY R 216 64.34 -28.26 24.53
C GLY R 216 63.51 -27.69 23.39
N LEU R 217 64.02 -26.70 22.69
CA LEU R 217 63.25 -25.95 21.72
C LEU R 217 63.92 -25.96 20.35
N THR R 218 63.17 -25.51 19.34
CA THR R 218 63.66 -25.36 17.98
C THR R 218 63.61 -23.89 17.59
N ILE R 219 64.77 -23.32 17.29
CA ILE R 219 64.84 -21.95 16.79
C ILE R 219 64.57 -21.97 15.28
N PRO R 220 63.68 -21.11 14.77
CA PRO R 220 63.57 -20.97 13.31
C PRO R 220 64.78 -20.21 12.77
N LEU R 221 65.49 -20.85 11.85
CA LEU R 221 66.67 -20.27 11.24
C LEU R 221 66.35 -19.67 9.87
N THR R 222 66.93 -18.51 9.61
CA THR R 222 66.63 -17.74 8.40
C THR R 222 67.92 -17.40 7.67
N CYS R 223 67.85 -17.37 6.34
CA CYS R 223 68.89 -16.87 5.47
C CYS R 223 68.45 -15.52 4.91
N LEU R 224 69.40 -14.65 4.56
CA LEU R 224 69.02 -13.31 4.14
C LEU R 224 68.44 -13.25 2.72
N TRP R 225 68.50 -14.35 1.99
CA TRP R 225 68.00 -14.42 0.63
C TRP R 225 67.45 -15.81 0.42
N PRO R 226 66.42 -15.97 -0.43
CA PRO R 226 65.85 -17.30 -0.63
C PRO R 226 66.75 -18.24 -1.43
N GLY R 227 67.83 -18.71 -0.83
CA GLY R 227 68.74 -19.61 -1.50
C GLY R 227 68.32 -21.07 -1.48
N SER R 228 68.18 -21.63 -0.27
CA SER R 228 67.87 -23.04 -0.01
C SER R 228 68.80 -24.01 -0.73
N ARG S 4 66.51 13.73 46.99
CA ARG S 4 65.33 12.88 46.96
C ARG S 4 65.50 11.75 45.95
N PRO S 5 65.67 10.53 46.45
CA PRO S 5 65.89 9.39 45.54
C PRO S 5 64.61 9.02 44.79
N LEU S 6 64.80 8.40 43.64
CA LEU S 6 63.72 8.08 42.72
C LEU S 6 63.80 6.63 42.29
N TRP S 7 62.73 6.18 41.62
CA TRP S 7 62.69 4.82 41.09
C TRP S 7 63.64 4.66 39.90
N LEU S 8 63.74 5.71 39.08
CA LEU S 8 64.81 5.92 38.11
C LEU S 8 65.57 7.18 38.50
N PRO S 9 66.82 7.08 38.93
CA PRO S 9 67.60 8.29 39.26
C PRO S 9 67.96 9.08 38.00
N GLY S 10 67.48 10.31 37.94
CA GLY S 10 67.71 11.19 36.81
C GLY S 10 66.44 11.70 36.15
N SER S 11 65.35 10.95 36.22
CA SER S 11 64.11 11.34 35.59
C SER S 11 63.35 12.33 36.47
N THR S 12 62.13 12.66 36.06
CA THR S 12 61.28 13.55 36.83
C THR S 12 60.07 12.80 37.35
N PRO S 13 59.66 13.03 38.59
CA PRO S 13 58.44 12.43 39.11
C PRO S 13 57.22 13.06 38.48
N PRO S 14 56.05 12.42 38.56
CA PRO S 14 54.81 13.08 38.12
C PRO S 14 54.48 14.27 39.00
N ALA S 15 53.68 15.18 38.42
CA ALA S 15 53.42 16.47 39.03
C ALA S 15 52.60 16.37 40.31
N HIS S 16 51.85 15.29 40.51
CA HIS S 16 51.07 15.11 41.72
C HIS S 16 51.84 14.43 42.84
N LEU S 17 53.07 13.99 42.58
CA LEU S 17 53.90 13.34 43.58
C LEU S 17 54.97 14.32 44.03
N LYS S 18 54.70 15.04 45.11
CA LYS S 18 55.60 16.05 45.66
C LYS S 18 56.72 15.47 46.51
N GLY S 19 56.45 14.40 47.26
CA GLY S 19 57.41 13.86 48.20
C GLY S 19 56.87 13.89 49.61
N ASP S 20 55.56 14.14 49.72
CA ASP S 20 54.96 14.38 51.03
C ASP S 20 54.73 13.06 51.78
N LEU S 21 54.14 12.09 51.10
CA LEU S 21 53.81 10.81 51.72
C LEU S 21 55.08 9.98 51.95
N PRO S 22 55.10 9.10 52.95
CA PRO S 22 56.24 8.20 53.11
C PRO S 22 56.29 7.17 51.99
N GLY S 23 57.51 6.80 51.61
CA GLY S 23 57.72 5.89 50.50
C GLY S 23 57.43 6.48 49.15
N ASP S 24 57.39 7.80 49.03
CA ASP S 24 57.12 8.47 47.76
C ASP S 24 58.44 8.58 46.99
N PHE S 25 58.59 7.76 45.95
CA PHE S 25 59.77 7.84 45.10
C PHE S 25 59.39 8.19 43.66
N GLY S 26 58.27 8.86 43.45
CA GLY S 26 57.89 9.34 42.15
C GLY S 26 57.49 8.27 41.15
N PHE S 27 56.97 7.15 41.63
CA PHE S 27 56.63 6.04 40.75
C PHE S 27 55.12 5.99 40.55
N ASP S 28 54.66 6.58 39.45
CA ASP S 28 53.27 6.47 39.03
C ASP S 28 53.21 6.67 37.52
N PRO S 29 53.54 5.64 36.73
CA PRO S 29 53.48 5.81 35.28
C PRO S 29 52.06 5.88 34.73
N LEU S 30 51.12 5.16 35.33
CA LEU S 30 49.74 5.22 34.86
C LEU S 30 49.00 6.46 35.35
N GLY S 31 49.56 7.19 36.31
CA GLY S 31 48.91 8.38 36.83
C GLY S 31 47.69 8.08 37.67
N LEU S 32 47.78 7.09 38.56
CA LEU S 32 46.65 6.63 39.33
C LEU S 32 46.43 7.45 40.61
N GLY S 33 47.36 8.35 40.94
CA GLY S 33 47.22 9.15 42.14
C GLY S 33 47.02 10.62 41.86
N ALA S 34 46.55 10.95 40.65
CA ALA S 34 46.34 12.36 40.31
C ALA S 34 45.10 12.91 40.98
N ASN S 35 44.15 12.05 41.34
CA ASN S 35 43.04 12.45 42.19
C ASN S 35 43.43 12.26 43.65
N ALA S 36 43.20 13.29 44.46
CA ALA S 36 43.53 13.22 45.87
C ALA S 36 42.57 12.32 46.64
N GLU S 37 41.28 12.38 46.28
CA GLU S 37 40.27 11.54 46.92
C GLU S 37 40.49 10.07 46.57
N SER S 38 41.08 9.79 45.42
CA SER S 38 41.52 8.43 45.13
C SER S 38 42.79 8.09 45.91
N LEU S 39 43.71 9.05 46.02
CA LEU S 39 45.02 8.79 46.59
C LEU S 39 44.95 8.47 48.09
N LYS S 40 43.96 9.03 48.80
CA LYS S 40 43.74 8.65 50.19
C LYS S 40 43.37 7.17 50.32
N TRP S 41 42.43 6.73 49.48
CA TRP S 41 42.01 5.32 49.44
C TRP S 41 43.16 4.41 49.05
N PHE S 42 43.99 4.84 48.09
CA PHE S 42 45.07 3.95 47.66
C PHE S 42 46.23 3.91 48.65
N LYS S 43 46.47 5.01 49.39
CA LYS S 43 47.44 4.95 50.48
C LYS S 43 47.00 4.00 51.57
N GLU S 44 45.71 4.05 51.94
CA GLU S 44 45.17 3.12 52.92
C GLU S 44 45.27 1.68 52.41
N SER S 45 44.96 1.46 51.14
CA SER S 45 45.00 0.10 50.59
C SER S 45 46.42 -0.43 50.47
N GLU S 46 47.38 0.47 50.19
CA GLU S 46 48.78 0.08 50.12
C GLU S 46 49.27 -0.36 51.50
N LEU S 47 48.94 0.41 52.53
CA LEU S 47 49.31 0.04 53.90
C LEU S 47 48.67 -1.27 54.33
N VAL S 48 47.40 -1.50 53.98
CA VAL S 48 46.71 -2.71 54.43
C VAL S 48 47.24 -3.95 53.70
N HIS S 49 47.41 -3.87 52.36
CA HIS S 49 48.02 -4.97 51.60
C HIS S 49 49.43 -5.26 52.08
N SER S 50 50.22 -4.22 52.39
CA SER S 50 51.59 -4.42 52.82
C SER S 50 51.66 -5.09 54.19
N ARG S 51 50.76 -4.71 55.11
CA ARG S 51 50.79 -5.31 56.44
C ARG S 51 50.31 -6.76 56.42
N TRP S 52 49.25 -7.05 55.64
CA TRP S 52 48.83 -8.45 55.49
C TRP S 52 49.89 -9.30 54.80
N ALA S 53 50.62 -8.72 53.84
CA ALA S 53 51.63 -9.51 53.15
C ALA S 53 52.87 -9.73 54.00
N MET S 54 53.24 -8.75 54.84
CA MET S 54 54.33 -8.95 55.79
C MET S 54 54.00 -10.04 56.80
N ALA S 55 52.79 -9.99 57.36
CA ALA S 55 52.36 -11.04 58.28
C ALA S 55 52.26 -12.39 57.59
N ALA S 56 51.91 -12.39 56.29
CA ALA S 56 51.81 -13.64 55.55
C ALA S 56 53.16 -14.26 55.26
N VAL S 57 54.14 -13.44 54.86
CA VAL S 57 55.47 -13.96 54.58
C VAL S 57 56.14 -14.46 55.86
N ALA S 58 55.97 -13.72 56.96
CA ALA S 58 56.47 -14.19 58.25
C ALA S 58 55.77 -15.48 58.68
N GLY S 59 54.47 -15.60 58.38
CA GLY S 59 53.76 -16.83 58.71
C GLY S 59 54.22 -18.02 57.90
N ILE S 60 54.48 -17.84 56.61
CA ILE S 60 54.94 -18.94 55.76
C ILE S 60 56.36 -19.35 56.13
N LEU S 61 57.22 -18.37 56.47
CA LEU S 61 58.59 -18.69 56.85
C LEU S 61 58.67 -19.41 58.19
N VAL S 62 57.96 -18.90 59.21
CA VAL S 62 57.96 -19.57 60.51
C VAL S 62 57.21 -20.90 60.43
N GLN S 63 56.21 -21.00 59.57
CA GLN S 63 55.46 -22.23 59.39
C GLN S 63 56.30 -23.31 58.72
N GLU S 64 57.24 -22.91 57.86
CA GLU S 64 58.10 -23.91 57.23
C GLU S 64 59.29 -24.26 58.13
N ILE S 65 59.80 -23.30 58.90
CA ILE S 65 60.92 -23.59 59.80
C ILE S 65 60.47 -24.45 60.96
N VAL S 66 59.41 -24.05 61.66
CA VAL S 66 59.00 -24.71 62.89
C VAL S 66 58.38 -26.06 62.60
N ARG S 67 57.50 -26.13 61.61
CA ARG S 67 56.77 -27.35 61.28
C ARG S 67 57.04 -27.75 59.83
N PRO S 68 58.08 -28.53 59.57
CA PRO S 68 58.32 -29.04 58.22
C PRO S 68 57.36 -30.17 57.89
N ASP S 69 57.47 -30.64 56.64
CA ASP S 69 56.55 -31.62 56.02
C ASP S 69 55.10 -31.14 56.04
N VAL S 70 54.89 -29.84 56.03
CA VAL S 70 53.59 -29.22 55.86
C VAL S 70 53.75 -28.16 54.78
N PHE S 71 53.26 -28.46 53.59
CA PHE S 71 53.31 -27.53 52.48
C PHE S 71 52.25 -26.46 52.73
N TRP S 72 52.69 -25.19 52.75
CA TRP S 72 51.85 -24.10 53.23
C TRP S 72 50.66 -23.85 52.32
N TYR S 73 50.76 -24.24 51.05
CA TYR S 73 49.64 -24.18 50.13
C TYR S 73 48.59 -25.24 50.46
N ASN S 74 48.94 -26.24 51.28
CA ASN S 74 48.03 -27.28 51.72
C ASN S 74 47.63 -27.11 53.19
N ALA S 75 47.86 -25.93 53.76
CA ALA S 75 47.59 -25.71 55.18
C ALA S 75 46.11 -25.70 55.48
N GLY S 76 45.30 -25.17 54.56
CA GLY S 76 43.86 -25.22 54.73
C GLY S 76 43.30 -26.62 54.60
N LYS S 77 44.00 -27.49 53.87
CA LYS S 77 43.53 -28.85 53.69
C LYS S 77 43.91 -29.73 54.88
N GLU S 78 45.20 -29.89 55.13
CA GLU S 78 45.65 -30.89 56.10
C GLU S 78 45.70 -30.40 57.54
N VAL S 79 45.00 -29.33 57.88
CA VAL S 79 44.89 -28.96 59.29
C VAL S 79 43.79 -29.81 59.92
N GLU S 80 43.90 -30.03 61.23
CA GLU S 80 42.88 -30.77 61.97
C GLU S 80 42.55 -30.03 63.25
N SER S 81 41.27 -29.98 63.59
CA SER S 81 40.79 -29.34 64.81
C SER S 81 39.40 -29.85 65.11
N PRO S 82 39.03 -29.96 66.39
CA PRO S 82 37.62 -30.16 66.73
C PRO S 82 36.76 -28.95 66.42
N LEU S 83 37.38 -27.77 66.32
CA LEU S 83 36.78 -26.60 65.69
C LEU S 83 36.35 -26.95 64.28
N GLY S 84 35.06 -26.80 64.00
CA GLY S 84 34.54 -27.08 62.67
C GLY S 84 35.00 -26.03 61.68
N PRO S 85 34.96 -26.36 60.39
CA PRO S 85 35.33 -25.36 59.38
C PRO S 85 34.37 -24.19 59.29
N LEU S 86 33.06 -24.46 59.34
CA LEU S 86 32.08 -23.38 59.27
C LEU S 86 32.08 -22.54 60.55
N GLY S 87 32.42 -23.14 61.69
CA GLY S 87 32.49 -22.36 62.91
C GLY S 87 33.67 -21.40 62.92
N LEU S 88 34.83 -21.87 62.46
CA LEU S 88 35.99 -20.99 62.29
C LEU S 88 35.72 -19.90 61.27
N LEU S 89 35.03 -20.26 60.16
CA LEU S 89 34.71 -19.26 59.15
C LEU S 89 33.70 -18.25 59.66
N ALA S 90 32.79 -18.68 60.55
CA ALA S 90 31.80 -17.75 61.11
C ALA S 90 32.44 -16.80 62.10
N VAL S 91 33.34 -17.30 62.96
CA VAL S 91 34.07 -16.45 63.88
C VAL S 91 34.91 -15.43 63.11
N GLU S 92 35.59 -15.90 62.06
CA GLU S 92 36.39 -15.01 61.23
C GLU S 92 35.52 -13.97 60.53
N PHE S 93 34.33 -14.39 60.05
CA PHE S 93 33.43 -13.47 59.35
C PHE S 93 32.95 -12.35 60.27
N PHE S 94 32.42 -12.70 61.44
CA PHE S 94 31.87 -11.67 62.32
C PHE S 94 32.97 -10.77 62.88
N LEU S 95 34.10 -11.34 63.31
CA LEU S 95 35.14 -10.53 63.93
C LEU S 95 35.86 -9.64 62.91
N MET S 96 36.11 -10.18 61.71
CA MET S 96 36.72 -9.36 60.66
C MET S 96 35.75 -8.32 60.11
N HIS S 97 34.44 -8.63 60.04
CA HIS S 97 33.45 -7.64 59.62
C HIS S 97 33.43 -6.47 60.61
N TRP S 98 33.51 -6.79 61.90
CA TRP S 98 33.63 -5.78 62.95
C TRP S 98 34.85 -4.87 62.73
N VAL S 99 36.05 -5.48 62.69
CA VAL S 99 37.30 -4.72 62.65
C VAL S 99 37.40 -3.91 61.36
N GLU S 100 37.03 -4.52 60.25
CA GLU S 100 37.05 -3.86 58.95
C GLU S 100 36.09 -2.68 58.89
N VAL S 101 34.89 -2.82 59.45
CA VAL S 101 33.93 -1.72 59.42
C VAL S 101 34.38 -0.57 60.33
N ARG S 102 35.05 -0.88 61.45
CA ARG S 102 35.63 0.18 62.29
C ARG S 102 36.71 0.95 61.52
N ARG S 103 37.60 0.23 60.84
CA ARG S 103 38.67 0.88 60.08
C ARG S 103 38.11 1.67 58.89
N TRP S 104 37.12 1.13 58.21
CA TRP S 104 36.50 1.83 57.08
C TRP S 104 35.73 3.07 57.52
N GLN S 105 35.11 3.03 58.71
CA GLN S 105 34.44 4.21 59.22
C GLN S 105 35.45 5.29 59.60
N ASP S 106 36.63 4.88 60.08
CA ASP S 106 37.70 5.86 60.29
C ASP S 106 38.21 6.43 58.96
N LEU S 107 38.19 5.62 57.92
CA LEU S 107 38.57 6.11 56.59
C LEU S 107 37.58 7.18 56.12
N ARG S 108 36.30 6.82 55.97
CA ARG S 108 35.34 7.71 55.34
C ARG S 108 34.97 8.89 56.24
N LYS S 109 35.08 8.72 57.55
CA LYS S 109 34.95 9.83 58.49
C LYS S 109 36.22 9.90 59.31
N PRO S 110 37.11 10.88 59.06
CA PRO S 110 38.42 10.87 59.72
C PRO S 110 38.36 11.19 61.21
N GLY S 111 38.64 10.19 62.04
CA GLY S 111 38.65 10.37 63.47
C GLY S 111 37.26 10.39 64.07
N SER S 112 36.50 9.30 63.87
CA SER S 112 35.15 9.20 64.40
C SER S 112 34.90 7.92 65.17
N VAL S 113 35.86 6.99 65.19
CA VAL S 113 35.72 5.74 65.95
C VAL S 113 36.85 5.61 66.95
N ASP S 114 37.34 6.75 67.45
CA ASP S 114 38.47 6.74 68.38
C ASP S 114 38.09 6.16 69.74
N GLN S 115 36.86 6.35 70.17
CA GLN S 115 36.46 6.02 71.53
C GLN S 115 36.03 4.56 71.63
N ASP S 116 36.41 3.92 72.73
CA ASP S 116 36.02 2.54 72.93
C ASP S 116 34.52 2.57 73.18
N PRO S 117 33.78 1.68 72.54
CA PRO S 117 32.32 1.65 72.76
C PRO S 117 31.91 1.04 74.09
N ILE S 118 32.59 -0.01 74.55
CA ILE S 118 32.22 -0.63 75.81
C ILE S 118 32.61 0.23 76.99
N PHE S 119 33.87 0.68 77.02
CA PHE S 119 34.40 1.46 78.13
C PHE S 119 34.49 2.91 77.71
N SER S 120 33.77 3.79 78.41
CA SER S 120 33.75 5.21 78.07
C SER S 120 35.02 5.94 78.48
N GLN S 121 35.93 5.29 79.23
CA GLN S 121 37.16 5.93 79.65
C GLN S 121 38.12 6.10 78.48
N TYR S 122 38.35 5.05 77.71
CA TYR S 122 39.48 4.97 76.80
C TYR S 122 39.13 5.53 75.44
N LYS S 123 39.80 6.61 75.04
CA LYS S 123 39.66 7.19 73.72
C LYS S 123 41.03 7.24 73.05
N LEU S 124 41.09 6.74 71.83
CA LEU S 124 42.33 6.72 71.06
C LEU S 124 42.70 8.13 70.62
N PRO S 125 43.97 8.52 70.72
CA PRO S 125 44.36 9.92 70.48
C PRO S 125 44.22 10.31 69.02
N PRO S 126 44.16 11.62 68.70
CA PRO S 126 44.06 12.02 67.30
C PRO S 126 45.31 11.68 66.50
N HIS S 127 45.11 11.41 65.22
CA HIS S 127 46.16 10.82 64.41
C HIS S 127 45.86 11.10 62.93
N GLU S 128 46.58 10.43 62.06
CA GLU S 128 46.33 10.40 60.63
C GLU S 128 45.73 9.06 60.25
N VAL S 129 45.08 9.03 59.09
CA VAL S 129 44.46 7.80 58.61
C VAL S 129 45.53 6.82 58.17
N GLY S 130 45.33 5.54 58.51
CA GLY S 130 46.31 4.51 58.24
C GLY S 130 47.30 4.28 59.35
N TYR S 131 47.49 5.26 60.24
CA TYR S 131 48.46 5.19 61.32
C TYR S 131 47.75 5.55 62.63
N PRO S 132 47.04 4.59 63.25
CA PRO S 132 46.24 4.90 64.44
C PRO S 132 47.02 5.32 65.68
N GLY S 133 47.91 4.45 66.16
CA GLY S 133 48.62 4.71 67.39
C GLY S 133 47.87 4.23 68.62
N GLY S 134 48.27 4.78 69.77
CA GLY S 134 47.64 4.44 71.03
C GLY S 134 47.97 3.05 71.53
N VAL S 135 46.93 2.22 71.72
CA VAL S 135 47.13 0.82 72.08
C VAL S 135 47.72 0.03 70.92
N PHE S 136 47.45 0.44 69.68
CA PHE S 136 48.05 -0.21 68.54
C PHE S 136 49.56 0.02 68.47
N ALA S 137 50.05 1.13 69.03
CA ALA S 137 51.49 1.40 69.11
C ALA S 137 51.87 1.72 70.55
N PRO S 138 52.08 0.70 71.39
CA PRO S 138 52.56 0.98 72.75
C PRO S 138 54.02 1.37 72.80
N PHE S 139 54.86 0.72 72.00
CA PHE S 139 56.31 0.93 72.03
C PHE S 139 56.78 1.30 70.63
N ILE S 140 57.52 2.40 70.52
CA ILE S 140 58.05 2.86 69.25
C ILE S 140 59.57 2.97 69.36
N PRO S 141 60.33 2.29 68.49
CA PRO S 141 61.78 2.55 68.43
C PRO S 141 62.14 3.68 67.47
N GLY S 142 62.59 4.81 68.01
CA GLY S 142 62.99 5.91 67.15
C GLY S 142 61.88 6.85 66.76
N ASP S 143 61.94 7.38 65.54
CA ASP S 143 61.01 8.40 65.06
C ASP S 143 60.09 7.81 64.00
N LEU S 144 58.86 8.34 63.93
CA LEU S 144 57.88 7.87 62.96
C LEU S 144 58.26 8.18 61.52
N ALA S 145 58.98 9.29 61.29
CA ALA S 145 59.28 9.74 59.93
C ALA S 145 60.24 8.81 59.20
N GLU S 146 60.99 7.99 59.91
CA GLU S 146 61.78 6.93 59.30
C GLU S 146 61.14 5.55 59.39
N LEU S 147 60.39 5.30 60.47
CA LEU S 147 59.76 3.99 60.63
C LEU S 147 58.63 3.78 59.64
N LYS S 148 57.93 4.85 59.23
CA LYS S 148 56.92 4.71 58.19
C LYS S 148 57.56 4.31 56.86
N VAL S 149 58.71 4.90 56.54
CA VAL S 149 59.43 4.55 55.32
C VAL S 149 59.93 3.12 55.38
N LYS S 150 60.44 2.71 56.55
CA LYS S 150 60.87 1.32 56.75
C LYS S 150 59.72 0.35 56.60
N GLU S 151 58.55 0.73 57.14
CA GLU S 151 57.34 -0.08 57.05
C GLU S 151 56.83 -0.26 55.62
N ILE S 152 56.83 0.81 54.83
CA ILE S 152 56.36 0.70 53.45
C ILE S 152 57.38 -0.02 52.58
N LYS S 153 58.68 0.11 52.87
CA LYS S 153 59.69 -0.61 52.11
C LYS S 153 59.65 -2.12 52.38
N ASN S 154 59.68 -2.52 53.66
CA ASN S 154 59.52 -3.93 54.03
C ASN S 154 58.18 -4.50 53.54
N GLY S 155 57.13 -3.68 53.50
CA GLY S 155 55.83 -4.13 53.02
C GLY S 155 55.72 -4.36 51.53
N ARG S 156 56.28 -3.44 50.73
CA ARG S 156 56.36 -3.65 49.29
C ARG S 156 57.21 -4.88 48.96
N LEU S 157 58.32 -5.04 49.68
CA LEU S 157 59.18 -6.19 49.48
C LEU S 157 58.47 -7.49 49.86
N ALA S 158 57.63 -7.46 50.88
CA ALA S 158 56.89 -8.65 51.27
C ALA S 158 55.69 -8.94 50.38
N MET S 159 55.09 -7.91 49.75
CA MET S 159 54.07 -8.15 48.74
C MET S 159 54.65 -8.88 47.53
N LEU S 160 55.81 -8.40 47.06
CA LEU S 160 56.54 -9.10 46.00
C LEU S 160 56.94 -10.51 46.44
N ALA S 161 57.31 -10.65 47.72
CA ALA S 161 57.66 -11.96 48.25
C ALA S 161 56.47 -12.92 48.27
N PHE S 162 55.27 -12.41 48.57
CA PHE S 162 54.11 -13.30 48.64
C PHE S 162 53.68 -13.75 47.25
N VAL S 163 53.71 -12.86 46.26
CA VAL S 163 53.36 -13.34 44.92
C VAL S 163 54.45 -14.23 44.35
N GLY S 164 55.70 -14.03 44.78
CA GLY S 164 56.75 -14.99 44.45
C GLY S 164 56.53 -16.34 45.10
N PHE S 165 56.02 -16.36 46.33
CA PHE S 165 55.69 -17.61 47.00
C PHE S 165 54.60 -18.36 46.26
N VAL S 166 53.55 -17.64 45.84
CA VAL S 166 52.43 -18.27 45.15
C VAL S 166 52.88 -18.85 43.81
N MET S 167 53.67 -18.10 43.04
CA MET S 167 54.12 -18.60 41.75
C MET S 167 55.13 -19.74 41.90
N ALA S 168 56.04 -19.64 42.88
CA ALA S 168 57.00 -20.71 43.09
C ALA S 168 56.35 -21.97 43.67
N ALA S 169 55.20 -21.82 44.34
CA ALA S 169 54.49 -22.99 44.81
C ALA S 169 53.66 -23.62 43.70
N GLN S 170 53.11 -22.81 42.79
CA GLN S 170 52.37 -23.39 41.68
C GLN S 170 53.27 -24.00 40.61
N VAL S 171 54.51 -23.52 40.48
CA VAL S 171 55.39 -24.02 39.45
C VAL S 171 56.25 -25.19 39.94
N THR S 172 56.84 -25.08 41.12
CA THR S 172 57.72 -26.13 41.63
C THR S 172 57.03 -27.11 42.55
N GLY S 173 55.99 -26.68 43.26
CA GLY S 173 55.32 -27.53 44.21
C GLY S 173 56.02 -27.66 45.56
N LYS S 174 56.93 -26.74 45.87
CA LYS S 174 57.72 -26.80 47.09
C LYS S 174 57.60 -25.45 47.80
N GLY S 175 58.00 -25.43 49.07
CA GLY S 175 57.97 -24.23 49.84
C GLY S 175 59.06 -23.26 49.44
N PRO S 176 59.05 -22.06 50.04
CA PRO S 176 60.06 -21.06 49.67
C PRO S 176 61.47 -21.41 50.08
N ILE S 177 61.66 -22.00 51.27
CA ILE S 177 63.00 -22.41 51.68
C ILE S 177 63.46 -23.62 50.87
N ALA S 178 62.54 -24.52 50.55
CA ALA S 178 62.87 -25.68 49.73
C ALA S 178 63.19 -25.30 48.30
N ALA S 179 62.44 -24.35 47.73
CA ALA S 179 62.75 -23.84 46.39
C ALA S 179 64.03 -23.03 46.39
N LEU S 180 64.34 -22.33 47.49
CA LEU S 180 65.60 -21.62 47.58
C LEU S 180 66.78 -22.58 47.65
N GLN S 181 66.62 -23.70 48.37
CA GLN S 181 67.67 -24.72 48.37
C GLN S 181 67.77 -25.42 47.02
N GLU S 182 66.66 -25.49 46.28
CA GLU S 182 66.71 -26.00 44.91
C GLU S 182 67.50 -25.07 43.99
N HIS S 183 67.30 -23.75 44.15
CA HIS S 183 68.09 -22.78 43.39
C HIS S 183 69.53 -22.72 43.87
N LEU S 184 69.81 -23.06 45.13
CA LEU S 184 71.19 -23.09 45.60
C LEU S 184 71.90 -24.38 45.19
N ALA S 185 71.14 -25.43 44.88
CA ALA S 185 71.77 -26.65 44.38
C ALA S 185 72.20 -26.51 42.93
N ASP S 186 71.28 -26.12 42.04
CA ASP S 186 71.60 -25.91 40.62
C ASP S 186 71.12 -24.52 40.23
N PRO S 187 71.96 -23.50 40.40
CA PRO S 187 71.52 -22.14 40.03
C PRO S 187 71.43 -21.93 38.53
N TRP S 188 72.30 -22.56 37.76
CA TRP S 188 72.26 -22.45 36.30
C TRP S 188 71.11 -23.25 35.70
N GLY S 189 70.61 -24.25 36.42
CA GLY S 189 69.62 -25.15 35.86
C GLY S 189 68.23 -25.01 36.42
N THR S 190 68.07 -24.29 37.54
CA THR S 190 66.76 -24.08 38.16
C THR S 190 66.53 -22.57 38.26
N THR S 191 66.05 -21.99 37.17
CA THR S 191 65.49 -20.65 37.13
C THR S 191 64.19 -20.72 36.35
N ILE S 192 63.51 -19.58 36.21
CA ILE S 192 62.31 -19.58 35.39
C ILE S 192 62.67 -19.57 33.92
N PHE S 193 63.81 -18.97 33.57
CA PHE S 193 64.34 -19.10 32.21
C PHE S 193 64.75 -20.53 31.88
N SER S 194 65.12 -21.32 32.89
CA SER S 194 65.58 -22.68 32.70
C SER S 194 64.46 -23.71 32.74
N LYS S 195 63.20 -23.28 32.82
CA LYS S 195 62.07 -24.20 32.86
C LYS S 195 61.08 -23.99 31.73
N ALA S 196 61.11 -22.85 31.06
CA ALA S 196 60.07 -22.51 30.11
C ALA S 196 60.61 -21.49 29.13
N ALA S 197 60.08 -21.53 27.91
CA ALA S 197 60.47 -20.60 26.86
C ALA S 197 59.38 -20.54 25.80
N VAL S 198 59.22 -19.37 25.21
CA VAL S 198 58.35 -19.19 24.05
C VAL S 198 59.18 -18.64 22.91
N VAL S 199 59.19 -19.37 21.80
CA VAL S 199 59.90 -19.07 20.56
C VAL S 199 58.78 -19.10 19.53
N PRO S 200 58.84 -18.35 18.41
CA PRO S 200 57.77 -18.46 17.39
C PRO S 200 57.58 -19.84 16.79
N GLY S 201 58.51 -20.77 16.95
CA GLY S 201 58.25 -22.16 16.61
C GLY S 201 57.26 -22.81 17.56
N GLN S 202 57.66 -22.98 18.83
CA GLN S 202 56.81 -23.63 19.81
C GLN S 202 56.94 -22.93 21.15
N ALA S 203 56.01 -23.23 22.06
CA ALA S 203 56.01 -22.70 23.40
C ALA S 203 55.94 -23.85 24.39
N VAL S 204 56.77 -23.78 25.44
CA VAL S 204 56.76 -24.76 26.51
C VAL S 204 56.60 -24.03 27.84
N ALA S 205 55.70 -24.53 28.68
CA ALA S 205 55.38 -24.01 30.00
C ALA S 205 55.62 -25.11 31.05
N PRO S 206 55.89 -24.76 32.31
CA PRO S 206 56.09 -25.80 33.32
C PRO S 206 54.78 -26.48 33.66
N PRO S 207 54.80 -27.77 33.97
CA PRO S 207 53.59 -28.43 34.45
C PRO S 207 53.21 -27.93 35.83
N CYS S 208 51.90 -27.76 36.04
CA CYS S 208 51.43 -27.34 37.35
C CYS S 208 51.54 -28.48 38.34
N LYS S 209 52.23 -28.24 39.44
CA LYS S 209 52.46 -29.26 40.45
C LYS S 209 51.30 -29.36 41.44
N ILE S 210 50.34 -28.44 41.37
CA ILE S 210 49.08 -28.56 42.10
C ILE S 210 48.09 -29.27 41.17
N PRO S 211 47.64 -30.49 41.48
CA PRO S 211 47.05 -31.36 40.45
C PRO S 211 45.72 -30.92 39.84
N ALA S 212 44.71 -30.74 40.67
CA ALA S 212 43.34 -30.63 40.20
C ALA S 212 42.48 -30.06 41.32
N SER S 213 41.16 -30.18 41.16
CA SER S 213 40.22 -29.88 42.24
C SER S 213 40.50 -30.75 43.45
N VAL S 214 40.70 -30.10 44.59
CA VAL S 214 41.14 -30.79 45.81
C VAL S 214 39.94 -31.25 46.60
N SER S 215 39.92 -32.53 46.96
CA SER S 215 38.83 -33.13 47.73
C SER S 215 39.01 -32.77 49.21
N TYR S 216 38.16 -31.88 49.68
CA TYR S 216 37.97 -31.62 51.11
C TYR S 216 36.84 -32.54 51.56
N LYS S 217 36.22 -32.28 52.71
CA LYS S 217 35.28 -33.20 53.35
C LYS S 217 33.97 -33.30 52.56
N GLY S 218 34.02 -33.94 51.39
CA GLY S 218 32.87 -34.17 50.56
C GLY S 218 32.38 -32.95 49.80
N ILE S 219 33.26 -32.02 49.44
CA ILE S 219 32.81 -30.81 48.76
C ILE S 219 33.54 -30.62 47.43
N GLU S 220 34.76 -31.16 47.32
CA GLU S 220 35.62 -31.11 46.12
C GLU S 220 35.87 -29.66 45.68
N ILE S 221 36.66 -28.98 46.51
CA ILE S 221 37.10 -27.61 46.24
C ILE S 221 37.90 -27.54 44.95
N PRO S 222 37.49 -26.72 43.97
CA PRO S 222 38.33 -26.54 42.79
C PRO S 222 39.55 -25.70 43.11
N THR S 223 40.72 -26.20 42.74
CA THR S 223 42.00 -25.56 43.03
C THR S 223 42.75 -25.32 41.74
N PRO S 224 42.57 -24.16 41.12
CA PRO S 224 43.26 -23.86 39.86
C PRO S 224 44.58 -23.12 40.07
N CYS S 225 45.44 -23.18 39.05
CA CYS S 225 46.74 -22.53 39.10
C CYS S 225 46.74 -21.26 38.25
N PHE S 226 47.23 -20.18 38.86
CA PHE S 226 46.91 -18.80 38.48
C PHE S 226 47.37 -18.44 37.07
N LEU S 227 46.41 -18.29 36.16
CA LEU S 227 46.61 -17.87 34.77
C LEU S 227 47.59 -18.81 34.05
N GLN S 228 47.25 -20.11 34.08
CA GLN S 228 48.16 -21.16 33.65
C GLN S 228 48.41 -21.15 32.15
N GLY S 229 47.50 -20.58 31.35
CA GLY S 229 47.70 -20.42 29.93
C GLY S 229 48.66 -19.33 29.53
N LEU S 230 48.96 -18.39 30.42
CA LEU S 230 49.80 -17.23 30.11
C LEU S 230 51.13 -17.31 30.86
N TRP S 231 51.47 -18.49 31.38
CA TRP S 231 52.65 -18.68 32.22
C TRP S 231 54.02 -18.45 31.58
N PRO S 232 54.37 -19.07 30.43
CA PRO S 232 55.82 -19.05 30.15
C PRO S 232 56.32 -17.75 29.53
MG CL0 T . -10.51 -11.51 -25.51
CHA CL0 T . -7.59 -10.50 -27.14
CHB CL0 T . -11.40 -8.29 -25.26
CHC CL0 T . -13.63 -12.57 -24.69
CHD CL0 T . -9.68 -14.98 -26.44
NA CL0 T . -9.69 -9.71 -26.15
C1A CL0 T . -8.52 -9.43 -26.60
C2A CL0 T . -8.13 -7.97 -26.62
C3A CL0 T . -9.33 -7.36 -25.96
C4A CL0 T . -10.21 -8.54 -25.79
CMA CL0 T . -8.85 -7.15 -24.54
CAA CL0 T . -8.28 -7.36 -28.00
CBA CL0 T . -8.04 -5.86 -28.04
CGA CL0 T . -8.16 -5.26 -29.42
O1A CL0 T . -8.44 -4.08 -29.56
O2A CL0 T . -7.93 -6.04 -30.62
NB CL0 T . -12.24 -10.56 -25.01
C1B CL0 T . -12.47 -9.25 -24.98
C2B CL0 T . -13.88 -8.87 -24.73
C3B CL0 T . -14.55 -10.16 -24.57
C4B CL0 T . -13.44 -11.13 -24.75
CMB CL0 T . -14.52 -7.52 -24.65
CAB CL0 T . -16.01 -10.34 -24.27
CBB CL0 T . -16.57 -11.35 -23.62
NC CL0 T . -11.43 -13.35 -25.58
C1C CL0 T . -12.69 -13.58 -25.18
C2C CL0 T . -13.15 -14.98 -25.23
C3C CL0 T . -11.97 -15.67 -25.76
C4C CL0 T . -10.99 -14.59 -25.92
CMC CL0 T . -14.49 -15.55 -24.86
CAC CL0 T . -11.78 -17.14 -26.05
CBC CL0 T . -11.38 -17.70 -24.69
ND CL0 T . -9.10 -12.55 -26.55
C1D CL0 T . -8.77 -13.92 -26.83
C2D CL0 T . -7.47 -14.14 -27.48
C3D CL0 T . -7.01 -12.73 -27.62
C4D CL0 T . -8.00 -11.92 -27.09
CMD CL0 T . -6.72 -15.34 -27.96
CAD CL0 T . -5.90 -11.86 -28.09
OBD CL0 T . -4.83 -12.25 -28.67
CBD CL0 T . -6.26 -10.45 -27.83
CGD CL0 T . -6.30 -9.86 -29.20
O1D CL0 T . -6.90 -10.42 -30.10
O2D CL0 T . -5.60 -8.63 -29.50
CED CL0 T . -5.36 -8.28 -30.86
C1 CL0 T . -8.39 -5.55 -31.88
C2 CL0 T . -9.02 -6.66 -32.68
C3 CL0 T . -8.33 -7.28 -33.65
C4 CL0 T . -6.91 -6.87 -33.96
C5 CL0 T . -8.96 -8.39 -34.46
C6 CL0 T . -8.31 -9.73 -34.18
C7 CL0 T . -9.28 -10.90 -34.31
C8 CL0 T . -9.87 -11.00 -35.71
C9 CL0 T . -10.93 -12.08 -35.76
C10 CL0 T . -8.75 -11.30 -36.69
C11 CL0 T . -9.14 -10.89 -38.10
C12 CL0 T . -7.89 -10.86 -38.97
C13 CL0 T . -8.16 -10.69 -40.46
C14 CL0 T . -6.88 -10.93 -41.25
C15 CL0 T . -8.75 -9.33 -40.80
C16 CL0 T . -8.04 -8.14 -40.19
C17 CL0 T . -8.33 -6.86 -40.98
C18 CL0 T . -8.54 -5.60 -40.16
C19 CL0 T . -8.21 -4.38 -41.00
C20 CL0 T . -7.79 -5.57 -38.83
MG CLA U . -15.06 3.44 -14.82
CHA CLA U . -16.20 5.28 -12.08
CHB CLA U . -13.58 1.34 -12.68
CHC CLA U . -14.74 1.22 -17.39
CHD CLA U . -16.99 5.63 -16.96
NA CLA U . -14.95 3.29 -12.76
C1A CLA U . -15.32 4.08 -11.82
C2A CLA U . -14.84 3.71 -10.43
C3A CLA U . -13.96 2.52 -10.73
C4A CLA U . -14.19 2.38 -12.17
CMA CLA U . -12.53 2.98 -10.54
CAA CLA U . -16.05 3.17 -9.64
CBA CLA U . -15.93 2.87 -8.14
CGA CLA U . -15.26 1.55 -7.82
O1A CLA U . -15.82 0.52 -8.14
O2A CLA U . -13.92 1.52 -7.24
NB CLA U . -14.30 1.56 -14.99
C1B CLA U . -13.61 0.93 -14.06
C2B CLA U . -12.94 -0.32 -14.46
C3B CLA U . -13.29 -0.36 -15.90
C4B CLA U . -14.15 0.84 -16.10
CMB CLA U . -12.12 -1.21 -13.58
CAB CLA U . -12.92 -1.36 -16.93
CBB CLA U . -13.07 -2.63 -16.66
NC CLA U . -15.78 3.42 -16.74
C1C CLA U . -15.47 2.47 -17.64
C2C CLA U . -15.89 2.78 -19.03
C3C CLA U . -16.56 4.08 -18.90
C4C CLA U . -16.42 4.37 -17.46
CMC CLA U . -15.70 1.96 -20.28
CAC CLA U . -17.22 4.91 -19.98
CBC CLA U . -16.25 6.01 -20.30
ND CLA U . -16.30 5.03 -14.67
C1D CLA U . -17.01 5.89 -15.54
C2D CLA U . -17.76 6.98 -14.93
C3D CLA U . -17.45 6.72 -13.49
C4D CLA U . -16.64 5.60 -13.45
CMD CLA U . -18.60 8.04 -15.57
CAD CLA U . -17.64 7.19 -12.10
OBD CLA U . -18.35 8.19 -11.73
CBD CLA U . -16.91 6.26 -11.20
CGD CLA U . -16.19 6.87 -10.04
O1D CLA U . -15.20 7.57 -10.18
O2D CLA U . -16.68 6.59 -8.71
CED CLA U . -15.96 6.98 -7.55
C1 CLA U . -13.14 0.33 -7.13
C2 CLA U . -11.90 0.51 -7.97
C3 CLA U . -11.65 -0.23 -9.06
C4 CLA U . -12.60 -1.33 -9.47
C5 CLA U . -10.41 0.01 -9.88
C6 CLA U . -9.29 -0.96 -9.55
C7 CLA U . -8.29 -0.33 -8.60
C8 CLA U . -7.11 -1.25 -8.35
C9 CLA U . -7.67 -2.50 -7.71
C10 CLA U . -6.14 -0.54 -7.42
C11 CLA U . -4.66 -0.54 -7.85
C12 CLA U . -4.08 -1.95 -7.89
C13 CLA U . -2.58 -2.05 -8.05
C14 CLA U . -1.88 -1.83 -6.71
C15 CLA U . -2.07 -1.06 -9.09
C16 CLA U . -0.65 -1.39 -9.53
C17 CLA U . -0.36 -0.67 -10.83
C18 CLA U . 1.12 -0.34 -10.92
C19 CLA U . 1.50 0.68 -9.86
C20 CLA U . 1.46 0.24 -12.28
MG CLA V . -10.90 -3.75 -35.69
CHA CLA V . -12.86 -6.10 -34.17
CHB CLA V . -11.81 -5.04 -38.69
CHC CLA V . -9.54 -1.02 -37.14
CHD CLA V . -10.24 -2.27 -32.39
NA CLA V . -12.16 -5.28 -36.34
C1A CLA V . -12.68 -6.24 -35.66
C2A CLA V . -13.28 -7.36 -36.48
C3A CLA V . -12.87 -7.00 -37.88
C4A CLA V . -12.24 -5.68 -37.61
CMA CLA V . -11.80 -7.96 -38.37
CAA CLA V . -14.79 -7.21 -36.57
CBA CLA V . -15.57 -8.51 -36.76
CGA CLA V . -16.08 -8.62 -38.16
O1A CLA V . -15.82 -7.79 -39.02
O2A CLA V . -16.95 -9.71 -38.54
NB CLA V . -10.62 -3.18 -37.62
C1B CLA V . -11.19 -3.72 -38.69
C2B CLA V . -11.30 -2.84 -39.88
C3B CLA V . -10.62 -1.62 -39.39
C4B CLA V . -10.25 -1.97 -38.00
CMB CLA V . -11.92 -3.16 -41.20
CAB CLA V . -10.30 -0.31 -39.99
CBB CLA V . -10.41 -0.02 -41.27
NC CLA V . -10.19 -1.97 -34.92
C1C CLA V . -9.49 -1.11 -35.68
C2C CLA V . -8.58 -0.20 -34.95
C3C CLA V . -8.78 -0.58 -33.55
C4C CLA V . -9.80 -1.66 -33.66
CMC CLA V . -7.64 0.84 -35.49
CAC CLA V . -8.12 -0.02 -32.32
CBC CLA V . -6.81 -0.74 -32.18
ND CLA V . -11.34 -4.05 -33.73
C1D CLA V . -11.16 -3.40 -32.46
C2D CLA V . -11.94 -3.96 -31.34
C3D CLA V . -12.64 -5.05 -32.05
C4D CLA V . -12.26 -5.00 -33.39
CMD CLA V . -12.10 -3.65 -29.88
CAD CLA V . -13.62 -6.16 -31.93
OBD CLA V . -14.24 -6.55 -30.89
CBD CLA V . -13.76 -6.81 -33.23
CGD CLA V . -13.20 -8.19 -33.06
O1D CLA V . -12.11 -8.48 -33.50
O2D CLA V . -13.94 -9.20 -32.35
CED CLA V . -13.47 -10.54 -32.45
C1 CLA V . -17.27 -9.83 -39.92
C2 CLA V . -18.52 -9.07 -40.23
C3 CLA V . -19.64 -9.65 -40.65
C4 CLA V . -19.73 -11.13 -40.89
C5 CLA V . -20.83 -8.77 -40.93
C6 CLA V . -20.63 -7.98 -42.21
C7 CLA V . -21.63 -6.84 -42.30
C8 CLA V . -21.38 -5.97 -43.51
C9 CLA V . -20.09 -5.18 -43.34
C10 CLA V . -22.57 -5.05 -43.73
C11 CLA V . -23.84 -5.81 -44.04
C12 CLA V . -24.92 -4.85 -44.54
C13 CLA V . -26.22 -5.58 -44.85
C14 CLA V . -25.99 -6.70 -45.85
C15 CLA V . -27.27 -4.61 -45.37
C16 CLA V . -28.60 -5.31 -45.61
C17 CLA V . -29.71 -4.29 -45.86
C18 CLA V . -30.94 -4.96 -46.47
C19 CLA V . -32.03 -3.92 -46.73
C20 CLA V . -31.48 -6.08 -45.61
MG CLA W . 8.47 10.65 -9.24
CHA CLA W . 5.41 10.63 -7.60
CHB CLA W . 7.83 7.49 -10.20
CHC CLA W . 11.67 10.48 -10.30
CHD CLA W . 9.25 13.79 -7.46
NA CLA W . 6.95 9.28 -8.92
C1A CLA W . 5.80 9.43 -8.39
C2A CLA W . 4.80 8.35 -8.65
C3A CLA W . 5.62 7.33 -9.40
C4A CLA W . 6.89 8.10 -9.52
CMA CLA W . 5.93 6.23 -8.41
CAA CLA W . 3.87 8.86 -9.76
CBA CLA W . 2.40 8.79 -9.39
CGA CLA W . 2.13 7.41 -8.86
O1A CLA W . 2.25 6.44 -9.58
O2A CLA W . 1.77 7.21 -7.46
NB CLA W . 9.60 9.18 -10.12
C1B CLA W . 9.19 7.97 -10.47
C2B CLA W . 10.17 7.14 -11.20
C3B CLA W . 11.33 8.03 -11.24
C4B CLA W . 10.86 9.28 -10.53
CMB CLA W . 10.02 5.75 -11.74
CAB CLA W . 12.63 7.67 -11.87
CBB CLA W . 13.80 8.17 -11.52
NC CLA W . 10.09 11.88 -8.93
C1C CLA W . 11.31 11.63 -9.45
C2C CLA W . 12.35 12.64 -9.11
C3C CLA W . 11.62 13.61 -8.27
C4C CLA W . 10.25 13.03 -8.23
CMC CLA W . 13.80 12.68 -9.52
CAC CLA W . 12.13 14.86 -7.62
CBC CLA W . 12.73 14.45 -6.29
ND CLA W . 7.68 11.90 -7.85
C1D CLA W . 7.94 13.17 -7.26
C2D CLA W . 6.82 13.77 -6.50
C3D CLA W . 5.81 12.71 -6.66
C4D CLA W . 6.37 11.71 -7.41
CMD CLA W . 6.53 15.01 -5.74
CAD CLA W . 4.42 12.34 -6.32
OBD CLA W . 3.61 13.05 -5.62
CBD CLA W . 4.14 11.01 -6.89
CGD CLA W . 3.81 10.11 -5.73
O1D CLA W . 2.84 10.34 -5.05
O2D CLA W . 4.60 8.95 -5.39
CED CLA W . 4.04 8.07 -4.42
C1 CLA W . 1.31 5.92 -7.11
C2 CLA W . 2.27 5.36 -6.10
C3 CLA W . 2.51 4.04 -6.04
C4 CLA W . 1.85 3.07 -6.97
C5 CLA W . 3.48 3.53 -5.01
C6 CLA W . 4.94 3.63 -5.41
C7 CLA W . 5.52 2.24 -5.23
C8 CLA W . 7.01 2.10 -5.50
C9 CLA W . 7.46 2.88 -6.72
C10 CLA W . 7.32 0.62 -5.67
C11 CLA W . 6.83 -0.19 -4.46
C12 CLA W . 6.36 -1.56 -4.87
C13 CLA W . 5.93 -2.35 -3.64
C14 CLA W . 7.09 -2.57 -2.68
C15 CLA W . 5.33 -3.68 -4.08
C16 CLA W . 4.13 -3.49 -5.00
C17 CLA W . 3.12 -4.61 -4.78
C18 CLA W . 1.71 -4.23 -5.25
C19 CLA W . 0.78 -5.44 -5.16
C20 CLA W . 1.71 -3.66 -6.66
MG CLA X . 15.32 10.89 -15.52
CHA CLA X . 16.38 13.86 -14.08
CHB CLA X . 18.46 10.40 -16.58
CHC CLA X . 14.40 7.73 -16.37
CHD CLA X . 12.07 11.35 -13.83
NA CLA X . 17.12 11.91 -15.33
C1A CLA X . 17.40 13.07 -14.84
C2A CLA X . 18.82 13.58 -15.09
C3A CLA X . 19.38 12.45 -15.92
C4A CLA X . 18.23 11.53 -15.92
CMA CLA X . 19.46 12.92 -17.37
CAA CLA X . 19.69 13.76 -13.84
CBA CLA X . 19.98 12.49 -13.05
CGA CLA X . 21.33 12.43 -12.38
O1A CLA X . 22.25 13.23 -12.61
O2A CLA X . 21.48 11.37 -11.40
NB CLA X . 16.31 9.28 -16.31
C1B CLA X . 17.54 9.30 -16.80
C2B CLA X . 17.96 8.13 -17.58
C3B CLA X . 16.75 7.31 -17.53
C4B CLA X . 15.79 8.12 -16.71
CMB CLA X . 19.27 7.86 -18.24
CAB CLA X . 16.59 5.99 -18.18
CBB CLA X . 16.07 4.99 -17.54
NC CLA X . 13.63 9.78 -15.11
C1C CLA X . 13.42 8.55 -15.64
C2C CLA X . 12.04 8.04 -15.49
C3C CLA X . 11.37 9.12 -14.75
C4C CLA X . 12.45 10.12 -14.57
CMC CLA X . 11.44 6.75 -15.94
CAC CLA X . 9.95 9.20 -14.27
CBC CLA X . 9.17 9.73 -15.45
ND CLA X . 14.39 12.18 -14.25
C1D CLA X . 13.09 12.38 -13.68
C2D CLA X . 12.90 13.67 -12.95
C3D CLA X . 14.26 14.25 -13.15
C4D CLA X . 15.02 13.34 -13.85
CMD CLA X . 11.77 14.34 -12.22
CAD CLA X . 15.11 15.42 -12.84
OBD CLA X . 14.75 16.45 -12.19
CBD CLA X . 16.44 15.21 -13.44
CGD CLA X . 16.64 16.23 -14.52
O1D CLA X . 16.30 16.01 -15.66
O2D CLA X . 17.29 17.49 -14.23
CED CLA X . 17.58 18.36 -15.32
C1 CLA X . 22.22 10.21 -11.70
C2 CLA X . 21.63 9.04 -10.94
C3 CLA X . 22.28 8.30 -10.05
C4 CLA X . 23.72 8.55 -9.73
C5 CLA X . 21.58 7.16 -9.36
C6 CLA X . 20.26 7.53 -8.70
C7 CLA X . 20.19 6.85 -7.36
C8 CLA X . 18.79 6.90 -6.76
C9 CLA X . 18.85 6.82 -5.24
C10 CLA X . 17.98 5.75 -7.33
MG CLA Y . 18.64 9.80 -26.54
CHA CLA Y . 19.44 7.75 -29.21
CHB CLA Y . 18.48 7.07 -24.58
CHC CLA Y . 17.23 11.74 -24.14
CHD CLA Y . 18.27 12.58 -28.94
NA CLA Y . 18.84 7.78 -26.83
C1A CLA Y . 19.27 7.12 -27.85
C2A CLA Y . 19.64 5.68 -27.60
C3A CLA Y . 19.26 5.50 -26.15
C4A CLA Y . 18.83 6.88 -25.83
CMA CLA Y . 18.02 4.63 -26.10
CAA CLA Y . 21.17 5.50 -27.67
CBA CLA Y . 21.65 4.21 -27.05
CGA CLA Y . 21.46 3.16 -28.10
O1A CLA Y . 22.23 3.04 -29.04
O2A CLA Y . 20.29 2.31 -28.00
NB CLA Y . 17.97 9.45 -24.64
C1B CLA Y . 17.99 8.30 -23.97
C2B CLA Y . 17.48 8.35 -22.58
C3B CLA Y . 17.10 9.77 -22.46
C4B CLA Y . 17.45 10.33 -23.79
CMB CLA Y . 17.40 7.24 -21.56
CAB CLA Y . 16.51 10.54 -21.33
CBB CLA Y . 17.04 10.53 -20.12
NC CLA Y . 17.94 11.74 -26.55
C1C CLA Y . 17.35 12.30 -25.48
C2C CLA Y . 16.77 13.64 -25.73
C3C CLA Y . 17.06 13.90 -27.15
C4C CLA Y . 17.80 12.66 -27.54
CMC CLA Y . 16.03 14.53 -24.78
CAC CLA Y . 16.71 15.12 -27.94
CBC CLA Y . 15.45 14.81 -28.71
ND CLA Y . 18.73 10.17 -28.55
C1D CLA Y . 18.68 11.28 -29.44
C2D CLA Y . 19.06 10.98 -30.84
C3D CLA Y . 19.37 9.54 -30.72
C4D CLA Y . 19.13 9.17 -29.42
CMD CLA Y . 19.19 11.77 -32.10
CAD CLA Y . 19.82 8.33 -31.46
OBD CLA Y . 20.11 8.28 -32.70
CBD CLA Y . 19.85 7.19 -30.53
CGD CLA Y . 18.90 6.15 -31.00
O1D CLA Y . 19.14 4.97 -30.81
O2D CLA Y . 17.69 6.49 -31.72
CED CLA Y . 16.89 5.43 -32.25
C1 CLA Y . 20.33 1.17 -27.15
C2 CLA Y . 21.62 0.42 -27.30
C3 CLA Y . 21.99 -0.25 -28.41
C4 CLA Y . 21.14 -0.34 -29.63
C5 CLA Y . 23.32 -0.94 -28.40
C6 CLA Y . 23.42 -2.04 -27.35
C7 CLA Y . 24.39 -1.61 -26.25
C8 CLA Y . 24.78 -2.76 -25.34
C9 CLA Y . 25.18 -2.19 -23.99
C10 CLA Y . 25.89 -3.59 -26.00
C11 CLA Y . 26.68 -4.44 -25.02
C12 CLA Y . 26.99 -5.85 -25.53
C13 CLA Y . 28.35 -5.98 -26.24
C14 CLA Y . 28.77 -7.44 -26.30
C15 CLA Y . 29.43 -5.13 -25.57
C16 CLA Y . 30.75 -5.19 -26.34
C17 CLA Y . 31.65 -4.04 -25.91
C18 CLA Y . 33.13 -4.40 -25.91
C19 CLA Y . 33.97 -3.21 -25.48
C20 CLA Y . 33.59 -4.91 -27.27
MG CLA Z . 15.44 2.11 -23.29
CHA CLA Z . 13.67 4.33 -21.31
CHB CLA Z . 14.48 3.91 -25.98
CHC CLA Z . 16.66 -0.38 -25.23
CHD CLA Z . 15.81 -0.08 -20.33
NA CLA Z . 14.25 3.77 -23.60
C1A CLA Z . 13.76 4.62 -22.77
C2A CLA Z . 13.22 5.91 -23.34
C3A CLA Z . 13.45 5.70 -24.81
C4A CLA Z . 14.11 4.37 -24.79
CMA CLA Z . 12.08 5.51 -25.45
CAA CLA Z . 14.10 7.12 -23.07
CBA CLA Z . 13.54 8.16 -22.11
CGA CLA Z . 12.62 9.14 -22.79
O1A CLA Z . 12.76 10.33 -22.61
O2A CLA Z . 11.54 8.68 -23.65
NB CLA Z . 15.57 1.83 -25.31
C1B CLA Z . 15.12 2.62 -26.27
C2B CLA Z . 15.26 2.11 -27.66
C3B CLA Z . 15.92 0.80 -27.41
C4B CLA Z . 16.06 0.75 -25.94
CMB CLA Z . 14.87 2.73 -28.97
CAB CLA Z . 16.35 -0.21 -28.41
CBB CLA Z . 17.58 -0.67 -28.49
NC CLA Z . 16.09 0.20 -22.85
C1C CLA Z . 16.54 -0.64 -23.79
C2C CLA Z . 16.95 -1.99 -23.30
C3C CLA Z . 16.69 -1.89 -21.85
C4C CLA Z . 16.18 -0.50 -21.70
CMC CLA Z . 17.48 -3.15 -24.08
CAC CLA Z . 16.92 -2.94 -20.80
CBC CLA Z . 15.70 -3.82 -20.81
ND CLA Z . 14.90 2.02 -21.33
C1D CLA Z . 15.10 1.19 -20.18
C2D CLA Z . 14.57 1.73 -18.91
C3D CLA Z . 13.99 3.01 -19.40
C4D CLA Z . 14.21 3.08 -20.76
CMD CLA Z . 14.53 1.29 -17.48
CAD CLA Z . 13.25 4.23 -19.01
OBD CLA Z . 12.89 4.50 -17.82
CBD CLA Z . 13.03 5.08 -20.19
CGD CLA Z . 11.56 5.31 -20.33
O1D CLA Z . 11.09 6.40 -20.05
O2D CLA Z . 10.67 4.26 -20.78
CED CLA Z . 9.28 4.50 -20.84
C1 CLA Z . 10.19 9.05 -23.40
C2 CLA Z . 9.33 7.82 -23.29
C3 CLA Z . 8.29 7.60 -24.12
C4 CLA Z . 7.97 8.55 -25.22
C5 CLA Z . 7.45 6.36 -23.97
C6 CLA Z . 8.22 5.11 -24.37
C7 CLA Z . 7.41 4.35 -25.40
C8 CLA Z . 7.35 2.85 -25.11
C9 CLA Z . 6.91 2.55 -23.69
C10 CLA Z . 8.72 2.28 -25.39
C11 CLA Z . 8.84 1.88 -26.86
C12 CLA Z . 9.62 0.58 -26.98
C13 CLA Z . 11.07 0.85 -26.63
C14 CLA Z . 11.94 0.66 -27.86
C15 CLA Z . 11.52 -0.08 -25.50
C16 CLA Z . 12.48 0.63 -24.56
C17 CLA Z . 12.62 -0.08 -23.23
C18 CLA Z . 11.34 -0.11 -22.40
C19 CLA Z . 10.73 1.27 -22.21
C20 CLA Z . 11.60 -0.78 -21.06
MG CLA AA . 18.31 -10.80 -10.01
CHA CLA AA . 17.07 -12.73 -7.42
CHB CLA AA . 15.12 -10.16 -10.94
CHC CLA AA . 19.52 -8.45 -12.10
CHD CLA AA . 21.65 -11.07 -8.46
NA CLA AA . 16.42 -11.29 -9.29
C1A CLA AA . 16.08 -12.10 -8.35
C2A CLA AA . 14.59 -12.39 -8.24
C3A CLA AA . 14.03 -11.60 -9.40
C4A CLA AA . 15.29 -10.98 -9.91
CMA CLA AA . 13.52 -12.57 -10.45
CAA CLA AA . 13.96 -11.76 -6.97
CBA CLA AA . 14.50 -10.38 -6.63
CGA CLA AA . 14.15 -9.93 -5.23
O1A CLA AA . 13.10 -10.25 -4.70
O2A CLA AA . 15.10 -9.10 -4.50
NB CLA AA . 17.44 -9.50 -11.33
C1B CLA AA . 16.15 -9.40 -11.64
C2B CLA AA . 15.82 -8.43 -12.71
C3B CLA AA . 17.16 -7.91 -13.08
C4B CLA AA . 18.07 -8.65 -12.14
CMB CLA AA . 14.49 -8.09 -13.29
CAB CLA AA . 17.43 -6.90 -14.13
CBB CLA AA . 18.40 -6.01 -14.12
NC CLA AA . 20.19 -9.97 -10.23
C1C CLA AA . 20.47 -9.02 -11.13
C2C CLA AA . 21.87 -8.51 -11.11
C3C CLA AA . 22.48 -9.30 -10.03
C4C CLA AA . 21.36 -10.15 -9.57
CMC CLA AA . 22.51 -7.46 -11.97
CAC CLA AA . 23.90 -9.25 -9.52
CBC CLA AA . 23.93 -8.22 -8.41
ND CLA AA . 19.21 -11.58 -8.36
C1D CLA AA . 20.53 -11.78 -7.84
C2D CLA AA . 20.65 -12.73 -6.71
C3D CLA AA . 19.22 -13.11 -6.55
C4D CLA AA . 18.50 -12.42 -7.51
CMD CLA AA . 21.75 -13.28 -5.83
CAD CLA AA . 18.25 -13.93 -5.77
OBD CLA AA . 18.56 -14.71 -4.80
CBD CLA AA . 16.90 -13.73 -6.31
CGD CLA AA . 16.47 -15.03 -6.93
O1D CLA AA . 16.59 -15.22 -8.12
O2D CLA AA . 15.94 -16.10 -6.11
CED CLA AA . 15.81 -17.41 -6.65
C1 CLA AA . 14.85 -8.67 -3.17
C2 CLA AA . 14.04 -7.40 -3.09
C3 CLA AA . 14.58 -6.24 -2.66
C4 CLA AA . 16.02 -6.18 -2.26
C5 CLA AA . 13.71 -5.00 -2.60
C6 CLA AA . 14.41 -3.75 -2.05
C7 CLA AA . 14.28 -2.53 -2.97
C8 CLA AA . 14.74 -1.25 -2.29
C9 CLA AA . 14.15 -1.08 -0.89
C10 CLA AA . 14.36 -0.05 -3.16
C11 CLA AA . 14.80 1.28 -2.54
C12 CLA AA . 14.78 2.40 -3.58
C13 CLA AA . 16.18 2.92 -3.88
C14 CLA AA . 16.21 4.45 -3.86
C15 CLA AA . 16.66 2.39 -5.23
C16 CLA AA . 17.56 1.17 -5.07
C17 CLA AA . 19.01 1.56 -4.86
C18 CLA AA . 19.90 0.32 -4.83
C19 CLA AA . 19.60 -0.54 -3.61
C20 CLA AA . 21.39 0.70 -4.88
MG CLA BA . 10.07 -13.16 -15.50
CHA CLA BA . 12.43 -13.39 -18.04
CHB CLA BA . 12.07 -10.91 -13.97
CHC CLA BA . 7.48 -12.41 -13.48
CHD CLA BA . 7.88 -15.31 -17.51
NA CLA BA . 11.89 -12.27 -15.93
C1A CLA BA . 12.73 -12.49 -16.88
C2A CLA BA . 14.03 -11.72 -16.79
C3A CLA BA . 13.89 -11.02 -15.46
C4A CLA BA . 12.51 -11.44 -15.10
CMA CLA BA . 14.83 -11.66 -14.46
CAA CLA BA . 14.04 -10.63 -17.88
CBA CLA BA . 14.26 -9.16 -17.54
CGA CLA BA . 13.01 -8.31 -17.57
O1A CLA BA . 11.95 -8.70 -17.13
O2A CLA BA . 13.13 -7.01 -18.18
NB CLA BA . 9.81 -11.81 -13.97
C1B CLA BA . 10.76 -11.12 -13.36
C2B CLA BA . 10.40 -10.53 -12.05
C3B CLA BA . 9.00 -10.98 -11.89
C4B CLA BA . 8.76 -11.75 -13.15
CMB CLA BA . 11.25 -9.70 -11.12
CAB CLA BA . 8.12 -10.71 -10.73
CBB CLA BA . 6.85 -10.38 -10.84
NC CLA BA . 8.10 -13.73 -15.53
C1C CLA BA . 7.21 -13.35 -14.58
C2C CLA BA . 5.86 -13.97 -14.71
C3C CLA BA . 6.00 -14.83 -15.90
C4C CLA BA . 7.41 -14.59 -16.31
CMC CLA BA . 4.66 -13.77 -13.83
CAC CLA BA . 4.97 -15.71 -16.55
CBC CLA BA . 5.20 -17.12 -16.04
ND CLA BA . 10.04 -14.11 -17.29
C1D CLA BA . 9.19 -14.99 -18.04
C2D CLA BA . 9.75 -15.53 -19.30
C3D CLA BA . 11.08 -14.86 -19.28
C4D CLA BA . 11.14 -14.09 -18.13
CMD CLA BA . 9.27 -16.46 -20.38
CAD CLA BA . 12.35 -14.70 -20.01
OBD CLA BA . 12.65 -15.26 -21.13
CBD CLA BA . 13.21 -13.79 -19.26
CGD CLA BA . 14.55 -14.42 -18.97
O1D CLA BA . 15.35 -14.57 -19.87
O2D CLA BA . 14.92 -14.85 -17.63
CED CLA BA . 16.31 -14.90 -17.31
C1 CLA BA . 12.82 -5.85 -17.45
C2 CLA BA . 11.38 -5.46 -17.66
C3 CLA BA . 11.06 -4.22 -18.01
C4 CLA BA . 12.10 -3.16 -18.21
C5 CLA BA . 9.61 -3.87 -18.21
C6 CLA BA . 8.97 -3.76 -16.84
C7 CLA BA . 8.66 -2.31 -16.48
C8 CLA BA . 8.89 -2.02 -14.99
C9 CLA BA . 10.36 -1.83 -14.69
C10 CLA BA . 8.29 -3.12 -14.11
C11 CLA BA . 8.41 -2.78 -12.63
C12 CLA BA . 7.19 -2.01 -12.15
C13 CLA BA . 7.24 -1.75 -10.65
C14 CLA BA . 7.15 -3.04 -9.85
C15 CLA BA . 6.07 -0.88 -10.25
C16 CLA BA . 6.48 0.56 -9.98
C17 CLA BA . 5.40 1.47 -10.54
C18 CLA BA . 5.70 2.92 -10.25
C19 CLA BA . 4.57 3.78 -10.78
C20 CLA BA . 7.02 3.35 -10.87
MG CLA CA . 4.86 -13.37 -6.31
CHA CLA CA . 8.24 -13.18 -7.05
CHB CLA CA . 5.50 -11.88 -3.36
CHC CLA CA . 1.51 -13.17 -5.88
CHD CLA CA . 4.30 -14.65 -9.73
NA CLA CA . 6.57 -12.62 -5.37
C1A CLA CA . 7.80 -12.64 -5.73
C2A CLA CA . 8.79 -12.10 -4.70
C3A CLA CA . 7.87 -11.72 -3.55
C4A CLA CA . 6.56 -12.10 -4.14
CMA CLA CA . 8.15 -12.65 -2.37
CAA CLA CA . 9.65 -10.89 -5.09
CBA CLA CA . 8.98 -9.85 -5.97
CGA CLA CA . 10.01 -9.37 -6.96
O1A CLA CA . 10.38 -10.14 -7.83
O2A CLA CA . 10.61 -8.04 -6.96
NB CLA CA . 3.68 -12.58 -4.84
C1B CLA CA . 4.09 -12.16 -3.65
C2B CLA CA . 3.01 -11.99 -2.65
C3B CLA CA . 1.82 -12.39 -3.41
C4B CLA CA . 2.36 -12.73 -4.76
CMB CLA CA . 3.08 -11.56 -1.21
CAB CLA CA . 0.42 -12.42 -2.91
CBB CLA CA . -0.56 -11.80 -3.54
NC CLA CA . 3.28 -13.82 -7.55
C1C CLA CA . 2.00 -13.65 -7.19
C2C CLA CA . 0.99 -13.99 -8.22
C3C CLA CA . 1.84 -14.43 -9.37
C4C CLA CA . 3.19 -14.29 -8.82
CMC CLA CA . -0.51 -13.91 -8.15
CAC CLA CA . 1.40 -14.91 -10.74
CBC CLA CA . 1.37 -13.70 -11.64
ND CLA CA . 5.89 -13.78 -8.01
C1D CLA CA . 5.65 -14.37 -9.29
C2D CLA CA . 6.85 -14.65 -10.09
C3D CLA CA . 7.91 -14.17 -9.16
C4D CLA CA . 7.26 -13.69 -8.03
CMD CLA CA . 7.10 -15.23 -11.43
CAD CLA CA . 9.36 -13.98 -8.98
OBD CLA CA . 10.26 -14.30 -9.84
CBD CLA CA . 9.60 -13.38 -7.66
CGD CLA CA . 10.38 -14.37 -6.85
O1D CLA CA . 9.83 -15.23 -6.19
O2D CLA CA . 11.83 -14.29 -6.87
CED CLA CA . 12.60 -15.42 -6.54
C1 CLA CA . 11.70 -7.87 -7.88
C2 CLA CA . 12.92 -7.26 -7.24
C3 CLA CA . 13.89 -6.65 -7.94
C4 CLA CA . 13.84 -6.57 -9.44
C5 CLA CA . 15.08 -6.09 -7.21
C6 CLA CA . 15.68 -4.80 -7.75
C7 CLA CA . 14.90 -3.58 -7.30
C8 CLA CA . 15.76 -2.32 -7.39
C9 CLA CA . 15.12 -1.23 -6.55
C10 CLA CA . 16.05 -1.82 -8.80
C11 CLA CA . 17.16 -0.78 -8.64
C12 CLA CA . 17.67 -0.12 -9.92
C13 CLA CA . 18.51 1.09 -9.51
C14 CLA CA . 17.62 2.22 -9.00
C15 CLA CA . 19.41 1.57 -10.64
C16 CLA CA . 20.76 2.00 -10.08
C17 CLA CA . 21.82 2.07 -11.17
C18 CLA CA . 23.19 2.51 -10.66
C19 CLA CA . 23.63 1.74 -9.42
C20 CLA CA . 23.23 4.01 -10.41
MG CLA DA . 34.90 9.60 -22.68
CHA CLA DA . 37.60 11.75 -22.31
CHB CLA DA . 34.48 10.81 -25.79
CHC CLA DA . 32.95 6.92 -23.32
CHD CLA DA . 35.83 8.10 -19.43
NA CLA DA . 35.89 10.98 -23.88
C1A CLA DA . 36.84 11.80 -23.61
C2A CLA DA . 37.15 12.83 -24.67
C3A CLA DA . 36.11 12.52 -25.72
C4A CLA DA . 35.44 11.36 -25.08
CMA CLA DA . 35.16 13.70 -25.64
CAA CLA DA . 38.48 12.56 -25.39
CBA CLA DA . 38.86 11.09 -25.45
CGA CLA DA . 39.88 10.79 -26.52
O1A CLA DA . 39.67 11.01 -27.69
O2A CLA DA . 41.16 10.26 -26.09
NB CLA DA . 33.89 8.94 -24.33
C1B CLA DA . 33.68 9.64 -25.45
C2B CLA DA . 32.64 9.12 -26.36
C3B CLA DA . 32.16 7.92 -25.62
C4B CLA DA . 33.02 7.92 -24.39
CMB CLA DA . 32.18 9.66 -27.66
CAB CLA DA . 31.08 7.00 -26.06
CBB CLA DA . 31.05 5.70 -25.85
NC CLA DA . 34.48 7.90 -21.58
C1C CLA DA . 33.70 6.92 -22.04
C2C CLA DA . 33.59 5.74 -21.16
C3C CLA DA . 34.45 6.09 -20.01
C4C CLA DA . 34.93 7.44 -20.39
CMC CLA DA . 32.82 4.47 -21.35
CAC CLA DA . 34.75 5.29 -18.78
CBC CLA DA . 35.94 4.41 -19.09
ND CLA DA . 36.32 9.77 -21.22
C1D CLA DA . 36.62 9.21 -19.93
C2D CLA DA . 37.73 9.85 -19.20
C3D CLA DA . 38.12 10.88 -20.19
C4D CLA DA . 37.29 10.74 -21.29
CMD CLA DA . 38.37 9.64 -17.86
CAD CLA DA . 39.06 12.00 -20.48
OBD CLA DA . 39.98 12.42 -19.70
CBD CLA DA . 38.76 12.55 -21.81
CGD CLA DA . 38.45 14.01 -21.71
O1D CLA DA . 37.45 14.42 -21.16
O2D CLA DA . 39.34 14.95 -22.35
CED CLA DA . 38.80 16.15 -22.91
C1 CLA DA . 41.77 9.18 -26.77
C2 CLA DA . 41.44 7.85 -26.13
C3 CLA DA . 42.38 7.19 -25.44
C4 CLA DA . 43.76 7.77 -25.27
C5 CLA DA . 42.07 5.86 -24.79
C6 CLA DA . 41.88 4.75 -25.80
C7 CLA DA . 42.16 3.39 -25.17
C8 CLA DA . 41.19 3.08 -24.03
C9 CLA DA . 41.71 1.94 -23.17
C10 CLA DA . 39.80 2.74 -24.57
C11 CLA DA . 39.81 1.47 -25.42
C12 CLA DA . 38.52 1.36 -26.23
C13 CLA DA . 38.43 0.05 -27.00
C14 CLA DA . 37.06 -0.10 -27.62
C15 CLA DA . 38.72 -1.14 -26.08
C16 CLA DA . 39.31 -2.31 -26.85
C17 CLA DA . 39.52 -3.51 -25.93
C18 CLA DA . 40.09 -4.69 -26.68
C19 CLA DA . 40.24 -5.89 -25.74
C20 CLA DA . 41.43 -4.34 -27.31
MG CLA EA . 24.25 14.61 -12.29
CHA CLA EA . 22.03 17.01 -13.47
CHB CLA EA . 23.76 15.83 -9.18
CHC CLA EA . 25.81 11.86 -11.10
CHD CLA EA . 24.21 13.12 -15.65
NA CLA EA . 23.07 16.10 -11.45
C1A CLA EA . 22.35 17.01 -12.00
C2A CLA EA . 21.82 18.08 -11.06
C3A CLA EA . 22.42 17.69 -9.73
C4A CLA EA . 23.13 16.46 -10.16
CMA CLA EA . 23.46 18.72 -9.33
CAA CLA EA . 20.30 18.03 -10.83
CBA CLA EA . 19.63 16.69 -11.11
CGA CLA EA . 18.72 16.29 -10.00
O1A CLA EA . 18.72 16.94 -8.99
O2A CLA EA . 17.80 15.18 -10.12
NB CLA EA . 24.71 13.95 -10.41
C1B CLA EA . 24.52 14.59 -9.27
C2B CLA EA . 25.08 13.94 -8.06
C3B CLA EA . 25.70 12.74 -8.64
C4B CLA EA . 25.39 12.85 -10.09
CMB CLA EA . 25.03 14.38 -6.62
CAB CLA EA . 26.43 11.68 -7.90
CBB CLA EA . 26.18 10.40 -8.00
NC CLA EA . 24.96 12.90 -13.22
C1C CLA EA . 25.37 11.84 -12.51
C2C CLA EA . 25.40 10.55 -13.24
C3C CLA EA . 24.92 10.93 -14.59
C4C CLA EA . 24.70 12.40 -14.45
CMC CLA EA . 25.78 9.19 -12.75
CAC CLA EA . 24.70 10.05 -15.79
CBC CLA EA . 23.26 9.63 -15.78
ND CLA EA . 23.37 14.87 -14.11
C1D CLA EA . 23.44 14.32 -15.43
C2D CLA EA . 22.68 15.05 -16.47
C3D CLA EA . 22.11 16.14 -15.65
C4D CLA EA . 22.55 15.95 -14.35
CMD CLA EA . 22.44 14.91 -17.95
CAD CLA EA . 21.25 17.35 -15.67
OBD CLA EA . 20.67 17.83 -16.70
CBD CLA EA . 21.18 17.90 -14.31
CGD CLA EA . 21.52 19.36 -14.27
O1D CLA EA . 22.59 19.75 -13.87
O2D CLA EA . 20.55 20.34 -14.70
CED CLA EA . 20.87 21.73 -14.64
C1 CLA EA . 18.17 13.92 -9.61
C2 CLA EA . 17.59 12.77 -10.43
C3 CLA EA . 17.24 11.62 -9.83
C4 CLA EA . 17.49 11.44 -8.36
C5 CLA EA . 16.64 10.46 -10.57
C6 CLA EA . 17.65 9.53 -11.23
C7 CLA EA . 17.09 8.88 -12.50
C8 CLA EA . 17.90 7.64 -12.76
C9 CLA EA . 19.23 8.04 -13.39
C10 CLA EA . 17.25 6.80 -13.83
C11 CLA EA . 17.31 5.31 -13.64
C12 CLA EA . 16.32 4.73 -12.61
C13 CLA EA . 15.95 3.32 -13.10
C14 CLA EA . 15.43 3.35 -14.53
C15 CLA EA . 14.98 2.51 -12.22
C16 CLA EA . 13.52 2.55 -12.64
C17 CLA EA . 12.73 1.32 -12.20
C18 CLA EA . 11.25 1.33 -12.59
C19 CLA EA . 11.03 1.84 -14.01
C20 CLA EA . 10.42 2.08 -11.55
MG CLA FA . 39.65 8.86 -33.70
CHA CLA FA . 38.74 11.95 -32.43
CHB CLA FA . 41.29 10.45 -36.17
CHC CLA FA . 40.86 5.85 -34.62
CHD CLA FA . 38.29 7.33 -30.61
NA CLA FA . 40.01 10.85 -34.20
C1A CLA FA . 39.53 11.94 -33.72
C2A CLA FA . 39.82 13.21 -34.50
C3A CLA FA . 40.61 12.67 -35.68
C4A CLA FA . 40.62 11.22 -35.32
CMA CLA FA . 39.81 12.86 -36.96
CAA CLA FA . 40.75 14.20 -33.77
CBA CLA FA . 42.04 13.58 -33.24
CGA CLA FA . 41.88 13.16 -31.80
O1A CLA FA . 41.88 13.98 -30.90
O2A CLA FA . 41.72 11.74 -31.52
NB CLA FA . 40.90 8.24 -35.19
C1B CLA FA . 41.48 9.00 -36.10
C2B CLA FA . 42.34 8.30 -37.08
C3B CLA FA . 42.22 6.90 -36.63
C4B CLA FA . 41.30 7.00 -35.44
CMB CLA FA . 43.12 8.88 -38.22
CAB CLA FA . 42.90 5.74 -37.26
CBB CLA FA . 43.25 4.62 -36.66
NC CLA FA . 39.57 7.01 -32.81
C1C CLA FA . 40.16 5.92 -33.34
C2C CLA FA . 40.07 4.69 -32.51
C3C CLA FA . 39.30 5.14 -31.32
C4C CLA FA . 39.04 6.57 -31.63
CMC CLA FA . 40.62 3.32 -32.80
CAC CLA FA . 38.88 4.34 -30.11
CBC CLA FA . 39.96 4.50 -29.07
ND CLA FA . 38.79 9.39 -31.92
C1D CLA FA . 38.20 8.78 -30.77
C2D CLA FA . 37.51 9.69 -29.84
C3D CLA FA . 37.76 10.98 -30.53
C4D CLA FA . 38.47 10.72 -31.68
CMD CLA FA . 36.75 9.55 -28.54
CAD CLA FA . 37.52 12.44 -30.47
OBD CLA FA . 36.87 13.06 -29.55
CBD CLA FA . 38.12 13.07 -31.65
CGD CLA FA . 37.04 13.72 -32.45
O1D CLA FA . 36.61 13.21 -33.46
O2D CLA FA . 36.51 14.99 -32.03
CED CLA FA . 35.30 15.45 -32.61
C1 CLA FA . 42.17 11.06 -30.35
C2 CLA FA . 43.23 10.08 -30.82
C3 CLA FA . 43.08 8.74 -30.76
C4 CLA FA . 41.81 8.15 -30.24
C5 CLA FA . 44.17 7.83 -31.25
C6 CLA FA . 43.58 6.65 -32.03
C7 CLA FA . 44.62 5.59 -32.33
C8 CLA FA . 45.60 6.10 -33.38
C9 CLA FA . 46.01 4.99 -34.34
MG CLA GA . 30.54 7.54 -30.61
CHA CLA GA . 27.50 7.51 -28.95
CHB CLA GA . 30.80 4.23 -30.08
CHC CLA GA . 33.75 7.75 -31.66
CHD CLA GA . 30.34 11.22 -30.67
NA CLA GA . 29.39 6.12 -29.65
C1A CLA GA . 28.20 6.19 -29.16
C2A CLA GA . 27.59 4.88 -28.73
C3A CLA GA . 28.67 3.90 -29.09
C4A CLA GA . 29.69 4.82 -29.64
CMA CLA GA . 29.23 3.24 -27.82
CAA CLA GA . 26.33 4.47 -29.51
CBA CLA GA . 25.50 3.42 -28.77
CGA CLA GA . 25.65 2.04 -29.37
O1A CLA GA . 24.77 1.59 -30.08
O2A CLA GA . 26.85 1.25 -29.15
NB CLA GA . 32.06 6.18 -30.82
C1B CLA GA . 31.99 4.86 -30.64
C2B CLA GA . 33.20 4.10 -31.02
C3B CLA GA . 34.09 5.17 -31.49
C4B CLA GA . 33.27 6.41 -31.33
CMB CLA GA . 33.47 2.62 -30.94
CAB CLA GA . 35.48 5.08 -32.01
CBB CLA GA . 35.72 4.64 -33.23
NC CLA GA . 31.77 9.15 -31.01
C1C CLA GA . 33.01 9.01 -31.51
C2C CLA GA . 33.64 10.27 -31.95
C3C CLA GA . 32.63 11.30 -31.66
C4C CLA GA . 31.54 10.49 -31.08
CMC CLA GA . 34.99 10.47 -32.55
CAC CLA GA . 32.69 12.79 -31.87
CBC CLA GA . 32.47 13.10 -33.33
ND CLA GA . 29.34 9.05 -29.99
C1D CLA GA . 29.24 10.48 -30.06
C2D CLA GA . 28.01 11.09 -29.51
C3D CLA GA . 27.32 9.84 -29.06
C4D CLA GA . 28.13 8.77 -29.37
CMD CLA GA . 27.44 12.47 -29.36
CAD CLA GA . 26.09 9.33 -28.42
OBD CLA GA . 25.11 10.04 -28.00
CBD CLA GA . 26.19 7.86 -28.35
CGD CLA GA . 26.10 7.44 -26.92
O1D CLA GA . 25.35 6.53 -26.60
O2D CLA GA . 26.88 8.08 -25.89
CED CLA GA . 26.86 7.46 -24.62
C1 CLA GA . 26.84 -0.08 -28.64
C2 CLA GA . 27.48 -0.07 -27.28
C3 CLA GA . 28.72 -0.54 -27.07
C4 CLA GA . 29.51 -1.11 -28.21
C5 CLA GA . 29.31 -0.50 -25.68
C6 CLA GA . 30.82 -0.43 -25.71
C7 CLA GA . 31.31 1.01 -25.59
C8 CLA GA . 32.77 1.02 -25.13
C9 CLA GA . 33.04 2.26 -24.29
C10 CLA GA . 33.66 0.96 -26.36
C11 CLA GA . 33.48 2.18 -27.27
C12 CLA GA . 34.81 2.91 -27.50
C13 CLA GA . 34.81 4.30 -26.90
C14 CLA GA . 34.48 5.37 -27.93
C15 CLA GA . 36.19 4.57 -26.32
C16 CLA GA . 36.07 5.45 -25.09
C17 CLA GA . 37.43 5.66 -24.44
C18 CLA GA . 37.29 6.63 -23.30
C19 CLA GA . 38.04 7.92 -23.59
C20 CLA GA . 37.76 5.99 -22.00
MG CLA HA . 35.46 -13.56 -26.90
CHA CLA HA . 35.21 -15.65 -24.16
CHB CLA HA . 32.45 -12.31 -26.12
CHC CLA HA . 36.14 -10.98 -29.01
CHD CLA HA . 38.81 -14.94 -27.55
NA CLA HA . 34.08 -13.89 -25.38
C1A CLA HA . 34.03 -14.77 -24.44
C2A CLA HA . 32.71 -14.85 -23.68
C3A CLA HA . 31.89 -13.77 -24.35
C4A CLA HA . 32.88 -13.29 -25.35
CMA CLA HA . 30.74 -14.41 -25.11
CAA CLA HA . 32.64 -14.56 -22.17
CBA CLA HA . 33.76 -13.76 -21.53
CGA CLA HA . 33.28 -12.46 -20.93
O1A CLA HA . 32.53 -11.74 -21.56
O2A CLA HA . 33.71 -12.06 -19.59
NB CLA HA . 34.45 -11.86 -27.43
C1B CLA HA . 33.18 -11.61 -27.18
C2B CLA HA . 32.53 -10.57 -28.02
C3B CLA HA . 33.67 -10.19 -28.90
C4B CLA HA . 34.79 -11.03 -28.42
CMB CLA HA . 31.12 -10.06 -28.00
CAB CLA HA . 33.69 -9.18 -29.98
CBB CLA HA . 33.87 -7.91 -29.68
NC CLA HA . 37.14 -13.06 -27.99
C1C CLA HA . 37.17 -12.02 -28.84
C2C CLA HA . 38.38 -11.97 -29.72
C3C CLA HA . 39.16 -13.14 -29.28
C4C CLA HA . 38.30 -13.72 -28.22
CMC CLA HA . 38.70 -10.96 -30.77
CAC CLA HA . 40.49 -13.64 -29.79
CBC CLA HA . 41.56 -13.05 -28.89
ND CLA HA . 36.75 -14.93 -26.14
C1D CLA HA . 38.08 -15.44 -26.38
C2D CLA HA . 38.57 -16.43 -25.39
C3D CLA HA . 37.39 -16.48 -24.51
C4D CLA HA . 36.44 -15.60 -24.97
CMD CLA HA . 39.82 -17.24 -25.16
CAD CLA HA . 36.84 -17.11 -23.27
OBD CLA HA . 37.45 -17.96 -22.53
CBD CLA HA . 35.48 -16.60 -23.05
CGD CLA HA . 34.54 -17.75 -23.17
O1D CLA HA . 33.88 -18.12 -22.22
O2D CLA HA . 34.39 -18.44 -24.44
CED CLA HA . 33.44 -19.48 -24.54
C1 CLA HA . 34.34 -10.80 -19.38
C2 CLA HA . 35.83 -10.97 -19.56
C3 CLA HA . 36.72 -10.83 -18.56
C4 CLA HA . 36.27 -10.47 -17.18
C5 CLA HA . 38.19 -11.04 -18.85
C6 CLA HA . 38.91 -11.87 -17.80
C7 CLA HA . 40.39 -12.11 -18.11
C8 CLA HA . 40.56 -12.80 -19.46
C9 CLA HA . 41.03 -14.25 -19.38
C10 CLA HA . 41.37 -11.95 -20.44
C11 CLA HA . 42.88 -12.13 -20.31
C12 CLA HA . 43.56 -11.76 -21.61
C13 CLA HA . 43.25 -10.33 -22.04
C14 CLA HA . 43.62 -10.09 -23.50
C15 CLA HA . 43.98 -9.36 -21.12
MG CLA IA . 43.19 -14.60 -35.67
CHA CLA IA . 45.93 -16.70 -35.30
CHB CLA IA . 44.05 -13.10 -32.78
CHC CLA IA . 40.77 -12.34 -36.32
CHD CLA IA . 42.61 -16.16 -38.98
NA CLA IA . 44.73 -14.82 -34.29
C1A CLA IA . 45.71 -15.66 -34.24
C2A CLA IA . 46.59 -15.57 -33.01
C3A CLA IA . 45.94 -14.44 -32.24
C4A CLA IA . 44.82 -14.10 -33.18
CMA CLA IA . 45.34 -14.98 -30.96
CAA CLA IA . 48.02 -15.09 -33.32
CBA CLA IA . 48.03 -13.97 -34.35
CGA CLA IA . 49.35 -13.26 -34.45
O1A CLA IA . 50.40 -13.87 -34.53
O2A CLA IA . 49.35 -11.80 -34.48
NB CLA IA . 42.52 -12.95 -34.68
C1B CLA IA . 42.90 -12.52 -33.48
C2B CLA IA . 42.15 -11.36 -32.95
C3B CLA IA . 41.15 -11.14 -34.01
C4B CLA IA . 41.49 -12.17 -35.04
CMB CLA IA . 42.33 -10.63 -31.65
CAB CLA IA . 40.09 -10.11 -34.03
CBB CLA IA . 39.97 -9.25 -35.02
NC CLA IA . 41.99 -14.32 -37.31
C1C CLA IA . 41.05 -13.36 -37.36
C2C CLA IA . 40.22 -13.36 -38.59
C3C CLA IA . 40.77 -14.48 -39.38
C4C CLA IA . 41.84 -14.99 -38.49
CMC CLA IA . 39.10 -12.43 -38.95
CAC CLA IA . 40.34 -15.01 -40.73
CBC CLA IA . 41.22 -14.42 -41.82
ND CLA IA . 44.01 -16.00 -36.92
C1D CLA IA . 43.71 -16.66 -38.15
C2D CLA IA . 44.55 -17.83 -38.49
C3D CLA IA . 45.44 -17.84 -37.30
C4D CLA IA . 45.08 -16.77 -36.50
CMD CLA IA . 44.63 -18.83 -39.62
CAD CLA IA . 46.59 -18.52 -36.66
OBD CLA IA . 47.20 -19.55 -37.12
CBD CLA IA . 46.90 -17.84 -35.38
CGD CLA IA . 46.60 -18.82 -34.29
O1D CLA IA . 47.34 -18.92 -33.32
O2D CLA IA . 45.43 -19.67 -34.35
CED CLA IA . 45.05 -20.45 -33.20
C1 CLA IA . 50.56 -11.05 -34.45
C2 CLA IA . 50.92 -10.68 -33.03
C3 CLA IA . 50.35 -9.65 -32.39
C4 CLA IA . 49.31 -8.80 -33.06
C5 CLA IA . 50.77 -9.34 -30.97
C6 CLA IA . 49.80 -8.47 -30.19
C7 CLA IA . 50.52 -7.27 -29.58
C8 CLA IA . 51.00 -7.52 -28.17
C9 CLA IA . 49.89 -8.06 -27.28
C10 CLA IA . 51.53 -6.21 -27.61
C11 CLA IA . 52.04 -6.33 -26.18
C12 CLA IA . 52.89 -5.10 -25.85
C13 CLA IA . 53.11 -4.91 -24.36
C14 CLA IA . 53.92 -3.64 -24.16
C15 CLA IA . 53.83 -6.12 -23.78
C16 CLA IA . 53.23 -6.62 -22.46
C17 CLA IA . 53.86 -5.94 -21.24
C18 CLA IA . 53.15 -6.37 -19.96
C19 CLA IA . 53.65 -5.58 -18.77
C20 CLA IA . 53.31 -7.86 -19.72
MG CLA JA . 40.67 -16.15 -20.41
CHA CLA JA . 39.65 -18.24 -17.83
CHB CLA JA . 37.54 -14.91 -20.53
CHC CLA JA . 41.55 -14.65 -23.30
CHD CLA JA . 43.95 -17.87 -20.34
NA CLA JA . 38.89 -16.52 -19.40
C1A CLA JA . 38.66 -17.24 -18.36
C2A CLA JA . 37.30 -17.07 -17.71
C3A CLA JA . 36.67 -16.03 -18.61
C4A CLA JA . 37.78 -15.81 -19.58
CMA CLA JA . 35.44 -16.61 -19.31
CAA CLA JA . 37.39 -16.47 -16.31
CBA CLA JA . 38.42 -15.34 -16.20
CGA CLA JA . 38.54 -14.87 -14.77
O1A CLA JA . 37.78 -15.27 -13.91
O2A CLA JA . 39.58 -13.92 -14.41
NB CLA JA . 39.66 -15.01 -21.76
C1B CLA JA . 38.46 -14.46 -21.60
C2B CLA JA . 38.16 -13.32 -22.51
C3B CLA JA . 39.35 -13.25 -23.34
C4B CLA JA . 40.21 -14.34 -22.79
CMB CLA JA . 36.96 -12.45 -22.62
CAB CLA JA . 39.59 -12.27 -24.44
CBB CLA JA . 40.26 -12.49 -25.55
NC CLA JA . 42.36 -16.29 -21.57
C1C CLA JA . 42.53 -15.55 -22.67
C2C CLA JA . 43.85 -15.66 -23.32
C3C CLA JA . 44.55 -16.61 -22.45
C4C CLA JA . 43.56 -16.91 -21.40
CMC CLA JA . 44.32 -14.96 -24.57
CAC CLA JA . 45.97 -17.13 -22.59
CBC CLA JA . 46.81 -16.01 -22.02
ND CLA JA . 41.64 -17.64 -19.41
C1D CLA JA . 42.91 -18.32 -19.40
C2D CLA JA . 43.05 -19.42 -18.42
C3D CLA JA . 41.69 -19.38 -17.80
C4D CLA JA . 40.99 -18.37 -18.43
CMD CLA JA . 44.08 -20.42 -17.97
CAD CLA JA . 40.83 -19.99 -16.77
OBD CLA JA . 41.15 -20.97 -16.01
CBD CLA JA . 39.52 -19.32 -16.80
CGD CLA JA . 38.50 -20.33 -17.24
O1D CLA JA . 38.12 -20.37 -18.39
O2D CLA JA . 37.99 -21.29 -16.29
CED CLA JA . 36.89 -22.12 -16.67
C1 CLA JA . 39.32 -12.90 -13.45
C2 CLA JA . 39.15 -11.58 -14.16
C3 CLA JA . 40.00 -10.55 -13.98
C4 CLA JA . 41.15 -10.65 -13.02
C5 CLA JA . 39.78 -9.26 -14.72
C6 CLA JA . 40.97 -8.89 -15.59
C7 CLA JA . 41.24 -7.38 -15.54
C8 CLA JA . 42.09 -6.95 -16.73
C9 CLA JA . 42.66 -5.55 -16.49
C10 CLA JA . 41.25 -6.99 -17.99
C11 CLA JA . 40.04 -6.05 -17.91
C12 CLA JA . 39.18 -6.14 -19.16
MG CLA KA . 35.52 -14.06 -48.90
CHA CLA KA . 34.99 -16.61 -51.19
CHB CLA KA . 38.24 -15.76 -47.79
CHC CLA KA . 36.35 -11.31 -47.13
CHD CLA KA . 33.06 -12.05 -50.80
NA CLA KA . 36.50 -15.82 -49.43
C1A CLA KA . 36.14 -16.75 -50.23
C2A CLA KA . 36.97 -18.01 -50.21
C3A CLA KA . 37.96 -17.72 -49.10
C4A CLA KA . 37.52 -16.33 -48.75
CMA CLA KA . 37.72 -18.66 -47.93
CAA CLA KA . 37.83 -18.19 -51.48
CBA CLA KA . 38.84 -17.09 -51.84
CGA CLA KA . 38.23 -15.90 -52.55
O1A CLA KA . 37.50 -16.05 -53.50
O2A CLA KA . 38.53 -14.54 -52.10
NB CLA KA . 37.04 -13.62 -47.61
C1B CLA KA . 38.08 -14.39 -47.30
C2B CLA KA . 39.13 -13.76 -46.47
C3B CLA KA . 38.59 -12.41 -46.26
C4B CLA KA . 37.28 -12.44 -47.02
CMB CLA KA . 40.42 -14.35 -45.96
CAB CLA KA . 39.25 -11.33 -45.48
CBB CLA KA . 39.21 -10.05 -45.81
NC CLA KA . 34.79 -12.14 -48.92
C1C CLA KA . 35.36 -11.15 -48.20
C2C CLA KA . 34.93 -9.79 -48.58
C3C CLA KA . 33.95 -10.02 -49.66
C4C CLA KA . 33.96 -11.49 -49.77
CMC CLA KA . 35.37 -8.48 -47.98
CAC CLA KA . 33.17 -9.02 -50.47
CBC CLA KA . 32.01 -8.58 -49.61
ND CLA KA . 34.36 -14.16 -50.58
C1D CLA KA . 33.29 -13.42 -51.20
C2D CLA KA . 32.49 -14.15 -52.22
C3D CLA KA . 33.20 -15.46 -52.19
C4D CLA KA . 34.22 -15.36 -51.26
CMD CLA KA . 31.31 -13.84 -53.10
CAD CLA KA . 33.25 -16.82 -52.78
OBD CLA KA . 32.45 -17.27 -53.67
CBD CLA KA . 34.35 -17.57 -52.15
CGD CLA KA . 33.82 -18.82 -51.53
O1D CLA KA . 33.37 -19.70 -52.25
O2D CLA KA . 33.84 -19.05 -50.11
CED CLA KA . 33.86 -20.40 -49.65
C1 CLA KA . 37.45 -13.63 -51.80
C2 CLA KA . 37.12 -12.78 -53.00
C3 CLA KA . 37.13 -11.44 -52.99
C4 CLA KA . 36.77 -10.72 -54.26
C5 CLA KA . 37.48 -10.66 -51.74
C6 CLA KA . 37.05 -9.20 -51.81
C7 CLA KA . 38.19 -8.30 -51.34
C8 CLA KA . 37.91 -6.83 -51.59
C9 CLA KA . 39.23 -6.07 -51.75
C10 CLA KA . 37.09 -6.27 -50.45
C11 CLA KA . 36.87 -4.76 -50.56
C12 CLA KA . 35.87 -4.41 -51.64
C13 CLA KA . 34.94 -3.30 -51.15
C14 CLA KA . 33.77 -3.90 -50.37
C15 CLA KA . 34.44 -2.48 -52.33
C16 CLA KA . 33.94 -1.12 -51.87
C17 CLA KA . 34.15 -0.06 -52.95
C18 CLA KA . 33.46 1.24 -52.56
C19 CLA KA . 31.95 1.10 -52.62
C20 CLA KA . 33.94 2.40 -53.43
MG CLA LA . 25.60 -12.12 -45.14
CHA CLA LA . 22.54 -13.11 -43.90
CHB CLA LA . 26.55 -15.36 -45.10
CHC CLA LA . 28.46 -11.15 -46.65
CHD CLA LA . 24.14 -8.80 -45.82
NA CLA LA . 24.70 -13.94 -44.65
C1A CLA LA . 23.58 -14.19 -44.08
C2A CLA LA . 23.35 -15.62 -43.64
C3A CLA LA . 24.68 -16.25 -43.98
C4A CLA LA . 25.36 -15.09 -44.62
CMA CLA LA . 25.43 -16.59 -42.70
CAA CLA LA . 22.25 -16.30 -44.50
CBA CLA LA . 22.45 -17.72 -45.03
CGA CLA LA . 22.89 -17.67 -46.48
O1A CLA LA . 23.23 -18.68 -47.07
O2A CLA LA . 22.93 -16.39 -47.16
NB CLA LA . 27.26 -13.12 -45.79
C1B CLA LA . 27.48 -14.43 -45.74
C2B CLA LA . 28.78 -14.89 -46.26
C3B CLA LA . 29.36 -13.60 -46.71
C4B CLA LA . 28.32 -12.59 -46.38
CMB CLA LA . 29.34 -16.28 -46.30
CAB CLA LA . 30.66 -13.37 -47.37
CBB CLA LA . 30.64 -12.92 -48.60
NC CLA LA . 26.16 -10.34 -46.02
C1C CLA LA . 27.36 -10.15 -46.59
C2C CLA LA . 27.54 -8.83 -47.23
C3C CLA LA . 26.26 -8.14 -46.97
C4C CLA LA . 25.50 -9.18 -46.24
CMC CLA LA . 28.74 -8.29 -47.96
CAC CLA LA . 25.83 -6.76 -47.42
CBC CLA LA . 25.95 -5.74 -46.32
ND CLA LA . 23.83 -11.15 -45.03
C1D CLA LA . 23.32 -9.81 -45.16
C2D CLA LA . 21.97 -9.56 -44.60
C3D CLA LA . 21.68 -10.93 -44.10
C4D CLA LA . 22.77 -11.74 -44.38
CMD CLA LA . 21.03 -8.41 -44.48
CAD CLA LA . 20.68 -11.75 -43.41
OBD CLA LA . 19.54 -11.33 -42.98
CBD CLA LA . 21.20 -13.12 -43.26
CGD CLA LA . 21.32 -13.40 -41.79
O1D CLA LA . 22.37 -13.20 -41.21
O2D CLA LA . 20.17 -13.89 -41.05
CED CLA LA . 20.24 -13.95 -39.63
C1 CLA LA . 24.00 -16.02 -48.04
C2 CLA LA . 24.14 -14.52 -47.96
C3 CLA LA . 23.83 -13.76 -49.03
C4 CLA LA . 23.35 -14.37 -50.31
C5 CLA LA . 23.96 -12.26 -48.98
C6 CLA LA . 24.76 -11.70 -50.15
C7 CLA LA . 25.79 -10.67 -49.75
C8 CLA LA . 26.82 -10.45 -50.86
C9 CLA LA . 28.16 -11.06 -50.47
C10 CLA LA . 26.85 -8.95 -51.16
C11 CLA LA . 28.19 -8.43 -51.68
C12 CLA LA . 28.00 -7.20 -52.57
C13 CLA LA . 29.21 -6.29 -52.52
C14 CLA LA . 29.21 -5.45 -51.25
C15 CLA LA . 29.25 -5.39 -53.76
C16 CLA LA . 29.60 -6.17 -55.02
C17 CLA LA . 29.16 -5.44 -56.28
C18 CLA LA . 29.58 -6.22 -57.53
C19 CLA LA . 31.09 -6.20 -57.72
C20 CLA LA . 28.86 -5.71 -58.77
MG CLA MA . 26.31 -10.06 -36.69
CHA CLA MA . 25.48 -12.55 -34.45
CHB CLA MA . 24.06 -11.37 -38.84
CHC CLA MA . 26.80 -7.34 -38.66
CHD CLA MA . 28.10 -8.33 -33.95
NA CLA MA . 24.96 -11.63 -36.65
C1A CLA MA . 24.84 -12.60 -35.82
C2A CLA MA . 23.94 -13.72 -36.26
C3A CLA MA . 23.57 -13.37 -37.67
C4A CLA MA . 24.25 -12.03 -37.71
CMA CLA MA . 24.25 -14.29 -38.67
CAA CLA MA . 22.64 -13.61 -35.41
CBA CLA MA . 21.35 -12.95 -35.90
CGA CLA MA . 21.32 -11.45 -36.05
O1A CLA MA . 22.16 -10.77 -35.51
O2A CLA MA . 20.28 -10.89 -36.89
NB CLA MA . 25.59 -9.49 -38.50
C1B CLA MA . 24.59 -10.04 -39.16
C2B CLA MA . 23.99 -9.23 -40.25
C3B CLA MA . 24.83 -8.01 -40.19
C4B CLA MA . 25.78 -8.30 -39.08
CMB CLA MA . 22.86 -9.61 -41.14
CAB CLA MA . 24.80 -6.80 -41.02
CBB CLA MA . 24.76 -6.86 -42.33
NC CLA MA . 27.26 -8.24 -36.36
C1C CLA MA . 27.33 -7.28 -37.29
C2C CLA MA . 28.02 -6.03 -36.84
C3C CLA MA . 28.39 -6.35 -35.46
C4C CLA MA . 27.87 -7.73 -35.27
CMC CLA MA . 28.28 -4.76 -37.62
CAC CLA MA . 29.12 -5.49 -34.45
CBC CLA MA . 28.08 -4.69 -33.71
ND CLA MA . 26.68 -10.25 -34.70
C1D CLA MA . 27.47 -9.63 -33.68
C2D CLA MA . 27.61 -10.38 -32.41
C3D CLA MA . 26.79 -11.58 -32.75
C4D CLA MA . 26.31 -11.40 -34.04
CMD CLA MA . 28.29 -10.16 -31.09
CAD CLA MA . 26.28 -12.87 -32.25
OBD CLA MA . 26.51 -13.36 -31.09
CBD CLA MA . 25.48 -13.50 -33.30
CGD CLA MA . 26.15 -14.76 -33.74
O1D CLA MA . 27.33 -14.76 -34.06
O2D CLA MA . 25.40 -16.01 -33.84
CED CLA MA . 25.99 -17.16 -34.41
C1 CLA MA . 20.62 -10.36 -38.17
C2 CLA MA . 20.84 -8.87 -38.14
C3 CLA MA . 20.26 -8.07 -39.05
C4 CLA MA . 19.37 -8.61 -40.12
C5 CLA MA . 20.47 -6.57 -38.99
C6 CLA MA . 21.92 -6.11 -39.08
C7 CLA MA . 22.00 -4.70 -39.63
C8 CLA MA . 23.33 -4.00 -39.35
C9 CLA MA . 23.47 -3.64 -37.89
C10 CLA MA . 23.42 -2.78 -40.26
C11 CLA MA . 23.66 -3.25 -41.69
C12 CLA MA . 23.09 -2.28 -42.72
C13 CLA MA . 23.49 -2.66 -44.13
C14 CLA MA . 24.36 -1.58 -44.76
C15 CLA MA . 22.24 -2.90 -44.98
C16 CLA MA . 21.32 -3.96 -44.40
C17 CLA MA . 19.86 -3.52 -44.43
C18 CLA MA . 18.93 -4.53 -43.77
C19 CLA MA . 19.50 -5.18 -42.52
C20 CLA MA . 18.52 -5.60 -44.77
MG CLA NA . 42.15 4.99 -41.24
CHA CLA NA . 41.65 8.39 -41.61
CHB CLA NA . 44.74 5.21 -43.38
CHC CLA NA . 42.89 1.78 -40.46
CHD CLA NA . 39.61 5.00 -38.56
NA CLA NA . 43.07 6.52 -42.28
C1A CLA NA . 42.76 7.76 -42.41
C2A CLA NA . 43.56 8.57 -43.41
C3A CLA NA . 44.51 7.51 -43.96
C4A CLA NA . 44.06 6.33 -43.14
CMA CLA NA . 44.15 7.22 -45.41
CAA CLA NA . 44.47 9.63 -42.79
CBA CLA NA . 45.09 9.21 -41.47
CGA CLA NA . 46.38 9.94 -41.26
O1A CLA NA . 46.98 10.40 -42.22
O2A CLA NA . 46.94 10.12 -39.93
NB CLA NA . 43.61 3.69 -41.83
C1B CLA NA . 44.55 3.90 -42.75
C2B CLA NA . 45.42 2.74 -43.04
C3B CLA NA . 44.86 1.70 -42.15
C4B CLA NA . 43.75 2.41 -41.47
CMB CLA NA . 46.57 2.64 -44.00
CAB CLA NA . 45.31 0.29 -42.00
CBB CLA NA . 44.49 -0.75 -42.08
NC CLA NA . 41.38 3.69 -39.84
C1C CLA NA . 41.87 2.45 -39.66
C2C CLA NA . 41.31 1.70 -38.50
C3C CLA NA . 40.34 2.67 -37.94
C4C CLA NA . 40.47 3.83 -38.85
CMC CLA NA . 41.66 0.32 -38.04
CAC CLA NA . 39.44 2.51 -36.75
CBC CLA NA . 38.29 1.70 -37.29
ND CLA NA . 40.95 6.28 -40.24
C1D CLA NA . 39.90 6.25 -39.27
C2D CLA NA . 39.19 7.52 -39.04
C3D CLA NA . 39.92 8.39 -40.01
C4D CLA NA . 40.88 7.61 -40.63
CMD CLA NA . 38.07 7.99 -38.17
CAD CLA NA . 40.03 9.76 -40.56
OBD CLA NA . 39.30 10.75 -40.23
CBD CLA NA . 41.10 9.78 -41.57
CGD CLA NA . 40.52 10.22 -42.88
O1D CLA NA . 40.86 11.27 -43.38
O2D CLA NA . 39.55 9.40 -43.58
CED CLA NA . 39.01 9.88 -44.81
MG CLA OA . 26.42 5.19 -45.72
CHA CLA OA . 25.65 8.10 -47.44
CHB CLA OA . 24.49 6.30 -43.20
CHC CLA OA . 26.64 2.08 -44.39
CHD CLA OA . 28.34 4.07 -48.66
NA CLA OA . 25.25 6.86 -45.38
C1A CLA OA . 25.04 7.92 -46.08
C2A CLA OA . 24.16 8.99 -45.47
C3A CLA OA . 23.87 8.39 -44.11
C4A CLA OA . 24.60 7.10 -44.23
CMA CLA OA . 24.55 9.22 -43.03
CAA CLA OA . 22.79 9.11 -46.16
CBA CLA OA . 22.14 7.76 -46.43
CGA CLA OA . 21.08 7.64 -47.49
O1A CLA OA . 21.23 8.09 -48.62
O2A CLA OA . 19.85 6.97 -47.10
NB CLA OA . 25.64 4.31 -44.06
C1B CLA OA . 25.03 4.95 -43.07
C2B CLA OA . 24.82 4.16 -41.85
C3B CLA OA . 25.46 2.89 -42.20
C4B CLA OA . 25.93 3.10 -43.60
CMB CLA OA . 24.16 4.56 -40.57
CAB CLA OA . 25.56 1.69 -41.35
CBB CLA OA . 24.82 0.64 -41.63
NC CLA OA . 27.26 3.44 -46.43
C1C CLA OA . 27.33 2.32 -45.68
C2C CLA OA . 28.19 1.26 -46.25
C3C CLA OA . 28.68 1.86 -47.51
C4C CLA OA . 28.05 3.19 -47.50
CMC CLA OA . 28.49 -0.10 -45.67
CAC CLA OA . 29.62 1.27 -48.53
CBC CLA OA . 28.75 0.60 -49.57
ND CLA OA . 26.91 5.80 -47.60
C1D CLA OA . 27.68 5.37 -48.71
C2D CLA OA . 27.78 6.33 -49.84
C3D CLA OA . 26.93 7.43 -49.30
C4D CLA OA . 26.49 7.05 -48.05
CMD CLA OA . 28.44 6.35 -51.19
CAD CLA OA . 26.38 8.77 -49.57
OBD CLA OA . 26.58 9.47 -50.63
CBD CLA OA . 25.57 9.22 -48.43
CGD CLA OA . 26.10 10.52 -47.91
O1D CLA OA . 27.28 10.68 -47.70
O2D CLA OA . 25.18 11.61 -47.70
CED CLA OA . 25.44 12.89 -48.23
C1 CLA OA . 19.21 6.00 -47.92
C2 CLA OA . 17.71 6.15 -47.77
C3 CLA OA . 16.94 5.17 -47.25
C4 CLA OA . 17.56 3.88 -46.79
C5 CLA OA . 15.45 5.35 -47.14
C6 CLA OA . 14.99 6.75 -46.76
C7 CLA OA . 14.60 6.82 -45.29
C8 CLA OA . 13.93 8.15 -44.96
C9 CLA OA . 13.79 8.29 -43.45
C10 CLA OA . 12.60 8.26 -45.73
C11 CLA OA . 11.55 9.11 -45.04
C12 CLA OA . 10.14 8.68 -45.41
C13 CLA OA . 9.18 9.86 -45.58
C14 CLA OA . 7.89 9.42 -46.25
C15 CLA OA . 9.82 11.00 -46.37
C16 CLA OA . 8.99 12.28 -46.26
C17 CLA OA . 9.06 12.87 -44.85
C18 CLA OA . 8.56 14.30 -44.84
C19 CLA OA . 9.46 15.20 -45.67
C20 CLA OA . 8.44 14.83 -43.42
MG CLA PA . 34.42 9.09 -53.11
CHA CLA PA . 37.07 11.24 -53.62
CHB CLA PA . 33.06 10.19 -55.99
CHC CLA PA . 32.05 6.72 -52.72
CHD CLA PA . 36.29 7.65 -50.26
NA CLA PA . 34.98 10.44 -54.58
C1A CLA PA . 36.00 11.21 -54.67
C2A CLA PA . 36.03 12.14 -55.87
C3A CLA PA . 34.72 11.80 -56.56
C4A CLA PA . 34.23 10.73 -55.65
CMA CLA PA . 33.78 12.99 -56.51
CAA CLA PA . 37.23 11.86 -56.83
CBA CLA PA . 36.99 10.93 -58.02
CGA CLA PA . 37.34 9.50 -57.69
O1A CLA PA . 38.44 9.06 -57.95
O2A CLA PA . 36.37 8.61 -57.07
NB CLA PA . 32.81 8.52 -54.23
C1B CLA PA . 32.32 9.14 -55.29
C2B CLA PA . 30.97 8.69 -55.72
C3B CLA PA . 30.67 7.65 -54.73
C4B CLA PA . 31.89 7.62 -53.87
CMB CLA PA . 30.12 9.18 -56.87
CAB CLA PA . 29.45 6.81 -54.64
CBB CLA PA . 29.49 5.49 -54.65
NC CLA PA . 34.24 7.53 -51.78
C1C CLA PA . 33.19 6.67 -51.81
C2C CLA PA . 33.26 5.59 -50.81
C3C CLA PA . 34.52 5.86 -50.09
C4C CLA PA . 35.02 7.08 -50.77
CMC CLA PA . 32.28 4.46 -50.58
CAC CLA PA . 35.13 5.10 -48.94
CBC CLA PA . 36.15 4.15 -49.53
ND CLA PA . 36.22 9.24 -52.17
C1D CLA PA . 36.85 8.79 -50.97
C2D CLA PA . 38.05 9.55 -50.52
C3D CLA PA . 38.11 10.55 -51.62
C4D CLA PA . 37.05 10.30 -52.48
CMD CLA PA . 39.01 9.47 -49.38
CAD CLA PA . 38.86 11.71 -52.15
OBD CLA PA . 39.91 12.23 -51.61
CBD CLA PA . 38.21 12.19 -53.39
CGD CLA PA . 37.66 13.54 -53.11
O1D CLA PA . 38.24 14.54 -53.49
O2D CLA PA . 36.40 13.69 -52.41
CED CLA PA . 35.65 14.89 -52.56
C1 CLA PA . 36.33 7.24 -57.47
C2 CLA PA . 34.90 6.76 -57.58
C3 CLA PA . 34.40 5.84 -56.73
C4 CLA PA . 35.23 5.24 -55.63
MG CLA QA . 25.15 11.31 -56.67
CHA CLA QA . 28.19 12.98 -56.62
CHB CLA QA . 24.54 12.68 -59.69
CHC CLA QA . 22.41 9.35 -56.85
CHD CLA QA . 26.32 9.34 -53.77
NA CLA QA . 26.20 12.55 -57.97
C1A CLA QA . 27.27 13.23 -57.79
C2A CLA QA . 27.58 14.29 -58.83
C3A CLA QA . 26.38 14.18 -59.75
C4A CLA QA . 25.66 13.06 -59.07
CMA CLA QA . 25.55 15.44 -59.63
CAA CLA QA . 28.84 14.04 -59.69
CBA CLA QA . 28.77 13.01 -60.83
CGA CLA QA . 28.77 11.59 -60.28
O1A CLA QA . 29.38 11.34 -59.26
O2A CLA QA . 28.05 10.55 -60.98
NB CLA QA . 23.66 11.09 -58.05
C1B CLA QA . 23.62 11.62 -59.27
C2B CLA QA . 22.61 11.04 -60.19
C3B CLA QA . 21.96 10.03 -59.32
C4B CLA QA . 22.70 10.16 -58.04
CMB CLA QA . 22.31 11.40 -61.62
CAB CLA QA . 20.84 9.13 -59.71
CBB CLA QA . 20.79 7.84 -59.41
NC CLA QA . 24.53 9.69 -55.54
C1C CLA QA . 23.37 9.06 -55.77
C2C CLA QA . 23.05 7.95 -54.83
C3C CLA QA . 24.21 7.96 -53.91
C4C CLA QA . 25.05 9.07 -54.46
CMC CLA QA . 21.84 7.06 -54.81
CAC CLA QA . 24.50 7.06 -52.73
CBC CLA QA . 23.65 7.55 -51.57
ND CLA QA . 26.80 11.07 -55.49
C1D CLA QA . 27.19 10.39 -54.29
C2D CLA QA . 28.46 10.82 -53.69
C3D CLA QA . 28.86 11.87 -54.65
C4D CLA QA . 27.87 11.94 -55.63
CMD CLA QA . 29.29 10.44 -52.50
CAD CLA QA . 29.90 12.87 -54.99
OBD CLA QA . 30.96 13.11 -54.32
CBD CLA QA . 29.50 13.59 -56.21
CGD CLA QA . 29.33 15.03 -55.85
O1D CLA QA . 28.73 15.36 -54.85
O2D CLA QA . 29.94 16.04 -56.69
CED CLA QA . 30.21 17.33 -56.16
C1 CLA QA . 26.83 10.01 -60.45
C2 CLA QA . 27.09 8.98 -59.37
C3 CLA QA . 26.53 7.76 -59.45
C4 CLA QA . 25.63 7.38 -60.59
C5 CLA QA . 26.79 6.74 -58.36
C6 CLA QA . 25.84 6.90 -57.18
MG CLA RA . 16.53 13.13 -51.07
CHA CLA RA . 19.55 11.78 -50.08
CHB CLA RA . 16.81 11.45 -53.99
CHC CLA RA . 13.33 14.00 -51.75
CHD CLA RA . 16.10 14.42 -47.63
NA CLA RA . 17.91 11.81 -51.88
C1A CLA RA . 19.03 11.39 -51.44
C2A CLA RA . 19.83 10.52 -52.39
C3A CLA RA . 18.96 10.48 -53.61
C4A CLA RA . 17.81 11.31 -53.12
CMA CLA RA . 19.67 11.25 -54.72
CAA CLA RA . 19.95 9.06 -51.90
CBA CLA RA . 18.72 8.52 -51.18
CGA CLA RA . 18.07 7.39 -51.95
O1A CLA RA . 18.11 7.35 -53.16
O2A CLA RA . 17.38 6.29 -51.27
NB CLA RA . 15.27 12.75 -52.63
C1B CLA RA . 15.56 12.17 -53.79
C2B CLA RA . 14.49 12.24 -54.82
C3B CLA RA . 13.45 13.02 -54.12
C4B CLA RA . 14.04 13.26 -52.79
CMB CLA RA . 14.45 11.71 -56.22
CAB CLA RA . 12.13 13.45 -54.63
CBB CLA RA . 11.01 12.96 -54.10
NC CLA RA . 15.06 14.00 -49.91
C1C CLA RA . 13.83 14.27 -50.40
C2C CLA RA . 12.92 14.95 -49.45
C3C CLA RA . 13.74 15.09 -48.24
C4C CLA RA . 15.03 14.46 -48.64
CMC CLA RA . 11.51 15.40 -49.69
CAC CLA RA . 13.35 15.70 -46.92
CBC CLA RA . 13.50 17.21 -47.02
ND CLA RA . 17.46 13.09 -49.25
C1D CLA RA . 17.35 13.73 -47.98
C2D CLA RA . 18.55 13.66 -47.11
C3D CLA RA . 19.44 12.87 -48.00
C4D CLA RA . 18.75 12.58 -49.15
CMD CLA RA . 18.92 14.17 -45.75
CAD CLA RA . 20.78 12.23 -48.12
OBD CLA RA . 21.71 12.26 -47.24
CBD CLA RA . 20.88 11.56 -49.43
CGD CLA RA . 21.99 12.14 -50.25
O1D CLA RA . 21.91 13.25 -50.73
O2D CLA RA . 23.15 11.32 -50.52
CED CLA RA . 23.76 11.35 -51.80
C1 CLA RA . 16.12 5.84 -51.76
C2 CLA RA . 15.02 6.01 -50.73
C3 CLA RA . 13.88 5.30 -50.79
C4 CLA RA . 13.62 4.33 -51.90
C5 CLA RA . 12.81 5.47 -49.72
C6 CLA RA . 11.71 6.46 -50.07
C7 CLA RA . 10.35 5.82 -49.77
C8 CLA RA . 9.19 6.60 -50.39
C9 CLA RA . 9.20 8.04 -49.93
C10 CLA RA . 7.87 5.92 -50.03
MG CLA SA . 22.02 9.52 -40.25
CHA CLA SA . 23.50 7.67 -37.75
CHB CLA SA . 20.07 6.85 -40.96
CHC CLA SA . 21.05 11.16 -43.07
CHD CLA SA . 24.47 12.20 -39.60
NA CLA SA . 21.85 7.58 -39.53
C1A CLA SA . 22.33 7.05 -38.47
C2A CLA SA . 21.73 5.71 -38.02
C3A CLA SA . 20.63 5.52 -39.06
C4A CLA SA . 20.88 6.73 -39.91
CMA CLA SA . 20.64 4.22 -39.86
CAA CLA SA . 21.15 5.66 -36.62
CBA CLA SA . 20.92 4.23 -36.17
CGA CLA SA . 20.71 4.19 -34.68
O1A CLA SA . 19.75 4.72 -34.16
O2A CLA SA . 21.70 3.50 -33.87
NB CLA SA . 20.72 9.08 -41.77
C1B CLA SA . 20.08 7.92 -41.95
C2B CLA SA . 19.39 7.79 -43.24
C3B CLA SA . 19.68 9.07 -43.88
C4B CLA SA . 20.51 9.80 -42.87
CMB CLA SA . 18.58 6.67 -43.83
CAB CLA SA . 19.21 9.46 -45.22
CBB CLA SA . 18.81 10.64 -45.56
NC CLA SA . 22.63 11.29 -41.12
C1C CLA SA . 22.13 11.77 -42.27
C2C CLA SA . 22.76 13.03 -42.75
C3C CLA SA . 23.77 13.33 -41.71
C4C CLA SA . 23.59 12.19 -40.77
CMC CLA SA . 22.46 13.82 -43.99
CAC CLA SA . 24.74 14.47 -41.62
CBC CLA SA . 24.03 15.66 -41.03
ND CLA SA . 23.59 9.93 -39.04
C1D CLA SA . 24.55 10.96 -38.82
C2D CLA SA . 25.56 10.69 -37.78
C3D CLA SA . 25.13 9.33 -37.37
C4D CLA SA . 24.05 8.97 -38.15
CMD CLA SA . 26.72 11.45 -37.21
CAD CLA SA . 25.41 8.20 -36.45
OBD CLA SA . 26.36 8.15 -35.60
CBD CLA SA . 24.42 7.13 -36.71
CGD CLA SA . 25.16 5.95 -37.25
O1D CLA SA . 24.97 4.85 -36.79
O2D CLA SA . 26.14 6.12 -38.30
CED CLA SA . 27.15 5.12 -38.47
C1 CLA SA . 22.08 3.96 -32.58
C2 CLA SA . 22.91 5.21 -32.74
C3 CLA SA . 24.24 5.17 -32.84
C4 CLA SA . 24.97 3.87 -32.88
C5 CLA SA . 25.00 6.47 -33.00
C6 CLA SA . 24.60 7.54 -32.00
C7 CLA SA . 24.08 8.76 -32.76
C8 CLA SA . 23.75 9.96 -31.87
C9 CLA SA . 23.10 9.56 -30.56
C10 CLA SA . 22.83 10.88 -32.67
C11 CLA SA . 23.60 11.53 -33.80
C12 CLA SA . 24.40 12.71 -33.29
C13 CLA SA . 23.89 14.03 -33.85
C14 CLA SA . 24.06 14.02 -35.36
C15 CLA SA . 24.69 15.16 -33.20
C16 CLA SA . 24.67 16.48 -33.97
C17 CLA SA . 24.23 17.65 -33.10
C18 CLA SA . 22.73 17.81 -32.97
C19 CLA SA . 21.97 17.57 -34.26
C20 CLA SA . 22.41 19.21 -32.45
MG CLA TA . 7.27 -0.30 -43.05
CHA CLA TA . 7.85 -3.60 -43.92
CHB CLA TA . 8.80 0.61 -45.91
CHC CLA TA . 6.22 2.84 -42.43
CHD CLA TA . 5.28 -1.54 -40.19
NA CLA TA . 8.11 -1.30 -44.66
C1A CLA TA . 8.32 -2.54 -44.86
C2A CLA TA . 9.06 -2.89 -46.11
C3A CLA TA . 9.40 -1.55 -46.68
C4A CLA TA . 8.72 -0.69 -45.67
CMA CLA TA . 10.90 -1.33 -46.60
CAA CLA TA . 8.04 -3.42 -47.11
CBA CLA TA . 8.62 -3.67 -48.49
CGA CLA TA . 7.49 -3.98 -49.41
O1A CLA TA . 6.56 -4.69 -49.04
O2A CLA TA . 7.47 -3.47 -50.76
NB CLA TA . 7.49 1.46 -44.02
C1B CLA TA . 8.18 1.69 -45.14
C2B CLA TA . 8.21 3.08 -45.61
C3B CLA TA . 7.43 3.75 -44.55
C4B CLA TA . 7.04 2.65 -43.64
CMB CLA TA . 8.88 3.66 -46.83
CAB CLA TA . 7.10 5.20 -44.45
CBB CLA TA . 6.26 5.75 -45.31
NC CLA TA . 6.04 0.46 -41.59
C1C CLA TA . 5.69 1.76 -41.54
C2C CLA TA . 4.69 2.09 -40.50
C3C CLA TA . 4.43 0.79 -39.86
C4C CLA TA . 5.32 -0.13 -40.60
CMC CLA TA . 4.06 3.41 -40.16
CAC CLA TA . 3.50 0.47 -38.71
CBC CLA TA . 2.18 0.05 -39.32
ND CLA TA . 6.61 -2.05 -42.23
C1D CLA TA . 5.95 -2.52 -41.05
C2D CLA TA . 5.99 -3.98 -40.81
C3D CLA TA . 6.79 -4.40 -41.99
C4D CLA TA . 7.07 -3.26 -42.72
CMD CLA TA . 5.49 -4.93 -39.77
CAD CLA TA . 7.37 -5.56 -42.70
OBD CLA TA . 7.32 -6.78 -42.33
CBD CLA TA . 8.07 -5.08 -43.91
CGD CLA TA . 9.51 -5.42 -43.66
O1D CLA TA . 10.35 -4.57 -43.45
O2D CLA TA . 9.89 -6.82 -43.69
CED CLA TA . 11.17 -7.19 -43.23
C1 CLA TA . 6.81 -4.28 -51.71
C2 CLA TA . 7.81 -5.04 -52.53
C3 CLA TA . 8.39 -4.50 -53.61
C4 CLA TA . 8.07 -3.10 -54.05
C5 CLA TA . 9.40 -5.29 -54.39
C6 CLA TA . 10.68 -4.51 -54.55
C7 CLA TA . 11.42 -4.90 -55.82
C8 CLA TA . 12.69 -4.11 -56.13
C9 CLA TA . 13.30 -3.38 -54.93
C10 CLA TA . 12.40 -3.15 -57.29
C11 CLA TA . 11.66 -1.88 -56.89
C12 CLA TA . 11.23 -1.10 -58.12
C13 CLA TA . 10.12 -0.09 -57.83
C14 CLA TA . 9.29 0.19 -59.07
C15 CLA TA . 10.76 1.19 -57.30
C16 CLA TA . 9.77 2.32 -57.02
C17 CLA TA . 10.39 3.37 -56.11
C18 CLA TA . 9.61 4.68 -56.08
C19 CLA TA . 10.16 5.61 -55.01
C20 CLA TA . 8.12 4.45 -55.84
MG CLA UA . 15.03 -9.80 -46.66
CHA CLA UA . 13.16 -6.91 -47.14
CHB CLA UA . 17.72 -8.13 -47.80
CHC CLA UA . 16.60 -12.77 -46.77
CHD CLA UA . 11.84 -11.57 -45.94
NA CLA UA . 15.39 -7.88 -47.37
C1A CLA UA . 14.64 -6.84 -47.41
C2A CLA UA . 15.32 -5.55 -47.79
C3A CLA UA . 16.74 -5.99 -48.03
C4A CLA UA . 16.60 -7.44 -47.71
CMA CLA UA . 17.09 -5.86 -49.50
CAA CLA UA . 15.36 -4.56 -46.63
CBA CLA UA . 15.90 -3.22 -47.12
CGA CLA UA . 15.70 -2.21 -46.03
O1A CLA UA . 14.59 -1.75 -45.81
O2A CLA UA . 16.82 -1.77 -45.23
NB CLA UA . 16.90 -10.37 -47.25
C1B CLA UA . 17.91 -9.56 -47.57
C2B CLA UA . 19.24 -10.22 -47.66
C3B CLA UA . 18.91 -11.61 -47.34
C4B CLA UA . 17.43 -11.60 -47.12
CMB CLA UA . 20.57 -9.62 -47.98
CAB CLA UA . 19.91 -12.71 -47.29
CBB CLA UA . 19.68 -14.00 -47.45
NC CLA UA . 14.35 -11.72 -46.41
C1C CLA UA . 15.16 -12.79 -46.50
C2C CLA UA . 14.46 -14.08 -46.29
C3C CLA UA . 13.06 -13.70 -46.06
C4C CLA UA . 13.13 -12.24 -46.15
CMC CLA UA . 15.05 -15.45 -46.32
CAC CLA UA . 11.83 -14.53 -45.76
CBC CLA UA . 11.26 -14.98 -47.08
ND CLA UA . 13.03 -9.46 -46.57
C1D CLA UA . 11.81 -10.15 -46.23
C2D CLA UA . 10.58 -9.34 -46.20
C3D CLA UA . 11.17 -8.04 -46.59
C4D CLA UA . 12.53 -8.19 -46.77
CMD CLA UA . 9.11 -9.58 -45.91
CAD CLA UA . 10.84 -6.63 -46.82
OBD CLA UA . 9.65 -6.18 -46.72
CBD CLA UA . 12.06 -5.89 -47.18
CGD CLA UA . 11.90 -5.23 -48.51
O1D CLA UA . 12.00 -4.02 -48.62
O2D CLA UA . 11.61 -5.98 -49.72
CED CLA UA . 11.46 -5.24 -50.92
C1 CLA UA . 16.79 -0.49 -44.62
C2 CLA UA . 18.19 -0.12 -44.22
C3 CLA UA . 18.61 -0.06 -42.95
C4 CLA UA . 17.66 -0.37 -41.83
C5 CLA UA . 20.05 0.31 -42.62
C6 CLA UA . 20.85 0.90 -43.78
C7 CLA UA . 20.62 2.39 -43.94
C8 CLA UA . 21.84 3.12 -44.47
C9 CLA UA . 21.57 4.61 -44.38
C10 CLA UA . 22.16 2.69 -45.89
C11 CLA UA . 23.11 3.66 -46.60
C12 CLA UA . 23.32 3.41 -48.10
C13 CLA UA . 24.39 2.38 -48.46
C14 CLA UA . 25.07 2.80 -49.75
C15 CLA UA . 23.82 0.98 -48.60
C16 CLA UA . 24.86 -0.07 -48.98
C17 CLA UA . 24.24 -1.46 -48.92
C18 CLA UA . 25.24 -2.59 -49.19
C19 CLA UA . 26.61 -2.33 -48.57
C20 CLA UA . 25.36 -2.88 -50.68
MG CLA VA . 9.28 -8.27 -25.32
CHA CLA VA . 11.85 -9.26 -23.27
CHB CLA VA . 8.69 -11.53 -26.03
CHC CLA VA . 6.32 -7.31 -26.65
CHD CLA VA . 9.76 -4.82 -24.07
NA CLA VA . 10.08 -10.09 -24.72
C1A CLA VA . 11.16 -10.33 -24.08
C2A CLA VA . 11.67 -11.78 -24.17
C3A CLA VA . 10.67 -12.41 -25.09
C4A CLA VA . 9.76 -11.25 -25.28
CMA CLA VA . 11.40 -12.65 -26.39
CAA CLA VA . 11.64 -12.60 -22.86
CBA CLA VA . 10.31 -13.21 -22.42
CGA CLA VA . 9.50 -12.15 -21.74
O1A CLA VA . 8.28 -12.25 -21.72
O2A CLA VA . 10.17 -10.99 -21.20
NB CLA VA . 7.76 -9.28 -26.23
C1B CLA VA . 7.63 -10.59 -26.39
C2B CLA VA . 6.35 -11.06 -26.92
C3B CLA VA . 5.64 -9.78 -27.09
C4B CLA VA . 6.60 -8.75 -26.64
CMB CLA VA . 5.87 -12.46 -27.20
CAB CLA VA . 4.28 -9.56 -27.62
CBB CLA VA . 3.24 -9.51 -26.83
NC CLA VA . 8.26 -6.47 -25.29
C1C CLA VA . 7.13 -6.27 -26.00
C2C CLA VA . 6.68 -4.84 -26.08
C3C CLA VA . 7.71 -4.13 -25.31
C4C CLA VA . 8.61 -5.23 -24.88
CMC CLA VA . 5.50 -4.24 -26.76
CAC CLA VA . 7.82 -2.65 -25.03
CBC CLA VA . 7.08 -2.37 -23.76
ND CLA VA . 10.44 -7.22 -24.02
C1D CLA VA . 10.61 -5.89 -23.54
C2D CLA VA . 11.65 -5.68 -22.53
C3D CLA VA . 12.15 -7.08 -22.41
C4D CLA VA . 11.39 -7.87 -23.25
CMD CLA VA . 12.18 -4.51 -21.75
CAD CLA VA . 13.12 -7.96 -21.72
OBD CLA VA . 13.98 -7.60 -20.86
CBD CLA VA . 12.92 -9.33 -22.23
CGD CLA VA . 14.19 -9.86 -22.79
O1D CLA VA . 14.83 -9.21 -23.59
O2D CLA VA . 14.64 -11.16 -22.34
CED CLA VA . 15.79 -11.24 -21.52
C1 CLA VA . 10.36 -10.78 -19.81
C2 CLA VA . 9.03 -10.68 -19.10
C3 CLA VA . 8.40 -9.49 -18.98
C4 CLA VA . 8.99 -8.24 -19.56
C5 CLA VA . 7.08 -9.43 -18.26
C6 CLA VA . 7.03 -10.29 -17.02
C7 CLA VA . 7.87 -9.71 -15.89
C8 CLA VA . 7.53 -8.27 -15.55
C9 CLA VA . 8.79 -7.43 -15.40
C10 CLA VA . 6.68 -8.21 -14.28
C11 CLA VA . 5.20 -8.15 -14.64
C12 CLA VA . 4.31 -8.16 -13.41
C13 CLA VA . 3.31 -9.31 -13.45
C14 CLA VA . 2.55 -9.35 -14.77
C15 CLA VA . 2.34 -9.15 -12.30
C16 CLA VA . 2.56 -10.17 -11.19
C17 CLA VA . 3.40 -9.58 -10.08
C18 CLA VA . 3.31 -10.44 -8.83
C19 CLA VA . 2.05 -10.10 -8.04
C20 CLA VA . 4.55 -10.28 -7.98
MG CLA WA . 16.62 -7.41 -29.58
CHA CLA WA . 18.45 -10.35 -29.74
CHB CLA WA . 15.87 -8.14 -26.39
CHC CLA WA . 15.32 -4.30 -29.32
CHD CLA WA . 18.09 -6.46 -32.83
NA CLA WA . 17.12 -8.93 -28.26
C1A CLA WA . 17.69 -10.07 -28.47
C2A CLA WA . 17.58 -11.08 -27.34
C3A CLA WA . 16.73 -10.35 -26.33
C4A CLA WA . 16.56 -9.06 -27.06
CMA CLA WA . 15.38 -11.05 -26.26
CAA CLA WA . 18.92 -11.42 -26.65
CBA CLA WA . 19.58 -10.27 -25.90
CGA CLA WA . 21.05 -10.23 -26.15
O1A CLA WA . 21.81 -9.88 -25.26
O2A CLA WA . 21.59 -10.59 -27.45
NB CLA WA . 15.67 -6.40 -28.08
C1B CLA WA . 15.56 -6.79 -26.83
C2B CLA WA . 15.14 -5.76 -25.86
C3B CLA WA . 14.97 -4.58 -26.72
C4B CLA WA . 15.32 -5.10 -28.09
CMB CLA WA . 14.93 -5.89 -24.38
CAB CLA WA . 14.54 -3.23 -26.26
CBB CLA WA . 13.85 -2.36 -26.98
NC CLA WA . 16.74 -5.75 -30.81
C1C CLA WA . 16.07 -4.61 -30.55
C2C CLA WA . 16.13 -3.60 -31.63
C3C CLA WA . 16.96 -4.25 -32.66
C4C CLA WA . 17.26 -5.56 -32.04
CMC CLA WA . 15.51 -2.24 -31.70
CAC CLA WA . 17.37 -3.71 -34.01
CBC CLA WA . 18.74 -3.10 -33.85
ND CLA WA . 17.96 -8.09 -30.94
C1D CLA WA . 18.44 -7.74 -32.24
C2D CLA WA . 19.27 -8.75 -32.93
C3D CLA WA . 19.27 -9.82 -31.89
C4D CLA WA . 18.53 -9.35 -30.81
CMD CLA WA . 19.95 -8.77 -34.24
CAD CLA WA . 19.76 -11.17 -31.53
OBD CLA WA . 20.50 -11.92 -32.27
CBD CLA WA . 19.27 -11.52 -30.19
CGD CLA WA . 18.48 -12.78 -30.22
O1D CLA WA . 17.34 -12.81 -30.63
O2D CLA WA . 19.08 -13.99 -29.70
CED CLA WA . 18.28 -15.11 -29.34
C1 CLA WA . 22.73 -9.89 -27.92
C2 CLA WA . 22.58 -9.57 -29.40
C3 CLA WA . 23.29 -10.26 -30.31
C4 CLA WA . 24.23 -11.33 -29.88
C5 CLA WA . 23.17 -9.96 -31.78
C6 CLA WA . 23.66 -8.56 -32.13
C7 CLA WA . 23.90 -8.43 -33.63
C8 CLA WA . 23.43 -7.07 -34.13
C9 CLA WA . 23.47 -6.99 -35.64
C10 CLA WA . 24.31 -6.01 -33.49
C11 CLA WA . 23.80 -4.60 -33.79
C12 CLA WA . 24.55 -3.61 -32.91
C13 CLA WA . 24.63 -2.22 -33.52
C14 CLA WA . 25.41 -1.29 -32.60
C15 CLA WA . 23.23 -1.68 -33.77
C16 CLA WA . 23.28 -0.34 -34.49
C17 CLA WA . 22.85 -0.48 -35.95
C18 CLA WA . 22.63 0.88 -36.58
C19 CLA WA . 22.18 0.73 -38.03
C20 CLA WA . 23.90 1.72 -36.51
MG CLA XA . 9.81 10.42 -27.73
CHA CLA XA . 8.29 13.14 -26.19
CHB CLA XA . 12.69 11.27 -26.20
CHC CLA XA . 11.04 7.39 -28.64
CHD CLA XA . 6.47 9.32 -28.84
NA CLA XA . 10.39 11.89 -26.38
C1A CLA XA . 9.76 12.93 -25.96
C2A CLA XA . 10.59 13.94 -25.19
C3A CLA XA . 11.96 13.32 -25.25
C4A CLA XA . 11.66 12.07 -25.99
CMA CLA XA . 12.72 14.20 -26.23
CAA CLA XA . 10.24 14.05 -23.69
CBA CLA XA . 9.89 12.71 -23.07
CGA CLA XA . 9.68 12.82 -21.59
O1A CLA XA . 10.27 13.64 -20.92
O2A CLA XA . 8.72 11.94 -20.95
NB CLA XA . 11.59 9.47 -27.44
C1B CLA XA . 12.68 9.98 -26.90
C2B CLA XA . 13.89 9.13 -27.02
C3B CLA XA . 13.38 7.95 -27.76
C4B CLA XA . 11.96 8.29 -27.95
CMB CLA XA . 15.25 9.42 -26.52
CAB CLA XA . 14.07 6.72 -28.21
CBB CLA XA . 15.16 6.79 -28.95
NC CLA XA . 8.94 8.77 -28.63
C1C CLA XA . 9.60 7.60 -28.76
C2C CLA XA . 8.76 6.42 -29.02
C3C CLA XA . 7.39 6.97 -29.07
C4C CLA XA . 7.65 8.43 -28.84
CMC CLA XA . 9.21 4.99 -29.19
CAC CLA XA . 6.10 6.26 -29.34
CBC CLA XA . 5.41 6.01 -28.01
ND CLA XA . 7.85 10.97 -27.57
C1D CLA XA . 6.59 10.56 -28.08
C2D CLA XA . 5.45 11.46 -27.82
C3D CLA XA . 6.16 12.52 -27.03
C4D CLA XA . 7.49 12.14 -26.94
CMD CLA XA . 4.00 11.44 -28.15
CAD CLA XA . 6.01 13.80 -26.30
OBD CLA XA . 4.93 14.46 -26.15
CBD CLA XA . 7.33 14.20 -25.77
CGD CLA XA . 7.64 15.62 -26.12
O1D CLA XA . 6.95 16.53 -25.71
O2D CLA XA . 8.78 15.97 -26.94
CED CLA XA . 9.23 17.32 -26.96
C1 CLA XA . 8.90 11.52 -19.61
C2 CLA XA . 8.83 10.02 -19.56
C3 CLA XA . 7.74 9.37 -19.12
C4 CLA XA . 6.53 10.12 -18.65
C5 CLA XA . 7.76 7.86 -19.11
C6 CLA XA . 6.40 7.21 -18.90
C7 CLA XA . 5.95 6.61 -20.23
C8 CLA XA . 4.99 5.43 -20.05
C9 CLA XA . 3.80 5.79 -19.19
C10 CLA XA . 5.76 4.25 -19.47
C11 CLA XA . 5.49 3.00 -20.29
C12 CLA XA . 5.07 1.80 -19.46
C13 CLA XA . 6.26 0.87 -19.26
C14 CLA XA . 6.87 0.43 -20.59
C15 CLA XA . 5.88 -0.38 -18.47
C16 CLA XA . 5.01 -0.11 -17.24
C17 CLA XA . 5.15 -1.33 -16.35
C18 CLA XA . 4.38 -1.25 -15.04
C19 CLA XA . 2.90 -1.36 -15.33
C20 CLA XA . 4.72 0.01 -14.27
MG CLA YA . 4.91 14.95 -54.29
CHA CLA YA . 6.47 17.32 -56.26
CHB CLA YA . 2.33 14.96 -56.47
CHC CLA YA . 3.68 12.24 -52.66
CHD CLA YA . 8.01 14.65 -52.34
NA CLA YA . 4.49 15.91 -56.08
C1A CLA YA . 5.09 16.88 -56.68
C2A CLA YA . 4.35 17.53 -57.82
C3A CLA YA . 3.04 16.77 -57.82
C4A CLA YA . 3.31 15.82 -56.71
CMA CLA YA . 1.95 17.71 -57.37
CAA CLA YA . 4.97 17.34 -59.22
CBA CLA YA . 5.10 15.88 -59.66
CGA CLA YA . 5.68 15.79 -61.05
O1A CLA YA . 5.27 16.52 -61.93
O2A CLA YA . 6.72 14.83 -61.32
NB CLA YA . 3.24 13.79 -54.54
C1B CLA YA . 2.30 13.92 -55.46
C2B CLA YA . 1.20 12.93 -55.40
C3B CLA YA . 1.61 12.11 -54.24
C4B CLA YA . 2.89 12.73 -53.80
CMB CLA YA . 0.00 12.80 -56.28
CAB CLA YA . 0.94 10.93 -53.65
CBB CLA YA . 1.50 9.74 -53.70
NC CLA YA . 5.73 13.66 -52.90
C1C CLA YA . 4.98 12.75 -52.24
C2C CLA YA . 5.56 12.24 -50.97
C3C CLA YA . 6.83 12.96 -50.88
C4C CLA YA . 6.84 13.78 -52.11
CMC CLA YA . 4.98 11.24 -50.01
CAC CLA YA . 7.90 12.86 -49.80
CBC CLA YA . 8.88 11.81 -50.25
ND CLA YA . 6.79 15.67 -54.26
C1D CLA YA . 7.95 15.61 -53.43
C2D CLA YA . 9.03 16.57 -53.76
C3D CLA YA . 8.40 17.26 -54.92
C4D CLA YA . 7.17 16.68 -55.13
CMD CLA YA . 10.38 16.87 -53.21
CAD CLA YA . 8.60 18.31 -55.95
OBD CLA YA . 9.63 19.05 -56.07
CBD CLA YA . 7.39 18.37 -56.79
CGD CLA YA . 6.77 19.72 -56.60
O1D CLA YA . 6.58 20.45 -57.56
O2D CLA YA . 6.36 20.16 -55.30
CED CLA YA . 5.63 21.38 -55.18
C1 CLA YA . 6.80 14.20 -62.60
C2 CLA YA . 6.15 12.84 -62.50
C3 CLA YA . 6.86 11.70 -62.49
C4 CLA YA . 8.36 11.71 -62.58
C5 CLA YA . 6.13 10.38 -62.40
MG CLA ZA . -3.89 12.05 -58.70
CHA CLA ZA . -2.58 15.15 -59.45
CHB CLA ZA . -6.92 13.51 -58.40
CHC CLA ZA . -5.18 8.94 -58.39
CHD CLA ZA . -0.64 10.56 -59.65
NA CLA ZA . -4.65 13.97 -58.93
C1A CLA ZA . -4.06 15.09 -59.15
C2A CLA ZA . -4.91 16.34 -59.07
C3A CLA ZA . -6.26 15.76 -58.71
C4A CLA ZA . -5.91 14.31 -58.66
CMA CLA ZA . -6.67 16.20 -57.31
CAA CLA ZA . -5.07 17.06 -60.42
CBA CLA ZA . -5.57 16.13 -61.52
CGA CLA ZA . -5.29 16.63 -62.91
O1A CLA ZA . -5.37 17.81 -63.20
O2A CLA ZA . -4.93 15.63 -63.89
NB CLA ZA . -5.78 11.32 -58.45
C1B CLA ZA . -6.89 12.05 -58.30
C2B CLA ZA . -8.12 11.29 -58.00
C3B CLA ZA . -7.62 9.90 -57.99
C4B CLA ZA . -6.15 10.05 -58.29
CMB CLA ZA . -9.49 11.84 -57.77
CAB CLA ZA . -8.43 8.68 -57.74
CBB CLA ZA . -8.27 7.53 -58.38
NC CLA ZA . -3.09 10.18 -59.02
C1C CLA ZA . -3.76 9.05 -58.74
C2C CLA ZA . -2.93 7.82 -58.77
C3C CLA ZA . -1.60 8.30 -59.14
C4C CLA ZA . -1.82 9.76 -59.28
CMC CLA ZA . -3.35 6.40 -58.49
CAC CLA ZA . -0.32 7.53 -59.35
CBC CLA ZA . 0.43 7.56 -58.03
ND CLA ZA . -2.08 12.58 -59.44
C1D CLA ZA . -0.78 12.01 -59.67
C2D CLA ZA . 0.32 12.97 -59.92
C3D CLA ZA . -0.45 14.22 -59.82
C4D CLA ZA . -1.76 13.92 -59.55
CMD CLA ZA . 1.79 12.90 -60.21
CAD CLA ZA . -0.33 15.68 -59.90
OBD CLA ZA . 0.76 16.28 -60.14
CBD CLA ZA . -1.65 16.30 -59.67
CGD CLA ZA . -1.57 17.16 -58.44
O1D CLA ZA . -1.66 16.67 -57.32
O2D CLA ZA . -1.41 18.60 -58.57
CED CLA ZA . -1.43 19.41 -57.42
C1 CLA ZA . -5.02 15.88 -65.29
C2 CLA ZA . -5.81 14.75 -65.92
C3 CLA ZA . -5.23 13.70 -66.51
C4 CLA ZA . -3.73 13.56 -66.53
C5 CLA ZA . -6.10 12.63 -67.13
C6 CLA ZA . -5.34 11.41 -67.63
C7 CLA ZA . -5.82 10.12 -66.96
C8 CLA ZA . -5.30 8.89 -67.69
C9 CLA ZA . -5.64 8.95 -69.17
C10 CLA ZA . -5.91 7.66 -67.02
C11 CLA ZA . -4.93 6.51 -66.85
C12 CLA ZA . -5.04 5.51 -68.00
C13 CLA ZA . -5.03 4.05 -67.53
C14 CLA ZA . -6.01 3.82 -66.41
C15 CLA ZA . -3.62 3.62 -67.14
C16 CLA ZA . -3.47 2.11 -67.34
C17 CLA ZA . -2.03 1.64 -67.17
C18 CLA ZA . -1.89 0.18 -67.56
C19 CLA ZA . -2.78 -0.71 -66.70
C20 CLA ZA . -0.44 -0.27 -67.49
MG CLA AB . -12.95 -2.10 -57.25
CHA CLA AB . -13.02 1.20 -56.21
CHB CLA AB . -15.89 -2.58 -55.67
CHC CLA AB . -13.09 -5.14 -58.73
CHD CLA AB . -10.10 -1.22 -59.45
NA CLA AB . -14.27 -0.91 -56.20
C1A CLA AB . -14.14 0.30 -55.76
C2A CLA AB . -15.17 0.76 -54.77
C3A CLA AB . -16.01 -0.48 -54.58
C4A CLA AB . -15.34 -1.38 -55.56
CMA CLA AB . -15.64 -1.02 -53.23
CAA CLA AB . -16.16 1.75 -55.37
CBA CLA AB . -16.12 3.09 -54.66
CGA CLA AB . -17.35 3.19 -53.82
O1A CLA AB . -18.45 3.09 -54.34
O2A CLA AB . -17.23 3.41 -52.40
NB CLA AB . -14.28 -3.63 -57.17
C1B CLA AB . -15.45 -3.67 -56.54
C2B CLA AB . -16.30 -4.87 -56.79
C3B CLA AB . -15.44 -5.62 -57.72
C4B CLA AB . -14.24 -4.76 -57.88
CMB CLA AB . -17.65 -5.22 -56.26
CAB CLA AB . -15.68 -6.93 -58.37
CBB CLA AB . -15.83 -6.99 -59.68
NC CLA AB . -11.86 -2.94 -58.79
C1C CLA AB . -12.03 -4.23 -59.17
C2C CLA AB . -11.01 -4.75 -60.09
C3C CLA AB . -10.12 -3.59 -60.30
C4C CLA AB . -10.75 -2.54 -59.46
CMC CLA AB . -10.91 -6.13 -60.68
CAC CLA AB . -8.89 -3.48 -61.16
CBC CLA AB . -7.75 -3.93 -60.28
ND CLA AB . -11.83 -0.48 -57.82
C1D CLA AB . -10.66 -0.18 -58.59
C2D CLA AB . -10.12 1.19 -58.43
C3D CLA AB . -11.10 1.73 -57.47
C4D CLA AB . -12.03 0.74 -57.20
CMD CLA AB . -8.96 1.98 -58.99
CAD CLA AB . -11.48 2.94 -56.68
OBD CLA AB . -10.87 4.06 -56.69
CBD CLA AB . -12.69 2.62 -55.89
CGD CLA AB . -12.39 2.84 -54.44
O1D CLA AB . -12.13 1.92 -53.69
O2D CLA AB . -12.43 4.19 -53.93
CED CLA AB . -11.88 4.49 -52.66
C1 CLA AB . -18.27 4.13 -51.74
C2 CLA AB . -17.69 5.28 -50.96
C3 CLA AB . -18.07 5.51 -49.69
C4 CLA AB . -17.49 6.65 -48.93
C5 CLA AB . -19.09 4.59 -49.04
C6 CLA AB . -19.91 5.25 -47.94
C7 CLA AB . -21.25 5.70 -48.51
C8 CLA AB . -22.42 5.19 -47.68
C9 CLA AB . -22.43 3.67 -47.56
C10 CLA AB . -23.70 5.71 -48.32
C11 CLA AB . -23.78 7.21 -48.12
C12 CLA AB . -24.89 7.87 -48.93
C13 CLA AB . -25.30 9.18 -48.28
C14 CLA AB . -24.11 10.14 -48.14
C15 CLA AB . -25.91 8.86 -46.92
C16 CLA AB . -26.36 10.09 -46.15
C17 CLA AB . -27.66 10.66 -46.72
C18 CLA AB . -28.10 11.90 -45.96
C19 CLA AB . -28.21 11.63 -44.46
C20 CLA AB . -29.42 12.43 -46.51
MG CLA BB . -18.94 -9.39 -53.30
CHA CLA BB . -20.89 -10.97 -55.66
CHB CLA BB . -16.53 -9.03 -55.67
CHC CLA BB . -17.41 -7.16 -51.26
CHD CLA BB . -21.83 -9.46 -51.00
NA CLA BB . -18.74 -9.85 -55.31
C1A CLA BB . -19.52 -10.52 -56.09
C2A CLA BB . -18.97 -10.82 -57.47
C3A CLA BB . -17.59 -10.24 -57.39
C4A CLA BB . -17.63 -9.67 -56.02
CMA CLA BB . -16.55 -11.35 -57.43
CAA CLA BB . -19.65 -9.99 -58.56
CBA CLA BB . -20.15 -8.61 -58.13
CGA CLA BB . -20.55 -7.78 -59.31
O1A CLA BB . -21.02 -8.31 -60.31
O2A CLA BB . -20.36 -6.34 -59.28
NB CLA BB . -17.24 -8.27 -53.45
C1B CLA BB . -16.32 -8.31 -54.41
C2B CLA BB . -15.10 -7.50 -54.19
C3B CLA BB . -15.38 -6.94 -52.85
C4B CLA BB . -16.73 -7.47 -52.52
CMB CLA BB . -13.89 -7.31 -55.06
CAB CLA BB . -14.55 -6.03 -52.05
CBB CLA BB . -14.98 -4.80 -51.87
NC CLA BB . -19.54 -8.47 -51.55
C1C CLA BB . -18.72 -7.68 -50.85
C2C CLA BB . -19.21 -7.30 -49.50
C3C CLA BB . -20.52 -7.99 -49.41
C4C CLA BB . -20.61 -8.67 -50.73
CMC CLA BB . -18.49 -6.43 -48.51
CAC CLA BB . -21.51 -8.01 -48.28
CBC CLA BB . -22.18 -6.67 -48.25
ND CLA BB . -20.89 -9.97 -53.24
C1D CLA BB . -21.98 -10.06 -52.32
C2D CLA BB . -23.18 -10.79 -52.81
C3D CLA BB . -22.70 -11.17 -54.18
C4D CLA BB . -21.42 -10.65 -54.32
CMD CLA BB . -24.54 -11.18 -52.28
CAD CLA BB . -23.07 -11.83 -55.44
OBD CLA BB . -24.18 -12.44 -55.67
CBD CLA BB . -21.92 -11.76 -56.37
CGD CLA BB . -21.42 -13.18 -56.46
O1D CLA BB . -22.10 -14.05 -56.94
O2D CLA BB . -20.10 -13.55 -55.99
CED CLA BB . -19.31 -14.45 -56.75
C1 CLA BB . -20.32 -5.61 -60.50
C2 CLA BB . -18.92 -5.07 -60.66
C3 CLA BB . -18.65 -3.78 -60.91
C4 CLA BB . -19.75 -2.77 -61.08
C5 CLA BB . -17.21 -3.38 -61.06
C6 CLA BB . -16.90 -1.94 -60.69
C7 CLA BB . -15.43 -1.76 -60.30
C8 CLA BB . -14.57 -1.34 -61.48
C9 CLA BB . -13.79 -2.51 -62.05
C10 CLA BB . -13.60 -0.24 -61.05
C11 CLA BB . -12.79 0.25 -62.25
C12 CLA BB . -11.72 1.25 -61.87
C13 CLA BB . -10.77 1.45 -63.04
C14 CLA BB . -9.51 0.60 -62.88
C15 CLA BB . -10.42 2.93 -63.15
C16 CLA BB . -9.87 3.27 -64.54
C17 CLA BB . -9.86 4.79 -64.74
C18 CLA BB . -9.66 5.14 -66.21
C19 CLA BB . -9.52 6.65 -66.38
C20 CLA BB . -10.80 4.61 -67.08
MG CLA CB . 16.08 -11.44 -54.76
CHA CLA CB . 19.14 -13.05 -54.52
CHB CLA CB . 16.22 -10.83 -51.44
CHC CLA CB . 13.30 -9.56 -55.14
CHD CLA CB . 16.33 -11.74 -58.45
NA CLA CB . 17.45 -11.83 -53.25
C1A CLA CB . 18.56 -12.47 -53.26
C2A CLA CB . 19.25 -12.65 -51.93
C3A CLA CB . 18.26 -12.00 -51.00
C4A CLA CB . 17.24 -11.52 -51.97
CMA CLA CB . 17.59 -13.13 -50.25
CAA CLA CB . 20.54 -11.82 -51.80
CBA CLA CB . 20.44 -10.41 -52.39
CGA CLA CB . 21.59 -9.50 -52.04
O1A CLA CB . 22.72 -9.94 -51.94
O2A CLA CB . 21.38 -8.08 -51.85
NB CLA CB . 14.95 -10.35 -53.46
C1B CLA CB . 15.08 -10.26 -52.14
C2B CLA CB . 14.00 -9.52 -51.45
C3B CLA CB . 13.14 -9.14 -52.59
C4B CLA CB . 13.81 -9.71 -53.77
CMB CLA CB . 13.83 -9.22 -49.99
CAB CLA CB . 11.87 -8.38 -52.57
CBB CLA CB . 10.75 -8.95 -52.94
NC CLA CB . 15.05 -10.83 -56.44
C1C CLA CB . 13.97 -10.02 -56.37
C2C CLA CB . 13.45 -9.54 -57.66
C3C CLA CB . 14.34 -10.19 -58.64
C4C CLA CB . 15.28 -10.96 -57.77
CMC CLA CB . 12.28 -8.63 -57.91
CAC CLA CB . 14.32 -10.09 -60.14
CBC CLA CB . 15.15 -8.87 -60.46
ND CLA CB . 17.36 -12.10 -56.19
C1D CLA CB . 17.36 -12.35 -57.60
C2D CLA CB . 18.46 -13.21 -58.10
C3D CLA CB . 19.16 -13.50 -56.83
C4D CLA CB . 18.47 -12.84 -55.82
CMD CLA CB . 18.87 -13.75 -59.45
CAD CLA CB . 20.31 -14.20 -56.20
OBD CLA CB . 21.16 -14.93 -56.82
CBD CLA CB . 20.30 -13.95 -54.74
CGD CLA CB . 20.14 -15.27 -54.06
O1D CLA CB . 19.05 -15.79 -53.90
O2D CLA CB . 21.33 -15.95 -53.57
CED CLA CB . 21.33 -17.36 -53.39
C1 CLA CB . 22.40 -7.21 -51.35
C2 CLA CB . 22.38 -7.11 -49.85
C3 CLA CB . 21.72 -6.12 -49.21
C4 CLA CB . 20.96 -5.07 -49.99
C5 CLA CB . 21.73 -6.05 -47.71
MG CLA DB . 24.99 -13.42 -59.39
CHA CLA DB . 27.92 -14.31 -57.76
CHB CLA DB . 23.82 -12.27 -56.44
CHC CLA DB . 22.36 -12.09 -61.09
CHD CLA DB . 26.57 -14.34 -62.59
NA CLA DB . 25.74 -13.27 -57.46
C1A CLA DB . 26.82 -13.71 -56.93
C2A CLA DB . 26.90 -13.58 -55.42
C3A CLA DB . 25.57 -12.97 -55.05
C4A CLA DB . 25.01 -12.84 -56.42
CMA CLA DB . 24.74 -13.97 -54.27
CAA CLA DB . 28.00 -12.63 -54.92
CBA CLA DB . 27.74 -11.12 -55.07
CGA CLA DB . 28.86 -10.47 -55.82
O1A CLA DB . 29.11 -10.78 -56.97
O2A CLA DB . 29.65 -9.44 -55.17
NB CLA DB . 23.34 -12.36 -58.85
C1B CLA DB . 23.02 -11.98 -57.63
C2B CLA DB . 21.80 -11.17 -57.50
C3B CLA DB . 21.33 -11.10 -58.89
C4B CLA DB . 22.38 -11.87 -59.64
CMB CLA DB . 21.24 -10.62 -56.23
CAB CLA DB . 20.13 -10.40 -59.41
CBB CLA DB . 20.23 -9.46 -60.32
NC CLA DB . 24.63 -13.16 -61.41
C1C CLA DB . 23.41 -12.77 -61.86
C2C CLA DB . 23.13 -13.09 -63.27
C3C CLA DB . 24.38 -13.76 -63.71
C4C CLA DB . 25.22 -13.73 -62.49
CMC CLA DB . 21.89 -12.80 -64.07
CAC CLA DB . 24.71 -14.32 -65.07
CBC CLA DB . 25.32 -13.18 -65.85
ND CLA DB . 26.76 -14.10 -60.11
C1D CLA DB . 27.35 -14.52 -61.35
C2D CLA DB . 28.70 -15.09 -61.27
C3D CLA DB . 28.93 -15.00 -59.80
C4D CLA DB . 27.80 -14.42 -59.23
CMD CLA DB . 29.72 -15.66 -62.23
CAD CLA DB . 29.88 -15.27 -58.70
OBD CLA DB . 31.05 -15.79 -58.84
CBD CLA DB . 29.28 -14.85 -57.41
CGD CLA DB . 29.22 -16.04 -56.51
O1D CLA DB . 29.28 -17.17 -56.95
O2D CLA DB . 29.14 -15.88 -55.06
CED CLA DB . 28.43 -16.84 -54.29
MG CLA EB . 5.38 -11.39 -46.69
CHA CLA EB . 7.20 -12.47 -49.44
CHB CLA EB . 5.76 -8.23 -47.82
CHC CLA EB . 4.21 -10.33 -43.72
CHD CLA EB . 5.64 -14.82 -45.31
NA CLA EB . 6.35 -10.50 -48.30
C1A CLA EB . 6.88 -11.01 -49.35
C2A CLA EB . 7.24 -10.05 -50.46
C3A CLA EB . 6.79 -8.73 -49.89
C4A CLA EB . 6.26 -9.20 -48.58
CMA CLA EB . 8.00 -7.84 -49.58
CAA CLA EB . 6.49 -10.21 -51.80
CBA CLA EB . 7.28 -9.42 -52.84
CGA CLA EB . 6.71 -9.39 -54.23
O1A CLA EB . 5.95 -10.26 -54.61
O2A CLA EB . 7.06 -8.30 -55.12
NB CLA EB . 5.03 -9.55 -45.89
C1B CLA EB . 5.22 -8.37 -46.48
C2B CLA EB . 4.85 -7.19 -45.67
C3B CLA EB . 4.38 -7.82 -44.41
C4B CLA EB . 4.55 -9.29 -44.68
CMB CLA EB . 4.92 -5.73 -46.01
CAB CLA EB . 3.86 -7.15 -43.20
CBB CLA EB . 4.30 -7.44 -42.00
NC CLA EB . 4.97 -12.40 -44.93
C1C CLA EB . 4.59 -11.75 -43.82
C2C CLA EB . 4.56 -12.55 -42.58
C3C CLA EB . 5.00 -13.89 -43.05
C4C CLA EB . 5.20 -13.67 -44.51
CMC CLA EB . 4.19 -12.10 -41.20
CAC CLA EB . 5.17 -15.16 -42.25
CBC CLA EB . 3.78 -15.73 -42.09
ND CLA EB . 6.21 -13.21 -47.14
C1D CLA EB . 6.23 -14.55 -46.63
C2D CLA EB . 6.89 -15.54 -47.51
C3D CLA EB . 7.29 -14.68 -48.64
C4D CLA EB . 6.86 -13.39 -48.35
CMD CLA EB . 7.20 -17.01 -47.48
CAD CLA EB . 7.94 -14.64 -49.96
OBD CLA EB . 8.47 -15.65 -50.57
CBD CLA EB . 7.92 -13.27 -50.49
CGD CLA EB . 9.33 -12.81 -50.63
O1D CLA EB . 9.78 -12.52 -51.72
O2D CLA EB . 10.19 -12.70 -49.47
CED CLA EB . 11.37 -11.92 -49.57
C1 CLA EB . 6.85 -8.40 -56.53
C2 CLA EB . 7.97 -7.75 -57.32
C3 CLA EB . 7.80 -6.58 -57.94
C4 CLA EB . 6.50 -5.84 -57.88
C5 CLA EB . 8.95 -5.97 -58.71
C6 CLA EB . 8.86 -6.25 -60.20
MG CLA FB . -1.00 -5.99 -54.39
CHA CLA FB . 1.33 -8.53 -54.02
CHB CLA FB . 0.61 -4.27 -51.97
CHC CLA FB . -2.77 -3.24 -55.33
CHD CLA FB . -2.36 -7.80 -57.31
NA CLA FB . 0.69 -6.30 -53.23
C1A CLA FB . 1.42 -7.34 -53.08
C2A CLA FB . 2.47 -7.28 -52.00
C3A CLA FB . 2.19 -5.93 -51.36
C4A CLA FB . 1.07 -5.47 -52.25
CMA CLA FB . 1.67 -6.13 -49.94
CAA CLA FB . 3.91 -7.17 -52.57
CBA CLA FB . 4.23 -6.01 -53.53
CGA CLA FB . 3.75 -6.20 -54.95
O1A CLA FB . 4.01 -7.19 -55.59
O2A CLA FB . 2.89 -5.18 -55.53
NB CLA FB . -1.05 -4.05 -53.75
C1B CLA FB . -0.43 -3.54 -52.69
C2B CLA FB . -0.78 -2.15 -52.34
C3B CLA FB . -1.80 -1.84 -53.36
C4B CLA FB . -1.88 -3.08 -54.17
CMB CLA FB . -0.27 -1.27 -51.23
CAB CLA FB . -2.56 -0.57 -53.53
CBB CLA FB . -2.55 0.11 -54.66
NC CLA FB . -2.29 -5.63 -55.96
C1C CLA FB . -2.88 -4.44 -56.18
C2C CLA FB . -3.70 -4.34 -57.41
C3C CLA FB . -3.58 -5.70 -57.99
C4C CLA FB . -2.69 -6.38 -57.01
CMC CLA FB . -4.48 -3.17 -57.93
CAC CLA FB . -4.19 -6.25 -59.25
CBC CLA FB . -3.18 -6.02 -60.35
ND CLA FB . -0.68 -7.68 -55.47
C1D CLA FB . -1.24 -8.39 -56.58
C2D CLA FB . -0.60 -9.69 -56.90
C3D CLA FB . 0.44 -9.73 -55.85
C4D CLA FB . 0.32 -8.57 -55.10
CMD CLA FB . -0.81 -10.79 -57.92
CAD CLA FB . 1.55 -10.52 -55.28
OBD CLA FB . 1.97 -11.65 -55.70
CBD CLA FB . 2.12 -9.80 -54.14
CGD CLA FB . 2.15 -10.63 -52.90
O1D CLA FB . 3.15 -10.67 -52.22
O2D CLA FB . 1.01 -11.40 -52.47
CED CLA FB . 1.14 -12.10 -51.23
C1 CLA FB . 1.81 -5.56 -56.37
C2 CLA FB . 2.12 -5.42 -57.83
C3 CLA FB . 1.58 -4.42 -58.55
C4 CLA FB . 1.90 -4.31 -60.01
C5 CLA FB . 0.64 -3.43 -57.89
C6 CLA FB . -0.09 -2.48 -58.83
C7 CLA FB . 0.50 -1.08 -58.73
C8 CLA FB . -0.40 -0.05 -59.39
C9 CLA FB . 0.35 1.23 -59.67
C10 CLA FB . -1.62 0.20 -58.51
C11 CLA FB . -2.79 0.69 -59.35
C12 CLA FB . -4.03 0.94 -58.50
C13 CLA FB . -5.22 1.39 -59.35
C14 CLA FB . -5.53 0.35 -60.43
C15 CLA FB . -4.97 2.81 -59.86
C16 CLA FB . -5.18 3.03 -61.37
C17 CLA FB . -6.42 3.89 -61.65
C18 CLA FB . -6.24 5.35 -61.27
C19 CLA FB . -7.42 6.17 -61.77
C20 CLA FB . -4.96 5.95 -61.85
MG CLA GB . 2.22 3.16 -51.00
CHA CLA GB . 3.93 0.18 -50.69
CHB CLA GB . 4.05 4.39 -48.45
CHC CLA GB . 0.94 6.23 -51.70
CHD CLA GB . 0.87 1.92 -54.22
NA CLA GB . 3.77 2.45 -49.81
C1A CLA GB . 4.24 1.26 -49.68
C2A CLA GB . 5.11 1.01 -48.47
C3A CLA GB . 5.09 2.38 -47.80
C4A CLA GB . 4.25 3.12 -48.76
CMA CLA GB . 4.33 2.30 -46.49
CAA CLA GB . 6.57 0.64 -48.74
CBA CLA GB . 7.32 1.59 -49.66
CGA CLA GB . 8.74 1.09 -49.75
O1A CLA GB . 8.93 -0.10 -49.92
O2A CLA GB . 9.86 2.00 -49.60
NB CLA GB . 2.43 5.02 -50.16
C1B CLA GB . 3.27 5.37 -49.20
C2B CLA GB . 3.41 6.82 -48.94
C3B CLA GB . 2.47 7.38 -49.93
C4B CLA GB . 1.92 6.17 -50.62
CMB CLA GB . 4.28 7.54 -47.95
CAB CLA GB . 2.18 8.83 -50.15
CBB CLA GB . 0.98 9.34 -50.32
NC CLA GB . 1.18 3.90 -52.63
C1C CLA GB . 0.70 5.15 -52.69
C2C CLA GB . -0.16 5.45 -53.86
C3C CLA GB . -0.17 4.18 -54.59
C4C CLA GB . 0.68 3.31 -53.74
CMC CLA GB . -0.85 6.74 -54.23
CAC CLA GB . -0.88 3.84 -55.88
CBC CLA GB . 0.11 4.00 -57.01
ND CLA GB . 2.35 1.56 -52.24
C1D CLA GB . 1.74 1.05 -53.44
C2D CLA GB . 2.02 -0.36 -53.78
C3D CLA GB . 2.92 -0.68 -52.64
C4D CLA GB . 3.06 0.45 -51.85
CMD CLA GB . 1.65 -1.34 -54.85
CAD CLA GB . 3.74 -1.75 -52.04
OBD CLA GB . 3.85 -2.94 -52.50
CBD CLA GB . 4.36 -1.25 -50.80
CGD CLA GB . 3.70 -2.03 -49.70
O1D CLA GB . 2.63 -2.58 -49.89
O2D CLA GB . 4.29 -2.14 -48.38
CED CLA GB . 3.44 -2.50 -47.29
C1 CLA GB . 11.19 1.63 -49.98
C2 CLA GB . 11.27 1.39 -51.47
C3 CLA GB . 11.76 0.24 -51.98
C4 CLA GB . 12.25 -0.86 -51.11
C5 CLA GB . 11.81 0.08 -53.49
C6 CLA GB . 12.72 1.10 -54.16
C7 CLA GB . 13.88 0.41 -54.86
C8 CLA GB . 14.62 1.37 -55.79
C9 CLA GB . 15.39 0.59 -56.86
C10 CLA GB . 15.54 2.27 -54.97
C11 CLA GB . 16.34 3.22 -55.86
C12 CLA GB . 17.06 4.28 -55.05
C13 CLA GB . 18.49 4.56 -55.54
C14 CLA GB . 18.58 4.67 -57.06
C15 CLA GB . 19.45 3.49 -55.02
C16 CLA GB . 19.42 3.39 -53.49
C17 CLA GB . 19.90 2.02 -53.03
C18 CLA GB . 20.29 2.07 -51.56
C19 CLA GB . 21.65 2.74 -51.40
C20 CLA GB . 20.29 0.69 -50.93
MG CLA HB . -10.09 10.22 0.82
CHA CLA HB . -13.37 9.30 0.13
CHB CLA HB . -10.86 10.17 4.11
CHC CLA HB . -6.76 10.31 1.47
CHD CLA HB . -9.32 9.68 -2.75
NA CLA HB . -11.77 9.75 1.93
C1A CLA HB . -12.98 9.52 1.57
C2A CLA HB . -14.00 9.46 2.68
C3A CLA HB . -13.17 9.80 3.90
C4A CLA HB . -11.84 9.92 3.25
CMA CLA HB . -13.55 11.21 4.31
CAA CLA HB . -14.52 8.02 2.91
CBA CLA HB . -13.52 6.96 3.39
CGA CLA HB . -12.93 6.28 2.19
O1A CLA HB . -13.64 5.66 1.44
O2A CLA HB . -11.52 6.38 1.83
NB CLA HB . -8.98 10.26 2.53
C1B CLA HB . -9.44 10.27 3.78
C2B CLA HB . -8.43 10.26 4.85
C3B CLA HB . -7.18 10.30 4.08
C4B CLA HB . -7.65 10.30 2.65
CMB CLA HB . -8.62 10.25 6.35
CAB CLA HB . -5.83 10.32 4.70
CBB CLA HB . -4.75 10.86 4.18
NC CLA HB . -8.43 10.09 -0.40
C1C CLA HB . -7.17 10.05 0.08
C2C CLA HB . -6.12 9.70 -0.91
C3C CLA HB . -6.89 9.53 -2.16
C4C CLA HB . -8.29 9.78 -1.72
CMC CLA HB . -4.64 9.57 -0.70
CAC CLA HB . -6.42 9.14 -3.53
CBC CLA HB . -5.70 10.30 -4.15
ND CLA HB . -11.00 9.60 -0.91
C1D CLA HB . -10.70 9.49 -2.31
C2D CLA HB . -11.85 9.19 -3.20
C3D CLA HB . -12.93 9.12 -2.17
C4D CLA HB . -12.36 9.33 -0.93
CMD CLA HB . -12.05 9.00 -4.67
CAD CLA HB . -14.39 8.89 -1.98
OBD CLA HB . -15.25 8.64 -2.88
CBD CLA HB . -14.68 8.98 -0.53
CGD CLA HB . -15.77 9.97 -0.25
O1D CLA HB . -15.74 11.11 -0.67
O2D CLA HB . -16.88 9.53 0.58
CED CLA HB . -17.51 10.43 1.49
C1 CLA HB . -11.03 5.45 0.87
C2 CLA HB . -9.55 5.68 0.62
C3 CLA HB . -9.08 5.99 -0.59
C4 CLA HB . -9.99 6.08 -1.77
C5 CLA HB . -7.60 6.21 -0.80
C6 CLA HB . -6.79 6.25 0.49
C7 CLA HB . -5.33 5.94 0.18
C8 CLA HB . -4.46 5.77 1.43
C9 CLA HB . -4.65 4.36 2.00
C10 CLA HB . -4.71 6.85 2.46
C11 CLA HB . -3.59 7.88 2.36
C12 CLA HB . -2.52 7.68 3.42
C13 CLA HB . -1.73 8.96 3.64
C14 CLA HB . -0.90 9.29 2.40
C15 CLA HB . -0.85 8.80 4.87
C16 CLA HB . 0.11 9.95 5.11
C17 CLA HB . 0.44 10.03 6.59
C18 CLA HB . 1.91 10.33 6.85
C19 CLA HB . 2.13 10.65 8.33
C20 CLA HB . 2.45 11.46 5.97
MG CLA IB . -2.22 3.06 -14.67
CHA CLA IB . 0.02 5.43 -15.85
CHB CLA IB . -0.07 0.66 -15.63
CHC CLA IB . -4.16 0.85 -12.99
CHD CLA IB . -4.16 5.83 -13.18
NA CLA IB . -0.33 3.03 -15.53
C1A CLA IB . 0.38 3.98 -16.04
C2A CLA IB . 1.63 3.56 -16.79
C3A CLA IB . 1.53 2.05 -16.72
C4A CLA IB . 0.29 1.91 -15.91
CMA CLA IB . 1.25 1.53 -18.11
CAA CLA IB . 2.95 3.93 -16.09
CBA CLA IB . 3.18 3.39 -14.68
CGA CLA IB . 2.65 4.34 -13.64
O1A CLA IB . 2.89 5.55 -13.68
O2A CLA IB . 1.81 3.85 -12.58
NB CLA IB . -2.12 1.04 -14.36
C1B CLA IB . -1.22 0.19 -14.85
C2B CLA IB . -1.46 -1.24 -14.53
C3B CLA IB . -2.69 -1.17 -13.73
C4B CLA IB . -3.00 0.29 -13.69
CMB CLA IB . -0.67 -2.47 -14.90
CAB CLA IB . -3.41 -2.34 -13.15
CBB CLA IB . -3.89 -2.37 -11.91
NC CLA IB . -3.86 3.32 -13.43
C1C CLA IB . -4.41 2.29 -12.75
C2C CLA IB . -5.35 2.67 -11.68
C3C CLA IB . -5.34 4.15 -11.74
C4C CLA IB . -4.40 4.41 -12.85
CMC CLA IB . -6.12 1.77 -10.76
CAC CLA IB . -6.10 5.14 -10.92
CBC CLA IB . -7.41 5.39 -11.66
ND CLA IB . -2.16 5.08 -14.46
C1D CLA IB . -2.97 6.15 -13.95
C2D CLA IB . -2.51 7.53 -14.26
C3D CLA IB . -1.29 7.20 -15.04
C4D CLA IB . -1.18 5.83 -15.11
CMD CLA IB . -2.98 8.92 -13.99
CAD CLA IB . -0.15 7.78 -15.77
OBD CLA IB . 0.07 9.04 -15.94
CBD CLA IB . 0.68 6.69 -16.32
CGD CLA IB . 0.50 6.76 -17.81
O1D CLA IB . -0.23 5.98 -18.40
O2D CLA IB . 1.19 7.76 -18.59
CED CLA IB . 0.83 7.94 -19.95
C1 CLA IB . 0.54 4.49 -12.51
C2 CLA IB . 0.02 4.87 -11.15
C3 CLA IB . -0.87 4.09 -10.52
C4 CLA IB . -1.35 2.83 -11.17
C5 CLA IB . -1.38 4.50 -9.17
C6 CLA IB . -2.27 3.46 -8.51
C7 CLA IB . -3.26 4.17 -7.60
C8 CLA IB . -3.38 3.52 -6.22
C9 CLA IB . -3.79 4.60 -5.22
C10 CLA IB . -2.07 2.91 -5.75
C11 CLA IB . -2.32 1.76 -4.80
C12 CLA IB . -0.99 1.23 -4.26
C13 CLA IB . -1.20 0.07 -3.29
C14 CLA IB . -2.24 0.41 -2.23
C15 CLA IB . 0.12 -0.27 -2.63
C16 CLA IB . 0.02 -1.51 -1.74
C17 CLA IB . 1.36 -2.24 -1.68
C18 CLA IB . 1.33 -3.53 -0.84
C19 CLA IB . -0.02 -4.23 -0.83
C20 CLA IB . 1.78 -3.22 0.58
MG CLA JB . -16.52 11.72 -53.57
CHA CLA JB . -13.23 10.68 -53.37
CHB CLA JB . -16.11 12.14 -56.89
CHC CLA JB . -19.88 12.09 -53.79
CHD CLA JB . -16.88 10.92 -49.98
NA CLA JB . -14.97 11.42 -54.92
C1A CLA JB . -13.74 11.11 -54.72
C2A CLA JB . -12.84 11.17 -55.94
C3A CLA JB . -13.79 11.66 -57.01
C4A CLA JB . -15.04 11.74 -56.22
CMA CLA JB . -13.35 13.06 -57.40
CAA CLA JB . -12.27 9.84 -56.48
CBA CLA JB . -13.27 8.74 -56.75
CGA CLA JB . -13.41 7.87 -55.53
O1A CLA JB . -12.54 7.06 -55.24
O2A CLA JB . -14.58 7.96 -54.69
NB CLA JB . -17.81 12.03 -55.13
C1B CLA JB . -17.48 12.30 -56.39
C2B CLA JB . -18.61 12.72 -57.25
C3B CLA JB . -19.74 12.71 -56.30
C4B CLA JB . -19.12 12.26 -55.03
CMB CLA JB . -18.60 13.09 -58.72
CAB CLA JB . -21.16 13.03 -56.55
CBB CLA JB . -22.11 12.12 -56.41
NC CLA JB . -18.03 11.52 -52.18
C1C CLA JB . -19.32 11.75 -52.48
C2C CLA JB . -20.25 11.62 -51.33
C3C CLA JB . -19.36 11.28 -50.20
C4C CLA JB . -18.03 11.25 -50.86
CMC CLA JB . -21.73 11.79 -51.27
CAC CLA JB . -19.72 11.01 -48.77
CBC CLA JB . -20.01 9.53 -48.71
ND CLA JB . -15.44 10.98 -52.02
C1D CLA JB . -15.59 10.71 -50.63
C2D CLA JB . -14.38 10.23 -49.93
C3D CLA JB . -13.42 10.21 -51.06
C4D CLA JB . -14.11 10.63 -52.20
CMD CLA JB . -14.06 9.82 -48.52
CAD CLA JB . -12.03 9.92 -51.48
OBD CLA JB . -11.09 9.50 -50.72
CBD CLA JB . -11.88 10.20 -52.92
CGD CLA JB . -10.85 11.28 -53.09
O1D CLA JB . -11.11 12.45 -52.83
O2D CLA JB . -9.55 10.92 -53.60
CED CLA JB . -8.48 11.86 -53.63
C1 CLA JB . -15.45 6.83 -54.59
C2 CLA JB . -16.48 6.92 -55.69
C3 CLA JB . -17.56 7.71 -55.63
C4 CLA JB . -17.79 8.57 -54.41
C5 CLA JB . -18.52 7.74 -56.78
C6 CLA JB . -19.57 8.84 -56.70
C7 CLA JB . -20.97 8.27 -56.43
C8 CLA JB . -21.54 7.53 -57.63
C9 CLA JB . -22.57 8.40 -58.33
C10 CLA JB . -22.16 6.21 -57.18
C11 CLA JB . -21.08 5.15 -56.97
C12 CLA JB . -21.53 3.73 -57.29
C13 CLA JB . -22.22 3.58 -58.64
C14 CLA JB . -22.90 2.21 -58.72
C15 CLA JB . -21.21 3.86 -59.77
C16 CLA JB . -21.46 3.08 -61.06
C17 CLA JB . -21.22 3.97 -62.29
C18 CLA JB . -19.83 3.91 -62.89
C19 CLA JB . -19.94 4.18 -64.39
C20 CLA JB . -19.08 2.61 -62.63
C1 PQN KB . -10.66 9.47 -16.55
O1 PQN KB . -11.15 8.51 -17.16
C2 PQN KB . -10.47 9.36 -15.09
C2M PQN KB . -10.88 8.09 -14.41
C3 PQN KB . -9.88 10.50 -14.33
C4 PQN KB . -9.48 11.74 -15.05
O4 PQN KB . -8.99 12.69 -14.42
C5 PQN KB . -9.67 11.84 -16.52
C6 PQN KB . -9.31 12.98 -17.21
C7 PQN KB . -9.50 13.04 -18.58
C8 PQN KB . -10.05 11.98 -19.29
C9 PQN KB . -10.43 10.81 -18.64
C10 PQN KB . -10.25 10.71 -17.27
C11 PQN KB . -9.69 10.40 -12.84
C12 PQN KB . -8.33 9.83 -12.55
C13 PQN KB . -7.46 10.44 -11.74
C14 PQN KB . -7.79 11.76 -11.12
C15 PQN KB . -6.11 9.80 -11.50
C16 PQN KB . -6.00 9.26 -10.09
C17 PQN KB . -4.64 8.61 -9.88
C18 PQN KB . -4.37 8.28 -8.42
C19 PQN KB . -5.35 7.25 -7.90
C20 PQN KB . -4.44 9.56 -7.60
C21 PQN KB . -3.08 9.90 -7.00
C22 PQN KB . -2.67 8.95 -5.88
C23 PQN KB . -1.56 9.58 -5.07
C24 PQN KB . -0.21 8.98 -5.43
C25 PQN KB . -1.90 9.52 -3.58
C26 PQN KB . -1.18 8.43 -2.78
C27 PQN KB . -1.97 7.14 -2.70
C28 PQN KB . -1.21 6.09 -1.90
C29 PQN KB . -2.03 4.81 -1.76
C30 PQN KB . 0.15 5.80 -2.52
MG CLA LB . 16.66 13.80 -62.43
CHA CLA LB . 15.65 14.59 -65.65
CHB CLA LB . 14.36 11.33 -62.39
CHC CLA LB . 17.93 12.87 -59.47
CHD CLA LB . 19.59 16.02 -62.94
NA CLA LB . 15.29 13.04 -63.79
C1A CLA LB . 14.91 13.48 -64.94
C2A CLA LB . 13.68 12.83 -65.53
C3A CLA LB . 13.31 11.83 -64.46
C4A CLA LB . 14.40 12.10 -63.48
CMA CLA LB . 11.97 12.18 -63.83
CAA CLA LB . 13.95 12.00 -66.79
CBA CLA LB . 15.26 11.24 -66.77
CGA CLA LB . 16.08 11.62 -67.98
O1A CLA LB . 15.69 12.49 -68.74
O2A CLA LB . 17.33 10.93 -68.27
NB CLA LB . 16.18 12.33 -61.09
C1B CLA LB . 15.29 11.36 -61.27
C2B CLA LB . 15.32 10.27 -60.26
C3B CLA LB . 16.41 10.72 -59.36
C4B CLA LB . 16.86 12.01 -59.99
CMB CLA LB . 14.49 9.02 -60.16
CAB CLA LB . 16.90 10.02 -58.14
CBB CLA LB . 18.14 9.99 -57.72
NC CLA LB . 18.35 14.40 -61.42
C1C CLA LB . 18.72 13.79 -60.28
C2C CLA LB . 20.10 14.10 -59.83
C3C CLA LB . 20.60 15.04 -60.86
C4C CLA LB . 19.43 15.15 -61.77
CMC CLA LB . 20.77 13.56 -58.61
CAC CLA LB . 21.95 15.71 -60.99
CBC CLA LB . 22.10 16.75 -59.92
ND CLA LB . 17.53 14.95 -63.88
C1D CLA LB . 18.59 15.92 -64.00
C2D CLA LB . 18.56 16.76 -65.22
C3D CLA LB . 17.36 16.20 -65.88
C4D CLA LB . 16.86 15.20 -65.05
CMD CLA LB . 19.39 17.86 -65.81
CAD CLA LB . 16.49 16.28 -67.08
OBD CLA LB . 16.64 17.10 -68.06
CBD CLA LB . 15.39 15.29 -66.95
CGD CLA LB . 14.12 16.07 -66.92
O1D CLA LB . 13.07 15.58 -67.32
O2D CLA LB . 14.11 17.44 -66.45
CED CLA LB . 13.06 18.31 -66.85
C1 CLA LB . 18.58 11.48 -67.87
C2 CLA LB . 18.83 12.83 -68.49
C3 CLA LB . 19.86 13.06 -69.32
C4 CLA LB . 20.83 11.98 -69.69
C5 CLA LB . 20.03 14.45 -69.91
C6 CLA LB . 18.70 15.07 -70.34
C7 CLA LB . 18.63 15.17 -71.85
O1 LHG MB . 4.20 22.20 -18.09
C1 LHG MB . 3.05 21.92 -18.90
C2 LHG MB . 2.98 20.43 -19.18
O2 LHG MB . 4.04 20.08 -20.08
C3 LHG MB . 1.64 20.07 -19.82
O3 LHG MB . 1.63 18.66 -19.98
P LHG MB . 0.36 17.89 -20.57
O4 LHG MB . 0.22 18.26 -22.02
O5 LHG MB . -0.80 18.05 -19.62
O6 LHG MB . 0.90 16.39 -20.48
C4 LHG MB . 0.10 15.30 -20.94
C5 LHG MB . 0.94 14.04 -20.86
C6 LHG MB . 1.94 14.06 -22.01
O7 LHG MB . 1.66 14.08 -19.64
C7 LHG MB . 1.54 12.84 -18.90
O9 LHG MB . 0.89 11.91 -19.34
C8 LHG MB . 2.26 12.71 -17.58
C9 LHG MB . 2.63 11.26 -17.38
C10 LHG MB . 3.43 11.11 -16.09
O8 LHG MB . 3.00 13.16 -21.72
C23 LHG MB . 4.27 13.37 -22.38
O10 LHG MB . 4.34 14.23 -23.24
C24 LHG MB . 5.47 12.56 -22.02
C11 LHG MB . 3.63 9.64 -15.78
C12 LHG MB . 4.89 9.46 -14.96
C13 LHG MB . 4.67 8.41 -13.91
C14 LHG MB . 5.98 8.07 -13.21
C15 LHG MB . 6.85 7.13 -14.03
C16 LHG MB . 6.09 5.86 -14.36
C17 LHG MB . 7.00 4.64 -14.38
C18 LHG MB . 7.84 4.63 -15.65
C19 LHG MB . 8.15 3.18 -16.03
C20 LHG MB . 9.24 3.12 -17.09
C21 LHG MB . 9.52 1.67 -17.45
C22 LHG MB . 10.84 1.55 -18.19
C25 LHG MB . 5.86 11.70 -23.21
C26 LHG MB . 5.56 10.23 -22.93
C27 LHG MB . 4.09 9.91 -23.18
C28 LHG MB . 3.71 10.20 -24.63
C29 LHG MB . 2.40 9.53 -24.99
C30 LHG MB . 2.62 8.06 -25.29
C31 LHG MB . 1.79 7.17 -24.37
C32 LHG MB . 1.88 5.71 -24.77
C33 LHG MB . 3.31 5.20 -24.70
C34 LHG MB . 3.35 3.70 -24.94
C35 LHG MB . 2.78 2.94 -23.74
C36 LHG MB . 2.73 1.44 -24.04
C37 LHG MB . 3.18 0.62 -22.84
C38 LHG MB . 3.30 -0.84 -23.20
O1 LHG NB . 18.31 13.85 -56.37
C1 LHG NB . 17.04 14.42 -56.06
C2 LHG NB . 17.05 15.87 -56.50
O2 LHG NB . 15.99 16.56 -55.80
C3 LHG NB . 16.83 15.96 -57.99
O3 LHG NB . 15.68 15.19 -58.33
P LHG NB . 14.85 15.44 -59.69
O4 LHG NB . 15.55 14.76 -60.85
O5 LHG NB . 14.49 16.89 -59.76
O6 LHG NB . 13.52 14.59 -59.32
C4 LHG NB . 12.76 13.97 -60.34
C5 LHG NB . 11.52 13.32 -59.73
C6 LHG NB . 11.78 11.83 -59.57
O7 LHG NB . 11.23 13.89 -58.45
C7 LHG NB . 9.88 14.40 -58.40
O9 LHG NB . 9.44 15.04 -59.34
C8 LHG NB . 9.01 14.14 -57.18
C9 LHG NB . 7.57 14.01 -57.65
C10 LHG NB . 6.86 12.80 -57.05
O8 LHG NB . 10.71 11.27 -58.82
C23 LHG NB . 10.19 9.97 -59.19
O10 LHG NB . 10.61 9.43 -60.19
C24 LHG NB . 9.13 9.30 -58.34
C11 LHG NB . 5.53 12.59 -57.75
C12 LHG NB . 4.59 11.67 -56.98
C13 LHG NB . 4.98 10.20 -57.09
C14 LHG NB . 4.19 9.39 -56.07
C15 LHG NB . 4.29 7.89 -56.31
C16 LHG NB . 3.53 7.13 -55.21
C17 LHG NB . 3.31 5.67 -55.58
C18 LHG NB . 4.44 4.76 -55.10
C19 LHG NB . 4.03 3.30 -55.25
C20 LHG NB . 5.17 2.32 -55.02
C21 LHG NB . 5.78 2.46 -53.63
C22 LHG NB . 6.68 1.27 -53.33
C25 LHG NB . 8.60 8.08 -59.08
C26 LHG NB . 7.59 7.33 -58.22
C27 LHG NB . 6.99 6.16 -59.00
C1 BCR OB . 30.80 -7.64 -21.58
C2 BCR OB . 29.38 -7.34 -21.13
C3 BCR OB . 28.53 -8.58 -21.08
C4 BCR OB . 28.42 -9.13 -22.50
C5 BCR OB . 29.79 -9.38 -23.07
C6 BCR OB . 30.89 -8.70 -22.67
C7 BCR OB . 32.21 -9.00 -23.26
C8 BCR OB . 32.71 -8.46 -24.40
C9 BCR OB . 34.04 -8.83 -24.89
C10 BCR OB . 34.62 -8.11 -25.84
C11 BCR OB . 35.94 -8.44 -26.38
C33 BCR OB . 29.84 -10.45 -24.12
C31 BCR OB . 31.60 -8.18 -20.40
C32 BCR OB . 31.40 -6.30 -21.98
C34 BCR OB . 34.73 -10.03 -24.31
C12 BCR OB . 36.45 -7.64 -27.30
C13 BCR OB . 37.76 -7.86 -27.93
C14 BCR OB . 38.10 -7.09 -28.97
C15 BCR OB . 39.36 -7.18 -29.69
C16 BCR OB . 39.48 -6.42 -30.78
C17 BCR OB . 40.68 -6.39 -31.59
C18 BCR OB . 40.67 -5.79 -32.79
C19 BCR OB . 41.91 -5.78 -33.59
C20 BCR OB . 41.95 -5.26 -34.82
C21 BCR OB . 43.24 -5.31 -35.49
C22 BCR OB . 43.49 -4.74 -36.68
C23 BCR OB . 44.84 -4.87 -37.24
C24 BCR OB . 45.27 -4.15 -38.29
C25 BCR OB . 46.66 -4.24 -38.84
C26 BCR OB . 47.03 -5.23 -39.69
C27 BCR OB . 48.44 -5.30 -40.23
C28 BCR OB . 48.93 -3.89 -40.46
C29 BCR OB . 48.98 -3.21 -39.11
C30 BCR OB . 47.64 -3.15 -38.41
C35 BCR OB . 38.70 -8.90 -27.41
C36 BCR OB . 39.43 -5.12 -33.32
C37 BCR OB . 42.41 -3.98 -37.42
C38 BCR OB . 46.12 -6.32 -40.16
C39 BCR OB . 46.98 -1.82 -38.73
C40 BCR OB . 47.92 -3.20 -36.91
C1 BCR PB . 20.76 -5.38 -27.16
C2 BCR PB . 19.58 -4.47 -26.86
C3 BCR PB . 18.70 -4.34 -28.08
C4 BCR PB . 19.46 -3.66 -29.18
C5 BCR PB . 20.74 -4.39 -29.47
C6 BCR PB . 21.35 -5.18 -28.55
C7 BCR PB . 22.63 -5.90 -28.86
C8 BCR PB . 23.80 -5.26 -28.84
C9 BCR PB . 25.12 -5.85 -29.11
C10 BCR PB . 26.08 -5.00 -29.45
C11 BCR PB . 27.44 -5.43 -29.71
C33 BCR PB . 21.25 -4.16 -30.87
C31 BCR PB . 20.28 -6.82 -27.10
C32 BCR PB . 21.75 -5.19 -26.02
C34 BCR PB . 25.38 -7.32 -28.98
C12 BCR PB . 28.34 -4.49 -29.91
C13 BCR PB . 29.74 -4.85 -30.17
C14 BCR PB . 30.63 -3.86 -30.23
C15 BCR PB . 32.04 -4.12 -30.46
C16 BCR PB . 32.87 -3.09 -30.52
C17 BCR PB . 34.28 -3.35 -30.75
C18 BCR PB . 35.18 -2.36 -30.72
C19 BCR PB . 36.59 -2.69 -30.98
C20 BCR PB . 37.55 -1.79 -30.79
C21 BCR PB . 38.92 -2.20 -31.07
C22 BCR PB . 39.93 -1.32 -31.12
C23 BCR PB . 41.26 -1.82 -31.44
C24 BCR PB . 42.34 -1.03 -31.44
C25 BCR PB . 43.72 -1.48 -31.77
C26 BCR PB . 44.50 -2.14 -30.89
C27 BCR PB . 45.90 -2.59 -31.26
C28 BCR PB . 46.03 -2.80 -32.74
C29 BCR PB . 45.67 -1.49 -33.41
C30 BCR PB . 44.22 -1.12 -33.18
C35 BCR PB . 30.15 -6.28 -30.31
C36 BCR PB . 34.76 -0.94 -30.49
C37 BCR PB . 39.69 0.14 -30.88
C38 BCR PB . 44.07 -2.51 -29.50
C39 BCR PB . 43.41 -1.84 -34.25
C40 BCR PB . 44.05 0.38 -33.34
C1 BCR QB . 15.27 3.12 -62.98
C2 BCR QB . 16.22 1.97 -63.34
C3 BCR QB . 15.98 0.65 -62.61
C4 BCR QB . 14.49 0.37 -62.52
C5 BCR QB . 13.91 1.48 -61.68
C6 BCR QB . 14.27 2.77 -61.88
C7 BCR QB . 13.66 3.84 -61.03
C8 BCR QB . 14.10 4.22 -59.82
C9 BCR QB . 13.43 5.27 -59.03
C10 BCR QB . 14.02 5.69 -57.91
C11 BCR QB . 13.42 6.70 -57.06
C33 BCR QB . 12.92 1.04 -60.63
C31 BCR QB . 14.50 3.59 -64.22
C32 BCR QB . 16.19 4.28 -62.60
C34 BCR QB . 12.11 5.84 -59.48
C12 BCR QB . 14.09 7.07 -55.97
C13 BCR QB . 13.53 8.05 -55.02
C14 BCR QB . 14.19 8.27 -53.89
C15 BCR QB . 13.68 9.20 -52.89
C16 BCR QB . 14.34 9.30 -51.74
C17 BCR QB . 13.83 10.18 -50.72
C18 BCR QB . 14.43 10.24 -49.53
C19 BCR QB . 13.86 11.13 -48.51
C20 BCR QB . 14.35 11.16 -47.28
C21 BCR QB . 13.72 12.08 -46.34
C22 BCR QB . 14.28 12.41 -45.19
C23 BCR QB . 13.56 13.34 -44.30
C24 BCR QB . 13.95 13.52 -43.04
C25 BCR QB . 13.27 14.43 -42.09
C26 BCR QB . 12.24 13.99 -41.35
C27 BCR QB . 11.54 14.88 -40.37
C28 BCR QB . 12.59 15.77 -39.75
C29 BCR QB . 13.18 16.63 -40.84
C30 BCR QB . 13.81 15.86 -41.98
C35 BCR QB . 12.24 8.75 -55.32
C36 BCR QB . 15.65 9.42 -49.22
C37 BCR QB . 15.60 11.87 -44.76
C38 BCR QB . 11.70 12.59 -41.44
C39 BCR QB . 15.31 15.78 -41.77
C40 BCR QB . 13.53 16.68 -43.24
C1 BCR RB . 6.43 8.64 -41.19
C2 BCR RB . 5.88 10.03 -40.92
C3 BCR RB . 6.87 11.09 -41.33
C4 BCR RB . 8.08 10.95 -40.42
C5 BCR RB . 8.67 9.58 -40.53
C6 BCR RB . 7.92 8.51 -40.89
C7 BCR RB . 8.51 7.15 -40.99
C8 BCR RB . 9.16 6.74 -42.08
C9 BCR RB . 9.72 5.40 -42.23
C10 BCR RB . 10.48 5.20 -43.30
C11 BCR RB . 11.05 3.90 -43.60
C33 BCR RB . 10.13 9.49 -40.20
C31 BCR RB . 6.10 8.35 -42.66
C32 BCR RB . 5.70 7.62 -40.33
C34 BCR RB . 9.42 4.31 -41.26
C12 BCR RB . 11.85 3.88 -44.64
C13 BCR RB . 12.43 2.62 -45.11
C14 BCR RB . 13.15 2.67 -46.22
C15 BCR RB . 13.71 1.46 -46.80
C16 BCR RB . 14.34 1.58 -47.94
C17 BCR RB . 14.86 0.37 -48.55
C18 BCR RB . 15.52 0.42 -49.70
C19 BCR RB . 15.98 -0.86 -50.26
C20 BCR RB . 16.56 -0.91 -51.43
C21 BCR RB . 16.93 -2.25 -51.85
C22 BCR RB . 17.11 -2.55 -53.13
C23 BCR RB . 17.44 -3.94 -53.42
C24 BCR RB . 17.82 -4.34 -54.64
C25 BCR RB . 18.14 -5.77 -54.88
C26 BCR RB . 19.36 -6.26 -54.58
C27 BCR RB . 19.68 -7.70 -54.83
C28 BCR RB . 18.44 -8.55 -54.94
C29 BCR RB . 17.58 -7.93 -56.02
C30 BCR RB . 17.04 -6.62 -55.49
C35 BCR RB . 12.19 1.34 -44.37
C36 BCR RB . 15.81 1.71 -50.42
C37 BCR RB . 17.00 -1.54 -54.23
C38 BCR RB . 20.49 -5.46 -54.01
C39 BCR RB . 15.96 -6.96 -54.46
C40 BCR RB . 16.42 -5.86 -56.65
C1 BCR SB . 5.52 -5.85 -21.43
C2 BCR SB . 5.67 -6.47 -22.80
C3 BCR SB . 4.44 -7.26 -23.19
C4 BCR SB . 4.31 -8.42 -22.23
C5 BCR SB . 4.30 -7.97 -20.80
C6 BCR SB . 4.86 -6.79 -20.42
C7 BCR SB . 4.87 -6.31 -19.01
C8 BCR SB . 3.83 -5.82 -18.31
C9 BCR SB . 4.05 -5.38 -16.93
C10 BCR SB . 3.05 -5.32 -16.05
C11 BCR SB . 1.68 -5.72 -16.36
C33 BCR SB . 3.66 -8.94 -19.85
C31 BCR SB . 4.67 -4.60 -21.60
C32 BCR SB . 6.89 -5.46 -20.91
C34 BCR SB . 5.43 -4.96 -16.52
C12 BCR SB . 0.84 -5.75 -15.33
C13 BCR SB . -0.57 -6.16 -15.47
C14 BCR SB . -1.34 -6.09 -14.37
C15 BCR SB . -2.75 -6.47 -14.37
C16 BCR SB . -3.43 -6.31 -13.23
C17 BCR SB . -4.84 -6.66 -13.14
C18 BCR SB . -5.52 -6.41 -12.00
C19 BCR SB . -4.86 -5.78 -10.86
C20 BCR SB . -5.49 -5.91 -9.70
C21 BCR SB . -5.01 -5.34 -8.47
C22 BCR SB . -5.76 -5.47 -7.38
C23 BCR SB . -5.27 -4.84 -6.15
C24 BCR SB . -5.69 -5.16 -4.93
C25 BCR SB . -5.21 -4.48 -3.69
C26 BCR SB . -3.94 -4.54 -3.20
C27 BCR SB . -3.57 -3.82 -1.93
C28 BCR SB . -4.40 -2.56 -1.79
C29 BCR SB . -5.85 -2.98 -1.72
C30 BCR SB . -6.31 -3.71 -2.97
C35 BCR SB . -1.11 -6.64 -16.78
C36 BCR SB . -6.97 -6.74 -11.86
C37 BCR SB . -7.09 -6.16 -7.42
C38 BCR SB . -2.78 -5.29 -3.82
C39 BCR SB . -6.91 -2.66 -3.89
C40 BCR SB . -7.39 -4.71 -2.60
FE1 SF4 TB . -12.05 18.46 -25.10
FE2 SF4 TB . -12.59 19.04 -28.00
FE3 SF4 TB . -11.04 21.00 -26.34
FE4 SF4 TB . -13.99 20.63 -25.85
S1 SF4 TB . -12.80 21.12 -27.55
S2 SF4 TB . -12.24 20.53 -24.64
S3 SF4 TB . -13.80 18.56 -26.31
S4 SF4 TB . -10.83 18.92 -26.79
MG CLA UB . -15.54 -4.80 -17.06
CHA CLA UB . -13.69 -7.14 -18.78
CHB CLA UB . -14.48 -6.20 -14.19
CHC CLA UB . -16.57 -1.98 -15.47
CHD CLA UB . -16.38 -3.26 -20.28
NA CLA UB . -14.26 -6.36 -16.57
C1A CLA UB . -13.81 -7.32 -17.29
C2A CLA UB . -13.25 -8.52 -16.55
C3A CLA UB . -13.57 -8.17 -15.13
C4A CLA UB . -14.13 -6.81 -15.32
CMA CLA UB . -14.78 -9.00 -14.73
CAA CLA UB . -11.72 -8.57 -16.50
CBA CLA UB . -11.15 -9.96 -16.19
CGA CLA UB . -10.55 -9.98 -14.80
O1A CLA UB . -10.31 -8.94 -14.22
O2A CLA UB . -10.25 -11.26 -14.14
NB CLA UB . -15.59 -4.22 -15.11
C1B CLA UB . -15.03 -4.86 -14.09
C2B CLA UB . -14.86 -4.05 -12.85
C3B CLA UB . -15.48 -2.77 -13.26
C4B CLA UB . -15.90 -3.01 -14.66
CMB CLA UB . -14.23 -4.45 -11.55
CAB CLA UB . -15.67 -1.54 -12.46
CBB CLA UB . -16.38 -1.59 -11.36
NC CLA UB . -16.24 -2.98 -17.76
C1C CLA UB . -16.75 -2.04 -16.95
C2C CLA UB . -17.56 -0.99 -17.65
C3C CLA UB . -17.50 -1.39 -19.06
C4C CLA UB . -16.66 -2.61 -18.99
CMC CLA UB . -18.28 0.19 -17.06
CAC CLA UB . -18.11 -0.76 -20.29
CBC CLA UB . -19.42 -1.45 -20.58
ND CLA UB . -15.23 -5.08 -19.04
C1D CLA UB . -15.46 -4.38 -20.27
C2D CLA UB . -14.76 -4.86 -21.46
C3D CLA UB . -14.01 -6.00 -20.85
C4D CLA UB . -14.29 -6.00 -19.49
CMD CLA UB . -14.76 -4.38 -22.88
CAD CLA UB . -13.03 -7.09 -21.07
OBD CLA UB . -12.47 -7.41 -22.16
CBD CLA UB . -12.80 -7.79 -19.80
CGD CLA UB . -13.01 -9.26 -19.98
O1D CLA UB . -12.31 -10.06 -19.39
O2D CLA UB . -14.01 -9.80 -20.87
CED CLA UB . -13.89 -11.17 -21.21
C1 CLA UB . -9.85 -11.30 -12.76
C2 CLA UB . -8.53 -12.01 -12.51
C3 CLA UB . -7.34 -11.42 -12.71
C4 CLA UB . -7.33 -10.03 -13.22
C5 CLA UB . -6.03 -12.11 -12.45
C6 CLA UB . -5.14 -11.30 -11.52
C7 CLA UB . -3.87 -10.78 -12.19
C8 CLA UB . -2.80 -10.33 -11.20
C9 CLA UB . -2.05 -11.52 -10.64
C10 CLA UB . -3.40 -9.49 -10.07
C11 CLA UB . -2.30 -8.83 -9.26
C12 CLA UB . -1.62 -7.76 -10.10
C13 CLA UB . -0.68 -6.89 -9.30
C14 CLA UB . -1.39 -6.21 -8.13
C15 CLA UB . -0.10 -5.85 -10.24
C16 CLA UB . 1.40 -5.65 -10.04
C17 CLA UB . 2.06 -5.27 -11.36
C18 CLA UB . 3.45 -4.69 -11.10
C19 CLA UB . 3.35 -3.41 -10.29
C20 CLA UB . 4.19 -4.47 -12.42
O1 LHG VB . 50.60 -25.85 -33.24
C1 LHG VB . 51.81 -25.35 -32.66
C2 LHG VB . 52.84 -25.09 -33.75
O2 LHG VB . 53.42 -26.33 -34.17
C3 LHG VB . 53.92 -24.18 -33.20
O3 LHG VB . 53.32 -23.17 -32.40
P LHG VB . 54.12 -21.85 -31.96
O4 LHG VB . 55.27 -22.27 -31.08
O5 LHG VB . 54.38 -21.01 -33.18
O6 LHG VB . 53.03 -21.10 -31.06
C4 LHG VB . 53.03 -19.68 -30.92
C5 LHG VB . 52.21 -19.31 -29.71
C6 LHG VB . 53.14 -19.05 -28.54
O7 LHG VB . 51.44 -18.13 -29.98
C7 LHG VB . 50.04 -18.45 -30.17
O9 LHG VB . 49.71 -19.49 -30.71
C8 LHG VB . 48.99 -17.47 -29.71
C9 LHG VB . 49.30 -17.08 -28.27
C10 LHG VB . 48.18 -16.26 -27.63
O8 LHG VB . 52.48 -18.19 -27.59
C23 LHG VB . 53.00 -18.04 -26.25
O10 LHG VB . 53.88 -18.78 -25.86
C24 LHG VB . 52.44 -16.96 -25.34
C11 LHG VB . 48.03 -14.91 -28.31
C12 LHG VB . 47.05 -14.03 -27.55
C13 LHG VB . 46.81 -12.71 -28.27
C25 LHG VB . 53.06 -15.61 -25.69
C26 LHG VB . 52.36 -14.47 -24.97
C27 LHG VB . 53.15 -13.18 -25.07
C28 LHG VB . 52.32 -11.98 -24.64
C1 BCR WB . 10.70 -15.77 1.47
C2 BCR WB . 11.16 -17.17 1.82
C3 BCR WB . 12.28 -17.61 0.91
C4 BCR WB . 13.50 -16.71 1.08
C5 BCR WB . 13.13 -15.25 1.18
C6 BCR WB . 11.87 -14.81 1.34
C7 BCR WB . 11.62 -13.35 1.44
C8 BCR WB . 11.17 -12.64 0.43
C9 BCR WB . 10.95 -11.20 0.55
C10 BCR WB . 10.80 -10.51 -0.58
C11 BCR WB . 10.62 -9.07 -0.62
C33 BCR WB . 14.27 -14.28 1.07
C31 BCR WB . 9.80 -15.22 2.55
C32 BCR WB . 9.88 -15.90 0.19
C34 BCR WB . 10.90 -10.53 1.90
C12 BCR WB . 10.23 -8.54 -1.75
C13 BCR WB . 10.10 -7.08 -1.87
C14 BCR WB . 10.22 -6.56 -3.09
C15 BCR WB . 10.18 -5.13 -3.32
C16 BCR WB . 10.08 -4.63 -4.55
C17 BCR WB . 10.14 -3.19 -4.61
C18 BCR WB . 10.51 -2.56 -5.74
C19 BCR WB . 10.62 -1.11 -5.69
C20 BCR WB . 11.28 -0.49 -6.66
C21 BCR WB . 11.47 0.95 -6.56
C22 BCR WB . 12.20 1.62 -7.46
C23 BCR WB . 12.42 3.06 -7.29
C24 BCR WB . 12.30 3.99 -8.24
C25 BCR WB . 12.58 5.41 -7.92
C26 BCR WB . 13.76 5.93 -8.33
C27 BCR WB . 14.16 7.36 -8.07
C28 BCR WB . 13.20 8.10 -7.16
C29 BCR WB . 11.76 7.72 -7.47
C30 BCR WB . 11.56 6.25 -7.17
C35 BCR WB . 9.86 -6.23 -0.65
C36 BCR WB . 10.80 -3.33 -6.99
C37 BCR WB . 12.84 0.88 -8.60
C38 BCR WB . 14.75 5.09 -9.08
C39 BCR WB . 10.16 5.86 -7.62
C40 BCR WB . 11.65 6.08 -5.66
C1 BCR XB . -6.87 -7.68 7.94
C2 BCR XB . -7.04 -9.11 8.45
C3 BCR XB . -5.92 -10.04 8.07
C4 BCR XB . -5.66 -9.94 6.58
C5 BCR XB . -5.22 -8.54 6.26
C6 BCR XB . -5.78 -7.49 6.90
C7 BCR XB . -5.37 -6.09 6.61
C8 BCR XB . -5.85 -5.40 5.57
C9 BCR XB . -5.50 -4.00 5.27
C10 BCR XB . -5.70 -3.53 4.04
C11 BCR XB . -5.44 -2.14 3.69
C33 BCR XB . -4.13 -8.42 5.23
C31 BCR XB . -6.54 -6.79 9.13
C32 BCR XB . -8.23 -7.29 7.38
C34 BCR XB . -4.95 -3.09 6.33
C12 BCR XB . -5.36 -1.81 2.41
C13 BCR XB . -5.17 -0.42 2.02
C14 BCR XB . -5.32 -0.13 0.73
C15 BCR XB . -5.25 1.22 0.19
C16 BCR XB . -6.08 1.29 -0.84
C17 BCR XB . -6.47 2.43 -1.67
C18 BCR XB . -6.59 2.36 -3.00
C19 BCR XB . -7.10 3.56 -3.69
C20 BCR XB . -7.24 3.70 -5.00
C21 BCR XB . -7.87 4.95 -5.38
C22 BCR XB . -8.38 5.17 -6.60
C23 BCR XB . -9.07 6.45 -6.82
C24 BCR XB . -9.28 7.03 -8.00
C25 BCR XB . -10.04 8.31 -8.18
C26 BCR XB . -9.56 9.53 -7.82
C27 BCR XB . -10.38 10.78 -8.04
C28 BCR XB . -11.25 10.62 -9.25
C29 BCR XB . -12.17 9.45 -9.00
C30 BCR XB . -11.40 8.15 -8.85
C35 BCR XB . -4.90 0.65 3.04
C36 BCR XB . -6.28 1.10 -3.76
C37 BCR XB . -8.30 4.13 -7.67
C38 BCR XB . -8.23 9.78 -7.18
C39 BCR XB . -11.17 7.55 -10.22
C40 BCR XB . -12.29 7.19 -8.07
MG CLA YB . -16.23 -11.23 -28.14
CHA CLA YB . -19.08 -10.52 -26.27
CHB CLA YB . -15.42 -7.98 -28.00
CHC CLA YB . -13.11 -12.10 -29.20
CHD CLA YB . -17.00 -14.79 -27.70
NA CLA YB . -17.05 -9.56 -27.24
C1A CLA YB . -18.23 -9.37 -26.73
C2A CLA YB . -18.65 -7.94 -26.53
C3A CLA YB . -17.51 -7.22 -27.17
C4A CLA YB . -16.59 -8.33 -27.48
CMA CLA YB . -18.12 -6.96 -28.52
CAA CLA YB . -18.52 -7.54 -25.07
CBA CLA YB . -18.88 -6.08 -24.85
CGA CLA YB . -18.64 -5.67 -23.41
O1A CLA YB . -18.37 -4.51 -23.14
O2A CLA YB . -18.73 -6.63 -22.34
NB CLA YB . -14.54 -10.17 -28.59
C1B CLA YB . -14.33 -8.87 -28.41
C2B CLA YB . -12.92 -8.42 -28.56
C3B CLA YB . -12.24 -9.69 -28.92
C4B CLA YB . -13.34 -10.68 -28.91
CMB CLA YB . -12.29 -7.07 -28.42
CAB CLA YB . -10.80 -9.90 -29.23
CBB CLA YB . -10.39 -10.38 -30.38
NC CLA YB . -15.29 -13.04 -28.38
C1C CLA YB . -14.03 -13.19 -28.83
C2C CLA YB . -13.56 -14.58 -28.97
C3C CLA YB . -14.72 -15.38 -28.53
C4C CLA YB . -15.70 -14.32 -28.19
CMC CLA YB . -12.22 -15.07 -29.44
CAC CLA YB . -14.88 -16.87 -28.42
CBC CLA YB . -15.52 -17.36 -29.69
ND CLA YB . -17.61 -12.42 -27.25
C1D CLA YB . -17.87 -13.82 -27.08
C2D CLA YB . -19.07 -14.17 -26.31
C3D CLA YB . -19.55 -12.82 -25.95
C4D CLA YB . -18.64 -11.90 -26.49
CMD CLA YB . -19.73 -15.45 -25.88
CAD CLA YB . -20.61 -12.06 -25.24
OBD CLA YB . -21.59 -12.56 -24.59
CBD CLA YB . -20.27 -10.65 -25.38
CGD CLA YB . -21.42 -9.70 -25.42
O1D CLA YB . -22.28 -9.75 -26.27
O2D CLA YB . -21.55 -8.70 -24.37
CED CLA YB . -22.83 -8.20 -24.05
C1 CLA YB . -18.42 -6.23 -21.01
C2 CLA YB . -17.66 -7.32 -20.27
C3 CLA YB . -18.27 -8.03 -19.31
C4 CLA YB . -19.72 -7.79 -18.96
C5 CLA YB . -17.51 -9.10 -18.55
C6 CLA YB . -17.06 -10.28 -19.40
C7 CLA YB . -17.40 -11.60 -18.72
C8 CLA YB . -16.79 -11.70 -17.33
C9 CLA YB . -15.44 -12.40 -17.36
C10 CLA YB . -17.76 -12.46 -16.42
C11 CLA YB . -19.00 -11.63 -16.13
C12 CLA YB . -18.75 -10.70 -14.93
C13 CLA YB . -19.23 -11.32 -13.63
C14 CLA YB . -20.68 -11.78 -13.72
C15 CLA YB . -19.09 -10.31 -12.50
C16 CLA YB . -17.70 -9.69 -12.38
C17 CLA YB . -17.80 -8.24 -11.95
C18 CLA YB . -16.90 -7.93 -10.76
C19 CLA YB . -17.10 -6.49 -10.31
C20 CLA YB . -15.44 -8.21 -11.07
MG CLA ZB . -11.43 3.68 -38.17
CHA CLA ZB . -9.95 5.56 -40.66
CHB CLA ZB . -13.11 1.99 -40.54
CHC CLA ZB . -11.95 1.26 -35.89
CHD CLA ZB . -9.58 5.65 -35.70
NA CLA ZB . -11.49 3.72 -40.24
C1A CLA ZB . -10.99 4.55 -41.08
C2A CLA ZB . -11.45 4.37 -42.51
C3A CLA ZB . -12.46 3.26 -42.39
C4A CLA ZB . -12.34 2.98 -40.95
CMA CLA ZB . -13.86 3.79 -42.66
CAA CLA ZB . -10.37 3.74 -43.39
CBA CLA ZB . -10.62 3.94 -44.89
CGA CLA ZB . -11.15 2.67 -45.49
O1A CLA ZB . -10.46 1.67 -45.50
O2A CLA ZB . -12.48 2.62 -46.05
NB CLA ZB . -12.37 1.88 -38.23
C1B CLA ZB . -13.15 1.43 -39.21
C2B CLA ZB . -13.94 0.22 -38.93
C3B CLA ZB . -13.58 0.00 -37.51
C4B CLA ZB . -12.60 1.07 -37.20
CMB CLA ZB . -14.87 -0.52 -39.83
CAB CLA ZB . -14.05 -1.07 -36.62
CBB CLA ZB . -13.73 -2.30 -36.93
NC CLA ZB . -10.79 3.47 -36.23
C1C CLA ZB . -11.23 2.47 -35.45
C2C CLA ZB . -11.00 2.69 -34.01
C3C CLA ZB . -10.31 3.99 -33.96
C4C CLA ZB . -10.23 4.36 -35.38
CMC CLA ZB . -11.36 1.80 -32.88
CAC CLA ZB . -9.82 4.73 -32.74
CBC CLA ZB . -8.37 4.39 -32.58
ND CLA ZB . -10.12 5.24 -38.08
C1D CLA ZB . -9.33 5.93 -37.10
C2D CLA ZB . -8.32 6.88 -37.64
C3D CLA ZB . -8.58 6.70 -39.09
C4D CLA ZB . -9.56 5.73 -39.24
CMD CLA ZB . -7.29 7.80 -37.06
CAD CLA ZB . -8.17 7.13 -40.45
OBD CLA ZB . -7.26 7.97 -40.74
CBD CLA ZB . -8.98 6.38 -41.41
CGD CLA ZB . -9.49 7.25 -42.52
O1D CLA ZB . -10.65 7.57 -42.62
O2D CLA ZB . -8.56 7.66 -43.55
CED CLA ZB . -8.71 7.08 -44.84
C1 CLA ZB . -13.04 1.36 -46.40
C2 CLA ZB . -14.19 1.06 -45.46
C3 CLA ZB . -14.18 0.02 -44.61
C4 CLA ZB . -13.02 -0.92 -44.56
C5 CLA ZB . -15.36 -0.22 -43.71
C6 CLA ZB . -16.16 -1.47 -44.04
C7 CLA ZB . -16.69 -1.46 -45.47
C8 CLA ZB . -17.56 -2.67 -45.79
C9 CLA ZB . -16.83 -3.97 -45.54
C10 CLA ZB . -18.01 -2.58 -47.24
C11 CLA ZB . -18.93 -1.39 -47.44
C12 CLA ZB . -20.18 -1.76 -48.23
C13 CLA ZB . -21.40 -1.85 -47.31
C14 CLA ZB . -21.61 -3.26 -46.81
C15 CLA ZB . -22.66 -1.36 -48.01
C16 CLA ZB . -23.75 -1.08 -47.00
C17 CLA ZB . -25.10 -0.85 -47.66
C18 CLA ZB . -26.16 -0.53 -46.61
C19 CLA ZB . -27.56 -0.53 -47.22
C20 CLA ZB . -25.87 0.80 -45.93
MG CLA AC . -40.87 12.07 -36.29
CHA CLA AC . -41.54 15.18 -37.70
CHB CLA AC . -44.06 11.97 -35.21
CHC CLA AC . -40.41 8.79 -35.65
CHD CLA AC . -37.54 12.20 -37.88
NA CLA AC . -42.53 13.31 -36.47
C1A CLA AC . -42.64 14.51 -36.92
C2A CLA AC . -43.97 15.18 -36.64
C3A CLA AC . -44.70 14.14 -35.82
C4A CLA AC . -43.68 13.06 -35.84
CMA CLA AC . -44.73 14.61 -34.37
CAA CLA AC . -44.84 15.43 -37.89
CBA CLA AC . -45.59 14.23 -38.49
CGA CLA AC . -45.42 14.18 -39.99
O1A CLA AC . -46.04 13.37 -40.67
O2A CLA AC . -44.52 15.10 -40.65
NB CLA AC . -42.06 10.60 -35.55
C1B CLA AC . -43.30 10.73 -35.07
C2B CLA AC . -43.90 9.52 -34.48
C3B CLA AC . -42.79 8.56 -34.63
C4B CLA AC . -41.72 9.34 -35.29
CMB CLA AC . -45.29 9.37 -33.89
CAB CLA AC . -42.69 7.14 -34.23
CBB CLA AC . -43.12 6.69 -33.06
NC CLA AC . -39.30 10.81 -36.67
C1C CLA AC . -39.33 9.49 -36.38
C2C CLA AC . -38.15 8.72 -36.85
C3C CLA AC . -37.31 9.73 -37.50
C4C CLA AC . -38.12 10.96 -37.32
CMC CLA AC . -37.83 7.25 -36.73
CAC CLA AC . -35.98 9.58 -38.18
CBC CLA AC . -34.94 9.74 -37.10
ND CLA AC . -39.76 13.28 -37.50
C1D CLA AC . -38.45 13.32 -38.10
C2D CLA AC . -38.13 14.54 -38.88
C3D CLA AC . -39.40 15.28 -38.71
C4D CLA AC . -40.26 14.49 -37.95
CMD CLA AC . -36.95 15.05 -39.65
CAD CLA AC . -40.13 16.52 -39.06
OBD CLA AC . -39.67 17.48 -39.78
CBD CLA AC . -41.47 16.46 -38.46
CGD CLA AC . -41.79 17.72 -37.73
O1D CLA AC . -42.13 18.70 -38.37
O2D CLA AC . -41.74 17.82 -36.29
CED CLA AC . -42.00 19.10 -35.72
MG CLA BC . -44.27 11.17 -25.13
CHA CLA BC . -45.56 9.12 -22.60
CHB CLA BC . -44.60 8.60 -27.26
CHC CLA BC . -43.31 13.32 -27.58
CHD CLA BC . -44.14 13.90 -22.67
NA CLA BC . -44.97 9.22 -24.97
C1A CLA BC . -45.43 8.54 -23.98
C2A CLA BC . -45.85 7.12 -24.27
C3A CLA BC . -45.47 7.00 -25.73
C4A CLA BC . -44.98 8.38 -26.00
CMA CLA BC . -44.29 6.05 -25.79
CAA CLA BC . -47.38 6.93 -24.18
CBA CLA BC . -48.11 6.11 -25.25
CGA CLA BC . -48.00 4.62 -25.07
O1A CLA BC . -48.88 3.90 -25.51
O2A CLA BC . -46.89 3.99 -24.40
NB CLA BC . -44.01 10.99 -27.16
C1B CLA BC . -44.09 9.85 -27.84
C2B CLA BC . -43.73 9.95 -29.26
C3B CLA BC . -43.33 11.37 -29.39
C4B CLA BC . -43.56 11.91 -28.01
CMB CLA BC . -43.73 8.88 -30.32
CAB CLA BC . -42.85 11.97 -30.66
CBB CLA BC . -42.77 13.26 -30.92
NC CLA BC . -43.94 13.21 -25.12
C1C CLA BC . -43.36 13.82 -26.17
C2C CLA BC . -42.71 15.11 -25.84
C3C CLA BC . -42.95 15.27 -24.40
C4C CLA BC . -43.72 14.05 -24.07
CMC CLA BC . -41.98 16.03 -26.77
CAC CLA BC . -42.55 16.40 -23.47
CBC CLA BC . -41.29 16.04 -22.71
ND CLA BC . -44.73 11.53 -23.18
C1D CLA BC . -44.62 12.60 -22.22
C2D CLA BC . -45.02 12.28 -20.84
C3D CLA BC . -45.39 10.85 -21.01
C4D CLA BC . -45.20 10.52 -22.35
CMD CLA BC . -45.09 13.00 -19.52
CAD CLA BC . -45.90 9.65 -20.33
OBD CLA BC . -46.19 9.58 -19.08
CBD CLA BC . -46.01 8.55 -21.29
CGD CLA BC . -45.16 7.40 -20.85
O1D CLA BC . -45.60 6.27 -20.86
O2D CLA BC . -43.80 7.59 -20.40
CED CLA BC . -43.05 6.46 -19.95
C1 CLA BC . -47.15 2.87 -23.54
C2 CLA BC . -47.16 3.39 -22.13
C3 CLA BC . -47.30 2.59 -21.05
C4 CLA BC . -47.49 1.11 -21.22
C5 CLA BC . -47.29 3.20 -19.68
C6 CLA BC . -48.68 3.50 -19.13
C7 CLA BC . -49.21 4.85 -19.62
C8 CLA BC . -50.08 5.55 -18.58
C9 CLA BC . -51.22 4.67 -18.11
C10 CLA BC . -50.59 6.84 -19.18
C11 CLA BC . -49.45 7.79 -19.48
C12 CLA BC . -49.83 8.77 -20.58
C13 CLA BC . -50.01 10.18 -20.04
C14 CLA BC . -51.47 10.45 -19.73
C15 CLA BC . -49.48 11.17 -21.07
C16 CLA BC . -49.62 12.62 -20.63
C17 CLA BC . -48.44 13.43 -21.13
C18 CLA BC . -48.83 14.84 -21.57
C19 CLA BC . -49.49 15.61 -20.46
C20 CLA BC . -49.72 14.81 -22.80
MG CLA CC . -41.85 3.60 -28.72
CHA CLA CC . -40.12 5.84 -30.71
CHB CLA CC . -40.78 5.33 -26.02
CHC CLA CC . -43.13 1.12 -26.79
CHD CLA CC . -42.20 1.40 -31.68
NA CLA CC . -40.63 5.25 -28.40
C1A CLA CC . -40.16 6.11 -29.22
C2A CLA CC . -39.57 7.37 -28.63
C3A CLA CC . -39.78 7.13 -27.16
C4A CLA CC . -40.46 5.81 -27.21
CMA CLA CC . -38.41 6.88 -26.54
CAA CLA CC . -40.39 8.63 -28.95
CBA CLA CC . -39.94 9.86 -28.18
CGA CLA CC . -38.64 10.38 -28.72
O1A CLA CC . -38.62 11.04 -29.75
O2A CLA CC . -37.40 10.13 -28.02
NB CLA CC . -41.96 3.30 -26.71
C1B CLA CC . -41.44 4.05 -25.74
C2B CLA CC . -41.60 3.54 -24.35
C3B CLA CC . -42.30 2.27 -24.62
C4B CLA CC . -42.48 2.24 -26.09
CMB CLA CC . -41.16 4.13 -23.05
CAB CLA CC . -42.77 1.27 -23.63
CBB CLA CC . -44.05 1.05 -23.43
NC CLA CC . -42.47 1.67 -29.15
C1C CLA CC . -43.02 0.86 -28.23
C2C CLA CC . -43.57 -0.40 -28.76
C3C CLA CC . -43.29 -0.31 -30.20
C4C CLA CC . -42.61 1.00 -30.31
CMC CLA CC . -44.25 -1.53 -28.03
CAC CLA CC . -43.61 -1.29 -31.29
CBC CLA CC . -42.44 -2.24 -31.32
ND CLA CC . -41.29 3.50 -30.67
C1D CLA CC . -41.54 2.69 -31.84
C2D CLA CC . -41.10 3.26 -33.13
C3D CLA CC . -40.53 4.53 -32.63
C4D CLA CC . -40.69 4.59 -31.26
CMD CLA CC . -41.13 2.85 -34.57
CAD CLA CC . -39.86 5.78 -33.04
OBD CLA CC . -39.57 6.09 -34.25
CBD CLA CC . -39.61 6.62 -31.86
CGD CLA CC . -38.20 7.10 -31.83
O1D CLA CC . -37.32 6.51 -31.20
O2D CLA CC . -37.89 8.30 -32.57
CED CLA CC . -36.54 8.67 -32.82
C1 CLA CC . -36.16 10.27 -28.70
C2 CLA CC . -35.47 8.94 -28.86
C3 CLA CC . -34.60 8.48 -27.95
C4 CLA CC . -34.28 9.29 -26.74
C5 CLA CC . -33.92 7.15 -28.14
C6 CLA CC . -34.84 6.12 -28.78
C7 CLA CC . -35.00 4.90 -27.87
C8 CLA CC . -33.81 3.95 -27.93
C9 CLA CC . -33.54 3.54 -29.37
C10 CLA CC . -34.08 2.71 -27.09
C11 CLA CC . -34.63 3.02 -25.70
C12 CLA CC . -35.76 2.06 -25.34
C13 CLA CC . -37.11 2.59 -25.82
C14 CLA CC . -38.08 2.72 -24.66
C15 CLA CC . -37.68 1.68 -26.90
C16 CLA CC . -38.53 2.46 -27.88
C17 CLA CC . -38.85 1.62 -29.12
C18 CLA CC . -37.64 1.46 -30.02
C19 CLA CC . -37.13 2.82 -30.50
C20 CLA CC . -37.99 0.57 -31.21
MG CLA DC . -45.52 -8.08 -43.25
CHA CLA DC . -43.94 -9.64 -45.90
CHB CLA DC . -42.48 -7.59 -41.83
CHC CLA DC . -47.04 -6.10 -40.97
CHD CLA DC . -48.67 -8.21 -45.17
NA CLA DC . -43.55 -8.48 -43.78
C1A CLA DC . -43.07 -9.17 -44.76
C2A CLA DC . -41.59 -9.45 -44.71
C3A CLA DC . -41.20 -8.83 -43.40
C4A CLA DC . -42.51 -8.26 -42.97
CMA CLA DC . -40.82 -9.94 -42.44
CAA CLA DC . -40.78 -8.70 -45.78
CBA CLA DC . -40.88 -7.17 -45.79
CGA CLA DC . -42.00 -6.71 -46.67
O1A CLA DC . -41.83 -6.60 -47.87
O2A CLA DC . -43.33 -6.39 -46.14
NB CLA DC . -44.85 -7.03 -41.63
C1B CLA DC . -43.60 -6.91 -41.18
C2B CLA DC . -43.41 -6.02 -40.01
C3B CLA DC . -44.79 -5.57 -39.76
C4B CLA DC . -45.58 -6.26 -40.82
CMB CLA DC . -42.14 -5.68 -39.28
CAB CLA DC . -45.28 -4.65 -38.70
CBB CLA DC . -45.90 -3.53 -38.99
NC CLA DC . -47.42 -7.25 -43.17
C1C CLA DC . -47.85 -6.63 -42.07
C2C CLA DC . -49.33 -6.49 -41.96
C3C CLA DC . -49.81 -7.11 -43.20
C4C CLA DC . -48.55 -7.54 -43.86
CMC CLA DC . -50.13 -5.86 -40.85
CAC CLA DC . -51.23 -7.28 -43.67
CBC CLA DC . -51.53 -6.07 -44.52
ND CLA DC . -46.22 -8.67 -45.07
C1D CLA DC . -47.47 -8.80 -45.76
C2D CLA DC . -47.41 -9.56 -47.04
C3D CLA DC . -45.96 -9.90 -47.07
C4D CLA DC . -45.38 -9.35 -45.95
CMD CLA DC . -48.40 -9.97 -48.09
CAD CLA DC . -44.89 -10.57 -47.85
OBD CLA DC . -45.07 -11.19 -48.94
CBD CLA DC . -43.61 -10.44 -47.11
CGD CLA DC . -43.24 -11.82 -46.65
O1D CLA DC . -44.02 -12.50 -46.00
O2D CLA DC . -41.95 -12.39 -46.97
CED CLA DC . -41.71 -13.78 -46.75
C1 CLA DC . -44.18 -5.50 -46.85
C2 CLA DC . -45.25 -4.95 -45.94
C3 CLA DC . -46.56 -5.06 -46.25
C4 CLA DC . -47.00 -5.72 -47.53
C5 CLA DC . -47.62 -4.51 -45.33
C6 CLA DC . -47.16 -3.34 -44.48
C7 CLA DC . -48.08 -2.14 -44.73
C8 CLA DC . -48.01 -1.16 -43.56
C9 CLA DC . -49.31 -0.35 -43.50
C10 CLA DC . -46.80 -0.26 -43.72
C11 CLA DC . -46.69 0.70 -42.53
C12 CLA DC . -45.74 1.87 -42.84
C13 CLA DC . -44.63 1.97 -41.79
C14 CLA DC . -45.20 2.11 -40.38
C15 CLA DC . -43.72 3.14 -42.13
C16 CLA DC . -43.17 3.07 -43.55
C17 CLA DC . -42.51 4.37 -43.98
C18 CLA DC . -41.15 4.59 -43.32
C19 CLA DC . -40.48 5.85 -43.86
C20 CLA DC . -40.24 3.38 -43.49
MG CLA EC . -37.86 -11.40 -38.28
CHA CLA EC . -39.93 -11.92 -35.54
CHB CLA EC . -39.80 -8.78 -39.15
CHC CLA EC . -35.44 -10.52 -40.49
CHD CLA EC . -35.57 -13.94 -36.90
NA CLA EC . -39.53 -10.46 -37.48
C1A CLA EC . -40.32 -10.85 -36.54
C2A CLA EC . -41.55 -10.01 -36.34
C3A CLA EC . -41.50 -9.07 -37.53
C4A CLA EC . -40.19 -9.48 -38.10
CMA CLA EC . -42.61 -9.42 -38.50
CAA CLA EC . -41.39 -9.06 -35.12
CBA CLA EC . -40.20 -8.10 -34.96
CGA CLA EC . -38.87 -8.78 -34.65
O1A CLA EC . -38.77 -9.58 -33.74
O2A CLA EC . -37.70 -8.60 -35.49
NB CLA EC . -37.68 -9.88 -39.63
C1B CLA EC . -38.54 -8.91 -39.88
C2B CLA EC . -38.10 -7.91 -40.88
C3B CLA EC . -36.78 -8.44 -41.28
C4B CLA EC . -36.62 -9.65 -40.43
CMB CLA EC . -38.82 -6.69 -41.37
CAB CLA EC . -35.81 -7.90 -42.26
CBB CLA EC . -34.60 -7.51 -41.91
NC CLA EC . -35.95 -12.11 -38.61
C1C CLA EC . -35.12 -11.58 -39.52
C2C CLA EC . -33.74 -12.12 -39.52
C3C CLA EC . -33.78 -13.13 -38.45
C4C CLA EC . -35.19 -13.04 -37.99
CMC CLA EC . -32.59 -11.73 -40.39
CAC CLA EC . -32.68 -14.04 -37.96
CBC CLA EC . -31.82 -13.21 -37.03
ND CLA EC . -37.68 -12.63 -36.68
C1D CLA EC . -36.80 -13.62 -36.16
C2D CLA EC . -37.20 -14.27 -34.90
C3D CLA EC . -38.49 -13.55 -34.66
C4D CLA EC . -38.67 -12.66 -35.70
CMD CLA EC . -36.64 -15.32 -34.01
CAD CLA EC . -39.63 -13.42 -33.74
OBD CLA EC . -39.79 -14.10 -32.66
CBD CLA EC . -40.54 -12.40 -34.26
CGD CLA EC . -41.92 -12.97 -34.41
O1D CLA EC . -42.53 -13.37 -33.43
O2D CLA EC . -42.59 -13.07 -35.70
CED CLA EC . -44.01 -13.00 -35.74
C1 CLA EC . -36.54 -9.36 -35.16
C2 CLA EC . -35.41 -9.02 -36.09
C3 CLA EC . -34.23 -9.66 -36.03
C4 CLA EC . -33.97 -10.75 -35.04
C5 CLA EC . -33.14 -9.26 -37.01
C6 CLA EC . -33.01 -7.76 -37.13
C7 CLA EC . -33.38 -7.31 -38.54
C8 CLA EC . -33.34 -5.80 -38.68
C9 CLA EC . -31.93 -5.29 -38.44
C10 CLA EC . -34.33 -5.15 -37.71
C11 CLA EC . -35.76 -5.46 -38.09
C12 CLA EC . -36.73 -4.99 -37.01
C13 CLA EC . -38.17 -5.06 -37.52
C14 CLA EC . -38.38 -4.07 -38.66
C15 CLA EC . -39.14 -4.83 -36.37
C16 CLA EC . -39.34 -3.36 -36.02
C17 CLA EC . -40.77 -3.09 -35.55
C18 CLA EC . -41.13 -1.62 -35.68
C19 CLA EC . -42.50 -1.34 -35.07
C20 CLA EC . -41.11 -1.19 -37.14
MG CLA FC . -30.57 -12.05 -45.85
CHA CLA FC . -33.87 -11.81 -44.86
CHB CLA FC . -31.02 -9.33 -47.79
CHC CLA FC . -27.20 -12.00 -46.37
CHD CLA FC . -30.08 -14.67 -43.31
NA CLA FC . -32.14 -10.76 -46.23
C1A CLA FC . -33.38 -10.84 -45.91
C2A CLA FC . -34.31 -9.89 -46.65
C3A CLA FC . -33.37 -9.16 -47.56
C4A CLA FC . -32.09 -9.80 -47.16
CMA CLA FC . -33.63 -9.51 -49.02
CAA CLA FC . -34.94 -8.79 -45.80
CBA CLA FC . -36.06 -8.13 -46.61
CGA CLA FC . -36.56 -6.86 -45.97
O1A CLA FC . -37.22 -6.90 -44.95
O2A CLA FC . -36.28 -5.58 -46.58
NB CLA FC . -29.32 -10.87 -46.95
C1B CLA FC . -29.63 -9.77 -47.61
C2B CLA FC . -28.48 -9.00 -48.13
C3B CLA FC . -27.34 -9.81 -47.69
C4B CLA FC . -27.99 -10.94 -46.99
CMB CLA FC . -28.48 -7.73 -48.89
CAB CLA FC . -25.90 -9.59 -47.89
CBB CLA FC . -25.36 -9.84 -49.06
NC CLA FC . -29.00 -13.10 -45.01
C1C CLA FC . -27.72 -12.93 -45.36
C2C CLA FC . -26.74 -13.78 -44.65
C3C CLA FC . -27.60 -14.57 -43.77
C4C CLA FC . -28.96 -14.07 -44.06
CMC CLA FC . -25.25 -13.84 -44.82
CAC CLA FC . -27.16 -15.62 -42.78
CBC CLA FC . -27.28 -16.95 -43.51
ND CLA FC . -31.61 -13.02 -44.41
C1D CLA FC . -31.41 -14.07 -43.45
C2D CLA FC . -32.60 -14.46 -42.68
C3D CLA FC . -33.60 -13.52 -43.27
C4D CLA FC . -32.95 -12.74 -44.20
CMD CLA FC . -32.91 -15.46 -41.61
CAD CLA FC . -35.01 -13.08 -43.22
OBD CLA FC . -35.92 -13.56 -42.44
CBD CLA FC . -35.19 -11.99 -44.20
CGD CLA FC . -36.31 -12.33 -45.15
O1D CLA FC . -36.15 -13.09 -46.07
O2D CLA FC . -37.60 -11.69 -44.98
CED CLA FC . -38.59 -11.84 -46.00
C1 CLA FC . -36.47 -4.36 -45.88
C2 CLA FC . -35.30 -4.17 -44.94
C3 CLA FC . -35.47 -3.97 -43.62
C4 CLA FC . -36.83 -3.91 -43.00
C5 CLA FC . -34.25 -3.78 -42.75
C6 CLA FC . -33.74 -2.36 -42.79
C7 CLA FC . -33.84 -1.70 -41.42
C8 CLA FC . -33.53 -0.21 -41.47
C9 CLA FC . -32.27 0.08 -42.29
C10 CLA FC . -33.37 0.34 -40.07
C11 CLA FC . -33.23 1.86 -40.09
C12 CLA FC . -34.54 2.51 -40.50
C13 CLA FC . -34.33 3.99 -40.83
C14 CLA FC . -35.60 4.79 -40.54
C15 CLA FC . -33.89 4.11 -42.28
C16 CLA FC . -35.03 3.85 -43.26
C17 CLA FC . -34.68 4.30 -44.67
C18 CLA FC . -35.91 4.83 -45.40
C19 CLA FC . -37.03 3.79 -45.44
C20 CLA FC . -35.55 5.27 -46.81
MG CLA GC . -29.02 -8.04 -53.66
CHA CLA GC . -27.52 -9.70 -56.29
CHB CLA GC . -32.00 -9.14 -54.78
CHC CLA GC . -30.48 -5.79 -51.59
CHD CLA GC . -25.71 -6.66 -52.77
NA CLA GC . -29.65 -9.18 -55.27
C1A CLA GC . -28.99 -9.87 -56.12
C2A CLA GC . -29.76 -10.85 -56.96
C3A CLA GC . -31.17 -10.59 -56.50
C4A CLA GC . -30.92 -9.57 -55.45
CMA CLA GC . -31.96 -9.93 -57.63
CAA CLA GC . -29.54 -12.25 -56.40
CBA CLA GC . -28.66 -13.20 -57.21
CGA CLA GC . -29.44 -14.02 -58.18
O1A CLA GC . -29.17 -15.20 -58.35
O2A CLA GC . -30.52 -13.45 -58.96
NB CLA GC . -30.96 -7.51 -53.29
C1B CLA GC . -32.05 -8.13 -53.72
C2B CLA GC . -33.32 -7.74 -53.06
C3B CLA GC . -32.86 -6.73 -52.09
C4B CLA GC . -31.37 -6.68 -52.33
CMB CLA GC . -34.71 -8.25 -53.31
CAB CLA GC . -33.67 -5.96 -51.12
CBB CLA GC . -33.39 -5.92 -49.83
NC CLA GC . -28.24 -6.53 -52.49
C1C CLA GC . -29.01 -5.78 -51.68
C2C CLA GC . -28.27 -4.86 -50.79
C3C CLA GC . -26.87 -5.11 -51.13
C4C CLA GC . -26.97 -6.17 -52.19
CMC CLA GC . -28.84 -3.92 -49.75
CAC CLA GC . -25.63 -4.48 -50.55
CBC CLA GC . -25.39 -5.20 -49.23
ND CLA GC . -27.07 -8.10 -54.28
C1D CLA GC . -25.81 -7.53 -53.95
C2D CLA GC . -24.69 -7.90 -54.86
C3D CLA GC . -25.42 -8.77 -55.81
C4D CLA GC . -26.74 -8.81 -55.42
CMD CLA GC . -23.22 -7.60 -54.96
CAD CLA GC . -25.29 -9.62 -57.03
OBD CLA GC . -24.21 -9.81 -57.69
CBD CLA GC . -26.61 -10.18 -57.37
CGD CLA GC . -26.98 -9.63 -58.71
O1D CLA GC . -27.03 -8.44 -58.94
O2D CLA GC . -27.25 -10.57 -59.79
CED CLA GC . -26.91 -10.24 -61.13
C1 CLA GC . -30.51 -13.59 -60.37
C2 CLA GC . -30.12 -12.28 -61.00
C3 CLA GC . -30.84 -11.72 -61.98
C4 CLA GC . -32.07 -12.38 -62.52
C5 CLA GC . -30.40 -10.40 -62.57
C6 CLA GC . -30.59 -9.27 -61.55
C7 CLA GC . -31.07 -8.00 -62.24
C8 CLA GC . -32.25 -7.37 -61.51
C9 CLA GC . -33.42 -8.34 -61.44
C10 CLA GC . -32.65 -6.08 -62.23
C11 CLA GC . -33.80 -5.37 -61.53
C12 CLA GC . -34.48 -4.41 -62.49
C13 CLA GC . -34.85 -3.06 -61.87
C14 CLA GC . -35.55 -2.18 -62.89
C15 CLA GC . -33.59 -2.38 -61.31
C16 CLA GC . -33.85 -0.99 -60.74
C17 CLA GC . -34.69 -1.00 -59.47
C18 CLA GC . -34.78 0.40 -58.85
C19 CLA GC . -35.62 0.37 -57.59
C20 CLA GC . -35.32 1.42 -59.84
MG CLA HC . -61.16 12.31 -28.82
CHA CLA HC . -63.54 14.83 -28.74
CHB CLA HC . -60.15 13.31 -25.74
CHC CLA HC . -59.32 9.47 -28.64
CHD CLA HC . -62.83 10.97 -31.83
NA CLA HC . -61.77 13.75 -27.45
C1A CLA HC . -62.60 14.73 -27.56
C2A CLA HC . -62.58 15.79 -26.49
C3A CLA HC . -61.48 15.28 -25.60
C4A CLA HC . -61.10 14.03 -26.32
CMA CLA HC . -60.36 16.29 -25.83
CAA CLA HC . -63.83 15.81 -25.58
CBA CLA HC . -64.41 14.44 -25.29
CGA CLA HC . -65.62 14.58 -24.41
O1A CLA HC . -65.50 14.89 -23.23
O2A CLA HC . -66.96 14.35 -24.95
NB CLA HC . -59.90 11.53 -27.41
C1B CLA HC . -59.60 12.04 -26.22
C2B CLA HC . -58.72 11.18 -25.36
C3B CLA HC . -58.48 10.03 -26.25
C4B CLA HC . -59.26 10.36 -27.47
CMB CLA HC . -58.20 11.44 -23.98
CAB CLA HC . -57.68 8.81 -26.03
NC CLA HC . -61.07 10.63 -30.01
C1C CLA HC . -60.32 9.56 -29.70
C2C CLA HC . -60.52 8.37 -30.56
C3C CLA HC . -61.56 8.82 -31.50
C4C CLA HC . -61.81 10.22 -31.07
CMC CLA HC . -59.85 7.03 -30.46
CAC CLA HC . -62.22 8.05 -32.62
CBC CLA HC . -61.37 8.24 -33.84
ND CLA HC . -62.79 12.66 -30.00
C1D CLA HC . -63.35 12.20 -31.23
C2D CLA HC . -64.44 13.04 -31.80
C3D CLA HC . -64.49 14.11 -30.77
C4D CLA HC . -63.55 13.80 -29.79
CMD CLA HC . -65.32 13.01 -33.02
CAD CLA HC . -65.18 15.36 -30.36
OBD CLA HC . -66.12 15.94 -30.99
CBD CLA HC . -64.59 15.84 -29.09
CGD CLA HC . -63.96 17.16 -29.35
O1D CLA HC . -62.77 17.23 -29.64
O2D CLA HC . -64.74 18.38 -29.23
CED CLA HC . -64.08 19.65 -29.32
C1 CLA HC . -67.88 13.54 -24.24
C2 CLA HC . -67.58 12.09 -24.57
C3 CLA HC . -68.48 11.27 -25.14
C4 CLA HC . -69.86 11.75 -25.47
C5 CLA HC . -68.09 9.84 -25.43
C6 CLA HC . -69.25 8.86 -25.26
C7 CLA HC . -68.72 7.43 -25.16
C8 CLA HC . -68.17 6.93 -26.48
C9 CLA HC . -69.25 6.96 -27.57
C10 CLA HC . -67.63 5.53 -26.32
MG CLA IC . -65.61 10.83 -17.95
CHA CLA IC . -64.64 13.99 -19.00
CHB CLA IC . -67.22 12.27 -15.35
CHC CLA IC . -66.87 7.79 -17.25
CHD CLA IC . -64.28 9.50 -21.14
NA CLA IC . -65.93 12.78 -17.31
C1A CLA IC . -65.44 13.89 -17.72
C2A CLA IC . -65.74 15.11 -16.88
C3A CLA IC . -66.52 14.52 -15.73
C4A CLA IC . -66.55 13.09 -16.16
CMA CLA IC . -65.71 14.62 -14.45
CAA CLA IC . -66.68 16.14 -17.56
CBA CLA IC . -68.04 15.60 -18.00
CGA CLA IC . -68.01 15.05 -19.42
O1A CLA IC . -68.11 15.81 -20.37
O2A CLA IC . -67.83 13.63 -19.64
NB CLA IC . -66.88 10.14 -16.50
C1B CLA IC . -67.42 10.83 -15.51
C2B CLA IC . -68.26 10.06 -14.57
C3B CLA IC . -68.17 8.70 -15.13
C4B CLA IC . -67.28 8.87 -16.33
CMB CLA IC . -69.01 10.53 -13.35
CAB CLA IC . -68.85 7.50 -14.54
CBB CLA IC . -68.62 6.24 -14.84
NC CLA IC . -65.59 9.06 -18.99
C1C CLA IC . -66.14 7.93 -18.51
C2C CLA IC . -65.97 6.73 -19.37
C3C CLA IC . -65.21 7.25 -20.52
C4C CLA IC . -65.02 8.68 -20.17
CMC CLA IC . -66.48 5.33 -19.16
CAC CLA IC . -64.73 6.50 -21.74
CBC CLA IC . -65.81 6.65 -22.79
ND CLA IC . -64.75 11.47 -19.69
C1D CLA IC . -64.14 10.93 -20.86
C2D CLA IC . -63.42 11.89 -21.73
C3D CLA IC . -63.63 13.13 -20.95
C4D CLA IC . -64.39 12.81 -19.82
CMD CLA IC . -62.63 11.83 -23.02
CAD CLA IC . -63.36 14.58 -20.89
OBD CLA IC . -62.68 15.25 -21.76
CBD CLA IC . -63.97 15.14 -19.67
CGD CLA IC . -62.92 15.79 -18.83
O1D CLA IC . -62.48 15.25 -17.83
O2D CLA IC . -62.44 17.10 -19.21
CED CLA IC . -61.62 17.85 -18.32
C1 CLA IC . -68.62 12.89 -20.58
C2 CLA IC . -69.15 11.64 -19.91
C3 CLA IC . -68.82 10.41 -20.34
C4 CLA IC . -67.91 10.23 -21.51
C5 CLA IC . -69.35 9.19 -19.65
C6 CLA IC . -70.10 9.47 -18.35
C7 CLA IC . -71.44 8.74 -18.31
C8 CLA IC . -71.35 7.47 -17.47
C9 CLA IC . -71.21 6.23 -18.34
C10 CLA IC . -72.58 7.37 -16.59
C11 CLA IC . -72.61 8.44 -15.50
C12 CLA IC . -73.83 8.26 -14.60
C13 CLA IC . -74.71 9.50 -14.50
C14 CLA IC . -74.92 10.21 -15.83
C15 CLA IC . -74.14 10.45 -13.45
C16 CLA IC . -75.09 11.63 -13.22
C17 CLA IC . -74.68 12.48 -12.02
C18 CLA IC . -75.09 11.84 -10.69
C19 CLA IC . -76.59 11.54 -10.67
C20 CLA IC . -74.72 12.75 -9.53
MG CLA JC . -56.60 9.45 -21.17
CHA CLA JC . -53.62 9.45 -22.91
CHB CLA JC . -56.95 6.18 -21.95
CHC CLA JC . -59.75 9.63 -19.92
CHD CLA JC . -56.32 13.12 -20.89
NA CLA JC . -55.52 8.06 -22.27
C1A CLA JC . -54.34 8.14 -22.76
C2A CLA JC . -53.73 6.84 -23.23
C3A CLA JC . -54.83 5.85 -22.94
C4A CLA JC . -55.84 6.77 -22.34
CMA CLA JC . -55.39 5.31 -24.25
CAA CLA JC . -52.58 6.43 -22.29
CBA CLA JC . -51.40 5.80 -23.00
CGA CLA JC . -51.67 4.33 -23.21
O1A CLA JC . -52.31 3.95 -24.17
O2A CLA JC . -51.20 3.33 -22.28
NB CLA JC . -58.11 8.09 -20.96
C1B CLA JC . -58.12 6.82 -21.33
C2B CLA JC . -59.37 6.07 -21.05
C3B CLA JC . -60.20 7.13 -20.45
C4B CLA JC . -59.33 8.32 -20.44
CMB CLA JC . -59.71 4.64 -21.33
CAB CLA JC . -61.59 7.03 -19.94
CBB CLA JC . -61.83 6.78 -18.67
NC CLA JC . -57.77 11.05 -20.58
C1C CLA JC . -58.99 10.89 -20.04
C2C CLA JC . -59.60 12.13 -19.52
C3C CLA JC . -58.59 13.16 -19.80
C4C CLA JC . -57.51 12.37 -20.46
CMC CLA JC . -60.93 12.31 -18.86
CAC CLA JC . -58.64 14.65 -19.50
CBC CLA JC . -58.46 14.94 -18.04
ND CLA JC . -55.38 10.97 -21.74
C1D CLA JC . -55.26 12.39 -21.58
C2D CLA JC . -54.02 12.99 -22.14
C3D CLA JC . -53.37 11.77 -22.69
C4D CLA JC . -54.21 10.70 -22.42
CMD CLA JC . -53.42 14.37 -22.24
CAD CLA JC . -52.18 11.25 -23.40
OBD CLA JC . -51.19 11.94 -23.83
CBD CLA JC . -52.32 9.79 -23.57
CGD CLA JC . -52.39 9.48 -25.03
O1D CLA JC . -51.77 8.55 -25.49
O2D CLA JC . -53.21 10.27 -25.92
CED CLA JC . -53.40 9.76 -27.22
C1 CLA JC . -52.13 2.32 -21.90
C2 CLA JC . -51.97 1.97 -20.45
C3 CLA JC . -52.26 0.74 -19.99
C4 CLA JC . -52.79 -0.33 -20.89
C5 CLA JC . -52.07 0.45 -18.52
C6 CLA JC . -50.60 0.18 -18.21
C7 CLA JC . -50.47 -0.65 -16.95
C8 CLA JC . -49.08 -1.27 -16.83
C9 CLA JC . -48.00 -0.20 -16.83
C10 CLA JC . -48.86 -2.25 -17.99
C11 CLA JC . -48.77 -3.68 -17.49
C12 CLA JC . -50.14 -4.28 -17.23
C13 CLA JC . -50.22 -5.72 -17.72
C14 CLA JC . -49.31 -6.61 -16.89
C15 CLA JC . -49.88 -5.75 -19.20
C16 CLA JC . -49.99 -7.14 -19.81
C17 CLA JC . -49.11 -7.20 -21.04
C18 CLA JC . -49.75 -7.97 -22.18
C19 CLA JC . -49.79 -9.46 -21.89
C20 CLA JC . -49.00 -7.70 -23.47
MG CLA KC . -61.72 -11.08 -25.54
CHA CLA KC . -61.67 -13.00 -28.42
CHB CLA KC . -58.65 -9.95 -26.35
CHC CLA KC . -62.12 -8.69 -23.15
CHD CLA KC . -65.26 -12.06 -25.09
NA CLA KC . -60.41 -11.37 -27.12
C1A CLA KC . -60.46 -12.17 -28.13
C2A CLA KC . -59.22 -12.23 -28.99
C3A CLA KC . -58.30 -11.29 -28.26
C4A CLA KC . -59.19 -10.84 -27.16
CMA CLA KC . -57.24 -12.12 -27.56
CAA CLA KC . -59.45 -11.61 -30.39
CBA CLA KC . -60.34 -10.36 -30.37
CGA CLA KC . -60.89 -9.98 -31.71
O1A CLA KC . -60.15 -9.78 -32.66
O2A CLA KC . -62.32 -9.84 -31.88
NB CLA KC . -60.57 -9.53 -24.88
C1B CLA KC . -59.29 -9.30 -25.19
C2B CLA KC . -58.57 -8.32 -24.36
C3B CLA KC . -59.62 -7.95 -23.39
C4B CLA KC . -60.81 -8.75 -23.82
CMB CLA KC . -57.15 -7.85 -24.44
CAB CLA KC . -59.52 -7.01 -22.27
CBB CLA KC . -60.16 -5.87 -22.34
NC CLA KC . -63.33 -10.55 -24.36
C1C CLA KC . -63.30 -9.51 -23.50
C2C CLA KC . -64.60 -9.20 -22.86
C3C CLA KC . -65.52 -10.20 -23.44
C4C CLA KC . -64.62 -10.97 -24.34
CMC CLA KC . -64.93 -8.13 -21.86
CAC CLA KC . -66.99 -10.39 -23.19
CBC CLA KC . -67.11 -11.36 -22.05
ND CLA KC . -63.18 -12.16 -26.46
C1D CLA KC . -64.52 -12.62 -26.22
C2D CLA KC . -65.03 -13.64 -27.16
C3D CLA KC . -63.85 -13.79 -28.05
C4D CLA KC . -62.87 -12.92 -27.58
CMD CLA KC . -66.31 -14.40 -27.32
CAD CLA KC . -63.31 -14.48 -29.24
OBD CLA KC . -63.91 -15.37 -29.93
CBD CLA KC . -61.93 -14.03 -29.48
CGD CLA KC . -61.06 -15.21 -29.18
O1D CLA KC . -60.55 -15.35 -28.09
O2D CLA KC . -60.82 -16.22 -30.20
CED CLA KC . -60.16 -17.42 -29.82
C1 CLA KC . -62.87 -8.65 -32.44
C2 CLA KC . -63.50 -7.82 -31.36
C3 CLA KC . -64.76 -7.36 -31.44
C4 CLA KC . -65.60 -7.65 -32.65
C5 CLA KC . -65.36 -6.52 -30.33
C6 CLA KC . -64.68 -5.18 -30.10
C7 CLA KC . -65.10 -4.58 -28.77
C8 CLA KC . -64.51 -3.20 -28.52
C9 CLA KC . -65.00 -2.20 -29.56
C10 CLA KC . -62.99 -3.27 -28.51
C11 CLA KC . -62.37 -1.93 -28.11
C12 CLA KC . -60.86 -1.91 -28.34
C13 CLA KC . -60.33 -0.48 -28.33
C14 CLA KC . -60.96 0.36 -29.43
C15 CLA KC . -58.81 -0.50 -28.48
MG CLA LC . -69.75 -12.20 -17.58
CHA CLA LC . -72.71 -13.96 -17.93
CHB CLA LC . -70.91 -9.98 -19.84
CHC CLA LC . -67.23 -10.17 -16.68
CHD CLA LC . -68.83 -14.49 -14.83
NA CLA LC . -71.51 -11.96 -18.66
C1A CLA LC . -72.54 -12.72 -18.75
C2A CLA LC . -73.59 -12.28 -19.75
C3A CLA LC . -72.95 -11.05 -20.35
C4A CLA LC . -71.70 -11.00 -19.56
CMA CLA LC . -72.57 -11.36 -21.80
CAA CLA LC . -74.90 -11.79 -19.11
CBA CLA LC . -74.66 -11.07 -17.78
CGA CLA LC . -75.92 -10.56 -17.14
O1A CLA LC . -77.02 -10.98 -17.47
O2A CLA LC . -75.79 -9.53 -16.11
NB CLA LC . -69.19 -10.32 -18.16
C1B CLA LC . -69.64 -9.65 -19.21
C2B CLA LC . -68.80 -8.51 -19.66
C3B CLA LC . -67.68 -8.58 -18.70
C4B CLA LC . -68.05 -9.72 -17.82
CMB CLA LC . -69.01 -7.56 -20.80
CAB CLA LC . -66.50 -7.70 -18.62
CBB CLA LC . -66.27 -6.96 -17.56
NC CLA LC . -68.32 -12.34 -16.09
C1C CLA LC . -67.45 -11.36 -15.86
C2C CLA LC . -66.62 -11.52 -14.64
C3C CLA LC . -67.10 -12.81 -14.10
C4C CLA LC . -68.13 -13.22 -15.08
CMC CLA LC . -65.57 -10.59 -14.11
CAC CLA LC . -66.64 -13.52 -12.85
CBC CLA LC . -67.52 -13.04 -11.73
ND CLA LC . -70.50 -13.79 -16.54
C1D CLA LC . -70.08 -14.73 -15.55
C2D CLA LC . -71.00 -15.89 -15.33
C3D CLA LC . -72.05 -15.56 -16.32
C4D CLA LC . -71.70 -14.36 -16.93
CMD CLA LC . -71.02 -17.10 -14.45
CAD CLA LC . -73.35 -15.99 -16.89
OBD CLA LC . -73.99 -17.05 -16.55
CBD CLA LC . -73.78 -15.00 -17.90
CGD CLA LC . -74.09 -15.63 -19.22
O1D CLA LC . -75.20 -15.47 -19.71
O2D CLA LC . -73.13 -16.40 -19.96
CED CLA LC . -73.50 -16.78 -21.28
C1 CLA LC . -76.94 -8.93 -15.52
C2 CLA LC . -77.21 -7.60 -16.19
C3 CLA LC . -76.95 -6.43 -15.58
C4 CLA LC . -77.24 -5.15 -16.29
C5 CLA LC . -76.35 -6.40 -14.18
C6 CLA LC . -74.88 -6.02 -14.16
C7 CLA LC . -74.68 -4.62 -13.58
C8 CLA LC . -73.29 -4.45 -12.96
C9 CLA LC . -72.97 -5.55 -11.95
C10 CLA LC . -73.21 -3.08 -12.28
C11 CLA LC . -72.61 -2.04 -13.20
C12 CLA LC . -71.13 -2.33 -13.46
MG CLA MC . -61.85 -12.49 -4.01
CHA CLA MC . -61.44 -15.38 -2.17
CHB CLA MC . -64.65 -13.86 -5.38
CHC CLA MC . -62.60 -9.43 -5.26
CHD CLA MC . -59.19 -10.93 -1.95
NA CLA MC . -62.91 -14.27 -3.78
C1A CLA MC . -62.57 -15.34 -3.16
C2A CLA MC . -63.44 -16.56 -3.40
C3A CLA MC . -64.41 -16.03 -4.44
C4A CLA MC . -63.94 -14.62 -4.54
CMA CLA MC . -64.18 -16.76 -5.75
CAA CLA MC . -64.33 -16.97 -2.20
CBA CLA MC . -65.14 -15.85 -1.54
CGA CLA MC . -64.35 -15.17 -0.44
O1A CLA MC . -64.22 -15.69 0.64
O2A CLA MC . -63.74 -13.87 -0.67
NB CLA MC . -63.39 -11.77 -5.15
C1B CLA MC . -64.44 -12.44 -5.66
C2B CLA MC . -65.38 -11.66 -6.49
C3B CLA MC . -64.74 -10.33 -6.44
C4B CLA MC . -63.54 -10.51 -5.58
CMB CLA MC . -66.63 -12.10 -7.20
CAB CLA MC . -65.20 -9.07 -7.08
CBB CLA MC . -65.76 -8.15 -6.33
NC CLA MC . -61.06 -10.61 -3.67
C1C CLA MC . -61.52 -9.50 -4.27
C2C CLA MC . -60.81 -8.25 -3.87
C3C CLA MC . -59.81 -8.71 -2.90
C4C CLA MC . -60.06 -10.17 -2.86
CMC CLA MC . -61.04 -6.84 -4.32
CAC CLA MC . -58.79 -7.90 -2.14
CBC CLA MC . -59.43 -7.48 -0.84
ND CLA MC . -60.63 -12.91 -2.43
C1D CLA MC . -59.53 -12.33 -1.71
C2D CLA MC . -58.85 -13.23 -0.75
C3D CLA MC . -59.64 -14.46 -0.96
C4D CLA MC . -60.61 -14.19 -1.91
CMD CLA MC . -57.70 -13.13 0.22
CAD CLA MC . -59.81 -15.86 -0.54
OBD CLA MC . -59.10 -16.46 0.33
CBD CLA MC . -60.93 -16.47 -1.28
CGD CLA MC . -60.41 -17.65 -2.03
O1D CLA MC . -60.20 -17.60 -3.23
O2D CLA MC . -60.15 -18.89 -1.33
CED CLA MC . -59.59 -20.00 -2.02
C1 CLA MC . -63.24 -13.10 0.42
C2 CLA MC . -63.54 -11.65 0.12
C3 CLA MC . -62.68 -10.66 0.39
C4 CLA MC . -61.34 -10.94 1.02
C5 CLA MC . -63.07 -9.24 0.05
C6 CLA MC . -63.91 -9.15 -1.23
C7 CLA MC . -63.74 -7.79 -1.89
C8 CLA MC . -64.80 -6.81 -1.45
C9 CLA MC . -66.06 -6.97 -2.31
C10 CLA MC . -64.27 -5.39 -1.56
MG CLA NC . -51.84 -11.33 -7.53
CHA CLA NC . -48.84 -12.33 -8.89
CHB CLA NC . -52.96 -14.52 -7.84
CHC CLA NC . -54.51 -10.44 -5.69
CHD CLA NC . -50.32 -8.01 -6.86
NA CLA NC . -51.04 -13.12 -8.19
C1A CLA NC . -49.92 -13.36 -8.75
C2A CLA NC . -49.70 -14.78 -9.22
C3A CLA NC . -51.04 -15.41 -8.92
C4A CLA NC . -51.72 -14.26 -8.28
CMA CLA NC . -51.74 -15.75 -10.23
CAA CLA NC . -48.77 -15.46 -8.20
CBA CLA NC . -48.66 -16.97 -8.37
CGA CLA NC . -48.63 -17.67 -7.04
O1A CLA NC . -48.86 -18.86 -6.96
O2A CLA NC . -48.33 -16.94 -5.82
NB CLA NC . -53.46 -12.36 -6.83
C1B CLA NC . -53.86 -13.59 -7.16
C2B CLA NC . -55.25 -13.92 -6.77
C3B CLA NC . -55.67 -12.67 -6.14
C4B CLA NC . -54.49 -11.80 -6.23
CMB CLA NC . -56.06 -15.17 -6.96
CAB CLA NC . -56.96 -12.32 -5.51
CBB CLA NC . -57.02 -12.26 -4.20
NC CLA NC . -52.28 -9.61 -6.49
C1C CLA NC . -53.44 -9.45 -5.85
C2C CLA NC . -53.65 -8.13 -5.22
C3C CLA NC . -52.41 -7.40 -5.56
C4C CLA NC . -51.65 -8.41 -6.34
CMC CLA NC . -54.84 -7.68 -4.44
CAC CLA NC . -52.02 -6.00 -5.20
CBC CLA NC . -51.22 -6.07 -3.92
ND CLA NC . -50.06 -10.35 -7.72
C1D CLA NC . -49.51 -9.03 -7.54
C2D CLA NC . -48.15 -8.83 -8.08
C3D CLA NC . -47.90 -10.19 -8.63
C4D CLA NC . -49.03 -10.96 -8.39
CMD CLA NC . -47.15 -7.71 -8.15
CAD CLA NC . -46.91 -11.04 -9.33
OBD CLA NC . -45.76 -10.67 -9.73
CBD CLA NC . -47.49 -12.39 -9.53
CGD CLA NC . -47.60 -12.61 -11.01
O1D CLA NC . -48.60 -12.29 -11.63
O2D CLA NC . -46.51 -13.24 -11.72
CED CLA NC . -46.65 -13.57 -13.10
C1 CLA NC . -48.78 -17.43 -4.55
C2 CLA NC . -49.48 -16.33 -3.82
C3 CLA NC . -48.83 -15.43 -3.07
C4 CLA NC . -47.34 -15.50 -2.93
C5 CLA NC . -49.59 -14.35 -2.36
C6 CLA NC . -50.47 -13.54 -3.31
C7 CLA NC . -50.16 -12.06 -3.19
C8 CLA NC . -51.43 -11.22 -3.18
C9 CLA NC . -51.06 -9.75 -3.11
C10 CLA NC . -52.28 -11.59 -1.98
C11 CLA NC . -53.60 -10.81 -1.99
C12 CLA NC . -54.27 -10.84 -0.63
C13 CLA NC . -53.81 -9.66 0.22
C14 CLA NC . -54.93 -8.63 0.38
MG CLA OC . -52.47 -8.46 -16.07
CHA CLA OC . -51.88 -10.97 -18.34
CHB CLA OC . -50.38 -10.01 -13.92
CHC CLA OC . -52.57 -5.67 -14.13
CHD CLA OC . -54.32 -6.63 -18.69
NA CLA OC . -51.28 -10.16 -16.12
C1A CLA OC . -51.25 -11.12 -16.97
C2A CLA OC . -50.47 -12.34 -16.55
C3A CLA OC . -50.09 -12.02 -15.12
C4A CLA OC . -50.62 -10.63 -15.06
CMA CLA OC . -50.86 -12.88 -14.14
CAA CLA OC . -49.14 -12.46 -17.34
CBA CLA OC . -47.77 -12.07 -16.76
CGA CLA OC . -47.48 -10.60 -16.72
O1A CLA OC . -48.32 -9.83 -17.12
O2A CLA OC . -46.24 -10.12 -16.13
NB CLA OC . -51.62 -7.94 -14.28
C1B CLA OC . -50.77 -8.65 -13.57
C2B CLA OC . -50.16 -7.96 -12.41
C3B CLA OC . -50.82 -6.64 -12.47
C4B CLA OC . -51.71 -6.76 -13.66
CMB CLA OC . -49.15 -8.47 -11.43
CAB CLA OC . -50.63 -5.51 -11.54
CBB CLA OC . -51.61 -4.83 -10.97
NC CLA OC . -53.25 -6.57 -16.38
C1C CLA OC . -53.23 -5.61 -15.44
C2C CLA OC . -53.96 -4.38 -15.78
C3C CLA OC . -54.47 -4.67 -17.12
C4C CLA OC . -53.98 -6.04 -17.39
CMC CLA OC . -54.13 -3.13 -14.96
CAC CLA OC . -55.31 -3.80 -18.01
CBC CLA OC . -54.32 -3.02 -18.85
ND CLA OC . -52.99 -8.63 -18.01
C1D CLA OC . -53.73 -7.94 -19.02
C2D CLA OC . -53.86 -8.61 -20.32
C3D CLA OC . -53.10 -9.85 -20.03
C4D CLA OC . -52.62 -9.76 -18.73
CMD CLA OC . -54.52 -8.33 -21.64
CAD CLA OC . -52.62 -11.14 -20.59
OBD CLA OC . -52.84 -11.56 -21.77
CBD CLA OC . -51.87 -11.86 -19.55
CGD CLA OC . -52.66 -13.08 -19.20
O1D CLA OC . -53.49 -13.05 -18.32
O2D CLA OC . -52.45 -14.32 -19.91
CED CLA OC . -53.14 -15.49 -19.50
C1 CLA OC . -46.23 -9.69 -14.76
C2 CLA OC . -46.86 -8.32 -14.64
C3 CLA OC . -46.40 -7.40 -13.77
C4 CLA OC . -45.23 -7.70 -12.88
C5 CLA OC . -47.10 -6.06 -13.70
C6 CLA OC . -46.33 -4.99 -12.92
C7 CLA OC . -47.03 -4.58 -11.63
C8 CLA OC . -47.87 -3.28 -11.64
C9 CLA OC . -47.81 -2.50 -12.95
C10 CLA OC . -47.52 -2.38 -10.46
C11 CLA OC . -47.39 -3.12 -9.14
C12 CLA OC . -46.01 -2.88 -8.52
C13 CLA OC . -46.01 -2.96 -7.00
C14 CLA OC . -46.60 -4.27 -6.50
C15 CLA OC . -46.76 -1.76 -6.43
MG CLA PC . -52.26 6.26 -5.99
CHA CLA PC . -51.14 9.02 -4.22
CHB CLA PC . -50.22 7.20 -8.54
CHC CLA PC . -52.96 3.28 -7.47
CHD CLA PC . -54.04 5.15 -2.96
NA CLA PC . -50.89 7.79 -6.32
C1A CLA PC . -50.58 8.81 -5.60
C2A CLA PC . -49.64 9.82 -6.23
C3A CLA PC . -49.41 9.22 -7.59
C4A CLA PC . -50.25 7.98 -7.48
CMA CLA PC . -50.00 10.13 -8.65
CAA CLA PC . -48.25 9.84 -5.56
CBA CLA PC . -47.61 8.46 -5.38
CGA CLA PC . -46.42 8.48 -4.47
O1A CLA PC . -46.00 9.51 -4.00
O2A CLA PC . -45.78 7.23 -4.10
NB CLA PC . -51.69 5.39 -7.75
C1B CLA PC . -50.89 5.91 -8.67
C2B CLA PC . -50.61 5.02 -9.81
C3B CLA PC . -51.42 3.85 -9.50
C4B CLA PC . -52.04 4.19 -8.19
CMB CLA PC . -49.77 5.23 -11.01
CAB CLA PC . -51.55 2.63 -10.32
CBB CLA PC . -50.82 1.58 -9.99
NC CLA PC . -53.27 4.60 -5.34
C1C CLA PC . -53.43 3.50 -6.10
C2C CLA PC . -54.19 2.40 -5.46
C3C CLA PC . -54.51 2.94 -4.13
C4C CLA PC . -53.90 4.30 -4.17
CMC CLA PC . -54.52 1.06 -6.05
CAC CLA PC . -55.27 2.28 -3.01
CBC CLA PC . -54.25 1.61 -2.13
ND CLA PC . -52.53 6.81 -4.05
C1D CLA PC . -53.32 6.42 -2.92
C2D CLA PC . -53.32 7.37 -1.78
C3D CLA PC . -52.43 8.43 -2.34
C4D CLA PC . -52.04 8.02 -3.60
CMD CLA PC . -53.95 7.45 -0.43
CAD CLA PC . -51.79 9.74 -2.06
OBD CLA PC . -51.94 10.42 -0.99
CBD CLA PC . -50.98 10.14 -3.24
CGD CLA PC . -51.54 11.42 -3.79
O1D CLA PC . -52.45 11.41 -4.60
O2D CLA PC . -50.96 12.68 -3.38
CED CLA PC . -51.15 13.85 -4.16
C1 CLA PC . -44.36 7.10 -4.12
C2 CLA PC . -43.99 5.77 -4.76
C3 CLA PC . -43.44 4.78 -4.04
C4 CLA PC . -43.16 4.95 -2.58
C5 CLA PC . -43.10 3.47 -4.73
C6 CLA PC . -43.18 2.26 -3.82
C7 CLA PC . -44.55 1.60 -3.92
C8 CLA PC . -44.74 0.51 -2.89
C9 CLA PC . -44.03 -0.77 -3.33
C10 CLA PC . -46.23 0.27 -2.69
C11 CLA PC . -46.51 -0.77 -1.61
C12 CLA PC . -47.58 -0.26 -0.65
C13 CLA PC . -48.47 -1.38 -0.12
C14 CLA PC . -47.66 -2.44 0.61
C15 CLA PC . -49.28 -1.99 -1.26
C16 CLA PC . -50.67 -2.39 -0.81
C17 CLA PC . -51.53 -2.78 -2.01
C18 CLA PC . -53.02 -2.58 -1.73
C19 CLA PC . -53.66 -3.86 -1.20
C20 CLA PC . -53.73 -2.07 -2.96
MG CLA QC . -67.86 6.33 -10.21
CHA CLA QC . -67.30 9.72 -9.84
CHB CLA QC . -70.37 6.57 -7.96
CHC CLA QC . -68.57 3.10 -10.87
CHD CLA QC . -65.50 6.36 -13.07
NA CLA QC . -68.73 7.86 -9.13
C1A CLA QC . -68.38 9.09 -9.00
C2A CLA QC . -69.11 9.88 -7.93
C3A CLA QC . -70.03 8.84 -7.33
C4A CLA QC . -69.68 7.68 -8.21
CMA CLA QC . -69.63 8.52 -5.90
CAA CLA QC . -70.07 10.94 -8.51
CBA CLA QC . -70.60 10.70 -9.94
CGA CLA QC . -71.92 9.97 -9.95
O1A CLA QC . -72.72 10.15 -9.06
O2A CLA QC . -72.23 9.00 -10.98
NB CLA QC . -69.25 5.01 -9.49
C1B CLA QC . -70.24 5.29 -8.65
C2B CLA QC . -71.23 4.20 -8.47
C3B CLA QC . -70.68 3.15 -9.36
C4B CLA QC . -69.46 3.78 -9.92
CMB CLA QC . -72.46 4.17 -7.61
CAB CLA QC . -71.25 1.79 -9.61
CBB CLA QC . -70.55 0.68 -9.50
NC CLA QC . -67.21 5.05 -11.69
C1C CLA QC . -67.57 3.75 -11.74
C2C CLA QC . -66.86 2.93 -12.74
C3C CLA QC . -65.96 3.90 -13.37
C4C CLA QC . -66.26 5.17 -12.65
CMC CLA QC . -67.03 1.46 -13.03
CAC CLA QC . -64.97 3.68 -14.49
CBC CLA QC . -65.69 3.94 -15.79
ND CLA QC . -66.73 7.63 -11.29
C1D CLA QC . -65.73 7.61 -12.33
C2D CLA QC . -64.99 8.87 -12.54
C3D CLA QC . -65.65 9.72 -11.52
C4D CLA QC . -66.61 8.95 -10.88
CMD CLA QC . -63.90 9.36 -13.44
CAD CLA QC . -65.70 11.07 -10.91
OBD CLA QC . -64.96 12.06 -11.25
CBD CLA QC . -66.72 11.09 -9.85
CGD CLA QC . -66.06 11.48 -8.56
O1D CLA QC . -66.33 12.53 -8.01
O2D CLA QC . -65.08 10.61 -7.92
CED CLA QC . -64.48 11.03 -6.70
C1 CLA QC . -72.60 7.69 -10.59
C2 CLA QC . -72.30 6.71 -11.70
C3 CLA QC . -73.20 5.78 -12.08
C4 CLA QC . -74.54 5.68 -11.41
C5 CLA QC . -72.87 4.84 -13.21
C6 CLA QC . -72.01 3.67 -12.78
C7 CLA QC . -70.75 3.60 -13.65
C8 CLA QC . -71.00 2.95 -15.00
C9 CLA QC . -71.62 1.56 -14.84
C10 CLA QC . -69.67 2.87 -15.73
C11 CLA QC . -69.83 2.25 -17.12
MG CLA RC . -59.76 10.05 1.38
CHA CLA RC . -62.33 12.30 1.99
CHB CLA RC . -58.40 10.92 4.35
CHC CLA RC . -57.59 7.51 0.96
CHD CLA RC . -61.63 8.91 -1.61
NA CLA RC . -60.29 11.34 2.93
C1A CLA RC . -61.27 12.15 3.04
C2A CLA RC . -61.29 13.01 4.29
C3A CLA RC . -60.02 12.56 4.98
C4A CLA RC . -59.54 11.53 4.01
CMA CLA RC . -59.01 13.71 5.03
CAA CLA RC . -62.45 12.64 5.24
CBA CLA RC . -62.72 11.14 5.27
CGA CLA RC . -63.81 10.75 6.23
O1A CLA RC . -64.82 11.42 6.35
O2A CLA RC . -63.64 9.54 7.02
NB CLA RC . -58.23 9.30 2.52
C1B CLA RC . -57.73 9.85 3.62
C2B CLA RC . -56.45 9.26 4.09
C3B CLA RC . -56.20 8.22 3.07
C4B CLA RC . -57.38 8.34 2.15
CMB CLA RC . -55.62 9.62 5.30
CAB CLA RC . -55.05 7.29 2.99
CBB CLA RC . -55.21 5.98 2.88
NC CLA RC . -59.64 8.57 -0.05
C1C CLA RC . -58.71 7.59 0.01
C2C CLA RC . -58.88 6.50 -0.98
C3C CLA RC . -60.08 6.92 -1.74
C4C CLA RC . -60.44 8.20 -1.08
CMC CLA RC . -58.03 5.27 -1.16
CAC CLA RC . -60.75 6.22 -2.88
CBC CLA RC . -61.89 5.41 -2.30
ND CLA RC . -61.53 10.37 0.41
C1D CLA RC . -62.17 10.02 -0.83
C2D CLA RC . -63.34 10.84 -1.21
C3D CLA RC . -63.38 11.77 -0.05
C4D CLA RC . -62.33 11.44 0.79
CMD CLA RC . -64.31 10.88 -2.36
CAD CLA RC . -64.11 12.91 0.57
OBD CLA RC . -65.13 13.51 0.07
CBD CLA RC . -63.45 13.27 1.83
CGD CLA RC . -62.87 14.66 1.67
O1D CLA RC . -63.28 15.56 2.38
O2D CLA RC . -61.83 14.92 0.71
CED CLA RC . -61.01 16.08 0.89
C1 CLA RC . -64.77 8.86 7.56
MG CLA SC . -51.06 11.96 5.25
CHA CLA SC . -53.87 13.96 4.94
CHB CLA SC . -50.46 13.42 8.24
CHC CLA SC . -48.63 9.66 5.75
CHD CLA SC . -52.23 10.04 2.32
NA CLA SC . -52.01 13.38 6.43
C1A CLA SC . -53.01 14.15 6.16
C2A CLA SC . -53.29 15.26 7.15
C3A CLA SC . -52.17 15.06 8.16
C4A CLA SC . -51.51 13.87 7.56
CMA CLA SC . -51.21 16.24 8.15
CAA CLA SC . -54.58 15.06 7.95
CBA CLA SC . -54.88 13.60 8.26
CGA CLA SC . -56.16 13.43 9.03
O1A CLA SC . -56.39 14.11 10.01
O2A CLA SC . -57.15 12.44 8.61
NB CLA SC . -49.72 11.63 6.75
C1B CLA SC . -49.65 12.25 7.92
C2B CLA SC . -48.75 11.63 8.93
C3B CLA SC . -48.20 10.49 8.17
C4B CLA SC . -48.87 10.60 6.84
CMB CLA SC . -48.47 12.08 10.34
CAB CLA SC . -47.21 9.46 8.59
CBB CLA SC . -46.03 9.80 9.09
NC CLA SC . -50.55 10.23 4.23
C1C CLA SC . -49.55 9.43 4.61
C2C CLA SC . -49.40 8.19 3.79
C3C CLA SC . -50.46 8.32 2.79
C4C CLA SC . -51.10 9.61 3.16
CMC CLA SC . -48.40 7.08 3.95
CAC CLA SC . -50.84 7.38 1.67
CBC CLA SC . -50.01 7.78 0.47
ND CLA SC . -52.63 11.88 3.97
C1D CLA SC . -53.01 11.20 2.76
C2D CLA SC . -54.18 11.76 2.04
C3D CLA SC . -54.52 12.89 2.95
C4D CLA SC . -53.61 12.87 3.99
CMD CLA SC . -54.95 11.45 0.80
CAD CLA SC . -55.46 14.01 3.18
OBD CLA SC . -56.43 14.34 2.42
CBD CLA SC . -55.07 14.70 4.42
CGD CLA SC . -54.74 16.11 4.05
O1D CLA SC . -54.08 16.36 3.06
O2D CLA SC . -55.26 17.21 4.85
CED CLA SC . -55.46 18.49 4.25
C1 CLA SC . -56.80 11.06 8.58
C2 CLA SC . -57.98 10.24 8.10
C3 CLA SC . -58.05 8.91 8.30
C4 CLA SC . -56.96 8.17 9.02
C5 CLA SC . -59.26 8.14 7.82
C6 CLA SC . -59.36 8.07 6.30
C7 CLA SC . -59.52 6.65 5.81
C8 CLA SC . -59.77 6.60 4.30
C9 CLA SC . -60.94 7.48 3.89
C10 CLA SC . -60.00 5.16 3.88
C11 CLA SC . -60.27 5.02 2.39
C12 CLA SC . -60.29 3.56 1.98
C13 CLA SC . -61.26 3.32 0.82
C14 CLA SC . -62.18 2.14 1.10
MG CLA TC . -42.08 13.47 -0.89
CHA CLA TC . -45.30 12.56 -1.73
CHB CLA TC . -42.47 11.91 2.07
CHC CLA TC . -38.75 13.87 -0.38
CHD CLA TC . -41.67 14.78 -4.33
NA CLA TC . -43.59 12.37 0.00
C1A CLA TC . -44.80 12.17 -0.36
C2A CLA TC . -45.69 11.52 0.69
C3A CLA TC . -44.76 11.38 1.86
C4A CLA TC . -43.52 11.92 1.25
CMA CLA TC . -45.23 12.44 2.83
CAA CLA TC . -46.24 10.12 0.40
CBA CLA TC . -45.28 9.20 -0.31
CGA CLA TC . -45.98 7.88 -0.54
O1A CLA TC . -47.03 7.85 -1.15
O2A CLA TC . -45.43 6.64 -0.02
NB CLA TC . -40.81 12.96 0.62
C1B CLA TC . -41.12 12.37 1.78
C2B CLA TC . -40.00 12.20 2.74
C3B CLA TC . -38.89 12.80 1.99
C4B CLA TC . -39.51 13.21 0.70
CMB CLA TC . -39.98 11.60 4.11
CAB CLA TC . -37.48 12.94 2.40
CBB CLA TC . -36.70 11.88 2.43
NC CLA TC . -40.57 14.17 -2.12
C1C CLA TC . -39.30 14.25 -1.70
C2C CLA TC . -38.36 14.76 -2.71
C3C CLA TC . -39.21 15.04 -3.88
C4C CLA TC . -40.55 14.64 -3.39
CMC CLA TC . -36.89 14.96 -2.55
CAC CLA TC . -38.81 15.61 -5.23
CBC CLA TC . -38.61 14.46 -6.19
ND CLA TC . -43.11 13.63 -2.64
C1D CLA TC . -42.95 14.21 -3.94
C2D CLA TC . -44.14 14.17 -4.82
C3D CLA TC . -45.11 13.49 -3.89
C4D CLA TC . -44.43 13.21 -2.72
CMD CLA TC . -44.45 14.64 -6.21
CAD CLA TC . -46.48 12.97 -3.74
OBD CLA TC . -47.40 13.03 -4.63
CBD CLA TC . -46.63 12.37 -2.40
CGD CLA TC . -47.73 13.02 -1.61
O1D CLA TC . -47.65 14.15 -1.18
O2D CLA TC . -48.89 12.22 -1.27
CED CLA TC . -49.32 12.15 0.08
C1 CLA TC . -46.12 5.41 -0.27
C2 CLA TC . -46.60 4.77 1.01
C3 CLA TC . -45.94 3.76 1.60
C4 CLA TC . -44.67 3.23 0.99
C5 CLA TC . -46.47 3.17 2.88
C6 CLA TC . -45.49 2.29 3.63
C7 CLA TC . -45.39 2.67 5.09
C8 CLA TC . -44.09 2.19 5.73
C9 CLA TC . -44.26 2.01 7.23
C10 CLA TC . -42.98 3.19 5.39
C11 CLA TC . -41.71 2.97 6.20
C12 CLA TC . -40.72 4.10 5.95
C13 CLA TC . -40.03 4.52 7.24
C14 CLA TC . -39.21 5.80 7.05
C15 CLA TC . -39.15 3.39 7.75
MG CLA UC . -47.92 11.34 -11.23
CHA CLA UC . -49.46 9.76 -13.92
CHB CLA UC . -45.89 8.67 -10.93
CHC CLA UC . -46.75 12.74 -8.38
CHD CLA UC . -50.56 13.92 -11.39
NA CLA UC . -47.74 9.51 -12.20
C1A CLA UC . -48.26 9.08 -13.30
C2A CLA UC . -47.67 7.82 -13.87
C3A CLA UC . -46.53 7.55 -12.92
C4A CLA UC . -46.75 8.66 -11.94
CMA CLA UC . -46.54 6.20 -12.23
CAA CLA UC . -47.05 7.93 -15.25
CBA CLA UC . -47.50 6.84 -16.24
CGA CLA UC . -47.83 5.50 -15.61
O1A CLA UC . -48.99 5.21 -15.33
O2A CLA UC . -46.82 4.47 -15.41
NB CLA UC . -46.49 10.79 -9.89
C1B CLA UC . -45.83 9.65 -9.85
C2B CLA UC . -45.04 9.38 -8.63
C3B CLA UC . -45.30 10.62 -7.86
C4B CLA UC . -46.21 11.41 -8.74
CMB CLA UC . -44.19 8.19 -8.28
CAB CLA UC . -44.78 10.99 -6.52
CBB CLA UC . -43.48 11.20 -6.38
NC CLA UC . -48.58 12.93 -10.10
C1C CLA UC . -47.87 13.41 -9.06
C2C CLA UC . -48.29 14.76 -8.59
C3C CLA UC . -49.40 15.10 -9.49
C4C CLA UC . -49.49 13.90 -10.36
CMC CLA UC . -47.75 15.61 -7.49
CAC CLA UC . -50.24 16.35 -9.50
CBC CLA UC . -49.53 17.33 -10.39
ND CLA UC . -49.60 11.79 -12.28
C1D CLA UC . -50.58 12.83 -12.36
C2D CLA UC . -51.56 12.69 -13.45
C3D CLA UC . -51.10 11.43 -14.07
C4D CLA UC . -50.01 10.99 -13.33
CMD CLA UC . -52.74 13.46 -13.95
CAD CLA UC . -51.34 10.46 -15.16
OBD CLA UC . -52.29 10.53 -16.02
CBD CLA UC . -50.33 9.39 -15.07
CGD CLA UC . -51.05 8.09 -14.92
O1D CLA UC . -51.49 7.53 -15.91
O2D CLA UC . -51.26 7.47 -13.64
CED CLA UC . -52.14 6.36 -13.60
C1 CLA UC . -47.24 3.17 -14.97
C2 CLA UC . -46.75 2.88 -13.57
C3 CLA UC . -47.33 1.95 -12.79
C4 CLA UC . -48.52 1.17 -13.28
C5 CLA UC . -46.80 1.69 -11.39
C6 CLA UC . -46.77 2.96 -10.54
C7 CLA UC . -47.09 2.71 -9.08
C8 CLA UC . -47.27 4.03 -8.32
C9 CLA UC . -46.08 4.96 -8.54
C10 CLA UC . -47.44 3.77 -6.83
C11 CLA UC . -48.77 3.07 -6.55
C12 CLA UC . -48.85 2.63 -5.09
C13 CLA UC . -50.27 2.21 -4.72
C14 CLA UC . -50.37 1.84 -3.25
C15 CLA UC . -50.74 1.07 -5.60
C16 CLA UC . -49.99 -0.22 -5.37
C17 CLA UC . -50.92 -1.43 -5.41
C18 CLA UC . -51.64 -1.56 -6.74
C19 CLA UC . -52.74 -2.61 -6.66
C20 CLA UC . -50.67 -1.90 -7.87
MG CLA VC . -33.26 0.29 -10.00
CHA CLA VC . -34.23 -2.99 -9.51
CHB CLA VC . -34.42 0.98 -6.93
CHC CLA VC . -31.73 3.31 -10.25
CHD CLA VC . -31.74 -0.74 -13.19
NA CLA VC . -34.11 -0.81 -8.47
C1A CLA VC . -34.52 -2.02 -8.41
C2A CLA VC . -35.23 -2.44 -7.16
C3A CLA VC . -35.33 -1.14 -6.41
C4A CLA VC . -34.57 -0.26 -7.34
CMA CLA VC . -36.78 -0.71 -6.46
CAA CLA VC . -34.22 -3.21 -6.30
CBA CLA VC . -34.63 -3.43 -4.84
CGA CLA VC . -33.50 -4.05 -4.06
O1A CLA VC . -32.83 -4.94 -4.54
O2A CLA VC . -33.15 -3.57 -2.72
NB CLA VC . -33.11 1.91 -8.77
C1B CLA VC . -33.68 2.04 -7.58
C2B CLA VC . -33.42 3.32 -6.89
C3B CLA VC . -32.59 4.03 -7.89
C4B CLA VC . -32.48 3.05 -9.01
CMB CLA VC . -33.90 3.76 -5.53
CAB CLA VC . -32.02 5.39 -7.83
CBB CLA VC . -32.80 6.44 -7.65
NC CLA VC . -32.01 1.09 -11.43
C1C CLA VC . -31.50 2.33 -11.34
C2C CLA VC . -30.61 2.70 -12.46
C3C CLA VC . -30.61 1.51 -13.33
C4C CLA VC . -31.51 0.59 -12.59
CMC CLA VC . -29.88 4.00 -12.65
CAC CLA VC . -29.89 1.29 -14.63
CBC CLA VC . -28.58 0.59 -14.31
ND CLA VC . -32.97 -1.37 -11.12
C1D CLA VC . -32.43 -1.74 -12.38
C2D CLA VC . -32.61 -3.16 -12.77
C3D CLA VC . -33.36 -3.66 -11.58
C4D CLA VC . -33.49 -2.59 -10.71
CMD CLA VC . -32.27 -4.02 -13.92
CAD CLA VC . -33.99 -4.84 -10.96
OBD CLA VC . -34.05 -6.01 -11.47
CBD CLA VC . -34.55 -4.44 -9.67
CGD CLA VC . -36.02 -4.68 -9.75
O1D CLA VC . -36.83 -3.76 -9.79
O2D CLA VC . -36.47 -6.04 -9.75
CED CLA VC . -37.86 -6.26 -9.67
C1 CLA VC . -33.26 -4.44 -1.59
C2 CLA VC . -33.02 -3.66 -0.33
C3 CLA VC . -32.71 -4.25 0.84
C4 CLA VC . -32.62 -5.73 0.96
C5 CLA VC . -32.46 -3.39 2.07
C6 CLA VC . -31.08 -3.54 2.69
C7 CLA VC . -31.07 -3.06 4.15
C8 CLA VC . -29.73 -3.30 4.84
C9 CLA VC . -29.95 -3.91 6.21
C10 CLA VC . -28.95 -1.99 4.94
C11 CLA VC . -29.50 -1.06 6.01
C12 CLA VC . -28.86 0.33 5.95
C13 CLA VC . -29.70 1.35 6.71
C14 CLA VC . -31.15 1.36 6.22
C15 CLA VC . -29.08 2.73 6.56
C16 CLA VC . -29.75 3.78 7.43
C17 CLA VC . -30.21 4.96 6.60
C18 CLA VC . -30.63 6.15 7.47
C19 CLA VC . -29.48 6.61 8.35
C20 CLA VC . -31.86 5.81 8.30
MG CLA WC . -41.06 -9.76 -6.45
CHA CLA WC . -39.12 -6.93 -5.96
CHB CLA WC . -43.65 -8.09 -5.09
CHC CLA WC . -42.71 -12.69 -6.38
CHD CLA WC . -37.98 -11.55 -7.44
NA CLA WC . -41.34 -7.88 -5.63
C1A CLA WC . -40.57 -6.84 -5.61
C2A CLA WC . -41.20 -5.56 -5.15
C3A CLA WC . -42.62 -5.97 -4.86
C4A CLA WC . -42.53 -7.41 -5.22
CMA CLA WC . -42.90 -5.86 -3.38
CAA CLA WC . -41.32 -4.56 -6.29
CBA CLA WC . -41.25 -3.12 -5.78
CGA CLA WC . -41.55 -2.21 -6.93
O1A CLA WC . -41.17 -2.49 -8.06
O2A CLA WC . -42.31 -0.99 -6.74
NB CLA WC . -42.91 -10.32 -5.78
C1B CLA WC . -43.88 -9.51 -5.37
C2B CLA WC . -45.22 -10.12 -5.26
C3B CLA WC . -44.96 -11.51 -5.65
C4B CLA WC . -43.48 -11.52 -5.94
CMB CLA WC . -46.51 -9.47 -4.86
CAB CLA WC . -46.00 -12.58 -5.70
CBB CLA WC . -45.81 -13.88 -5.81
NC CLA WC . -40.45 -11.69 -6.82
C1C CLA WC . -41.28 -12.73 -6.74
C2C CLA WC . -40.67 -14.04 -7.07
C3C CLA WC . -39.27 -13.70 -7.37
C4C CLA WC . -39.26 -12.23 -7.20
CMC CLA WC . -41.35 -15.36 -7.06
CAC CLA WC . -38.12 -14.59 -7.78
CBC CLA WC . -37.34 -14.98 -6.56
ND CLA WC . -39.06 -9.44 -6.65
C1D CLA WC . -37.88 -10.14 -7.08
C2D CLA WC . -36.63 -9.34 -7.13
C3D CLA WC . -37.16 -8.04 -6.66
C4D CLA WC . -38.52 -8.19 -6.42
CMD CLA WC . -35.19 -9.55 -7.48
CAD CLA WC . -36.80 -6.64 -6.36
OBD CLA WC . -35.62 -6.16 -6.47
CBD CLA WC . -38.01 -5.92 -5.92
CGD CLA WC . -37.80 -5.19 -4.63
O1D CLA WC . -38.08 -4.01 -4.56
O2D CLA WC . -37.26 -5.82 -3.44
CED CLA WC . -37.03 -5.01 -2.29
C1 CLA WC . -42.59 -0.17 -7.86
C2 CLA WC . -41.54 0.89 -8.00
C3 CLA WC . -41.81 2.12 -8.46
C4 CLA WC . -43.20 2.48 -8.88
C5 CLA WC . -40.70 3.13 -8.57
C6 CLA WC . -41.13 4.50 -8.08
C7 CLA WC . -40.31 5.60 -8.74
C8 CLA WC . -40.57 6.96 -8.12
C9 CLA WC . -40.33 8.06 -9.14
C10 CLA WC . -39.66 7.17 -6.91
C11 CLA WC . -40.36 7.03 -5.56
C12 CLA WC . -39.48 7.61 -4.47
C13 CLA WC . -38.70 6.56 -3.71
C14 CLA WC . -39.35 6.28 -2.35
C15 CLA WC . -37.27 7.04 -3.53
C16 CLA WC . -36.40 6.00 -2.82
C17 CLA WC . -34.91 6.32 -2.96
C18 CLA WC . -34.07 5.55 -1.95
C19 CLA WC . -32.59 5.68 -2.27
C20 CLA WC . -34.45 4.08 -1.82
MG CLA XC . -35.77 -6.92 -28.05
CHA CLA XC . -38.35 -7.88 -30.14
CHB CLA XC . -35.05 -10.19 -27.56
CHC CLA XC . -32.99 -5.92 -26.44
CHD CLA XC . -36.35 -3.44 -29.13
NA CLA XC . -36.52 -8.73 -28.76
C1A CLA XC . -37.60 -8.98 -29.42
C2A CLA XC . -37.98 -10.43 -29.51
C3A CLA XC . -36.95 -11.09 -28.62
C4A CLA XC . -36.12 -9.92 -28.29
CMA CLA XC . -37.61 -11.60 -27.34
CAA CLA XC . -37.60 -10.93 -30.91
CBA CLA XC . -37.29 -12.40 -31.15
CGA CLA XC . -35.82 -12.54 -31.50
O1A CLA XC . -35.30 -13.63 -31.53
O2A CLA XC . -35.01 -11.38 -31.79
NB CLA XC . -34.28 -7.92 -27.10
C1B CLA XC . -34.06 -9.23 -27.07
C2B CLA XC . -32.73 -9.65 -26.56
C3B CLA XC . -32.13 -8.34 -26.23
C4B CLA XC . -33.18 -7.37 -26.60
CMB CLA XC . -32.20 -11.05 -26.42
CAB CLA XC . -30.82 -7.99 -25.66
CBB CLA XC . -29.70 -8.49 -26.14
NC CLA XC . -34.84 -5.09 -27.91
C1C CLA XC . -33.80 -4.89 -27.08
C2C CLA XC . -33.49 -3.46 -26.81
C3C CLA XC . -34.49 -2.74 -27.61
C4C CLA XC . -35.25 -3.84 -28.24
CMC CLA XC . -32.41 -2.92 -25.91
CAC CLA XC . -34.70 -1.25 -27.74
CBC CLA XC . -33.98 -0.79 -29.00
ND CLA XC . -36.96 -5.85 -29.31
C1D CLA XC . -37.19 -4.49 -29.68
C2D CLA XC . -38.29 -4.27 -30.64
C3D CLA XC . -38.76 -5.66 -30.83
C4D CLA XC . -37.94 -6.48 -30.06
CMD CLA XC . -38.89 -3.07 -31.32
CAD CLA XC . -39.74 -6.53 -31.52
OBD CLA XC . -40.65 -6.15 -32.33
CBD CLA XC . -39.49 -7.91 -31.10
CGD CLA XC . -40.71 -8.49 -30.48
O1D CLA XC . -41.09 -8.07 -29.41
O2D CLA XC . -41.46 -9.54 -31.15
CED CLA XC . -42.76 -9.90 -30.70
C1 CLA XC . -33.65 -11.38 -31.35
C2 CLA XC . -33.28 -10.04 -30.76
C3 CLA XC . -32.25 -9.31 -31.24
C4 CLA XC . -31.42 -9.81 -32.39
C5 CLA XC . -31.92 -7.98 -30.63
C6 CLA XC . -33.07 -6.97 -30.69
C7 CLA XC . -33.53 -6.72 -32.11
C8 CLA XC . -34.83 -5.91 -32.10
C9 CLA XC . -35.74 -6.30 -33.27
C10 CLA XC . -34.51 -4.42 -32.04
C11 CLA XC . -34.39 -3.73 -33.39
C12 CLA XC . -35.41 -2.59 -33.51
C13 CLA XC . -34.79 -1.37 -34.15
C14 CLA XC . -33.72 -0.77 -33.24
C15 CLA XC . -35.87 -0.35 -34.47
C16 CLA XC . -36.65 -0.71 -35.73
C17 CLA XC . -36.94 0.54 -36.56
C18 CLA XC . -37.65 0.20 -37.86
C19 CLA XC . -36.76 -0.65 -38.76
C20 CLA XC . -38.12 1.45 -38.59
MG CLA YC . -42.94 -6.20 -23.22
CHA CLA YC . -44.87 -9.09 -23.28
CHB CLA YC . -42.21 -6.74 -26.46
CHC CLA YC . -41.59 -3.10 -23.27
CHD CLA YC . -44.37 -5.46 -19.90
NA CLA YC . -43.48 -7.61 -24.65
C1A CLA YC . -44.12 -8.73 -24.54
C2A CLA YC . -44.08 -9.64 -25.75
C3A CLA YC . -43.17 -8.88 -26.68
C4A CLA YC . -42.95 -7.66 -25.87
CMA CLA YC . -41.86 -9.64 -26.69
CAA CLA YC . -45.46 -9.81 -26.44
CBA CLA YC . -45.89 -8.82 -27.53
CGA CLA YC . -46.80 -7.72 -27.02
O1A CLA YC . -46.41 -6.92 -26.20
O2A CLA YC . -48.17 -7.62 -27.49
NB CLA YC . -42.02 -5.09 -24.66
C1B CLA YC . -41.80 -5.45 -25.91
C2B CLA YC . -41.14 -4.43 -26.75
C3B CLA YC . -40.93 -3.32 -25.80
C4B CLA YC . -41.53 -3.85 -24.53
CMB CLA YC . -40.76 -4.51 -28.18
CAB CLA YC . -40.27 -2.02 -26.12
CBB CLA YC . -40.54 -0.86 -25.56
NC CLA YC . -43.00 -4.64 -21.87
C1C CLA YC . -42.37 -3.48 -22.09
C2C CLA YC . -42.49 -2.48 -20.99
C3C CLA YC . -43.31 -3.18 -20.00
C4C CLA YC . -43.56 -4.49 -20.65
CMC CLA YC . -41.91 -1.10 -20.95
CAC CLA YC . -43.79 -2.69 -18.65
CBC CLA YC . -45.14 -2.05 -18.88
ND CLA YC . -44.29 -6.95 -21.90
C1D CLA YC . -44.75 -6.69 -20.57
C2D CLA YC . -45.60 -7.73 -19.98
C3D CLA YC . -45.64 -8.71 -21.09
C4D CLA YC . -44.89 -8.18 -22.13
CMD CLA YC . -46.27 -7.89 -18.66
CAD CLA YC . -46.17 -10.01 -21.54
OBD CLA YC . -46.91 -10.80 -20.84
CBD CLA YC . -45.70 -10.27 -22.91
CGD CLA YC . -44.90 -11.53 -22.95
O1D CLA YC . -43.77 -11.55 -22.52
O2D CLA YC . -45.44 -12.72 -23.55
CED CLA YC . -44.58 -13.79 -23.90
C1 CLA YC . -48.76 -6.34 -27.73
C2 CLA YC . -49.70 -5.90 -26.61
C3 CLA YC . -50.73 -5.06 -26.85
C4 CLA YC . -50.98 -4.52 -28.22
C5 CLA YC . -51.65 -4.62 -25.74
C6 CLA YC . -52.28 -5.76 -24.95
C7 CLA YC . -53.66 -5.39 -24.41
C8 CLA YC . -53.63 -4.32 -23.34
C9 CLA YC . -52.69 -4.69 -22.20
C10 CLA YC . -55.02 -4.08 -22.76
C11 CLA YC . -56.06 -3.68 -23.80
C12 CLA YC . -57.26 -3.08 -23.08
C13 CLA YC . -58.51 -3.03 -23.95
C14 CLA YC . -58.26 -2.25 -25.23
C15 CLA YC . -59.63 -2.41 -23.13
C16 CLA YC . -61.02 -2.69 -23.70
C17 CLA YC . -62.07 -2.59 -22.60
C18 CLA YC . -63.47 -2.84 -23.15
C19 CLA YC . -63.86 -1.76 -24.14
C20 CLA YC . -64.48 -2.94 -22.02
MG CLA ZC . -36.32 11.40 -24.14
CHA CLA ZC . -34.49 14.07 -25.43
CHB CLA ZC . -39.09 12.77 -25.49
CHC CLA ZC . -37.91 8.53 -23.40
CHD CLA ZC . -33.11 9.83 -23.21
NA CLA ZC . -36.72 13.08 -25.30
C1A CLA ZC . -35.97 14.04 -25.68
C2A CLA ZC . -36.64 15.18 -26.40
C3A CLA ZC . -38.08 14.76 -26.34
C4A CLA ZC . -37.95 13.43 -25.67
CMA CLA ZC . -38.66 15.70 -25.31
CAA CLA ZC . -36.27 15.26 -27.89
CBA CLA ZC . -36.11 13.92 -28.60
CGA CLA ZC . -35.55 14.15 -29.99
O1A CLA ZC . -35.95 15.07 -30.67
O2A CLA ZC . -34.50 13.29 -30.52
NB CLA ZC . -38.24 10.74 -24.43
C1B CLA ZC . -39.27 11.45 -24.88
C2B CLA ZC . -40.61 10.79 -24.76
C3B CLA ZC . -40.24 9.52 -24.14
C4B CLA ZC . -38.75 9.60 -23.98
CMB CLA ZC . -42.03 11.20 -25.12
CAB CLA ZC . -41.24 8.49 -23.81
CBB CLA ZC . -41.19 7.70 -22.77
NC CLA ZC . -35.64 9.61 -23.35
C1C CLA ZC . -36.44 8.53 -23.32
C2C CLA ZC . -35.73 7.23 -23.19
C3C CLA ZC . -34.31 7.62 -23.15
C4C CLA ZC . -34.39 9.10 -23.23
CMC CLA ZC . -36.31 5.84 -23.15
CAC CLA ZC . -33.08 6.74 -23.03
CBC CLA ZC . -32.59 6.44 -24.42
ND CLA ZC . -34.30 11.73 -24.30
C1D CLA ZC . -33.08 11.17 -23.80
C2D CLA ZC . -31.88 12.03 -23.97
C3D CLA ZC . -32.49 13.20 -24.62
C4D CLA ZC . -33.84 12.95 -24.77
CMD CLA ZC . -30.42 11.96 -23.65
CAD CLA ZC . -32.20 14.54 -25.19
OBD CLA ZC . -31.04 15.11 -25.22
CBD CLA ZC . -33.45 15.12 -25.69
CGD CLA ZC . -33.69 16.43 -25.00
O1D CLA ZC . -34.64 16.62 -24.26
O2D CLA ZC . -32.78 17.53 -25.21
CED CLA ZC . -32.80 18.61 -24.28
C1 CLA ZC . -34.69 12.59 -31.75
C2 CLA ZC . -34.19 11.18 -31.58
C3 CLA ZC . -33.36 10.60 -32.46
C4 CLA ZC . -32.92 11.32 -33.70
C5 CLA ZC . -32.91 9.18 -32.19
C6 CLA ZC . -31.64 8.79 -32.93
C7 CLA ZC . -31.50 7.26 -32.96
C8 CLA ZC . -31.04 6.72 -31.61
C9 CLA ZC . -29.67 7.25 -31.24
C10 CLA ZC . -31.06 5.20 -31.62
C11 CLA ZC . -30.31 4.62 -32.82
C12 CLA ZC . -30.35 3.10 -32.79
C13 CLA ZC . -30.87 2.56 -34.12
C14 CLA ZC . -32.36 2.83 -34.25
C15 CLA ZC . -30.61 1.07 -34.22
C16 CLA ZC . -30.69 0.56 -35.65
C17 CLA ZC . -29.94 -0.75 -35.78
C18 CLA ZC . -29.98 -1.27 -37.21
C19 CLA ZC . -31.40 -1.67 -37.58
C20 CLA ZC . -29.01 -2.42 -37.42
MG CLA AD . -30.64 13.55 2.42
CHA CLA AD . -31.80 16.20 4.33
CHB CLA AD . -27.88 13.49 4.37
CHC CLA AD . -29.83 10.57 0.99
CHD CLA AD . -33.95 13.37 0.84
NA CLA AD . -29.97 14.61 4.08
C1A CLA AD . -30.46 15.61 4.69
C2A CLA AD . -29.63 16.21 5.79
C3A CLA AD . -28.39 15.37 5.73
C4A CLA AD . -28.79 14.42 4.65
CMA CLA AD . -27.25 16.21 5.16
CAA CLA AD . -30.27 15.85 7.13
CBA CLA AD . -29.42 16.22 8.33
CGA CLA AD . -29.79 15.31 9.47
O1A CLA AD . -29.28 15.45 10.58
O2A CLA AD . -30.75 14.24 9.26
NB CLA AD . -29.10 12.21 2.68
C1B CLA AD . -28.00 12.42 3.38
C2B CLA AD . -26.88 11.49 3.12
C3B CLA AD . -27.48 10.62 2.09
C4B CLA AD . -28.85 11.15 1.92
CMB CLA AD . -25.51 11.43 3.70
CAB CLA AD . -26.85 9.46 1.42
CBB CLA AD . -26.69 8.34 2.09
NC CLA AD . -31.70 12.25 1.22
C1C CLA AD . -31.16 11.14 0.68
C2C CLA AD . -32.03 10.44 -0.30
C3C CLA AD . -33.23 11.27 -0.34
C4C CLA AD . -32.92 12.35 0.63
CMC CLA AD . -31.75 9.20 -1.10
CAC CLA AD . -34.48 11.09 -1.17
CBC CLA AD . -35.36 10.11 -0.40
ND CLA AD . -32.47 14.43 2.54
C1D CLA AD . -33.69 14.45 1.80
C2D CLA AD . -34.58 15.60 2.06
C3D CLA AD . -33.79 16.30 3.10
C4D CLA AD . -32.64 15.58 3.30
CMD CLA AD . -35.91 16.07 1.55
CAD CLA AD . -33.74 17.49 3.99
OBD CLA AD . -34.65 18.38 4.08
CBD CLA AD . -32.49 17.46 4.77
CGD CLA AD . -31.69 18.68 4.50
O1D CLA AD . -31.42 19.44 5.40
O2D CLA AD . -31.19 18.97 3.17
CED CLA AD . -30.20 19.99 3.02
C1 CLA AD . -31.21 13.45 10.37
C2 CLA AD . -30.37 12.20 10.51
C3 CLA AD . -30.85 10.99 10.17
C4 CLA AD . -29.98 9.78 10.35
C5 CLA AD . -32.25 10.83 9.62
MG CLA BD . -21.87 9.58 6.12
CHA CLA BD . -23.00 12.67 7.21
CHB CLA BD . -18.72 10.76 6.34
CHC CLA BD . -20.79 6.41 5.60
CHD CLA BD . -25.32 8.32 6.52
NA CLA BD . -20.99 11.36 6.73
C1A CLA BD . -21.51 12.50 7.02
C2A CLA BD . -20.56 13.67 7.19
C3A CLA BD . -19.22 13.01 6.86
C4A CLA BD . -19.69 11.62 6.61
CMA CLA BD . -18.67 13.58 5.55
CAA CLA BD . -20.44 14.17 8.64
CBA CLA BD . -19.81 13.22 9.65
CGA CLA BD . -20.62 13.09 10.92
O1A CLA BD . -21.00 14.06 11.53
O2A CLA BD . -20.94 11.76 11.43
NB CLA BD . -20.03 8.72 5.99
C1B CLA BD . -18.87 9.33 6.08
C2B CLA BD . -17.67 8.48 5.94
C3B CLA BD . -18.27 7.16 5.72
C4B CLA BD . -19.75 7.43 5.77
CMB CLA BD . -16.23 8.89 6.03
CAB CLA BD . -17.54 5.88 5.50
CBB CLA BD . -17.84 4.75 6.11
NC CLA BD . -22.86 7.77 6.12
C1C CLA BD . -22.24 6.61 5.82
C2C CLA BD . -23.14 5.45 5.66
C3C CLA BD . -24.47 6.02 5.94
C4C CLA BD . -24.17 7.45 6.21
CMC CLA BD . -22.81 4.02 5.32
CAC CLA BD . -25.83 5.35 5.93
CBC CLA BD . -26.10 4.90 7.35
ND CLA BD . -23.71 10.20 6.75
C1D CLA BD . -25.07 9.73 6.80
C2D CLA BD . -26.09 10.73 7.13
C3D CLA BD . -25.22 11.93 7.29
C4D CLA BD . -23.92 11.54 7.07
CMD CLA BD . -27.60 10.76 7.30
CAD CLA BD . -25.21 13.37 7.61
OBD CLA BD . -26.24 14.09 7.87
CBD CLA BD . -23.83 13.87 7.55
CGD CLA BD . -23.76 14.87 6.44
O1D CLA BD . -23.74 14.52 5.28
O2D CLA BD . -23.70 16.29 6.75
CED CLA BD . -23.71 17.25 5.70
C1 CLA BD . -20.86 11.47 12.83
C2 CLA BD . -20.04 10.22 13.04
C3 CLA BD . -20.66 9.07 13.36
C4 CLA BD . -19.86 7.82 13.57
MG CLA CD . -11.53 -3.34 3.00
CHA CLA CD . -12.11 0.04 2.64
CHB CLA CD . -8.66 -2.94 1.27
CHC CLA CD . -10.63 -6.44 4.03
CHD CLA CD . -14.46 -3.49 5.25
NA CLA CD . -10.52 -1.73 2.14
C1A CLA CD . -10.89 -0.51 1.97
C2A CLA CD . -9.99 0.33 1.08
C3A CLA CD . -8.94 -0.68 0.66
C4A CLA CD . -9.42 -1.86 1.41
CMA CLA CD . -9.05 -0.95 -0.83
CAA CLA CD . -9.21 1.43 1.83
CBA CLA CD . -8.77 0.98 3.22
CGA CLA CD . -8.05 2.06 4.01
O1A CLA CD . -7.48 1.76 5.04
O2A CLA CD . -8.02 3.44 3.57
NB CLA CD . -9.88 -4.52 2.69
C1B CLA CD . -8.84 -4.23 1.91
C2B CLA CD . -7.82 -5.30 1.80
C3B CLA CD . -8.40 -6.37 2.64
C4B CLA CD . -9.68 -5.76 3.14
CMB CLA CD . -6.53 -5.33 1.03
CAB CLA CD . -7.78 -7.70 2.86
CBB CLA CD . -7.83 -8.38 3.99
NC CLA CD . -12.34 -4.63 4.39
C1C CLA CD . -11.87 -5.88 4.57
C2C CLA CD . -12.73 -6.76 5.40
C3C CLA CD . -13.86 -5.87 5.75
C4C CLA CD . -13.51 -4.60 5.07
CMC CLA CD . -12.51 -8.19 5.79
CAC CLA CD . -15.08 -6.15 6.57
CBC CLA CD . -16.05 -6.94 5.70
ND CLA CD . -12.96 -2.13 3.80
C1D CLA CD . -14.11 -2.20 4.66
C2D CLA CD . -14.87 -0.94 4.84
C3D CLA CD . -14.04 -0.04 4.00
C4D CLA CD . -12.97 -0.78 3.50
CMD CLA CD . -16.10 -0.51 5.58
CAD CLA CD . -13.87 1.35 3.52
OBD CLA CD . -14.65 2.32 3.79
CBD CLA CD . -12.69 1.41 2.65
CGD CLA CD . -13.22 1.58 1.27
O1D CLA CD . -13.61 0.62 0.64
O2D CLA CD . -13.26 2.88 0.66
CED CLA CD . -14.21 3.05 -0.39
C1 CLA CD . -7.39 4.40 4.42
C2 CLA CD . -8.37 4.89 5.46
C3 CLA CD . -9.10 6.00 5.26
C4 CLA CD . -8.95 6.80 4.00
C5 CLA CD . -10.08 6.47 6.30
C6 CLA CD . -10.58 5.34 7.20
C7 CLA CD . -11.76 4.60 6.59
C8 CLA CD . -12.23 3.51 7.55
C9 CLA CD . -13.14 2.51 6.86
C10 CLA CD . -12.93 4.17 8.74
C11 CLA CD . -12.67 3.37 10.01
C12 CLA CD . -13.24 4.08 11.23
C13 CLA CD . -14.77 4.07 11.23
C14 CLA CD . -15.32 4.83 12.44
C15 CLA CD . -15.27 2.64 11.23
C16 CLA CD . -16.76 2.56 10.90
C17 CLA CD . -17.02 2.14 9.46
C18 CLA CD . -18.50 2.20 9.14
C19 CLA CD . -18.79 1.69 7.73
C20 CLA CD . -19.03 3.61 9.32
MG CLA DD . -6.18 -12.43 -0.65
CHA CLA DD . -4.20 -14.59 1.21
CHB CLA DD . -7.92 -11.76 2.17
CHC CLA DD . -7.55 -9.80 -2.27
CHD CLA DD . -3.87 -12.94 -3.49
NA CLA DD . -6.07 -13.02 1.35
C1A CLA DD . -5.31 -13.87 1.92
C2A CLA DD . -5.57 -14.11 3.39
C3A CLA DD . -6.78 -13.24 3.64
C4A CLA DD . -6.93 -12.63 2.29
CMA CLA DD . -8.01 -14.11 3.90
CAA CLA DD . -4.44 -13.37 4.11
CBA CLA DD . -4.51 -13.34 5.62
CGA CLA DD . -3.28 -12.59 6.08
O1A CLA DD . -2.76 -11.78 5.34
O2A CLA DD . -2.65 -12.87 7.38
NB CLA DD . -7.50 -10.96 -0.10
C1B CLA DD . -8.27 -10.96 0.99
C2B CLA DD . -9.45 -10.05 0.96
C3B CLA DD . -9.32 -9.48 -0.39
C4B CLA DD . -8.08 -10.09 -0.93
CMB CLA DD . -10.52 -9.81 1.99
CAB CLA DD . -10.19 -8.48 -1.06
CBB CLA DD . -9.74 -7.27 -1.29
NC CLA DD . -5.79 -11.60 -2.49
C1C CLA DD . -6.43 -10.49 -2.92
C2C CLA DD . -5.93 -9.95 -4.20
C3C CLA DD . -4.85 -10.88 -4.57
C4C CLA DD . -4.86 -11.85 -3.44
CMC CLA DD . -6.43 -8.75 -4.92
CAC CLA DD . -3.94 -10.84 -5.78
CBC CLA DD . -2.86 -9.84 -5.50
ND CLA DD . -4.46 -13.41 -1.11
C1D CLA DD . -3.64 -13.68 -2.26
C2D CLA DD . -2.61 -14.73 -2.08
C3D CLA DD . -2.87 -15.11 -0.66
C4D CLA DD . -3.90 -14.30 -0.21
CMD CLA DD . -1.57 -15.39 -2.94
CAD CLA DD . -2.45 -15.97 0.46
OBD CLA DD . -1.51 -16.86 0.42
CBD CLA DD . -3.29 -15.69 1.64
CGD CLA DD . -4.09 -16.95 1.91
O1D CLA DD . -3.50 -17.96 2.22
O2D CLA DD . -5.52 -17.00 1.80
CED CLA DD . -6.21 -18.09 2.41
C1 CLA DD . -2.88 -12.04 8.51
C2 CLA DD . -2.38 -10.63 8.27
C3 CLA DD . -1.78 -9.90 9.23
C4 CLA DD . -1.59 -10.46 10.60
C5 CLA DD . -1.30 -8.51 8.90
C6 CLA DD . -2.09 -7.42 9.60
C7 CLA DD . -1.24 -6.74 10.67
C8 CLA DD . -2.11 -6.15 11.78
C9 CLA DD . -1.26 -5.39 12.79
C10 CLA DD . -2.88 -7.28 12.46
C11 CLA DD . -3.99 -6.73 13.33
C12 CLA DD . -4.97 -7.83 13.73
C13 CLA DD . -5.78 -7.42 14.94
MG CLA ED . -41.31 -12.10 1.52
CHA CLA ED . -44.43 -13.60 1.26
CHB CLA ED . -41.56 -11.20 -1.72
CHC CLA ED . -38.55 -10.22 1.97
CHD CLA ED . -41.35 -12.90 5.13
NA CLA ED . -42.75 -12.31 0.04
C1A CLA ED . -43.86 -12.97 0.02
C2A CLA ED . -44.54 -13.08 -1.34
C3A CLA ED . -43.56 -12.35 -2.22
C4A CLA ED . -42.57 -11.91 -1.22
CMA CLA ED . -42.85 -13.47 -2.95
CAA CLA ED . -45.90 -12.36 -1.48
CBA CLA ED . -45.87 -10.84 -1.46
CGA CLA ED . -47.22 -10.32 -1.05
O1A CLA ED . -47.87 -10.89 -0.20
O2A CLA ED . -47.77 -9.14 -1.69
NB CLA ED . -40.22 -10.87 0.29
C1B CLA ED . -40.42 -10.65 -1.00
C2B CLA ED . -39.40 -9.80 -1.66
C3B CLA ED . -38.48 -9.50 -0.55
C4B CLA ED . -39.09 -10.21 0.61
CMB CLA ED . -39.32 -9.35 -3.10
CAB CLA ED . -37.24 -8.67 -0.63
CBB CLA ED . -36.75 -7.89 0.32
NC CLA ED . -40.23 -11.64 3.21
C1C CLA ED . -39.11 -10.89 3.16
C2C CLA ED . -38.38 -10.78 4.44
C3C CLA ED . -39.21 -11.57 5.37
C4C CLA ED . -40.32 -12.05 4.49
CMC CLA ED . -37.11 -10.02 4.72
CAC CLA ED . -38.99 -11.81 6.84
CBC CLA ED . -39.71 -10.72 7.57
ND CLA ED . -42.51 -12.97 2.91
C1D CLA ED . -42.49 -13.31 4.31
C2D CLA ED . -43.66 -14.06 4.80
C3D CLA ED . -44.44 -14.17 3.53
C4D CLA ED . -43.74 -13.51 2.55
CMD CLA ED . -44.14 -14.65 6.11
CAD CLA ED . -45.70 -14.69 2.92
OBD CLA ED . -46.62 -15.34 3.54
CBD CLA ED . -45.70 -14.35 1.49
CGD CLA ED . -45.72 -15.63 0.73
O1D CLA ED . -44.68 -16.19 0.39
O2D CLA ED . -46.99 -16.23 0.36
CED CLA ED . -47.06 -17.64 0.11
C1 CLA ED . -47.50 -7.84 -1.15
C2 CLA ED . -48.02 -7.71 0.26
C3 CLA ED . -49.03 -6.89 0.59
C4 CLA ED . -49.71 -6.04 -0.44
C5 CLA ED . -49.51 -6.80 2.02
C6 CLA ED . -48.59 -7.49 3.02
C7 CLA ED . -47.58 -6.51 3.64
C8 CLA ED . -47.56 -6.58 5.17
C9 CLA ED . -46.62 -5.52 5.72
C10 CLA ED . -47.14 -7.96 5.63
C11 CLA ED . -48.20 -8.64 6.48
C12 CLA ED . -48.18 -8.13 7.92
C13 CLA ED . -48.32 -9.27 8.91
C14 CLA ED . -49.78 -9.64 9.13
C15 CLA ED . -47.65 -8.87 10.23
C16 CLA ED . -46.18 -8.48 10.04
C17 CLA ED . -45.67 -7.68 11.22
C18 CLA ED . -44.19 -7.35 11.05
C19 CLA ED . -43.66 -6.59 12.26
C20 CLA ED . -43.93 -6.57 9.77
MG CLA FD . -47.68 -12.50 6.73
CHA CLA FD . -51.05 -13.31 6.59
CHB CLA FD . -47.89 -11.42 3.56
CHC CLA FD . -44.56 -11.22 7.11
CHD CLA FD . -47.72 -13.37 10.32
NA CLA FD . -49.20 -12.34 5.33
C1A CLA FD . -50.42 -12.75 5.34
C2A CLA FD . -51.17 -12.63 4.02
C3A CLA FD . -50.11 -12.05 3.10
C4A CLA FD . -49.00 -11.93 4.07
CMA CLA FD . -49.69 -13.04 2.01
CAA CLA FD . -52.38 -11.66 4.02
CBA CLA FD . -52.07 -10.16 3.92
CGA CLA FD . -52.08 -9.49 5.26
O1A CLA FD . -51.35 -9.89 6.17
O2A CLA FD . -52.95 -8.35 5.51
NB CLA FD . -46.43 -11.46 5.51
C1B CLA FD . -46.62 -11.17 4.23
C2B CLA FD . -45.48 -10.54 3.54
C3B CLA FD . -44.47 -10.48 4.61
C4B CLA FD . -45.18 -11.07 5.79
CMB CLA FD . -45.41 -10.10 2.11
CAB CLA FD . -43.09 -9.93 4.54
CBB CLA FD . -42.66 -8.98 5.35
NC CLA FD . -46.44 -12.33 8.37
C1C CLA FD . -45.21 -11.79 8.31
C2C CLA FD . -44.45 -11.78 9.58
C3C CLA FD . -45.39 -12.42 10.53
C4C CLA FD . -46.57 -12.71 9.67
CMC CLA FD . -43.08 -11.25 9.85
CAC CLA FD . -45.21 -12.71 11.99
CBC CLA FD . -45.73 -11.49 12.73
ND CLA FD . -48.97 -13.14 8.17
C1D CLA FD . -48.95 -13.52 9.55
C2D CLA FD . -50.23 -14.06 10.08
C3D CLA FD . -51.07 -13.96 8.86
C4D CLA FD . -50.29 -13.42 7.84
CMD CLA FD . -50.70 -14.58 11.41
CAD CLA FD . -52.43 -14.20 8.31
OBD CLA FD . -53.42 -14.69 8.95
CBD CLA FD . -52.44 -13.81 6.88
CGD CLA FD . -52.76 -15.00 6.05
O1D CLA FD . -51.90 -15.67 5.53
O2D CLA FD . -54.16 -15.37 5.86
CED CLA FD . -54.50 -16.64 5.34
MG CLA GD . -31.46 -11.45 -7.10
CHA CLA GD . -32.92 -12.54 -4.17
CHB CLA GD . -31.84 -8.28 -5.98
CHC CLA GD . -30.65 -10.42 -10.20
CHD CLA GD . -31.74 -14.93 -8.39
NA CLA GD . -32.29 -10.56 -5.41
C1A CLA GD . -32.65 -11.08 -4.30
C2A CLA GD . -32.86 -10.12 -3.14
C3A CLA GD . -32.54 -8.80 -3.76
C4A CLA GD . -32.20 -9.25 -5.15
CMA CLA GD . -33.84 -8.00 -3.84
CAA CLA GD . -31.89 -10.29 -1.96
CBA CLA GD . -32.49 -9.60 -0.74
CGA CLA GD . -31.65 -9.82 0.50
O1A CLA GD . -30.90 -10.78 0.57
O2A CLA GD . -31.70 -8.90 1.61
NB CLA GD . -31.24 -9.61 -7.95
C1B CLA GD . -31.48 -8.43 -7.39
C2B CLA GD . -31.40 -7.27 -8.30
C3B CLA GD . -31.03 -7.93 -9.59
C4B CLA GD . -30.97 -9.38 -9.23
CMB CLA GD . -31.60 -5.82 -7.93
CAB CLA GD . -30.77 -7.44 -10.97
CBB CLA GD . -30.58 -6.17 -11.28
NC CLA GD . -31.24 -12.47 -8.88
C1C CLA GD . -30.93 -11.86 -10.04
C2C CLA GD . -30.89 -12.74 -11.22
C3C CLA GD . -31.21 -14.07 -10.68
C4C CLA GD . -31.41 -13.78 -9.24
CMC CLA GD . -30.59 -12.39 -12.65
CAC CLA GD . -31.35 -15.40 -11.42
CBC CLA GD . -30.00 -16.00 -11.66
ND CLA GD . -32.15 -13.29 -6.54
C1D CLA GD . -32.20 -14.63 -7.03
C2D CLA GD . -32.75 -15.64 -6.11
C3D CLA GD . -33.05 -14.75 -4.95
C4D CLA GD . -32.68 -13.46 -5.29
CMD CLA GD . -33.02 -17.12 -6.14
CAD CLA GD . -33.57 -14.71 -3.57
OBD CLA GD . -34.01 -15.72 -2.95
CBD CLA GD . -33.53 -13.33 -3.06
CGD CLA GD . -34.94 -12.89 -2.81
O1D CLA GD . -35.23 -12.34 -1.76
O2D CLA GD . -35.98 -13.08 -3.79
CED CLA GD . -37.23 -12.41 -3.62
C1 CLA GD . -31.59 -9.38 2.95
C2 CLA GD . -32.66 -8.77 3.82
C3 CLA GD . -32.46 -7.63 4.49
C4 CLA GD . -31.15 -6.92 4.39
C5 CLA GD . -33.57 -7.06 5.35
C6 CLA GD . -33.48 -5.55 5.50
C7 CLA GD . -33.84 -5.09 6.91
C8 CLA GD . -33.94 -3.57 6.98
C9 CLA GD . -34.07 -3.10 8.43
C10 CLA GD . -35.12 -3.10 6.13
C11 CLA GD . -35.26 -1.58 6.14
C12 CLA GD . -34.13 -0.93 5.35
C13 CLA GD . -34.55 0.42 4.79
C14 CLA GD . -34.93 1.39 5.89
C15 CLA GD . -35.70 0.23 3.80
MG CLA HD . -23.80 -7.34 1.20
CHA CLA HD . -26.31 -9.64 0.60
CHB CLA HD . -25.38 -5.19 -0.85
CHC CLA HD . -21.67 -4.94 2.28
CHD CLA HD . -22.43 -9.65 3.72
NA CLA HD . -25.55 -7.36 0.11
C1A CLA HD . -26.36 -8.33 -0.15
C2A CLA HD . -27.44 -8.03 -1.16
C3A CLA HD . -27.07 -6.64 -1.61
C4A CLA HD . -25.92 -6.39 -0.72
CMA CLA HD . -26.55 -6.76 -3.03
CAA CLA HD . -28.85 -7.88 -0.53
CBA CLA HD . -29.10 -6.82 0.55
CGA CLA HD . -28.46 -7.09 1.90
O1A CLA HD . -28.65 -8.13 2.50
O2A CLA HD . -27.55 -6.14 2.49
NB CLA HD . -23.57 -5.36 0.77
C1B CLA HD . -24.27 -4.64 -0.11
C2B CLA HD . -23.87 -3.22 -0.23
C3B CLA HD . -22.74 -3.16 0.72
C4B CLA HD . -22.66 -4.53 1.29
CMB CLA HD . -24.44 -2.15 -1.11
CAB CLA HD . -21.90 -1.99 1.04
CBB CLA HD . -22.38 -0.93 1.66
NC CLA HD . -22.41 -7.30 2.72
C1C CLA HD . -21.58 -6.27 2.91
C2C CLA HD . -20.46 -6.53 3.85
C3C CLA HD . -20.68 -7.93 4.26
C4C CLA HD . -21.91 -8.29 3.52
CMC CLA HD . -19.35 -5.61 4.28
CAC CLA HD . -19.88 -8.78 5.22
CBC CLA HD . -18.84 -9.48 4.38
ND CLA HD . -24.19 -9.16 2.04
C1D CLA HD . -23.63 -10.05 3.01
C2D CLA HD . -24.34 -11.34 3.17
C3D CLA HD . -25.44 -11.15 2.18
C4D CLA HD . -25.28 -9.90 1.60
CMD CLA HD . -24.18 -12.58 4.01
CAD CLA HD . -26.65 -11.76 1.57
OBD CLA HD . -27.14 -12.90 1.83
CBD CLA HD . -27.21 -10.83 0.59
CGD CLA HD . -27.38 -11.46 -0.77
O1D CLA HD . -28.35 -11.20 -1.45
O2D CLA HD . -26.43 -12.41 -1.32
CED CLA HD . -26.80 -13.03 -2.54
C1 CLA HD . -27.16 -6.35 3.84
C2 CLA HD . -26.56 -5.07 4.39
C3 CLA HD . -25.37 -5.08 5.00
C4 CLA HD . -24.59 -6.36 5.16
C5 CLA HD . -24.80 -3.80 5.53
C6 CLA HD . -24.01 -3.06 4.47
C7 CLA HD . -23.76 -1.62 4.87
C8 CLA HD . -22.70 -1.49 5.95
C9 CLA HD . -22.41 -0.02 6.20
C10 CLA HD . -21.42 -2.22 5.57
C11 CLA HD . -20.64 -2.67 6.80
C12 CLA HD . -19.32 -1.94 6.96
C13 CLA HD . -18.69 -2.18 8.33
C14 CLA HD . -18.48 -3.67 8.58
C15 CLA HD . -19.57 -1.56 9.41
C16 CLA HD . -18.89 -1.48 10.77
C17 CLA HD . -19.60 -0.48 11.69
C18 CLA HD . -18.89 -0.37 13.03
C19 CLA HD . -19.03 -1.66 13.82
C20 CLA HD . -19.41 0.82 13.83
MG CLA ID . -27.98 1.95 -2.05
CHA CLA ID . -29.53 -1.04 -2.82
CHB CLA ID . -29.72 3.40 -4.56
CHC CLA ID . -26.71 4.88 -1.01
CHD CLA ID . -26.72 0.34 1.03
NA CLA ID . -29.41 1.33 -3.41
C1A CLA ID . -29.84 0.15 -3.69
C2A CLA ID . -30.72 0.02 -4.91
C3A CLA ID . -30.71 1.44 -5.44
C4A CLA ID . -29.88 2.10 -4.39
CMA CLA ID . -29.92 1.47 -6.75
CAA CLA ID . -32.18 -0.27 -4.55
CBA CLA ID . -32.68 0.39 -3.26
CGA CLA ID . -34.16 0.25 -3.08
O1A CLA ID . -34.93 0.92 -3.74
O2A CLA ID . -34.71 -0.69 -2.12
NB CLA ID . -28.15 3.87 -2.72
C1B CLA ID . -28.97 4.30 -3.68
C2B CLA ID . -29.09 5.77 -3.79
C3B CLA ID . -28.19 6.24 -2.72
C4B CLA ID . -27.66 4.96 -2.13
CMB CLA ID . -29.91 6.59 -4.73
CAB CLA ID . -27.93 7.67 -2.39
CBB CLA ID . -26.87 8.16 -1.78
NC CLA ID . -26.98 2.48 -0.33
C1C CLA ID . -26.49 3.71 -0.14
C2C CLA ID . -25.64 3.88 1.07
C3C CLA ID . -25.64 2.53 1.66
C4C CLA ID . -26.50 1.76 0.72
CMC CLA ID . -24.94 5.11 1.58
CAC CLA ID . -24.96 2.04 2.91
CBC CLA ID . -25.98 2.12 4.04
ND CLA ID . -28.10 0.18 -1.03
C1D CLA ID . -27.50 -0.45 0.10
C2D CLA ID . -27.74 -1.91 0.23
C3D CLA ID . -28.57 -2.12 -0.98
C4D CLA ID . -28.71 -0.91 -1.62
CMD CLA ID . -27.35 -2.98 1.21
CAD CLA ID . -29.32 -3.13 -1.78
OBD CLA ID . -29.42 -4.37 -1.52
CBD CLA ID . -29.91 -2.48 -2.96
CGD CLA ID . -29.20 -3.06 -4.15
O1D CLA ID . -28.38 -2.43 -4.77
O2D CLA ID . -29.49 -4.42 -4.58
CED CLA ID . -28.71 -5.01 -5.61
C1 CLA ID . -36.04 -0.52 -1.62
C2 CLA ID . -36.03 0.43 -0.44
MG CLA JD . -21.89 14.88 -49.46
CHA CLA JD . -23.78 15.05 -52.37
CHB CLA JD . -24.69 13.98 -47.80
CHC CLA JD . -19.93 14.27 -46.79
CHD CLA JD . -18.87 15.42 -51.53
NA CLA JD . -23.87 14.53 -49.99
C1A CLA JD . -24.49 14.67 -51.10
C2A CLA JD . -25.98 14.43 -51.08
C3A CLA JD . -26.24 14.12 -49.63
C4A CLA JD . -24.84 14.23 -49.11
CMA CLA JD . -27.09 15.22 -48.99
CAA CLA JD . -26.44 13.17 -51.86
CBA CLA JD . -25.84 11.84 -51.43
CGA CLA JD . -24.96 11.29 -52.54
O1A CLA JD . -24.79 11.91 -53.57
O2A CLA JD . -24.30 10.01 -52.36
NB CLA JD . -22.26 14.20 -47.58
C1B CLA JD . -23.45 13.99 -47.04
C2B CLA JD . -23.44 13.72 -45.58
C3B CLA JD . -21.99 13.80 -45.26
C4B CLA JD . -21.37 14.11 -46.59
CMB CLA JD . -24.61 13.44 -44.68
CAB CLA JD . -21.33 13.63 -43.96
CBB CLA JD . -20.62 14.61 -43.42
NC CLA JD . -19.84 14.88 -49.24
C1C CLA JD . -19.25 14.55 -48.08
C2C CLA JD . -17.77 14.46 -48.13
C3C CLA JD . -17.47 14.80 -49.53
C4C CLA JD . -18.82 15.04 -50.11
CMC CLA JD . -16.81 14.12 -47.04
CAC CLA JD . -16.12 14.88 -50.22
CBC CLA JD . -15.63 16.30 -50.09
ND CLA JD . -21.35 15.11 -51.41
C1D CLA JD . -20.18 15.43 -52.17
C2D CLA JD . -20.42 15.76 -53.60
C3D CLA JD . -21.90 15.60 -53.64
C4D CLA JD . -22.32 15.24 -52.38
CMD CLA JD . -19.59 16.14 -54.78
CAD CLA JD . -23.08 15.68 -54.52
OBD CLA JD . -23.06 15.99 -55.76
CBD CLA JD . -24.29 15.36 -53.73
CGD CLA JD . -25.14 16.59 -53.71
O1D CLA JD . -25.05 17.41 -52.82
O2D CLA JD . -26.11 16.81 -54.78
CED CLA JD . -26.74 18.08 -54.91
C1 CLA JD . -23.74 9.30 -53.46
C2 CLA JD . -23.51 7.88 -53.00
C3 CLA JD . -22.29 7.46 -52.64
C4 CLA JD . -21.10 8.37 -52.67
C5 CLA JD . -22.10 6.03 -52.17
C6 CLA JD . -21.63 5.09 -53.27
C7 CLA JD . -21.81 3.65 -52.81
C8 CLA JD . -23.28 3.26 -52.86
C9 CLA JD . -23.68 2.48 -51.62
C10 CLA JD . -23.52 2.47 -54.13
C11 CLA JD . -24.98 2.08 -54.29
C12 CLA JD . -25.20 1.35 -55.61
C13 CLA JD . -26.58 0.73 -55.68
C14 CLA JD . -26.73 -0.05 -56.97
C15 CLA JD . -27.64 1.82 -55.55
C16 CLA JD . -28.76 1.48 -54.58
C17 CLA JD . -29.91 0.75 -55.26
C18 CLA JD . -31.25 1.42 -55.02
C19 CLA JD . -31.55 1.60 -53.53
C20 CLA JD . -32.36 0.62 -55.69
MG CLA KD . -22.51 3.32 -39.03
CHA CLA KD . -25.24 5.29 -38.28
CHB CLA KD . -24.51 0.60 -38.81
CHC CLA KD . -19.94 1.48 -40.23
CHD CLA KD . -20.68 6.39 -39.98
NA CLA KD . -24.52 2.98 -38.69
C1A CLA KD . -25.45 3.80 -38.31
C2A CLA KD . -26.76 3.17 -37.92
C3A CLA KD . -26.46 1.70 -38.06
C4A CLA KD . -25.06 1.78 -38.55
CMA CLA KD . -26.43 1.05 -36.68
CAA CLA KD . -27.78 3.46 -39.02
CBA CLA KD . -29.04 2.61 -39.00
CGA CLA KD . -29.44 2.33 -40.42
O1A CLA KD . -29.49 1.19 -40.85
O2A CLA KD . -29.77 3.43 -41.32
NB CLA KD . -22.26 1.33 -39.44
C1B CLA KD . -23.15 0.36 -39.32
C2B CLA KD . -22.69 -0.98 -39.74
C3B CLA KD . -21.31 -0.70 -40.17
C4B CLA KD . -21.17 0.75 -39.94
CMB CLA KD . -23.42 -2.29 -39.73
CAB CLA KD . -20.30 -1.66 -40.70
CBB CLA KD . -19.64 -1.50 -41.84
NC CLA KD . -20.70 3.85 -39.88
C1C CLA KD . -19.83 2.94 -40.35
C2C CLA KD . -18.64 3.48 -41.03
C3C CLA KD . -18.86 4.95 -40.95
C4C CLA KD . -20.16 5.03 -40.23
CMC CLA KD . -17.54 2.63 -41.62
CAC CLA KD . -18.09 6.16 -41.44
CBC CLA KD . -16.62 6.08 -41.11
ND CLA KD . -22.80 5.32 -39.22
C1D CLA KD . -22.04 6.52 -39.43
C2D CLA KD . -22.71 7.79 -39.06
C3D CLA KD . -24.01 7.26 -38.59
C4D CLA KD . -23.97 5.88 -38.72
CMD CLA KD . -22.37 9.25 -39.08
CAD CLA KD . -25.33 7.63 -38.04
OBD CLA KD . -25.71 8.83 -37.78
CBD CLA KD . -26.11 6.40 -37.81
CGD CLA KD . -26.32 6.30 -36.34
O1D CLA KD . -25.52 5.74 -35.62
O2D CLA KD . -27.50 6.90 -35.75
CED CLA KD . -27.49 7.29 -34.37
C1 CLA KD . -30.27 3.16 -42.63
C2 CLA KD . -29.15 3.15 -43.66
C3 CLA KD . -29.17 3.92 -44.74
C4 CLA KD . -30.32 4.85 -45.02
C5 CLA KD . -28.04 3.86 -45.73
C6 CLA KD . -28.50 3.70 -47.17
C7 CLA KD . -27.63 4.54 -48.12
C8 CLA KD . -27.90 4.22 -49.58
C9 CLA KD . -27.76 2.72 -49.86
C10 CLA KD . -26.94 5.00 -50.45
C11 CLA KD . -27.31 4.87 -51.91
C12 CLA KD . -26.32 5.56 -52.83
C13 CLA KD . -26.83 5.58 -54.26
C14 CLA KD . -25.73 5.97 -55.25
C15 CLA KD . -28.00 6.54 -54.36
C16 CLA KD . -29.24 5.87 -54.94
C17 CLA KD . -30.34 6.89 -55.20
C18 CLA KD . -31.70 6.22 -55.24
C19 CLA KD . -32.05 5.71 -53.85
C20 CLA KD . -31.76 5.08 -56.25
MG CLA LD . -44.13 13.02 11.74
CHA CLA LD . -43.58 13.10 8.34
CHB CLA LD . -41.91 10.49 11.96
CHC CLA LD . -44.97 12.77 15.00
CHD CLA LD . -46.98 15.34 11.22
NA CLA LD . -42.99 11.94 10.39
C1A CLA LD . -42.75 12.14 9.15
C2A CLA LD . -41.63 11.31 8.54
C3A CLA LD . -41.17 10.48 9.72
C4A CLA LD . -42.09 11.01 10.75
CMA CLA LD . -41.51 9.01 9.47
CAA CLA LD . -40.43 12.12 8.03
CBA CLA LD . -39.54 12.74 9.11
CGA CLA LD . -38.53 13.66 8.50
O1A CLA LD . -38.90 14.69 7.96
O2A CLA LD . -37.10 13.37 8.57
NB CLA LD . -43.51 11.81 13.25
C1B CLA LD . -42.66 10.80 13.18
C2B CLA LD . -42.47 10.01 14.43
C3B CLA LD . -43.40 10.72 15.34
C4B CLA LD . -43.98 11.80 14.49
CMB CLA LD . -41.58 8.83 14.70
CAB CLA LD . -43.70 10.43 16.76
CBB CLA LD . -44.92 10.02 17.08
NC CLA LD . -45.66 13.88 12.84
C1C CLA LD . -45.82 13.64 14.16
C2C CLA LD . -46.97 14.35 14.79
C3C CLA LD . -47.54 15.11 13.67
C4C CLA LD . -46.65 14.74 12.53
CMC CLA LD . -47.44 14.34 16.21
CAC CLA LD . -48.74 16.02 13.66
CBC CLA LD . -48.25 17.37 14.12
ND CLA LD . -45.13 13.97 10.24
C1D CLA LD . -46.19 14.94 10.08
C2D CLA LD . -46.37 15.45 8.71
C3D CLA LD . -45.30 14.69 8.00
C4D CLA LD . -44.66 13.89 8.94
CMD CLA LD . -47.29 16.44 8.05
CAD CLA LD . -44.64 14.45 6.70
OBD CLA LD . -44.95 15.01 5.59
CBD CLA LD . -43.56 13.45 6.89
CGD CLA LD . -43.86 12.24 6.06
O1D CLA LD . -43.02 11.83 5.29
O2D CLA LD . -45.10 11.51 6.14
CED CLA LD . -45.09 10.16 5.69
C1 CLA LD . -36.23 14.05 7.67
C2 CLA LD . -35.83 13.10 6.56
C3 CLA LD . -34.55 12.93 6.20
C4 CLA LD . -33.44 13.72 6.84
C5 CLA LD . -34.22 11.96 5.09
C6 CLA LD . -32.91 11.22 5.30
C7 CLA LD . -32.62 10.34 4.11
C8 CLA LD . -31.75 9.15 4.50
C9 CLA LD . -30.32 9.61 4.80
C10 CLA LD . -31.81 8.13 3.36
C11 CLA LD . -30.75 7.04 3.46
C12 CLA LD . -31.04 5.88 2.52
C13 CLA LD . -29.87 5.59 1.60
C14 CLA LD . -29.58 6.79 0.71
C15 CLA LD . -30.14 4.39 0.72
C16 CLA LD . -30.40 3.12 1.52
C17 CLA LD . -30.71 1.99 0.57
C18 CLA LD . -31.36 0.82 1.28
C19 CLA LD . -30.43 0.25 2.35
C20 CLA LD . -31.77 -0.24 0.28
C1 PQN MD . -15.22 9.90 -36.73
O1 PQN MD . -14.81 8.89 -36.13
C2 PQN MD . -15.44 9.86 -38.18
C2M PQN MD . -15.15 8.60 -38.91
C3 PQN MD . -15.93 11.07 -38.90
C4 PQN MD . -16.20 12.32 -38.15
O4 PQN MD . -16.60 13.34 -38.74
C5 PQN MD . -15.97 12.36 -36.68
C6 PQN MD . -16.22 13.51 -35.96
C7 PQN MD . -16.01 13.50 -34.59
C8 PQN MD . -15.54 12.36 -33.94
C9 PQN MD . -15.30 11.19 -34.61
C10 PQN MD . -15.50 11.15 -35.98
C11 PQN MD . -16.14 11.03 -40.39
C12 PQN MD . -17.56 10.64 -40.68
C13 PQN MD . -18.41 11.49 -41.28
C14 PQN MD . -17.99 12.85 -41.71
C15 PQN MD . -19.82 11.03 -41.55
C16 PQN MD . -19.80 9.90 -42.55
C17 PQN MD . -21.20 9.30 -42.63
C18 PQN MD . -21.47 8.77 -44.02
C19 PQN MD . -21.55 9.91 -45.02
C20 PQN MD . -22.77 7.97 -44.03
C21 PQN MD . -22.76 6.85 -43.00
C22 PQN MD . -23.76 5.75 -43.32
C23 PQN MD . -24.90 5.71 -42.32
C24 PQN MD . -25.51 4.32 -42.23
C25 PQN MD . -25.95 6.75 -42.69
C26 PQN MD . -27.10 6.79 -41.69
C27 PQN MD . -27.96 8.01 -41.97
C28 PQN MD . -29.28 7.95 -41.22
C29 PQN MD . -30.05 9.25 -41.40
C30 PQN MD . -30.12 6.78 -41.71
C1 BCR ND . -66.70 9.58 1.30
C2 BCR ND . -66.30 10.26 2.61
C3 BCR ND . -65.68 9.25 3.55
C4 BCR ND . -64.39 8.74 2.95
C5 BCR ND . -64.59 8.24 1.53
C6 BCR ND . -65.64 8.61 0.78
C7 BCR ND . -65.87 8.15 -0.61
C8 BCR ND . -66.32 6.93 -0.97
C9 BCR ND . -66.56 6.57 -2.37
C10 BCR ND . -66.45 5.28 -2.72
C11 BCR ND . -66.75 4.84 -4.07
C33 BCR ND . -63.51 7.29 1.06
C31 BCR ND . -66.98 10.66 0.26
C32 BCR ND . -67.99 8.81 1.55
C34 BCR ND . -66.96 7.61 -3.36
C12 BCR ND . -66.67 3.54 -4.30
C13 BCR ND . -67.03 2.92 -5.59
C14 BCR ND . -66.76 1.63 -5.78
C15 BCR ND . -67.17 0.92 -6.98
C16 BCR ND . -66.54 -0.13 -7.50
C17 BCR ND . -67.21 -0.73 -8.65
C18 BCR ND . -66.88 -1.96 -9.06
C19 BCR ND . -67.64 -2.56 -10.18
C20 BCR ND . -67.60 -3.88 -10.32
C21 BCR ND . -68.41 -4.51 -11.35
C22 BCR ND . -68.39 -5.84 -11.53
C23 BCR ND . -69.27 -6.42 -12.55
C24 BCR ND . -68.94 -7.44 -13.35
C25 BCR ND . -69.91 -8.00 -14.32
C26 BCR ND . -70.16 -7.42 -15.53
C27 BCR ND . -71.15 -8.00 -16.51
C28 BCR ND . -72.05 -9.05 -15.90
C29 BCR ND . -71.22 -10.02 -15.08
C30 BCR ND . -70.61 -9.28 -13.90
C35 BCR ND . -67.74 3.73 -6.63
C36 BCR ND . -65.80 -2.75 -8.37
C37 BCR ND . -67.50 -6.72 -10.71
C38 BCR ND . -69.49 -6.16 -16.00
C39 BCR ND . -69.60 -10.21 -13.23
C40 BCR ND . -71.73 -9.01 -12.90
C1 BCR OD . -70.55 3.61 -22.14
C2 BCR OD . -71.98 3.63 -22.64
C3 BCR OD . -71.99 3.83 -24.15
C4 BCR OD . -71.33 2.66 -24.85
C5 BCR OD . -70.05 2.23 -24.16
C6 BCR OD . -69.69 2.65 -22.94
C7 BCR OD . -68.42 2.16 -22.33
C8 BCR OD . -67.25 2.81 -22.43
C9 BCR OD . -66.03 2.25 -21.81
C10 BCR OD . -64.86 2.48 -22.40
C11 BCR OD . -63.59 1.98 -21.90
C33 BCR OD . -69.19 1.26 -24.94
C31 BCR OD . -70.55 3.16 -20.68
C32 BCR OD . -70.01 5.03 -22.25
C34 BCR OD . -66.12 1.44 -20.55
C12 BCR OD . -62.55 2.02 -22.72
C13 BCR OD . -61.21 1.55 -22.34
C14 BCR OD . -60.24 1.56 -23.26
C15 BCR OD . -58.88 1.11 -22.98
C16 BCR OD . -57.96 1.17 -23.93
C17 BCR OD . -56.60 0.72 -23.66
C18 BCR OD . -55.61 0.83 -24.56
C19 BCR OD . -54.28 0.36 -24.17
C20 BCR OD . -53.26 0.28 -25.02
C21 BCR OD . -51.99 -0.20 -24.46
C22 BCR OD . -50.85 -0.26 -25.17
C23 BCR OD . -49.65 -0.75 -24.49
C24 BCR OD . -49.30 -2.04 -24.59
C25 BCR OD . -48.11 -2.66 -23.95
C26 BCR OD . -48.17 -3.11 -22.68
C27 BCR OD . -46.97 -3.75 -22.04
C28 BCR OD . -46.38 -4.66 -23.11
C29 BCR OD . -45.82 -3.79 -24.20
C30 BCR OD . -46.84 -2.80 -24.77
C35 BCR OD . -60.95 1.08 -20.94
C36 BCR OD . -55.84 1.44 -25.91
C37 BCR OD . -50.81 0.16 -26.61
C38 BCR OD . -49.39 -3.01 -21.81
C39 BCR OD . -47.23 -3.27 -26.17
C40 BCR OD . -46.18 -1.45 -24.87
C1 BCR PD . -74.08 -6.03 -19.82
C2 BCR PD . -73.96 -5.14 -18.59
C3 BCR PD . -72.98 -3.99 -18.73
C4 BCR PD . -73.35 -3.22 -19.98
C5 BCR PD . -73.13 -4.13 -21.16
C6 BCR PD . -73.45 -5.44 -21.09
C7 BCR PD . -73.27 -6.38 -22.24
C8 BCR PD . -72.11 -6.91 -22.67
C9 BCR PD . -72.12 -7.83 -23.83
C10 BCR PD . -71.03 -7.99 -24.58
C11 BCR PD . -69.80 -7.25 -24.35
C33 BCR PD . -72.54 -3.48 -22.38
C31 BCR PD . -75.55 -6.27 -20.12
C32 BCR PD . -73.45 -7.36 -19.45
C34 BCR PD . -73.37 -8.61 -24.13
C12 BCR PD . -68.70 -7.63 -24.99
C13 BCR PD . -67.42 -6.91 -24.84
C14 BCR PD . -66.38 -7.29 -25.58
C15 BCR PD . -65.09 -6.60 -25.53
C16 BCR PD . -64.10 -7.04 -26.28
C17 BCR PD . -62.82 -6.34 -26.27
C18 BCR PD . -61.78 -6.77 -26.99
C19 BCR PD . -60.52 -5.98 -26.97
C20 BCR PD . -59.42 -6.35 -27.60
C21 BCR PD . -58.26 -5.46 -27.53
C22 BCR PD . -57.01 -5.86 -27.73
C23 BCR PD . -56.65 -7.25 -27.99
C24 BCR PD . -55.56 -7.51 -28.74
C25 BCR PD . -55.02 -8.85 -29.09
C26 BCR PD . -55.52 -9.59 -30.10
C27 BCR PD . -54.95 -10.95 -30.47
C28 BCR PD . -54.08 -11.53 -29.38
C29 BCR PD . -53.11 -10.50 -28.86
C30 BCR PD . -53.82 -9.31 -28.27
C35 BCR PD . -67.31 -5.76 -23.88
C36 BCR PD . -61.87 -8.02 -27.81
C37 BCR PD . -55.90 -4.84 -27.63
C38 BCR PD . -56.68 -9.14 -30.93
C39 BCR PD . -52.83 -8.16 -28.23
C40 BCR PD . -54.25 -9.63 -26.84
C1 BCR QD . -49.17 4.73 10.22
C2 BCR QD . -50.36 3.99 10.82
C3 BCR QD . -50.38 2.51 10.51
C4 BCR QD . -50.33 2.34 9.00
C5 BCR QD . -49.00 2.87 8.55
C6 BCR QD . -48.46 3.97 9.10
C7 BCR QD . -47.13 4.47 8.65
C8 BCR QD . -46.95 5.34 7.65
C9 BCR QD . -45.60 5.78 7.25
C10 BCR QD . -45.41 6.19 5.99
C11 BCR QD . -44.13 6.65 5.49
C33 BCR QD . -48.31 2.08 7.46
C31 BCR QD . -48.14 4.97 11.31
C32 BCR QD . -49.70 6.07 9.71
C34 BCR QD . -44.48 5.79 8.25
C12 BCR QD . -44.05 6.97 4.20
C13 BCR QD . -42.82 7.46 3.58
C14 BCR QD . -42.87 7.92 2.33
C15 BCR QD . -41.69 8.41 1.64
C16 BCR QD . -41.81 8.88 0.40
C17 BCR QD . -40.62 9.38 -0.27
C18 BCR QD . -40.69 9.95 -1.48
C19 BCR QD . -39.42 10.42 -2.06
C20 BCR QD . -39.31 10.96 -3.26
C21 BCR QD . -37.94 11.32 -3.58
C22 BCR QD . -37.39 11.23 -4.79
C23 BCR QD . -35.97 11.63 -4.87
C24 BCR QD . -35.25 11.61 -5.99
C25 BCR QD . -33.81 12.01 -6.03
C26 BCR QD . -32.83 11.14 -5.72
C27 BCR QD . -31.37 11.52 -5.76
C28 BCR QD . -31.15 12.64 -6.77
C29 BCR QD . -32.01 13.81 -6.36
C30 BCR QD . -33.48 13.44 -6.47
C35 BCR QD . -41.53 7.43 4.33
C36 BCR QD . -41.98 10.10 -2.22
C37 BCR QD . -38.15 10.76 -5.99
C38 BCR QD . -33.09 9.72 -5.30
C39 BCR QD . -33.83 13.46 -7.92
C40 BCR QD . -34.32 14.53 -5.84
C1 BCR RD . -43.54 -5.34 1.04
C2 BCR RD . -43.90 -6.76 1.48
C3 BCR RD . -42.70 -7.62 1.78
C4 BCR RD . -41.84 -7.66 0.54
C5 BCR RD . -41.30 -6.26 0.39
C6 BCR RD . -42.09 -5.19 0.62
C7 BCR RD . -41.55 -3.82 0.48
C8 BCR RD . -41.53 -3.16 -0.68
C9 BCR RD . -40.99 -1.81 -0.79
C10 BCR RD . -40.40 -1.47 -1.94
C11 BCR RD . -39.86 -0.14 -2.14
C33 BCR RD . -39.86 -6.15 -0.01
C31 BCR RD . -43.79 -4.40 2.21
C32 BCR RD . -44.51 -4.99 -0.09
C34 BCR RD . -41.13 -0.84 0.35
C12 BCR RD . -39.62 0.20 -3.39
C13 BCR RD . -39.10 1.52 -3.73
C14 BCR RD . -38.88 1.78 -5.02
C15 BCR RD . -38.40 3.06 -5.50
C16 BCR RD . -37.67 3.12 -6.60
C17 BCR RD . -37.29 4.46 -7.01
C18 BCR RD . -36.71 4.74 -8.17
C19 BCR RD . -36.44 6.15 -8.42
C20 BCR RD . -35.83 6.66 -9.47
C21 BCR RD . -35.75 8.10 -9.41
C22 BCR RD . -35.54 8.90 -10.47
C23 BCR RD . -35.55 10.34 -10.26
C24 BCR RD . -35.85 11.14 -11.28
C25 BCR RD . -35.91 12.61 -11.14
C26 BCR RD . -34.81 13.39 -11.24
C27 BCR RD . -34.89 14.89 -11.10
C28 BCR RD . -36.15 15.34 -10.39
C29 BCR RD . -37.30 14.70 -11.12
C30 BCR RD . -37.29 13.21 -10.91
C35 BCR RD . -38.84 2.55 -2.68
C36 BCR RD . -36.39 3.67 -9.16
C37 BCR RD . -35.33 8.35 -11.84
C38 BCR RD . -33.45 12.82 -11.51
C39 BCR RD . -38.22 12.59 -11.94
C40 BCR RD . -37.86 12.90 -9.53
C1 BCR SD . -29.79 -9.11 -42.57
C2 BCR SD . -29.72 -10.63 -42.46
C3 BCR SD . -28.62 -11.06 -41.50
C4 BCR SD . -28.96 -10.54 -40.13
C5 BCR SD . -29.06 -9.04 -40.17
C6 BCR SD . -29.43 -8.37 -41.28
C7 BCR SD . -29.52 -6.89 -41.26
C8 BCR SD . -28.48 -6.09 -41.55
C9 BCR SD . -28.52 -4.62 -41.53
C10 BCR SD . -27.38 -3.98 -41.82
C11 BCR SD . -27.18 -2.54 -41.84
C33 BCR SD . -28.71 -8.33 -38.88
C31 BCR SD . -31.22 -8.74 -42.94
C32 BCR SD . -28.88 -8.76 -43.75
C34 BCR SD . -29.77 -3.88 -41.19
C12 BCR SD . -25.99 -2.17 -42.28
C13 BCR SD . -25.52 -0.78 -42.37
C14 BCR SD . -24.28 -0.58 -42.84
C15 BCR SD . -23.69 0.74 -42.96
C16 BCR SD . -22.47 0.83 -43.49
C17 BCR SD . -21.79 2.11 -43.61
C18 BCR SD . -20.57 2.17 -44.18
C19 BCR SD . -19.87 3.45 -44.24
C20 BCR SD . -18.74 3.65 -44.93
C21 BCR SD . -18.17 4.97 -44.78
C22 BCR SD . -16.99 5.38 -45.25
C23 BCR SD . -16.60 6.75 -44.91
C24 BCR SD . -15.67 7.49 -45.53
C25 BCR SD . -15.31 8.87 -45.07
C26 BCR SD . -16.06 9.95 -45.35
C27 BCR SD . -15.68 11.34 -44.89
C28 BCR SD . -14.65 11.33 -43.77
C29 BCR SD . -13.52 10.42 -44.20
C30 BCR SD . -14.02 8.99 -44.27
C35 BCR SD . -26.38 0.37 -41.96
C36 BCR SD . -19.91 0.93 -44.71
C37 BCR SD . -16.11 4.49 -46.07
C38 BCR SD . -17.33 9.90 -46.15
C39 BCR SD . -14.24 8.48 -42.86
C40 BCR SD . -12.95 8.15 -44.96
C1A DGD TD . -26.75 15.21 -33.06
C2A DGD TD . -26.92 13.78 -33.53
C3A DGD TD . -27.21 13.84 -35.02
C4A DGD TD . -27.58 12.47 -35.55
C5A DGD TD . -28.76 11.92 -34.77
C6A DGD TD . -29.72 11.21 -35.71
C7A DGD TD . -29.02 10.05 -36.40
C8A DGD TD . -29.78 9.64 -37.65
C9A DGD TD . -31.21 9.28 -37.30
CAA DGD TD . -31.26 7.91 -36.63
CBA DGD TD . -31.05 6.81 -37.65
CCA DGD TD . -32.25 6.76 -38.59
CDA DGD TD . -33.51 6.34 -37.84
CEA DGD TD . -33.39 4.93 -37.32
CFA DGD TD . -34.68 4.48 -36.66
CGA DGD TD . -34.96 5.29 -35.39
CHA DGD TD . -35.73 4.45 -34.37
CIA DGD TD . -37.03 3.93 -34.94
O1A DGD TD . -26.82 16.13 -33.84
C1B DGD TD . -29.17 14.88 -29.69
C2B DGD TD . -30.00 14.37 -28.54
C3B DGD TD . -31.30 13.82 -29.11
C4B DGD TD . -31.30 12.30 -29.16
C5B DGD TD . -31.65 11.73 -27.79
C6B DGD TD . -30.52 10.90 -27.25
C7B DGD TD . -30.66 9.42 -27.62
C8B DGD TD . -29.71 8.60 -26.77
C9B DGD TD . -29.71 7.13 -27.18
CAB DGD TD . -28.29 6.63 -27.33
CBB DGD TD . -28.23 5.11 -27.33
CCB DGD TD . -29.08 4.50 -28.43
CDB DGD TD . -28.70 3.04 -28.59
CEB DGD TD . -29.81 2.19 -29.18
CFB DGD TD . -29.46 0.71 -28.99
CGB DGD TD . -30.40 -0.20 -29.77
CHB DGD TD . -30.10 -1.65 -29.44
CIB DGD TD . -30.90 -2.58 -30.33
O1B DGD TD . -29.11 14.25 -30.73
O1G DGD TD . -26.51 15.49 -31.66
C1G DGD TD . -26.85 16.80 -31.22
C2G DGD TD . -28.32 16.74 -30.86
O2G DGD TD . -28.46 16.14 -29.58
C3G DGD TD . -28.90 18.14 -30.86
O3G DGD TD . -28.62 18.71 -29.60
C1D DGD TD . -29.16 20.02 -29.49
C2D DGD TD . -29.27 20.34 -28.00
O2D DGD TD . -30.28 19.52 -27.41
C3D DGD TD . -29.62 21.81 -27.77
O3D DGD TD . -29.43 22.11 -26.39
C4D DGD TD . -28.76 22.75 -28.61
O4D DGD TD . -27.42 22.72 -28.12
C5D DGD TD . -28.77 22.30 -30.07
O5D DGD TD . -28.32 24.55 -30.59
C6D DGD TD . -27.90 23.22 -30.90
O6D DGD TD . -28.30 20.94 -30.15
C1E DGD TD . -27.61 25.52 -31.35
C2E DGD TD . -27.67 26.87 -30.63
O2E DGD TD . -27.28 26.69 -29.26
C3E DGD TD . -29.05 27.51 -30.68
O3E DGD TD . -28.95 28.88 -30.28
C4E DGD TD . -29.67 27.45 -32.07
O4E DGD TD . -29.03 28.41 -32.92
C5E DGD TD . -29.56 26.06 -32.68
O6E DGD TD . -28.19 25.63 -32.65
C6E DGD TD . -30.05 26.08 -34.12
O5E DGD TD . -31.40 26.54 -34.15
O1 LHG UD . -44.01 16.12 16.15
C1 LHG UD . -42.99 15.28 16.66
C2 LHG UD . -41.64 15.88 16.34
O2 LHG UD . -41.51 17.15 16.98
C3 LHG UD . -41.55 16.07 14.82
O3 LHG UD . -41.66 14.79 14.21
P LHG UD . -41.22 14.59 12.68
O4 LHG UD . -42.47 14.33 11.88
O5 LHG UD . -40.27 15.70 12.31
O6 LHG UD . -40.39 13.21 12.79
C4 LHG UD . -38.97 13.21 12.86
C5 LHG UD . -38.53 11.82 13.30
C6 LHG UD . -38.11 11.00 12.08
O7 LHG UD . -37.44 11.86 14.22
C7 LHG UD . -37.91 11.75 15.60
O9 LHG UD . -37.83 12.72 16.33
C8 LHG UD . -38.48 10.45 16.10
C9 LHG UD . -37.38 9.40 16.25
C10 LHG UD . -37.98 8.08 16.72
O8 LHG UD . -38.04 9.62 12.48
C23 LHG UD . -37.66 8.61 11.51
O10 LHG UD . -37.20 8.97 10.44
C24 LHG UD . -37.85 7.15 11.84
MG CLA VD . -48.65 15.85 -40.45
CHA CLA VD . -47.04 18.55 -39.00
CHB CLA VD . -48.43 17.40 -43.43
CHC CLA VD . -50.46 13.29 -41.73
CHD CLA VD . -49.41 14.60 -37.04
NA CLA VD . -47.92 17.67 -41.11
C1A CLA VD . -47.22 18.57 -40.50
C2A CLA VD . -46.61 19.65 -41.37
C3A CLA VD . -47.10 19.25 -42.74
C4A CLA VD . -47.87 18.02 -42.40
CMA CLA VD . -48.06 20.30 -43.30
CAA CLA VD . -45.08 19.67 -41.46
CBA CLA VD . -44.43 18.31 -41.29
CGA CLA VD . -43.65 17.89 -42.51
O1A CLA VD . -44.16 17.88 -43.61
O2A CLA VD . -42.25 17.49 -42.40
NB CLA VD . -49.31 15.40 -42.33
C1B CLA VD . -49.24 16.17 -43.41
C2B CLA VD . -50.02 15.69 -44.59
C3B CLA VD . -50.62 14.45 -44.06
C4B CLA VD . -50.11 14.38 -42.65
CMB CLA VD . -50.15 16.31 -45.96
CAB CLA VD . -51.52 13.50 -44.76
CBB CLA VD . -52.73 13.20 -44.28
NC CLA VD . -49.70 14.31 -39.55
C1C CLA VD . -50.36 13.36 -40.26
C2C CLA VD . -51.04 12.32 -39.45
C3C CLA VD . -50.71 12.72 -38.07
C4C CLA VD . -49.90 13.94 -38.26
CMC CLA VD . -51.85 11.14 -39.94
CAC CLA VD . -51.13 12.05 -36.77
CBC CLA VD . -50.04 11.07 -36.39
ND CLA VD . -48.41 16.38 -38.50
C1D CLA VD . -48.62 15.82 -37.19
C2D CLA VD . -47.99 16.57 -36.07
C3D CLA VD . -47.35 17.68 -36.83
C4D CLA VD . -47.64 17.48 -38.17
CMD CLA VD . -47.93 16.38 -34.58
CAD CLA VD . -46.52 18.91 -36.73
OBD CLA VD . -46.05 19.41 -35.65
CBD CLA VD . -46.32 19.48 -38.08
CGD CLA VD . -46.97 20.83 -38.09
O1D CLA VD . -48.16 20.97 -38.32
O2D CLA VD . -46.17 22.01 -37.81
CED CLA VD . -46.78 23.29 -37.68
C1 CLA VD . -41.77 16.37 -43.14
C2 CLA VD . -41.75 15.15 -42.25
C3 CLA VD . -40.67 14.37 -42.11
C4 CLA VD . -39.40 14.68 -42.85
C5 CLA VD . -40.71 13.17 -41.20
C6 CLA VD . -41.41 11.95 -41.79
C7 CLA VD . -42.32 11.24 -40.79
C8 CLA VD . -41.59 10.32 -39.81
C9 CLA VD . -40.45 9.55 -40.44
C10 CLA VD . -42.60 9.33 -39.23
C11 CLA VD . -43.77 10.01 -38.54
C12 CLA VD . -44.75 8.97 -37.99
C13 CLA VD . -46.20 9.37 -38.27
C14 CLA VD . -46.53 10.70 -37.61
C15 CLA VD . -47.15 8.27 -37.80
C16 CLA VD . -46.92 6.95 -38.53
C17 CLA VD . -48.00 5.93 -38.19
C18 CLA VD . -47.79 4.62 -38.94
C19 CLA VD . -47.93 4.83 -40.45
C20 CLA VD . -48.75 3.54 -38.45
FE1 SF4 WD . -12.85 32.84 -30.61
FE2 SF4 WD . -12.61 35.84 -30.32
FE3 SF4 WD . -13.38 34.15 -27.94
FE4 SF4 WD . -15.33 34.50 -30.27
S1 SF4 WD . -14.26 35.81 -28.96
S2 SF4 WD . -14.47 32.85 -29.23
S3 SF4 WD . -13.67 34.52 -31.62
S4 SF4 WD . -11.76 34.15 -29.32
FE1 SF4 XD . -11.72 39.56 -19.21
FE2 SF4 XD . -11.11 41.10 -21.74
FE3 SF4 XD . -9.74 41.84 -19.18
FE4 SF4 XD . -12.69 42.39 -19.49
S1 SF4 XD . -10.94 42.89 -20.59
S2 SF4 XD . -11.49 41.35 -18.07
S3 SF4 XD . -12.89 40.61 -20.66
S4 SF4 XD . -9.95 40.05 -20.30
MG CLA YD . -3.66 13.72 -3.13
CHA CLA YD . -1.85 13.15 -0.24
CHB CLA YD . -0.83 13.19 -4.89
CHC CLA YD . -5.59 13.68 -5.89
CHD CLA YD . -6.72 13.88 -1.04
NA CLA YD . -1.70 13.21 -2.67
C1A CLA YD . -1.10 13.11 -1.54
C2A CLA YD . 0.40 12.95 -1.58
C3A CLA YD . 0.68 13.00 -3.07
C4A CLA YD . -0.72 13.14 -3.57
CMA CLA YD . 1.44 14.27 -3.38
CAA CLA YD . 0.91 11.57 -1.16
CBA CLA YD . 2.37 11.65 -0.74
CGA CLA YD . 2.87 10.27 -0.44
O1A CLA YD . 2.51 9.31 -1.11
O2A CLA YD . 3.80 10.02 0.66
NB CLA YD . -3.26 13.45 -5.12
C1B CLA YD . -2.05 13.33 -5.68
C2B CLA YD . -2.04 13.30 -7.16
C3B CLA YD . -3.48 13.44 -7.49
C4B CLA YD . -4.13 13.53 -6.13
CMB CLA YD . -0.86 13.17 -8.10
CAB CLA YD . -4.00 13.48 -8.87
CBB CLA YD . -5.27 13.41 -9.23
NC CLA YD . -5.71 13.84 -3.39
C1C CLA YD . -6.28 13.67 -4.58
C2C CLA YD . -7.74 13.41 -4.55
C3C CLA YD . -8.06 13.49 -3.12
C4C CLA YD . -6.74 13.76 -2.50
CMC CLA YD . -8.68 13.18 -5.69
CAC CLA YD . -9.40 13.32 -2.43
CBC CLA YD . -10.04 14.68 -2.30
ND CLA YD . -4.25 13.55 -1.20
C1D CLA YD . -5.43 13.67 -0.38
C2D CLA YD . -5.22 13.55 1.07
C3D CLA YD . -3.76 13.34 1.10
C4D CLA YD . -3.31 13.33 -0.20
CMD CLA YD . -6.04 13.60 2.32
CAD CLA YD . -2.62 13.09 1.99
OBD CLA YD . -2.65 13.02 3.27
CBD CLA YD . -1.40 12.97 1.18
CGD CLA YD . -0.48 14.03 1.67
O1D CLA YD . -0.92 15.07 2.13
O2D CLA YD . 0.94 13.77 1.69
CED CLA YD . 1.61 13.79 2.94
C1 CLA YD . 4.02 8.67 1.05
C2 CLA YD . 3.58 8.45 2.48
C3 CLA YD . 3.60 7.23 3.02
C4 CLA YD . 4.03 6.04 2.22
C5 CLA YD . 3.17 7.01 4.46
C6 CLA YD . 4.16 7.57 5.47
C7 CLA YD . 4.74 6.44 6.32
C8 CLA YD . 5.42 6.92 7.60
C9 CLA YD . 4.40 7.30 8.66
C10 CLA YD . 6.38 8.06 7.32
C11 CLA YD . 7.70 7.56 6.75
C12 CLA YD . 8.79 7.51 7.83
C13 CLA YD . 9.82 6.45 7.53
C14 CLA YD . 10.38 6.58 6.12
C15 CLA YD . 9.18 5.08 7.78
C16 CLA YD . 10.04 3.90 7.32
C17 CLA YD . 11.21 3.63 8.25
C18 CLA YD . 11.87 2.32 7.87
C19 CLA YD . 10.98 1.14 8.21
C20 CLA YD . 13.24 2.19 8.54
MG CLA ZD . -0.12 0.39 6.62
CHA CLA ZD . 0.53 1.54 9.80
CHB CLA ZD . -0.61 -2.69 7.93
CHC CLA ZD . -1.15 -0.56 3.58
CHD CLA ZD . -0.08 3.93 5.46
NA CLA ZD . -0.10 -0.43 8.52
C1A CLA ZD . 0.25 0.08 9.65
C2A CLA ZD . 0.31 -0.88 10.82
C3A CLA ZD . -0.02 -2.20 10.18
C4A CLA ZD . -0.26 -1.74 8.79
CMA CLA ZD . 1.21 -3.11 10.20
CAA CLA ZD . -0.87 -0.64 11.77
CBA CLA ZD . -0.90 -1.62 12.95
CGA CLA ZD . -0.22 -1.01 14.15
O1A CLA ZD . -0.30 -1.53 15.25
O2A CLA ZD . 0.53 0.23 14.02
NB CLA ZD . -0.78 -1.39 5.86
C1B CLA ZD . -0.92 -2.54 6.51
C2B CLA ZD . -1.45 -3.66 5.73
C3B CLA ZD . -1.63 -3.05 4.39
C4B CLA ZD . -1.18 -1.63 4.61
CMB CLA ZD . -1.73 -5.07 6.17
CAB CLA ZD . -2.15 -3.78 3.20
CBB CLA ZD . -2.16 -3.33 1.97
NC CLA ZD . -0.53 1.47 4.91
C1C CLA ZD . -0.93 0.87 3.78
C2C CLA ZD . -1.19 1.81 2.65
C3C CLA ZD . -0.87 3.13 3.21
C4C CLA ZD . -0.48 2.79 4.60
CMC CLA ZD . -1.67 1.48 1.27
CAC CLA ZD . -0.95 4.49 2.56
CBC CLA ZD . 0.42 4.84 2.02
ND CLA ZD . 0.09 2.28 7.33
C1D CLA ZD . 0.20 3.63 6.85
C2D CLA ZD . 0.60 4.65 7.86
C3D CLA ZD . 0.73 3.77 9.05
C4D CLA ZD . 0.43 2.47 8.66
CMD CLA ZD . 0.85 6.13 7.86
CAD CLA ZD . 1.06 3.73 10.49
OBD CLA ZD . 1.40 4.73 11.20
CBD CLA ZD . 0.96 2.34 10.97
CGD CLA ZD . 2.29 1.93 11.50
O1D CLA ZD . 3.02 1.17 10.88
O2D CLA ZD . 2.72 2.45 12.80
CED CLA ZD . 3.98 2.08 13.34
MG CLA AE . -28.12 -10.50 12.44
CHA CLA AE . -29.82 -12.97 14.18
CHB CLA AE . -29.99 -11.24 9.71
CHC CLA AE . -26.86 -7.72 10.98
CHD CLA AE . -26.70 -9.39 15.68
NA CLA AE . -29.69 -11.82 12.03
C1A CLA AE . -30.14 -12.81 12.70
C2A CLA AE . -31.05 -13.78 11.96
C3A CLA AE . -31.03 -13.20 10.57
C4A CLA AE . -30.17 -12.00 10.79
CMA CLA AE . -30.32 -14.15 9.61
CAA CLA AE . -32.52 -13.69 12.37
CBA CLA AE . -32.92 -12.31 12.90
CGA CLA AE . -34.40 -12.02 12.84
O1A CLA AE . -35.22 -12.91 12.71
O2A CLA AE . -34.84 -10.63 12.97
NB CLA AE . -28.35 -9.64 10.59
C1B CLA AE . -29.22 -10.00 9.66
C2B CLA AE . -29.41 -9.02 8.55
C3B CLA AE . -28.46 -7.95 8.94
C4B CLA AE . -27.87 -8.47 10.21
CMB CLA AE . -30.31 -9.09 7.36
CAB CLA AE . -28.17 -6.68 8.23
CBB CLA AE . -26.96 -6.30 7.89
NC CLA AE . -27.02 -8.93 13.18
C1C CLA AE . -26.63 -7.89 12.42
C2C CLA AE . -25.92 -6.81 13.16
C3C CLA AE . -25.88 -7.31 14.53
C4C CLA AE . -26.57 -8.61 14.43
CMC CLA AE . -25.38 -5.52 12.62
CAC CLA AE . -25.27 -6.67 15.76
CBC CLA AE . -26.35 -5.78 16.35
ND CLA AE . -28.21 -10.94 14.44
C1D CLA AE . -27.60 -10.53 15.67
C2D CLA AE . -27.94 -11.34 16.86
C3D CLA AE . -28.85 -12.34 16.22
C4D CLA AE . -28.96 -12.02 14.88
CMD CLA AE . -27.58 -11.36 18.32
CAD CLA AE . -29.71 -13.51 16.48
OBD CLA AE . -29.86 -14.09 17.61
CBD CLA AE . -30.33 -13.93 15.20
CGD CLA AE . -29.90 -15.33 14.91
O1D CLA AE . -28.81 -15.74 15.23
O2D CLA AE . -30.82 -16.23 14.22
CED CLA AE . -30.41 -17.55 13.87
C1 CLA AE . -35.15 -9.83 11.82
C2 CLA AE . -33.87 -9.28 11.25
C3 CLA AE . -33.50 -7.99 11.43
C4 CLA AE . -34.37 -7.05 12.21
C5 CLA AE . -32.19 -7.51 10.84
C6 CLA AE . -31.28 -6.94 11.92
C7 CLA AE . -30.83 -8.03 12.89
C8 CLA AE . -30.77 -7.50 14.31
C9 CLA AE . -29.56 -6.60 14.50
C10 CLA AE . -30.75 -8.65 15.30
C11 CLA AE . -32.05 -9.45 15.25
C12 CLA AE . -31.98 -10.63 16.20
C13 CLA AE . -33.36 -11.23 16.46
C14 CLA AE . -34.27 -10.22 17.16
C15 CLA AE . -33.21 -12.49 17.30
C16 CLA AE . -33.97 -13.68 16.72
C17 CLA AE . -33.78 -14.92 17.59
C18 CLA AE . -33.96 -16.20 16.79
C19 CLA AE . -35.35 -16.27 16.18
C20 CLA AE . -33.69 -17.43 17.64
C1 BCR BE . -11.92 9.44 9.45
C2 BCR BE . -10.48 8.99 9.60
C3 BCR BE . -10.30 7.86 10.61
C4 BCR BE . -10.85 8.37 11.93
C5 BCR BE . -12.33 8.56 11.76
C6 BCR BE . -12.85 9.04 10.61
C7 BCR BE . -14.33 9.24 10.46
C8 BCR BE . -15.22 8.30 10.14
C9 BCR BE . -16.65 8.64 10.03
C10 BCR BE . -17.60 7.69 9.91
C11 BCR BE . -19.01 8.04 9.81
C33 BCR BE . -13.16 8.17 12.94
C31 BCR BE . -12.42 8.92 8.10
C32 BCR BE . -11.90 10.97 9.40
C34 BCR BE . -17.05 10.09 10.08
C12 BCR BE . -19.98 7.13 9.72
C13 BCR BE . -21.39 7.59 9.63
C14 BCR BE . -22.41 6.74 9.55
C15 BCR BE . -22.19 5.31 9.53
C16 BCR BE . -23.21 4.45 9.57
C17 BCR BE . -22.87 3.04 9.56
C18 BCR BE . -23.77 2.06 9.71
C19 BCR BE . -23.25 0.69 9.68
C20 BCR BE . -23.97 -0.41 9.83
C21 BCR BE . -23.18 -1.62 9.75
C22 BCR BE . -23.65 -2.86 9.69
C23 BCR BE . -22.64 -3.94 9.60
C24 BCR BE . -22.83 -5.16 10.12
C25 BCR BE . -21.84 -6.26 10.04
C26 BCR BE . -20.82 -6.36 10.91
C27 BCR BE . -19.83 -7.49 10.82
C28 BCR BE . -20.57 -8.75 10.41
C29 BCR BE . -21.16 -8.53 9.03
C30 BCR BE . -22.03 -7.28 8.93
C35 BCR BE . -21.67 9.07 9.65
C36 BCR BE . -25.22 2.33 9.91
C37 BCR BE . -25.12 -3.15 9.69
C38 BCR BE . -20.60 -5.39 12.03
C39 BCR BE . -23.48 -7.74 8.98
C40 BCR BE . -21.75 -6.66 7.57
MG CLA CE . -77.84 -2.15 -4.26
CHA CLA CE . -80.08 -3.87 -2.25
CHB CLA CE . -79.68 0.65 -3.70
CHC CLA CE . -76.00 -0.62 -6.63
CHD CLA CE . -76.45 -5.41 -5.31
NA CLA CE . -79.59 -1.70 -3.22
C1A CLA CE . -80.25 -2.39 -2.37
C2A CLA CE . -81.27 -1.65 -1.52
C3A CLA CE . -81.13 -0.24 -2.04
C4A CLA CE . -80.05 -0.45 -3.06
CMA CLA CE . -82.40 0.20 -2.77
CAA CLA CE . -80.81 -1.55 -0.06
CBA CLA CE . -81.85 -0.84 0.81
CGA CLA CE . -81.14 0.00 1.84
O1A CLA CE . -80.12 -0.40 2.37
O2A CLA CE . -81.65 1.31 2.22
NB CLA CE . -77.83 -0.25 -5.03
C1B CLA CE . -78.65 0.76 -4.74
C2B CLA CE . -78.45 2.00 -5.53
C3B CLA CE . -77.34 1.60 -6.41
C4B CLA CE . -77.05 0.19 -6.01
CMB CLA CE . -79.20 3.30 -5.44
CAB CLA CE . -76.65 2.41 -7.46
CBB CLA CE . -76.61 2.01 -8.72
NC CLA CE . -76.49 -2.88 -5.64
C1C CLA CE . -75.90 -2.09 -6.54
C2C CLA CE . -75.07 -2.79 -7.55
C3C CLA CE . -75.20 -4.21 -7.15
C4C CLA CE . -76.09 -4.13 -5.97
CMC CLA CE . -74.28 -2.20 -8.69
CAC CLA CE . -74.58 -5.42 -7.81
CBC CLA CE . -73.34 -5.81 -7.02
ND CLA CE . -78.13 -4.15 -3.98
C1D CLA CE . -77.53 -5.39 -4.32
C2D CLA CE . -78.06 -6.60 -3.63
C3D CLA CE . -79.12 -5.94 -2.79
C4D CLA CE . -79.07 -4.59 -3.05
CMD CLA CE . -77.78 -8.08 -3.64
CAD CLA CE . -80.16 -6.17 -1.78
OBD CLA CE . -80.47 -7.32 -1.31
CBD CLA CE . -80.81 -4.90 -1.43
CGD CLA CE . -82.24 -4.98 -1.88
O1D CLA CE . -82.60 -4.46 -2.92
O2D CLA CE . -83.22 -5.66 -1.05
CED CLA CE . -84.52 -5.91 -1.56
C1 CLA CE . -81.02 2.02 3.29
C2 CLA CE . -81.82 1.86 4.57
C3 CLA CE . -82.10 2.91 5.36
C4 CLA CE . -82.90 2.69 6.60
C5 CLA CE . -81.60 4.30 5.02
MG CLA DE . -82.58 13.06 4.56
CHA CLA DE . -83.74 14.40 1.58
CHB CLA DE . -80.81 10.82 2.75
CHC CLA DE . -81.80 11.54 7.48
CHD CLA DE . -85.02 15.19 6.36
NA CLA DE . -82.35 12.65 2.53
C1A CLA DE . -82.74 13.30 1.50
C2A CLA DE . -82.13 12.88 0.17
C3A CLA DE . -81.24 11.72 0.59
C4A CLA DE . -81.49 11.74 2.06
CMA CLA DE . -81.78 10.41 0.03
CAA CLA DE . -81.19 13.93 -0.40
CBA CLA DE . -80.53 13.48 -1.70
CGA CLA DE . -81.58 13.29 -2.77
O1A CLA DE . -82.14 14.24 -3.26
O2A CLA DE . -81.91 11.95 -3.23
NB CLA DE . -81.44 11.44 5.04
C1B CLA DE . -80.85 10.59 4.20
C2B CLA DE . -80.22 9.39 4.82
C3B CLA DE . -80.52 9.62 6.25
C4B CLA DE . -81.27 10.90 6.26
CMB CLA DE . -79.48 8.26 4.17
CAB CLA DE . -80.17 8.76 7.41
CBB CLA DE . -81.09 8.27 8.23
NC CLA DE . -83.28 13.32 6.48
C1C CLA DE . -82.82 12.60 7.53
C2C CLA DE . -83.42 12.93 8.84
C3C CLA DE . -84.36 14.01 8.50
C4C CLA DE . -84.19 14.16 7.04
CMC CLA DE . -83.13 12.33 10.19
CAC CLA DE . -85.29 14.77 9.43
CBC CLA DE . -84.51 15.98 9.90
ND CLA DE . -84.05 14.42 4.19
C1D CLA DE . -84.95 15.28 4.90
C2D CLA DE . -85.74 16.24 4.06
C3D CLA DE . -85.23 15.85 2.72
C4D CLA DE . -84.30 14.83 2.88
CMD CLA DE . -86.76 17.31 4.30
CAD CLA DE . -85.32 16.14 1.26
OBD CLA DE . -86.09 17.02 0.73
CBD CLA DE . -84.42 15.23 0.53
CGD CLA DE . -85.24 14.39 -0.40
O1D CLA DE . -85.17 14.60 -1.61
O2D CLA DE . -86.11 13.35 0.08
CED CLA DE . -86.91 12.62 -0.85
C1 CLA DE . -83.14 11.71 -3.93
C1 BCR EE . -68.71 -4.08 -5.35
C2 BCR EE . -68.02 -5.35 -5.80
C3 BCR EE . -69.03 -6.28 -6.45
C4 BCR EE . -69.52 -5.64 -7.74
C5 BCR EE . -69.94 -4.20 -7.53
C6 BCR EE . -69.58 -3.49 -6.44
C7 BCR EE . -70.01 -2.07 -6.28
C8 BCR EE . -71.16 -1.72 -5.71
C9 BCR EE . -71.55 -0.31 -5.53
C10 BCR EE . -72.79 -0.04 -5.13
C11 BCR EE . -73.28 1.31 -4.91
C33 BCR EE . -70.79 -3.62 -8.63
C31 BCR EE . -67.65 -3.06 -4.96
C32 BCR EE . -69.54 -4.43 -4.11
C34 BCR EE . -70.57 0.79 -5.80
C12 BCR EE . -74.39 1.39 -4.20
C13 BCR EE . -75.05 2.64 -3.81
C14 BCR EE . -76.08 2.53 -2.96
C15 BCR EE . -76.82 3.67 -2.43
C16 BCR EE . -77.95 3.43 -1.77
C17 BCR EE . -78.68 4.54 -1.16
C18 BCR EE . -79.83 4.35 -0.50
C19 BCR EE . -80.48 5.51 0.13
C20 BCR EE . -81.49 5.32 0.97
C21 BCR EE . -82.08 6.47 1.63
C22 BCR EE . -83.25 6.44 2.27
C23 BCR EE . -83.68 7.69 2.92
C24 BCR EE . -84.94 7.95 3.35
C25 BCR EE . -85.33 9.22 4.01
C26 BCR EE . -85.58 10.35 3.31
C27 BCR EE . -85.98 11.63 3.99
C28 BCR EE . -86.81 11.29 5.21
C29 BCR EE . -85.94 10.50 6.15
C30 BCR EE . -85.49 9.19 5.53
C35 BCR EE . -74.59 3.95 -4.34
C36 BCR EE . -80.42 2.98 -0.36
C37 BCR EE . -84.09 5.21 2.34
C38 BCR EE . -85.47 10.45 1.81
C39 BCR EE . -86.52 8.11 5.85
C40 BCR EE . -84.18 8.81 6.23
C1 BCR FE . -41.24 -2.90 -42.93
C2 BCR FE . -42.68 -3.29 -42.61
C3 BCR FE . -43.75 -2.38 -43.20
C4 BCR FE . -43.41 -2.05 -44.64
C5 BCR FE . -42.11 -1.27 -44.62
C6 BCR FE . -41.11 -1.67 -43.82
C7 BCR FE . -39.82 -0.92 -43.78
C8 BCR FE . -38.81 -1.19 -44.62
C9 BCR FE . -37.53 -0.47 -44.60
C10 BCR FE . -36.67 -0.73 -45.58
C11 BCR FE . -35.35 -0.13 -45.71
C33 BCR FE . -42.03 -0.07 -45.50
C31 BCR FE . -40.55 -4.11 -43.57
C32 BCR FE . -40.55 -2.60 -41.60
C34 BCR FE . -37.21 0.51 -43.51
C12 BCR FE . -34.63 -0.58 -46.73
C13 BCR FE . -33.26 -0.15 -47.06
C14 BCR FE . -32.73 -0.63 -48.19
C15 BCR FE . -31.38 -0.33 -48.63
C16 BCR FE . -30.99 -0.65 -49.86
C17 BCR FE . -29.62 -0.39 -50.25
C18 BCR FE . -29.11 -0.84 -51.41
C19 BCR FE . -27.69 -0.58 -51.70
C20 BCR FE . -27.05 -1.51 -52.39
C21 BCR FE . -25.62 -1.42 -52.71
C22 BCR FE . -25.07 -2.31 -53.53
C23 BCR FE . -23.63 -2.24 -53.81
C24 BCR FE . -22.86 -2.57 -52.78
C25 BCR FE . -21.38 -2.62 -52.68
C26 BCR FE . -20.62 -1.50 -52.62
C27 BCR FE . -19.13 -1.62 -52.50
C28 BCR FE . -18.80 -2.80 -51.62
C29 BCR FE . -19.27 -4.04 -52.37
C30 BCR FE . -20.78 -4.01 -52.60
C35 BCR FE . -32.49 0.75 -46.15
C36 BCR FE . -29.96 -1.60 -52.38
C37 BCR FE . -25.89 -3.38 -54.18
C38 BCR FE . -21.15 -0.10 -52.67
C39 BCR FE . -21.45 -4.75 -51.45
C40 BCR FE . -21.05 -4.76 -53.90
C1 LMG GE . 14.69 14.97 7.08
O1 LMG GE . 14.67 14.17 8.22
C2 LMG GE . 13.31 15.67 7.03
O2 LMG GE . 12.41 14.66 6.75
C3 LMG GE . 13.38 16.60 5.79
O3 LMG GE . 12.15 17.27 5.77
C4 LMG GE . 14.53 17.63 5.97
O4 LMG GE . 14.25 18.45 7.03
C5 LMG GE . 15.85 16.84 6.29
O5 LMG GE . 16.87 18.87 5.73
C6 LMG GE . 16.92 17.85 6.68
O6 LMG GE . 15.67 15.94 7.36
C7 LMG GE . 15.72 13.23 8.26
C8 LMG GE . 15.04 11.87 8.01
C9 LMG GE . 15.54 11.30 6.68
O7 LMG GE . 15.48 10.96 9.01
C10 LMG GE . 14.76 10.81 10.14
O9 LMG GE . 13.82 11.57 10.38
C11 LMG GE . 15.43 9.91 11.13
C12 LMG GE . 15.40 8.48 10.65
C13 LMG GE . 14.01 8.03 10.26
C14 LMG GE . 13.28 7.70 11.54
C15 LMG GE . 13.03 6.22 11.57
C16 LMG GE . 12.59 5.82 12.98
C17 LMG GE . 12.48 4.32 12.99
C18 LMG GE . 11.22 3.95 12.24
O8 LMG GE . 15.34 9.91 6.71
C28 LMG GE . 14.47 9.40 5.81
O10 LMG GE . 13.83 10.15 5.08
C29 LMG GE . 14.24 7.94 5.97
C30 LMG GE . 14.98 7.17 4.89
C31 LMG GE . 15.85 6.14 5.58
C32 LMG GE . 14.93 5.09 6.22
C33 LMG GE . 15.36 3.74 5.67
C34 LMG GE . 16.56 3.26 6.45
MG CLA HE . 13.38 -10.89 6.44
CHA CLA HE . 15.30 -13.51 7.67
CHB CLA HE . 12.15 -10.45 9.56
CHC CLA HE . 12.03 -8.00 5.34
CHD CLA HE . 15.20 -11.21 3.23
NA CLA HE . 13.70 -11.77 8.29
C1A CLA HE . 14.38 -12.81 8.62
C2A CLA HE . 14.21 -13.28 10.06
C3A CLA HE . 13.20 -12.31 10.60
C4A CLA HE . 13.01 -11.46 9.40
CMA CLA HE . 11.88 -13.00 10.93
CAA CLA HE . 15.46 -13.04 10.92
CBA CLA HE . 15.62 -14.14 11.96
NB CLA HE . 12.30 -9.41 7.35
C1B CLA HE . 11.76 -9.45 8.56
C2B CLA HE . 10.71 -8.43 8.83
C3B CLA HE . 10.68 -7.70 7.55
C4B CLA HE . 11.72 -8.39 6.72
CMB CLA HE . 9.90 -8.20 10.08
CAB CLA HE . 9.84 -6.53 7.19
CBB CLA HE . 10.36 -5.40 6.77
NC CLA HE . 13.61 -9.85 4.68
C1C CLA HE . 12.94 -8.70 4.43
C2C CLA HE . 13.17 -8.12 3.08
C3C CLA HE . 14.10 -9.08 2.46
C4C CLA HE . 14.29 -10.09 3.53
CMC CLA HE . 12.59 -6.86 2.49
CAC CLA HE . 14.71 -9.04 1.08
CBC CLA HE . 16.00 -8.26 1.21
ND CLA HE . 14.89 -11.99 5.59
C1D CLA HE . 15.53 -12.14 4.32
C2D CLA HE . 16.48 -13.28 4.21
C3D CLA HE . 16.37 -13.82 5.59
C4D CLA HE . 15.47 -13.03 6.28
CMD CLA HE . 17.38 -13.87 3.16
CAD CLA HE . 16.87 -14.86 6.51
OBD CLA HE . 17.71 -15.79 6.22
CBD CLA HE . 16.20 -14.69 7.82
CGD CLA HE . 15.42 -15.95 8.11
O1D CLA HE . 15.28 -16.33 9.25
O2D CLA HE . 14.87 -16.73 7.03
CED CLA HE . 14.32 -18.02 7.32
C1 BCR IE . 15.46 -2.30 -14.76
C2 BCR IE . 16.78 -1.58 -14.95
C3 BCR IE . 17.96 -2.30 -14.33
C4 BCR IE . 17.67 -2.47 -12.87
C5 BCR IE . 16.47 -3.37 -12.73
C6 BCR IE . 15.44 -3.29 -13.60
C7 BCR IE . 14.25 -4.18 -13.48
C8 BCR IE . 13.23 -3.92 -12.67
C9 BCR IE . 12.05 -4.81 -12.57
C10 BCR IE . 11.38 -4.79 -11.42
C11 BCR IE . 10.19 -5.58 -11.18
C33 BCR IE . 16.51 -4.35 -11.57
C31 BCR IE . 15.14 -3.09 -16.03
C32 BCR IE . 14.40 -1.20 -14.58
C34 BCR IE . 11.63 -5.67 -13.72
C12 BCR IE . 9.73 -5.56 -9.94
C13 BCR IE . 8.51 -6.26 -9.53
C14 BCR IE . 8.20 -6.29 -8.23
C15 BCR IE . 6.99 -6.92 -7.74
C16 BCR IE . 6.76 -6.89 -6.42
C17 BCR IE . 5.54 -7.48 -5.90
C18 BCR IE . 5.32 -7.62 -4.59
C19 BCR IE . 4.03 -8.21 -4.17
C20 BCR IE . 3.43 -7.81 -3.06
C21 BCR IE . 2.14 -8.42 -2.70
C22 BCR IE . 1.58 -8.19 -1.50
C23 BCR IE . 0.28 -8.82 -1.19
C24 BCR IE . -0.33 -8.51 -0.04
C25 BCR IE . -1.62 -9.08 0.40
C26 BCR IE . -2.79 -8.45 0.13
C27 BCR IE . -4.14 -8.96 0.56
C28 BCR IE . -4.06 -10.35 1.17
C29 BCR IE . -2.84 -10.49 2.05
C30 BCR IE . -1.59 -10.37 1.19
C35 BCR IE . 7.62 -6.88 -10.57
C36 BCR IE . 6.34 -7.20 -3.57
C37 BCR IE . 2.24 -7.31 -0.50
C38 BCR IE . -2.80 -7.17 -0.63
C39 BCR IE . -1.50 -11.57 0.25
C40 BCR IE . -0.38 -10.34 2.11
C1 BCR JE . 44.46 -11.69 -38.92
C2 BCR JE . 44.85 -12.89 -38.05
C3 BCR JE . 44.35 -12.85 -36.61
C4 BCR JE . 44.82 -11.47 -36.11
C5 BCR JE . 44.00 -10.43 -36.83
C6 BCR JE . 43.81 -10.54 -38.17
C7 BCR JE . 43.02 -9.61 -39.04
C8 BCR JE . 43.25 -8.33 -39.33
C9 BCR JE . 42.38 -7.63 -40.28
C10 BCR JE . 42.31 -6.27 -40.30
C11 BCR JE . 41.50 -5.59 -41.30
C33 BCR JE . 43.41 -9.33 -36.00
C31 BCR JE . 43.52 -12.19 -40.00
C32 BCR JE . 45.67 -11.07 -39.63
C34 BCR JE . 41.60 -8.42 -41.29
C12 BCR JE . 41.67 -4.29 -41.48
C13 BCR JE . 40.95 -3.58 -42.56
C14 BCR JE . 41.48 -2.42 -42.98
C15 BCR JE . 41.00 -1.60 -44.08
C16 BCR JE . 41.04 -0.27 -44.10
C17 BCR JE . 40.59 0.34 -45.36
C18 BCR JE . 41.00 1.57 -45.71
C19 BCR JE . 40.62 2.11 -47.04
C20 BCR JE . 41.03 3.30 -47.44
C21 BCR JE . 40.70 3.75 -48.80
C22 BCR JE . 40.93 4.99 -49.24
C23 BCR JE . 40.64 5.30 -50.66
C24 BCR JE . 40.17 6.47 -51.09
C25 BCR JE . 39.91 6.77 -52.52
C26 BCR JE . 38.85 6.29 -53.22
C27 BCR JE . 38.67 6.67 -54.67
C28 BCR JE . 38.96 8.15 -54.76
C29 BCR JE . 40.44 8.35 -54.48
C30 BCR JE . 40.93 7.69 -53.19
C35 BCR JE . 39.70 -4.13 -43.18
C36 BCR JE . 41.90 2.37 -44.82
C37 BCR JE . 41.52 6.04 -48.35
C38 BCR JE . 37.78 5.39 -52.67
C39 BCR JE . 41.31 8.80 -52.23
C40 BCR JE . 42.19 6.90 -53.49
MG CLA KE . 36.52 -8.89 -58.82
CHA CLA KE . 33.95 -10.72 -57.40
CHB CLA KE . 36.46 -10.98 -61.47
CHC CLA KE . 38.88 -6.93 -60.23
CHD CLA KE . 36.01 -6.32 -56.20
NA CLA KE . 35.38 -10.54 -59.37
C1A CLA KE . 34.48 -11.19 -58.73
C2A CLA KE . 34.02 -12.49 -59.38
C3A CLA KE . 34.85 -12.53 -60.64
C4A CLA KE . 35.61 -11.25 -60.48
CMA CLA KE . 35.82 -13.70 -60.58
CAA CLA KE . 32.55 -12.51 -59.80
CBA CLA KE . 32.08 -11.22 -60.45
CGA CLA KE . 30.58 -11.32 -60.68
O1A CLA KE . 29.83 -11.47 -59.73
O2A CLA KE . 30.03 -11.23 -62.02
NB CLA KE . 37.54 -8.97 -60.59
C1B CLA KE . 37.36 -9.83 -61.59
C2B CLA KE . 38.17 -9.58 -62.80
C3B CLA KE . 38.90 -8.35 -62.43
C4B CLA KE . 38.43 -8.08 -61.03
CMB CLA KE . 38.22 -10.35 -64.10
CAB CLA KE . 39.88 -7.58 -63.23
CBB CLA KE . 41.11 -7.38 -62.81
NC CLA KE . 37.26 -7.02 -58.31
C1C CLA KE . 38.23 -6.42 -59.01
C2C CLA KE . 38.66 -5.10 -58.48
C3C CLA KE . 37.80 -4.93 -57.29
C4C CLA KE . 36.99 -6.18 -57.29
CMC CLA KE . 39.71 -4.16 -59.02
CAC CLA KE . 37.76 -3.77 -56.32
CBC CLA KE . 38.78 -4.08 -55.25
ND CLA KE . 35.29 -8.48 -57.25
C1D CLA KE . 35.21 -7.55 -56.15
C2D CLA KE . 34.29 -7.93 -55.04
C3D CLA KE . 33.80 -9.23 -55.57
C4D CLA KE . 34.41 -9.45 -56.80
CMD CLA KE . 33.87 -7.35 -53.73
CAD CLA KE . 32.91 -10.39 -55.30
OBD CLA KE . 32.19 -10.53 -54.25
CBD CLA KE . 32.99 -11.34 -56.43
CGD CLA KE . 33.36 -12.72 -55.99
O1D CLA KE . 32.57 -13.63 -56.17
O2D CLA KE . 34.65 -13.04 -55.40
CED CLA KE . 35.10 -14.39 -55.49
MG CLA LE . 51.30 -4.79 -48.25
CHA CLA LE . 53.41 -5.72 -50.83
CHB CLA LE . 53.37 -2.20 -47.61
CHC CLA LE . 49.62 -4.35 -45.37
CHD CLA LE . 49.30 -7.82 -48.95
NA CLA LE . 53.09 -4.09 -49.05
C1A CLA LE . 53.72 -4.45 -50.10
C2A CLA LE . 54.86 -3.56 -50.53
C3A CLA LE . 54.84 -2.48 -49.46
C4A CLA LE . 53.69 -2.97 -48.65
CMA CLA LE . 56.10 -2.56 -48.60
CAA CLA LE . 54.57 -2.83 -51.84
CBA CLA LE . 55.84 -2.13 -52.33
CGA CLA LE . 55.51 -1.11 -53.38
O1A CLA LE . 55.04 -1.45 -54.46
O2A CLA LE . 55.77 0.30 -53.13
NB CLA LE . 51.48 -3.47 -46.71
C1B CLA LE . 52.31 -2.44 -46.62
C2B CLA LE . 52.12 -1.55 -45.44
C3B CLA LE . 50.98 -2.22 -44.77
C4B CLA LE . 50.69 -3.39 -45.64
CMB CLA LE . 52.87 -0.32 -45.04
CAB CLA LE . 50.31 -1.80 -43.51
CBB CLA LE . 48.99 -1.61 -43.42
NC CLA LE . 49.88 -5.94 -47.32
C1C CLA LE . 49.20 -5.45 -46.27
C2C CLA LE . 47.87 -6.05 -46.02
C3C CLA LE . 47.77 -7.08 -47.07
C4C CLA LE . 49.06 -6.92 -47.79
CMC CLA LE . 46.91 -5.68 -44.93
CAC CLA LE . 46.64 -8.04 -47.37
CBC CLA LE . 46.69 -9.12 -46.33
ND CLA LE . 51.26 -6.40 -49.52
C1D CLA LE . 50.50 -7.59 -49.75
C2D CLA LE . 51.01 -8.48 -50.82
C3D CLA LE . 52.21 -7.70 -51.24
C4D CLA LE . 52.27 -6.57 -50.45
CMD CLA LE . 50.60 -9.79 -51.43
CAD CLA LE . 53.36 -7.66 -52.16
OBD CLA LE . 53.65 -8.56 -53.04
CBD CLA LE . 54.16 -6.43 -51.91
CGD CLA LE . 55.49 -6.89 -51.37
O1D CLA LE . 55.68 -7.00 -50.17
O2D CLA LE . 56.57 -7.22 -52.29
CED CLA LE . 57.79 -7.76 -51.80
C1 CLA LE . 55.93 1.21 -54.22
C1 BCR ME . 42.22 -4.75 -48.15
C2 BCR ME . 41.33 -5.99 -48.33
C3 BCR ME . 40.80 -6.53 -47.03
C4 BCR ME . 41.99 -6.87 -46.14
C5 BCR ME . 42.71 -5.59 -45.85
C6 BCR ME . 42.83 -4.61 -46.77
C7 BCR ME . 43.55 -3.33 -46.48
C8 BCR ME . 44.87 -3.17 -46.58
C9 BCR ME . 45.55 -1.88 -46.31
C10 BCR ME . 46.84 -1.76 -46.64
C11 BCR ME . 47.62 -0.55 -46.46
C33 BCR ME . 43.29 -5.48 -44.47
C31 BCR ME . 41.37 -3.52 -48.41
C32 BCR ME . 43.30 -4.86 -49.22
C34 BCR ME . 44.80 -0.73 -45.70
C12 BCR ME . 48.78 -0.49 -47.12
C13 BCR ME . 49.70 0.66 -47.08
C14 BCR ME . 50.76 0.65 -47.90
C15 BCR ME . 51.71 1.75 -47.94
C16 BCR ME . 52.85 1.62 -48.60
C17 BCR ME . 53.80 2.73 -48.64
C18 BCR ME . 55.05 2.58 -49.10
C19 BCR ME . 55.93 3.77 -49.13
C20 BCR ME . 57.20 3.68 -49.50
C21 BCR ME . 58.02 4.89 -49.50
C22 BCR ME . 59.28 4.90 -49.95
C23 BCR ME . 60.04 6.18 -49.94
C24 BCR ME . 61.06 6.36 -50.78
C25 BCR ME . 61.88 7.61 -50.85
C26 BCR ME . 61.52 8.63 -51.65
C27 BCR ME . 62.33 9.90 -51.78
C28 BCR ME . 63.31 10.06 -50.63
C29 BCR ME . 64.08 8.76 -50.48
C30 BCR ME . 63.15 7.67 -50.00
C35 BCR ME . 49.47 1.80 -46.14
C36 BCR ME . 55.54 1.25 -49.59
C37 BCR ME . 59.94 3.65 -50.45
C38 BCR ME . 60.28 8.56 -52.51
C39 BCR ME . 62.80 7.94 -48.54
C40 BCR ME . 63.87 6.33 -50.13
C1 BCR NE . -13.13 9.81 -61.30
C2 BCR NE . -13.37 11.00 -62.21
C3 BCR NE . -14.39 10.60 -63.25
C4 BCR NE . -13.75 9.59 -64.18
C5 BCR NE . -13.14 8.45 -63.40
C6 BCR NE . -12.86 8.55 -62.09
C7 BCR NE . -12.25 7.40 -61.38
C8 BCR NE . -12.92 6.43 -60.74
C9 BCR NE . -12.17 5.37 -60.07
C10 BCR NE . -12.78 4.35 -59.47
C11 BCR NE . -14.22 4.21 -59.43
C33 BCR NE . -12.86 7.20 -64.19
C31 BCR NE . -14.37 9.66 -60.42
C32 BCR NE . -11.92 10.10 -60.43
C34 BCR NE . -10.66 5.41 -60.07
C12 BCR NE . -14.74 3.03 -59.10
C13 BCR NE . -16.20 2.83 -59.06
C14 BCR NE . -16.70 1.60 -58.89
C15 BCR NE . -18.14 1.37 -58.84
C16 BCR NE . -18.60 0.22 -58.34
C17 BCR NE . -20.04 -0.02 -58.31
C18 BCR NE . -20.55 -1.17 -57.87
C19 BCR NE . -22.01 -1.35 -57.85
C20 BCR NE . -22.58 -2.53 -57.66
C21 BCR NE . -24.04 -2.56 -57.68
C22 BCR NE . -24.77 -3.68 -57.77
C23 BCR NE . -26.24 -3.54 -57.78
C24 BCR NE . -27.06 -4.49 -58.24
C25 BCR NE . -28.54 -4.34 -58.26
C26 BCR NE . -29.16 -3.79 -59.32
C27 BCR NE . -30.66 -3.63 -59.40
C28 BCR NE . -31.32 -3.77 -58.05
C29 BCR NE . -30.80 -5.01 -57.36
C30 BCR NE . -29.33 -4.83 -57.05
C35 BCR NE . -17.11 4.01 -59.19
C36 BCR NE . -19.65 -2.27 -57.37
C37 BCR NE . -24.12 -5.03 -57.82
C38 BCR NE . -28.41 -3.32 -60.52
C39 BCR NE . -28.76 -6.18 -56.66
C40 BCR NE . -29.21 -3.88 -55.87
MG CLA OE . -16.56 7.67 -66.79
CHA CLA OE . -15.90 9.64 -69.55
CHB CLA OE . -14.49 5.32 -68.09
CHC CLA OE . -16.89 5.97 -63.88
CHD CLA OE . -18.24 10.58 -65.26
NA CLA OE . -15.37 7.50 -68.48
C1A CLA OE . -15.22 8.30 -69.48
C2A CLA OE . -14.35 7.81 -70.60
C3A CLA OE . -13.97 6.42 -70.12
C4A CLA OE . -14.67 6.42 -68.80
CMA CLA OE . -14.61 5.38 -71.01
CAA CLA OE . -13.02 8.58 -70.68
CBA CLA OE . -12.49 9.03 -69.31
CGA CLA OE . -11.08 9.55 -69.35
O1A CLA OE . -10.18 8.89 -69.85
O2A CLA OE . -10.78 10.84 -68.76
NB CLA OE . -15.78 5.92 -66.08
C1B CLA OE . -15.04 5.04 -66.76
C2B CLA OE . -14.82 3.74 -66.08
C3B CLA OE . -15.55 3.93 -64.82
C4B CLA OE . -16.09 5.32 -64.93
CMB CLA OE . -14.06 2.53 -66.53
CAB CLA OE . -15.65 2.93 -63.73
CBB CLA OE . -15.46 3.22 -62.47
NC CLA OE . -17.42 8.18 -64.98
C1C CLA OE . -17.39 7.36 -63.92
C2C CLA OE . -17.93 7.94 -62.66
C3C CLA OE . -18.32 9.30 -63.08
C4C CLA OE . -17.97 9.33 -64.52
CMC CLA OE . -18.04 7.30 -61.30
CAC CLA OE . -18.95 10.39 -62.24
CBC CLA OE . -17.79 11.25 -61.80
ND CLA OE . -16.94 9.64 -67.17
C1D CLA OE . -17.76 10.70 -66.63
C2D CLA OE . -18.01 11.84 -67.54
C3D CLA OE . -17.25 11.38 -68.73
C4D CLA OE . -16.70 10.14 -68.43
CMD CLA OE . -18.77 13.13 -67.45
CAD CLA OE . -16.85 11.71 -70.12
OBD CLA OE . -17.18 12.77 -70.77
CBD CLA OE . -16.03 10.61 -70.68
CGD CLA OE . -16.80 9.96 -71.78
O1D CLA OE . -17.94 9.59 -71.63
O2D CLA OE . -16.15 9.73 -73.07
CED CLA OE . -16.81 8.95 -74.05
C1 CLA OE . -9.56 11.05 -68.05
C2 CLA OE . -9.77 10.74 -66.57
C3 CLA OE . -9.83 11.71 -65.64
C4 CLA OE . -9.69 13.16 -66.01
C5 CLA OE . -10.04 11.35 -64.20
C6 CLA OE . -8.84 10.63 -63.60
C7 CLA OE . -7.83 11.62 -63.05
C8 CLA OE . -6.48 10.97 -62.83
C9 CLA OE . -6.60 9.84 -61.82
C10 CLA OE . -5.47 12.03 -62.40
C11 CLA OE . -4.09 11.44 -62.13
C12 CLA OE . -3.41 10.90 -63.39
C13 CLA OE . -2.11 10.20 -63.01
C14 CLA OE . -0.90 11.06 -63.34
C15 CLA OE . -2.04 8.87 -63.75
C16 CLA OE . -1.17 7.85 -63.02
C17 CLA OE . -1.59 6.43 -63.42
C18 CLA OE . -0.85 5.38 -62.60
C19 CLA OE . 0.54 5.10 -63.18
C20 CLA OE . -1.66 4.09 -62.51
MG CLA PE . -14.35 -4.85 -69.97
CHA CLA PE . -14.62 -6.15 -73.16
CHB CLA PE . -14.98 -7.95 -68.75
CHC CLA PE . -13.85 -3.58 -66.89
CHD CLA PE . -13.00 -1.75 -71.46
NA CLA PE . -14.68 -6.73 -70.79
C1A CLA PE . -14.82 -7.10 -72.01
C2A CLA PE . -15.25 -8.53 -72.24
C3A CLA PE . -15.40 -9.05 -70.83
C4A CLA PE . -14.99 -7.82 -70.08
CMA CLA PE . -16.87 -9.31 -70.58
CAA CLA PE . -14.16 -9.39 -72.92
CBA CLA PE . -12.78 -9.25 -72.29
CGA CLA PE . -11.80 -10.21 -72.90
O1A CLA PE . -12.10 -11.39 -73.06
O2A CLA PE . -10.48 -9.74 -73.32
NB CLA PE . -14.45 -5.66 -68.09
C1B CLA PE . -14.62 -6.93 -67.75
C2B CLA PE . -14.42 -7.25 -66.32
C3B CLA PE . -14.08 -5.93 -65.77
C4B CLA PE . -14.12 -5.03 -66.96
CMB CLA PE . -14.53 -8.58 -65.60
CAB CLA PE . -13.74 -5.56 -64.37
CBB CLA PE . -12.52 -5.17 -64.08
NC CLA PE . -13.61 -3.04 -69.33
C1C CLA PE . -13.45 -2.74 -68.03
C2C CLA PE . -12.79 -1.44 -67.76
C3C CLA PE . -12.55 -0.89 -69.11
C4C CLA PE . -13.09 -1.97 -69.99
CMC CLA PE . -12.46 -0.83 -66.42
CAC CLA PE . -11.88 0.42 -69.50
CBC CLA PE . -12.96 1.42 -69.86
ND CLA PE . -13.81 -4.09 -71.78
C1D CLA PE . -13.45 -2.82 -72.35
C2D CLA PE . -13.59 -2.70 -73.82
C3D CLA PE . -14.07 -4.08 -74.13
C4D CLA PE . -14.17 -4.77 -72.93
CMD CLA PE . -13.35 -1.64 -74.86
CAD CLA PE . -14.48 -5.01 -75.22
OBD CLA PE . -14.54 -4.70 -76.47
CBD CLA PE . -14.87 -6.30 -74.63
CGD CLA PE . -16.34 -6.49 -74.85
O1D CLA PE . -17.14 -5.70 -74.40
O2D CLA PE . -16.81 -7.65 -75.60
CED CLA PE . -18.21 -7.87 -75.75
C1 CLA PE . -9.39 -10.65 -73.44
C2 CLA PE . -8.85 -11.00 -72.08
C3 CLA PE . -7.91 -10.26 -71.47
C4 CLA PE . -7.34 -9.03 -72.13
C5 CLA PE . -7.42 -10.66 -70.10
C1 BCR QE . -35.39 9.42 -42.89
C2 BCR QE . -36.38 9.95 -41.87
C3 BCR QE . -37.13 11.12 -42.46
C4 BCR QE . -36.16 12.27 -42.63
C5 BCR QE . -34.91 11.83 -43.38
C6 BCR QE . -34.55 10.53 -43.51
C7 BCR QE . -33.33 10.07 -44.24
C8 BCR QE . -33.27 9.97 -45.58
C9 BCR QE . -32.08 9.49 -46.31
C10 BCR QE . -31.92 9.86 -47.59
C11 BCR QE . -30.81 9.40 -48.43
C33 BCR QE . -34.10 12.96 -43.97
C31 BCR QE . -36.16 8.68 -43.97
C32 BCR QE . -34.44 8.45 -42.18
C34 BCR QE . -31.12 8.53 -45.67
C12 BCR QE . -30.77 9.87 -49.67
C13 BCR QE . -29.78 9.46 -50.69
C14 BCR QE . -29.70 10.17 -51.83
C15 BCR QE . -28.83 9.82 -52.94
C16 BCR QE . -28.40 10.75 -53.79
C17 BCR QE . -27.61 10.36 -54.95
C18 BCR QE . -27.09 11.28 -55.80
C19 BCR QE . -26.38 10.84 -57.00
C20 BCR QE . -25.62 11.63 -57.76
C21 BCR QE . -25.07 11.05 -58.97
C22 BCR QE . -24.39 11.78 -59.86
C23 BCR QE . -23.94 11.16 -61.12
C24 BCR QE . -22.72 10.94 -61.64
C25 BCR QE . -22.62 10.31 -63.00
C26 BCR QE . -22.42 11.11 -64.07
C27 BCR QE . -22.31 10.54 -65.46
C28 BCR QE . -21.52 9.24 -65.39
C29 BCR QE . -22.20 8.24 -64.48
C30 BCR QE . -22.75 8.80 -63.16
C35 BCR QE . -28.92 8.25 -50.49
C36 BCR QE . -27.31 12.74 -55.57
C37 BCR QE . -24.17 13.25 -59.64
C38 BCR QE . -22.28 12.59 -63.93
C39 BCR QE . -21.98 8.15 -62.03
C40 BCR QE . -24.20 8.34 -63.14
MG CHL RE . -36.25 6.99 36.43
CHA CHL RE . -33.13 6.58 37.73
CHB CHL RE . -35.13 5.84 33.51
CHC CHL RE . -39.33 7.68 35.18
CHD CHL RE . -37.32 8.29 39.68
NA CHL RE . -34.45 6.53 35.69
C1A CHL RE . -33.39 6.18 36.32
C2A CHL RE . -32.40 5.29 35.62
C3A CHL RE . -32.87 5.44 34.20
C4A CHL RE . -34.24 5.98 34.49
CMA CHL RE . -32.04 6.49 33.47
CAA CHL RE . -32.48 3.83 36.09
CBA CHL RE . -31.23 3.05 35.71
CGA CHL RE . -31.53 1.57 35.80
O1A CHL RE . -32.52 1.19 36.40
O2A CHL RE . -30.65 0.57 35.20
NB CHL RE . -37.11 6.79 34.59
C1B CHL RE . -36.52 6.29 33.51
C2B CHL RE . -37.36 6.21 32.30
C3B CHL RE . -38.64 6.77 32.80
C4B CHL RE . -38.36 7.09 34.24
CMB CHL RE . -37.00 5.70 30.94
CAB CHL RE . -39.89 6.96 32.01
CBB CHL RE . -41.11 6.69 32.47
NC CHL RE . -37.95 7.82 37.27
C1C CHL RE . -39.11 8.00 36.60
C2C CHL RE . -40.21 8.61 37.40
C3C CHL RE . -39.59 8.79 38.73
C4C CHL RE . -38.22 8.25 38.52
CMC CHL RE . -41.59 8.96 37.02
OMC CHL RE . -42.24 8.28 36.24
CAC CHL RE . -40.20 9.34 40.00
CBC CHL RE . -39.83 10.81 40.13
ND CHL RE . -35.54 7.39 38.30
C1D CHL RE . -35.94 7.87 39.49
C2D CHL RE . -34.93 7.95 40.56
C3D CHL RE . -33.79 7.40 39.81
C4D CHL RE . -34.22 7.11 38.54
CMD CHL RE . -34.88 8.40 41.99
CAD CHL RE . -32.35 7.05 39.87
OBD CHL RE . -31.63 7.18 40.90
CBD CHL RE . -31.91 6.50 38.57
CGD CHL RE . -30.79 7.34 38.03
O1D CHL RE . -30.00 6.88 37.24
O2D CHL RE . -30.59 8.72 38.42
CED CHL RE . -29.36 9.36 38.13
C1 CHL RE . -31.25 -0.63 34.70
C2 CHL RE . -30.51 -1.31 33.56
C3 CHL RE . -30.05 -0.79 32.41
C4 CHL RE . -29.35 -1.71 31.46
C5 CHL RE . -30.22 0.66 32.03
C6 CHL RE . -28.95 1.20 31.35
C7 CHL RE . -29.06 2.69 31.07
MG CLA SE . -45.85 9.76 28.16
CHA CLA SE . -44.32 12.69 29.14
CHB CLA SE . -47.06 11.39 25.45
CHC CLA SE . -46.90 6.76 26.98
CHD CLA SE . -44.01 8.02 30.86
NA CLA SE . -45.69 11.68 27.39
C1A CLA SE . -45.14 12.72 27.88
C2A CLA SE . -45.34 14.01 27.11
C3A CLA SE . -46.27 13.57 26.01
C4A CLA SE . -46.35 12.11 26.32
CMA CLA SE . -47.63 14.20 26.32
CAA CLA SE . -44.06 14.47 26.39
CBA CLA SE . -43.15 13.37 25.84
CGA CLA SE . -43.32 13.17 24.34
O1A CLA SE . -43.42 14.13 23.60
O2A CLA SE . -43.39 11.84 23.75
NB CLA SE . -46.80 9.17 26.44
C1B CLA SE . -47.31 9.95 25.50
C2B CLA SE . -48.16 9.27 24.49
C3B CLA SE . -48.10 7.88 24.97
C4B CLA SE . -47.23 7.93 26.17
CMB CLA SE . -48.87 9.85 23.30
CAB CLA SE . -48.75 6.69 24.37
CBB CLA SE . -48.08 5.92 23.56
NC CLA SE . -45.47 7.82 28.78
C1C CLA SE . -46.07 6.76 28.21
C2C CLA SE . -45.84 5.48 28.93
C3C CLA SE . -45.00 5.86 30.07
C4C CLA SE . -44.84 7.32 29.86
CMC CLA SE . -46.35 4.10 28.61
CAC CLA SE . -44.44 4.99 31.15
CBC CLA SE . -43.16 4.40 30.60
ND CLA SE . -44.47 10.13 29.61
C1D CLA SE . -43.86 9.47 30.73
C2D CLA SE . -43.13 10.33 31.67
C3D CLA SE . -43.33 11.65 31.01
C4D CLA SE . -44.08 11.43 29.87
CMD CLA SE . -42.36 10.14 32.95
CAD CLA SE . -43.05 13.10 31.09
OBD CLA SE . -42.37 13.67 32.01
CBD CLA SE . -43.68 13.79 29.93
CGD CLA SE . -44.77 14.66 30.48
O1D CLA SE . -44.62 15.85 30.60
O2D CLA SE . -46.04 14.06 30.82
CED CLA SE . -47.23 14.68 30.37
C1 CLA SE . -44.48 11.46 22.92
C2 CLA SE . -44.75 9.98 23.07
C3 CLA SE . -44.91 9.18 22.00
C4 CLA SE . -44.84 9.75 20.63
C5 CLA SE . -45.16 7.69 22.17
C6 CLA SE . -44.71 6.85 20.98
C7 CLA SE . -43.24 6.45 21.13
C8 CLA SE . -42.58 5.83 19.90
C9 CLA SE . -43.14 6.37 18.58
C10 CLA SE . -42.66 4.32 19.93
C11 CLA SE . -42.20 3.73 21.26
C12 CLA SE . -42.33 2.20 21.24
C13 CLA SE . -41.86 1.51 22.51
C14 CLA SE . -40.52 2.05 22.99
C15 CLA SE . -41.79 0.02 22.24
C16 CLA SE . -41.36 -0.82 23.45
C17 CLA SE . -41.10 -2.26 23.02
C18 CLA SE . -40.74 -3.16 24.20
C19 CLA SE . -39.42 -2.76 24.84
C20 CLA SE . -40.71 -4.63 23.78
MG CLA TE . -51.38 3.94 19.83
CHA CLA TE . -52.11 6.68 17.84
CHB CLA TE . -48.24 5.11 20.13
CHC CLA TE . -50.57 1.00 21.33
CHD CLA TE . -54.63 2.48 18.83
NA CLA TE . -50.33 5.56 19.08
C1A CLA TE . -50.74 6.61 18.47
C2A CLA TE . -49.77 7.76 18.36
C3A CLA TE . -48.55 7.21 19.08
C4A CLA TE . -49.09 5.87 19.45
CMA CLA TE . -47.41 7.01 18.08
CAA CLA TE . -50.18 8.99 19.17
CBA CLA TE . -49.26 10.15 18.88
CGA CLA TE . -49.30 10.50 17.41
O1A CLA TE . -50.24 11.14 16.95
O2A CLA TE . -48.23 10.08 16.51
NB CLA TE . -49.66 3.19 20.64
C1B CLA TE . -48.46 3.75 20.63
C2B CLA TE . -47.36 2.93 21.18
C3B CLA TE . -48.06 1.67 21.54
C4B CLA TE . -49.48 1.96 21.15
CMB CLA TE . -45.92 3.26 21.33
CAB CLA TE . -47.48 0.45 22.14
CBB CLA TE . -47.67 -0.77 21.62
NC CLA TE . -52.37 2.13 19.97
C1C CLA TE . -51.90 1.11 20.71
C2C CLA TE . -52.85 0.00 20.94
C3C CLA TE . -54.04 0.44 20.19
C4C CLA TE . -53.63 1.76 19.65
CMC CLA TE . -52.64 -1.27 21.71
CAC CLA TE . -55.36 -0.27 20.05
CBC CLA TE . -56.12 0.15 21.29
ND CLA TE . -52.98 4.34 18.63
C1D CLA TE . -54.27 3.80 18.32
C2D CLA TE . -55.14 4.66 17.48
C3D CLA TE . -54.23 5.83 17.30
C4D CLA TE . -53.06 5.56 17.97
CMD CLA TE . -56.52 4.57 16.90
CAD CLA TE . -54.10 7.17 16.69
OBD CLA TE . -54.99 7.75 15.99
CBD CLA TE . -52.77 7.73 17.00
CGD CLA TE . -52.05 7.95 15.71
O1D CLA TE . -51.67 9.07 15.39
O2D CLA TE . -51.80 6.86 14.80
CED CLA TE . -51.41 7.12 13.46
C1 CLA TE . -47.96 10.79 15.31
C2 CLA TE . -48.50 10.08 14.09
C3 CLA TE . -47.72 9.33 13.29
C4 CLA TE . -48.31 8.66 12.10
C5 CLA TE . -46.25 9.16 13.59
C6 CLA TE . -45.70 7.82 13.12
C7 CLA TE . -44.86 7.18 14.21
C8 CLA TE . -44.11 5.94 13.72
C9 CLA TE . -43.31 6.23 12.47
C10 CLA TE . -45.11 4.82 13.50
C11 CLA TE . -44.39 3.52 13.15
C12 CLA TE . -45.34 2.33 13.26
C13 CLA TE . -44.81 1.12 12.50
C14 CLA TE . -44.93 1.33 11.00
C15 CLA TE . -45.54 -0.13 12.96
C16 CLA TE . -44.80 -1.41 12.61
C17 CLA TE . -43.37 -1.39 13.14
C18 CLA TE . -42.65 -2.70 12.83
C19 CLA TE . -41.21 -2.68 13.37
C20 CLA TE . -42.66 -3.02 11.34
MG CLA UE . -64.05 -7.74 29.38
CHA CLA UE . -65.38 -10.90 28.82
CHB CLA UE . -63.82 -7.34 26.05
CHC CLA UE . -63.26 -4.49 29.96
CHD CLA UE . -64.73 -8.20 32.98
NA CLA UE . -64.54 -8.88 27.73
C1A CLA UE . -65.00 -10.07 27.63
C2A CLA UE . -65.13 -10.63 26.22
C3A CLA UE . -64.57 -9.49 25.39
C4A CLA UE . -64.30 -8.50 26.48
CMA CLA UE . -63.20 -9.91 24.89
CAA CLA UE . -66.57 -10.85 25.77
CBA CLA UE . -67.46 -9.60 25.79
CGA CLA UE . -68.84 -9.93 26.31
O1A CLA UE . -69.35 -11.02 26.10
O2A CLA UE . -69.58 -8.95 27.09
NB CLA UE . -63.65 -6.15 28.17
C1B CLA UE . -63.48 -6.18 26.86
C2B CLA UE . -62.92 -4.95 26.26
C3B CLA UE . -62.74 -4.09 27.44
C4B CLA UE . -63.24 -4.94 28.57
CMB CLA UE . -62.60 -4.66 24.82
CAB CLA UE . -62.21 -2.71 27.51
CBB CLA UE . -63.06 -1.71 27.64
NC CLA UE . -64.02 -6.60 31.11
C1C CLA UE . -63.67 -5.31 31.11
C2C CLA UE . -63.68 -4.66 32.45
C3C CLA UE . -64.12 -5.75 33.34
C4C CLA UE . -64.29 -6.90 32.40
CMC CLA UE . -63.34 -3.24 32.80
CAC CLA UE . -64.32 -5.70 34.83
CBC CLA UE . -65.79 -5.41 35.04
ND CLA UE . -64.87 -9.10 30.66
C1D CLA UE . -65.03 -9.30 32.07
C2D CLA UE . -65.51 -10.66 32.47
C3D CLA UE . -65.64 -11.29 31.13
C4D CLA UE . -65.27 -10.34 30.19
CMD CLA UE . -65.83 -11.39 33.74
CAD CLA UE . -66.01 -12.54 30.41
OBD CLA UE . -66.41 -13.62 30.95
CBD CLA UE . -65.84 -12.32 28.96
CGD CLA UE . -64.79 -13.27 28.48
O1D CLA UE . -63.64 -12.89 28.27
O2D CLA UE . -65.11 -14.67 28.26
CED CLA UE . -64.07 -15.58 27.92
C1 CLA UE . -70.86 -8.51 26.70
C2 CLA UE . -70.93 -7.01 26.85
C3 CLA UE . -71.94 -6.40 27.48
C4 CLA UE . -73.08 -7.19 28.06
C5 CLA UE . -71.93 -4.90 27.60
C6 CLA UE . -72.77 -4.37 28.77
C7 CLA UE . -73.18 -2.93 28.54
C8 CLA UE . -72.16 -1.97 29.14
C9 CLA UE . -72.12 -2.10 30.65
C10 CLA UE . -72.50 -0.54 28.74
C11 CLA UE . -71.45 0.45 29.23
C12 CLA UE . -71.77 1.86 28.80
MG CLA VE . -66.83 -5.92 21.90
CHA CLA VE . -70.16 -5.95 22.85
CHB CLA VE . -66.87 -2.55 22.13
CHC CLA VE . -63.47 -6.00 21.52
CHD CLA VE . -66.88 -9.62 22.04
NA CLA VE . -68.24 -4.49 22.44
C1A CLA VE . -69.50 -4.61 22.68
C2A CLA VE . -70.27 -3.31 22.85
C3A CLA VE . -69.19 -2.27 22.58
C4A CLA VE . -68.02 -3.18 22.37
CMA CLA VE . -69.48 -1.53 21.29
CAA CLA VE . -70.68 -3.03 24.29
CBA CLA VE . -71.75 -1.97 24.38
CGA CLA VE . -73.03 -2.42 23.70
O1A CLA VE . -73.46 -3.53 23.87
O2A CLA VE . -73.74 -1.49 22.83
NB CLA VE . -65.38 -4.48 21.85
C1B CLA VE . -65.56 -3.16 21.89
C2B CLA VE . -64.34 -2.34 21.73
C3B CLA VE . -63.30 -3.38 21.54
C4B CLA VE . -64.07 -4.67 21.64
CMB CLA VE . -64.20 -0.85 21.73
CAB CLA VE . -61.85 -3.14 21.31
CBB CLA VE . -60.87 -3.83 21.84
NC CLA VE . -65.49 -7.48 21.83
C1C CLA VE . -64.17 -7.30 21.63
C2C CLA VE . -63.38 -8.55 21.48
C3C CLA VE . -64.41 -9.61 21.62
C4C CLA VE . -65.65 -8.83 21.84
CMC CLA VE . -61.92 -8.71 21.24
CAC CLA VE . -64.24 -11.11 21.58
CBC CLA VE . -64.32 -11.49 20.12
ND CLA VE . -68.09 -7.45 22.33
C1D CLA VE . -68.10 -8.89 22.36
C2D CLA VE . -69.40 -9.52 22.70
C3D CLA VE . -70.22 -8.31 22.90
C4D CLA VE . -69.40 -7.20 22.69
CMD CLA VE . -69.94 -10.91 22.86
CAD CLA VE . -71.57 -7.80 23.26
OBD CLA VE . -72.59 -8.54 23.52
CBD CLA VE . -71.56 -6.33 23.22
CGD CLA VE . -72.49 -5.95 22.11
O1D CLA VE . -72.07 -5.60 21.02
O2D CLA VE . -73.93 -6.01 22.33
CED CLA VE . -74.83 -5.74 21.26
C1 CLA VE . -74.71 -1.98 21.90
C2 CLA VE . -74.48 -1.37 20.54
C3 CLA VE . -75.16 -0.28 20.13
C4 CLA VE . -76.16 0.38 21.03
C5 CLA VE . -74.89 0.29 18.75
C6 CLA VE . -75.80 1.45 18.34
C7 CLA VE . -75.02 2.75 18.23
MG CHL WE . -58.25 -9.27 18.71
CHA CHL WE . -56.88 -12.18 17.63
CHB CHL WE . -55.37 -8.46 20.14
CHC CHL WE . -59.41 -6.09 18.85
CHD CHL WE . -61.49 -10.44 17.58
NA CHL WE . -56.41 -10.06 18.72
C1A CHL WE . -55.98 -11.15 18.23
C2A CHL WE . -54.48 -11.36 18.28
C3A CHL WE . -54.07 -10.29 19.27
C4A CHL WE . -55.37 -9.56 19.39
CMA CHL WE . -53.71 -10.91 20.62
CAA CHL WE . -53.79 -11.18 16.93
CBA CHL WE . -54.19 -9.92 16.16
CGA CHL WE . -54.95 -10.30 14.92
O1A CHL WE . -54.35 -10.68 13.92
O2A CHL WE . -56.40 -10.21 14.88
NB CHL WE . -57.49 -7.52 19.42
C1B CHL WE . -56.28 -7.33 19.94
C2B CHL WE . -55.94 -5.93 20.29
C3B CHL WE . -57.18 -5.22 19.88
C4B CHL WE . -58.06 -6.32 19.37
CMB CHL WE . -54.67 -5.38 20.87
CAB CHL WE . -57.51 -3.78 19.95
CBB CHL WE . -57.55 -3.18 21.12
NC CHL WE . -60.08 -8.46 18.29
C1C CHL WE . -60.35 -7.14 18.42
C2C CHL WE . -61.75 -6.78 18.05
C3C CHL WE . -62.36 -8.07 17.69
C4C CHL WE . -61.24 -9.01 17.86
CMC CHL WE . -62.39 -5.45 18.07
OMC CHL WE . -61.82 -4.45 17.67
CAC CHL WE . -63.77 -8.34 17.24
CBC CHL WE . -63.78 -8.10 15.75
ND CHL WE . -59.14 -10.87 17.82
C1D CHL WE . -60.33 -11.30 17.41
C2D CHL WE . -60.39 -12.65 16.79
C3D CHL WE . -58.95 -13.00 16.89
C4D CHL WE . -58.31 -11.94 17.48
CMD CHL WE . -61.45 -13.53 16.21
CAD CHL WE . -57.92 -14.03 16.61
OBD CHL WE . -58.13 -15.17 16.05
CBD CHL WE . -56.61 -13.53 17.06
CGD CHL WE . -56.03 -14.48 18.06
O1D CHL WE . -56.37 -14.46 19.23
O2D CHL WE . -55.02 -15.43 17.60
CED CHL WE . -53.66 -15.01 17.57
C1 CHL WE . -57.12 -10.60 13.72
C2 CHL WE . -57.43 -12.07 13.78
MG CLA XE . -67.47 10.30 24.95
CHA CLA XE . -64.83 8.57 26.38
CHB CLA XE . -69.14 7.38 24.70
CHC CLA XE . -69.76 11.94 23.07
CHD CLA XE . -65.34 13.33 24.92
NA CLA XE . -67.05 8.32 25.41
C1A CLA XE . -66.07 7.79 26.05
C2A CLA XE . -66.20 6.33 26.40
C3A CLA XE . -67.57 5.99 25.84
C4A CLA XE . -67.95 7.33 25.28
CMA CLA XE . -67.44 4.99 24.70
CAA CLA XE . -66.26 6.01 27.90
CBA CLA XE . -67.05 7.03 28.71
CGA CLA XE . -67.22 6.48 30.10
O1A CLA XE . -67.17 5.27 30.29
O2A CLA XE . -67.44 7.36 31.24
NB CLA XE . -69.19 9.72 24.00
C1B CLA XE . -69.77 8.54 24.07
C2B CLA XE . -71.11 8.45 23.44
C3B CLA XE . -71.30 9.84 22.94
C4B CLA XE . -70.04 10.53 23.35
CMB CLA XE . -72.04 7.29 23.34
CAB CLA XE . -72.46 10.41 22.22
CBB CLA XE . -73.14 11.44 22.67
NC CLA XE . -67.49 12.19 24.11
C1C CLA XE . -68.57 12.68 23.48
C2C CLA XE . -68.51 14.13 23.18
C3C CLA XE . -67.20 14.54 23.73
C4C CLA XE . -66.67 13.27 24.27
CMC CLA XE . -69.53 14.99 22.48
CAC CLA XE . -66.56 15.90 23.74
CBC CLA XE . -67.01 16.57 25.02
ND CLA XE . -65.60 10.90 25.45
C1D CLA XE . -64.79 12.09 25.47
C2D CLA XE . -63.45 11.95 26.07
C3D CLA XE . -63.49 10.51 26.42
C4D CLA XE . -64.72 10.00 26.03
CMD CLA XE . -62.26 12.84 26.33
CAD CLA XE . -62.72 9.40 27.04
OBD CLA XE . -61.53 9.50 27.49
CBD CLA XE . -63.53 8.17 27.00
CGD CLA XE . -62.78 7.14 26.23
O1D CLA XE . -63.16 6.74 25.13
O2D CLA XE . -61.58 6.59 26.81
CED CLA XE . -61.48 5.19 27.05
C1 CLA XE . -68.33 6.91 32.26
C2 CLA XE . -69.71 6.84 31.66
C3 CLA XE . -70.67 7.72 31.97
C4 CLA XE . -70.40 8.83 32.95
C5 CLA XE . -72.04 7.62 31.33
C6 CLA XE . -71.96 7.25 29.85
C7 CLA XE . -71.87 8.49 28.96
C8 CLA XE . -72.75 8.37 27.70
C9 CLA XE . -72.67 6.99 27.07
C10 CLA XE . -72.33 9.44 26.68
C11 CLA XE . -72.72 10.85 27.10
C12 CLA XE . -72.14 11.86 26.13
C13 CLA XE . -72.71 13.26 26.30
C14 CLA XE . -74.08 13.39 25.64
C15 CLA XE . -71.72 14.26 25.72
C16 CLA XE . -72.14 15.71 25.96
C17 CLA XE . -70.91 16.59 26.20
C18 CLA XE . -71.14 18.04 25.76
C19 CLA XE . -69.94 18.90 26.13
C20 CLA XE . -72.42 18.63 26.33
MG CLA YE . -60.32 5.76 17.97
CHA CLA YE . -57.77 8.03 18.59
CHB CLA YE . -61.33 7.73 15.43
CHC CLA YE . -62.21 3.16 16.86
CHD CLA YE . -58.83 3.53 20.51
NA CLA YE . -59.66 7.53 17.12
C1A CLA YE . -58.76 8.38 17.52
C2A CLA YE . -58.72 9.70 16.76
C3A CLA YE . -59.89 9.54 15.81
C4A CLA YE . -60.31 8.17 16.15
CMA CLA YE . -61.02 10.48 16.25
CAA CLA YE . -57.53 9.75 15.82
CBA CLA YE . -57.55 10.82 14.73
CGA CLA YE . -56.86 10.27 13.51
O1A CLA YE . -57.11 10.72 12.40
O2A CLA YE . -55.88 9.19 13.61
NB CLA YE . -61.52 5.47 16.34
C1B CLA YE . -61.97 6.42 15.52
C2B CLA YE . -63.14 6.06 14.69
C3B CLA YE . -63.41 4.68 15.12
C4B CLA YE . -62.34 4.42 16.13
CMB CLA YE . -63.87 6.90 13.68
CAB CLA YE . -64.47 3.75 14.66
CBB CLA YE . -64.18 2.59 14.10
NC CLA YE . -60.48 3.79 18.59
C1C CLA YE . -61.28 2.90 17.97
C2C CLA YE . -61.20 1.52 18.51
C3C CLA YE . -60.20 1.63 19.59
C4C CLA YE . -59.84 3.07 19.54
CMC CLA YE . -61.95 0.30 18.05
CAC CLA YE . -59.68 0.56 20.51
CBC CLA YE . -60.67 0.42 21.63
ND CLA YE . -58.74 5.69 19.25
C1D CLA YE . -58.17 4.82 20.25
C2D CLA YE . -56.95 5.32 20.92
C3D CLA YE . -56.80 6.63 20.22
C4D CLA YE . -57.83 6.73 19.30
CMD CLA YE . -56.01 4.83 21.99
CAD CLA YE . -55.97 7.85 20.12
OBD CLA YE . -54.92 8.10 20.82
CBD CLA YE . -56.55 8.73 19.10
CGD CLA YE . -56.84 10.07 19.70
O1D CLA YE . -57.92 10.33 20.18
O2D CLA YE . -55.81 11.08 19.67
CED CLA YE . -56.13 12.42 20.04
C1 CLA YE . -55.70 8.27 12.53
C2 CLA YE . -55.61 6.84 13.02
C3 CLA YE . -54.89 5.90 12.39
C4 CLA YE . -54.17 6.21 11.12
C5 CLA YE . -54.83 4.48 12.94
C6 CLA YE . -53.84 4.33 14.09
C7 CLA YE . -53.11 2.99 14.05
C8 CLA YE . -52.17 2.81 15.25
C9 CLA YE . -50.93 3.68 15.11
C10 CLA YE . -51.76 1.36 15.39
C11 CLA YE . -51.48 1.04 16.86
C12 CLA YE . -50.70 -0.25 17.06
C13 CLA YE . -51.54 -1.49 16.72
C14 CLA YE . -52.86 -1.53 17.49
C15 CLA YE . -50.71 -2.74 16.97
C16 CLA YE . -50.59 -3.13 18.44
C17 CLA YE . -50.48 -4.65 18.60
C18 CLA YE . -50.41 -5.05 20.07
C19 CLA YE . -49.10 -4.58 20.70
C20 CLA YE . -50.56 -6.56 20.21
MG CLA ZE . -60.80 9.50 34.54
CHA CLA ZE . -62.68 12.42 34.38
CHB CLA ZE . -59.48 10.65 37.44
CHC CLA ZE . -59.66 6.37 35.08
CHD CLA ZE . -62.55 8.35 31.51
NA CLA ZE . -61.05 11.18 35.73
C1A CLA ZE . -61.71 12.27 35.51
C2A CLA ZE . -61.50 13.36 36.52
C3A CLA ZE . -60.41 12.82 37.39
C4A CLA ZE . -60.32 11.45 36.80
CMA CLA ZE . -59.17 13.57 36.93
CAA CLA ZE . -62.68 13.41 37.52
CBA CLA ZE . -63.53 12.14 37.79
CGA CLA ZE . -62.99 11.27 38.92
O1A CLA ZE . -62.31 11.77 39.80
O2A CLA ZE . -63.20 9.83 39.03
NB CLA ZE . -59.75 8.63 36.06
C1B CLA ZE . -59.18 9.26 37.08
C2B CLA ZE . -58.28 8.44 37.91
C3B CLA ZE . -58.33 7.15 37.21
C4B CLA ZE . -59.28 7.38 36.08
CMB CLA ZE . -57.51 8.84 39.14
CAB CLA ZE . -57.60 5.91 37.56
CBB CLA ZE . -58.18 4.94 38.24
NC CLA ZE . -61.08 7.74 33.51
C1C CLA ZE . -60.50 6.58 33.87
C2C CLA ZE . -60.79 5.45 32.94
C3C CLA ZE . -61.63 6.06 31.91
C4C CLA ZE . -61.75 7.46 32.36
CMC CLA ZE . -60.34 4.01 32.98
CAC CLA ZE . -62.24 5.41 30.69
CBC CLA ZE . -63.59 4.89 31.13
ND CLA ZE . -62.24 10.12 33.23
C1D CLA ZE . -62.91 9.65 32.06
C2D CLA ZE . -63.91 10.56 31.48
C3D CLA ZE . -63.81 11.69 32.44
C4D CLA ZE . -62.88 11.34 33.41
CMD CLA ZE . -64.83 10.51 30.30
CAD CLA ZE . -64.34 13.03 32.80
OBD CLA ZE . -65.24 13.69 32.16
CBD CLA ZE . -63.66 13.49 34.03
CGD CLA ZE . -63.11 14.88 33.86
O1D CLA ZE . -61.92 15.03 33.65
O2D CLA ZE . -63.97 16.03 34.02
CED CLA ZE . -63.40 17.33 34.14
C1 CLA ZE . -62.42 9.17 40.02
C2 CLA ZE . -61.98 7.77 39.62
C3 CLA ZE . -62.00 6.76 40.52
C4 CLA ZE . -62.45 6.98 41.94
C5 CLA ZE . -61.57 5.37 40.11
C6 CLA ZE . -62.77 4.43 40.09
C7 CLA ZE . -62.39 2.99 40.43
C8 CLA ZE . -63.28 1.95 39.77
C9 CLA ZE . -64.73 2.40 39.56
C10 CLA ZE . -63.27 0.67 40.61
C11 CLA ZE . -62.65 -0.50 39.87
C12 CLA ZE . -63.60 -1.09 38.82
C13 CLA ZE . -62.87 -2.03 37.88
C14 CLA ZE . -63.80 -2.55 36.79
C15 CLA ZE . -62.27 -3.19 38.67
MG CLA AF . -45.84 6.43 43.86
CHA CLA AF . -48.89 8.07 43.79
CHB CLA AF . -45.05 8.20 46.60
CHC CLA AF . -43.19 4.37 44.23
CHD CLA AF . -47.02 4.34 41.05
NA CLA AF . -46.79 7.84 45.03
C1A CLA AF . -47.92 8.46 44.88
C2A CLA AF . -48.21 9.56 45.87
C3A CLA AF . -46.96 9.58 46.71
C4A CLA AF . -46.22 8.46 46.07
CMA CLA AF . -46.19 10.87 46.48
CAA CLA AF . -49.33 9.25 46.87
CBA CLA AF . -49.46 7.75 47.18
CGA CLA AF . -49.87 7.51 48.60
O1A CLA AF . -49.40 8.17 49.51
O2A CLA AF . -50.84 6.46 48.91
NB CLA AF . -44.35 6.29 45.25
C1B CLA AF . -44.10 7.15 46.22
C2B CLA AF . -42.81 6.99 46.92
C3B CLA AF . -42.25 5.82 46.20
C4B CLA AF . -43.31 5.48 45.20
CMB CLA AF . -42.22 7.79 48.05
CAB CLA AF . -40.94 5.17 46.44
CBB CLA AF . -40.80 3.87 46.59
NC CLA AF . -45.22 4.75 42.81
C1C CLA AF . -44.18 4.00 43.21
C2C CLA AF . -44.05 2.69 42.53
C3C CLA AF . -45.18 2.68 41.59
C4C CLA AF . -45.83 4.00 41.84
CMC CLA AF . -43.01 1.63 42.76
CAC CLA AF . -45.60 1.60 40.61
CBC CLA AF . -44.70 1.70 39.40
ND CLA AF . -47.49 6.17 42.68
C1D CLA AF . -47.91 5.37 41.56
C2D CLA AF . -49.25 5.69 41.03
C3D CLA AF . -49.63 6.79 41.95
C4D CLA AF . -48.58 6.99 42.83
CMD CLA AF . -50.13 5.17 39.92
CAD CLA AF . -50.71 7.76 42.30
OBD CLA AF . -51.82 7.88 41.69
CBD CLA AF . -50.25 8.56 43.46
CGD CLA AF . -50.23 10.01 43.11
O1D CLA AF . -49.39 10.46 42.36
O2D CLA AF . -51.19 10.90 43.75
CED CLA AF . -51.04 12.31 43.72
C1 CLA AF . -50.56 5.13 48.46
C2 CLA AF . -51.84 4.38 48.18
C3 CLA AF . -51.84 3.05 47.97
C4 CLA AF . -50.57 2.26 47.96
C5 CLA AF . -53.15 2.34 47.71
C6 CLA AF . -53.56 2.37 46.25
C7 CLA AF . -53.95 0.99 45.74
C8 CLA AF . -55.08 1.05 44.71
C9 CLA AF . -56.24 1.91 45.19
C10 CLA AF . -55.56 -0.36 44.41
C11 CLA AF . -54.54 -1.14 43.60
C12 CLA AF . -54.17 -2.45 44.27
C13 CLA AF . -53.88 -3.55 43.26
C14 CLA AF . -55.19 -4.06 42.66
C15 CLA AF . -53.12 -4.68 43.93
C16 CLA AF . -52.13 -5.35 42.97
C17 CLA AF . -51.30 -6.42 43.68
C18 CLA AF . -50.08 -6.78 42.85
C19 CLA AF . -49.40 -8.03 43.38
C20 CLA AF . -49.09 -5.62 42.79
MG CLA BF . -54.05 2.24 41.26
CHA CLA BF . -54.43 4.99 43.35
CHB CLA BF . -57.40 2.28 40.76
CHC CLA BF . -53.81 -0.89 39.97
CHD CLA BF . -50.59 1.93 42.50
NA CLA BF . -55.65 3.37 41.97
C1A CLA BF . -55.64 4.51 42.59
C2A CLA BF . -56.97 5.24 42.65
C3A CLA BF . -57.88 4.34 41.83
C4A CLA BF . -56.89 3.26 41.50
CMA CLA BF . -58.98 3.74 42.68
CAA CLA BF . -57.04 6.65 42.07
CBA CLA BF . -57.42 7.63 43.18
CGA CLA BF . -58.87 7.56 43.60
O1A CLA BF . -59.66 8.40 43.20
O2A CLA BF . -59.37 6.51 44.48
NB CLA BF . -55.39 0.93 40.44
C1B CLA BF . -56.70 1.07 40.36
C2B CLA BF . -57.46 -0.12 39.92
C3B CLA BF . -56.38 -1.10 39.67
C4B CLA BF . -55.15 -0.33 40.03
CMB CLA BF . -58.94 -0.29 39.74
CAB CLA BF . -56.55 -2.49 39.19
CBB CLA BF . -55.78 -3.09 38.30
NC CLA BF . -52.51 0.86 41.22
C1C CLA BF . -52.65 -0.37 40.70
C2C CLA BF . -51.48 -1.27 40.88
C3C CLA BF . -50.53 -0.43 41.63
C4C CLA BF . -51.27 0.84 41.78
CMC CLA BF . -51.33 -2.69 40.42
CAC CLA BF . -49.15 -0.77 42.14
CBC CLA BF . -49.34 -1.45 43.47
ND CLA BF . -52.77 3.12 42.58
C1D CLA BF . -51.41 3.01 43.02
C2D CLA BF . -50.94 4.05 43.96
C3D CLA BF . -52.20 4.84 44.09
C4D CLA BF . -53.16 4.25 43.30
CMD CLA BF . -49.66 4.34 44.68
CAD CLA BF . -52.82 6.02 44.74
OBD CLA BF . -52.24 6.83 45.55
CBD CLA BF . -54.23 6.12 44.30
CGD CLA BF . -55.13 6.09 45.50
O1D CLA BF . -55.48 5.04 46.00
O2D CLA BF . -55.59 7.34 46.06
CED CLA BF . -56.42 7.34 47.22
C1 CLA BF . -60.48 6.72 45.34
C2 CLA BF . -60.10 6.34 46.74
C3 CLA BF . -60.67 5.30 47.38
C4 CLA BF . -60.23 4.97 48.78
C5 CLA BF . -61.74 4.45 46.72
C6 CLA BF . -61.20 3.15 46.13
C7 CLA BF . -62.09 2.65 45.00
MG CLA CF . -43.39 -8.80 32.90
CHA CLA CF . -42.27 -12.09 33.11
CHB CLA CF . -44.14 -8.93 36.19
CHC CLA CF . -43.84 -5.46 32.78
CHD CLA CF . -42.18 -8.73 29.41
NA CLA CF . -43.21 -10.22 34.40
C1A CLA CF . -42.84 -11.45 34.34
C2A CLA CF . -42.93 -12.22 35.64
C3A CLA CF . -43.55 -11.21 36.57
C4A CLA CF . -43.65 -10.04 35.65
CMA CLA CF . -44.93 -11.69 37.01
CAA CLA CF . -41.54 -12.54 36.24
CBA CLA CF . -40.60 -11.35 36.54
CGA CLA CF . -39.82 -10.86 35.34
O1A CLA CF . -38.83 -11.45 34.96
O2A CLA CF . -40.27 -9.67 34.61
NB CLA CF . -43.90 -7.40 34.30
C1B CLA CF . -44.28 -7.62 35.55
C2B CLA CF . -44.76 -6.43 36.28
C3B CLA CF . -44.66 -5.38 35.26
C4B CLA CF . -44.12 -6.11 34.07
CMB CLA CF . -45.25 -6.30 37.71
CAB CLA CF . -45.03 -3.95 35.36
CBB CLA CF . -45.95 -3.41 34.60
NC CLA CF . -43.08 -7.41 31.40
C1C CLA CF . -43.29 -6.10 31.59
C2C CLA CF . -42.93 -5.25 30.42
C3C CLA CF . -42.44 -6.23 29.43
C4C CLA CF . -42.59 -7.52 30.14
CMC CLA CF . -43.01 -3.76 30.25
CAC CLA CF . -41.93 -5.96 28.03
CBC CLA CF . -40.46 -5.63 28.17
ND CLA CF . -42.45 -10.00 31.55
C1D CLA CF . -42.04 -9.96 30.18
C2D CLA CF . -41.48 -11.22 29.63
C3D CLA CF . -41.58 -12.08 30.85
C4D CLA CF . -42.14 -11.31 31.85
CMD CLA CF . -40.92 -11.68 28.32
CAD CLA CF . -41.32 -13.43 31.39
OBD CLA CF . -40.81 -14.42 30.75
CBD CLA CF . -41.74 -13.46 32.80
CGD CLA CF . -42.65 -14.62 33.08
O1D CLA CF . -43.42 -15.03 32.24
O2D CLA CF . -42.59 -15.29 34.36
CED CLA CF . -42.90 -16.67 34.47
C1 CLA CF . -39.56 -9.07 33.53
C2 CLA CF . -39.10 -7.69 33.96
C3 CLA CF . -39.15 -6.59 33.19
C4 CLA CF . -39.68 -6.63 31.80
C5 CLA CF . -38.66 -5.27 33.73
C6 CLA CF . -39.69 -4.62 34.63
C7 CLA CF . -39.45 -3.13 34.81
C8 CLA CF . -40.77 -2.38 34.72
C9 CLA CF . -41.30 -2.43 33.30
C10 CLA CF . -40.58 -0.93 35.16
C11 CLA CF . -41.62 -0.54 36.22
C12 CLA CF . -41.48 -1.41 37.46
C13 CLA CF . -41.54 -0.59 38.74
C14 CLA CF . -40.37 0.39 38.80
C15 CLA CF . -41.53 -1.51 39.96
C16 CLA CF . -42.56 -2.63 39.88
C17 CLA CF . -43.96 -2.12 40.18
C18 CLA CF . -44.94 -3.28 40.31
C19 CLA CF . -46.35 -2.75 40.57
C20 CLA CF . -44.52 -4.24 41.43
MG CLA DF . -40.11 -10.89 41.57
CHA CLA DF . -37.56 -9.76 39.53
CHB CLA DF . -37.76 -12.40 43.49
CHC CLA DF . -42.55 -11.55 43.81
CHD CLA DF . -42.44 -8.69 39.71
NA CLA DF . -38.04 -11.02 41.55
C1A CLA DF . -37.19 -10.63 40.69
C2A CLA DF . -35.76 -11.09 40.90
C3A CLA DF . -35.88 -11.96 42.13
C4A CLA DF . -37.33 -11.77 42.41
CMA CLA DF . -35.70 -13.40 41.70
CAA CLA DF . -34.80 -9.97 41.30
CBA CLA DF . -35.41 -8.90 42.20
CGA CLA DF . -34.78 -7.56 41.90
O1A CLA DF . -34.26 -6.90 42.78
O2A CLA DF . -34.77 -7.05 40.53
NB CLA DF . -40.14 -11.84 43.39
C1B CLA DF . -39.13 -12.42 44.01
C2B CLA DF . -39.45 -13.09 45.29
C3B CLA DF . -40.91 -12.83 45.38
C4B CLA DF . -41.21 -12.04 44.15
CMB CLA DF . -38.54 -13.83 46.23
CAB CLA DF . -41.85 -13.24 46.45
CBB CLA DF . -42.53 -12.34 47.15
NC CLA DF . -42.08 -10.30 41.67
C1C CLA DF . -42.85 -10.58 42.73
C2C CLA DF . -44.13 -9.82 42.81
C3C CLA DF . -44.08 -8.98 41.59
C4C CLA DF . -42.79 -9.37 40.97
CMC CLA DF . -45.20 -9.90 43.85
CAC CLA DF . -45.10 -7.98 41.10
CBC CLA DF . -46.14 -8.77 40.36
ND CLA DF . -40.11 -9.51 40.07
C1D CLA DF . -41.04 -8.75 39.29
C2D CLA DF . -40.47 -8.08 38.09
C3D CLA DF . -39.06 -8.50 38.21
C4D CLA DF . -38.95 -9.29 39.34
CMD CLA DF . -41.01 -7.20 36.99
CAD CLA DF . -37.70 -8.42 37.61
OBD CLA DF . -37.36 -7.79 36.55
CBD CLA DF . -36.76 -9.21 38.40
CGD CLA DF . -36.25 -10.33 37.54
O1D CLA DF . -36.90 -11.36 37.41
O2D CLA DF . -34.97 -10.21 36.90
CED CLA DF . -34.22 -11.37 36.56
C1 CLA DF . -35.05 -5.67 40.31
C2 CLA DF . -36.52 -5.44 40.58
C3 CLA DF . -37.38 -5.05 39.65
C4 CLA DF . -36.94 -4.79 38.23
C5 CLA DF . -38.84 -4.86 40.02
C6 CLA DF . -39.35 -6.06 40.82
C7 CLA DF . -40.31 -5.66 41.93
C8 CLA DF . -40.64 -6.89 42.78
C9 CLA DF . -41.84 -6.63 43.67
C10 CLA DF . -39.41 -7.27 43.61
C11 CLA DF . -39.67 -8.54 44.40
C12 CLA DF . -38.74 -8.60 45.62
C13 CLA DF . -39.30 -9.50 46.71
C14 CLA DF . -40.74 -9.10 47.09
C15 CLA DF . -38.40 -9.42 47.93
C16 CLA DF . -38.53 -10.61 48.86
C17 CLA DF . -37.71 -10.38 50.13
C18 CLA DF . -37.39 -11.69 50.83
C19 CLA DF . -36.71 -11.42 52.17
C20 CLA DF . -36.52 -12.58 49.96
MG CLA EF . -34.09 -8.99 24.40
CHA CLA EF . -37.54 -9.36 24.22
CHB CLA EF . -33.89 -10.06 21.22
CHC CLA EF . -30.73 -8.86 24.75
CHD CLA EF . -34.47 -8.15 27.98
NA CLA EF . -35.46 -9.62 22.98
C1A CLA EF . -36.74 -9.68 22.98
C2A CLA EF . -37.41 -10.09 21.68
C3A CLA EF . -36.21 -10.32 20.78
C4A CLA EF . -35.11 -9.96 21.73
CMA CLA EF . -36.09 -11.80 20.46
CAA CLA EF . -38.23 -8.97 21.01
CBA CLA EF . -38.73 -9.32 19.61
CGA CLA EF . -39.78 -10.42 19.61
O1A CLA EF . -39.47 -11.60 19.62
O2A CLA EF . -41.19 -10.09 19.55
NB CLA EF . -32.53 -9.43 23.17
C1B CLA EF . -32.60 -9.78 21.89
C2B CLA EF . -31.30 -9.87 21.18
C3B CLA EF . -30.35 -9.52 22.26
C4B CLA EF . -31.24 -9.25 23.43
CMB CLA EF . -31.01 -10.25 19.75
CAB CLA EF . -28.87 -9.43 22.20
CBB CLA EF . -28.24 -8.30 22.46
NC CLA EF . -32.90 -8.66 26.04
C1C CLA EF . -31.56 -8.53 25.93
C2C CLA EF . -30.87 -8.02 27.14
C3C CLA EF . -31.97 -7.81 28.09
C4C CLA EF . -33.16 -8.23 27.31
CMC CLA EF . -29.40 -7.77 27.33
CAC CLA EF . -31.91 -7.29 29.50
CBC CLA EF . -32.12 -5.79 29.42
ND CLA EF . -35.54 -8.81 25.82
C1D CLA EF . -35.66 -8.43 27.20
C2D CLA EF . -37.05 -8.36 27.70
C3D CLA EF . -37.80 -8.74 26.48
C4D CLA EF . -36.88 -8.96 25.48
CMD CLA EF . -37.69 -8.03 29.02
CAD CLA EF . -39.15 -8.97 25.91
OBD CLA EF . -40.25 -8.85 26.55
CBD CLA EF . -39.01 -9.37 24.50
CGD CLA EF . -39.61 -10.72 24.30
O1D CLA EF . -39.20 -11.70 24.90
O2D CLA EF . -40.70 -10.87 23.34
CED CLA EF . -41.23 -12.16 23.06
C1 CLA EF . -42.13 -11.08 19.16
C1 LUT FF . -49.74 -8.51 37.30
C2 LUT FF . -49.30 -9.95 37.10
C3 LUT FF . -48.17 -10.20 36.10
C4 LUT FF . -48.26 -9.30 34.90
C5 LUT FF . -48.38 -7.85 35.31
C6 LUT FF . -49.04 -7.49 36.42
C7 LUT FF . -49.09 -6.05 36.81
C8 LUT FF . -50.10 -5.26 36.45
C9 LUT FF . -50.23 -3.83 36.80
C10 LUT FF . -51.41 -3.28 36.50
C11 LUT FF . -51.80 -1.90 36.75
C12 LUT FF . -53.05 -1.64 36.39
C13 LUT FF . -53.72 -0.34 36.56
C14 LUT FF . -55.03 -0.34 36.33
C15 LUT FF . -55.88 0.84 36.48
C16 LUT FF . -49.47 -8.14 38.74
C17 LUT FF . -51.25 -8.52 37.06
C18 LUT FF . -47.73 -6.86 34.39
C19 LUT FF . -49.11 -3.08 37.45
C20 LUT FF . -52.97 0.87 36.98
O3 LUT FF . -48.28 -11.54 35.64
C21 LUT FF . -66.50 7.67 38.10
C22 LUT FF . -66.97 9.03 38.59
C23 LUT FF . -67.14 10.10 37.53
C24 LUT FF . -66.10 10.01 36.44
C25 LUT FF . -65.51 8.85 36.13
C26 LUT FF . -65.28 7.80 37.19
C27 LUT FF . -64.94 6.45 36.59
C28 LUT FF . -63.72 5.97 36.76
C29 LUT FF . -63.31 4.67 36.24
C30 LUT FF . -62.10 4.23 36.59
C31 LUT FF . -61.53 2.95 36.19
C32 LUT FF . -60.25 2.83 36.52
C33 LUT FF . -59.42 1.65 36.28
C34 LUT FF . -58.12 1.74 36.58
C35 LUT FF . -57.19 0.63 36.40
C36 LUT FF . -67.64 6.93 37.41
C37 LUT FF . -66.10 6.86 39.33
C38 LUT FF . -65.09 8.62 34.71
C39 LUT FF . -64.21 3.85 35.37
C40 LUT FF . -60.01 0.39 35.70
O23 LUT FF . -67.03 11.38 38.17
C1 LUT GF . -58.44 -7.41 24.24
C2 LUT GF . -58.93 -8.84 24.47
C3 LUT GF . -59.67 -9.11 25.77
C4 LUT GF . -59.00 -8.37 26.91
C5 LUT GF . -59.14 -6.91 26.57
C6 LUT GF . -58.72 -6.45 25.38
C7 LUT GF . -58.54 -5.01 25.13
C8 LUT GF . -57.43 -4.36 25.53
C9 LUT GF . -57.18 -2.93 25.26
C10 LUT GF . -55.95 -2.49 25.51
C11 LUT GF . -55.49 -1.12 25.29
C12 LUT GF . -54.17 -1.00 25.31
C13 LUT GF . -53.40 0.22 25.08
C14 LUT GF . -52.07 0.11 25.23
C15 LUT GF . -51.14 1.21 25.01
C16 LUT GF . -59.16 -6.85 23.02
C17 LUT GF . -56.95 -7.48 23.94
C18 LUT GF . -59.79 -6.04 27.60
C19 LUT GF . -58.24 -2.03 24.70
C20 LUT GF . -54.06 1.51 24.70
O3 LUT GF . -59.66 -10.51 26.04
C21 LUT GF . -40.03 7.76 24.13
C22 LUT GF . -39.40 9.08 23.71
C23 LUT GF . -39.60 10.21 24.72
C24 LUT GF . -41.02 10.25 25.23
C25 LUT GF . -41.76 9.14 25.36
C26 LUT GF . -41.50 7.92 24.53
C27 LUT GF . -42.00 6.67 25.23
C28 LUT GF . -43.01 5.99 24.69
C29 LUT GF . -43.58 4.77 25.28
C30 LUT GF . -44.74 4.35 24.80
C31 LUT GF . -45.44 3.16 25.27
C32 LUT GF . -46.74 3.11 25.01
C33 LUT GF . -47.62 2.00 25.37
C34 LUT GF . -48.88 2.05 24.92
C35 LUT GF . -49.85 0.99 25.18
C36 LUT GF . -39.21 7.14 25.25
C37 LUT GF . -39.93 6.82 22.94
C38 LUT GF . -42.86 9.17 26.36
C39 LUT GF . -42.87 4.03 26.37
C40 LUT GF . -47.13 0.88 26.22
O23 LUT GF . -39.32 11.47 24.09
C1 LUT HF . -67.15 -2.98 29.32
C2 LUT HF . -66.97 -4.29 30.09
C3 LUT HF . -66.90 -5.60 29.30
C4 LUT HF . -67.78 -5.52 28.06
C5 LUT HF . -67.29 -4.36 27.24
C6 LUT HF . -67.15 -3.15 27.81
C7 LUT HF . -66.99 -1.97 26.93
C8 LUT HF . -68.06 -1.33 26.44
C9 LUT HF . -67.97 -0.16 25.54
C10 LUT HF . -69.13 0.35 25.12
C11 LUT HF . -69.26 1.49 24.21
C12 LUT HF . -70.47 1.68 23.72
C13 LUT HF . -70.79 2.77 22.78
C14 LUT HF . -72.08 3.08 22.56
C15 LUT HF . -72.47 4.14 21.63
C16 LUT HF . -66.00 -2.05 29.68
C17 LUT HF . -68.43 -2.34 29.81
C18 LUT HF . -66.93 -4.62 25.82
C19 LUT HF . -66.65 0.41 25.11
C20 LUT HF . -69.70 3.50 22.09
O3 LUT HF . -67.36 -6.68 30.10
C21 LUT HF . -79.32 14.14 17.06
C22 LUT HF . -79.87 15.05 15.97
C23 LUT HF . -81.19 14.55 15.39
C24 LUT HF . -81.04 13.11 14.97
C25 LUT HF . -80.23 12.25 15.61
C26 LUT HF . -79.14 12.70 16.55
C27 LUT HF . -79.04 11.72 17.70
C28 LUT HF . -77.89 11.07 17.92
C29 LUT HF . -77.76 10.10 19.02
C30 LUT HF . -76.77 9.21 18.95
C31 LUT HF . -76.54 8.20 19.98
C32 LUT HF . -75.56 7.33 19.78
C33 LUT HF . -75.26 6.26 20.76
C34 LUT HF . -74.08 5.63 20.67
C35 LUT HF . -73.72 4.57 21.60
C36 LUT HF . -80.22 14.23 18.29
C37 LUT HF . -77.94 14.68 17.45
C38 LUT HF . -80.41 10.79 15.34
C39 LUT HF . -78.71 10.12 20.18
C40 LUT HF . -76.26 5.89 21.81
O23 LUT HF . -81.53 15.34 14.25
O1 LHG IF . -40.66 12.02 43.87
C1 LHG IF . -40.05 10.77 44.20
C2 LHG IF . -40.95 10.00 45.15
O2 LHG IF . -40.41 8.69 45.34
C3 LHG IF . -42.35 9.87 44.55
O3 LHG IF . -42.31 8.88 43.52
P LHG IF . -43.53 8.70 42.50
O4 LHG IF . -44.67 8.03 43.22
O5 LHG IF . -43.74 10.01 41.79
O6 LHG IF . -42.92 7.64 41.46
C4 LHG IF . -43.67 7.26 40.31
C5 LHG IF . -43.21 5.91 39.81
C6 LHG IF . -44.28 5.35 38.89
O7 LHG IF . -42.01 6.04 39.06
C7 LHG IF . -41.06 4.97 39.35
O9 LHG IF . -41.42 4.01 40.02
C8 LHG IF . -39.66 5.02 38.79
C9 LHG IF . -39.65 4.56 37.35
C10 LHG IF . -38.67 3.42 37.15
O8 LHG IF . -44.90 6.39 38.13
C23 LHG IF . -45.40 6.05 36.81
O10 LHG IF . -45.24 6.84 35.89
C24 LHG IF . -46.07 4.72 36.59
C11 LHG IF . -37.25 3.82 37.55
C12 LHG IF . -36.25 2.76 37.12
C13 LHG IF . -36.24 2.61 35.61
C14 LHG IF . -35.65 1.28 35.19
C15 LHG IF . -35.57 1.17 33.67
C16 LHG IF . -34.60 2.18 33.11
C17 LHG IF . -34.49 2.07 31.59
C18 LHG IF . -33.43 3.03 31.06
C19 LHG IF . -33.32 2.94 29.54
C20 LHG IF . -32.94 1.53 29.11
C25 LHG IF . -45.47 4.08 35.34
C26 LHG IF . -44.14 3.36 35.64
C27 LHG IF . -43.05 3.84 34.69
C28 LHG IF . -41.95 2.79 34.53
C29 LHG IF . -40.78 3.38 33.76
C30 LHG IF . -39.84 2.30 33.22
C31 LHG IF . -40.52 1.48 32.13
C32 LHG IF . -39.50 0.66 31.34
C33 LHG IF . -40.20 -0.28 30.35
C34 LHG IF . -41.01 0.51 29.32
MG CLA JF . 55.04 10.63 -27.46
CHA CLA JF . 55.22 13.87 -28.62
CHB CLA JF . 52.60 11.62 -25.30
CHC CLA JF . 54.58 7.40 -26.70
CHD CLA JF . 57.29 9.65 -30.24
NA CLA JF . 54.04 12.40 -27.05
C1A CLA JF . 54.24 13.58 -27.51
C2A CLA JF . 53.42 14.65 -26.89
C3A CLA JF . 52.66 13.94 -25.80
C4A CLA JF . 53.14 12.55 -26.07
CMA CLA JF . 53.12 14.42 -24.43
CAA CLA JF . 52.34 15.08 -27.90
CBA CLA JF . 51.71 14.04 -28.83
CGA CLA JF . 50.37 13.65 -28.28
O1A CLA JF . 49.70 14.51 -27.75
O2A CLA JF . 49.88 12.28 -28.28
NB CLA JF . 53.79 9.67 -26.17
C1B CLA JF . 52.86 10.19 -25.38
C2B CLA JF . 52.05 9.22 -24.62
C3B CLA JF . 52.65 7.94 -25.05
C4B CLA JF . 53.71 8.35 -25.99
CMB CLA JF . 50.91 9.48 -23.66
CAB CLA JF . 52.29 6.56 -24.65
CBB CLA JF . 52.27 6.20 -23.39
NC CLA JF . 55.74 8.91 -28.34
C1C CLA JF . 55.52 7.70 -27.80
C2C CLA JF . 56.31 6.60 -28.39
C3C CLA JF . 57.11 7.27 -29.43
C4C CLA JF . 56.67 8.68 -29.31
CMC CLA JF . 56.31 5.15 -28.04
CAC CLA JF . 58.10 6.65 -30.38
CBC CLA JF . 57.29 6.19 -31.57
ND CLA JF . 55.98 11.44 -29.08
C1D CLA JF . 56.96 11.06 -30.08
C2D CLA JF . 57.53 12.17 -30.87
C3D CLA JF . 56.81 13.31 -30.25
C4D CLA JF . 55.98 12.80 -29.27
CMD CLA JF . 58.54 12.31 -31.97
CAD CLA JF . 56.64 14.78 -30.28
OBD CLA JF . 57.25 15.61 -31.05
CBD CLA JF . 55.64 15.16 -29.26
CGD CLA JF . 56.21 16.13 -28.28
O1D CLA JF . 56.06 17.33 -28.45
O2D CLA JF . 56.92 15.69 -27.10
CED CLA JF . 57.05 16.58 -25.99
C1 CLA JF . 49.43 11.72 -27.06
C2 CLA JF . 49.58 10.21 -27.07
C3 CLA JF . 48.63 9.40 -26.60
C4 CLA JF . 47.36 9.95 -26.02
C5 CLA JF . 48.82 7.91 -26.64
C6 CLA JF . 47.53 7.20 -27.06
C7 CLA JF . 47.81 5.91 -27.81
C8 CLA JF . 46.60 5.40 -28.57
C9 CLA JF . 45.38 5.29 -27.67
C10 CLA JF . 46.89 4.04 -29.19
C11 CLA JF . 48.18 4.03 -29.99
C12 CLA JF . 48.51 2.62 -30.46
C13 CLA JF . 49.92 2.53 -31.04
C14 CLA JF . 50.06 3.47 -32.25
C15 CLA JF . 50.22 1.10 -31.42
MG CLA KF . 49.65 2.70 -20.93
CHA CLA KF . 47.74 5.05 -19.27
CHB CLA KF . 48.90 4.26 -23.82
CHC CLA KF . 51.19 0.17 -22.55
CHD CLA KF . 49.67 0.66 -17.85
NA CLA KF . 48.48 4.32 -21.47
C1A CLA KF . 47.93 5.23 -20.74
C2A CLA KF . 47.44 6.47 -21.46
C3A CLA KF . 47.80 6.14 -22.90
C4A CLA KF . 48.44 4.82 -22.70
CMA CLA KF . 46.52 5.90 -23.69
CAA CLA KF . 48.25 7.71 -21.14
CBA CLA KF . 47.71 8.95 -21.85
CGA CLA KF . 46.39 9.32 -21.26
O1A CLA KF . 46.26 9.48 -20.06
O2A CLA KF . 45.22 9.50 -22.11
NB CLA KF . 50.05 2.31 -22.91
C1B CLA KF . 49.55 2.96 -23.95
C2B CLA KF . 49.67 2.26 -25.26
C3B CLA KF . 50.36 1.02 -24.88
C4B CLA KF . 50.55 1.16 -23.41
CMB CLA KF . 49.21 2.70 -26.61
CAB CLA KF . 50.74 -0.07 -25.84
CBB CLA KF . 51.74 -0.93 -25.71
NC CLA KF . 50.24 0.82 -20.32
C1C CLA KF . 50.93 -0.01 -21.12
C2C CLA KF . 51.46 -1.23 -20.47
C3C CLA KF . 51.00 -1.08 -19.08
C4C CLA KF . 50.27 0.21 -19.12
CMC CLA KF . 52.26 -2.35 -21.07
CAC CLA KF . 51.23 -2.00 -17.91
CBC CLA KF . 52.60 -1.63 -17.39
ND CLA KF . 48.88 2.71 -19.06
C1D CLA KF . 49.00 1.97 -17.83
C2D CLA KF . 48.45 2.61 -16.63
C3D CLA KF . 47.93 3.87 -17.23
C4D CLA KF . 48.22 3.83 -18.59
CMD CLA KF . 48.33 2.24 -15.18
CAD CLA KF . 47.24 5.16 -16.96
OBD CLA KF . 46.82 5.54 -15.81
CBD CLA KF . 47.13 5.92 -18.22
CGD CLA KF . 45.74 6.41 -18.39
O1D CLA KF . 44.92 5.84 -19.09
O2D CLA KF . 45.39 7.64 -17.69
CED CLA KF . 44.04 8.08 -17.59
C1 CLA KF . 44.00 9.93 -21.54
C2 CLA KF . 43.15 8.74 -21.17
C3 CLA KF . 41.95 8.53 -21.70
C4 CLA KF . 41.37 9.48 -22.70
C5 CLA KF . 41.14 7.31 -21.31
C6 CLA KF . 41.63 6.59 -20.06
C7 CLA KF . 40.76 6.94 -18.86
C8 CLA KF . 40.43 5.72 -18.02
C9 CLA KF . 39.75 4.64 -18.88
C10 CLA KF . 39.57 6.16 -16.84
C11 CLA KF . 38.90 5.00 -16.11
C12 CLA KF . 38.40 5.44 -14.74
C13 CLA KF . 37.05 4.84 -14.36
C14 CLA KF . 36.75 5.14 -12.90
C15 CLA KF . 36.99 3.35 -14.64
C16 CLA KF . 35.61 2.77 -14.34
C17 CLA KF . 35.72 1.59 -13.37
C18 CLA KF . 34.39 1.31 -12.68
C19 CLA KF . 33.87 2.54 -11.96
C20 CLA KF . 34.52 0.13 -11.72
MG CLA LF . 64.09 -8.66 -13.12
CHA CLA LF . 64.37 -12.09 -12.66
CHB CLA LF . 60.79 -8.92 -12.49
CHC CLA LF . 63.79 -5.41 -14.07
CHD CLA LF . 67.57 -8.66 -14.35
NA CLA LF . 62.79 -10.22 -12.71
C1A CLA LF . 63.02 -11.45 -12.41
C2A CLA LF . 61.85 -12.24 -11.87
C3A CLA LF . 60.74 -11.22 -11.90
C4A CLA LF . 61.51 -10.04 -12.40
CMA CLA LF . 59.73 -11.59 -12.96
CAA CLA LF . 62.06 -12.70 -10.41
CBA CLA LF . 61.88 -11.62 -9.34
CGA CLA LF . 62.76 -11.79 -8.13
O1A CLA LF . 63.00 -12.88 -7.66
O2A CLA LF . 63.33 -10.60 -7.54
NB CLA LF . 62.52 -7.38 -13.28
C1B CLA LF . 61.25 -7.61 -12.95
C2B CLA LF . 60.36 -6.44 -12.99
C3B CLA LF . 61.27 -5.38 -13.47
C4B CLA LF . 62.57 -6.08 -13.61
CMB CLA LF . 58.90 -6.34 -12.69
CAB CLA LF . 60.97 -3.97 -13.74
CBB CLA LF . 61.51 -3.03 -12.98
NC CLA LF . 65.39 -7.36 -14.08
C1C CLA LF . 65.10 -6.07 -14.26
C2C CLA LF . 66.22 -5.22 -14.71
C3C CLA LF . 67.34 -6.17 -14.79
C4C CLA LF . 66.70 -7.45 -14.38
CMC CLA LF . 66.21 -3.74 -15.00
CAC CLA LF . 68.76 -5.92 -15.20
CBC CLA LF . 69.48 -5.57 -13.91
ND CLA LF . 65.63 -9.96 -13.49
C1D CLA LF . 66.99 -9.92 -13.92
C2D CLA LF . 67.71 -11.22 -13.85
C3D CLA LF . 66.63 -12.09 -13.35
C4D CLA LF . 65.50 -11.30 -13.17
CMD CLA LF . 69.11 -11.71 -14.16
CAD CLA LF . 66.27 -13.47 -12.94
OBD CLA LF . 67.05 -14.49 -12.96
CBD CLA LF . 64.86 -13.49 -12.51
CGD CLA LF . 64.09 -14.50 -13.30
O1D CLA LF . 63.52 -14.22 -14.34
O2D CLA LF . 63.98 -15.85 -12.77
CED CLA LF . 63.18 -16.83 -13.45
C1 CLA LF . 64.03 -10.67 -6.31
C2 CLA LF . 63.78 -9.42 -5.49
C3 CLA LF . 64.72 -8.49 -5.32
C4 CLA LF . 66.09 -8.62 -5.94
C5 CLA LF . 64.40 -7.26 -4.50
C6 CLA LF . 63.78 -7.63 -3.16
C7 CLA LF . 64.78 -7.45 -2.02
C8 CLA LF . 64.09 -7.57 -0.66
C9 CLA LF . 62.93 -6.59 -0.52
C10 CLA LF . 65.11 -7.35 0.46
C11 CLA LF . 65.83 -6.02 0.31
C12 CLA LF . 66.42 -5.54 1.63
C13 CLA LF . 67.71 -4.76 1.43
C14 CLA LF . 67.60 -3.71 0.33
C15 CLA LF . 68.85 -5.72 1.13
C16 CLA LF . 70.20 -5.01 1.09
C17 CLA LF . 71.05 -5.59 -0.04
C18 CLA LF . 72.49 -5.13 0.07
C19 CLA LF . 72.63 -3.66 -0.31
C20 CLA LF . 73.40 -6.00 -0.79
MG CLA MF . 57.52 -8.33 -8.32
CHA CLA MF . 59.45 -8.61 -5.45
CHB CLA MF . 57.40 -4.99 -7.80
CHC CLA MF . 55.91 -8.07 -11.26
CHD CLA MF . 58.25 -11.88 -9.05
NA CLA MF . 58.32 -7.02 -6.91
C1A CLA MF . 58.96 -7.24 -5.83
C2A CLA MF . 59.18 -6.04 -4.92
C3A CLA MF . 58.49 -4.94 -5.69
C4A CLA MF . 58.05 -5.71 -6.88
CMA CLA MF . 57.27 -4.44 -4.94
CAA CLA MF . 60.64 -5.61 -4.86
CBA CLA MF . 60.88 -4.67 -3.67
NB CLA MF . 56.73 -6.75 -9.36
C1B CLA MF . 56.84 -5.46 -9.06
C2B CLA MF . 56.36 -4.52 -10.10
C3B CLA MF . 55.91 -5.45 -11.15
C4B CLA MF . 56.18 -6.80 -10.57
CMB CLA MF . 56.34 -3.01 -10.10
CAB CLA MF . 55.31 -5.10 -12.47
CBB CLA MF . 54.20 -5.62 -12.93
NC CLA MF . 57.24 -9.68 -9.85
C1C CLA MF . 56.44 -9.39 -10.89
C2C CLA MF . 56.05 -10.55 -11.73
C3C CLA MF . 56.74 -11.68 -11.06
C4C CLA MF . 57.44 -11.01 -9.94
CMC CLA MF . 55.17 -10.56 -12.94
CAC CLA MF . 56.76 -13.14 -11.45
CBC CLA MF . 55.58 -13.80 -10.77
ND CLA MF . 58.60 -9.88 -7.58
C1D CLA MF . 58.78 -11.30 -7.82
C2D CLA MF . 59.50 -12.04 -6.75
C3D CLA MF . 59.76 -10.92 -5.80
C4D CLA MF . 59.23 -9.77 -6.35
CMD CLA MF . 59.93 -13.46 -6.50
CAD CLA MF . 60.37 -10.55 -4.50
OBD CLA MF . 60.96 -11.36 -3.69
CBD CLA MF . 60.17 -9.11 -4.25
CGD CLA MF . 59.30 -8.98 -3.04
O1D CLA MF . 58.09 -9.00 -3.13
O2D CLA MF . 59.92 -8.81 -1.72
CED CLA MF . 59.12 -8.78 -0.55
MG CLA NF . 49.03 -12.11 -15.52
CHA CLA NF . 50.27 -10.73 -12.61
CHB CLA NF . 47.63 -14.56 -13.65
CHC CLA NF . 47.48 -13.17 -18.31
CHD CLA NF . 50.09 -9.03 -17.30
NA CLA NF . 48.91 -12.54 -13.49
C1A CLA NF . 49.49 -12.01 -12.49
C2A CLA NF . 49.32 -12.72 -11.16
C3A CLA NF . 48.53 -13.95 -11.55
C4A CLA NF . 48.35 -13.66 -13.00
CMA CLA NF . 49.40 -15.19 -11.41
CAA CLA NF . 48.36 -12.01 -10.20
CBA CLA NF . 47.44 -10.95 -10.81
CGA CLA NF . 45.94 -11.19 -10.67
O1A CLA NF . 45.19 -10.22 -10.64
O2A CLA NF . 45.36 -12.52 -10.56
NB CLA NF . 47.76 -13.65 -15.91
C1B CLA NF . 47.26 -14.54 -15.06
C2B CLA NF . 46.29 -15.51 -15.62
C3B CLA NF . 46.26 -15.08 -17.04
C4B CLA NF . 47.20 -13.93 -17.09
CMB CLA NF . 45.55 -16.63 -14.94
CAB CLA NF . 45.47 -15.63 -18.16
CBB CLA NF . 44.54 -14.88 -18.72
NC CLA NF . 48.87 -11.28 -17.40
C1C CLA NF . 48.12 -11.85 -18.36
C2C CLA NF . 47.97 -11.04 -19.60
C3C CLA NF . 48.75 -9.82 -19.29
C4C CLA NF . 49.25 -10.09 -17.92
CMC CLA NF . 47.20 -11.39 -20.85
CAC CLA NF . 48.98 -8.60 -20.15
CBC CLA NF . 50.03 -8.98 -21.16
ND CLA NF . 49.88 -10.29 -15.15
C1D CLA NF . 50.39 -9.17 -15.88
C2D CLA NF . 51.20 -8.20 -15.09
C3D CLA NF . 51.15 -8.86 -13.75
C4D CLA NF . 50.38 -10.01 -13.89
CMD CLA NF . 51.93 -6.92 -15.38
CAD CLA NF . 51.56 -8.78 -12.33
OBD CLA NF . 52.28 -7.86 -11.81
CBD CLA NF . 51.03 -9.95 -11.59
CGD CLA NF . 52.16 -10.72 -10.99
O1D CLA NF . 52.51 -11.81 -11.45
O2D CLA NF . 52.85 -10.21 -9.83
CED CLA NF . 53.69 -11.05 -9.05
C1 CLA NF . 44.89 -13.25 -11.70
C2 CLA NF . 44.88 -12.40 -12.95
C3 CLA NF . 44.05 -12.63 -13.98
C4 CLA NF . 43.07 -13.76 -13.95
C5 CLA NF . 44.12 -11.73 -15.20
C6 CLA NF . 44.45 -10.28 -14.87
C7 CLA NF . 45.78 -9.89 -15.48
C8 CLA NF . 46.09 -8.40 -15.24
C9 CLA NF . 46.74 -7.80 -16.48
C10 CLA NF . 46.91 -8.27 -13.97
C11 CLA NF . 47.71 -6.96 -13.89
C12 CLA NF . 47.61 -6.29 -12.53
C13 CLA NF . 48.95 -5.75 -12.04
C14 CLA NF . 48.78 -4.86 -10.81
C15 CLA NF . 49.67 -4.97 -13.14
MG CHL OF . 58.53 7.28 -6.36
CHA CHL OF . 59.27 6.59 -9.59
CHB CHL OF . 59.22 4.13 -5.55
CHC CHL OF . 57.21 7.93 -3.27
CHD CHL OF . 57.75 10.69 -7.34
NA CHL OF . 58.95 5.63 -7.39
C1A CHL OF . 59.44 5.52 -8.56
C2A CHL OF . 60.24 4.29 -8.91
C3A CHL OF . 59.96 3.43 -7.68
C4A CHL OF . 59.31 4.47 -6.81
CMA CHL OF . 58.94 2.33 -7.97
CAA CHL OF . 61.75 4.51 -9.10
CBA CHL OF . 62.50 5.09 -7.90
CGA CHL OF . 63.69 5.92 -8.31
O1A CHL OF . 63.60 7.12 -8.40
O2A CHL OF . 64.99 5.33 -8.58
NB CHL OF . 58.23 6.19 -4.66
C1B CHL OF . 58.60 4.93 -4.49
C2B CHL OF . 58.38 4.39 -3.14
C3B CHL OF . 57.77 5.51 -2.43
C4B CHL OF . 57.73 6.57 -3.49
CMB CHL OF . 58.69 3.02 -2.63
CAB CHL OF . 57.32 5.48 -1.01
CBB CHL OF . 57.27 6.52 -0.19
NC CHL OF . 57.67 8.95 -5.51
C1C CHL OF . 57.20 9.02 -4.25
C2C CHL OF . 56.65 10.34 -3.84
C3C CHL OF . 56.82 11.11 -5.08
C4C CHL OF . 57.46 10.18 -6.01
CMC CHL OF . 56.04 10.85 -2.58
OMC CHL OF . 56.11 10.26 -1.52
CAC CHL OF . 56.50 12.55 -5.34
CBC CHL OF . 57.72 13.24 -4.77
ND CHL OF . 58.47 8.49 -8.00
C1D CHL OF . 58.18 9.74 -8.36
C2D CHL OF . 58.31 10.09 -9.79
C3D CHL OF . 58.77 8.78 -10.28
C4D CHL OF . 58.83 7.93 -9.20
CMD CHL OF . 58.11 11.29 -10.66
CAD CHL OF . 59.18 8.00 -11.47
OBD CHL OF . 59.25 8.48 -12.65
CBD CHL OF . 59.52 6.63 -11.06
CGD CHL OF . 58.74 5.60 -11.81
O1D CHL OF . 57.59 5.33 -11.50
O2D CHL OF . 59.39 4.87 -12.88
CED CHL OF . 59.55 3.46 -12.78
C1 CHL OF . 66.14 6.17 -8.51
C2 CHL OF . 67.13 5.62 -7.51
C3 CHL OF . 67.99 4.64 -7.82
C4 CHL OF . 68.01 4.05 -9.20
C5 CHL OF . 68.96 4.13 -6.78
C6 CHL OF . 68.47 2.78 -6.26
C7 CHL OF . 69.34 1.63 -6.74
C8 CHL OF . 68.53 0.45 -7.26
C9 CHL OF . 67.38 0.07 -6.32
C10 CHL OF . 69.45 -0.75 -7.45
C11 CHL OF . 69.78 -0.98 -8.92
C12 CHL OF . 69.06 -2.19 -9.47
C13 CHL OF . 69.98 -3.13 -10.26
C14 CHL OF . 70.99 -3.79 -9.33
C15 CHL OF . 70.59 -2.36 -11.44
C16 CHL OF . 72.11 -2.27 -11.47
C17 CHL OF . 72.61 -2.07 -12.90
C18 CHL OF . 73.89 -2.88 -13.16
C19 CHL OF . 75.06 -1.94 -13.42
C20 CHL OF . 73.69 -3.84 -14.32
MG CLA PF . 50.30 2.91 -11.60
CHA CLA PF . 49.91 5.62 -13.73
CHB CLA PF . 48.04 4.29 -9.53
CHC CLA PF . 50.22 -0.04 -9.95
CHD CLA PF . 52.47 1.36 -14.17
NA CLA PF . 49.14 4.63 -11.64
C1A CLA PF . 49.14 5.64 -12.42
C2A CLA PF . 48.29 6.81 -11.99
C3A CLA PF . 47.77 6.34 -10.66
C4A CLA PF . 48.36 4.98 -10.62
CMA CLA PF . 48.48 7.13 -9.58
CAA CLA PF . 47.03 6.89 -12.85
CBA CLA PF . 45.89 7.75 -12.28
CGA CLA PF . 44.61 7.12 -12.78
O1A CLA PF . 43.53 7.50 -12.36
O2A CLA PF . 44.69 6.06 -13.76
NB CLA PF . 49.24 2.22 -10.00
C1B CLA PF . 48.46 2.94 -9.19
C2B CLA PF . 48.07 2.28 -7.92
C3B CLA PF . 48.73 0.98 -8.06
C4B CLA PF . 49.42 1.06 -9.38
CMB CLA PF . 47.22 2.81 -6.79
CAB CLA PF . 48.73 -0.17 -7.10
CBB CLA PF . 48.25 -1.35 -7.45
NC CLA PF . 51.16 1.08 -12.00
C1C CLA PF . 51.02 0.02 -11.19
C2C CLA PF . 51.73 -1.20 -11.60
C3C CLA PF . 52.40 -0.79 -12.85
C4C CLA PF . 51.97 0.63 -12.99
CMC CLA PF . 51.77 -2.54 -10.92
CAC CLA PF . 53.27 -1.60 -13.76
CBC CLA PF . 54.66 -1.57 -13.17
ND CLA PF . 51.04 3.29 -13.47
C1D CLA PF . 51.90 2.68 -14.45
C2D CLA PF . 52.14 3.47 -15.68
C3D CLA PF . 51.30 4.66 -15.36
C4D CLA PF . 50.73 4.47 -14.12
CMD CLA PF . 52.92 3.29 -16.95
CAD CLA PF . 50.85 5.97 -15.87
OBD CLA PF . 51.17 6.51 -16.99
CBD CLA PF . 49.96 6.58 -14.87
CGD CLA PF . 50.48 7.93 -14.50
O1D CLA PF . 51.04 8.15 -13.44
O2D CLA PF . 50.31 8.98 -15.46
CED CLA PF . 50.59 10.31 -15.06
C1 CLA PF . 43.57 5.80 -14.62
C2 CLA PF . 42.83 4.57 -14.14
C3 CLA PF . 42.66 3.51 -14.94
C4 CLA PF . 43.23 3.48 -16.33
C5 CLA PF . 41.90 2.31 -14.43
MG CLA QF . 65.68 9.55 -15.16
CHA CLA QF . 65.57 12.25 -12.95
CHB CLA QF . 67.93 11.30 -16.97
CHC CLA QF . 66.28 6.70 -16.85
CHD CLA QF . 63.47 7.72 -12.83
NA CLA QF . 66.62 11.40 -14.98
C1A CLA QF . 66.45 12.36 -14.15
C2A CLA QF . 67.20 13.63 -14.44
C3A CLA QF . 67.82 13.33 -15.76
C4A CLA QF . 67.44 11.91 -15.91
CMA CLA QF . 66.93 14.10 -16.71
CAA CLA QF . 68.40 13.80 -13.48
CBA CLA QF . 69.08 12.53 -12.92
CGA CLA QF . 70.27 12.13 -13.78
O1A CLA QF . 70.89 12.99 -14.34
O2A CLA QF . 70.64 10.75 -14.08
NB CLA QF . 66.96 9.06 -16.67
C1B CLA QF . 67.69 9.91 -17.37
C2B CLA QF . 68.29 9.37 -18.61
C3B CLA QF . 67.80 7.99 -18.60
C4B CLA QF . 66.99 7.90 -17.33
CMB CLA QF . 69.15 10.07 -19.63
CAB CLA QF . 68.10 6.98 -19.64
CBB CLA QF . 68.44 5.74 -19.37
NC CLA QF . 65.04 7.62 -14.86
C1C CLA QF . 65.35 6.62 -15.70
C2C CLA QF . 64.65 5.34 -15.38
C3C CLA QF . 63.83 5.66 -14.21
C4C CLA QF . 64.16 7.09 -13.98
CMC CLA QF . 64.71 3.99 -16.04
CAC CLA QF . 62.92 4.76 -13.43
CBC CLA QF . 63.76 4.05 -12.40
ND CLA QF . 64.74 9.80 -13.36
C1D CLA QF . 63.84 9.10 -12.50
C2D CLA QF . 63.36 9.85 -11.32
C3D CLA QF . 64.08 11.12 -11.51
C4D CLA QF . 64.84 11.00 -12.66
CMD CLA QF . 62.44 9.59 -10.16
CAD CLA QF . 64.30 12.47 -10.95
OBD CLA QF . 63.80 12.95 -9.88
CBD CLA QF . 65.26 13.16 -11.82
CGD CLA QF . 65.05 14.65 -11.91
O1D CLA QF . 64.72 15.18 -12.94
O2D CLA QF . 65.34 15.47 -10.75
CED CLA QF . 65.58 16.86 -10.93
C1 CLA QF . 71.33 10.55 -15.31
C2 CLA QF . 71.02 9.20 -15.93
C3 CLA QF . 71.99 8.43 -16.45
C4 CLA QF . 73.42 8.90 -16.46
C5 CLA QF . 71.65 7.10 -17.05
C6 CLA QF . 72.68 6.03 -16.71
C7 CLA QF . 72.17 5.14 -15.59
C8 CLA QF . 73.15 4.03 -15.20
C9 CLA QF . 73.60 3.24 -16.41
C10 CLA QF . 72.48 3.11 -14.20
C11 CLA QF . 71.97 3.84 -12.96
C12 CLA QF . 73.02 3.87 -11.86
C13 CLA QF . 73.20 2.49 -11.23
C14 CLA QF . 71.88 1.98 -10.64
C15 CLA QF . 74.37 2.51 -10.25
C16 CLA QF . 74.04 2.41 -8.76
C17 CLA QF . 73.89 3.77 -8.09
C18 CLA QF . 73.94 3.64 -6.57
C19 CLA QF . 72.92 2.64 -6.04
C20 CLA QF . 73.75 5.01 -5.91
MG CLA RF . 70.08 9.60 -32.69
CHA CLA RF . 70.96 10.88 -29.57
CHB CLA RF . 72.09 11.91 -34.11
CHC CLA RF . 69.67 7.94 -35.61
CHD CLA RF . 68.16 6.97 -30.96
NA CLA RF . 71.33 11.10 -31.99
C1A CLA RF . 71.53 11.54 -30.80
C2A CLA RF . 72.43 12.76 -30.68
C3A CLA RF . 72.74 13.06 -32.13
C4A CLA RF . 72.00 11.94 -32.78
CMA CLA RF . 72.11 14.38 -32.54
CAA CLA RF . 73.81 12.41 -30.10
NB CLA RF . 70.82 9.87 -34.58
C1B CLA RF . 71.50 10.93 -35.03
C2B CLA RF . 71.62 11.03 -36.50
C3B CLA RF . 70.89 9.83 -36.94
C4B CLA RF . 70.45 9.19 -35.67
CMB CLA RF . 72.30 12.09 -37.33
CAB CLA RF . 70.65 9.35 -38.33
CBB CLA RF . 71.03 8.15 -38.74
NC CLA RF . 69.11 7.84 -33.15
C1C CLA RF . 69.08 7.33 -34.41
C2C CLA RF . 68.38 6.04 -34.54
C3C CLA RF . 67.92 5.75 -33.17
C4C CLA RF . 68.43 6.93 -32.41
CMC CLA RF . 68.17 5.21 -35.78
CAC CLA RF . 67.15 4.56 -32.67
CBC CLA RF . 68.17 3.53 -32.23
ND CLA RF . 69.63 8.98 -30.81
C1D CLA RF . 68.85 7.97 -30.15
C2D CLA RF . 68.82 8.03 -28.66
C3D CLA RF . 69.68 9.23 -28.46
C4D CLA RF . 70.09 9.68 -29.70
CMD CLA RF . 68.18 7.25 -27.56
CAD CLA RF . 70.29 10.11 -27.43
OBD CLA RF . 70.13 10.01 -26.16
CBD CLA RF . 71.10 11.15 -28.11
CGD CLA RF . 70.60 12.50 -27.68
O1D CLA RF . 69.44 12.66 -27.33
O2D CLA RF . 71.51 13.63 -27.61
CED CLA RF . 71.10 14.82 -26.94
MG CLA SF . 71.08 4.79 -24.45
CHA CLA SF . 72.89 7.75 -24.61
CHB CLA SF . 71.71 4.74 -21.12
CHC CLA SF . 70.04 1.59 -24.44
CHD CLA SF . 71.06 4.74 -28.15
NA CLA SF . 72.16 5.98 -23.12
C1A CLA SF . 72.63 7.17 -23.26
C2A CLA SF . 73.02 7.90 -21.99
C3A CLA SF . 72.66 6.90 -20.92
C4A CLA SF . 72.14 5.80 -21.79
CMA CLA SF . 73.93 6.38 -20.24
CAA CLA SF . 72.21 9.16 -21.71
CBA CLA SF . 72.73 9.89 -20.48
CGA CLA SF . 74.16 10.34 -20.65
O1A CLA SF . 74.42 11.33 -21.31
O2A CLA SF . 75.25 9.59 -20.04
NB CLA SF . 70.88 3.38 -22.98
C1B CLA SF . 71.20 3.50 -21.70
C2B CLA SF . 71.05 2.27 -20.88
C3B CLA SF . 70.55 1.30 -21.87
C4B CLA SF . 70.48 2.11 -23.14
CMB CLA SF . 71.33 2.07 -19.42
CAB CLA SF . 70.21 -0.12 -21.56
CBB CLA SF . 69.85 -1.06 -22.41
NC CLA SF . 70.63 3.49 -25.97
C1C CLA SF . 70.27 2.22 -25.75
C2C CLA SF . 70.09 1.37 -26.95
C3C CLA SF . 70.40 2.31 -28.05
C4C CLA SF . 70.71 3.57 -27.33
CMC CLA SF . 69.70 -0.08 -27.02
CAC CLA SF . 70.41 2.06 -29.53
CBC CLA SF . 71.78 1.53 -29.86
ND CLA SF . 71.77 5.87 -26.04
C1D CLA SF . 71.74 5.84 -27.48
C2D CLA SF . 72.42 6.98 -28.15
C3D CLA SF . 72.89 7.73 -26.96
C4D CLA SF . 72.49 7.04 -25.83
CMD CLA SF . 72.66 7.40 -29.58
CAD CLA SF . 73.61 8.95 -26.50
OBD CLA SF . 74.15 9.83 -27.27
CBD CLA SF . 73.67 8.95 -25.02
CGD CLA SF . 75.11 8.78 -24.65
O1D CLA SF . 75.64 7.68 -24.69
O2D CLA SF . 75.90 9.93 -24.24
CED CLA SF . 77.31 9.80 -24.05
C1 CLA SF . 76.60 9.95 -20.32
MG CLA TF . 60.86 -6.69 -34.03
CHA CLA TF . 61.11 -9.60 -35.91
CHB CLA TF . 64.19 -6.23 -34.47
CHC CLA TF . 60.46 -3.49 -32.93
CHD CLA TF . 57.18 -7.01 -34.24
NA CLA TF . 62.37 -7.67 -35.06
C1A CLA TF . 62.38 -8.81 -35.66
C2A CLA TF . 63.72 -9.35 -36.07
C3A CLA TF . 64.67 -8.28 -35.58
C4A CLA TF . 63.68 -7.33 -34.98
CMA CLA TF . 65.61 -8.85 -34.53
CAA CLA TF . 63.90 -9.44 -37.60
CBA CLA TF . 63.55 -8.15 -38.34
CGA CLA TF . 62.14 -8.12 -38.86
O1A CLA TF . 61.82 -8.72 -39.87
O2A CLA TF . 61.12 -7.37 -38.12
NB CLA TF . 62.14 -5.11 -33.74
C1B CLA TF . 63.46 -5.11 -33.88
C2B CLA TF . 64.14 -3.86 -33.47
C3B CLA TF . 63.00 -3.04 -33.01
C4B CLA TF . 61.83 -3.92 -33.23
CMB CLA TF . 65.61 -3.51 -33.50
CAB CLA TF . 63.06 -1.66 -32.47
CBB CLA TF . 62.54 -1.32 -31.31
NC CLA TF . 59.18 -5.54 -33.65
C1C CLA TF . 59.24 -4.25 -33.26
C2C CLA TF . 57.94 -3.54 -33.17
C3C CLA TF . 56.97 -4.58 -33.56
C4C CLA TF . 57.85 -5.76 -33.82
CMC CLA TF . 57.66 -2.12 -32.77
CAC CLA TF . 55.48 -4.45 -33.63
CBC CLA TF . 55.13 -4.05 -35.06
ND CLA TF . 59.44 -7.87 -34.90
C1D CLA TF . 58.03 -8.05 -34.83
C2D CLA TF . 57.52 -9.31 -35.36
C3D CLA TF . 58.78 -9.95 -35.79
C4D CLA TF . 59.80 -9.05 -35.51
CMD CLA TF . 56.15 -9.91 -35.48
CAD CLA TF . 59.38 -11.14 -36.44
OBD CLA TF . 58.74 -12.17 -36.84
CBD CLA TF . 60.85 -10.94 -36.50
CGD CLA TF . 61.54 -12.08 -35.80
O1D CLA TF . 61.06 -12.63 -34.82
O2D CLA TF . 62.82 -12.55 -36.31
CED CLA TF . 63.20 -13.92 -36.17
C1 CLA TF . 60.10 -6.64 -38.80
C2 CLA TF . 60.04 -5.22 -38.27
C3 CLA TF . 58.94 -4.72 -37.69
C4 CLA TF . 57.70 -5.54 -37.54
C5 CLA TF . 58.94 -3.30 -37.19
C6 CLA TF . 60.27 -2.87 -36.58
C7 CLA TF . 60.57 -1.42 -36.90
C8 CLA TF . 59.95 -0.50 -35.85
C9 CLA TF . 58.92 0.45 -36.48
C10 CLA TF . 61.07 0.29 -35.19
MG CLA UF . 68.29 -6.75 -40.19
CHA CLA UF . 65.36 -5.84 -41.80
CHB CLA UF . 69.56 -7.63 -43.22
CHC CLA UF . 71.27 -7.18 -38.66
CHD CLA UF . 66.97 -5.16 -37.13
NA CLA UF . 67.63 -6.70 -42.16
C1A CLA UF . 66.47 -6.42 -42.65
C2A CLA UF . 66.28 -6.68 -44.12
C3A CLA UF . 67.60 -7.26 -44.52
C4A CLA UF . 68.31 -7.19 -43.21
CMA CLA UF . 67.44 -8.73 -44.91
CAA CLA UF . 66.19 -5.37 -44.92
CBA CLA UF . 65.69 -5.62 -46.34
CGA CLA UF . 65.64 -4.30 -47.08
O1A CLA UF . 64.87 -3.42 -46.74
O2A CLA UF . 66.51 -4.07 -48.23
NB CLA UF . 70.14 -7.31 -40.86
C1B CLA UF . 70.49 -7.68 -42.09
C2B CLA UF . 71.90 -8.13 -42.25
C3B CLA UF . 72.41 -7.99 -40.87
C4B CLA UF . 71.24 -7.48 -40.10
CMB CLA UF . 72.61 -8.59 -43.49
CAB CLA UF . 73.77 -8.29 -40.37
CBB CLA UF . 74.51 -7.37 -39.77
NC CLA UF . 68.95 -6.27 -38.30
C1C CLA UF . 70.21 -6.50 -37.89
C2C CLA UF . 70.53 -6.03 -36.53
C3C CLA UF . 69.25 -5.44 -36.07
C4C CLA UF . 68.36 -5.65 -37.25
CMC CLA UF . 71.83 -6.12 -35.76
CAC CLA UF . 68.94 -4.78 -34.75
CBC CLA UF . 69.22 -3.30 -34.94
ND CLA UF . 66.68 -5.69 -39.55
C1D CLA UF . 66.12 -5.20 -38.31
C2D CLA UF . 64.69 -4.78 -38.37
C3D CLA UF . 64.40 -5.05 -39.80
C4D CLA UF . 65.56 -5.56 -40.37
CMD CLA UF . 63.68 -4.22 -37.42
CAD CLA UF . 63.37 -4.99 -40.87
OBD CLA UF . 62.16 -4.58 -40.71
CBD CLA UF . 63.95 -5.52 -42.12
CGD CLA UF . 63.23 -6.80 -42.41
O1D CLA UF . 63.70 -7.86 -42.06
O2D CLA UF . 61.95 -6.80 -43.11
CED CLA UF . 61.28 -8.03 -43.35
MG CLA VF . 43.65 0.55 -4.47
CHA CLA VF . 42.40 0.99 -1.26
CHB CLA VF . 43.58 -2.78 -3.93
CHC CLA VF . 44.32 0.15 -7.76
CHD CLA VF . 43.04 4.15 -5.08
NA CLA VF . 43.04 -0.69 -2.91
C1A CLA VF . 42.69 -0.42 -1.71
C2A CLA VF . 42.55 -1.60 -0.77
C3A CLA VF . 42.95 -2.76 -1.65
C4A CLA VF . 43.21 -2.02 -2.92
CMA CLA VF . 44.26 -3.35 -1.17
CAA CLA VF . 41.09 -1.88 -0.42
CBA CLA VF . 40.90 -1.89 1.10
CGA CLA VF . 39.51 -1.43 1.46
O1A CLA VF . 38.54 -2.15 1.24
O2A CLA VF . 39.32 -0.14 2.09
NB CLA VF . 43.93 -1.08 -5.65
C1B CLA VF . 43.88 -2.36 -5.30
C2B CLA VF . 44.11 -3.35 -6.39
C3B CLA VF . 44.33 -2.45 -7.55
C4B CLA VF . 44.19 -1.08 -6.97
CMB CLA VF . 44.11 -4.85 -6.34
CAB CLA VF . 44.63 -2.83 -8.95
CBB CLA VF . 45.72 -2.41 -9.56
NC CLA VF . 43.67 1.87 -6.05
C1C CLA VF . 43.97 1.50 -7.31
C2C CLA VF . 43.93 2.59 -8.32
C3C CLA VF . 43.55 3.77 -7.52
C4C CLA VF . 43.42 3.20 -6.15
CMC CLA VF . 44.20 2.51 -9.79
CAC CLA VF . 43.32 5.19 -7.97
CBC CLA VF . 44.70 5.83 -8.00
ND CLA VF . 42.87 2.19 -3.54
C1D CLA VF . 42.75 3.60 -3.75
C2D CLA VF . 42.36 4.40 -2.57
C3D CLA VF . 42.22 3.31 -1.57
C4D CLA VF . 42.52 2.11 -2.20
CMD CLA VF . 42.10 5.86 -2.28
CAD CLA VF . 41.87 3.01 -0.15
OBD CLA VF . 41.55 3.87 0.73
CBD CLA VF . 42.00 1.55 0.06
CGD CLA VF . 43.07 1.31 1.07
O1D CLA VF . 44.20 1.07 0.73
O2D CLA VF . 42.76 1.32 2.49
CED CLA VF . 43.62 0.66 3.41
C1 CLA VF . 38.04 0.50 2.08
MG CLA WF . 69.96 -14.79 -9.92
CHA CLA WF . 69.33 -17.87 -8.45
CHB CLA WF . 66.78 -13.90 -9.24
CHC CLA WF . 70.76 -11.68 -10.97
CHD CLA WF . 73.53 -15.73 -10.09
NA CLA WF . 68.34 -15.69 -8.96
C1A CLA WF . 68.18 -16.89 -8.53
C2A CLA WF . 66.78 -17.26 -8.08
C3A CLA WF . 66.01 -15.99 -8.39
C4A CLA WF . 67.13 -15.14 -8.91
CMA CLA WF . 64.99 -16.23 -9.48
CAA CLA WF . 66.61 -17.52 -6.58
CBA CLA WF . 67.20 -16.43 -5.68
CGA CLA WF . 68.58 -16.82 -5.21
O1A CLA WF . 68.73 -17.66 -4.34
O2A CLA WF . 69.75 -16.21 -5.81
NB CLA WF . 68.91 -13.05 -10.09
C1B CLA WF . 67.64 -12.84 -9.76
C2B CLA WF . 67.16 -11.45 -9.93
C3B CLA WF . 68.36 -10.77 -10.46
C4B CLA WF . 69.37 -11.86 -10.50
CMB CLA WF . 65.81 -10.86 -9.66
CAB CLA WF . 68.46 -9.33 -10.83
CBB CLA WF . 69.49 -8.55 -10.53
NC CLA WF . 71.75 -13.93 -10.46
C1C CLA WF . 71.86 -12.63 -10.77
C2C CLA WF . 73.24 -12.13 -10.95
C3C CLA WF . 74.06 -13.33 -10.69
C4C CLA WF . 73.04 -14.37 -10.41
CMC CLA WF . 73.71 -10.74 -11.30
CAC CLA WF . 75.56 -13.46 -10.70
CBC CLA WF . 75.97 -13.15 -9.28
ND CLA WF . 71.20 -16.31 -9.39
C1D CLA WF . 72.58 -16.70 -9.56
C2D CLA WF . 72.91 -18.09 -9.14
C3D CLA WF . 71.56 -18.54 -8.69
C4D CLA WF . 70.69 -17.48 -8.86
CMD CLA WF . 74.14 -18.96 -9.10
CAD CLA WF . 70.81 -19.68 -8.13
OBD CLA WF . 71.29 -20.83 -7.84
CBD CLA WF . 69.39 -19.28 -7.97
CGD CLA WF . 68.57 -20.19 -8.82
O1D CLA WF . 68.46 -20.02 -10.03
O2D CLA WF . 67.88 -21.31 -8.21
CED CLA WF . 67.36 -22.36 -9.01
C1 CLA WF . 70.69 -15.48 -5.03
C2 CLA WF . 70.44 -14.00 -5.23
C3 CLA WF . 71.07 -13.29 -6.18
C4 CLA WF . 72.09 -13.94 -7.07
C5 CLA WF . 70.80 -11.82 -6.37
C6 CLA WF . 71.84 -10.92 -5.72
C7 CLA WF . 72.61 -10.12 -6.77
C8 CLA WF . 71.72 -9.14 -7.52
C9 CLA WF . 72.53 -8.38 -8.57
C10 CLA WF . 71.07 -8.16 -6.55
C11 CLA WF . 70.10 -7.22 -7.25
C1 LUT XF . 66.42 -6.24 -29.92
C2 LUT XF . 66.04 -7.50 -30.70
C3 LUT XF . 64.59 -7.72 -31.11
C4 LUT XF . 63.65 -7.12 -30.10
C5 LUT XF . 64.00 -5.67 -29.91
C6 LUT XF . 65.26 -5.27 -29.74
C7 LUT XF . 65.57 -3.85 -29.41
C8 LUT XF . 65.67 -3.44 -28.15
C9 LUT XF . 65.97 -2.05 -27.73
C10 LUT XF . 65.98 -1.82 -26.42
C11 LUT XF . 66.26 -0.53 -25.80
C12 LUT XF . 66.20 -0.53 -24.48
C13 LUT XF . 66.47 0.66 -23.64
C14 LUT XF . 66.69 0.46 -22.34
C15 LUT XF . 66.99 1.55 -21.42
C16 LUT XF . 67.51 -5.52 -30.69
C17 LUT XF . 66.97 -6.70 -28.58
C18 LUT XF . 62.85 -4.70 -29.92
C19 LUT XF . 66.21 -0.97 -28.75
C20 LUT XF . 66.50 2.03 -24.25
O3 LUT XF . 64.36 -9.13 -31.17
C21 LUT XF . 71.03 8.07 -11.51
C22 LUT XF . 71.42 9.44 -10.97
C23 LUT XF . 70.41 10.07 -10.02
C24 LUT XF . 69.00 9.87 -10.50
C25 LUT XF . 68.62 8.84 -11.27
C26 LUT XF . 69.62 8.09 -12.11
C27 LUT XF . 69.14 6.67 -12.38
C28 LUT XF . 68.89 6.30 -13.63
C29 LUT XF . 68.45 4.95 -13.97
C30 LUT XF . 68.60 4.56 -15.24
C31 LUT XF . 68.23 3.26 -15.76
C32 LUT XF . 68.13 3.22 -17.08
C33 LUT XF . 67.76 2.07 -17.91
C34 LUT XF . 67.61 2.29 -19.21
C35 LUT XF . 67.27 1.24 -20.16
C36 LUT XF . 71.16 7.03 -10.41
C37 LUT XF . 72.03 7.73 -12.60
C38 LUT XF . 67.17 8.46 -11.28
C39 LUT XF . 67.81 4.04 -12.95
C40 LUT XF . 67.59 0.70 -17.32
O23 LUT XF . 70.69 11.46 -9.95
C1 LUT YF . 57.30 -8.20 -16.67
C2 LUT YF . 57.88 -9.38 -15.90
C3 LUT YF . 59.24 -9.90 -16.33
C4 LUT YF . 60.19 -8.85 -16.89
C5 LUT YF . 59.66 -7.44 -16.80
C6 LUT YF . 58.36 -7.13 -16.79
C7 LUT YF . 57.94 -5.71 -16.85
C8 LUT YF . 57.61 -5.11 -17.99
C9 LUT YF . 57.18 -3.70 -18.00
C10 LUT YF . 56.87 -3.17 -19.20
C11 LUT YF . 56.42 -1.80 -19.40
C12 LUT YF . 55.98 -1.55 -20.62
C13 LUT YF . 55.46 -0.27 -21.14
C14 LUT YF . 55.19 -0.24 -22.45
C15 LUT YF . 54.65 0.93 -23.11
C16 LUT YF . 56.13 -7.67 -15.86
C17 LUT YF . 56.76 -8.61 -18.03
C18 LUT YF . 60.70 -6.38 -16.72
C19 LUT YF . 57.10 -2.92 -16.74
C20 LUT YF . 55.22 0.91 -20.26
O3 LUT YF . 59.06 -10.93 -17.30
C21 LUT YF . 49.55 9.12 -31.38
C22 LUT YF . 48.93 10.51 -31.48
C23 LUT YF . 49.88 11.61 -31.92
C24 LUT YF . 51.25 11.47 -31.28
C25 LUT YF . 51.71 10.30 -30.84
C26 LUT YF . 50.80 9.16 -30.49
C27 LUT YF . 51.53 7.83 -30.56
C28 LUT YF . 51.66 7.12 -29.45
C29 LUT YF . 52.35 5.81 -29.44
C30 LUT YF . 52.33 5.15 -28.28
C31 LUT YF . 52.96 3.85 -28.07
C32 LUT YF . 53.13 3.51 -26.81
C33 LUT YF . 53.75 2.25 -26.36
C34 LUT YF . 53.83 2.06 -25.04
C35 LUT YF . 54.40 0.88 -24.41
C36 LUT YF . 49.86 8.56 -32.77
C37 LUT YF . 48.50 8.23 -30.74
C38 LUT YF . 53.20 10.14 -30.70
C39 LUT YF . 53.01 5.27 -30.67
C40 LUT YF . 54.25 1.24 -27.33
O23 LUT YF . 49.34 12.88 -31.53
C1 BCR ZF . 53.04 5.57 8.81
C2 BCR ZF . 51.65 6.13 9.06
C3 BCR ZF . 50.90 5.16 9.93
C4 BCR ZF . 50.63 3.89 9.14
C5 BCR ZF . 51.86 3.40 8.42
C6 BCR ZF . 52.97 4.16 8.23
C7 BCR ZF . 54.14 3.59 7.50
C8 BCR ZF . 54.27 3.60 6.16
C9 BCR ZF . 55.45 3.01 5.48
C10 BCR ZF . 55.32 2.64 4.21
C11 BCR ZF . 56.43 2.04 3.47
C33 BCR ZF . 51.72 2.00 7.90
C31 BCR ZF . 53.77 5.56 10.12
C32 BCR ZF . 53.83 6.56 7.96
C34 BCR ZF . 56.75 2.84 6.20
C12 BCR ZF . 56.26 1.76 2.18
C13 BCR ZF . 57.35 1.14 1.41
C14 BCR ZF . 57.09 0.67 0.19
C15 BCR ZF . 58.10 0.02 -0.63
C16 BCR ZF . 57.78 -0.26 -1.89
C17 BCR ZF . 58.70 -0.93 -2.80
C18 BCR ZF . 58.62 -0.79 -4.13
C19 BCR ZF . 59.57 -1.55 -4.95
C20 BCR ZF . 59.84 -1.39 -6.24
C21 BCR ZF . 60.81 -2.38 -6.70
C22 BCR ZF . 60.91 -2.81 -7.95
C23 BCR ZF . 61.92 -3.86 -8.22
C24 BCR ZF . 62.02 -4.45 -9.41
C25 BCR ZF . 62.98 -5.54 -9.70
C26 BCR ZF . 62.53 -6.81 -9.69
C27 BCR ZF . 63.45 -7.97 -9.99
C28 BCR ZF . 64.26 -7.56 -11.21
C29 BCR ZF . 65.13 -6.38 -10.79
C30 BCR ZF . 64.43 -5.24 -10.04
C35 BCR ZF . 58.72 1.03 2.00
C36 BCR ZF . 57.56 0.08 -4.75
C37 BCR ZF . 60.02 -2.28 -9.04
C38 BCR ZF . 61.10 -7.13 -9.36
C39 BCR ZF . 64.46 -3.96 -10.86
C40 BCR ZF . 65.23 -4.97 -8.77
C1 BCR AG . 62.76 3.49 -0.32
C2 BCR AG . 63.22 4.49 0.75
C3 BCR AG . 63.30 5.92 0.25
C4 BCR AG . 62.01 6.27 -0.43
C5 BCR AG . 61.95 5.44 -1.69
C6 BCR AG . 62.31 4.14 -1.63
C7 BCR AG . 62.28 3.21 -2.80
C8 BCR AG . 63.10 3.28 -3.86
C9 BCR AG . 63.00 2.27 -4.91
C10 BCR AG . 63.80 2.42 -5.97
C11 BCR AG . 63.86 1.49 -7.08
C33 BCR AG . 61.47 6.18 -2.90
C31 BCR AG . 61.60 2.67 0.22
C32 BCR AG . 63.93 2.52 -0.53
C34 BCR AG . 62.07 1.11 -4.79
C12 BCR AG . 64.65 1.83 -8.09
C13 BCR AG . 64.83 0.93 -9.22
C14 BCR AG . 65.88 1.13 -10.00
C15 BCR AG . 66.19 0.26 -11.11
C16 BCR AG . 67.24 0.51 -11.86
C17 BCR AG . 67.55 -0.45 -12.92
C18 BCR AG . 68.66 -0.34 -13.65
C19 BCR AG . 68.94 -1.37 -14.65
C20 BCR AG . 70.04 -1.33 -15.38
C21 BCR AG . 70.19 -2.45 -16.30
C22 BCR AG . 71.26 -2.61 -17.08
C23 BCR AG . 71.30 -3.80 -17.93
C24 BCR AG . 72.21 -3.95 -18.89
C25 BCR AG . 72.30 -5.16 -19.76
C26 BCR AG . 71.50 -5.35 -20.82
C27 BCR AG . 71.64 -6.57 -21.67
C28 BCR AG . 73.13 -6.85 -21.83
C29 BCR AG . 73.68 -7.22 -20.45
C30 BCR AG . 73.37 -6.17 -19.38
C35 BCR AG . 63.89 -0.22 -9.45
C36 BCR AG . 69.64 0.78 -13.42
C37 BCR AG . 72.38 -1.61 -17.08
C38 BCR AG . 70.43 -4.38 -21.26
C39 BCR AG . 74.66 -5.41 -19.08
C40 BCR AG . 72.95 -6.93 -18.12
C1 BCR BG . 51.97 -7.17 -36.94
C2 BCR BG . 52.05 -8.19 -38.07
C3 BCR BG . 50.71 -8.55 -38.69
C4 BCR BG . 49.75 -8.91 -37.58
C5 BCR BG . 49.52 -7.66 -36.78
C6 BCR BG . 50.56 -6.85 -36.48
C7 BCR BG . 50.33 -5.61 -35.69
C8 BCR BG . 50.39 -5.59 -34.35
C9 BCR BG . 50.18 -4.39 -33.53
C10 BCR BG . 49.77 -4.59 -32.28
C11 BCR BG . 49.52 -3.52 -31.32
C33 BCR BG . 48.11 -7.38 -36.34
C31 BCR BG . 52.60 -5.87 -37.43
C32 BCR BG . 52.80 -7.73 -35.79
C34 BCR BG . 50.43 -3.01 -34.07
C12 BCR BG . 49.27 -3.94 -30.08
C13 BCR BG . 49.01 -3.06 -28.94
C14 BCR BG . 48.96 -3.62 -27.73
C15 BCR BG . 48.71 -2.87 -26.52
C16 BCR BG . 48.82 -3.49 -25.35
C17 BCR BG . 48.57 -2.77 -24.11
C18 BCR BG . 48.51 -3.41 -22.93
C19 BCR BG . 48.25 -2.63 -21.71
C20 BCR BG . 48.07 -3.21 -20.54
C21 BCR BG . 47.82 -2.35 -19.39
C22 BCR BG . 47.61 -2.82 -18.16
C23 BCR BG . 47.38 -1.84 -17.07
C24 BCR BG . 46.70 -2.11 -15.95
C25 BCR BG . 46.45 -1.15 -14.84
C26 BCR BG . 45.48 -0.20 -14.91
C27 BCR BG . 45.22 0.78 -13.78
C28 BCR BG . 45.68 0.21 -12.45
C29 BCR BG . 47.14 -0.17 -12.58
C30 BCR BG . 47.31 -1.29 -13.60
C35 BCR BG . 48.82 -1.58 -29.12
C36 BCR BG . 48.68 -4.90 -22.86
C37 BCR BG . 47.61 -4.29 -17.86
C38 BCR BG . 44.57 -0.02 -16.10
C39 BCR BG . 46.83 -2.59 -12.97
C40 BCR BG . 48.80 -1.39 -13.89
MG CLA CG . 46.04 6.01 5.36
CHA CLA CG . 48.51 5.96 2.93
CHB CLA CG . 44.07 4.26 3.30
CHC CLA CG . 44.03 5.50 8.01
CHD CLA CG . 48.42 7.79 7.56
NA CLA CG . 46.25 5.22 3.47
C1A CLA CG . 47.21 5.28 2.62
C2A CLA CG . 46.97 4.62 1.29
C3A CLA CG . 45.55 4.13 1.44
C4A CLA CG . 45.27 4.57 2.83
CMA CLA CG . 44.69 4.99 0.51
CAA CLA CG . 47.82 3.35 1.06
CBA CLA CG . 47.83 2.36 2.23
CGA CLA CG . 47.48 0.97 1.74
O1A CLA CG . 47.05 0.83 0.63
O2A CLA CG . 47.62 -0.23 2.54
NB CLA CG . 44.31 4.96 5.62
C1B CLA CG . 43.52 4.51 4.65
C2B CLA CG . 42.12 4.24 5.03
C3B CLA CG . 42.12 4.62 6.45
C4B CLA CG . 43.53 5.03 6.70
CMB CLA CG . 40.98 3.73 4.18
CAB CLA CG . 40.99 4.59 7.42
CBB CLA CG . 41.03 3.93 8.56
NC CLA CG . 46.25 6.47 7.36
C1C CLA CG . 45.25 6.27 8.25
C2C CLA CG . 45.44 6.93 9.55
C3C CLA CG . 46.73 7.61 9.41
C4C CLA CG . 47.13 7.26 8.02
CMC CLA CG . 44.51 6.88 10.73
CAC CLA CG . 47.51 8.47 10.38
CBC CLA CG . 48.44 7.59 11.16
ND CLA CG . 47.95 6.71 5.37
C1D CLA CG . 48.86 7.44 6.22
C2D CLA CG . 50.17 7.77 5.63
C3D CLA CG . 50.00 7.17 4.28
C4D CLA CG . 48.74 6.59 4.24
CMD CLA CG . 51.41 8.50 6.06
CAD CLA CG . 50.67 6.92 2.99
OBD CLA CG . 51.85 7.32 2.68
CBD CLA CG . 49.75 6.19 2.11
CGD CLA CG . 49.46 7.09 0.95
O1D CLA CG . 49.20 6.64 -0.16
O2D CLA CG . 49.46 8.53 1.10
CED CLA CG . 48.77 9.29 0.12
C1 CLA CG . 46.64 -1.26 2.35
C2 CLA CG . 46.80 -2.37 3.37
C3 CLA CG . 45.94 -3.40 3.44
C4 CLA CG . 46.20 -4.45 4.48
C5 CLA CG . 44.73 -3.49 2.54
C6 CLA CG . 43.64 -4.42 3.06
C7 CLA CG . 42.76 -5.02 1.96
C8 CLA CG . 42.25 -6.41 2.35
C9 CLA CG . 43.44 -7.36 2.51
C10 CLA CG . 41.31 -6.99 1.30
C11 CLA CG . 40.03 -6.18 1.13
C12 CLA CG . 38.84 -6.76 1.90
C13 CLA CG . 37.98 -7.79 1.14
C14 CLA CG . 38.08 -7.69 -0.39
C15 CLA CG . 36.51 -7.65 1.55
C16 CLA CG . 36.26 -7.71 3.05
C17 CLA CG . 36.51 -9.11 3.59
C18 CLA CG . 35.50 -9.55 4.65
C19 CLA CG . 34.12 -9.75 4.04
C20 CLA CG . 35.44 -8.56 5.80
MG CLA DG . 35.22 5.42 12.82
CHA CLA DG . 36.06 8.70 12.16
CHB CLA DG . 32.07 6.46 13.50
CHC CLA DG . 34.32 2.16 12.96
CHD CLA DG . 38.55 4.44 11.52
NA CLA DG . 34.21 7.23 12.79
C1A CLA DG . 34.65 8.42 12.60
C2A CLA DG . 33.67 9.54 12.85
C3A CLA DG . 32.46 8.79 13.34
C4A CLA DG . 32.96 7.39 13.20
CMA CLA DG . 32.37 9.12 14.81
CAA CLA DG . 33.20 10.25 11.57
CBA CLA DG . 32.99 9.35 10.34
CGA CLA DG . 31.52 9.09 10.09
O1A CLA DG . 30.72 10.02 10.12
O2A CLA DG . 31.02 7.75 9.80
NB CLA DG . 33.45 4.46 13.18
C1B CLA DG . 32.27 5.02 13.44
C2B CLA DG . 31.13 4.08 13.63
C3B CLA DG . 31.80 2.79 13.46
C4B CLA DG . 33.24 3.13 13.19
CMB CLA DG . 29.69 4.38 13.92
CAB CLA DG . 31.12 1.46 13.56
CBB CLA DG . 31.59 0.43 14.19
NC CLA DG . 36.22 3.70 12.28
C1C CLA DG . 35.70 2.48 12.52
C2C CLA DG . 36.66 1.37 12.31
C3C CLA DG . 37.90 2.05 11.90
C4C CLA DG . 37.50 3.48 11.91
CMC CLA DG . 36.45 -0.10 12.48
CAC CLA DG . 39.24 1.45 11.54
CBC CLA DG . 39.16 1.10 10.07
ND CLA DG . 36.89 6.25 11.98
C1D CLA DG . 38.21 5.87 11.59
C2D CLA DG . 39.15 6.97 11.29
C3D CLA DG . 38.24 8.13 11.53
C4D CLA DG . 37.01 7.62 11.90
CMD CLA DG . 40.58 7.10 10.86
CAD CLA DG . 38.13 9.61 11.53
OBD CLA DG . 39.08 10.42 11.24
CBD CLA DG . 36.78 9.99 11.93
CGD CLA DG . 36.86 10.79 13.19
O1D CLA DG . 36.74 11.99 13.16
O2D CLA DG . 37.05 10.14 14.47
CED CLA DG . 36.58 10.77 15.65
C1 CLA DG . 29.96 7.18 10.58
C2 CLA DG . 30.01 5.67 10.47
C3 CLA DG . 28.89 4.92 10.44
C4 CLA DG . 27.53 5.54 10.52
C5 CLA DG . 28.99 3.43 10.32
C6 CLA DG . 29.42 3.02 8.91
C7 CLA DG . 28.99 1.59 8.61
C8 CLA DG . 28.94 1.38 7.10
C9 CLA DG . 27.67 1.99 6.52
C10 CLA DG . 29.00 -0.10 6.76
C11 CLA DG . 30.22 -0.41 5.89
C12 CLA DG . 31.50 -0.46 6.72
C13 CLA DG . 32.67 -1.07 5.96
C14 CLA DG . 32.98 -0.28 4.69
C15 CLA DG . 32.37 -2.53 5.62
C16 CLA DG . 32.18 -3.39 6.85
C17 CLA DG . 31.08 -4.43 6.62
C18 CLA DG . 31.60 -5.85 6.80
C19 CLA DG . 32.47 -6.27 5.63
C20 CLA DG . 30.44 -6.82 7.00
MG CLA EG . 27.09 -2.47 14.71
CHA CLA EG . 24.46 -0.27 15.12
CHB CLA EG . 27.95 -0.74 11.93
CHC CLA EG . 29.29 -4.94 14.02
CHD CLA EG . 25.65 -4.53 17.42
NA CLA EG . 26.32 -0.85 13.67
C1A CLA EG . 25.43 0.01 14.02
C2A CLA EG . 25.36 1.29 13.24
C3A CLA EG . 26.45 1.09 12.21
C4A CLA EG . 26.94 -0.25 12.64
CMA CLA EG . 25.85 0.96 10.82
CAA CLA EG . 25.85 2.46 14.09
CBA CLA EG . 25.51 3.79 13.42
CGA CLA EG . 24.04 4.08 13.66
O1A CLA EG . 23.38 4.62 12.79
O2A CLA EG . 23.42 3.74 14.93
NB CLA EG . 28.45 -2.78 13.21
C1B CLA EG . 28.62 -2.03 12.12
C2B CLA EG . 29.55 -2.60 11.11
C3B CLA EG . 29.95 -3.87 11.74
C4B CLA EG . 29.20 -3.87 13.03
CMB CLA EG . 29.97 -2.03 9.78
CAB CLA EG . 30.87 -4.90 11.21
CBB CLA EG . 30.52 -6.16 11.08
NC CLA EG . 27.36 -4.35 15.52
C1C CLA EG . 28.37 -5.16 15.15
C2C CLA EG . 28.54 -6.37 15.99
C3C CLA EG . 27.46 -6.24 16.99
C4C CLA EG . 26.81 -4.96 16.60
CMC CLA EG . 29.56 -7.46 15.86
CAC CLA EG . 27.11 -7.16 18.12
CBC CLA EG . 27.91 -6.68 19.31
ND CLA EG . 25.49 -2.51 15.97
C1D CLA EG . 24.95 -3.30 17.03
C2D CLA EG . 23.70 -2.78 17.66
C3D CLA EG . 23.53 -1.55 16.84
C4D CLA EG . 24.55 -1.50 15.92
CMD CLA EG . 22.77 -3.20 18.76
CAD CLA EG . 22.68 -0.36 16.64
OBD CLA EG . 21.61 -0.08 17.29
CBD CLA EG . 23.21 0.43 15.52
CGD CLA EG . 22.20 0.28 14.42
O1D CLA EG . 21.46 -0.69 14.41
O2D CLA EG . 22.06 1.26 13.37
CED CLA EG . 20.91 1.23 12.53
C1 CLA EG . 22.04 4.01 15.15
MG CLA FG . 34.26 -14.30 28.54
CHA CLA FG . 34.11 -17.68 29.29
CHB CLA FG . 31.45 -14.68 26.68
CHC CLA FG . 34.68 -11.12 27.52
CHD CLA FG . 37.70 -14.27 29.92
NA CLA FG . 33.02 -15.89 28.03
C1A CLA FG . 32.99 -17.10 28.47
C2A CLA FG . 31.78 -17.92 28.10
C3A CLA FG . 30.99 -16.94 27.26
C4A CLA FG . 31.89 -15.75 27.33
CMA CLA FG . 31.02 -17.43 25.82
CAA CLA FG . 30.86 -18.29 29.27
CBA CLA FG . 30.75 -17.21 30.32
CGA CLA FG . 30.23 -17.77 31.61
O1A CLA FG . 29.50 -18.75 31.60
O2A CLA FG . 30.60 -17.17 32.88
NB CLA FG . 33.20 -13.08 27.29
C1B CLA FG . 32.11 -13.38 26.59
C2B CLA FG . 31.58 -12.27 25.76
C3B CLA FG . 32.57 -11.20 26.01
C4B CLA FG . 33.51 -11.82 26.98
CMB CLA FG . 30.39 -12.24 24.85
CAB CLA FG . 32.58 -9.83 25.44
CBB CLA FG . 31.60 -8.98 25.72
NC CLA FG . 35.87 -13.02 28.63
C1C CLA FG . 35.80 -11.72 28.28
C2C CLA FG . 36.95 -10.89 28.68
C3C CLA FG . 37.83 -11.83 29.39
C4C CLA FG . 37.06 -13.11 29.28
CMC CLA FG . 37.24 -9.42 28.50
CAC CLA FG . 39.15 -11.58 30.05
CBC CLA FG . 38.86 -11.15 31.47
ND CLA FG . 35.65 -15.57 29.32
C1D CLA FG . 36.93 -15.51 29.98
C2D CLA FG . 37.34 -16.73 30.69
C3D CLA FG . 36.18 -17.60 30.40
C4D CLA FG . 35.28 -16.86 29.64
CMD CLA FG . 38.52 -17.18 31.50
CAD CLA FG . 35.60 -18.94 30.62
OBD CLA FG . 36.15 -19.90 31.29
CBD CLA FG . 34.30 -19.01 29.94
CGD CLA FG . 34.30 -20.17 29.00
O1D CLA FG . 34.66 -20.06 27.83
O2D CLA FG . 33.85 -21.45 29.51
CED CLA FG . 33.87 -22.63 28.72
C1 CLA FG . 29.59 -16.68 33.77
C2 CLA FG . 29.80 -15.19 33.97
C3 CLA FG . 30.14 -14.70 35.16
C4 CLA FG . 30.31 -15.59 36.36
C5 CLA FG . 30.35 -13.22 35.33
C6 CLA FG . 31.74 -12.95 35.90
C7 CLA FG . 31.69 -11.96 37.06
C8 CLA FG . 33.07 -11.85 37.71
C9 CLA FG . 33.02 -12.33 39.16
C10 CLA FG . 33.57 -10.42 37.62
C11 CLA FG . 34.07 -10.09 36.22
MG CLA GG . 26.77 -13.16 29.06
CHA CLA GG . 25.75 -13.11 32.38
CHB CLA GG . 26.05 -9.88 28.91
CHC CLA GG . 27.20 -13.38 25.73
CHD CLA GG . 26.91 -16.86 29.30
NA CLA GG . 26.00 -11.76 30.38
C1A CLA GG . 25.74 -11.82 31.63
C2A CLA GG . 25.42 -10.51 32.31
C3A CLA GG . 25.49 -9.53 31.17
C4A CLA GG . 25.87 -10.46 30.08
CMA CLA GG . 24.11 -8.97 30.85
CAA CLA GG . 26.51 -10.06 33.27
CBA CLA GG . 25.95 -9.18 34.39
NB CLA GG . 26.60 -11.82 27.52
C1B CLA GG . 26.42 -10.52 27.65
C2B CLA GG . 26.64 -9.72 26.44
C3B CLA GG . 26.99 -10.75 25.44
C4B CLA GG . 26.93 -12.03 26.25
CMB CLA GG . 26.52 -8.23 26.28
CAB CLA GG . 27.32 -10.48 24.02
CBB CLA GG . 27.31 -11.35 23.03
NC CLA GG . 26.96 -14.78 27.81
C1C CLA GG . 27.21 -14.64 26.49
C2C CLA GG . 27.51 -15.90 25.78
C3C CLA GG . 27.42 -16.93 26.84
C4C CLA GG . 27.07 -16.11 28.04
CMC CLA GG . 27.84 -16.09 24.32
CAC CLA GG . 27.61 -18.42 26.77
CBC CLA GG . 26.26 -18.96 26.37
ND CLA GG . 26.40 -14.67 30.39
C1D CLA GG . 26.56 -16.09 30.49
C2D CLA GG . 26.34 -16.67 31.83
C3D CLA GG . 26.01 -15.44 32.59
C4D CLA GG . 26.08 -14.38 31.70
CMD CLA GG . 26.38 -18.04 32.46
CAD CLA GG . 25.66 -14.92 33.92
OBD CLA GG . 25.52 -15.62 34.99
CBD CLA GG . 25.50 -13.45 33.82
CGD CLA GG . 24.13 -13.07 34.33
O1D CLA GG . 23.96 -12.01 34.90
O2D CLA GG . 23.01 -13.98 34.21
CED CLA GG . 21.98 -13.85 35.18
MG CHL HG . 26.47 -17.12 20.01
CHA CHL HG . 26.17 -20.24 18.66
CHB CHL HG . 28.26 -16.15 17.39
CHC CHL HG . 25.97 -13.91 21.03
CHD CHL HG . 24.68 -18.30 22.95
NA CHL HG . 26.97 -17.97 18.28
C1A CHL HG . 26.86 -19.18 17.86
C2A CHL HG . 27.43 -19.49 16.50
C3A CHL HG . 28.21 -18.22 16.21
C4A CHL HG . 27.79 -17.39 17.38
CMA CHL HG . 29.71 -18.46 16.28
CAA CHL HG . 26.40 -19.69 15.39
CBA CHL HG . 25.16 -18.81 15.53
CGA CHL HG . 24.09 -19.30 14.59
O1A CHL HG . 23.80 -20.48 14.54
O2A CHL HG . 23.39 -18.34 13.74
NB CHL HG . 27.03 -15.28 19.29
C1B CHL HG . 27.79 -15.06 18.24
C2B CHL HG . 28.14 -13.63 17.98
C3B CHL HG . 27.44 -12.97 19.10
C4B CHL HG . 26.78 -14.09 19.83
CMB CHL HG . 28.97 -13.02 16.89
CAB CHL HG . 27.37 -11.53 19.43
CBB CHL HG . 26.22 -10.87 19.45
NC CHL HG . 25.52 -16.31 21.65
C1C CHL HG . 25.43 -14.98 21.88
C2C CHL HG . 24.71 -14.60 23.11
C3C CHL HG . 24.32 -15.90 23.69
C4C CHL HG . 24.87 -16.87 22.70
CMC CHL HG . 24.44 -13.25 23.65
OMC CHL HG . 24.03 -12.34 22.94
CAC CHL HG . 23.56 -16.18 24.97
CBC CHL HG . 22.13 -15.77 24.73
ND CHL HG . 25.59 -18.79 20.76
C1D CHL HG . 24.94 -19.22 21.85
C2D CHL HG . 24.51 -20.64 21.85
C3D CHL HG . 25.02 -21.04 20.52
C4D CHL HG . 25.62 -19.93 19.97
CMD CHL HG . 23.78 -21.57 22.78
CAD CHL HG . 25.14 -22.16 19.56
OBD CHL HG . 24.71 -23.35 19.73
CBD CHL HG . 25.88 -21.68 18.37
CGD CHL HG . 27.15 -22.47 18.37
O1D CHL HG . 28.08 -22.16 19.09
O2D CHL HG . 27.26 -23.66 17.53
CED CHL HG . 28.39 -24.52 17.66
C1 CHL HG . 21.99 -18.50 13.52
C2 CHL HG . 21.24 -17.61 14.49
C3 CHL HG . 21.04 -16.30 14.27
C4 CHL HG . 21.56 -15.65 13.02
C5 CHL HG . 20.28 -15.50 15.30
C6 CHL HG . 20.68 -14.04 15.29
C7 CHL HG . 19.75 -13.21 16.17
C8 CHL HG . 19.41 -11.87 15.53
MG CLA IG . 26.26 2.47 31.24
CHA CLA IG . 28.88 1.36 29.28
CHB CLA IG . 26.34 -0.48 32.87
CHC CLA IG . 23.88 3.71 33.31
CHD CLA IG . 26.77 5.83 29.84
NA CLA IG . 27.43 0.76 31.14
C1A CLA IG . 28.36 0.42 30.32
C2A CLA IG . 28.86 -1.00 30.42
C3A CLA IG . 28.01 -1.55 31.55
C4A CLA IG . 27.20 -0.34 31.87
CMA CLA IG . 27.06 -2.57 30.96
CAA CLA IG . 30.32 -1.10 30.92
CBA CLA IG . 30.64 -0.08 32.00
CGA CLA IG . 32.09 -0.19 32.39
O1A CLA IG . 32.90 -0.61 31.59
O2A CLA IG . 32.54 0.18 33.72
NB CLA IG . 25.24 1.71 32.85
C1B CLA IG . 25.41 0.52 33.42
C2B CLA IG . 24.58 0.26 34.61
C3B CLA IG . 23.83 1.52 34.73
C4B CLA IG . 24.33 2.34 33.59
CMB CLA IG . 24.51 -0.97 35.47
CAB CLA IG . 22.82 1.86 35.78
CBB CLA IG . 21.64 2.37 35.50
NC CLA IG . 25.52 4.37 31.50
C1C CLA IG . 24.55 4.66 32.38
C2C CLA IG . 24.14 6.08 32.42
C3C CLA IG . 25.01 6.69 31.38
C4C CLA IG . 25.80 5.54 30.91
CMC CLA IG . 23.11 6.74 33.28
CAC CLA IG . 25.11 8.11 30.92
CBC CLA IG . 25.92 8.87 31.93
ND CLA IG . 27.51 3.46 30.00
C1D CLA IG . 27.58 4.73 29.34
C2D CLA IG . 28.49 4.81 28.17
C3D CLA IG . 29.01 3.42 28.17
C4D CLA IG . 28.40 2.74 29.21
CMD CLA IG . 28.90 5.86 27.19
CAD CLA IG . 29.91 2.48 27.48
OBD CLA IG . 30.62 2.77 26.45
CBD CLA IG . 29.84 1.17 28.15
CGD CLA IG . 29.42 0.13 27.16
O1D CLA IG . 28.28 -0.30 27.12
O2D CLA IG . 30.40 -0.40 26.24
CED CLA IG . 30.71 -1.79 26.26
C1 CLA IG . 33.92 0.35 34.00
C2 CLA IG . 34.58 -0.98 34.30
C3 CLA IG . 35.08 -1.27 35.51
C4 CLA IG . 35.02 -0.28 36.64
C5 CLA IG . 35.72 -2.61 35.73
MG CLA JG . 22.15 -1.38 22.46
CHA CLA JG . 23.29 1.13 20.34
CHB CLA JG . 19.19 0.22 22.66
CHC CLA JG . 20.82 -4.20 23.83
CHD CLA JG . 25.23 -3.26 21.71
NA CLA JG . 21.36 0.32 21.61
C1A CLA JG . 21.92 1.29 20.95
C2A CLA JG . 21.09 2.54 20.78
C3A CLA JG . 19.88 2.20 21.60
C4A CLA JG . 20.16 0.80 21.96
CMA CLA JG . 20.15 2.88 22.94
CAA CLA JG . 20.60 2.77 19.32
CBA CLA JG . 19.18 2.33 18.93
CGA CLA JG . 19.09 1.86 17.50
O1A CLA JG . 19.25 2.64 16.57
O2A CLA JG . 18.80 0.47 17.21
NB CLA JG . 20.28 -1.91 23.11
C1B CLA JG . 19.20 -1.13 23.21
C2B CLA JG . 18.03 -1.70 23.90
C3B CLA JG . 18.55 -3.03 24.26
C4B CLA JG . 19.93 -3.05 23.71
CMB CLA JG . 16.69 -1.06 24.18
CAB CLA JG . 17.87 -4.15 24.95
CBB CLA JG . 16.75 -4.64 24.47
NC CLA JG . 22.92 -3.28 22.77
C1C CLA JG . 22.17 -4.30 23.22
C2C CLA JG . 22.76 -5.65 23.08
C3C CLA JG . 24.07 -5.37 22.45
C4C CLA JG . 24.05 -3.89 22.32
CMC CLA JG . 22.18 -6.97 23.47
CAC CLA JG . 25.14 -6.33 22.02
CBC CLA JG . 26.19 -6.39 23.10
ND CLA JG . 23.85 -1.22 21.34
C1D CLA JG . 25.05 -1.95 21.09
C2D CLA JG . 26.02 -1.32 20.18
C3D CLA JG . 25.29 -0.06 19.88
C4D CLA JG . 24.06 -0.11 20.55
CMD CLA JG . 27.39 -1.69 19.64
CAD CLA JG . 25.32 1.22 19.13
OBD CLA JG . 26.28 1.62 18.38
CBD CLA JG . 24.08 1.98 19.40
CGD CLA JG . 24.56 3.20 20.11
O1D CLA JG . 25.22 3.08 21.13
O2D CLA JG . 24.27 4.53 19.62
CED CLA JG . 25.00 5.63 20.16
C1 CLA JG . 18.50 0.04 15.89
C2 CLA JG . 17.42 -1.01 15.96
C3 CLA JG . 17.72 -2.32 15.99
C4 CLA JG . 16.61 -3.34 16.05
C5 CLA JG . 19.15 -2.80 15.96
MG CLA KG . 37.84 3.30 28.56
CHA CLA KG . 36.53 5.81 30.57
CHB CLA KG . 40.72 5.05 28.45
CHC CLA KG . 39.29 0.54 27.27
CHD CLA KG . 34.70 1.43 29.09
NA CLA KG . 38.54 5.07 29.39
C1A CLA KG . 37.92 5.99 30.03
C2A CLA KG . 38.70 7.25 30.28
C3A CLA KG . 39.97 7.00 29.52
C4A CLA KG . 39.71 5.61 29.09
CMA CLA KG . 39.91 7.86 28.27
CAA CLA KG . 39.21 7.36 31.74
CBA CLA KG . 39.48 6.05 32.52
CGA CLA KG . 40.93 5.62 32.43
O1A CLA KG . 41.79 6.48 32.35
O2A CLA KG . 41.36 4.25 32.33
NB CLA KG . 39.74 2.86 27.97
C1B CLA KG . 40.76 3.70 27.92
C2B CLA KG . 42.00 3.20 27.32
C3B CLA KG . 41.60 1.84 26.95
C4B CLA KG . 40.18 1.72 27.41
CMB CLA KG . 43.32 3.89 27.12
CAB CLA KG . 42.51 0.87 26.29
CBB CLA KG . 42.70 -0.33 26.79
NC CLA KG . 37.13 1.39 28.29
C1C CLA KG . 37.87 0.43 27.68
C2C CLA KG . 37.12 -0.83 27.46
C3C CLA KG . 35.77 -0.55 27.99
C4C CLA KG . 35.90 0.84 28.47
CMC CLA KG . 37.55 -2.11 26.83
CAC CLA KG . 34.58 -1.45 28.06
CBC CLA KG . 34.73 -2.19 29.36
ND CLA KG . 36.05 3.46 29.54
C1D CLA KG . 34.83 2.73 29.73
C2D CLA KG . 33.80 3.38 30.55
C3D CLA KG . 34.52 4.64 30.90
C4D CLA KG . 35.77 4.58 30.32
CMD CLA KG . 32.41 3.07 31.03
CAD CLA KG . 34.42 5.92 31.64
OBD CLA KG . 33.42 6.31 32.33
CBD CLA KG . 35.69 6.65 31.47
CGD CLA KG . 35.44 8.05 31.02
O1D CLA KG . 35.41 8.30 29.85
O2D CLA KG . 35.30 9.10 32.00
CED CLA KG . 35.11 10.45 31.60
C1 CLA KG . 42.62 4.02 31.69
C2 CLA KG . 42.61 2.72 30.90
C3 CLA KG . 43.61 1.84 31.00
C4 CLA KG . 44.80 2.09 31.88
C5 CLA KG . 43.55 0.56 30.20
C6 CLA KG . 43.79 -0.66 31.08
C7 CLA KG . 43.85 -1.93 30.23
C8 CLA KG . 43.63 -3.18 31.06
C9 CLA KG . 44.62 -3.23 32.22
C10 CLA KG . 43.75 -4.40 30.14
C11 CLA KG . 43.82 -5.72 30.90
C12 CLA KG . 42.45 -6.19 31.36
C13 CLA KG . 41.69 -6.94 30.28
C14 CLA KG . 40.40 -7.53 30.83
C15 CLA KG . 42.56 -8.03 29.66
MG CLA LG . 50.78 3.97 16.30
CHA CLA LG . 49.75 4.89 19.49
CHB CLA LG . 53.34 6.15 16.58
CHC CLA LG . 52.01 2.68 13.43
CHD CLA LG . 48.29 1.23 16.42
NA CLA LG . 51.48 5.24 17.79
C1A CLA LG . 50.93 5.62 18.88
C2A CLA LG . 51.59 6.80 19.57
C3A CLA LG . 52.69 7.18 18.61
C4A CLA LG . 52.47 6.11 17.59
CMA CLA LG . 52.36 8.52 17.98
CAA CLA LG . 52.38 6.34 20.80
NB CLA LG . 52.40 4.41 15.13
C1B CLA LG . 53.40 5.22 15.45
C2B CLA LG . 54.64 5.08 14.64
C3B CLA LG . 54.26 4.03 13.68
C4B CLA LG . 52.85 3.70 14.08
CMB CLA LG . 55.94 5.83 14.75
CAB CLA LG . 55.16 3.51 12.61
CBB CLA LG . 54.91 2.52 11.76
NC CLA LG . 50.24 2.33 15.18
C1C CLA LG . 50.90 1.97 14.06
C2C CLA LG . 50.44 0.69 13.44
C3C CLA LG . 49.34 0.27 14.33
C4C CLA LG . 49.30 1.35 15.35
CMC CLA LG . 50.96 0.01 12.22
CAC CLA LG . 48.48 -0.95 14.23
CBC CLA LG . 47.34 -0.59 13.29
ND CLA LG . 49.40 3.17 17.56
C1D CLA LG . 48.39 2.13 17.57
C2D CLA LG . 47.53 2.06 18.76
C3D CLA LG . 48.11 3.19 19.55
C4D CLA LG . 49.15 3.75 18.80
CMD CLA LG . 46.39 1.20 19.24
CAD CLA LG . 48.01 3.96 20.80
OBD CLA LG . 47.17 3.73 21.75
CBD CLA LG . 49.05 5.01 20.80
CGD CLA LG . 48.52 6.36 21.20
O1D CLA LG . 47.39 6.73 20.94
O2D CLA LG . 49.35 7.27 21.97
CED CLA LG . 48.81 8.51 22.43
MG CLA MG . 47.15 -1.88 22.82
CHA CLA MG . 48.69 0.86 24.29
CHB CLA MG . 45.82 -2.61 25.85
CHC CLA MG . 46.36 -4.93 21.62
CHD CLA MG . 49.27 -1.30 19.85
NA CLA MG . 47.28 -1.08 24.74
C1A CLA MG . 47.73 0.07 25.13
C2A CLA MG . 47.34 0.52 26.52
C3A CLA MG . 46.44 -0.63 26.97
C4A CLA MG . 46.52 -1.48 25.76
CMA CLA MG . 47.06 -1.39 28.13
CAA CLA MG . 46.51 1.81 26.60
CBA CLA MG . 46.56 2.34 28.03
CGA CLA MG . 47.98 2.62 28.45
O1A CLA MG . 48.73 3.26 27.74
O2A CLA MG . 48.50 2.12 29.71
NB CLA MG . 46.20 -3.52 23.61
C1B CLA MG . 45.74 -3.66 24.85
C2B CLA MG . 45.20 -5.00 25.19
C3B CLA MG . 45.35 -5.72 23.91
C4B CLA MG . 45.98 -4.70 23.02
CMB CLA MG . 44.62 -5.48 26.49
CAB CLA MG . 44.95 -7.13 23.64
CBB CLA MG . 45.59 -7.97 22.86
NC CLA MG . 47.66 -2.85 21.08
C1C CLA MG . 47.31 -4.13 20.84
C2C CLA MG . 47.97 -4.76 19.67
C3C CLA MG . 48.83 -3.69 19.16
C4C CLA MG . 48.55 -2.57 20.09
CMC CLA MG . 47.80 -6.16 19.17
CAC CLA MG . 49.76 -3.71 17.97
CBC CLA MG . 51.05 -4.33 18.45
ND CLA MG . 48.62 -0.63 22.16
C1D CLA MG . 49.41 -0.40 20.98
C2D CLA MG . 50.31 0.77 21.03
C3D CLA MG . 50.01 1.26 22.40
C4D CLA MG . 49.07 0.42 22.95
CMD CLA MG . 51.30 1.43 20.10
CAD CLA MG . 50.32 2.31 23.40
OBD CLA MG . 51.16 3.26 23.25
CBD CLA MG . 49.52 2.05 24.62
CGD CLA MG . 50.53 1.69 25.67
O1D CLA MG . 50.73 0.54 25.99
O2D CLA MG . 51.29 2.75 26.33
CED CLA MG . 52.39 2.43 27.16
C1 CLA MG . 49.72 1.38 29.72
C2 CLA MG . 49.46 0.05 30.37
C3 CLA MG . 50.42 -0.86 30.59
C4 CLA MG . 50.07 -2.17 31.23
C5 CLA MG . 51.85 -0.59 30.17
C6 CLA MG . 52.40 -1.70 29.29
C7 CLA MG . 53.85 -2.02 29.65
MG CLA NG . 43.69 -12.10 9.40
CHA CLA NG . 44.84 -14.94 7.80
CHB CLA NG . 46.62 -11.92 11.05
CHC CLA NG . 42.84 -8.96 10.33
CHD CLA NG . 40.73 -12.17 7.17
NA CLA NG . 45.45 -13.19 9.40
C1A CLA NG . 45.74 -14.32 8.84
C2A CLA NG . 47.05 -14.95 9.25
C3A CLA NG . 47.58 -13.96 10.28
C4A CLA NG . 46.47 -12.97 10.24
CMA CLA NG . 47.70 -14.64 11.65
CAA CLA NG . 48.13 -15.01 8.15
CBA CLA NG . 48.65 -13.68 7.60
CGA CLA NG . 47.75 -13.18 6.50
O1A CLA NG . 47.88 -13.55 5.34
O2A CLA NG . 46.71 -12.22 6.82
NB CLA NG . 44.60 -10.66 10.52
C1B CLA NG . 45.75 -10.76 11.17
C2B CLA NG . 46.14 -9.57 11.98
C3B CLA NG . 44.99 -8.67 11.76
C4B CLA NG . 44.11 -9.46 10.84
CMB CLA NG . 47.36 -9.34 12.82
CAB CLA NG . 44.78 -7.31 12.33
CBB CLA NG . 43.66 -6.88 12.88
NC CLA NG . 42.10 -10.88 8.88
C1C CLA NG . 42.00 -9.61 9.31
C2C CLA NG . 40.91 -8.81 8.69
C3C CLA NG . 40.29 -9.77 7.76
C4C CLA NG . 41.09 -11.00 7.99
CMC CLA NG . 40.54 -7.37 8.94
CAC CLA NG . 39.13 -9.55 6.83
CBC CLA NG . 39.72 -9.10 5.51
ND CLA NG . 42.91 -13.18 7.86
C1D CLA NG . 41.73 -13.22 7.04
C2D CLA NG . 41.64 -14.36 6.11
C3D CLA NG . 42.92 -15.06 6.43
C4D CLA NG . 43.57 -14.32 7.40
CMD CLA NG . 40.65 -14.84 5.09
CAD CLA NG . 43.78 -16.22 6.12
OBD CLA NG . 43.52 -17.13 5.26
CBD CLA NG . 44.99 -16.17 6.97
CGD CLA NG . 45.04 -17.41 7.80
O1D CLA NG . 44.20 -17.62 8.65
O2D CLA NG . 46.12 -18.36 7.60
CED CLA NG . 46.14 -19.56 8.34
C1 CLA NG . 45.86 -11.74 5.79
C2 CLA NG . 45.91 -10.23 5.83
C3 CLA NG . 44.80 -9.49 5.81
C4 CLA NG . 43.48 -10.12 5.72
C5 CLA NG . 44.88 -8.00 5.87
C6 CLA NG . 43.94 -7.47 6.94
C7 CLA NG . 43.67 -5.98 6.78
C8 CLA NG . 44.00 -5.23 8.06
C9 CLA NG . 43.64 -3.76 7.90
C10 CLA NG . 45.48 -5.40 8.37
C11 CLA NG . 45.88 -4.70 9.66
C12 CLA NG . 47.38 -4.88 9.89
C13 CLA NG . 47.96 -3.65 10.58
C14 CLA NG . 47.80 -2.42 9.70
C15 CLA NG . 49.44 -3.88 10.91
C16 CLA NG . 49.70 -5.20 11.62
C17 CLA NG . 49.29 -5.15 13.09
C18 CLA NG . 50.08 -6.17 13.89
C19 CLA NG . 49.49 -6.33 15.28
C20 CLA NG . 51.55 -5.76 13.97
MG CLA OG . 53.35 -12.54 8.45
CHA CLA OG . 51.87 -11.17 5.63
CHB CLA OG . 56.05 -13.28 6.57
CHC CLA OG . 55.00 -13.26 11.33
CHD CLA OG . 50.51 -11.26 10.44
NA CLA OG . 53.90 -12.24 6.47
C1A CLA OG . 53.23 -11.82 5.46
C2A CLA OG . 53.88 -12.00 4.10
C3A CLA OG . 55.19 -12.68 4.46
C4A CLA OG . 55.02 -12.74 5.94
CMA CLA OG . 55.22 -14.09 3.88
CAA CLA OG . 54.29 -10.70 3.40
CBA CLA OG . 54.76 -9.62 4.37
CGA CLA OG . 55.02 -8.34 3.61
NB CLA OG . 55.24 -13.18 8.88
C1B CLA OG . 56.21 -13.46 8.01
C2B CLA OG . 57.49 -13.94 8.59
C3B CLA OG . 57.16 -13.93 10.04
C4B CLA OG . 55.75 -13.45 10.08
CMB CLA OG . 58.76 -14.34 7.91
CAB CLA OG . 58.03 -14.32 11.16
CBB CLA OG . 57.71 -15.30 11.99
NC CLA OG . 52.86 -12.27 10.44
C1C CLA OG . 53.65 -12.68 11.45
C2C CLA OG . 53.06 -12.54 12.80
C3C CLA OG . 51.73 -11.95 12.54
C4C CLA OG . 51.73 -11.83 11.05
CMC CLA OG . 53.67 -12.91 14.13
CAC CLA OG . 50.66 -11.57 13.51
CBC CLA OG . 50.91 -10.13 13.89
ND CLA OG . 51.63 -11.48 8.22
C1D CLA OG . 50.52 -11.01 9.01
C2D CLA OG . 49.45 -10.30 8.26
C3D CLA OG . 50.02 -10.37 6.88
C4D CLA OG . 51.25 -11.03 6.96
CMD CLA OG . 48.14 -9.65 8.60
CAD CLA OG . 49.81 -10.00 5.46
OBD CLA OG . 48.80 -9.37 4.97
CBD CLA OG . 50.96 -10.47 4.69
CGD CLA OG . 50.61 -11.16 3.40
O1D CLA OG . 50.94 -10.63 2.35
O2D CLA OG . 49.97 -12.45 3.33
CED CLA OG . 49.99 -13.09 2.05
MG CLA PG . 38.67 -11.42 -2.42
CHA CLA PG . 37.39 -12.21 0.71
CHB CLA PG . 35.85 -12.65 -3.80
CHC CLA PG . 40.15 -11.00 -5.43
CHD CLA PG . 41.80 -10.37 -0.78
NA CLA PG . 36.94 -12.31 -1.69
C1A CLA PG . 36.53 -12.46 -0.49
C2A CLA PG . 35.10 -12.94 -0.33
C3A CLA PG . 34.68 -13.12 -1.77
C4A CLA PG . 35.91 -12.65 -2.46
CMA CLA PG . 34.47 -14.60 -2.07
CAA CLA PG . 34.23 -11.80 0.21
CBA CLA PG . 32.78 -12.22 0.36
CGA CLA PG . 31.88 -11.05 -0.05
O1A CLA PG . 31.94 -9.99 0.54
O2A CLA PG . 30.94 -11.22 -1.15
NB CLA PG . 38.08 -11.79 -4.34
C1B CLA PG . 36.91 -12.27 -4.74
C2B CLA PG . 36.73 -12.38 -6.21
C3B CLA PG . 38.04 -11.88 -6.70
C4B CLA PG . 38.78 -11.54 -5.45
CMB CLA PG . 35.55 -12.88 -7.00
CAB CLA PG . 38.50 -11.74 -8.10
CBB CLA PG . 38.90 -10.58 -8.61
NC CLA PG . 40.59 -10.91 -2.96
C1C CLA PG . 40.93 -10.64 -4.24
C2C CLA PG . 42.20 -9.91 -4.42
C3C CLA PG . 42.68 -9.72 -3.04
C4C CLA PG . 41.62 -10.37 -2.24
CMC CLA PG . 42.85 -9.45 -5.70
CAC CLA PG . 43.94 -9.04 -2.56
CBC CLA PG . 43.57 -7.58 -2.33
ND CLA PG . 39.48 -11.29 -0.57
C1D CLA PG . 40.70 -10.87 0.05
C2D CLA PG . 40.74 -11.00 1.52
C3D CLA PG . 39.38 -11.56 1.78
C4D CLA PG . 38.76 -11.68 0.54
CMD CLA PG . 41.73 -10.72 2.60
CAD CLA PG . 38.43 -12.02 2.82
OBD CLA PG . 38.66 -12.05 4.08
CBD CLA PG . 37.18 -12.45 2.16
CGD CLA PG . 36.94 -13.89 2.50
O1D CLA PG . 37.39 -14.79 1.81
O2D CLA PG . 36.15 -14.23 3.66
CED CLA PG . 35.81 -15.59 3.92
C1 CLA PG . 29.83 -10.33 -1.27
MG CLA QG . 38.74 -19.80 35.55
CHA CLA QG . 41.63 -19.51 33.67
CHB CLA QG . 39.32 -23.13 35.79
CHC CLA QG . 36.09 -19.95 37.64
CHD CLA QG . 38.57 -16.10 35.65
NA CLA QG . 40.22 -21.10 34.89
C1A CLA QG . 41.22 -20.89 34.11
C2A CLA QG . 42.02 -22.12 33.72
C3A CLA QG . 41.24 -23.24 34.39
C4A CLA QG . 40.18 -22.42 35.06
CMA CLA QG . 40.61 -24.21 33.41
CAA CLA QG . 43.44 -22.16 34.32
CBA CLA QG . 43.53 -22.06 35.85
CGA CLA QG . 43.55 -20.61 36.32
O1A CLA QG . 44.11 -19.77 35.66
O2A CLA QG . 42.90 -20.21 37.56
NB CLA QG . 37.84 -21.33 36.56
C1B CLA QG . 38.19 -22.62 36.56
C2B CLA QG . 37.33 -23.51 37.39
C3B CLA QG . 36.36 -22.54 37.94
C4B CLA QG . 36.78 -21.23 37.37
CMB CLA QG . 37.44 -25.00 37.60
CAB CLA QG . 35.23 -22.81 38.88
CBB CLA QG . 35.11 -22.18 40.03
NC CLA QG . 37.63 -18.32 36.48
C1C CLA QG . 36.54 -18.61 37.21
C2C CLA QG . 35.72 -17.44 37.61
C3C CLA QG . 36.46 -16.31 37.02
C4C CLA QG . 37.61 -16.98 36.36
CMC CLA QG . 34.45 -17.42 38.41
CAC CLA QG . 36.13 -14.84 37.08
CBC CLA QG . 36.85 -14.29 38.29
ND CLA QG . 39.78 -18.16 34.93
C1D CLA QG . 39.65 -16.73 34.89
C2D CLA QG . 40.64 -16.00 34.04
C3D CLA QG . 41.43 -17.16 33.55
C4D CLA QG . 40.88 -18.32 34.09
CMD CLA QG . 40.92 -14.57 33.67
CAD CLA QG . 42.59 -17.56 32.71
OBD CLA QG . 43.34 -16.77 32.03
CBD CLA QG . 42.71 -19.04 32.75
CGD CLA QG . 42.48 -19.53 31.35
O1D CLA QG . 43.18 -20.40 30.88
O2D CLA QG . 41.46 -18.92 30.52
CED CLA QG . 41.49 -19.10 29.12
C1 CLA QG . 41.71 -19.43 37.52
C2 CLA QG . 42.01 -17.97 37.36
C3 CLA QG . 41.75 -17.07 38.33
C4 CLA QG . 42.08 -15.63 38.09
C5 CLA QG . 41.17 -17.49 39.66
C6 CLA QG . 39.66 -17.29 39.74
C7 CLA QG . 38.95 -18.64 39.82
C8 CLA QG . 38.23 -18.83 41.15
C9 CLA QG . 37.92 -20.30 41.38
C10 CLA QG . 36.98 -17.95 41.15
C11 CLA QG . 36.04 -18.25 42.32
C12 CLA QG . 35.03 -17.13 42.47
C13 CLA QG . 33.63 -17.67 42.75
C14 CLA QG . 32.62 -16.51 42.82
C15 CLA QG . 33.61 -18.47 44.04
C1 LUT RG . 45.95 -12.46 15.94
C2 LUT RG . 45.97 -13.76 15.14
C3 LUT RG . 44.97 -13.89 14.00
C4 LUT RG . 43.66 -13.22 14.33
C5 LUT RG . 43.92 -11.78 14.65
C6 LUT RG . 44.90 -11.45 15.50
C7 LUT RG . 44.98 -10.06 16.03
C8 LUT RG . 44.27 -9.65 17.08
C9 LUT RG . 44.39 -8.27 17.57
C10 LUT RG . 43.71 -7.94 18.68
C11 LUT RG . 43.68 -6.65 19.36
C12 LUT RG . 42.80 -6.53 20.34
C13 LUT RG . 42.63 -5.35 21.20
C14 LUT RG . 42.08 -5.56 22.41
C15 LUT RG . 41.90 -4.52 23.39
C16 LUT RG . 47.31 -11.79 15.77
C17 LUT RG . 45.77 -12.85 17.40
C18 LUT RG . 43.07 -10.76 13.97
C19 LUT RG . 45.22 -7.29 16.81
C20 LUT RG . 43.05 -3.98 20.77
O3 LUT RG . 44.73 -15.27 13.76
C21 LUT RG . 39.98 0.93 34.71
C22 LUT RG . 40.10 2.22 35.51
C23 LUT RG . 38.79 2.99 35.63
C24 LUT RG . 38.07 3.07 34.31
C25 LUT RG . 38.15 2.09 33.41
C26 LUT RG . 39.37 1.20 33.32
C27 LUT RG . 39.04 -0.10 32.64
C28 LUT RG . 39.63 -0.36 31.48
C29 LUT RG . 39.38 -1.61 30.74
C30 LUT RG . 40.28 -1.94 29.81
C31 LUT RG . 40.19 -3.13 28.99
C32 LUT RG . 40.83 -3.06 27.83
C33 LUT RG . 40.85 -4.15 26.85
C34 LUT RG . 41.46 -3.91 25.69
C35 LUT RG . 41.60 -4.89 24.63
C36 LUT RG . 39.17 -0.11 35.48
C37 LUT RG . 41.39 0.39 34.53
C38 LUT RG . 37.00 1.90 32.46
C39 LUT RG . 38.17 -2.44 31.02
C40 LUT RG . 40.18 -5.46 27.15
O23 LUT RG . 39.09 4.32 36.06
C1 LUT SG . 31.26 -14.30 21.07
C2 LUT SG . 31.46 -15.77 21.42
C3 LUT SG . 32.38 -16.05 22.59
C4 LUT SG . 33.64 -15.24 22.45
C5 LUT SG . 33.26 -13.78 22.46
C6 LUT SG . 32.24 -13.33 21.74
C7 LUT SG . 31.93 -11.89 21.57
C8 LUT SG . 32.54 -11.06 20.73
C9 LUT SG . 32.14 -9.65 20.63
C10 LUT SG . 32.56 -8.95 19.56
C11 LUT SG . 32.23 -7.55 19.29
C12 LUT SG . 32.54 -7.15 18.06
C13 LUT SG . 32.30 -5.82 17.49
C14 LUT SG . 32.83 -5.56 16.30
C15 LUT SG . 32.64 -4.30 15.59
C16 LUT SG . 29.87 -13.90 21.53
C17 LUT SG . 31.35 -14.19 19.55
C18 LUT SG . 34.09 -12.88 23.33
C19 LUT SG . 31.25 -9.03 21.66
C20 LUT SG . 31.45 -4.80 18.19
O3 LUT SG . 32.73 -17.44 22.58
C21 LUT SG . 32.76 4.34 6.00
C22 LUT SG . 32.12 5.66 5.59
C23 LUT SG . 32.80 6.89 6.17
C24 LUT SG . 33.18 6.70 7.62
C25 LUT SG . 33.44 5.50 8.15
C26 LUT SG . 32.90 4.23 7.52
C27 LUT SG . 33.74 3.03 7.90
C28 LUT SG . 33.16 2.11 8.68
C29 LUT SG . 33.82 0.88 9.12
C30 LUT SG . 33.15 0.12 9.99
C31 LUT SG . 33.62 -1.14 10.54
C32 LUT SG . 33.09 -1.52 11.69
C33 LUT SG . 33.42 -2.77 12.38
C34 LUT SG . 32.87 -2.98 13.58
C35 LUT SG . 33.08 -4.20 14.35
C36 LUT SG . 34.09 4.15 5.28
C37 LUT SG . 31.82 3.24 5.51
C38 LUT SG . 34.27 5.44 9.40
C39 LUT SG . 35.18 0.49 8.62
C40 LUT SG . 34.32 -3.79 11.75
O23 LUT SG . 31.91 8.01 6.09
C1 BCR TG . 13.88 0.89 40.68
C2 BCR TG . 12.46 1.43 40.84
C3 BCR TG . 11.39 0.37 40.65
C4 BCR TG . 11.61 -0.26 39.29
C5 BCR TG . 12.91 -1.02 39.39
C6 BCR TG . 13.96 -0.48 40.03
C7 BCR TG . 15.24 -1.25 40.13
C8 BCR TG . 16.23 -1.12 39.25
C9 BCR TG . 17.48 -1.88 39.33
C10 BCR TG . 18.25 -1.90 38.23
C11 BCR TG . 19.51 -2.63 38.16
C33 BCR TG . 12.95 -2.38 38.75
C31 BCR TG . 14.50 0.79 42.05
C32 BCR TG . 14.63 1.95 39.87
C34 BCR TG . 17.88 -2.60 40.58
C12 BCR TG . 20.11 -2.66 36.97
C13 BCR TG . 21.36 -3.39 36.76
C14 BCR TG . 21.82 -3.50 35.51
C15 BCR TG . 23.03 -4.24 35.20
C16 BCR TG . 23.60 -4.18 34.00
C17 BCR TG . 24.79 -4.98 33.78
C18 BCR TG . 25.13 -5.35 32.54
C19 BCR TG . 26.31 -6.21 32.35
C20 BCR TG . 27.36 -6.11 31.55
C21 BCR TG . 28.20 -7.28 31.72
C22 BCR TG . 28.80 -7.92 30.70
C23 BCR TG . 29.57 -9.14 31.03
C24 BCR TG . 30.11 -9.90 30.08
C25 BCR TG . 30.87 -11.17 30.31
C26 BCR TG . 30.31 -12.33 29.92
C27 BCR TG . 31.09 -13.60 30.13
C28 BCR TG . 32.56 -13.40 29.74
C29 BCR TG . 33.16 -12.34 30.67
C30 BCR TG . 32.26 -11.12 30.95
C35 BCR TG . 22.09 -4.01 37.92
C36 BCR TG . 24.27 -4.98 31.38
C37 BCR TG . 28.70 -7.41 29.30
C38 BCR TG . 28.92 -12.42 29.30
C39 BCR TG . 33.01 -9.90 30.46
C40 BCR TG . 32.18 -11.01 32.47
C1 BCR UG . 21.09 0.50 51.01
C2 BCR UG . 21.20 1.97 51.42
C3 BCR UG . 20.77 2.97 50.36
C4 BCR UG . 21.48 2.63 49.06
C5 BCR UG . 20.96 1.28 48.63
C6 BCR UG . 20.77 0.29 49.53
C7 BCR UG . 20.24 -1.02 49.09
C8 BCR UG . 21.01 -2.05 48.72
C9 BCR UG . 20.40 -3.32 48.27
C10 BCR UG . 21.13 -4.14 47.51
C11 BCR UG . 20.61 -5.41 47.01
C33 BCR UG . 20.64 1.10 47.17
C31 BCR UG . 19.98 -0.15 51.83
C32 BCR UG . 22.42 -0.16 51.36
C34 BCR UG . 19.00 -3.67 48.67
C12 BCR UG . 21.40 -6.12 46.22
C13 BCR UG . 20.98 -7.41 45.64
C14 BCR UG . 21.81 -8.01 44.76
C15 BCR UG . 21.47 -9.27 44.11
C16 BCR UG . 22.32 -9.78 43.24
C17 BCR UG . 22.01 -11.02 42.55
C18 BCR UG . 22.85 -11.54 41.64
C19 BCR UG . 22.46 -12.79 40.95
C20 BCR UG . 23.28 -13.42 40.11
C21 BCR UG . 22.75 -14.63 39.49
C22 BCR UG . 23.44 -15.39 38.63
C23 BCR UG . 22.75 -16.56 38.09
C24 BCR UG . 23.34 -17.60 37.46
C25 BCR UG . 22.57 -18.76 36.92
C26 BCR UG . 22.07 -18.72 35.67
C27 BCR UG . 21.31 -19.89 35.09
C28 BCR UG . 21.89 -21.17 35.62
C29 BCR UG . 21.70 -21.16 37.13
C30 BCR UG . 22.41 -19.99 37.81
C35 BCR UG . 19.65 -8.01 45.98
C36 BCR UG . 24.14 -10.87 41.31
C37 BCR UG . 24.85 -15.05 38.23
C38 BCR UG . 22.23 -17.54 34.76
C39 BCR UG . 23.81 -20.44 38.20
C40 BCR UG . 21.63 -19.72 39.09
O1 LHG VG . 51.69 9.79 10.57
C1 LHG VG . 51.95 8.84 11.62
C2 LHG VG . 51.53 9.45 12.96
O2 LHG VG . 52.44 10.51 13.29
C3 LHG VG . 51.59 8.38 14.03
O3 LHG VG . 50.82 7.25 13.62
P LHG VG . 49.67 6.72 14.60
O4 LHG VG . 50.27 5.94 15.76
O5 LHG VG . 48.73 7.87 14.85
O6 LHG VG . 48.88 5.64 13.73
C4 LHG VG . 47.52 5.41 14.05
C5 LHG VG . 47.15 3.96 13.82
C6 LHG VG . 45.95 3.66 14.70
O7 LHG VG . 46.75 3.76 12.47
C7 LHG VG . 47.79 3.17 11.65
O9 LHG VG . 48.96 3.31 11.98
C8 LHG VG . 47.43 2.40 10.41
C9 LHG VG . 46.42 3.20 9.60
C10 LHG VG . 46.01 2.46 8.33
O8 LHG VG . 45.51 2.34 14.42
C23 LHG VG . 44.11 2.11 14.18
O10 LHG VG . 43.34 3.05 14.22
C24 LHG VG . 43.60 0.72 13.90
C11 LHG VG . 47.00 2.70 7.20
C12 LHG VG . 46.69 1.81 6.01
C13 LHG VG . 47.90 0.94 5.67
C14 LHG VG . 48.17 -0.11 6.72
C15 LHG VG . 49.48 -0.83 6.47
C25 LHG VG . 42.85 0.72 12.58
C26 LHG VG . 43.82 0.63 11.41
C27 LHG VG . 43.12 0.93 10.09
C28 LHG VG . 43.12 -0.31 9.19
C29 LHG VG . 43.20 0.08 7.71
C30 LHG VG . 41.88 0.64 7.20
C31 LHG VG . 40.84 -0.47 7.06
C32 LHG VG . 41.30 -1.51 6.05
C33 LHG VG . 40.41 -2.75 6.10
MG CLA WG . 9.73 3.53 34.25
CHA CLA WG . 13.14 3.23 33.63
CHB CLA WG . 9.13 1.89 31.37
CHC CLA WG . 6.49 3.35 35.20
CHD CLA WG . 10.56 4.98 37.55
NA CLA WG . 10.92 2.66 32.76
C1A CLA WG . 12.20 2.69 32.58
C2A CLA WG . 12.67 2.15 31.23
C3A CLA WG . 11.36 1.73 30.58
C4A CLA WG . 10.41 2.13 31.65
CMA CLA WG . 11.07 2.45 29.27
CAA CLA WG . 13.62 0.93 31.23
CBA CLA WG . 13.00 -0.38 31.67
CGA CLA WG . 13.85 -1.52 31.16
O1A CLA WG . 14.17 -1.60 29.99
O2A CLA WG . 14.32 -2.53 32.09
NB CLA WG . 8.05 2.73 33.40
C1B CLA WG . 7.96 2.15 32.21
C2B CLA WG . 6.59 1.74 31.82
C3B CLA WG . 5.79 2.18 32.98
C4B CLA WG . 6.82 2.78 33.89
CMB CLA WG . 6.12 1.06 30.56
CAB CLA WG . 4.33 2.06 33.19
CBB CLA WG . 3.56 3.09 33.50
NC CLA WG . 8.77 4.01 36.02
C1C CLA WG . 7.44 3.94 36.16
C2C CLA WG . 6.90 4.52 37.41
C3C CLA WG . 8.11 4.99 38.11
C4C CLA WG . 9.19 4.63 37.15
CMC CLA WG . 5.47 4.60 37.88
CAC CLA WG . 8.23 5.69 39.44
CBC CLA WG . 8.48 4.60 40.45
ND CLA WG . 11.35 4.00 35.39
C1D CLA WG . 11.65 4.58 36.66
C2D CLA WG . 13.09 4.75 36.97
C3D CLA WG . 13.67 4.19 35.72
C4D CLA WG . 12.63 3.78 34.90
CMD CLA WG . 13.91 5.29 38.10
CAD CLA WG . 14.94 3.90 35.03
OBD CLA WG . 16.10 4.14 35.51
CBD CLA WG . 14.63 3.29 33.72
CGD CLA WG . 15.27 4.11 32.63
O1D CLA WG . 15.82 3.56 31.70
O2D CLA WG . 15.25 5.55 32.68
CED CLA WG . 15.88 6.27 31.61
C1 CLA WG . 14.38 -3.89 31.68
C2 CLA WG . 12.96 -4.39 31.52
C3 CLA WG . 12.29 -4.96 32.52
C4 CLA WG . 10.88 -5.44 32.29
C5 CLA WG . 12.92 -5.14 33.88
C6 CLA WG . 12.64 -6.53 34.46
C7 CLA WG . 11.93 -6.45 35.80
C8 CLA WG . 11.52 -7.85 36.25
C9 CLA WG . 10.03 -8.04 36.08
C10 CLA WG . 11.97 -8.08 37.69
C11 CLA WG . 11.47 -9.40 38.25
C12 CLA WG . 12.49 -10.01 39.20
C13 CLA WG . 11.80 -10.85 40.28
C14 CLA WG . 11.60 -10.03 41.56
C15 CLA WG . 12.59 -12.14 40.55
C16 CLA WG . 14.05 -11.83 40.87
C17 CLA WG . 14.46 -12.29 42.26
C18 CLA WG . 15.92 -11.91 42.55
C19 CLA WG . 16.12 -10.40 42.46
C20 CLA WG . 16.87 -12.65 41.63
MG CLA XG . -3.20 4.98 34.11
CHA CLA XG . -1.72 8.10 33.98
CHB CLA XG . -6.00 6.36 32.83
CHC CLA XG . -4.38 1.84 33.70
CHD CLA XG . 0.11 3.58 35.00
NA CLA XG . -3.76 6.86 33.46
C1A CLA XG . -3.15 7.99 33.53
C2A CLA XG . -3.95 9.21 33.14
C3A CLA XG . -5.30 8.61 32.85
C4A CLA XG . -5.00 7.18 33.06
CMA CLA XG . -6.23 9.07 33.94
CAA CLA XG . -3.51 9.86 31.82
CBA CLA XG . -3.12 8.90 30.70
CGA CLA XG . -4.19 8.86 29.62
O1A CLA XG . -4.73 9.89 29.26
O2A CLA XG . -4.59 7.61 29.01
NB CLA XG . -4.93 4.22 33.34
C1B CLA XG . -6.00 4.90 32.95
C2B CLA XG . -7.21 4.08 32.66
C3B CLA XG . -6.70 2.72 32.94
C4B CLA XG . -5.28 2.93 33.33
CMB CLA XG . -8.57 4.51 32.23
CAB CLA XG . -7.44 1.43 32.85
CBB CLA XG . -7.73 0.93 31.67
NC CLA XG . -2.31 3.13 34.30
C1C CLA XG . -2.97 1.97 34.11
C2C CLA XG . -2.15 0.75 34.35
C3C CLA XG . -0.84 1.30 34.73
C4C CLA XG . -1.06 2.76 34.66
CMC CLA XG . -2.56 -0.68 34.23
CAC CLA XG . 0.45 0.62 35.11
CBC CLA XG . 1.12 0.23 33.80
ND CLA XG . -1.27 5.55 34.38
C1D CLA XG . -0.01 5.02 34.83
C2D CLA XG . 1.06 5.99 35.08
C3D CLA XG . 0.35 7.25 34.73
C4D CLA XG . -0.94 6.90 34.33
CMD CLA XG . 2.49 5.91 35.55
CAD CLA XG . 0.47 8.72 34.62
OBD CLA XG . 1.52 9.40 34.89
CBD CLA XG . -0.82 9.27 34.15
CGD CLA XG . -1.34 10.23 35.17
O1D CLA XG . -0.95 11.39 35.18
O2D CLA XG . -2.34 9.80 36.12
CED CLA XG . -2.95 10.80 36.92
C1 CLA XG . -5.87 7.04 29.26
C2 CLA XG . -5.71 5.54 29.37
C3 CLA XG . -6.62 4.67 28.92
C4 CLA XG . -7.90 5.15 28.29
C5 CLA XG . -6.37 3.19 29.06
C6 CLA XG . -6.83 2.37 27.86
C7 CLA XG . -5.80 2.45 26.75
C8 CLA XG . -6.07 1.46 25.63
C9 CLA XG . -7.47 1.60 25.06
C10 CLA XG . -5.84 0.04 26.13
C11 CLA XG . -4.36 -0.21 26.35
C12 CLA XG . -4.06 -1.71 26.43
C13 CLA XG . -2.75 -1.96 27.17
C14 CLA XG . -1.55 -1.75 26.24
C15 CLA XG . -2.76 -3.37 27.76
C16 CLA XG . -2.68 -4.47 26.71
C17 CLA XG . -3.87 -5.42 26.80
MG CLA YG . -12.07 -2.25 31.11
CHA CLA YG . -14.21 0.18 29.89
CHB CLA YG . -9.63 -0.87 29.23
CHC CLA YG . -10.22 -5.00 31.76
CHD CLA YG . -15.02 -3.94 32.56
NA CLA YG . -11.94 -0.67 29.75
C1A CLA YG . -12.77 0.28 29.52
C2A CLA YG . -12.23 1.49 28.81
C3A CLA YG . -10.79 1.11 28.58
C4A CLA YG . -10.79 -0.23 29.23
CMA CLA YG . -10.55 0.91 27.09
CAA CLA YG . -12.17 2.69 29.75
CBA CLA YG . -11.69 3.95 29.03
CGA CLA YG . -12.87 4.63 28.39
O1A CLA YG . -13.89 4.84 29.03
O2A CLA YG . -12.80 5.05 27.00
NB CLA YG . -10.18 -2.83 30.60
C1B CLA YG . -9.35 -2.20 29.78
C2B CLA YG . -8.10 -2.94 29.46
C3B CLA YG . -8.28 -4.19 30.23
C4B CLA YG . -9.60 -4.00 30.89
CMB CLA YG . -6.95 -2.53 28.59
CAB CLA YG . -7.35 -5.35 30.31
CBB CLA YG . -7.72 -6.59 30.07
NC CLA YG . -12.54 -4.06 31.97
C1C CLA YG . -11.63 -5.03 32.16
C2C CLA YG . -12.14 -6.25 32.83
C3C CLA YG . -13.56 -5.92 33.07
C4C CLA YG . -13.68 -4.56 32.50
CMC CLA YG . -11.42 -7.50 33.19
CAC CLA YG . -14.62 -6.77 33.72
CBC CLA YG . -14.62 -6.42 35.19
ND CLA YG . -14.09 -2.05 31.23
C1D CLA YG . -15.22 -2.71 31.83
C2D CLA YG . -16.53 -2.03 31.63
C3D CLA YG . -16.09 -0.87 30.83
C4D CLA YG . -14.72 -0.97 30.65
CMD CLA YG . -17.97 -2.28 32.02
CAD CLA YG . -16.53 0.37 30.15
OBD CLA YG . -17.75 0.75 30.10
CBD CLA YG . -15.38 1.03 29.51
CGD CLA YG . -15.60 0.94 28.04
O1D CLA YG . -15.46 -0.12 27.45
O2D CLA YG . -15.97 2.11 27.28
CED CLA YG . -16.20 1.99 25.88
MG CLA ZG . -15.27 -14.05 45.98
CHA CLA ZG . -16.61 -17.23 46.26
CHB CLA ZG . -17.12 -13.62 43.18
CHC CLA ZG . -14.28 -10.83 45.99
CHD CLA ZG . -13.64 -14.56 49.25
NA CLA ZG . -16.65 -15.19 44.93
C1A CLA ZG . -17.07 -16.38 45.11
C2A CLA ZG . -18.04 -16.93 44.09
C3A CLA ZG . -18.11 -15.79 43.12
C4A CLA ZG . -17.23 -14.79 43.80
CMA CLA ZG . -17.36 -16.28 41.90
CAA CLA ZG . -19.47 -17.09 44.63
CBA CLA ZG . -19.83 -16.03 45.69
CGA CLA ZG . -21.31 -16.00 45.98
O1A CLA ZG . -22.00 -16.99 45.84
O2A CLA ZG . -21.90 -14.75 46.45
NB CLA ZG . -15.66 -12.46 44.76
C1B CLA ZG . -16.35 -12.47 43.62
C2B CLA ZG . -16.30 -11.20 42.85
C3B CLA ZG . -15.43 -10.38 43.71
C4B CLA ZG . -15.12 -11.25 44.87
CMB CLA ZG . -16.95 -10.87 41.53
CAB CLA ZG . -14.99 -8.98 43.50
CBB CLA ZG . -15.48 -8.02 44.25
NC CLA ZG . -14.23 -12.95 47.36
C1C CLA ZG . -13.88 -11.67 47.14
C2C CLA ZG . -13.00 -11.07 48.17
C3C CLA ZG . -12.81 -12.17 49.13
C4C CLA ZG . -13.61 -13.27 48.53
CMC CLA ZG . -12.43 -9.68 48.22
CAC CLA ZG . -12.00 -12.19 50.40
CBC CLA ZG . -12.96 -11.80 51.51
ND CLA ZG . -15.15 -15.44 47.47
C1D CLA ZG . -14.41 -15.67 48.68
C2D CLA ZG . -14.51 -17.03 49.24
C3D CLA ZG . -15.41 -17.66 48.23
C4D CLA ZG . -15.71 -16.70 47.29
CMD CLA ZG . -13.96 -17.76 50.44
CAD CLA ZG . -16.11 -18.91 47.85
OBD CLA ZG . -16.07 -20.03 48.48
CBD CLA ZG . -16.86 -18.66 46.60
CGD CLA ZG . -16.39 -19.61 45.53
O1D CLA ZG . -15.61 -19.24 44.67
O2D CLA ZG . -16.90 -20.96 45.48
CED CLA ZG . -17.03 -21.63 44.23
C1 CLA ZG . -23.15 -14.75 47.13
MG CLA AH . -22.77 -11.83 41.73
CHA CLA AH . -25.22 -11.58 44.16
CHB CLA AH . -22.60 -8.46 41.69
CHC CLA AH . -20.02 -12.14 39.81
CHD CLA AH . -22.80 -15.50 42.22
NA CLA AH . -23.69 -10.28 42.77
C1A CLA AH . -24.66 -10.29 43.61
C2A CLA AH . -25.21 -8.95 44.02
C3A CLA AH . -24.37 -8.00 43.19
C4A CLA AH . -23.50 -8.99 42.51
CMA CLA AH . -25.24 -7.29 42.17
CAA CLA AH . -24.83 -8.59 45.46
CBA CLA AH . -25.64 -7.39 45.96
NB CLA AH . -21.48 -10.48 40.88
C1B CLA AH . -21.59 -9.16 40.89
C2B CLA AH . -20.59 -8.43 40.10
C3B CLA AH . -19.78 -9.53 39.52
C4B CLA AH . -20.44 -10.76 40.08
CMB CLA AH . -20.43 -6.94 39.93
CAB CLA AH . -18.61 -9.33 38.62
CBB CLA AH . -17.99 -10.25 37.91
NC CLA AH . -21.64 -13.46 41.20
C1C CLA AH . -20.61 -13.38 40.33
C2C CLA AH . -20.06 -14.67 39.87
C3C CLA AH . -20.89 -15.66 40.59
C4C CLA AH . -21.81 -14.80 41.37
CMC CLA AH . -18.92 -14.91 38.91
CAC CLA AH . -20.82 -17.16 40.56
CBC CLA AH . -21.56 -17.62 39.32
ND CLA AH . -23.67 -13.24 42.87
C1D CLA AH . -23.72 -14.67 43.00
C2D CLA AH . -24.76 -15.20 43.93
C3D CLA AH . -25.35 -13.92 44.38
C4D CLA AH . -24.67 -12.88 43.76
CMD CLA AH . -25.20 -16.56 44.39
CAD CLA AH . -26.37 -13.30 45.27
OBD CLA AH . -27.19 -13.95 46.01
CBD CLA AH . -26.33 -11.83 45.13
CGD CLA AH . -27.58 -11.46 44.41
O1D CLA AH . -28.61 -11.16 45.00
O2D CLA AH . -27.57 -11.48 42.96
CED CLA AH . -28.50 -12.29 42.25
MG CHL BH . -17.55 -16.19 34.32
CHA CHL BH . -17.15 -19.48 33.58
CHB CHL BH . -14.42 -15.60 33.32
CHC CHL BH . -18.06 -12.94 35.12
CHD CHL BH . -20.85 -17.01 35.70
NA CHL BH . -16.03 -17.33 33.73
C1A CHL BH . -16.08 -18.51 33.22
C2A CHL BH . -15.05 -18.88 32.19
C3A CHL BH . -14.04 -17.77 32.42
C4A CHL BH . -14.89 -16.84 33.22
CMA CHL BH . -12.90 -18.25 33.29
CAA CHL BH . -15.59 -18.87 30.76
CBA CHL BH . -16.80 -17.96 30.51
CGA CHL BH . -16.55 -16.99 29.39
O1A CHL BH . -16.67 -17.33 28.23
O2A CHL BH . -16.15 -15.63 29.70
NB CHL BH . -16.40 -14.50 34.23
C1B CHL BH . -15.15 -14.42 33.81
C2B CHL BH . -14.53 -13.07 33.88
C3B CHL BH . -15.65 -12.26 34.43
C4B CHL BH . -16.74 -13.27 34.60
CMB CHL BH . -13.14 -12.64 33.50
CAB CHL BH . -15.65 -10.81 34.74
CBB CHL BH . -16.58 -9.97 34.32
NC CHL BH . -19.13 -15.22 35.22
C1C CHL BH . -19.13 -13.90 35.45
C2C CHL BH . -20.36 -13.38 36.09
C3C CHL BH . -21.19 -14.57 36.27
C4C CHL BH . -20.32 -15.64 35.69
CMC CHL BH . -20.66 -11.99 36.46
OMC CHL BH . -20.55 -11.07 35.67
CAC CHL BH . -22.55 -14.69 36.89
CBC CHL BH . -23.54 -14.61 35.76
ND CHL BH . -18.80 -17.77 34.63
C1D CHL BH . -20.00 -18.06 35.13
C2D CHL BH . -20.43 -19.47 35.07
C3D CHL BH . -19.24 -20.06 34.43
C4D CHL BH . -18.37 -19.01 34.21
CMD CHL BH . -21.64 -20.25 35.49
CAD CHL BH . -18.59 -21.29 33.90
OBD CHL BH . -19.09 -22.47 33.93
CBD CHL BH . -17.26 -20.94 33.35
CGD CHL BH . -16.25 -21.73 34.11
O1D CHL BH . -15.86 -21.38 35.21
O2D CHL BH . -15.73 -22.96 33.52
CED CHL BH . -15.04 -23.91 34.32
C1 CHL BH . -16.68 -14.54 28.95
C2 CHL BH . -16.86 -13.34 29.84
C3 CHL BH . -15.83 -12.52 30.15
C4 CHL BH . -14.46 -12.79 29.62
C5 CHL BH . -16.08 -11.34 31.05
C6 CHL BH . -16.27 -10.05 30.25
C7 CHL BH . -15.00 -9.19 30.29
C8 CHL BH . -15.20 -7.69 30.08
C9 CHL BH . -16.53 -7.30 29.42
C10 CHL BH . -14.04 -7.15 29.27
MG CLA CH . -21.74 4.22 44.76
CHA CLA CH . -18.74 2.60 44.17
CHB CLA CH . -23.09 1.27 45.63
CHC CLA CH . -24.75 5.76 44.66
CHD CLA CH . -20.17 7.32 43.46
NA CLA CH . -21.06 2.27 44.85
C1A CLA CH . -19.88 1.77 44.69
C2A CLA CH . -19.73 0.29 45.00
C3A CLA CH . -21.14 -0.08 45.43
C4A CLA CH . -21.81 1.25 45.29
CMA CLA CH . -21.74 -1.05 44.43
CAA CLA CH . -18.81 -0.06 46.17
CBA CLA CH . -19.13 0.67 47.47
CGA CLA CH . -17.89 0.74 48.31
O1A CLA CH . -16.80 0.48 47.83
O2A CLA CH . -17.96 1.13 49.70
NB CLA CH . -23.65 3.59 45.08
C1B CLA CH . -24.02 2.41 45.56
C2B CLA CH . -25.44 2.29 45.97
C3B CLA CH . -25.94 3.65 45.66
C4B CLA CH . -24.74 4.37 45.12
CMB CLA CH . -26.17 1.11 46.55
CAB CLA CH . -27.31 4.18 45.88
CBB CLA CH . -27.55 5.27 46.59
NC CLA CH . -22.32 6.09 44.11
C1C CLA CH . -23.57 6.55 44.28
C2C CLA CH . -23.72 8.02 44.05
C3C CLA CH . -22.37 8.45 43.71
C4C CLA CH . -21.60 7.19 43.77
CMC CLA CH . -24.93 8.89 44.14
CAC CLA CH . -21.88 9.83 43.37
CBC CLA CH . -21.54 10.51 44.67
ND CLA CH . -19.98 4.89 43.99
C1D CLA CH . -19.37 6.10 43.52
C2D CLA CH . -17.94 6.01 43.13
C3D CLA CH . -17.72 4.57 43.40
C4D CLA CH . -18.90 4.03 43.87
CMD CLA CH . -16.90 6.96 42.60
CAD CLA CH . -16.72 3.50 43.37
OBD CLA CH . -15.52 3.64 42.99
CBD CLA CH . -17.33 2.24 43.84
CGD CLA CH . -17.24 1.24 42.73
O1D CLA CH . -18.17 1.08 41.96
O2D CLA CH . -16.05 0.44 42.59
CED CLA CH . -15.88 -0.41 41.46
C1 CLA CH . -16.78 1.19 50.49
C2 CLA CH . -16.44 -0.19 51.00
C3 CLA CH . -16.90 -0.65 52.17
C4 CLA CH . -17.79 0.19 53.03
C5 CLA CH . -16.53 -2.04 52.62
MG CLA DH . -20.11 0.07 34.55
CHA CLA DH . -17.68 2.39 33.61
CHB CLA DH . -22.42 2.05 33.11
CHC CLA DH . -22.27 -2.55 34.69
CHD CLA DH . -17.40 -2.12 35.71
NA CLA DH . -20.06 1.87 33.51
C1A CLA DH . -19.12 2.74 33.35
C2A CLA DH . -19.55 4.11 32.84
C3A CLA DH . -21.05 3.93 32.75
C4A CLA DH . -21.18 2.50 33.15
CMA CLA DH . -21.63 4.69 33.91
CAA CLA DH . -19.13 4.52 31.42
CBA CLA DH . -19.42 3.47 30.36
CGA CLA DH . -19.54 4.00 28.97
O1A CLA DH . -19.64 3.24 28.03
O2A CLA DH . -19.55 5.44 28.73
NB CLA DH . -22.03 -0.21 33.93
C1B CLA DH . -22.87 0.71 33.47
C2B CLA DH . -24.29 0.30 33.32
C3B CLA DH . -24.22 -1.09 33.81
C4B CLA DH . -22.79 -1.29 34.15
CMB CLA DH . -25.47 1.09 32.83
CAB CLA DH . -25.30 -2.10 33.92
CBB CLA DH . -25.62 -2.81 32.86
NC CLA DH . -19.85 -1.91 35.06
C1C CLA DH . -20.87 -2.79 35.12
C2C CLA DH . -20.51 -4.12 35.66
C3C CLA DH . -19.07 -3.99 35.97
C4C CLA DH . -18.78 -2.59 35.55
CMC CLA DH . -21.41 -5.31 35.86
CAC CLA DH . -18.12 -5.02 36.54
CBC CLA DH . -18.02 -4.78 38.03
ND CLA DH . -18.07 0.04 34.69
C1D CLA DH . -17.03 -0.84 35.11
C2D CLA DH . -15.65 -0.37 34.91
C3D CLA DH . -15.94 0.94 34.27
C4D CLA DH . -17.31 1.07 34.15
CMD CLA DH . -14.28 -0.92 35.19
CAD CLA DH . -15.32 2.17 33.70
OBD CLA DH . -14.06 2.40 33.61
CBD CLA DH . -16.40 3.07 33.25
CGD CLA DH . -16.23 4.42 33.86
O1D CLA DH . -16.63 4.66 34.97
O2D CLA DH . -15.57 5.46 33.12
CED CLA DH . -15.72 6.79 33.58
C1 CLA DH . -19.57 5.92 27.39
MG CLA EH . -10.68 3.32 48.30
CHA CLA EH . -12.52 6.06 49.34
CHB CLA EH . -7.97 4.69 49.82
CHC CLA EH . -9.17 0.33 48.02
CHD CLA EH . -13.81 1.89 46.94
NA CLA EH . -10.31 5.02 49.42
C1A CLA EH . -11.05 6.04 49.66
C2A CLA EH . -10.37 7.21 50.31
C3A CLA EH . -8.93 6.78 50.35
C4A CLA EH . -9.09 5.40 49.82
CMA CLA EH . -8.23 7.58 49.27
CAA CLA EH . -10.71 7.32 51.82
CBA CLA EH . -11.08 6.03 52.55
CGA CLA EH . -9.89 5.43 53.29
O1A CLA EH . -9.06 6.16 53.77
O2A CLA EH . -9.67 4.00 53.38
NB CLA EH . -8.85 2.62 48.87
C1B CLA EH . -7.84 3.33 49.37
C2B CLA EH . -6.55 2.61 49.48
C3B CLA EH . -6.90 1.29 48.92
C4B CLA EH . -8.36 1.41 48.60
CMB CLA EH . -5.23 3.11 50.00
CAB CLA EH . -6.01 0.13 48.77
CBB CLA EH . -5.87 -0.71 49.76
NC CLA EH . -11.37 1.50 47.63
C1C CLA EH . -10.59 0.41 47.57
C2C CLA EH . -11.26 -0.79 47.00
C3C CLA EH . -12.62 -0.30 46.69
C4C CLA EH . -12.56 1.11 47.12
CMC CLA EH . -10.76 -2.18 46.77
CAC CLA EH . -13.77 -1.06 46.10
CBC CLA EH . -14.44 -1.79 47.25
ND CLA EH . -12.65 3.75 48.12
C1D CLA EH . -13.87 3.19 47.60
C2D CLA EH . -15.09 3.99 47.78
C3D CLA EH . -14.51 5.14 48.50
C4D CLA EH . -13.16 4.91 48.68
CMD CLA EH . -16.55 3.87 47.43
CAD CLA EH . -14.83 6.44 49.12
OBD CLA EH . -15.99 6.95 49.16
CBD CLA EH . -13.61 7.02 49.70
CGD CLA EH . -13.42 8.44 49.30
O1D CLA EH . -12.86 8.69 48.26
O2D CLA EH . -13.84 9.51 50.19
CED CLA EH . -13.61 10.88 49.87
C1 CLA EH . -8.31 3.57 53.43
C2 CLA EH . -8.11 2.19 52.87
C3 CLA EH . -7.59 1.20 53.62
C4 CLA EH . -7.17 1.43 55.04
C5 CLA EH . -7.41 -0.17 53.02
C6 CLA EH . -7.88 -1.27 53.96
C7 CLA EH . -7.41 -2.62 53.46
C8 CLA EH . -8.37 -3.74 53.85
C9 CLA EH . -8.52 -3.80 55.37
C10 CLA EH . -7.82 -5.04 53.30
C11 CLA EH . -8.70 -6.25 53.60
C12 CLA EH . -10.00 -6.22 52.81
C13 CLA EH . -10.04 -7.25 51.67
C14 CLA EH . -11.46 -7.43 51.17
C15 CLA EH . -9.48 -8.60 52.13
MG CLA FH . 7.30 1.13 46.38
CHA CLA FH . 4.70 2.82 47.94
CHB CLA FH . 9.47 3.34 47.75
CHC CLA FH . 9.77 -0.43 44.68
CHD CLA FH . 4.80 -0.86 44.53
NA CLA FH . 7.13 2.81 47.60
C1A CLA FH . 6.10 3.33 48.17
C2A CLA FH . 6.39 4.48 49.11
C3A CLA FH . 7.89 4.61 49.00
C4A CLA FH . 8.18 3.51 48.03
CMA CLA FH . 8.23 5.95 48.35
CAA CLA FH . 6.15 4.16 50.60
CBA CLA FH . 6.55 2.74 50.98
CGA CLA FH . 6.52 2.60 52.48
O1A CLA FH . 6.79 3.55 53.20
O2A CLA FH . 6.17 1.32 53.09
NB CLA FH . 9.32 1.44 46.22
C1B CLA FH . 10.06 2.34 46.87
C2B CLA FH . 11.53 2.18 46.72
C3B CLA FH . 11.61 1.04 45.79
C4B CLA FH . 10.18 0.67 45.56
CMB CLA FH . 12.63 3.00 47.33
CAB CLA FH . 12.82 0.39 45.22
CBB CLA FH . 13.07 -0.89 45.42
NC CLA FH . 7.26 -0.27 44.88
C1C CLA FH . 8.38 -0.86 44.42
C2C CLA FH . 8.18 -2.06 43.57
C3C CLA FH . 6.71 -2.18 43.53
C4C CLA FH . 6.26 -1.03 44.35
CMC CLA FH . 9.21 -2.93 42.91
CAC CLA FH . 5.90 -3.23 42.81
CBC CLA FH . 5.67 -2.69 41.41
ND CLA FH . 5.29 1.00 46.15
C1D CLA FH . 4.34 0.11 45.53
C2D CLA FH . 2.94 0.26 45.99
C3D CLA FH . 3.11 1.36 46.97
C4D CLA FH . 4.46 1.70 47.00
CMD CLA FH . 1.62 -0.39 45.67
CAD CLA FH . 2.40 2.22 47.93
OBD CLA FH . 1.15 2.19 48.17
CBD CLA FH . 3.38 3.13 48.56
CGD CLA FH . 2.88 4.54 48.45
O1D CLA FH . 2.11 4.86 47.58
O2D CLA FH . 3.28 5.55 49.43
CED CLA FH . 2.44 6.68 49.65
C1 CLA FH . 6.36 1.12 54.49
MG CLA GH . -0.66 -3.55 48.96
CHA CLA GH . 0.35 -0.84 50.89
CHB CLA GH . -3.51 -3.65 50.76
CHC CLA GH . -1.22 -6.66 47.71
CHD CLA GH . 2.77 -3.69 47.58
NA CLA GH . -1.42 -2.48 50.58
C1A CLA GH . -1.05 -1.37 51.09
C2A CLA GH . -2.02 -0.69 52.03
C3A CLA GH . -3.22 -1.64 51.97
C4A CLA GH . -2.67 -2.65 51.02
CMA CLA GH . -3.43 -2.35 53.29
CAA CLA GH . -2.51 0.69 51.62
CBA CLA GH . -3.29 1.35 52.74
CGA CLA GH . -2.48 1.45 54.02
O1A CLA GH . -1.33 1.84 54.00
O2A CLA GH . -3.08 1.13 55.31
NB CLA GH . -2.16 -4.93 49.18
C1B CLA GH . -3.25 -4.82 49.93
C2B CLA GH . -4.15 -6.00 49.95
C3B CLA GH . -3.46 -6.92 49.03
C4B CLA GH . -2.24 -6.15 48.62
CMB CLA GH . -5.44 -6.20 50.70
CAB CLA GH . -3.94 -8.29 48.65
CBB CLA GH . -3.75 -8.89 47.49
NC CLA GH . 0.51 -4.85 47.87
C1C CLA GH . 0.11 -6.08 47.50
C2C CLA GH . 1.13 -6.89 46.79
C3C CLA GH . 2.31 -6.01 46.77
C4C CLA GH . 1.81 -4.79 47.44
CMC CLA GH . 1.00 -8.30 46.27
CAC CLA GH . 3.67 -6.27 46.19
CBC CLA GH . 4.44 -7.06 47.23
ND CLA GH . 1.14 -2.61 49.14
C1D CLA GH . 2.45 -2.65 48.57
C2D CLA GH . 3.39 -1.60 49.03
C3D CLA GH . 2.52 -0.88 49.98
C4D CLA GH . 1.29 -1.52 49.99
CMD CLA GH . 4.83 -1.24 48.74
CAD CLA GH . 2.44 0.26 50.93
OBD CLA GH . 3.39 1.06 51.21
CBD CLA GH . 1.09 0.29 51.53
CGD CLA GH . 1.21 0.20 53.02
O1D CLA GH . 1.00 -0.83 53.63
O2D CLA GH . 1.59 1.40 53.75
CED CLA GH . 1.79 1.36 55.16
C1 CLA GH . -2.61 0.02 56.09
C2 CLA GH . -3.82 -0.79 56.49
C3 CLA GH . -3.74 -2.03 56.99
C4 CLA GH . -5.02 -2.74 57.35
C5 CLA GH . -2.41 -2.72 57.18
C6 CLA GH . -2.51 -4.24 57.14
C7 CLA GH . -1.57 -4.84 56.10
MG CLA HH . 3.25 -13.40 35.31
CHA CLA HH . 4.92 -16.34 34.58
CHB CLA HH . 4.82 -13.35 38.31
CHC CLA HH . 2.25 -10.16 35.65
CHD CLA HH . 2.15 -13.30 31.78
NA CLA HH . 4.68 -14.57 36.26
C1A CLA HH . 5.15 -15.73 35.93
C2A CLA HH . 5.99 -16.41 36.99
C3A CLA HH . 5.92 -15.45 38.14
C4A CLA HH . 5.07 -14.39 37.52
CMA CLA HH . 5.21 -16.13 39.31
CAA CLA HH . 7.47 -16.53 36.61
CBA CLA HH . 8.23 -15.23 36.37
CGA CLA HH . 8.03 -14.68 34.98
O1A CLA HH . 8.63 -15.13 34.03
O2A CLA HH . 7.07 -13.59 34.81
NB CLA HH . 3.50 -11.98 36.76
C1B CLA HH . 4.09 -12.14 37.94
C2B CLA HH . 4.06 -10.97 38.85
C3B CLA HH . 3.28 -10.01 38.04
C4B CLA HH . 2.99 -10.74 36.77
CMB CLA HH . 4.63 -10.81 40.22
CAB CLA HH . 2.88 -8.63 38.42
CBB CLA HH . 1.63 -8.19 38.40
NC CLA HH . 2.35 -12.06 34.00
C1C CLA HH . 2.12 -10.77 34.31
C2C CLA HH . 1.62 -9.93 33.19
C3C CLA HH . 1.60 -10.87 32.06
C4C CLA HH . 2.05 -12.13 32.68
CMC CLA HH . 1.25 -8.47 33.18
CAC CLA HH . 1.18 -10.60 30.63
CBC CLA HH . 2.34 -9.96 29.89
ND CLA HH . 3.48 -14.43 33.57
C1D CLA HH . 2.93 -14.43 32.24
C2D CLA HH . 3.22 -15.64 31.43
C3D CLA HH . 4.03 -16.41 32.40
C4D CLA HH . 4.14 -15.65 33.55
CMD CLA HH . 2.87 -16.07 30.04
CAD CLA HH . 4.79 -17.67 32.62
OBD CLA HH . 4.91 -18.61 31.76
CBD CLA HH . 5.34 -17.65 33.98
CGD CLA HH . 4.80 -18.81 34.77
O1D CLA HH . 3.62 -19.08 34.78
O2D CLA HH . 5.72 -19.60 35.56
CED CLA HH . 5.25 -20.79 36.19
C1 CLA HH . 6.79 -12.99 33.55
C2 CLA HH . 6.95 -11.50 33.68
C3 CLA HH . 6.24 -10.61 32.97
C4 CLA HH . 5.25 -11.06 31.96
C5 CLA HH . 6.45 -9.14 33.18
C6 CLA HH . 5.86 -8.70 34.50
C7 CLA HH . 5.04 -7.45 34.32
C8 CLA HH . 5.33 -6.48 35.45
C9 CLA HH . 4.32 -5.35 35.46
C10 CLA HH . 6.74 -5.94 35.29
C11 CLA HH . 7.08 -5.02 36.46
C12 CLA HH . 7.44 -5.86 37.69
C13 CLA HH . 7.94 -5.01 38.86
C14 CLA HH . 8.95 -3.96 38.43
C15 CLA HH . 8.53 -5.91 39.95
C16 CLA HH . 7.67 -7.11 40.32
C17 CLA HH . 6.51 -6.69 41.21
C18 CLA HH . 6.34 -7.70 42.33
C19 CLA HH . 4.93 -7.64 42.90
C20 CLA HH . 7.38 -7.47 43.43
MG CLA IH . 11.81 -14.10 40.01
CHA CLA IH . 12.02 -13.20 36.67
CHB CLA IH . 14.84 -15.53 39.76
CHC CLA IH . 11.41 -15.09 43.21
CHD CLA IH . 8.38 -12.72 40.04
NA CLA IH . 13.18 -14.35 38.49
C1A CLA IH . 13.18 -13.96 37.26
C2A CLA IH . 14.44 -14.27 36.47
C3A CLA IH . 15.27 -15.02 37.48
C4A CLA IH . 14.36 -14.96 38.66
CMA CLA IH . 15.30 -16.48 37.05
CAA CLA IH . 15.28 -13.04 36.11
CBA CLA IH . 15.22 -11.88 37.11
CGA CLA IH . 15.92 -10.69 36.51
O1A CLA IH . 16.94 -10.83 35.86
O2A CLA IH . 15.38 -9.35 36.66
NB CLA IH . 12.96 -15.19 41.29
C1B CLA IH . 14.19 -15.64 41.06
C2B CLA IH . 14.87 -16.24 42.24
C3B CLA IH . 13.83 -16.11 43.28
C4B CLA IH . 12.69 -15.44 42.58
CMB CLA IH . 16.24 -16.84 42.34
CAB CLA IH . 13.88 -16.54 44.71
CBB CLA IH . 13.73 -15.67 45.69
NC CLA IH . 10.21 -13.97 41.31
C1C CLA IH . 10.29 -14.36 42.59
C2C CLA IH . 9.10 -14.04 43.42
C3C CLA IH . 8.21 -13.35 42.48
C4C CLA IH . 9.00 -13.36 41.21
CMC CLA IH . 8.86 -14.34 44.86
CAC CLA IH . 6.84 -12.77 42.70
CBC CLA IH . 7.05 -11.32 43.10
ND CLA IH . 10.45 -13.23 38.76
C1D CLA IH . 9.16 -12.62 38.81
C2D CLA IH . 8.71 -11.93 37.58
C3D CLA IH . 9.90 -12.18 36.71
C4D CLA IH . 10.81 -12.90 37.46
CMD CLA IH . 7.49 -11.17 37.16
CAD CLA IH . 10.50 -11.95 35.37
OBD CLA IH . 9.99 -11.32 34.39
CBD CLA IH . 11.82 -12.59 35.33
CGD CLA IH . 11.81 -13.67 34.29
O1D CLA IH . 11.52 -14.81 34.59
O2D CLA IH . 12.16 -13.37 32.92
CED CLA IH . 12.71 -14.40 32.10
C1 CLA IH . 16.29 -8.24 36.75
C2 CLA IH . 16.38 -7.79 38.18
C3 CLA IH . 16.23 -6.50 38.52
C4 CLA IH . 15.98 -5.44 37.50
C5 CLA IH . 16.32 -6.11 39.99
C6 CLA IH . 15.18 -5.19 40.41
C7 CLA IH . 14.17 -5.91 41.28
C8 CLA IH . 13.15 -4.94 41.87
C9 CLA IH . 13.83 -3.81 42.64
C10 CLA IH . 12.20 -5.71 42.80
MG CLA JH . 4.93 -12.80 22.58
CHA CLA JH . 2.39 -13.59 24.83
CHB CLA JH . 3.12 -14.27 20.14
CHC CLA JH . 7.53 -12.20 20.52
CHD CLA JH . 6.97 -11.64 25.44
NA CLA JH . 3.10 -13.79 22.49
C1A CLA JH . 2.19 -13.98 23.38
C2A CLA JH . 0.89 -14.61 22.90
C3A CLA JH . 1.20 -14.83 21.43
C4A CLA JH . 2.57 -14.25 21.36
CMA CLA JH . 1.32 -16.32 21.16
CAA CLA JH . -0.27 -13.61 22.91
CBA CLA JH . -1.52 -14.12 22.18
CGA CLA JH . -2.31 -15.09 23.04
O1A CLA JH . -3.17 -14.69 23.82
O2A CLA JH . -2.09 -16.51 22.92
NB CLA JH . 5.28 -13.20 20.61
C1B CLA JH . 4.45 -13.77 19.74
C2B CLA JH . 4.94 -13.82 18.34
C3B CLA JH . 6.27 -13.19 18.48
C4B CLA JH . 6.37 -12.85 19.92
CMB CLA JH . 4.26 -14.37 17.11
CAB CLA JH . 7.29 -12.94 17.41
CBB CLA JH . 7.70 -11.72 17.13
NC CLA JH . 6.85 -12.15 22.94
C1C CLA JH . 7.70 -11.85 21.94
C2C CLA JH . 8.90 -11.09 22.35
C3C CLA JH . 8.73 -10.93 23.80
C4C CLA JH . 7.44 -11.63 24.05
CMC CLA JH . 10.04 -10.59 21.49
CAC CLA JH . 9.63 -10.24 24.79
CBC CLA JH . 9.18 -8.80 24.85
ND CLA JH . 4.84 -12.66 24.60
C1D CLA JH . 5.62 -12.12 25.68
C2D CLA JH . 4.94 -12.10 27.00
C3D CLA JH . 3.64 -12.70 26.64
C4D CLA JH . 3.66 -12.97 25.28
CMD CLA JH . 5.34 -11.65 28.37
CAD CLA JH . 2.29 -13.11 27.15
OBD CLA JH . 1.90 -13.00 28.36
CBD CLA JH . 1.51 -13.67 26.04
CGD CLA JH . 1.11 -15.07 26.38
O1D CLA JH . 1.91 -15.97 26.43
O2D CLA JH . -0.31 -15.36 26.64
CED CLA JH . -0.75 -16.71 26.72
C1 CLA JH . -2.86 -17.43 23.70
C1 LUT KH . 1.70 -13.57 42.33
C2 LUT KH . 2.10 -14.90 41.68
C3 LUT KH . 1.76 -15.11 40.21
C4 LUT KH . 0.48 -14.41 39.83
C5 LUT KH . 0.63 -12.96 40.17
C6 LUT KH . 1.06 -12.59 41.38
C7 LUT KH . 0.96 -11.17 41.80
C8 LUT KH . -0.12 -10.66 42.38
C9 LUT KH . -0.15 -9.25 42.79
C10 LUT KH . -1.26 -8.78 43.36
C11 LUT KH . -1.49 -7.42 43.85
C12 LUT KH . -2.68 -7.21 44.39
C13 LUT KH . -3.14 -5.94 45.00
C14 LUT KH . -4.29 -5.99 45.68
C15 LUT KH . -4.85 -4.86 46.39
C16 LUT KH . 2.98 -12.93 42.87
C17 LUT KH . 0.79 -13.90 43.51
C18 LUT KH . 0.31 -11.95 39.10
C19 LUT KH . 1.08 -8.43 42.55
C20 LUT KH . -2.33 -4.68 44.92
O3 LUT KH . 1.60 -16.51 39.98
C21 LUT KH . -12.35 1.10 54.73
C22 LUT KH . -12.56 2.41 55.46
C23 LUT KH . -13.66 3.26 54.87
C24 LUT KH . -13.50 3.39 53.37
C25 LUT KH . -12.97 2.40 52.64
C26 LUT KH . -12.06 1.36 53.24
C27 LUT KH . -12.13 0.06 52.45
C28 LUT KH . -11.03 -0.33 51.84
C29 LUT KH . -10.95 -1.57 51.06
C30 LUT KH . -9.73 -1.96 50.71
C31 LUT KH . -9.42 -3.15 49.95
C32 LUT KH . -8.26 -3.11 49.32
C33 LUT KH . -7.73 -4.21 48.51
C34 LUT KH . -6.55 -4.04 47.91
C35 LUT KH . -5.94 -5.10 47.12
C36 LUT KH . -13.55 0.18 54.93
C37 LUT KH . -11.13 0.43 55.36
C38 LUT KH . -13.31 2.36 51.18
C39 LUT KH . -12.17 -2.34 50.68
C40 LUT KH . -8.52 -5.48 48.38
O23 LUT KH . -13.61 4.57 55.44
C1 LUT LH . -14.16 -13.51 38.36
C2 LUT LH . -14.36 -14.99 38.66
C3 LUT LH . -14.19 -15.44 40.10
C4 LUT LH . -13.05 -14.71 40.77
C5 LUT LH . -13.25 -13.22 40.66
C6 LUT LH . -13.61 -12.67 39.49
C7 LUT LH . -13.54 -11.21 39.23
C8 LUT LH . -12.41 -10.54 38.98
C9 LUT LH . -12.43 -9.10 38.68
C10 LUT LH . -11.35 -8.58 38.10
C11 LUT LH . -11.24 -7.18 37.71
C12 LUT LH . -10.34 -6.98 36.77
C13 LUT LH . -10.01 -5.70 36.12
C14 LUT LH . -8.83 -5.58 35.52
C15 LUT LH . -8.46 -4.36 34.82
C16 LUT LH . -15.52 -12.92 38.00
C17 LUT LH . -13.24 -13.44 37.15
C18 LUT LH . -13.04 -12.41 41.91
C19 LUT LH . -13.62 -8.27 39.00
C20 LUT LH . -11.01 -4.59 36.08
O3 LUT LH . -13.90 -16.84 40.08
C21 LUT LH . -1.20 3.38 27.29
C22 LUT LH . -1.13 4.76 26.64
C23 LUT LH . -0.98 5.95 27.58
C24 LUT LH . -1.82 5.77 28.82
C25 LUT LH . -1.99 4.57 29.36
C26 LUT LH . -2.14 3.35 28.49
C27 LUT LH . -1.98 2.07 29.29
C28 LUT LH . -3.06 1.34 29.47
C29 LUT LH . -3.06 0.07 30.22
C30 LUT LH . -4.26 -0.43 30.57
C31 LUT LH . -4.41 -1.67 31.30
C32 LUT LH . -5.54 -1.83 31.97
C33 LUT LH . -5.81 -3.07 32.72
C34 LUT LH . -6.98 -3.17 33.35
C35 LUT LH . -7.34 -4.37 34.10
C36 LUT LH . 0.20 2.93 27.66
C37 LUT LH . -1.73 2.42 26.24
C38 LUT LH . -2.02 4.47 30.85
C39 LUT LH . -1.78 -0.63 30.55
C40 LUT LH . -4.80 -4.16 32.77
O23 LUT LH . -1.41 7.13 26.91
C1 BCR MH . -37.09 5.43 44.89
C2 BCR MH . -38.23 6.31 44.36
C3 BCR MH . -39.13 5.66 43.34
C4 BCR MH . -38.28 5.03 42.26
C5 BCR MH . -37.47 3.95 42.90
C6 BCR MH . -36.92 4.13 44.12
C7 BCR MH . -36.12 3.04 44.74
C8 BCR MH . -34.79 2.93 44.60
C9 BCR MH . -34.04 1.84 45.24
C10 BCR MH . -32.73 1.73 44.95
C11 BCR MH . -31.88 0.70 45.49
C33 BCR MH . -37.30 2.67 42.13
C31 BCR MH . -37.36 5.06 46.34
C32 BCR MH . -35.84 6.28 44.86
C34 BCR MH . -34.70 0.87 46.17
C12 BCR MH . -30.66 0.56 44.99
C13 BCR MH . -29.73 -0.47 45.49
C14 BCR MH . -28.74 -0.87 44.69
C15 BCR MH . -27.78 -1.88 45.12
C16 BCR MH . -26.79 -2.21 44.31
C17 BCR MH . -25.83 -3.24 44.72
C18 BCR MH . -24.77 -3.54 43.98
C19 BCR MH . -23.88 -4.59 44.48
C20 BCR MH . -22.57 -4.69 44.29
C21 BCR MH . -22.01 -5.88 44.89
C22 BCR MH . -20.86 -6.47 44.58
C23 BCR MH . -20.57 -7.71 45.34
C24 BCR MH . -19.48 -8.47 45.18
C25 BCR MH . -19.30 -9.73 45.99
C26 BCR MH . -19.72 -10.90 45.48
C27 BCR MH . -19.56 -12.17 46.25
C28 BCR MH . -18.20 -12.14 46.92
C29 BCR MH . -18.17 -10.99 47.90
C30 BCR MH . -18.65 -9.65 47.36
C35 BCR MH . -29.91 -1.04 46.87
C36 BCR MH . -24.51 -2.86 42.67
C37 BCR MH . -19.95 -5.94 43.53
C38 BCR MH . -20.36 -11.01 44.13
C39 BCR MH . -17.44 -8.73 47.23
C40 BCR MH . -19.59 -9.08 48.41
O1 LHG NH . 11.40 6.51 45.57
C1 LHG NH . 12.12 5.99 44.46
C2 LHG NH . 11.46 4.70 43.99
O2 LHG NH . 11.85 4.41 42.64
C3 LHG NH . 9.96 4.89 44.05
O3 LHG NH . 9.31 3.69 43.64
P LHG NH . 7.74 3.56 43.92
O4 LHG NH . 7.10 4.90 43.67
O5 LHG NH . 7.53 2.85 45.24
O6 LHG NH . 7.26 2.55 42.77
C4 LHG NH . 5.91 2.65 42.36
C5 LHG NH . 5.49 1.39 41.63
C6 LHG NH . 3.97 1.38 41.59
O7 LHG NH . 5.99 1.43 40.30
C7 LHG NH . 7.30 0.82 40.17
O9 LHG NH . 7.67 0.02 41.01
C8 LHG NH . 8.18 1.16 38.99
C9 LHG NH . 7.98 0.18 37.85
C10 LHG NH . 8.89 0.52 36.68
O8 LHG NH . 3.56 0.21 40.90
C23 LHG NH . 2.43 0.27 40.00
O10 LHG NH . 1.49 0.99 40.27
C24 LHG NH . 2.46 -0.54 38.74
C11 LHG NH . 9.05 -0.68 35.77
C12 LHG NH . 10.06 -0.40 34.66
C13 LHG NH . 10.38 -1.68 33.91
C14 LHG NH . 9.22 -2.10 33.01
C15 LHG NH . 9.48 -1.71 31.56
C25 LHG NH . 3.67 -0.10 37.94
C26 LHG NH . 4.22 -1.25 37.11
C27 LHG NH . 4.94 -0.75 35.88
C28 LHG NH . 4.64 -1.66 34.70
C29 LHG NH . 5.52 -1.39 33.50
C30 LHG NH . 5.54 -2.62 32.58
C31 LHG NH . 4.14 -2.96 32.09
C32 LHG NH . 4.13 -4.34 31.43
C33 LHG NH . 2.77 -4.66 30.84
MG CHL OH . -21.07 2.74 72.20
CHA CHL OH . -17.89 2.12 73.35
CHB CHL OH . -20.16 1.48 69.23
CHC CHL OH . -24.33 2.89 71.34
CHD CHL OH . -21.90 4.01 75.51
NA CHL OH . -19.37 2.06 71.41
C1A CHL OH . -18.26 1.74 71.96
C2A CHL OH . -17.34 0.82 71.21
C3A CHL OH . -17.91 0.96 69.81
C4A CHL OH . -19.23 1.55 70.18
CMA CHL OH . -17.12 1.96 68.98
CAA CHL OH . -17.57 -0.60 71.71
CBA CHL OH . -16.42 -1.53 71.34
CGA CHL OH . -16.92 -2.95 71.37
O1A CHL OH . -17.55 -3.35 72.33
O2A CHL OH . -16.68 -3.86 70.26
NB CHL OH . -22.11 2.20 70.53
C1B CHL OH . -21.58 1.84 69.37
C2B CHL OH . -22.50 1.85 68.22
C3B CHL OH . -23.77 2.28 68.86
C4B CHL OH . -23.40 2.46 70.29
CMB CHL OH . -22.23 1.51 66.77
CAB CHL OH . -25.09 2.48 68.23
CBB CHL OH . -26.19 1.89 68.67
NC CHL OH . -22.76 3.32 73.24
C1C CHL OH . -24.00 3.31 72.72
C2C CHL OH . -25.08 3.77 73.63
C3C CHL OH . -24.34 4.11 74.87
C4C CHL OH . -22.94 3.79 74.49
CMC CHL OH . -26.55 3.89 73.42
OMC CHL OH . -27.17 3.19 72.63
CAC CHL OH . -24.90 4.62 76.18
CBC CHL OH . -24.66 6.10 76.33
ND CHL OH . -20.24 3.05 74.03
C1D CHL OH . -20.56 3.52 75.23
C2D CHL OH . -19.51 3.53 76.26
C3D CHL OH . -18.41 2.93 75.48
C4D CHL OH . -18.92 2.70 74.22
CMD CHL OH . -19.44 3.96 77.70
CAD CHL OH . -16.99 2.51 75.49
OBD CHL OH . -16.20 2.57 76.49
CBD CHL OH . -16.65 1.97 74.15
CGD CHL OH . -15.53 2.77 73.56
O1D CHL OH . -14.73 2.24 72.81
O2D CHL OH . -15.38 4.18 73.87
CED CHL OH . -14.23 4.89 73.41
C1 CHL OH . -17.75 -4.59 69.69
C2 CHL OH . -17.28 -5.54 68.61
C3 CHL OH . -16.78 -5.19 67.41
C4 CHL OH . -16.35 -6.27 66.47
C5 CHL OH . -16.67 -3.73 67.00
C6 CHL OH . -15.50 -3.53 66.03
C7 CHL OH . -15.63 -2.23 65.27
MG CLA PH . -31.39 5.16 64.98
CHA CLA PH . -29.96 8.13 66.02
CHB CLA PH . -32.80 6.86 62.42
CHC CLA PH . -32.39 2.18 63.76
CHD CLA PH . -29.29 3.41 67.48
NA CLA PH . -31.35 7.12 64.29
C1A CLA PH . -30.85 8.18 64.82
C2A CLA PH . -31.19 9.49 64.14
C3A CLA PH . -32.13 9.04 63.05
C4A CLA PH . -32.09 7.57 63.27
CMA CLA PH . -33.50 9.56 63.42
CAA CLA PH . -30.02 10.18 63.44
CBA CLA PH . -29.07 9.25 62.70
CGA CLA PH . -29.23 9.40 61.21
O1A CLA PH . -29.46 10.49 60.71
O2A CLA PH . -29.16 8.25 60.32
NB CLA PH . -32.44 4.61 63.32
C1B CLA PH . -32.95 5.40 62.38
C2B CLA PH . -33.66 4.73 61.28
C3B CLA PH . -33.55 3.31 61.66
C4B CLA PH . -32.78 3.36 62.96
CMB CLA PH . -34.33 5.33 60.07
CAB CLA PH . -34.10 2.17 60.89
CBB CLA PH . -34.46 0.99 61.37
NC CLA PH . -30.88 3.24 65.49
C1C CLA PH . -31.49 2.17 64.93
C2C CLA PH . -31.17 0.87 65.58
C3C CLA PH . -30.26 1.23 66.68
C4C CLA PH . -30.15 2.70 66.52
CMC CLA PH . -31.66 -0.50 65.24
CAC CLA PH . -29.60 0.34 67.70
CBC CLA PH . -28.41 -0.29 67.00
ND CLA PH . -29.94 5.54 66.35
C1D CLA PH . -29.23 4.86 67.40
C2D CLA PH . -28.48 5.72 68.35
C3D CLA PH . -28.81 7.06 67.77
C4D CLA PH . -29.61 6.85 66.66
CMD CLA PH . -27.62 5.52 69.56
CAD CLA PH . -28.59 8.52 67.90
OBD CLA PH . -27.90 9.09 68.81
CBD CLA PH . -29.33 9.21 66.83
CGD CLA PH . -30.42 10.03 67.46
O1D CLA PH . -30.31 11.24 67.57
O2D CLA PH . -31.65 9.39 67.87
CED CLA PH . -32.90 9.95 67.47
C1 CLA PH . -30.30 7.85 59.57
C2 CLA PH . -30.50 6.36 59.76
C3 CLA PH . -30.68 5.52 58.73
C4 CLA PH . -30.70 6.01 57.32
C5 CLA PH . -30.87 4.05 59.02
C6 CLA PH . -31.00 3.18 57.78
C7 CLA PH . -30.16 1.91 57.84
C8 CLA PH . -28.88 1.97 57.02
C9 CLA PH . -29.08 2.62 55.66
C10 CLA PH . -28.33 0.56 56.85
C11 CLA PH . -28.00 -0.05 58.20
C12 CLA PH . -27.79 -1.56 58.11
C13 CLA PH . -27.32 -2.11 59.45
C14 CLA PH . -26.01 -1.46 59.88
C15 CLA PH . -27.18 -3.63 59.33
C16 CLA PH . -26.62 -4.27 60.60
C17 CLA PH . -26.24 -5.72 60.34
C18 CLA PH . -25.33 -6.25 61.44
C19 CLA PH . -24.03 -5.45 61.54
C20 CLA PH . -25.02 -7.72 61.22
MG CLA QH . -37.10 -0.87 57.08
CHA CLA QH . -37.96 1.89 55.20
CHB CLA QH . -33.94 0.30 57.20
CHC CLA QH . -36.20 -3.83 58.47
CHD CLA QH . -40.44 -2.29 56.34
NA CLA QH . -36.10 0.76 56.30
C1A CLA QH . -36.56 1.83 55.74
C2A CLA QH . -35.61 3.00 55.60
C3A CLA QH . -34.34 2.43 56.21
C4A CLA QH . -34.84 1.07 56.60
CMA CLA QH . -33.33 2.22 55.09
CAA CLA QH . -36.01 4.18 56.48
CBA CLA QH . -35.07 5.37 56.29
CGA CLA QH . -35.03 5.82 54.86
O1A CLA QH . -35.88 6.56 54.40
O2A CLA QH . -33.94 5.37 54.01
NB CLA QH . -35.33 -1.63 57.77
C1B CLA QH . -34.13 -1.07 57.67
C2B CLA QH . -32.99 -1.95 58.04
C3B CLA QH . -33.68 -3.19 58.43
C4B CLA QH . -35.12 -2.88 58.22
CMB CLA QH . -31.52 -1.63 58.04
CAB CLA QH . -33.07 -4.47 58.90
CBB CLA QH . -33.33 -5.65 58.36
NC CLA QH . -38.10 -2.67 57.29
C1C CLA QH . -37.58 -3.71 57.96
C2C CLA QH . -38.49 -4.85 58.21
C3C CLA QH . -39.74 -4.39 57.57
C4C CLA QH . -39.38 -3.04 57.05
CMC CLA QH . -38.21 -6.14 58.90
CAC CLA QH . -41.07 -5.10 57.49
CBC CLA QH . -41.73 -4.90 58.83
ND CLA QH . -38.79 -0.44 56.04
C1D CLA QH . -40.10 -0.98 55.79
C2D CLA QH . -41.01 -0.12 54.99
C3D CLA QH . -40.11 1.04 54.75
C4D CLA QH . -38.89 0.77 55.36
CMD CLA QH . -42.41 -0.21 54.46
CAD CLA QH . -39.99 2.37 54.11
OBD CLA QH . -40.90 2.96 53.43
CBD CLA QH . -38.64 2.92 54.36
CGD CLA QH . -37.94 3.09 53.05
O1D CLA QH . -37.57 4.19 52.71
O2D CLA QH . -37.65 1.96 52.19
CED CLA QH . -36.64 2.08 51.20
C1 CLA QH . -33.35 6.14 52.96
C2 CLA QH . -33.89 5.82 51.57
C3 CLA QH . -33.70 4.66 50.93
C4 CLA QH . -34.27 4.50 49.55
C5 CLA QH . -32.94 3.53 51.59
C6 CLA QH . -32.53 2.36 50.69
C7 CLA QH . -32.08 1.22 51.59
C8 CLA QH . -31.25 0.17 50.87
C9 CLA QH . -30.04 0.80 50.18
C10 CLA QH . -32.14 -0.57 49.87
C11 CLA QH . -33.11 -1.50 50.59
C12 CLA QH . -33.91 -2.32 49.60
MG CLA RH . -48.73 -13.15 66.70
CHA CLA RH . -49.93 -16.35 66.08
CHB CLA RH . -48.74 -12.60 63.36
CHC CLA RH . -48.05 -9.91 67.36
CHD CLA RH . -49.15 -13.79 70.31
NA CLA RH . -49.27 -14.25 65.02
C1A CLA RH . -49.70 -15.45 64.90
C2A CLA RH . -49.91 -15.94 63.48
C3A CLA RH . -49.48 -14.75 62.67
C4A CLA RH . -49.13 -13.80 63.77
CMA CLA RH . -48.16 -15.11 62.00
CAA CLA RH . -51.40 -16.19 63.16
CBA CLA RH . -52.32 -14.99 63.33
CGA CLA RH . -53.75 -15.40 63.57
O1A CLA RH . -54.20 -16.41 63.08
O2A CLA RH . -54.61 -14.58 64.41
NB CLA RH . -48.48 -11.50 65.53
C1B CLA RH . -48.36 -11.47 64.20
C2B CLA RH . -47.83 -10.20 63.64
C3B CLA RH . -47.62 -9.40 64.85
C4B CLA RH . -48.08 -10.30 65.95
CMB CLA RH . -47.56 -9.84 62.21
CAB CLA RH . -47.11 -8.02 64.96
CBB CLA RH . -47.93 -7.06 65.35
NC CLA RH . -48.65 -12.09 68.46
C1C CLA RH . -48.35 -10.78 68.51
C2C CLA RH . -48.29 -10.20 69.87
C3C CLA RH . -48.62 -11.35 70.74
C4C CLA RH . -48.82 -12.45 69.76
CMC CLA RH . -47.99 -8.78 70.26
CAC CLA RH . -48.73 -11.38 72.24
CBC CLA RH . -50.17 -11.07 72.55
ND CLA RH . -49.41 -14.60 67.95
C1D CLA RH . -49.45 -14.87 69.37
C2D CLA RH . -49.79 -16.27 69.73
C3D CLA RH . -49.96 -16.86 68.37
C4D CLA RH . -49.74 -15.85 67.45
CMD CLA RH . -49.94 -17.06 71.00
CAD CLA RH . -50.30 -18.09 67.62
OBD CLA RH . -50.56 -19.23 68.14
CBD CLA RH . -50.26 -17.80 66.18
CGD CLA RH . -49.22 -18.67 65.53
O1D CLA RH . -48.12 -18.25 65.27
O2D CLA RH . -49.55 -20.05 65.20
CED CLA RH . -48.65 -20.83 64.43
C1 CLA RH . -55.90 -14.15 63.97
C2 CLA RH . -56.00 -12.66 64.18
C3 CLA RH . -56.88 -12.12 65.04
C4 CLA RH . -57.81 -12.99 65.83
C5 CLA RH . -56.93 -10.62 65.20
C6 CLA RH . -57.54 -10.18 66.53
C7 CLA RH . -58.07 -8.75 66.43
C8 CLA RH . -57.11 -7.76 67.08
C9 CLA RH . -57.18 -7.85 68.59
C10 CLA RH . -57.41 -6.35 66.59
C11 CLA RH . -56.30 -5.39 67.00
C12 CLA RH . -56.29 -4.17 66.09
MG CLA SH . -52.00 -11.13 59.38
CHA CLA SH . -55.32 -11.43 60.33
CHB CLA SH . -52.22 -7.82 59.91
CHC CLA SH . -48.66 -11.00 58.91
CHD CLA SH . -51.84 -14.84 59.23
NA CLA SH . -53.48 -9.84 60.04
C1A CLA SH . -54.72 -10.04 60.30
C2A CLA SH . -55.55 -8.81 60.59
C3A CLA SH . -54.54 -7.70 60.40
C4A CLA SH . -53.33 -8.52 60.10
CMA CLA SH . -54.88 -6.86 59.18
CAA CLA SH . -55.96 -8.69 62.05
CBA CLA SH . -56.87 -7.49 62.32
CGA CLA SH . -58.26 -7.73 61.80
O1A CLA SH . -58.70 -8.86 61.64
O2A CLA SH . -59.12 -6.60 61.48
NB CLA SH . -50.63 -9.62 59.42
C1B CLA SH . -50.89 -8.32 59.59
C2B CLA SH . -49.73 -7.42 59.42
C3B CLA SH . -48.63 -8.36 59.13
C4B CLA SH . -49.32 -9.71 59.15
CMB CLA SH . -49.66 -5.91 59.53
CAB CLA SH . -47.22 -8.00 58.85
CBB CLA SH . -46.16 -8.73 59.11
NC CLA SH . -50.58 -12.62 59.16
C1C CLA SH . -49.29 -12.34 58.93
C2C CLA SH . -48.44 -13.53 58.66
C3C CLA SH . -49.38 -14.65 58.75
C4C CLA SH . -50.67 -13.97 59.07
CMC CLA SH . -46.96 -13.58 58.37
CAC CLA SH . -49.13 -16.12 58.58
CBC CLA SH . -49.22 -16.40 57.09
ND CLA SH . -53.17 -12.78 59.71
C1D CLA SH . -53.11 -14.21 59.59
C2D CLA SH . -54.37 -14.93 59.86
C3D CLA SH . -55.26 -13.77 60.15
C4D CLA SH . -54.50 -12.62 60.07
CMD CLA SH . -54.84 -16.36 59.86
CAD CLA SH . -56.64 -13.36 60.54
OBD CLA SH . -57.63 -14.17 60.71
CBD CLA SH . -56.70 -11.90 60.63
CGD CLA SH . -57.63 -11.44 59.54
O1D CLA SH . -57.19 -10.98 58.51
O2D CLA SH . -59.07 -11.55 59.72
CED CLA SH . -59.94 -11.53 58.60
C1 CLA SH . -60.13 -6.71 60.48
C2 CLA SH . -59.83 -5.75 59.36
C3 CLA SH . -60.51 -4.60 59.21
C4 CLA SH . -61.62 -4.22 60.14
C5 CLA SH . -60.17 -3.67 58.06
C6 CLA SH . -60.90 -4.01 56.77
C7 CLA SH . -62.06 -3.05 56.53
MG CHL TH . -43.16 -13.90 55.68
CHA CHL TH . -41.62 -16.61 54.32
CHB CHL TH . -40.23 -12.91 56.93
CHC CHL TH . -44.55 -10.85 56.08
CHD CHL TH . -46.35 -15.24 54.59
NA CHL TH . -41.30 -14.57 55.60
C1A CHL TH . -40.79 -15.57 54.97
C2A CHL TH . -39.29 -15.65 54.89
C3A CHL TH . -38.92 -14.72 56.02
C4A CHL TH . -40.24 -14.02 56.21
CMA CHL TH . -38.59 -15.51 57.28
CAA CHL TH . -38.71 -15.19 53.53
CBA CHL TH . -39.51 -14.11 52.81
CGA CHL TH . -40.04 -14.62 51.48
O1A CHL TH . -39.30 -14.66 50.51
O2A CHL TH . -41.42 -15.04 51.35
NB CHL TH . -42.47 -12.11 56.38
C1B CHL TH . -41.29 -11.89 56.96
C2B CHL TH . -41.12 -10.56 57.60
C3B CHL TH . -42.44 -9.94 57.33
C4B CHL TH . -43.18 -10.99 56.57
CMB CHL TH . -39.93 -9.99 58.32
CAB CHL TH . -42.91 -8.60 57.73
CBB CHL TH . -43.41 -7.73 56.85
NC CHL TH . -45.08 -13.20 55.38
C1C CHL TH . -45.44 -11.92 55.60
C2C CHL TH . -46.87 -11.64 55.32
C3C CHL TH . -47.39 -12.94 54.89
C4C CHL TH . -46.19 -13.82 54.96
CMC CHL TH . -47.64 -10.38 55.45
OMC CHL TH . -47.14 -9.29 55.23
CAC CHL TH . -48.80 -13.31 54.46
CBC CHL TH . -48.94 -12.84 53.03
ND CHL TH . -43.95 -15.50 54.69
C1D CHL TH . -45.12 -15.98 54.30
C2D CHL TH . -45.11 -17.29 53.58
C3D CHL TH . -43.65 -17.53 53.59
C4D CHL TH . -43.07 -16.46 54.25
CMD CHL TH . -46.11 -18.21 52.96
CAD CHL TH . -42.55 -18.44 53.19
OBD CHL TH . -42.70 -19.55 52.57
CBD CHL TH . -41.26 -17.88 53.64
CGD CHL TH . -40.69 -18.86 54.63
O1D CHL TH . -40.88 -18.74 55.83
O2D CHL TH . -39.94 -20.00 54.13
CED CHL TH . -39.57 -21.05 55.03
C1 CHL TH . -41.91 -15.54 50.11
C2 CHL TH . -41.85 -17.04 50.10
MG CLA UH . -53.02 5.04 63.18
CHA CLA UH . -50.25 3.37 64.42
CHB CLA UH . -54.63 2.07 62.98
CHC CLA UH . -55.49 6.65 61.56
CHD CLA UH . -50.97 8.12 63.04
NA CLA UH . -52.52 3.06 63.58
C1A CLA UH . -51.49 2.55 64.14
C2A CLA UH . -51.56 1.07 64.47
C3A CLA UH . -52.95 0.71 63.98
C4A CLA UH . -53.39 2.05 63.49
CMA CLA UH . -52.84 -0.25 62.80
CAA CLA UH . -51.53 0.72 65.96
CBA CLA UH . -52.35 1.65 66.84
CGA CLA UH . -52.33 1.11 68.25
O1A CLA UH . -52.09 -0.07 68.45
O2A CLA UH . -52.57 2.00 69.39
NB CLA UH . -54.80 4.44 62.37
C1B CLA UH . -55.33 3.22 62.42
C2B CLA UH . -56.70 3.11 61.86
C3B CLA UH . -56.96 4.50 61.42
C4B CLA UH . -55.71 5.22 61.80
CMB CLA UH . -57.58 1.90 61.75
CAB CLA UH . -58.19 5.03 60.77
CBB CLA UH . -58.86 6.09 61.22
NC CLA UH . -53.15 6.95 62.41
C1C CLA UH . -54.29 7.44 61.88
C2C CLA UH . -54.30 8.89 61.61
C3C CLA UH . -52.96 9.32 62.05
C4C CLA UH . -52.35 8.05 62.52
CMC CLA UH . -55.40 9.73 61.03
CAC CLA UH . -52.36 10.71 62.02
CBC CLA UH . -52.70 11.33 63.36
ND CLA UH . -51.13 5.68 63.55
C1D CLA UH . -50.37 6.89 63.55
C2D CLA UH . -48.99 6.79 64.10
C3D CLA UH . -48.97 5.34 64.43
C4D CLA UH . -50.20 4.81 64.10
CMD CLA UH . -47.82 7.71 64.32
CAD CLA UH . -48.15 4.26 65.00
OBD CLA UH . -46.95 4.39 65.42
CBD CLA UH . -48.93 3.01 65.00
CGD CLA UH . -48.17 1.96 64.26
O1D CLA UH . -48.52 1.58 63.15
O2D CLA UH . -47.00 1.38 64.88
CED CLA UH . -46.72 -0.01 64.72
C1 CLA UH . -53.19 1.47 70.56
C2 CLA UH . -54.58 1.01 70.19
C3 CLA UH . -55.68 1.70 70.52
C4 CLA UH . -55.61 2.98 71.29
C5 CLA UH . -57.02 1.16 70.09
C6 CLA UH . -56.99 0.65 68.65
C7 CLA UH . -58.14 1.21 67.82
C8 CLA UH . -57.67 1.55 66.41
C9 CLA UH . -57.08 0.34 65.70
C10 CLA UH . -56.65 2.69 66.46
C11 CLA UH . -57.34 4.03 66.67
C12 CLA UH . -57.43 4.79 65.34
C13 CLA UH . -58.25 6.06 65.46
C14 CLA UH . -59.73 5.77 65.18
C15 CLA UH . -57.71 7.09 64.48
C16 CLA UH . -58.46 8.42 64.53
C17 CLA UH . -57.91 9.35 65.61
C18 CLA UH . -56.91 10.36 65.04
C19 CLA UH . -56.37 11.26 66.15
C20 CLA UH . -57.54 11.19 63.93
MG CLA VH . -45.99 1.13 55.62
CHA CLA VH . -43.45 3.39 56.33
CHB CLA VH . -47.08 3.24 53.22
CHC CLA VH . -47.84 -1.42 54.38
CHD CLA VH . -44.42 -1.22 58.01
NA CLA VH . -45.36 2.96 54.87
C1A CLA VH . -44.47 3.79 55.29
C2A CLA VH . -44.44 5.15 54.60
C3A CLA VH . -45.63 5.05 53.67
C4A CLA VH . -46.04 3.65 53.95
CMA CLA VH . -46.72 5.98 54.16
CAA CLA VH . -43.23 5.24 53.66
CBA CLA VH . -43.29 6.31 52.58
CGA CLA VH . -43.01 5.60 51.27
O1A CLA VH . -43.69 5.83 50.29
O2A CLA VH . -41.94 4.62 51.18
NB CLA VH . -47.20 0.93 53.99
C1B CLA VH . -47.71 1.93 53.27
C2B CLA VH . -48.93 1.62 52.48
C3B CLA VH . -49.15 0.20 52.84
C4B CLA VH . -48.02 -0.11 53.75
CMB CLA VH . -49.72 2.51 51.58
CAB CLA VH . -50.23 -0.71 52.37
CBB CLA VH . -49.96 -1.82 51.71
NC CLA VH . -46.11 -0.87 56.12
C1C CLA VH . -46.89 -1.73 55.45
C2C CLA VH . -46.75 -3.15 55.86
C3C CLA VH . -45.75 -3.09 56.94
C4C CLA VH . -45.43 -1.64 57.01
CMC CLA VH . -47.48 -4.35 55.32
CAC CLA VH . -45.18 -4.22 57.76
CBC CLA VH . -46.16 -4.50 58.87
ND CLA VH . -44.39 1.01 56.88
C1D CLA VH . -43.79 0.09 57.80
C2D CLA VH . -42.56 0.56 58.49
C3D CLA VH . -42.44 1.91 57.87
C4D CLA VH . -43.48 2.07 56.97
CMD CLA VH . -41.60 0.02 59.51
CAD CLA VH . -41.62 3.15 57.83
OBD CLA VH . -40.56 3.37 58.53
CBD CLA VH . -42.23 4.08 56.87
CGD CLA VH . -42.51 5.39 57.50
O1D CLA VH . -43.54 5.61 58.11
O2D CLA VH . -41.54 6.46 57.34
CED CLA VH . -41.94 7.82 57.44
C1 CLA VH . -41.90 3.73 50.05
C2 CLA VH . -42.02 2.30 50.49
C3 CLA VH . -41.09 1.37 50.16
C4 CLA VH . -39.90 1.74 49.33
C5 CLA VH . -41.23 -0.05 50.62
C6 CLA VH . -40.07 -0.44 51.51
C7 CLA VH . -39.75 -1.92 51.50
C8 CLA VH . -38.85 -2.30 52.68
C9 CLA VH . -37.61 -1.41 52.75
C10 CLA VH . -38.42 -3.76 52.58
C11 CLA VH . -37.87 -4.23 53.92
C12 CLA VH . -37.14 -5.55 53.83
C13 CLA VH . -38.08 -6.74 53.69
C14 CLA VH . -39.21 -6.72 54.71
C15 CLA VH . -37.27 -8.03 53.82
C16 CLA VH . -36.70 -8.21 55.22
C17 CLA VH . -36.37 -9.66 55.50
C18 CLA VH . -35.84 -9.83 56.92
C19 CLA VH . -34.45 -9.22 57.05
C20 CLA VH . -35.85 -11.30 57.33
MG CLA WH . -45.84 4.18 72.38
CHA CLA WH . -47.87 6.99 72.37
CHB CLA WH . -44.36 5.36 75.18
CHC CLA WH . -44.48 1.13 72.74
CHD CLA WH . -47.71 2.98 69.42
NA CLA WH . -46.09 5.84 73.59
C1A CLA WH . -46.81 6.89 73.44
C2A CLA WH . -46.60 7.98 74.44
C3A CLA WH . -45.43 7.48 75.25
C4A CLA WH . -45.29 6.14 74.62
CMA CLA WH . -44.24 8.31 74.79
CAA CLA WH . -47.73 8.00 75.50
CBA CLA WH . -48.52 6.71 75.76
CGA CLA WH . -47.90 5.82 76.84
O1A CLA WH . -47.36 6.34 77.80
O2A CLA WH . -47.84 4.38 76.77
NB CLA WH . -44.61 3.36 73.78
C1B CLA WH . -44.01 4.00 74.78
C2B CLA WH . -43.03 3.20 75.55
C3B CLA WH . -43.07 1.92 74.81
C4B CLA WH . -44.09 2.14 73.74
CMB CLA WH . -42.21 3.58 76.75
CAB CLA WH . -42.28 0.69 75.10
CBB CLA WH . -42.87 -0.40 75.52
NC CLA WH . -46.06 2.44 71.30
C1C CLA WH . -45.42 1.30 71.62
C2C CLA WH . -45.75 0.15 70.71
C3C CLA WH . -46.70 0.73 69.75
C4C CLA WH . -46.81 2.13 70.20
CMC CLA WH . -45.28 -1.26 70.71
CAC CLA WH . -47.38 0.05 68.59
CBC CLA WH . -48.67 -0.53 69.15
ND CLA WH . -47.37 4.75 71.16
C1D CLA WH . -48.09 4.26 70.02
C2D CLA WH . -49.19 5.11 69.53
C3D CLA WH . -49.09 6.23 70.50
C4D CLA WH . -48.07 5.91 71.40
CMD CLA WH . -50.18 5.02 68.40
CAD CLA WH . -49.66 7.54 70.93
OBD CLA WH . -50.64 8.15 70.36
CBD CLA WH . -48.93 8.02 72.11
CGD CLA WH . -48.40 9.38 71.82
O1D CLA WH . -47.71 9.55 70.84
O2D CLA WH . -48.73 10.47 72.71
CED CLA WH . -48.47 11.82 72.34
C1 CLA WH . -46.82 3.78 77.56
C2 CLA WH . -46.52 2.35 77.18
C3 CLA WH . -46.53 1.37 78.11
C4 CLA WH . -46.85 1.69 79.54
C5 CLA WH . -46.23 -0.04 77.71
C6 CLA WH . -46.91 -1.06 78.62
C7 CLA WH . -46.52 -2.50 78.31
C8 CLA WH . -47.51 -3.29 77.44
C9 CLA WH . -48.89 -2.66 77.31
C10 CLA WH . -47.64 -4.69 78.02
C11 CLA WH . -46.97 -5.73 77.15
C12 CLA WH . -47.89 -6.20 76.03
C13 CLA WH . -47.19 -7.19 75.11
C14 CLA WH . -48.13 -7.65 73.99
C15 CLA WH . -46.67 -8.38 75.90
MG CLA XH . -29.91 1.06 80.69
CHA CLA XH . -32.97 2.70 80.86
CHB CLA XH . -28.93 2.76 83.44
CHC CLA XH . -27.19 -0.94 80.79
CHD CLA XH . -31.29 -1.00 77.94
NA CLA XH . -30.79 2.45 81.96
C1A CLA XH . -31.93 3.05 81.91
C2A CLA XH . -32.20 4.09 82.98
C3A CLA XH . -30.88 4.10 83.73
C4A CLA XH . -30.16 3.04 82.98
CMA CLA XH . -30.19 5.43 83.51
CAA CLA XH . -33.24 3.64 84.01
CBA CLA XH . -33.26 2.13 84.26
CGA CLA XH . -33.91 1.74 85.56
O1A CLA XH . -33.55 2.25 86.61
O2A CLA XH . -34.98 0.75 85.57
NB CLA XH . -28.32 0.91 81.98
C1B CLA XH . -27.99 1.77 82.93
C2B CLA XH . -26.61 1.64 83.47
C3B CLA XH . -26.08 0.52 82.66
C4B CLA XH . -27.24 0.15 81.79
CMB CLA XH . -25.93 2.45 84.54
CAB CLA XH . -24.74 -0.11 82.72
CBB CLA XH . -24.58 -1.40 82.97
NC CLA XH . -29.37 -0.58 79.58
C1C CLA XH . -28.25 -1.28 79.83
C2C CLA XH . -28.09 -2.52 79.03
C3C CLA XH . -29.30 -2.53 78.19
C4C CLA XH . -30.00 -1.29 78.61
CMC CLA XH . -26.96 -3.53 79.08
CAC CLA XH . -29.73 -3.55 77.16
CBC CLA XH . -28.93 -3.29 75.90
ND CLA XH . -31.63 0.80 79.65
C1D CLA XH . -32.12 0.06 78.53
C2D CLA XH . -33.47 0.43 78.05
C3D CLA XH . -33.81 1.51 79.01
C4D CLA XH . -32.72 1.65 79.86
CMD CLA XH . -34.38 -0.05 76.95
CAD CLA XH . -34.83 2.50 79.43
OBD CLA XH . -35.97 2.66 78.86
CBD CLA XH . -34.32 3.26 80.59
CGD CLA XH . -34.29 4.73 80.29
O1D CLA XH . -33.34 5.22 79.70
O2D CLA XH . -35.36 5.57 80.76
CED CLA XH . -35.09 6.88 81.25
C1 CLA XH . -34.66 -0.63 85.46
C2 CLA XH . -35.77 -1.37 84.76
C3 CLA XH . -36.05 -2.66 85.02
C4 CLA XH . -35.25 -3.44 86.03
C5 CLA XH . -37.19 -3.35 84.30
C6 CLA XH . -36.83 -3.89 82.92
C7 CLA XH . -37.16 -5.38 82.79
C8 CLA XH . -38.08 -5.66 81.61
C9 CLA XH . -39.36 -4.84 81.68
C10 CLA XH . -38.41 -7.14 81.57
C11 CLA XH . -37.29 -7.95 80.92
C12 CLA XH . -37.45 -9.44 81.20
C13 CLA XH . -37.18 -10.27 79.95
C14 CLA XH . -38.38 -10.23 79.01
C15 CLA XH . -36.85 -11.70 80.35
C16 CLA XH . -35.86 -12.34 79.40
C17 CLA XH . -35.03 -13.41 80.10
C18 CLA XH . -33.70 -13.64 79.39
C19 CLA XH . -32.90 -14.73 80.08
C20 CLA XH . -32.89 -12.35 79.30
MG CLA YH . -38.24 -3.42 78.56
CHA CLA YH . -38.43 -0.62 80.59
CHB CLA YH . -41.60 -3.28 78.21
CHC CLA YH . -38.07 -6.50 77.18
CHD CLA YH . -34.64 -3.62 79.37
NA CLA YH . -39.76 -2.21 79.30
C1A CLA YH . -39.69 -1.09 79.93
C2A CLA YH . -41.00 -0.33 80.08
C3A CLA YH . -41.98 -1.22 79.32
C4A CLA YH . -41.03 -2.31 78.91
CMA CLA YH . -43.01 -1.82 80.28
CAA CLA YH . -41.04 1.04 79.44
CBA CLA YH . -41.43 2.04 80.52
CGA CLA YH . -42.90 1.95 80.84
O1A CLA YH . -43.71 2.61 80.22
O2A CLA YH . -43.38 1.05 81.89
NB CLA YH . -39.64 -4.69 77.79
C1B CLA YH . -40.95 -4.49 77.71
C2B CLA YH . -41.74 -5.61 77.12
C3B CLA YH . -40.67 -6.59 76.80
C4B CLA YH . -39.42 -5.91 77.26
CMB CLA YH . -43.22 -5.70 76.90
CAB CLA YH . -40.90 -7.92 76.18
CBB CLA YH . -40.05 -8.56 75.40
NC CLA YH . -36.67 -4.73 78.31
C1C CLA YH . -36.84 -5.95 77.76
C2C CLA YH . -35.63 -6.80 77.77
C3C CLA YH . -34.62 -5.96 78.42
C4C CLA YH . -35.37 -4.70 78.70
CMC CLA YH . -35.48 -8.21 77.26
CAC CLA YH . -33.17 -6.25 78.73
CBC CLA YH . -33.15 -6.89 80.09
ND CLA YH . -36.83 -2.44 79.65
C1D CLA YH . -35.43 -2.54 79.97
C2D CLA YH . -34.91 -1.54 80.92
C3D CLA YH . -36.15 -0.76 81.17
C4D CLA YH . -37.17 -1.35 80.43
CMD CLA YH . -33.58 -1.22 81.55
CAD CLA YH . -36.74 0.40 81.89
OBD CLA YH . -36.11 1.17 82.69
CBD CLA YH . -38.18 0.47 81.58
CGD CLA YH . -38.91 0.16 82.84
O1D CLA YH . -39.26 -0.99 83.09
O2D CLA YH . -39.23 1.21 83.79
CED CLA YH . -39.94 0.89 84.98
C1 CLA YH . -44.60 1.32 82.58
C2 CLA YH . -44.39 1.12 84.06
C3 CLA YH . -45.11 0.22 84.77
C4 CLA YH . -44.85 0.07 86.23
C5 CLA YH . -46.17 -0.64 84.10
C6 CLA YH . -45.69 -2.04 83.78
C7 CLA YH . -46.48 -2.63 82.61
MG CLA ZH . -27.73 -13.44 69.28
CHA CLA ZH . -26.56 -16.72 69.26
CHB CLA ZH . -28.22 -13.71 72.60
CHC CLA ZH . -28.28 -10.10 69.32
CHD CLA ZH . -26.76 -13.20 65.71
NA CLA ZH . -27.41 -14.93 70.70
C1A CLA ZH . -27.06 -16.16 70.57
C2A CLA ZH . -27.08 -16.99 71.83
C3A CLA ZH . -27.63 -16.01 72.86
C4A CLA ZH . -27.77 -14.80 71.98
CMA CLA ZH . -28.98 -16.49 73.36
CAA CLA ZH . -25.69 -17.40 72.36
CBA CLA ZH . -24.74 -16.29 72.81
CGA CLA ZH . -24.03 -15.66 71.64
O1A CLA ZH . -23.11 -16.23 71.10
O2A CLA ZH . -24.49 -14.37 71.13
NB CLA ZH . -28.18 -12.11 70.75
C1B CLA ZH . -28.41 -12.37 72.04
C2B CLA ZH . -28.79 -11.21 72.88
C3B CLA ZH . -28.81 -10.12 71.87
C4B CLA ZH . -28.42 -10.80 70.61
CMB CLA ZH . -29.11 -11.16 74.34
CAB CLA ZH . -29.14 -8.68 72.09
CBB CLA ZH . -30.11 -8.09 71.42
NC CLA ZH . -27.58 -12.00 67.81
C1C CLA ZH . -27.79 -10.69 68.06
C2C CLA ZH . -27.48 -9.79 66.93
C3C CLA ZH . -27.04 -10.70 65.87
C4C CLA ZH . -27.14 -12.03 66.53
CMC CLA ZH . -27.59 -8.29 66.86
CAC CLA ZH . -26.59 -10.39 64.46
CBC CLA ZH . -25.14 -9.96 64.54
ND CLA ZH . -26.87 -14.56 67.81
C1D CLA ZH . -26.54 -14.46 66.41
C2D CLA ZH . -25.99 -15.69 65.79
C3D CLA ZH . -26.01 -16.60 66.97
C4D CLA ZH . -26.51 -15.89 68.05
CMD CLA ZH . -25.51 -16.08 64.43
CAD CLA ZH . -25.68 -17.98 67.44
OBD CLA ZH . -25.20 -18.92 66.72
CBD CLA ZH . -26.02 -18.06 68.87
CGD CLA ZH . -26.91 -19.23 69.17
O1D CLA ZH . -27.89 -19.48 68.49
O2D CLA ZH . -26.58 -20.10 70.28
CED CLA ZH . -27.10 -21.43 70.32
C1 CLA ZH . -24.13 -13.91 69.83
C2 CLA ZH . -23.09 -12.81 69.97
C3 CLA ZH . -23.18 -11.62 69.38
C4 CLA ZH . -24.34 -11.28 68.52
C5 CLA ZH . -22.10 -10.60 69.59
C6 CLA ZH . -22.43 -9.67 70.74
C7 CLA ZH . -22.85 -8.29 70.22
C8 CLA ZH . -24.15 -7.85 70.88
C9 CLA ZH . -25.30 -7.87 69.88
C10 CLA ZH . -23.95 -6.45 71.45
C11 CLA ZH . -25.08 -6.08 72.41
C12 CLA ZH . -25.08 -7.01 73.63
C13 CLA ZH . -25.22 -6.20 74.91
C14 CLA ZH . -23.98 -5.33 75.13
C15 CLA ZH . -25.44 -7.13 76.10
C16 CLA ZH . -26.70 -7.98 75.96
C17 CLA ZH . -27.95 -7.12 76.02
C18 CLA ZH . -29.16 -7.94 76.42
C19 CLA ZH . -30.45 -7.15 76.23
C20 CLA ZH . -29.05 -8.42 77.86
MG CLA AI . -23.67 -16.01 77.64
CHA CLA AI . -21.30 -14.78 75.43
CHB CLA AI . -21.20 -17.72 79.18
CHC CLA AI . -25.90 -16.78 80.06
CHD CLA AI . -26.10 -13.63 76.20
NA CLA AI . -21.62 -16.19 77.40
C1A CLA AI . -20.84 -15.75 76.47
C2A CLA AI . -19.41 -16.26 76.51
C3A CLA AI . -19.45 -17.21 77.68
C4A CLA AI . -20.86 -17.02 78.12
CMA CLA AI . -19.33 -18.62 77.13
CAA CLA AI . -18.40 -15.17 76.91
CBA CLA AI . -18.86 -14.21 78.00
CGA CLA AI . -18.34 -12.81 77.74
O1A CLA AI . -17.87 -12.16 78.65
O2A CLA AI . -18.41 -12.22 76.41
NB CLA AI . -23.55 -17.10 79.36
C1B CLA AI . -22.50 -17.76 79.84
C2B CLA AI . -22.72 -18.49 81.12
C3B CLA AI . -24.14 -18.20 81.37
C4B CLA AI . -24.54 -17.34 80.23
CMB CLA AI . -21.75 -19.32 81.92
CAB CLA AI . -24.98 -18.66 82.51
CBB CLA AI . -25.55 -17.79 83.33
NC CLA AI . -25.61 -15.38 77.98
C1C CLA AI . -26.29 -15.74 79.09
C2C CLA AI . -27.53 -14.97 79.34
C3C CLA AI . -27.58 -14.03 78.19
C4C CLA AI . -26.35 -14.39 77.43
CMC CLA AI . -28.50 -15.10 80.48
CAC CLA AI . -28.60 -12.98 77.86
CBC CLA AI . -29.71 -13.70 77.14
ND CLA AI . -23.78 -14.52 76.25
C1D CLA AI . -24.76 -13.68 75.62
C2D CLA AI . -24.29 -12.93 74.42
C3D CLA AI . -22.88 -13.40 74.37
C4D CLA AI . -22.69 -14.27 75.42
CMD CLA AI . -24.90 -11.96 73.45
CAD CLA AI . -21.60 -13.29 73.63
OBD CLA AI . -21.39 -12.57 72.59
CBD CLA AI . -20.60 -14.16 74.27
CGD CLA AI . -20.20 -15.22 73.28
O1D CLA AI . -20.93 -16.18 73.05
O2D CLA AI . -18.90 -15.15 72.63
CED CLA AI . -18.27 -16.33 72.16
C1 CLA AI . -18.72 -10.84 76.29
C2 CLA AI . -20.13 -10.64 76.78
C3 CLA AI . -21.13 -10.21 75.99
C4 CLA AI . -20.88 -9.87 74.55
C5 CLA AI . -22.51 -10.06 76.58
C6 CLA AI . -22.89 -11.27 77.42
C7 CLA AI . -23.79 -10.88 78.59
C8 CLA AI . -24.27 -12.12 79.34
C9 CLA AI . -25.51 -11.80 80.17
C10 CLA AI . -23.14 -12.66 80.21
C11 CLA AI . -23.59 -13.88 81.01
C12 CLA AI . -22.56 -14.23 82.08
C13 CLA AI . -23.24 -14.78 83.33
C14 CLA AI . -24.25 -13.79 83.91
C15 CLA AI . -22.18 -15.14 84.37
C16 CLA AI . -22.72 -16.07 85.45
C17 CLA AI . -21.58 -16.60 86.32
C18 CLA AI . -22.07 -17.72 87.23
C19 CLA AI . -22.95 -17.19 88.35
C20 CLA AI . -20.89 -18.52 87.79
MG CLA BI . -18.73 -13.21 60.88
CHA CLA BI . -22.18 -13.55 60.59
CHB CLA BI . -18.45 -14.01 57.62
CHC CLA BI . -15.40 -13.26 61.34
CHD CLA BI . -19.21 -12.49 64.48
NA CLA BI . -20.07 -13.71 59.36
C1A CLA BI . -21.36 -13.79 59.34
C2A CLA BI . -21.98 -14.14 58.00
C3A CLA BI . -20.76 -14.30 57.12
C4A CLA BI . -19.70 -13.98 58.11
CMA CLA BI . -20.60 -15.75 56.70
CAA CLA BI . -22.81 -13.02 57.38
CBA CLA BI . -23.38 -13.39 56.00
CGA CLA BI . -24.45 -14.46 56.06
O1A CLA BI . -24.16 -15.65 56.07
O2A CLA BI . -25.85 -14.10 56.10
NB CLA BI . -17.16 -13.65 59.66
C1B CLA BI . -17.20 -13.76 58.34
C2B CLA BI . -15.90 -13.60 57.64
C3B CLA BI . -14.98 -13.37 58.77
C4B CLA BI . -15.87 -13.43 59.96
CMB CLA BI . -15.60 -13.66 56.17
CAB CLA BI . -13.51 -13.14 58.74
CBB CLA BI . -12.97 -12.05 59.26
NC CLA BI . -17.59 -12.99 62.57
C1C CLA BI . -16.24 -12.93 62.52
C2C CLA BI . -15.57 -12.50 63.76
C3C CLA BI . -16.70 -12.28 64.68
C4C CLA BI . -17.89 -12.60 63.84
CMC CLA BI . -14.10 -12.34 64.02
CAC CLA BI . -16.66 -11.83 66.12
CBC CLA BI . -16.75 -10.31 66.09
ND CLA BI . -20.22 -13.05 62.26
C1D CLA BI . -20.39 -12.74 63.65
C2D CLA BI . -21.79 -12.71 64.13
C3D CLA BI . -22.50 -13.04 62.87
C4D CLA BI . -21.55 -13.20 61.87
CMD CLA BI . -22.48 -12.45 65.45
CAD CLA BI . -23.83 -13.26 62.24
OBD CLA BI . -24.96 -13.19 62.85
CBD CLA BI . -23.65 -13.58 60.82
CGD CLA BI . -24.16 -14.98 60.60
O1D CLA BI . -23.55 -15.94 61.03
O2D CLA BI . -25.41 -15.20 59.88
CED CLA BI . -25.87 -16.53 59.66
C1 CLA BI . -26.84 -15.05 55.74
C1 LUT CI . -33.66 -13.72 73.80
C2 LUT CI . -33.63 -15.03 73.05
C3 LUT CI . -32.30 -15.25 72.37
C4 LUT CI . -32.11 -14.17 71.32
C5 LUT CI . -32.40 -12.79 71.85
C6 LUT CI . -33.11 -12.56 72.98
C7 LUT CI . -33.32 -11.16 73.47
C8 LUT CI . -34.32 -10.37 73.05
C9 LUT CI . -34.54 -9.01 73.53
C10 LUT CI . -35.78 -8.54 73.36
C11 LUT CI . -36.28 -7.22 73.74
C12 LUT CI . -37.52 -6.98 73.33
C13 LUT CI . -38.26 -5.74 73.62
C14 LUT CI . -39.57 -5.77 73.38
C15 LUT CI . -40.45 -4.64 73.66
C16 LUT CI . -32.78 -13.84 75.04
C17 LUT CI . -35.10 -13.54 74.27
C18 LUT CI . -31.81 -11.69 71.01
C19 LUT CI . -33.44 -8.19 74.14
C20 LUT CI . -37.56 -4.52 74.17
O3 LUT CI . -32.27 -16.53 71.74
C21 LUT CI . -51.21 1.73 76.21
C22 LUT CI . -51.74 3.05 76.78
C23 LUT CI . -52.00 4.14 75.74
C24 LUT CI . -50.93 4.18 74.68
C25 LUT CI . -50.29 3.07 74.29
C26 LUT CI . -50.01 1.97 75.28
C27 LUT CI . -49.64 0.67 74.60
C28 LUT CI . -48.40 0.22 74.72
C29 LUT CI . -47.98 -1.05 74.09
C30 LUT CI . -46.75 -1.47 74.38
C31 LUT CI . -46.16 -2.70 73.88
C32 LUT CI . -44.85 -2.77 74.05
C33 LUT CI . -44.01 -3.91 73.66
C34 LUT CI . -42.69 -3.78 73.86
C35 LUT CI . -41.76 -4.86 73.56
C36 LUT CI . -52.32 0.98 75.49
C37 LUT CI . -50.75 0.89 77.39
C38 LUT CI . -49.86 2.95 72.86
C39 LUT CI . -48.89 -1.83 73.21
C40 LUT CI . -44.61 -5.16 73.10
O23 LUT CI . -52.02 5.39 76.42
C1 LUT DI . -43.33 -12.28 61.09
C2 LUT DI . -43.79 -13.73 61.15
C3 LUT DI . -44.50 -14.18 62.42
C4 LUT DI . -43.88 -13.54 63.64
C5 LUT DI . -43.96 -12.05 63.47
C6 LUT DI . -43.55 -11.47 62.35
C7 LUT DI . -43.30 -10.01 62.28
C8 LUT DI . -42.20 -9.41 62.76
C9 LUT DI . -42.01 -7.96 62.63
C10 LUT DI . -40.76 -7.50 62.70
C11 LUT DI . -40.37 -6.10 62.56
C12 LUT DI . -39.06 -5.94 62.46
C13 LUT DI . -38.34 -4.67 62.28
C14 LUT DI . -37.00 -4.73 62.27
C15 LUT DI . -36.14 -3.58 62.04
C16 LUT DI . -44.12 -11.59 59.98
C17 LUT DI . -41.85 -12.28 60.70
C18 LUT DI . -44.58 -11.27 64.60
C19 LUT DI . -43.18 -7.03 62.45
C20 LUT DI . -39.07 -3.38 62.07
O3 LUT DI . -44.40 -15.60 62.52
C21 LUT DI . -25.77 3.88 60.51
C22 LUT DI . -25.33 5.28 60.12
C23 LUT DI . -25.58 6.35 61.18
C24 LUT DI . -26.97 6.23 61.72
C25 LUT DI . -27.52 5.03 61.94
C26 LUT DI . -27.21 3.86 61.04
C27 LUT DI . -27.51 2.56 61.75
C28 LUT DI . -28.49 1.82 61.26
C29 LUT DI . -28.90 0.52 61.84
C30 LUT DI . -30.06 0.01 61.42
C31 LUT DI . -30.60 -1.25 61.88
C32 LUT DI . -31.91 -1.37 61.75
C33 LUT DI . -32.67 -2.57 62.15
C34 LUT DI . -33.95 -2.63 61.80
C35 LUT DI . -34.83 -3.75 62.08
C36 LUT DI . -24.78 3.30 61.51
C37 LUT DI . -25.72 3.02 59.25
C38 LUT DI . -28.44 4.88 63.11
C39 LUT DI . -28.05 -0.18 62.86
C40 LUT DI . -32.02 -3.66 62.94
O23 LUT DI . -25.40 7.64 60.60
C1 LUT EI . -52.08 -8.68 67.13
C2 LUT EI . -51.80 -9.97 67.92
C3 LUT EI . -51.73 -11.28 67.15
C4 LUT EI . -52.69 -11.29 65.98
C5 LUT EI . -52.31 -10.13 65.10
C6 LUT EI . -52.15 -8.91 65.62
C7 LUT EI . -52.00 -7.74 64.71
C8 LUT EI . -53.06 -7.04 64.30
C9 LUT EI . -52.95 -5.90 63.37
C10 LUT EI . -54.07 -5.27 63.03
C11 LUT EI . -54.11 -4.14 62.11
C12 LUT EI . -55.32 -3.78 61.70
C13 LUT EI . -55.57 -2.68 60.77
C14 LUT EI . -56.82 -2.23 60.64
C15 LUT EI . -57.18 -1.16 59.72
C16 LUT EI . -50.95 -7.71 67.40
C17 LUT EI . -53.38 -8.08 67.67
C18 LUT EI . -52.09 -10.40 63.64
C19 LUT EI . -51.61 -5.47 62.84
C20 LUT EI . -54.45 -2.09 59.96
O3 LUT EI . -52.07 -12.38 68.02
C21 LUT EI . -64.97 7.52 54.69
C22 LUT EI . -65.57 8.55 53.75
C23 LUT EI . -66.98 8.21 53.29
C24 LUT EI . -67.05 6.78 52.81
C25 LUT EI . -66.29 5.82 53.34
C26 LUT EI . -65.00 6.11 54.07
C27 LUT EI . -64.75 5.03 55.11
C28 LUT EI . -63.62 4.33 55.07
C29 LUT EI . -63.34 3.27 56.06
C30 LUT EI . -62.07 3.01 56.40
C31 LUT EI . -61.74 1.97 57.35
C32 LUT EI . -60.47 1.72 57.64
C33 LUT EI . -60.12 0.65 58.60
C34 LUT EI . -58.85 0.23 58.66
C35 LUT EI . -58.46 -0.83 59.58
C36 LUT EI . -65.67 7.57 56.04
C37 LUT EI . -63.51 7.92 54.90
C38 LUT EI . -66.75 4.39 53.19
C39 LUT EI . -64.47 2.49 56.65
C40 LUT EI . -61.18 0.06 59.48
O23 LUT EI . -67.35 9.07 52.20
O1 LHG FI . -25.63 7.10 80.78
C1 LHG FI . -24.66 6.06 80.65
C2 LHG FI . -25.04 4.90 81.55
O2 LHG FI . -24.19 3.78 81.28
C3 LHG FI . -26.48 4.51 81.26
O3 LHG FI . -26.52 3.72 80.08
P LHG FI . -27.89 3.50 79.27
O4 LHG FI . -28.89 2.84 80.19
O5 LHG FI . -28.22 4.80 78.57
O6 LHG FI . -27.46 2.43 78.17
C4 LHG FI . -28.48 1.89 77.33
C5 LHG FI . -27.95 0.76 76.46
C6 LHG FI . -29.06 0.41 75.49
O7 LHG FI . -26.82 1.22 75.71
C7 LHG FI . -25.86 0.15 75.46
O9 LHG FI . -26.07 -0.97 75.91
C8 LHG FI . -24.63 0.42 74.65
C9 LHG FI . -24.81 -0.18 73.26
C10 LHG FI . -23.69 -1.17 72.94
O8 LHG FI . -29.71 1.60 75.04
C23 LHG FI . -30.46 1.57 73.80
O10 LHG FI . -30.66 2.63 73.21
C24 LHG FI . -30.98 0.26 73.26
C11 LHG FI . -22.34 -0.48 72.92
C12 LHG FI . -21.29 -1.39 72.29
C13 LHG FI . -21.63 -1.64 70.83
C14 LHG FI . -21.12 -3.00 70.38
C15 LHG FI . -21.26 -3.16 68.86
C16 LHG FI . -20.28 -2.25 68.14
C17 LHG FI . -20.53 -2.29 66.63
C18 LHG FI . -19.48 -1.49 65.88
C19 LHG FI . -19.86 -1.33 64.41
C20 LHG FI . -19.96 -2.68 63.72
C25 LHG FI . -30.23 -0.05 71.97
C26 LHG FI . -29.22 -1.18 72.15
C27 LHG FI . -27.97 -0.85 71.35
C28 LHG FI . -27.18 -2.10 70.98
C29 LHG FI . -26.00 -1.72 70.08
C30 LHG FI . -25.28 -2.94 69.54
C31 LHG FI . -25.83 -3.33 68.18
C32 LHG FI . -24.99 -4.43 67.54
C33 LHG FI . -25.52 -4.79 66.15
C34 LHG FI . -25.52 -3.59 65.23
MG CLA GI . 25.25 -1.30 65.39
CHA CLA GI . 28.66 -0.96 64.80
CHB CLA GI . 24.90 -2.42 62.23
CHC CLA GI . 21.94 -1.44 65.97
CHD CLA GI . 25.70 0.64 68.50
NA CLA GI . 26.53 -1.58 63.77
C1A CLA GI . 27.81 -1.55 63.71
C2A CLA GI . 28.44 -2.12 62.45
C3A CLA GI . 27.22 -2.52 61.67
C4A CLA GI . 26.14 -2.14 62.64
CMA CLA GI . 27.11 -1.61 60.47
CAA CLA GI . 29.28 -3.38 62.64
CBA CLA GI . 28.61 -4.44 63.51
CGA CLA GI . 28.93 -5.81 62.94
O1A CLA GI . 28.45 -6.17 61.88
O2A CLA GI . 29.81 -6.70 63.66
NB CLA GI . 23.66 -1.91 64.27
C1B CLA GI . 23.67 -2.17 62.96
C2B CLA GI . 22.32 -2.22 62.32
C3B CLA GI . 21.44 -1.92 63.47
C4B CLA GI . 22.37 -1.77 64.61
CMB CLA GI . 21.94 -2.48 60.88
CAB CLA GI . 19.96 -1.82 63.49
CBB CLA GI . 19.22 -2.64 64.22
NC CLA GI . 24.09 -0.53 66.91
C1C CLA GI . 22.76 -0.74 66.95
C2C CLA GI . 22.09 -0.20 68.15
C3C CLA GI . 23.19 0.43 68.91
C4C CLA GI . 24.37 0.15 68.04
CMC CLA GI . 20.63 -0.28 68.47
CAC CLA GI . 23.13 1.16 70.22
CBC CLA GI . 23.56 0.19 71.27
ND CLA GI . 26.70 -0.31 66.42
C1D CLA GI . 26.87 0.33 67.70
C2D CLA GI . 28.27 0.62 68.09
C3D CLA GI . 28.98 0.09 66.90
C4D CLA GI . 28.03 -0.42 66.03
CMD CLA GI . 28.96 1.25 69.27
CAD CLA GI . 30.31 -0.12 66.27
OBD CLA GI . 31.44 0.22 66.80
CBD CLA GI . 30.13 -0.77 64.96
CGD CLA GI . 30.75 0.08 63.88
O1D CLA GI . 31.69 -0.34 63.24
O2D CLA GI . 30.24 1.39 63.56
CED CLA GI . 31.00 2.24 62.71
C1 CLA GI . 29.71 -8.10 63.48
C2 CLA GI . 28.88 -8.68 64.61
C3 CLA GI . 29.44 -9.06 65.78
C4 CLA GI . 30.91 -8.92 66.02
C5 CLA GI . 28.57 -9.63 66.87
C6 CLA GI . 28.43 -11.14 66.72
C7 CLA GI . 27.36 -11.70 67.64
C8 CLA GI . 27.15 -13.18 67.32
C9 CLA GI . 26.57 -13.32 65.91
C10 CLA GI . 26.25 -13.85 68.34
C11 CLA GI . 26.75 -13.64 69.77
C12 CLA GI . 27.90 -14.58 70.15
C13 CLA GI . 27.53 -15.54 71.28
C14 CLA GI . 26.72 -14.89 72.39
C15 CLA GI . 28.80 -16.15 71.88
C16 CLA GI . 29.68 -16.85 70.86
MG CLA HI . 12.00 0.38 65.56
CHA CLA HI . 13.43 3.51 65.40
CHB CLA HI . 9.11 1.76 64.45
CHC CLA HI . 10.75 -2.75 65.31
CHD CLA HI . 15.36 -1.03 66.17
NA CLA HI . 11.38 2.28 64.98
C1A CLA HI . 11.99 3.40 65.00
C2A CLA HI . 11.19 4.62 64.63
C3A CLA HI . 9.82 4.02 64.39
C4A CLA HI . 10.13 2.59 64.63
CMA CLA HI . 8.95 4.52 65.53
CAA CLA HI . 11.62 5.23 63.29
CBA CLA HI . 12.08 4.23 62.22
CGA CLA HI . 11.02 4.11 61.16
O1A CLA HI . 10.49 5.10 60.70
O2A CLA HI . 10.60 2.80 60.69
NB CLA HI . 10.21 -0.37 64.92
C1B CLA HI . 9.11 0.31 64.62
C2B CLA HI . 7.88 -0.50 64.52
C3B CLA HI . 8.38 -1.85 64.79
C4B CLA HI . 9.83 -1.65 65.01
CMB CLA HI . 6.48 -0.05 64.22
CAB CLA HI . 7.61 -3.11 64.81
CBB CLA HI . 7.57 -3.86 63.74
NC CLA HI . 12.89 -1.47 65.67
C1C CLA HI . 12.19 -2.62 65.62
C2C CLA HI . 12.97 -3.85 65.89
C3C CLA HI . 14.32 -3.34 66.15
C4C CLA HI . 14.16 -1.87 65.99
CMC CLA HI . 12.49 -5.28 65.91
CAC CLA HI . 15.57 -4.11 66.49
CBC CLA HI . 16.20 -4.48 65.16
ND CLA HI . 13.94 0.97 65.68
C1D CLA HI . 15.21 0.43 66.08
C2D CLA HI . 16.27 1.42 66.37
C3D CLA HI . 15.51 2.67 66.10
C4D CLA HI . 14.23 2.32 65.72
CMD CLA HI . 17.70 1.40 66.81
CAD CLA HI . 15.59 4.16 66.07
OBD CLA HI . 16.63 4.85 66.36
CBD CLA HI . 14.28 4.70 65.66
CGD CLA HI . 13.71 5.41 66.85
O1D CLA HI . 13.64 6.62 66.88
O2D CLA HI . 13.17 4.64 67.96
CED CLA HI . 12.03 5.11 68.66
C1 CLA HI . 9.25 2.39 60.86
C2 CLA HI . 9.18 0.88 60.97
C3 CLA HI . 8.28 0.17 60.28
C4 CLA HI . 7.30 0.84 59.36
C5 CLA HI . 8.26 -1.32 60.41
C6 CLA HI . 8.74 -2.01 59.15
C7 CLA HI . 8.54 -3.51 59.24
C8 CLA HI . 9.24 -4.22 58.09
C9 CLA HI . 8.48 -4.01 56.78
C10 CLA HI . 9.35 -5.70 58.41
C11 CLA HI . 10.35 -6.39 57.51
C12 CLA HI . 10.70 -7.77 58.06
C13 CLA HI . 11.75 -7.64 59.16
C14 CLA HI . 13.06 -7.09 58.62
C15 CLA HI . 11.96 -9.00 59.82
MG CLA II . 2.83 -6.83 63.78
CHA CLA II . 1.13 -4.00 62.73
CHB CLA II . 5.44 -5.82 61.86
CHC CLA II . 4.23 -9.86 64.27
CHD CLA II . -0.37 -8.16 65.10
NA CLA II . 3.20 -5.25 62.47
C1A CLA II . 2.57 -4.14 62.33
C2A CLA II . 3.30 -3.03 61.60
C3A CLA II . 4.64 -3.67 61.32
C4A CLA II . 4.40 -5.00 61.94
CMA CLA II . 4.82 -3.86 59.83
CAA CLA II . 3.55 -1.78 62.42
CBA CLA II . 4.08 -0.64 61.54
CGA CLA II . 3.20 -0.37 60.35
O1A CLA II . 2.13 0.19 60.48
O2A CLA II . 3.65 -0.75 59.03
NB CLA II . 4.61 -7.68 63.22
C1B CLA II . 5.48 -7.21 62.34
C2B CLA II . 6.50 -8.16 61.83
C3B CLA II . 6.12 -9.39 62.56
C4B CLA II . 4.96 -8.96 63.38
CMB CLA II . 7.61 -7.95 60.84
CAB CLA II . 6.78 -10.73 62.48
CBB CLA II . 7.15 -11.43 63.53
NC CLA II . 2.09 -8.59 64.55
C1C CLA II . 2.82 -9.72 64.61
C2C CLA II . 2.10 -10.93 65.07
C3C CLA II . 0.73 -10.42 65.31
C4C CLA II . 0.85 -8.98 64.96
CMC CLA II . 2.64 -12.32 65.23
CAC CLA II . -0.48 -11.18 65.80
CBC CLA II . -0.27 -11.28 67.30
ND CLA II . 0.86 -6.34 63.89
C1D CLA II . -0.35 -6.83 64.46
C2D CLA II . -1.52 -5.93 64.38
C3D CLA II . -0.89 -4.78 63.66
C4D CLA II . 0.43 -5.11 63.43
CMD CLA II . -2.96 -5.98 64.80
CAD CLA II . -1.12 -3.43 63.10
OBD CLA II . -2.23 -2.80 63.12
CBD CLA II . 0.12 -2.92 62.49
CGD CLA II . -0.12 -2.76 61.02
O1D CLA II . -0.31 -1.66 60.54
O2D CLA II . -0.10 -3.94 60.16
CED CLA II . 0.68 -3.91 58.98
C1 CLA II . 2.70 -0.91 57.97
MG CLA JI . 0.79 -18.43 77.96
CHA CLA JI . -0.55 -21.58 78.44
CHB CLA JI . -1.33 -18.02 75.35
CHC CLA JI . 1.78 -15.19 77.83
CHD CLA JI . 2.69 -18.87 81.10
NA CLA JI . -0.70 -19.56 77.07
C1A CLA JI . -1.11 -20.76 77.32
C2A CLA JI . -2.19 -21.29 76.41
C3A CLA JI . -2.36 -20.16 75.41
C4A CLA JI . -1.39 -19.19 75.98
CMA CLA JI . -1.83 -20.60 74.07
CAA CLA JI . -3.52 -21.42 77.17
CBA CLA JI . -4.06 -20.15 77.84
CGA CLA JI . -4.94 -20.43 79.03
O1A CLA JI . -5.34 -21.56 79.27
O2A CLA JI . -5.31 -19.32 79.89
NB CLA JI . 0.26 -16.85 76.80
C1B CLA JI . -0.50 -16.88 75.70
C2B CLA JI . -0.47 -15.67 74.86
C3B CLA JI . 0.47 -14.83 75.59
C4B CLA JI . 0.84 -15.65 76.79
CMB CLA JI . -1.19 -15.39 73.58
CAB CLA JI . 0.91 -13.46 75.25
CBB CLA JI . 0.05 -12.47 75.34
NC CLA JI . 1.98 -17.31 79.21
C1C CLA JI . 2.25 -16.00 78.97
C2C CLA JI . 3.11 -15.36 79.99
C3C CLA JI . 3.37 -16.44 80.95
C4C CLA JI . 2.63 -17.59 80.37
CMC CLA JI . 3.58 -13.93 80.04
CAC CLA JI . 4.19 -16.40 82.21
CBC CLA JI . 3.24 -15.97 83.31
ND CLA JI . 1.02 -19.77 79.47
C1D CLA JI . 1.87 -19.99 80.61
C2D CLA JI . 1.83 -21.36 81.20
C3D CLA JI . 0.85 -21.99 80.28
C4D CLA JI . 0.45 -21.04 79.36
CMD CLA JI . 2.49 -22.08 82.34
CAD CLA JI . 0.11 -23.25 79.97
OBD CLA JI . 0.22 -24.35 80.62
CBD CLA JI . -0.75 -23.02 78.79
CGD CLA JI . -0.25 -23.90 77.69
O1D CLA JI . -0.54 -25.09 77.66
O2D CLA JI . 0.60 -23.34 76.66
CED CLA JI . 1.09 -24.18 75.61
C1 CLA JI . -5.37 -19.50 81.30
C2 CLA JI . -6.79 -19.53 81.79
C3 CLA JI . -7.35 -18.47 82.41
C4 CLA JI . -6.57 -17.19 82.62
C5 CLA JI . -8.78 -18.55 82.88
MG CHL KI . -6.23 -17.07 75.10
CHA CHL KI . -8.30 -16.94 77.81
CHB CHL KI . -6.05 -13.75 75.14
CHC CHL KI . -4.57 -17.28 72.13
CHD CHL KI . -6.43 -20.70 75.21
NA CHL KI . -7.14 -15.62 76.13
C1A CHL KI . -7.82 -15.66 77.21
C2A CHL KI . -8.19 -14.33 77.85
C3A CHL KI . -7.82 -13.38 76.71
C4A CHL KI . -6.95 -14.31 75.94
CMA CHL KI . -9.04 -13.03 75.89
CAA CHL KI . -7.43 -14.00 79.12
CBA CHL KI . -8.28 -13.08 79.99
CGA CHL KI . -7.49 -12.51 81.14
O1A CHL KI . -6.73 -13.22 81.77
O2A CHL KI . -7.63 -11.12 81.54
NB CHL KI . -5.44 -15.70 73.80
C1B CHL KI . -5.42 -14.39 73.99
C2B CHL KI . -4.70 -13.63 72.94
C3B CHL KI . -4.25 -14.69 72.02
C4B CHL KI . -4.77 -15.94 72.67
CMB CHL KI . -4.47 -12.15 72.82
CAB CHL KI . -3.47 -14.47 70.77
CBB CHL KI . -2.54 -15.26 70.28
NC CHL KI . -5.65 -18.66 73.93
C1C CHL KI . -4.98 -18.54 72.76
C2C CHL KI . -4.65 -19.83 72.09
C3C CHL KI . -5.22 -20.83 73.01
C4C CHL KI . -5.79 -19.99 74.10
CMC CHL KI . -3.95 -20.17 70.83
OMC CHL KI . -3.18 -19.40 70.27
CAC CHL KI . -5.19 -22.32 72.87
CBC CHL KI . -6.35 -22.67 71.96
ND CHL KI . -7.10 -18.57 76.16
C1D CHL KI . -7.15 -19.90 76.20
C2D CHL KI . -7.99 -20.50 77.27
C3D CHL KI . -8.46 -19.27 77.92
C4D CHL KI . -7.90 -18.21 77.23
CMD CHL KI . -8.36 -21.89 77.71
CAD CHL KI . -9.28 -18.69 79.02
OBD CHL KI . -9.94 -19.38 79.87
CBD CHL KI . -9.20 -17.22 78.97
CGD CHL KI . -10.58 -16.73 78.69
O1D CHL KI . -11.11 -16.88 77.59
O2D CHL KI . -11.33 -16.04 79.73
CED CHL KI . -12.27 -15.02 79.39
C1 CHL KI . -6.81 -10.59 82.59
C2 CHL KI . -6.24 -9.24 82.23
C3 CHL KI . -6.91 -8.09 82.47
C4 CHL KI . -8.27 -8.10 83.08
C5 CHL KI . -6.27 -6.77 82.10
C6 CHL KI . -6.24 -5.83 83.30
C7 CHL KI . -5.24 -4.70 83.08
C8 CHL KI . -5.22 -3.69 84.22
C9 CHL KI . -4.67 -4.32 85.51
C10 CHL KI . -6.63 -3.13 84.44
MG CHL LI . -2.73 -20.77 65.83
CHA CHL LI . -2.55 -24.00 64.81
CHB CHL LI . 0.41 -20.33 64.72
CHC CHL LI . -2.94 -17.58 66.98
CHD CHL LI . -5.86 -21.57 67.53
NA CHL LI . -1.34 -21.93 65.02
C1A CHL LI . -1.49 -23.05 64.43
C2A CHL LI . -0.54 -23.39 63.32
C3A CHL LI . 0.63 -22.52 63.75
C4A CHL LI . -0.15 -21.51 64.55
CMA CHL LI . 1.55 -23.29 64.69
CAA CHL LI . -1.11 -22.91 61.98
CBA CHL LI . -0.48 -23.68 60.84
CGA CHL LI . -1.49 -23.90 59.74
O1A CHL LI . -1.19 -24.59 58.77
O2A CHL LI . -2.81 -23.31 59.79
NB CHL LI . -1.45 -19.17 65.83
C1B CHL LI . -0.19 -19.16 65.40
C2B CHL LI . 0.55 -17.91 65.64
C3B CHL LI . -0.47 -17.08 66.33
C4B CHL LI . -1.66 -17.97 66.37
CMB CHL LI . 1.97 -17.55 65.30
CAB CHL LI . -0.33 -15.69 66.84
CBB CHL LI . -1.16 -14.72 66.54
NC CHL LI . -4.11 -19.80 67.01
C1C CHL LI . -4.03 -18.51 67.36
C2C CHL LI . -5.14 -18.00 68.21
C3C CHL LI . -5.98 -19.20 68.37
C4C CHL LI . -5.26 -20.23 67.59
CMC CHL LI . -5.38 -16.66 68.80
OMC CHL LI . -5.11 -15.64 68.20
CAC CHL LI . -7.26 -19.36 69.14
CBC CHL LI . -8.27 -18.76 68.22
ND CHL LI . -4.00 -22.32 66.17
C1D CHL LI . -5.15 -22.61 66.78
C2D CHL LI . -5.64 -24.01 66.68
C3D CHL LI . -4.56 -24.58 65.85
C4D CHL LI . -3.68 -23.54 65.62
CMD CHL LI . -6.82 -24.80 67.17
CAD CHL LI . -4.02 -25.78 65.17
OBD CHL LI . -4.56 -26.94 65.17
CBD CHL LI . -2.74 -25.44 64.50
CGD CHL LI . -1.65 -26.25 65.12
O1D CHL LI . -1.22 -25.99 66.23
O2D CHL LI . -1.09 -27.38 64.40
CED CHL LI . 0.29 -27.72 64.57
C1 CHL LI . -3.77 -23.65 58.79
C2 CHL LI . -5.03 -24.19 59.42
C3 CHL LI . -6.02 -23.38 59.83
C4 CHL LI . -5.93 -21.89 59.70
C5 CHL LI . -7.26 -23.99 60.45
MG CHL MI . -5.60 -1.45 77.99
CHA CHL MI . -2.57 -2.84 77.20
CHB CHL MI . -6.56 -4.40 79.25
CHC CHL MI . -8.43 0.10 79.14
CHD CHL MI . -4.30 1.78 76.92
NA CHL MI . -4.76 -3.26 78.18
C1A CHL MI . -3.64 -3.72 77.76
C2A CHL MI . -3.44 -5.23 77.86
C3A CHL MI . -4.84 -5.69 78.20
C4A CHL MI . -5.43 -4.36 78.56
CMA CHL MI . -5.53 -6.27 76.98
CAA CHL MI . -2.42 -5.72 78.90
CBA CHL MI . -2.74 -5.46 80.37
CGA CHL MI . -1.65 -4.62 80.99
O1A CHL MI . -1.39 -3.51 80.54
O2A CHL MI . -0.90 -5.14 82.11
NB CHL MI . -7.25 -2.07 79.03
C1B CHL MI . -7.48 -3.29 79.49
C2B CHL MI . -8.74 -3.46 80.25
C3B CHL MI . -9.28 -2.09 80.22
C4B CHL MI . -8.28 -1.33 79.42
CMB CHL MI . -9.31 -4.69 80.89
CAB CHL MI . -10.56 -1.60 80.79
CBB CHL MI . -11.67 -1.72 80.10
NC CHL MI . -6.20 0.53 78.03
C1C CHL MI . -7.39 0.96 78.52
C2C CHL MI . -7.58 2.44 78.43
C3C CHL MI . -6.35 2.89 77.78
C4C CHL MI . -5.60 1.64 77.58
CMC CHL MI . -8.67 3.35 78.83
OMC CHL MI . -9.71 2.96 79.32
CAC CHL MI . -5.96 4.28 77.40
CBC CHL MI . -5.40 4.90 78.66
ND CHL MI . -3.91 -0.59 77.24
C1D CHL MI . -3.45 0.60 76.86
C2D CHL MI . -2.06 0.67 76.36
C3D CHL MI . -1.72 -0.76 76.51
C4D CHL MI . -2.82 -1.40 77.02
CMD CHL MI . -1.12 1.71 75.82
CAD CHL MI . -0.65 -1.78 76.33
OBD CHL MI . 0.50 -1.52 75.88
CBD CHL MI . -1.16 -3.09 76.76
CGD CHL MI . -1.03 -4.04 75.62
O1D CHL MI . -1.99 -4.30 74.91
O2D CHL MI . 0.25 -4.67 75.35
CED CHL MI . 0.38 -6.08 75.32
C1 CHL MI . -0.15 -4.27 82.97
C2 CHL MI . -0.73 -4.28 84.37
C3 CHL MI . -0.57 -5.29 85.23
C4 CHL MI . 0.20 -6.54 84.86
C5 CHL MI . -1.18 -5.20 86.60
MG CLA NI . -5.38 -4.46 67.87
CHA CLA NI . -3.02 -2.25 66.59
CHB CLA NI . -7.79 -2.54 66.47
CHC CLA NI . -7.54 -6.99 68.39
CHD CLA NI . -2.61 -6.67 68.85
NA CLA NI . -5.41 -2.75 66.69
C1A CLA NI . -4.49 -1.92 66.39
C2A CLA NI . -4.93 -0.64 65.71
C3A CLA NI . -6.44 -0.76 65.78
C4A CLA NI . -6.54 -2.12 66.36
CMA CLA NI . -6.98 0.20 66.81
CAA CLA NI . -4.59 -0.63 64.19
CBA CLA NI . -5.59 -1.18 63.16
CGA CLA NI . -4.95 -1.87 61.99
O1A CLA NI . -4.49 -1.20 61.07
O2A CLA NI . -4.86 -3.32 61.94
NB CLA NI . -7.38 -4.72 67.46
C1B CLA NI . -8.23 -3.83 66.97
C2B CLA NI . -9.64 -4.25 66.86
C3B CLA NI . -9.58 -5.60 67.42
C4B CLA NI . -8.12 -5.78 67.78
CMB CLA NI . -10.83 -3.50 66.32
CAB CLA NI . -10.76 -6.49 67.58
CBB CLA NI . -10.82 -7.56 68.33
NC CLA NI . -5.12 -6.37 68.59
C1C CLA NI . -6.11 -7.27 68.54
C2C CLA NI . -5.69 -8.69 68.61
C3C CLA NI . -4.23 -8.59 68.75
C4C CLA NI . -4.01 -7.12 68.73
CMC CLA NI . -6.55 -9.92 68.55
CAC CLA NI . -3.21 -9.70 68.84
CBC CLA NI . -2.96 -9.98 70.30
ND CLA NI . -3.35 -4.55 67.78
C1D CLA NI . -2.28 -5.41 68.21
C2D CLA NI . -0.91 -4.91 67.94
C3D CLA NI . -1.23 -3.62 67.27
C4D CLA NI . -2.62 -3.52 67.21
CMD CLA NI . 0.48 -5.43 68.19
CAD CLA NI . -0.65 -2.41 66.64
OBD CLA NI . 0.59 -2.16 66.50
CBD CLA NI . -1.77 -1.54 66.20
CGD CLA NI . -1.64 -0.22 66.89
O1D CLA NI . -2.09 -0.07 68.01
O2D CLA NI . -1.03 0.89 66.20
CED CLA NI . -1.16 2.20 66.74
C1 CLA NI . -4.27 -3.95 60.80
C2 CLA NI . -5.13 -5.08 60.30
C3 CLA NI . -4.68 -6.35 60.26
C4 CLA NI . -3.29 -6.69 60.71
C5 CLA NI . -5.59 -7.44 59.75
MG CLA OI . 5.81 -1.06 80.47
CHA CLA OI . 4.17 1.61 81.92
CHB CLA OI . 8.70 0.13 81.76
CHC CLA OI . 7.23 -4.06 79.74
CHD CLA OI . 2.54 -2.37 79.40
NA CLA OI . 6.35 0.54 81.67
C1A CLA OI . 5.67 1.55 82.05
C2A CLA OI . 6.45 2.65 82.73
C3A CLA OI . 7.86 2.20 82.56
C4A CLA OI . 7.61 0.87 81.95
CMA CLA OI . 8.40 3.09 81.45
CAA CLA OI . 6.27 2.60 84.28
CBA CLA OI . 5.94 1.25 84.94
CGA CLA OI . 7.18 0.50 85.39
O1A CLA OI . 8.14 1.13 85.78
O2A CLA OI . 7.32 -0.94 85.30
NB CLA OI . 7.67 -1.85 80.75
C1B CLA OI . 8.75 -1.21 81.18
C2B CLA OI . 10.01 -1.95 81.10
C3B CLA OI . 9.58 -3.22 80.48
C4B CLA OI . 8.11 -3.04 80.33
CMB CLA OI . 11.38 -1.50 81.51
CAB CLA OI . 10.41 -4.39 80.13
CBB CLA OI . 10.29 -5.54 80.78
NC CLA OI . 5.03 -2.82 79.74
C1C CLA OI . 5.79 -3.90 79.51
C2C CLA OI . 5.06 -5.04 78.95
C3C CLA OI . 3.67 -4.55 78.84
C4C CLA OI . 3.78 -3.17 79.36
CMC CLA OI . 5.66 -6.37 78.58
CAC CLA OI . 2.44 -5.27 78.34
CBC CLA OI . 1.78 -5.88 79.57
ND CLA OI . 3.84 -0.59 80.58
C1D CLA OI . 2.57 -1.12 80.16
C2D CLA OI . 1.39 -0.32 80.53
C3D CLA OI . 2.05 0.79 81.26
C4D CLA OI . 3.42 0.53 81.27
CMD CLA OI . -0.10 -0.43 80.33
CAD CLA OI . 1.84 2.07 82.01
OBD CLA OI . 0.71 2.62 82.25
CBD CLA OI . 3.15 2.57 82.46
CGD CLA OI . 3.33 4.02 82.16
O1D CLA OI . 4.05 4.38 81.25
O2D CLA OI . 2.68 5.02 82.99
CED CLA OI . 3.04 6.39 82.84
C1 CLA OI . 8.65 -1.45 85.10
C2 CLA OI . 8.62 -2.85 84.52
C3 CLA OI . 9.20 -3.88 85.17
C4 CLA OI . 9.88 -3.67 86.50
C5 CLA OI . 9.16 -5.26 84.58
C6 CLA OI . 8.77 -6.29 85.63
C7 CLA OI . 8.92 -7.72 85.11
C8 CLA OI . 7.70 -8.55 85.48
C9 CLA OI . 7.50 -8.60 86.99
C10 CLA OI . 7.85 -9.96 84.93
C11 CLA OI . 6.50 -10.60 84.68
C12 CLA OI . 6.59 -12.10 84.87
C13 CLA OI . 7.28 -12.77 83.69
C14 CLA OI . 6.32 -12.92 82.52
C15 CLA OI . 7.84 -14.12 84.12
MG CLA PI . 23.42 -3.62 76.81
CHA CLA PI . 21.05 -1.94 78.73
CHB CLA PI . 25.81 -1.74 78.26
CHC CLA PI . 25.69 -5.70 75.43
CHD CLA PI . 20.71 -5.73 75.47
NA CLA PI . 23.45 -2.13 78.27
C1A CLA PI . 22.50 -1.52 78.88
C2A CLA PI . 22.92 -0.40 79.80
C3A CLA PI . 24.42 -0.35 79.59
C4A CLA PI . 24.57 -1.48 78.63
CMA CLA PI . 24.80 0.95 78.88
CAA CLA PI . 22.77 -0.73 81.30
CBA CLA PI . 22.98 -2.21 81.62
CGA CLA PI . 23.13 -2.47 83.10
O1A CLA PI . 23.94 -1.84 83.77
O2A CLA PI . 22.31 -3.48 83.74
NB CLA PI . 25.46 -3.72 76.89
C1B CLA PI . 26.28 -2.80 77.37
C2B CLA PI . 27.71 -2.94 77.00
C3B CLA PI . 27.66 -4.15 76.15
C4B CLA PI . 26.23 -4.54 76.16
CMB CLA PI . 28.88 -2.08 77.39
CAB CLA PI . 28.79 -4.83 75.45
CBB CLA PI . 29.08 -6.10 75.64
NC CLA PI . 23.21 -5.34 75.70
C1C CLA PI . 24.27 -6.02 75.23
C2C CLA PI . 23.94 -7.21 74.41
C3C CLA PI . 22.47 -7.22 74.42
C4C CLA PI . 22.14 -6.03 75.25
CMC CLA PI . 24.88 -8.18 73.75
CAC CLA PI . 21.55 -8.21 73.77
CBC CLA PI . 21.40 -7.76 72.34
ND CLA PI . 21.41 -3.86 76.98
C1D CLA PI . 20.36 -4.70 76.45
C2D CLA PI . 19.00 -4.42 76.96
C3D CLA PI . 19.30 -3.29 77.89
C4D CLA PI . 20.67 -3.05 77.84
CMD CLA PI . 17.63 -4.99 76.72
CAD CLA PI . 18.72 -2.32 78.86
OBD CLA PI . 17.47 -2.25 79.17
CBD CLA PI . 19.80 -1.48 79.41
CGD CLA PI . 19.54 -0.02 79.21
O1D CLA PI . 19.77 0.52 78.15
O2D CLA PI . 19.06 0.78 80.33
CED CLA PI . 19.29 2.19 80.35
C1 CLA PI . 22.89 -4.51 84.53
C2 CLA PI . 22.84 -5.83 83.80
C3 CLA PI . 21.89 -6.75 84.06
C4 CLA PI . 20.83 -6.47 85.10
C5 CLA PI . 21.88 -8.06 83.30
C6 CLA PI . 20.68 -8.96 83.58
C7 CLA PI . 19.77 -9.03 82.37
C8 CLA PI . 18.41 -9.68 82.66
C9 CLA PI . 17.70 -8.98 83.83
C10 CLA PI . 18.60 -11.17 82.95
MG CLA QI . 15.45 -7.99 80.34
CHA CLA QI . 16.72 -5.28 82.09
CHB CLA QI . 12.74 -7.88 82.36
CHC CLA QI . 14.67 -11.09 79.24
CHD CLA QI . 18.74 -8.29 78.65
NA CLA QI . 14.86 -6.84 81.97
C1A CLA QI . 15.32 -5.73 82.41
C2A CLA QI . 14.47 -4.97 83.40
C3A CLA QI . 13.22 -5.84 83.46
C4A CLA QI . 13.64 -6.92 82.53
CMA CLA QI . 13.08 -6.44 84.86
CAA CLA QI . 14.06 -3.55 82.99
CBA CLA QI . 13.51 -2.78 84.19
CGA CLA QI . 14.49 -2.74 85.35
O1A CLA QI . 15.64 -2.41 85.17
O2A CLA QI . 14.04 -3.08 86.69
NB CLA QI . 13.91 -9.27 80.72
C1B CLA QI . 12.90 -9.10 81.55
C2B CLA QI . 11.96 -10.24 81.70
C3B CLA QI . 12.53 -11.21 80.75
C4B CLA QI . 13.74 -10.51 80.21
CMB CLA QI . 10.73 -10.36 82.56
CAB CLA QI . 11.99 -12.58 80.46
CBB CLA QI . 12.03 -13.21 79.30
NC CLA QI . 16.47 -9.35 79.17
C1C CLA QI . 16.00 -10.58 78.91
C2C CLA QI . 16.94 -11.49 78.20
C3C CLA QI . 18.15 -10.66 78.04
C4C CLA QI . 17.74 -9.37 78.65
CMC CLA QI . 16.73 -12.91 77.78
CAC CLA QI . 19.47 -11.00 77.40
CBC CLA QI . 20.28 -11.71 78.45
ND CLA QI . 17.29 -7.10 80.31
C1D CLA QI . 18.55 -7.23 79.65
C2D CLA QI . 19.58 -6.24 80.02
C3D CLA QI . 18.82 -5.46 81.04
C4D CLA QI . 17.56 -6.03 81.14
CMD CLA QI . 21.01 -5.96 79.65
CAD CLA QI . 18.88 -4.32 81.98
OBD CLA QI . 19.88 -3.56 82.18
CBD CLA QI . 17.58 -4.20 82.68
CGD CLA QI . 17.84 -4.46 84.14
O1D CLA QI . 17.59 -5.54 84.65
O2D CLA QI . 18.40 -3.40 84.96
CED CLA QI . 18.61 -3.63 86.36
C1 CLA QI . 14.98 -3.58 87.64
C2 CLA QI . 14.67 -5.03 87.93
C3 CLA QI . 14.57 -5.50 89.20
C4 CLA QI . 14.25 -6.95 89.42
C5 CLA QI . 14.77 -4.58 90.38
C6 CLA QI . 15.43 -5.27 91.57
C7 CLA QI . 14.89 -4.74 92.89
MG CLA RI . 18.37 -18.29 65.74
CHA CLA RI . 19.90 -21.29 64.99
CHB CLA RI . 20.13 -18.19 68.65
CHC CLA RI . 17.30 -15.10 66.16
CHD CLA RI . 17.02 -18.22 62.28
NA CLA RI . 19.79 -19.48 66.65
C1A CLA RI . 20.25 -20.63 66.30
C2A CLA RI . 21.18 -21.28 67.28
C3A CLA RI . 21.18 -20.31 68.44
C4A CLA RI . 20.29 -19.26 67.86
CMA CLA RI . 20.53 -20.93 69.66
CAA CLA RI . 22.62 -21.29 66.71
CBA CLA RI . 23.39 -19.96 66.65
CGA CLA RI . 23.12 -19.10 65.42
O1A CLA RI . 23.82 -19.26 64.45
O2A CLA RI . 22.09 -18.06 65.37
NB CLA RI . 18.67 -16.87 67.19
C1B CLA RI . 19.36 -16.99 68.32
C2B CLA RI . 19.38 -15.80 69.19
C3B CLA RI . 18.53 -14.86 68.44
C4B CLA RI . 18.15 -15.64 67.23
CMB CLA RI . 20.07 -15.57 70.51
CAB CLA RI . 18.16 -13.47 68.82
CBB CLA RI . 16.92 -13.04 68.83
NC CLA RI . 17.40 -16.96 64.47
C1C CLA RI . 17.04 -15.73 64.86
C2C CLA RI . 16.29 -14.95 63.84
C3C CLA RI . 16.21 -15.87 62.71
C4C CLA RI . 16.92 -17.08 63.21
CMC CLA RI . 15.75 -13.55 63.95
CAC CLA RI . 15.55 -15.63 61.37
CBC CLA RI . 16.58 -14.93 60.51
ND CLA RI . 18.46 -19.35 64.00
C1D CLA RI . 17.81 -19.38 62.72
C2D CLA RI . 17.99 -20.62 61.95
C3D CLA RI . 18.83 -21.39 62.89
C4D CLA RI . 19.04 -20.60 64.01
CMD CLA RI . 17.54 -21.12 60.60
CAD CLA RI . 19.56 -22.67 63.09
OBD CLA RI . 19.60 -23.65 62.27
CBD CLA RI . 20.22 -22.62 64.42
CGD CLA RI . 19.68 -23.73 65.26
O1D CLA RI . 18.48 -23.85 65.46
O2D CLA RI . 20.60 -24.68 65.85
CED CLA RI . 20.24 -26.07 65.92
C1 CLA RI . 21.92 -17.22 64.21
C2 CLA RI . 21.80 -15.74 64.47
C3 CLA RI . 21.00 -14.93 63.76
C4 CLA RI . 20.17 -15.48 62.64
C5 CLA RI . 20.94 -13.45 64.07
C6 CLA RI . 21.15 -13.12 65.54
C7 CLA RI . 20.38 -11.86 65.92
C8 CLA RI . 21.08 -11.06 67.02
C9 CLA RI . 22.33 -10.38 66.48
C10 CLA RI . 21.42 -11.96 68.21
C11 CLA RI . 22.08 -11.17 69.34
MG CLA SI . 27.05 -19.37 70.06
CHA CLA SI . 27.21 -18.01 66.86
CHB CLA SI . 30.21 -20.50 69.65
CHC CLA SI . 27.02 -20.24 73.33
CHD CLA SI . 23.88 -17.54 70.56
NA CLA SI . 28.48 -19.24 68.56
C1A CLA SI . 28.39 -18.81 67.35
C2A CLA SI . 29.58 -19.08 66.45
C3A CLA SI . 30.46 -19.90 67.36
C4A CLA SI . 29.65 -19.88 68.61
CMA CLA SI . 30.47 -21.34 66.85
CAA CLA SI . 30.40 -17.83 66.08
CBA CLA SI . 30.55 -16.85 67.25
CGA CLA SI . 30.98 -15.48 66.78
O1A CLA SI . 31.04 -14.55 67.57
O2A CLA SI . 31.33 -15.26 65.40
NB CLA SI . 28.41 -20.28 71.28
C1B CLA SI . 29.66 -20.64 70.99
C2B CLA SI . 30.47 -21.14 72.13
C3B CLA SI . 29.50 -21.04 73.24
C4B CLA SI . 28.27 -20.51 72.60
CMB CLA SI . 31.90 -21.61 72.13
CAB CLA SI . 29.71 -21.43 74.66
CBB CLA SI . 28.97 -22.34 75.26
NC CLA SI . 25.73 -18.96 71.59
C1C CLA SI . 25.90 -19.42 72.85
C2C CLA SI . 24.84 -19.01 73.81
C3C CLA SI . 23.92 -18.22 72.97
C4C CLA SI . 24.56 -18.26 71.64
CMC CLA SI . 24.70 -19.31 75.27
CAC CLA SI . 22.64 -17.51 73.36
CBC CLA SI . 23.01 -16.11 73.76
ND CLA SI . 25.83 -18.07 69.09
C1D CLA SI . 24.56 -17.44 69.26
C2D CLA SI . 24.02 -16.72 68.09
C3D CLA SI . 25.12 -16.96 67.12
C4D CLA SI . 26.09 -17.72 67.77
CMD CLA SI . 22.78 -15.93 67.83
CAD CLA SI . 25.59 -16.71 65.74
OBD CLA SI . 24.97 -16.04 64.83
CBD CLA SI . 26.90 -17.36 65.55
CGD CLA SI . 26.80 -18.35 64.43
O1D CLA SI . 26.76 -19.55 64.65
O2D CLA SI . 26.77 -17.87 63.06
CED CLA SI . 26.63 -18.78 61.98
MG CLA TI . 19.17 -20.67 54.97
CHA CLA TI . 15.91 -21.60 54.26
CHB CLA TI . 20.18 -22.49 52.30
CHC CLA TI . 22.24 -19.26 55.33
CHD CLA TI . 17.82 -18.26 57.45
NA CLA TI . 18.23 -21.80 53.50
C1A CLA TI . 17.00 -22.17 53.40
C2A CLA TI . 16.70 -23.19 52.32
C3A CLA TI . 18.08 -23.46 51.76
C4A CLA TI . 18.87 -22.51 52.59
CMA CLA TI . 18.51 -24.89 52.12
CAA CLA TI . 15.96 -22.58 51.13
NB CLA TI . 20.93 -20.83 53.94
C1B CLA TI . 21.21 -21.68 52.95
C2B CLA TI . 22.63 -21.74 52.54
C3B CLA TI . 23.24 -20.76 53.46
C4B CLA TI . 22.10 -20.27 54.27
CMB CLA TI . 23.27 -22.59 51.48
CAB CLA TI . 24.67 -20.36 53.57
CBB CLA TI . 25.45 -21.05 54.39
NC CLA TI . 19.84 -19.08 56.11
C1C CLA TI . 21.15 -18.70 56.15
C2C CLA TI . 21.45 -17.64 57.14
C3C CLA TI . 20.14 -17.36 57.76
C4C CLA TI . 19.24 -18.30 57.05
CMC CLA TI . 22.76 -16.99 57.46
CAC CLA TI . 19.81 -16.36 58.84
CBC CLA TI . 19.47 -15.07 58.13
ND CLA TI . 17.39 -19.99 55.69
C1D CLA TI . 16.88 -19.13 56.72
C2D CLA TI . 15.42 -19.21 56.98
C3D CLA TI . 15.05 -20.22 55.96
C4D CLA TI . 16.20 -20.59 55.29
CMD CLA TI . 14.43 -18.55 57.90
CAD CLA TI . 13.91 -20.98 55.37
OBD CLA TI . 12.69 -20.91 55.73
CBD CLA TI . 14.44 -21.88 54.31
CGD CLA TI . 14.22 -23.29 54.79
O1D CLA TI . 15.10 -23.88 55.38
O2D CLA TI . 12.95 -23.95 54.53
CED CLA TI . 12.67 -25.22 55.11
MG CHL UI . -12.91 0.01 86.28
CHA CHL UI . -11.70 -0.14 89.45
CHB CHL UI . -15.05 -2.45 87.05
CHC CHL UI . -13.55 -0.27 82.94
CHD CHL UI . -10.54 2.68 85.58
NA CHL UI . -13.17 -1.20 87.83
C1A CHL UI . -12.80 -1.06 89.05
C2A CHL UI . -13.51 -1.86 90.09
C3A CHL UI . -14.14 -2.93 89.21
C4A CHL UI . -14.12 -2.13 87.94
CMA CHL UI . -13.21 -4.13 89.04
CAA CHL UI . -14.58 -1.02 90.77
CBA CHL UI . -15.36 -1.83 91.78
NB CHL UI . -14.11 -1.21 85.16
C1B CHL UI . -14.98 -2.10 85.62
C2B CHL UI . -15.85 -2.73 84.60
C3B CHL UI . -15.37 -2.06 83.37
C4B CHL UI . -14.31 -1.15 83.85
CMB CHL UI . -16.92 -3.78 84.77
CAB CHL UI . -15.83 -2.22 81.97
CBB CHL UI . -16.41 -1.23 81.31
NC CHL UI . -12.18 1.01 84.62
C1C CHL UI . -12.57 0.75 83.36
C2C CHL UI . -11.93 1.59 82.32
C3C CHL UI . -11.04 2.45 83.11
C4C CHL UI . -11.28 2.01 84.50
CMC CHL UI . -12.09 1.59 80.85
OMC CHL UI . -13.17 1.43 80.32
CAC CHL UI . -10.10 3.52 82.61
CBC CHL UI . -8.77 2.81 82.47
ND CHL UI . -11.43 1.10 87.17
C1D CHL UI . -10.57 2.07 86.90
C2D CHL UI . -9.67 2.50 88.02
C3D CHL UI . -10.16 1.57 89.06
C4D CHL UI . -11.16 0.81 88.49
CMD CHL UI . -8.58 3.51 88.21
CAD CHL UI . -10.01 1.11 90.48
OBD CHL UI . -9.17 1.59 91.32
CBD CHL UI . -10.98 0.02 90.73
CGD CHL UI . -10.18 -1.23 90.99
O1D CHL UI . -9.84 -1.94 90.06
O2D CHL UI . -9.77 -1.58 92.34
CED CHL UI . -9.41 -2.92 92.63
C1 LUT VI . 17.02 -18.80 72.71
C2 LUT VI . 17.24 -20.05 71.86
C3 LUT VI . 16.90 -19.95 70.38
C4 LUT VI . 15.68 -19.08 70.15
C5 LUT VI . 16.00 -17.72 70.71
C6 LUT VI . 16.52 -17.58 71.93
C7 LUT VI . 16.64 -16.24 72.56
C8 LUT VI . 15.65 -15.68 73.25
C9 LUT VI . 15.79 -14.35 73.88
C10 LUT VI . 14.68 -13.73 74.31
C11 LUT VI . 14.62 -12.42 74.94
C12 LUT VI . 13.44 -12.04 75.39
C13 LUT VI . 13.12 -10.79 76.09
C14 LUT VI . 11.97 -10.80 76.79
C15 LUT VI . 11.46 -9.70 77.59
C16 LUT VI . 18.37 -18.41 73.33
C17 LUT VI . 16.06 -19.16 73.83
C18 LUT VI . 15.73 -16.54 69.82
C19 LUT VI . 17.14 -13.72 74.02
C20 LUT VI . 14.00 -9.58 76.01
O3 LUT VI . 16.64 -21.26 69.86
C21 LUT VI . 4.36 -4.30 86.66
C22 LUT VI . 4.34 -3.03 87.50
C23 LUT VI . 3.38 -1.99 86.96
C24 LUT VI . 3.64 -1.75 85.49
C25 LUT VI . 3.90 -2.78 84.68
C26 LUT VI . 4.66 -3.98 85.19
C27 LUT VI . 4.44 -5.21 84.33
C28 LUT VI . 5.49 -5.64 83.65
C29 LUT VI . 5.49 -6.82 82.78
C30 LUT VI . 6.68 -7.13 82.24
C31 LUT VI . 6.95 -8.27 81.38
C32 LUT VI . 8.11 -8.18 80.73
C33 LUT VI . 8.62 -9.22 79.83
C34 LUT VI . 9.79 -8.99 79.22
C35 LUT VI . 10.39 -9.98 78.33
C36 LUT VI . 3.03 -5.03 86.80
C37 LUT VI . 5.45 -5.20 87.21
C38 LUT VI . 3.42 -2.72 83.26
C39 LUT VI . 4.26 -7.63 82.50
C40 LUT VI . 7.85 -10.48 79.63
O23 LUT VI . 3.57 -0.77 87.67
C1 LUT WI . 1.12 -18.42 70.19
C2 LUT WI . 1.00 -19.84 70.74
C3 LUT WI . 1.43 -20.06 72.19
C4 LUT WI . 2.64 -19.20 72.52
C5 LUT WI . 2.25 -17.77 72.30
C6 LUT WI . 1.63 -17.39 71.18
C7 LUT WI . 1.43 -15.94 70.91
C8 LUT WI . 2.31 -15.21 70.22
C9 LUT WI . 2.17 -13.77 69.92
C10 LUT WI . 3.14 -13.22 69.18
C11 LUT WI . 3.24 -11.83 68.76
C12 LUT WI . 4.46 -11.46 68.39
C13 LUT WI . 4.83 -10.12 67.88
C14 LUT WI . 6.02 -10.01 67.27
C15 LUT WI . 6.49 -8.77 66.67
C16 LUT WI . -0.26 -17.98 69.76
C17 LUT WI . 2.01 -18.50 68.95
C18 LUT WI . 2.55 -16.81 73.41
C19 LUT WI . 1.01 -12.97 70.44
C20 LUT WI . 3.89 -8.96 68.01
O3 LUT WI . 1.76 -21.44 72.38
C21 LUT WI . 13.79 -1.52 58.74
C22 LUT WI . 13.79 -0.16 58.04
C23 LUT WI . 14.19 1.01 58.93
C24 LUT WI . 13.53 0.93 60.28
C25 LUT WI . 13.28 -0.25 60.86
C26 LUT WI . 12.95 -1.46 60.03
C27 LUT WI . 13.13 -2.75 60.82
C28 LUT WI . 12.04 -3.46 61.12
C29 LUT WI . 12.09 -4.73 61.86
C30 LUT WI . 10.91 -5.25 62.22
C31 LUT WI . 10.74 -6.51 62.94
C32 LUT WI . 9.59 -6.62 63.60
C33 LUT WI . 9.16 -7.81 64.35
C34 LUT WI . 8.08 -7.72 65.14
C35 LUT WI . 7.55 -8.87 65.85
C36 LUT WI . 15.20 -1.98 59.00
C37 LUT WI . 13.14 -2.52 57.78
C38 LUT WI . 13.33 -0.33 62.36
C39 LUT WI . 13.39 -5.40 62.18
C40 LUT WI . 9.90 -9.10 64.19
O23 LUT WI . 13.78 2.23 58.30
C1 BCR XI . -22.30 -1.99 77.76
C2 BCR XI . -23.34 -0.88 77.84
C3 BCR XI . -22.71 0.49 77.87
C4 BCR XI . -21.92 0.57 79.15
C5 BCR XI . -20.84 -0.49 79.13
C6 BCR XI . -21.01 -1.66 78.49
C7 BCR XI . -19.92 -2.70 78.46
C8 BCR XI . -19.70 -3.55 79.47
C9 BCR XI . -18.65 -4.59 79.51
C10 BCR XI . -17.37 -4.23 79.62
C11 BCR XI . -16.31 -5.22 79.74
C33 BCR XI . -19.59 -0.09 79.85
C31 BCR XI . -21.95 -2.22 76.30
C32 BCR XI . -22.98 -3.26 78.30
C34 BCR XI . -19.05 -6.04 79.47
C12 BCR XI . -15.04 -4.86 79.75
C13 BCR XI . -14.01 -5.89 79.92
C14 BCR XI . -12.83 -5.82 79.28
C15 BCR XI . -11.81 -6.86 79.51
C16 BCR XI . -10.93 -7.21 78.57
C17 BCR XI . -9.94 -8.23 78.88
C18 BCR XI . -8.98 -8.58 78.01
C19 BCR XI . -8.02 -9.62 78.41
C20 BCR XI . -6.77 -9.66 77.97
C21 BCR XI . -5.98 -10.77 78.47
C22 BCR XI . -4.71 -11.05 78.19
C23 BCR XI . -4.17 -12.24 78.84
C24 BCR XI . -3.03 -12.87 78.52
C25 BCR XI . -2.62 -14.09 79.27
C26 BCR XI . -3.01 -15.30 78.85
C27 BCR XI . -2.60 -16.54 79.60
C28 BCR XI . -1.14 -16.36 80.00
C29 BCR XI . -1.01 -15.18 80.95
C30 BCR XI . -1.73 -13.92 80.51
C35 BCR XI . -14.28 -7.03 80.87
C36 BCR XI . -8.88 -7.95 76.66
C37 BCR XI . -3.87 -10.20 77.27
C38 BCR XI . -3.86 -15.52 77.63
C39 BCR XI . -0.69 -12.85 80.19
C40 BCR XI . -2.54 -13.44 81.72
O1 LHG YI . 27.26 2.78 73.77
C1 LHG YI . 27.68 2.02 74.91
C2 LHG YI . 27.20 0.58 74.75
O2 LHG YI . 27.53 0.10 73.45
C3 LHG YI . 25.69 0.54 74.94
O3 LHG YI . 25.19 -0.73 74.51
P LHG YI . 23.65 -1.11 74.72
O4 LHG YI . 23.50 -1.81 76.05
O5 LHG YI . 22.82 0.12 74.46
O6 LHG YI . 23.39 -2.19 73.57
C4 LHG YI . 22.06 -2.55 73.22
C5 LHG YI . 21.99 -3.65 72.18
C6 LHG YI . 20.54 -4.14 72.22
O7 LHG YI . 22.32 -3.15 70.88
C7 LHG YI . 22.87 -4.15 69.96
O9 LHG YI . 22.97 -5.30 70.34
C8 LHG YI . 23.27 -3.80 68.54
C9 LHG YI . 24.72 -3.29 68.43
C10 LHG YI . 25.06 -2.73 67.04
O8 LHG YI . 19.86 -3.81 71.02
C23 LHG YI . 18.61 -4.50 70.73
O10 LHG YI . 17.94 -4.92 71.64
C24 LHG YI . 18.19 -4.67 69.29
C11 LHG YI . 24.90 -3.80 65.95
C12 LHG YI . 25.88 -4.95 66.14
C13 LHG YI . 25.14 -6.28 66.20
C14 LHG YI . 24.49 -6.61 64.86
C15 LHG YI . 25.21 -7.75 64.16
C16 LHG YI . 24.22 -8.77 63.60
C17 LHG YI . 24.93 -9.82 62.77
C18 LHG YI . 23.98 -10.91 62.31
C19 LHG YI . 22.97 -10.40 61.29
C20 LHG YI . 22.29 -11.58 60.59
C21 LHG YI . 21.20 -11.10 59.63
C22 LHG YI . 20.04 -10.51 60.39
C25 LHG YI . 19.33 -5.32 68.52
C26 LHG YI . 19.44 -4.71 67.13
C27 LHG YI . 20.50 -5.39 66.29
C28 LHG YI . 20.13 -6.84 66.00
C29 LHG YI . 20.86 -7.35 64.78
C30 LHG YI . 20.25 -6.79 63.49
C31 LHG YI . 18.96 -7.51 63.16
C32 LHG YI . 18.41 -7.10 61.80
C33 LHG YI . 17.98 -5.64 61.80
C34 LHG YI . 17.21 -5.32 60.53
C35 LHG YI . 18.11 -5.40 59.30
C36 LHG YI . 19.00 -4.17 59.20
C37 LHG YI . 19.84 -4.22 57.93
C38 LHG YI . 20.24 -2.82 57.51
O1 LHG ZI . 28.18 10.93 54.61
C1 LHG ZI . 26.96 10.22 54.32
C2 LHG ZI . 26.66 9.25 55.44
O2 LHG ZI . 27.57 8.14 55.39
C3 LHG ZI . 25.24 8.74 55.30
O3 LHG ZI . 25.16 7.50 56.00
P LHG ZI . 23.76 6.73 56.20
O4 LHG ZI . 23.21 7.10 57.55
O5 LHG ZI . 22.91 6.93 54.97
O6 LHG ZI . 24.26 5.20 56.25
C4 LHG ZI . 23.35 4.11 56.12
C5 LHG ZI . 24.15 2.84 55.88
C6 LHG ZI . 23.21 1.66 55.79
O7 LHG ZI . 24.84 2.95 54.63
C7 LHG ZI . 26.28 3.02 54.81
O9 LHG ZI . 26.75 3.45 55.86
C8 LHG ZI . 27.19 2.58 53.69
C9 LHG ZI . 26.88 1.13 53.30
C10 LHG ZI . 27.93 0.57 52.35
O8 LHG ZI . 23.84 0.63 55.05
C23 LHG ZI . 23.44 -0.75 55.24
O10 LHG ZI . 22.68 -1.02 56.14
C24 LHG ZI . 23.95 -1.83 54.31
C11 LHG ZI . 27.47 -0.71 51.67
C12 LHG ZI . 27.36 -1.87 52.65
C13 LHG ZI . 26.85 -3.14 51.97
C14 LHG ZI . 26.53 -4.20 52.99
C15 LHG ZI . 26.06 -5.51 52.38
C16 LHG ZI . 27.14 -6.17 51.55
C17 LHG ZI . 26.79 -7.62 51.23
C25 LHG ZI . 23.29 -3.15 54.65
C26 LHG ZI . 22.82 -3.87 53.39
MG CLA AJ . 81.61 7.73 -2.55
CHA CLA AJ . 79.58 5.96 -0.39
CHB CLA AJ . 79.75 6.58 -5.12
CHC CLA AJ . 83.95 9.03 -4.62
CHD CLA AJ . 83.73 8.65 0.34
NA CLA AJ . 79.98 6.47 -2.74
C1A CLA AJ . 79.22 5.94 -1.84
C2A CLA AJ . 77.98 5.23 -2.36
C3A CLA AJ . 78.10 5.43 -3.86
C4A CLA AJ . 79.36 6.22 -3.91
CMA CLA AJ . 78.33 4.09 -4.53
CAA CLA AJ . 76.66 5.88 -1.97
CBA CLA AJ . 75.73 4.84 -1.38
CGA CLA AJ . 74.45 4.65 -2.16
O1A CLA AJ . 74.32 3.66 -2.87
O2A CLA AJ . 73.35 5.59 -2.07
NB CLA AJ . 81.83 7.77 -4.58
C1B CLA AJ . 80.95 7.34 -5.48
C2B CLA AJ . 81.29 7.65 -6.90
C3B CLA AJ . 82.56 8.40 -6.74
C4B CLA AJ . 82.79 8.39 -5.27
CMB CLA AJ . 80.54 7.31 -8.16
CAB CLA AJ . 83.42 8.99 -7.80
CBB CLA AJ . 84.69 8.65 -7.94
NC CLA AJ . 83.46 8.57 -2.20
C1C CLA AJ . 84.19 9.14 -3.18
C2C CLA AJ . 85.34 9.96 -2.72
C3C CLA AJ . 85.26 9.84 -1.26
C4C CLA AJ . 84.07 8.97 -1.06
CMC CLA AJ . 86.33 10.73 -3.55
CAC CLA AJ . 86.15 10.45 -0.20
CBC CLA AJ . 87.30 9.49 -0.07
ND CLA AJ . 81.73 7.44 -0.55
C1D CLA AJ . 82.55 7.80 0.57
C2D CLA AJ . 82.12 7.27 1.89
C3D CLA AJ . 80.91 6.51 1.47
C4D CLA AJ . 80.77 6.66 0.10
CMD CLA AJ . 82.65 7.37 3.29
CAD CLA AJ . 79.78 5.66 1.94
OBD CLA AJ . 79.59 5.29 3.15
CBD CLA AJ . 78.95 5.27 0.79
CGD CLA AJ . 79.14 3.79 0.65
O1D CLA AJ . 80.25 3.31 0.59
O2D CLA AJ . 77.99 2.89 0.60
CED CLA AJ . 78.22 1.48 0.59
C1 CLA AJ . 72.38 5.50 -1.03
C2 CLA AJ . 71.52 4.26 -1.11
C3 CLA AJ . 70.19 4.30 -0.85
C4 CLA AJ . 69.52 5.58 -0.47
C5 CLA AJ . 69.35 3.05 -0.92
C6 CLA AJ . 68.59 2.81 0.39
C7 CLA AJ . 67.97 1.42 0.46
C8 CLA AJ . 67.43 1.10 1.85
C9 CLA AJ . 66.99 -0.36 1.90
C10 CLA AJ . 66.31 2.07 2.25
C11 CLA AJ . 65.43 1.58 3.39
C12 CLA AJ . 64.71 2.74 4.07
C13 CLA AJ . 63.30 2.39 4.55
C14 CLA AJ . 62.68 3.59 5.27
C15 CLA AJ . 63.33 1.17 5.46
C16 CLA AJ . 61.95 0.78 5.97
C17 CLA AJ . 61.37 -0.37 5.15
C18 CLA AJ . 60.25 -1.07 5.92
C19 CLA AJ . 59.77 -2.31 5.18
C20 CLA AJ . 59.09 -0.12 6.22
MG CLA BJ . 76.03 6.02 9.16
CHA CLA BJ . 76.09 9.38 8.37
CHB CLA BJ . 73.45 6.67 11.26
CHC CLA BJ . 75.64 2.67 9.52
CHD CLA BJ . 78.31 5.43 6.31
NA CLA BJ . 74.92 7.70 9.68
C1A CLA BJ . 75.10 8.94 9.40
C2A CLA BJ . 74.27 9.94 10.17
C3A CLA BJ . 73.50 9.04 11.10
C4A CLA BJ . 74.00 7.71 10.65
CMA CLA BJ . 74.01 9.33 12.50
CAA CLA BJ . 73.18 10.65 9.33
CBA CLA BJ . 72.34 9.78 8.40
CGA CLA BJ . 70.93 9.59 8.93
O1A CLA BJ . 70.38 10.47 9.56
O2A CLA BJ . 70.22 8.33 8.72
NB CLA BJ . 74.75 4.85 10.26
C1B CLA BJ . 73.74 5.27 11.02
C2B CLA BJ . 72.86 4.21 11.56
C3B CLA BJ . 73.51 3.00 11.03
C4B CLA BJ . 74.68 3.52 10.26
CMB CLA BJ . 71.63 4.34 12.42
CAB CLA BJ . 73.05 1.61 11.27
CBB CLA BJ . 73.83 0.64 11.66
NC CLA BJ . 76.77 4.42 8.10
C1C CLA BJ . 76.57 3.14 8.47
C2C CLA BJ . 77.37 2.15 7.71
C3C CLA BJ . 78.15 2.97 6.78
C4C CLA BJ . 77.69 4.34 7.10
CMC CLA BJ . 77.43 0.65 7.85
CAC CLA BJ . 79.15 2.52 5.75
CBC CLA BJ . 78.34 2.22 4.50
ND CLA BJ . 76.93 7.02 7.63
C1D CLA BJ . 77.93 6.80 6.63
C2D CLA BJ . 78.49 8.02 6.00
C3D CLA BJ . 77.73 9.06 6.73
C4D CLA BJ . 76.88 8.41 7.61
CMD CLA BJ . 79.50 8.34 4.95
CAD CLA BJ . 77.51 10.51 6.86
OBD CLA BJ . 78.14 11.42 6.21
CBD CLA BJ . 76.50 10.75 7.91
CGD CLA BJ . 77.17 11.47 9.04
O1D CLA BJ . 77.98 10.90 9.74
O2D CLA BJ . 76.82 12.84 9.31
CED CLA BJ . 77.10 13.37 10.59
C1 CLA BJ . 69.94 7.46 9.82
C2 CLA BJ . 70.22 6.03 9.40
C3 CLA BJ . 69.35 5.03 9.62
C4 CLA BJ . 68.05 5.28 10.32
C5 CLA BJ . 69.68 3.63 9.17
C6 CLA BJ . 68.63 3.01 8.27
C7 CLA BJ . 68.93 1.55 7.95
C8 CLA BJ . 68.02 1.01 6.86
C9 CLA BJ . 66.57 1.07 7.31
C10 CLA BJ . 68.39 -0.42 6.48
C11 CLA BJ . 69.05 -0.55 5.11
C12 CLA BJ . 70.54 -0.25 5.18
C13 CLA BJ . 71.36 -0.81 4.02
C14 CLA BJ . 70.70 -0.58 2.67
C15 CLA BJ . 71.68 -2.29 4.24
C16 CLA BJ . 73.19 -2.50 4.24
C17 CLA BJ . 73.59 -3.95 4.04
C18 CLA BJ . 75.11 -4.09 4.03
C19 CLA BJ . 75.73 -3.26 2.90
C20 CLA BJ . 75.54 -5.54 3.92
MG CLA CJ . 70.52 -2.94 13.98
CHA CLA CJ . 68.28 -0.92 15.64
CHB CLA CJ . 69.79 -1.25 11.14
CHC CLA CJ . 72.32 -5.26 12.30
CHD CLA CJ . 70.75 -5.04 17.03
NA CLA CJ . 69.23 -1.40 13.46
C1A CLA CJ . 68.53 -0.63 14.20
C2A CLA CJ . 67.93 0.59 13.52
C3A CLA CJ . 68.41 0.41 12.10
C4A CLA CJ . 69.19 -0.83 12.25
CMA CLA CJ . 67.22 0.14 11.19
CAA CLA CJ . 68.61 1.87 14.01
CBA CLA CJ . 68.07 3.13 13.34
CGA CLA CJ . 66.57 3.18 13.37
O1A CLA CJ . 65.95 3.19 14.43
O2A CLA CJ . 65.84 3.25 12.12
NB CLA CJ . 70.97 -3.22 12.01
C1B CLA CJ . 70.63 -2.44 10.99
C2B CLA CJ . 71.20 -2.83 9.68
C3B CLA CJ . 71.96 -4.05 10.06
C4B CLA CJ . 71.73 -4.17 11.52
CMB CLA CJ . 71.02 -2.17 8.35
CAB CLA CJ . 72.79 -4.97 9.24
CBB CLA CJ . 72.31 -5.48 8.12
NC CLA CJ . 71.34 -4.75 14.55
C1C CLA CJ . 72.04 -5.53 13.72
C2C CLA CJ . 72.58 -6.77 14.31
C3C CLA CJ . 72.12 -6.70 15.70
C4C CLA CJ . 71.37 -5.42 15.74
CMC CLA CJ . 73.41 -7.85 13.65
CAC CLA CJ . 72.35 -7.68 16.82
CBC CLA CJ . 73.69 -7.29 17.40
ND CLA CJ . 69.74 -3.08 15.86
C1D CLA CJ . 69.90 -3.85 17.06
C2D CLA CJ . 69.16 -3.35 18.24
C3D CLA CJ . 68.51 -2.16 17.63
C4D CLA CJ . 68.88 -2.09 16.30
CMD CLA CJ . 69.00 -3.77 19.68
CAD CLA CJ . 67.62 -1.01 17.87
OBD CLA CJ . 67.08 -0.74 18.99
CBD CLA CJ . 67.44 -0.23 16.65
CGD CLA CJ . 65.99 -0.35 16.27
O1D CLA CJ . 65.39 0.59 15.79
O2D CLA CJ . 65.26 -1.58 16.49
CED CLA CJ . 63.92 -1.70 16.01
C1 CLA CJ . 64.42 3.12 12.10
MG CLA DJ . 84.64 -14.97 21.57
CHA CLA DJ . 84.96 -18.26 22.48
CHB CLA DJ . 81.27 -15.26 21.94
CHC CLA DJ . 84.40 -11.60 21.16
CHD CLA DJ . 88.31 -14.59 21.96
NA CLA DJ . 83.34 -16.46 22.16
C1A CLA DJ . 83.56 -17.69 22.41
C2A CLA DJ . 82.35 -18.58 22.60
C3A CLA DJ . 81.21 -17.59 22.38
C4A CLA DJ . 82.00 -16.35 22.13
CMA CLA DJ . 80.46 -17.94 21.09
CAA CLA DJ . 82.21 -19.07 24.04
CBA CLA DJ . 82.30 -17.99 25.11
CGA CLA DJ . 82.64 -18.56 26.46
O1A CLA DJ . 82.21 -19.64 26.81
O2A CLA DJ . 83.51 -17.82 27.36
NB CLA DJ . 83.06 -13.65 21.54
C1B CLA DJ . 81.76 -13.91 21.71
C2B CLA DJ . 80.86 -12.73 21.71
C3B CLA DJ . 81.81 -11.63 21.48
C4B CLA DJ . 83.13 -12.32 21.39
CMB CLA DJ . 79.39 -12.63 21.88
CAB CLA DJ . 81.51 -10.19 21.36
CBB CLA DJ . 81.83 -9.48 20.29
NC CLA DJ . 86.05 -13.45 21.61
C1C CLA DJ . 85.74 -12.16 21.36
C2C CLA DJ . 86.88 -11.23 21.28
C3C CLA DJ . 88.04 -12.11 21.51
C4C CLA DJ . 87.40 -13.45 21.69
CMC CLA DJ . 86.88 -9.75 21.02
CAC CLA DJ . 89.49 -11.72 21.55
CBC CLA DJ . 89.80 -11.35 22.98
ND CLA DJ . 86.26 -16.03 22.16
C1D CLA DJ . 87.71 -15.91 22.14
C2D CLA DJ . 88.45 -17.18 22.27
C3D CLA DJ . 87.31 -18.13 22.41
C4D CLA DJ . 86.14 -17.39 22.33
CMD CLA DJ . 89.90 -17.59 22.31
CAD CLA DJ . 86.94 -19.54 22.60
OBD CLA DJ . 87.75 -20.53 22.71
CBD CLA DJ . 85.46 -19.65 22.61
CGD CLA DJ . 85.05 -20.44 21.41
O1D CLA DJ . 85.28 -20.03 20.29
O2D CLA DJ . 84.33 -21.69 21.58
CED CLA DJ . 83.77 -22.36 20.46
C1 CLA DJ . 83.34 -17.91 28.77
C2 CLA DJ . 82.76 -16.62 29.29
C3 CLA DJ . 83.52 -15.69 29.91
C4 CLA DJ . 84.99 -15.90 30.11
C5 CLA DJ . 82.88 -14.41 30.40
MG CLA EJ . 77.56 -14.30 27.06
CHA CLA EJ . 78.87 -14.73 30.23
CHB CLA EJ . 77.22 -11.02 27.73
CHC CLA EJ . 76.64 -13.90 23.83
CHD CLA EJ . 78.50 -17.81 26.31
NA CLA EJ . 78.01 -13.07 28.66
C1A CLA EJ . 78.41 -13.35 29.85
C2A CLA EJ . 78.42 -12.21 30.85
C3A CLA EJ . 77.85 -11.07 30.01
C4A CLA EJ . 77.68 -11.77 28.71
CMA CLA EJ . 76.48 -10.64 30.52
CAA CLA EJ . 79.82 -11.73 31.21
CBA CLA EJ . 79.76 -10.67 32.31
CGA CLA EJ . 81.13 -10.10 32.57
O1A CLA EJ . 81.76 -10.45 33.56
O2A CLA EJ . 81.73 -9.14 31.66
NB CLA EJ . 76.98 -12.69 25.95
C1B CLA EJ . 76.94 -11.42 26.35
C2B CLA EJ . 76.64 -10.42 25.30
C3B CLA EJ . 76.46 -11.29 24.11
C4B CLA EJ . 76.70 -12.66 24.64
CMB CLA EJ . 76.52 -8.93 25.40
CAB CLA EJ . 76.14 -10.80 22.74
CBB CLA EJ . 75.33 -11.41 21.89
NC CLA EJ . 77.63 -15.57 25.43
C1C CLA EJ . 77.12 -15.23 24.23
C2C CLA EJ . 77.05 -16.32 23.23
C3C CLA EJ . 77.60 -17.48 23.98
C4C CLA EJ . 77.92 -16.90 25.31
CMC CLA EJ . 76.55 -16.27 21.82
CAC CLA EJ . 77.80 -18.89 23.51
CBC CLA EJ . 76.45 -19.56 23.61
ND CLA EJ . 78.49 -15.89 27.91
C1D CLA EJ . 78.76 -17.28 27.65
C2D CLA EJ . 79.29 -18.07 28.79
C3D CLA EJ . 79.32 -17.01 29.83
C4D CLA EJ . 78.87 -15.83 29.25
CMD CLA EJ . 79.70 -19.49 29.03
CAD CLA EJ . 79.66 -16.71 31.24
OBD CLA EJ . 80.11 -17.56 32.09
CBD CLA EJ . 79.37 -15.30 31.52
CGD CLA EJ . 78.28 -15.28 32.54
O1D CLA EJ . 77.15 -15.65 32.28
O2D CLA EJ . 78.59 -14.83 33.90
CED CLA EJ . 78.14 -15.59 35.02
C1 CLA EJ . 82.77 -8.26 32.10
C2 CLA EJ . 82.29 -6.84 32.19
C3 CLA EJ . 82.69 -5.90 31.31
C4 CLA EJ . 83.65 -6.23 30.21
C5 CLA EJ . 82.18 -4.48 31.45
C6 CLA EJ . 82.99 -3.63 32.42
C7 CLA EJ . 83.83 -2.60 31.67
C8 CLA EJ . 84.37 -1.55 32.62
C9 CLA EJ . 83.23 -0.75 33.26
C10 CLA EJ . 85.31 -0.62 31.88
MG CHL FJ . 73.44 -16.66 18.21
CHA CHL FJ . 72.21 -19.26 16.40
CHB CHL FJ . 73.92 -15.00 15.31
CHC CHL FJ . 73.58 -13.80 20.02
CHD CHL FJ . 72.92 -18.58 21.24
NA CHL FJ . 73.09 -17.01 16.28
C1A CHL FJ . 72.64 -18.03 15.69
C2A CHL FJ . 72.58 -17.94 14.19
C3A CHL FJ . 73.76 -17.00 13.99
C4A CHL FJ . 73.58 -16.28 15.29
CMA CHL FJ . 75.07 -17.75 14.11
CAA CHL FJ . 71.30 -17.23 13.76
CBA CHL FJ . 70.26 -18.25 13.31
CGA CHL FJ . 68.88 -17.82 13.72
O1A CHL FJ . 67.98 -18.65 13.81
O2A CHL FJ . 68.56 -16.44 14.03
NB CHL FJ . 73.69 -14.68 17.73
C1B CHL FJ . 73.93 -14.17 16.52
C2B CHL FJ . 74.19 -12.71 16.47
C3B CHL FJ . 74.09 -12.36 17.91
C4B CHL FJ . 73.77 -13.65 18.57
CMB CHL FJ . 74.49 -11.83 15.30
CAB CHL FJ . 74.25 -11.03 18.55
CBB CHL FJ . 73.26 -10.47 19.20
NC CHL FJ . 73.28 -16.29 20.22
C1C CHL FJ . 73.37 -15.06 20.75
C2C CHL FJ . 73.22 -15.04 22.23
C3C CHL FJ . 73.02 -16.45 22.59
C4C CHL FJ . 73.08 -17.12 21.27
CMC CHL FJ . 73.25 -13.87 23.14
OMC CHL FJ . 72.63 -12.86 22.87
CAC CHL FJ . 72.82 -17.06 23.96
CBC CHL FJ . 71.36 -16.89 24.29
ND CHL FJ . 72.75 -18.47 18.83
C1D CHL FJ . 72.56 -19.18 19.95
C2D CHL FJ . 71.99 -20.54 19.80
C3D CHL FJ . 71.85 -20.55 18.33
C4D CHL FJ . 72.31 -19.34 17.86
CMD CHL FJ . 71.60 -21.67 20.71
CAD CHL FJ . 71.42 -21.34 17.14
OBD CHL FJ . 70.94 -22.53 17.17
CBD CHL FJ . 71.66 -20.55 15.91
CGD CHL FJ . 72.72 -21.30 15.19
O1D CHL FJ . 73.87 -21.28 15.60
O2D CHL FJ . 72.40 -22.10 14.03
CED CHL FJ . 73.44 -22.81 13.36
C1 CHL FJ . 67.46 -15.81 13.37
C2 CHL FJ . 66.14 -16.06 14.07
C3 CHL FJ . 65.61 -15.22 14.97
C4 CHL FJ . 66.30 -13.95 15.36
C5 CHL FJ . 64.28 -15.57 15.59
MG CHL GJ . 78.28 1.17 29.69
CHA CHL GJ . 79.32 0.62 26.48
CHB CHL GJ . 79.82 -1.68 30.56
CHC CHL GJ . 77.37 1.82 32.91
CHD CHL GJ . 77.25 4.51 28.71
NA CHL GJ . 79.29 -0.26 28.73
C1A CHL GJ . 79.50 -0.47 27.49
C2A CHL GJ . 79.93 -1.87 27.09
C3A CHL GJ . 79.66 -2.63 28.37
C4A CHL GJ . 79.58 -1.44 29.28
CMA CHL GJ . 78.30 -3.31 28.32
CAA CHL GJ . 81.38 -2.03 26.60
CBA CHL GJ . 82.47 -2.27 27.64
CGA CHL GJ . 83.40 -1.07 27.63
O1A CHL GJ . 82.97 0.04 27.89
O2A CHL GJ . 84.81 -1.24 27.30
NB CHL GJ . 78.60 0.23 31.48
C1B CHL GJ . 79.15 -0.97 31.64
C2B CHL GJ . 79.03 -1.54 33.01
C3B CHL GJ . 78.27 -0.49 33.70
C4B CHL GJ . 78.08 0.56 32.67
CMB CHL GJ . 79.52 -2.85 33.52
CAB CHL GJ . 77.84 -0.45 35.11
CBB CHL GJ . 78.74 -0.14 36.03
NC CHL GJ . 77.49 2.83 30.59
C1C CHL GJ . 77.19 2.90 31.91
C2C CHL GJ . 76.61 4.21 32.34
C3C CHL GJ . 76.59 4.98 31.10
C4C CHL GJ . 77.14 4.04 30.10
CMC CHL GJ . 76.16 4.71 33.66
OMC CHL GJ . 75.58 3.99 34.45
CAC CHL GJ . 76.12 6.39 30.92
CBC CHL GJ . 77.31 7.27 31.20
ND CHL GJ . 78.23 2.39 28.06
C1D CHL GJ . 77.84 3.62 27.72
C2D CHL GJ . 78.05 4.03 26.31
C3D CHL GJ . 78.66 2.77 25.81
C4D CHL GJ . 78.72 1.90 26.88
CMD CHL GJ . 77.79 5.23 25.45
CAD CHL GJ . 79.22 2.09 24.63
OBD CHL GJ . 79.32 2.60 23.47
CBD CHL GJ . 79.65 0.73 25.02
CGD CHL GJ . 78.87 -0.24 24.20
O1D CHL GJ . 77.85 -0.76 24.62
O2D CHL GJ . 79.35 -0.60 22.88
CED CHL GJ . 79.67 -1.96 22.59
C1 CHL GJ . 85.72 -0.16 27.46
C2 CHL GJ . 86.72 -0.47 28.54
C3 CHL GJ . 87.78 -1.28 28.34
C4 CHL GJ . 88.02 -1.94 27.02
C5 CHL GJ . 88.74 -1.54 29.48
MG CLA HJ . 70.53 -2.94 23.47
CHA CLA HJ . 70.06 -0.21 21.37
CHB CLA HJ . 67.92 -1.89 25.30
CHC CLA HJ . 70.45 -6.02 24.91
CHD CLA HJ . 73.13 -4.13 21.15
NA CLA HJ . 69.19 -1.37 23.34
C1A CLA HJ . 69.17 -0.31 22.58
C2A CLA HJ . 68.16 0.76 22.97
C3A CLA HJ . 67.57 0.18 24.24
C4A CLA HJ . 68.28 -1.11 24.29
CMA CLA HJ . 68.05 1.00 25.43
CAA CLA HJ . 67.00 0.97 21.97
CBA CLA HJ . 65.61 0.39 22.28
CGA CLA HJ . 65.14 -0.63 21.29
O1A CLA HJ . 64.53 -0.27 20.31
O2A CLA HJ . 65.40 -2.06 21.42
NB CLA HJ . 69.30 -3.84 24.84
C1B CLA HJ . 68.43 -3.21 25.62
C2B CLA HJ . 68.04 -3.93 26.86
C3B CLA HJ . 68.81 -5.18 26.73
C4B CLA HJ . 69.54 -5.01 25.45
CMB CLA HJ . 67.10 -3.49 27.95
CAB CLA HJ . 68.83 -6.33 27.67
CBB CLA HJ . 68.46 -7.55 27.28
NC CLA HJ . 71.61 -4.66 23.13
C1C CLA HJ . 71.34 -5.82 23.77
C2C CLA HJ . 72.04 -7.01 23.21
C3C CLA HJ . 72.84 -6.45 22.10
C4C CLA HJ . 72.50 -5.01 22.16
CMC CLA HJ . 71.94 -8.43 23.69
CAC CLA HJ . 73.76 -7.16 21.14
CBC CLA HJ . 75.10 -7.22 21.81
ND CLA HJ . 71.43 -2.41 21.71
C1D CLA HJ . 72.44 -2.89 20.82
C2D CLA HJ . 72.71 -2.04 19.63
C3D CLA HJ . 71.72 -0.96 19.87
C4D CLA HJ . 71.02 -1.26 21.04
CMD CLA HJ . 73.64 -2.10 18.46
CAD CLA HJ . 71.16 0.30 19.33
OBD CLA HJ . 71.54 0.89 18.26
CBD CLA HJ . 70.11 0.78 20.25
CGD CLA HJ . 70.46 2.15 20.73
O1D CLA HJ . 71.21 2.31 21.67
O2D CLA HJ . 69.89 3.31 20.06
CED CLA HJ . 70.29 4.62 20.46
C1 CLA HJ . 64.99 -2.89 20.35
C2 CLA HJ . 64.04 -3.98 20.81
C3 CLA HJ . 63.85 -5.09 20.08
C4 CLA HJ . 64.53 -5.30 18.76
C5 CLA HJ . 62.90 -6.15 20.58
MG CLA IJ . 86.11 3.73 21.42
CHA CLA IJ . 86.01 6.06 23.99
CHB CLA IJ . 88.41 5.65 19.89
CHC CLA IJ . 86.72 1.10 19.36
CHD CLA IJ . 83.82 1.62 23.40
NA CLA IJ . 87.08 5.50 21.87
C1A CLA IJ . 86.90 6.36 22.81
C2A CLA IJ . 87.65 7.66 22.67
C3A CLA IJ . 88.33 7.51 21.34
C4A CLA IJ . 87.91 6.12 21.01
CMA CLA IJ . 87.53 8.41 20.42
CAA CLA IJ . 88.83 7.80 23.66
CBA CLA IJ . 89.41 6.48 24.18
CGA CLA IJ . 90.68 6.11 23.45
O1A CLA IJ . 91.65 6.84 23.51
O2A CLA IJ . 90.77 4.91 22.63
NB CLA IJ . 87.41 3.42 19.87
C1B CLA IJ . 88.19 4.34 19.30
C2B CLA IJ . 88.83 3.93 18.02
C3B CLA IJ . 88.30 2.55 17.87
C4B CLA IJ . 87.46 2.35 19.08
CMB CLA IJ . 89.74 4.72 17.13
CAB CLA IJ . 88.57 1.59 16.78
CBB CLA IJ . 89.68 0.87 16.80
NC CLA IJ . 85.43 1.78 21.43
C1C CLA IJ . 85.77 0.89 20.47
C2C CLA IJ . 85.09 -0.42 20.59
C3C CLA IJ . 84.24 -0.26 21.78
C4C CLA IJ . 84.54 1.13 22.20
CMC CLA IJ . 85.21 -1.64 19.72
CAC CLA IJ . 83.31 -1.26 22.41
CBC CLA IJ . 84.15 -1.99 23.44
ND CLA IJ . 85.13 3.73 23.20
C1D CLA IJ . 84.24 2.91 23.95
C2D CLA IJ . 83.81 3.44 25.27
C3D CLA IJ . 84.55 4.73 25.27
C4D CLA IJ . 85.28 4.78 24.09
CMD CLA IJ . 82.92 3.00 26.40
CAD CLA IJ . 84.83 5.95 26.05
OBD CLA IJ . 84.36 6.24 27.20
CBD CLA IJ . 85.78 6.78 25.28
CGD CLA IJ . 85.40 8.23 25.25
O1D CLA IJ . 85.01 8.75 24.23
O2D CLA IJ . 85.52 9.03 26.44
CED CLA IJ . 85.33 10.43 26.38
C1 CLA IJ . 91.57 4.94 21.45
C2 CLA IJ . 91.34 3.67 20.65
C3 CLA IJ . 92.38 2.91 20.27
C4 CLA IJ . 93.79 3.28 20.62
C5 CLA IJ . 92.12 1.65 19.48
C6 CLA IJ . 93.08 0.53 19.84
C7 CLA IJ . 92.59 -0.80 19.30
C8 CLA IJ . 92.79 -1.93 20.30
C9 CLA IJ . 94.23 -2.00 20.78
C10 CLA IJ . 92.37 -3.26 19.68
C11 CLA IJ . 92.42 -4.37 20.72
C12 CLA IJ . 92.66 -5.73 20.07
C13 CLA IJ . 91.36 -6.47 19.80
C14 CLA IJ . 90.76 -7.00 21.10
C15 CLA IJ . 91.62 -7.61 18.83
MG CLA JJ . 91.39 6.29 4.19
CHA CLA JJ . 91.75 7.14 7.55
CHB CLA JJ . 93.48 8.81 3.40
CHC CLA JJ . 91.42 5.07 1.03
CHD CLA JJ . 89.43 3.34 5.26
NA CLA JJ . 92.46 7.70 5.27
C1A CLA JJ . 92.46 7.99 6.52
C2A CLA JJ . 93.24 9.23 6.91
C3A CLA JJ . 93.74 9.73 5.57
C4A CLA JJ . 93.17 8.67 4.68
CMA CLA JJ . 93.08 11.06 5.24
CAA CLA JJ . 94.52 8.94 7.71
CBA CLA JJ . 95.19 7.63 7.30
CGA CLA JJ . 96.62 7.58 7.77
O1A CLA JJ . 97.42 8.43 7.41
O2A CLA JJ . 97.06 6.51 8.65
NB CLA JJ . 92.32 6.86 2.47
C1B CLA JJ . 93.09 7.93 2.29
C2B CLA JJ . 93.57 8.16 0.90
C3B CLA JJ . 92.94 7.01 0.19
C4B CLA JJ . 92.20 6.29 1.27
CMB CLA JJ . 94.45 9.24 0.36
CAB CLA JJ . 93.04 6.65 -1.24
CBB CLA JJ . 93.53 5.50 -1.63
NC CLA JJ . 90.58 4.59 3.36
C1C CLA JJ . 90.73 4.27 2.05
C2C CLA JJ . 90.13 2.97 1.65
C3C CLA JJ . 89.54 2.47 2.91
C4C CLA JJ . 89.88 3.55 3.88
CMC CLA JJ . 90.11 2.34 0.29
CAC CLA JJ . 88.79 1.20 3.17
CBC CLA JJ . 87.35 1.47 2.77
ND CLA JJ . 90.74 5.38 5.90
C1D CLA JJ . 89.95 4.25 6.28
C2D CLA JJ . 89.71 4.10 7.74
C3D CLA JJ . 90.46 5.29 8.25
C4D CLA JJ . 91.00 5.94 7.15
CMD CLA JJ . 88.97 3.12 8.60
CAD CLA JJ . 90.86 6.04 9.46
OBD CLA JJ . 90.54 5.72 10.66
CBD CLA JJ . 91.68 7.19 9.06
CGD CLA JJ . 91.19 8.45 9.69
O1D CLA JJ . 90.04 8.56 10.05
O2D CLA JJ . 92.08 9.57 9.96
CED CLA JJ . 91.62 10.68 10.73
C1 CLA JJ . 98.03 5.57 8.21
C2 CLA JJ . 97.34 4.28 7.80
C3 CLA JJ . 97.58 3.12 8.43
C4 CLA JJ . 98.56 3.06 9.56
C5 CLA JJ . 96.86 1.86 7.97
C6 CLA JJ . 97.08 0.66 8.88
C7 CLA JJ . 95.79 -0.09 9.16
C8 CLA JJ . 96.03 -1.21 10.18
C9 CLA JJ . 95.08 -2.38 9.98
C10 CLA JJ . 95.91 -0.64 11.59
MG CLA KJ . 92.04 -0.37 11.40
CHA CLA KJ . 93.56 2.67 11.98
CHB CLA KJ . 92.44 -1.10 14.67
CHC CLA KJ . 91.12 -3.52 10.65
CHD CLA KJ . 92.06 0.44 7.78
NA CLA KJ . 92.89 0.59 13.03
C1A CLA KJ . 93.32 1.79 13.17
C2A CLA KJ . 93.64 2.23 14.58
C3A CLA KJ . 93.30 0.99 15.38
C4A CLA KJ . 92.85 0.11 14.27
CMA CLA KJ . 94.55 0.40 16.00
CAA CLA KJ . 92.76 3.36 15.09
CBA CLA KJ . 93.26 3.87 16.44
CGA CLA KJ . 94.71 4.28 16.35
O1A CLA KJ . 95.07 5.12 15.56
O2A CLA KJ . 95.69 3.67 17.24
NB CLA KJ . 91.83 -2.07 12.51
C1B CLA KJ . 91.96 -2.20 13.82
C2B CLA KJ . 91.61 -3.53 14.38
C3B CLA KJ . 91.20 -4.26 13.15
C4B CLA KJ . 91.39 -3.25 12.07
CMB CLA KJ . 91.64 -4.00 15.81
CAB CLA KJ . 90.73 -5.67 13.04
CBB CLA KJ . 91.27 -6.53 12.20
NC CLA KJ . 91.64 -1.30 9.60
C1C CLA KJ . 91.37 -2.61 9.52
C2C CLA KJ . 91.30 -3.17 8.15
C3C CLA KJ . 91.58 -1.99 7.31
C4C CLA KJ . 91.76 -0.91 8.30
CMC CLA KJ . 91.03 -4.59 7.73
CAC CLA KJ . 91.66 -1.89 5.80
CBC CLA KJ . 93.08 -2.23 5.43
ND CLA KJ . 92.63 1.11 10.12
C1D CLA KJ . 92.61 1.41 8.72
C2D CLA KJ . 93.19 2.72 8.34
C3D CLA KJ . 93.59 3.22 9.68
C4D CLA KJ . 93.24 2.24 10.61
CMD CLA KJ . 93.42 3.47 7.06
CAD CLA KJ . 94.18 4.35 10.43
OBD CLA KJ . 94.64 5.42 9.91
CBD CLA KJ . 94.22 4.02 11.87
CGD CLA KJ . 95.66 3.90 12.26
O1D CLA KJ . 96.27 2.85 12.13
O2D CLA KJ . 96.36 5.05 12.81
CED CLA KJ . 97.76 4.98 13.05
C1 CLA KJ . 97.07 4.05 17.15
C2 CLA KJ . 97.80 3.14 16.20
C3 CLA KJ . 99.00 2.61 16.49
C4 CLA KJ . 99.66 1.72 15.48
C5 CLA KJ . 99.69 2.90 17.80
C6 CLA KJ . 101.20 2.78 17.75
C7 CLA KJ . 101.76 2.11 19.00
MG CLA LJ . 82.74 -10.85 0.36
CHA CLA LJ . 82.95 -13.90 -1.28
CHB CLA LJ . 86.09 -10.51 0.00
CHC CLA LJ . 82.38 -7.61 1.28
CHD CLA LJ . 79.06 -11.19 0.32
NA CLA LJ . 84.26 -11.97 -0.52
C1A CLA LJ . 84.24 -13.14 -1.04
C2A CLA LJ . 85.58 -13.69 -1.46
C3A CLA LJ . 86.53 -12.62 -1.00
C4A CLA LJ . 85.55 -11.63 -0.46
CMA CLA LJ . 87.40 -13.12 0.14
CAA CLA LJ . 85.73 -13.76 -2.99
CBA CLA LJ . 85.59 -12.46 -3.80
CGA CLA LJ . 84.15 -12.06 -4.11
O1A CLA LJ . 83.55 -12.56 -5.04
O2A CLA LJ . 83.47 -11.08 -3.27
NB CLA LJ . 84.05 -9.29 0.59
C1B CLA LJ . 85.38 -9.34 0.53
C2B CLA LJ . 86.10 -8.11 0.93
C3B CLA LJ . 84.97 -7.22 1.31
C4B CLA LJ . 83.76 -8.07 1.06
CMB CLA LJ . 87.57 -7.83 0.96
CAB CLA LJ . 85.05 -5.84 1.82
CBB CLA LJ . 84.42 -5.41 2.91
NC CLA LJ . 81.07 -9.68 0.71
C1C CLA LJ . 81.16 -8.38 1.07
C2C CLA LJ . 79.86 -7.70 1.29
C3C CLA LJ . 78.88 -8.76 1.01
C4C CLA LJ . 79.75 -9.93 0.68
CMC CLA LJ . 79.61 -6.28 1.69
CAC CLA LJ . 77.38 -8.68 1.05
CBC CLA LJ . 76.91 -8.32 -0.34
ND CLA LJ . 81.30 -12.12 -0.30
C1D CLA LJ . 79.88 -12.27 -0.26
C2D CLA LJ . 79.34 -13.53 -0.82
C3D CLA LJ . 80.62 -14.18 -1.23
C4D CLA LJ . 81.66 -13.32 -0.91
CMD CLA LJ . 77.99 -14.16 -1.01
CAD CLA LJ . 81.21 -15.39 -1.86
OBD CLA LJ . 80.55 -16.41 -2.29
CBD CLA LJ . 82.67 -15.24 -1.90
CGD CLA LJ . 83.34 -16.35 -1.14
O1D CLA LJ . 83.54 -16.27 0.06
O2D CLA LJ . 83.79 -17.53 -1.85
CED CLA LJ . 84.72 -18.41 -1.24
C1 CLA LJ . 82.17 -10.54 -3.58
C2 CLA LJ . 82.22 -9.03 -3.62
C3 CLA LJ . 81.22 -8.22 -3.18
C4 CLA LJ . 79.95 -8.78 -2.63
C5 CLA LJ . 81.36 -6.73 -3.26
C6 CLA LJ . 82.72 -6.24 -2.78
C7 CLA LJ . 82.58 -5.12 -1.75
C8 CLA LJ . 83.74 -4.13 -1.82
C9 CLA LJ . 83.66 -3.31 -3.10
C10 CLA LJ . 85.07 -4.88 -1.72
C11 CLA LJ . 86.26 -3.93 -1.78
MG CLA MJ . 89.96 -11.36 -5.93
CHA CLA MJ . 87.01 -10.28 -7.38
CHB CLA MJ . 91.00 -12.31 -9.01
CHC CLA MJ . 92.99 -12.00 -4.56
CHD CLA MJ . 88.94 -9.64 -2.81
NA CLA MJ . 89.19 -11.26 -7.86
C1A CLA MJ . 88.02 -10.95 -8.28
C2A CLA MJ . 87.70 -11.28 -9.73
C3A CLA MJ . 88.98 -11.94 -10.18
C4A CLA MJ . 89.77 -11.83 -8.92
CMA CLA MJ . 88.72 -13.41 -10.46
CAA CLA MJ . 87.50 -10.08 -10.66
CBA CLA MJ . 88.56 -8.98 -10.49
CGA CLA MJ . 88.81 -8.34 -11.84
O1A CLA MJ . 89.69 -7.50 -11.96
O2A CLA MJ . 88.03 -8.72 -13.00
NB CLA MJ . 91.72 -12.09 -6.68
C1B CLA MJ . 92.01 -12.36 -7.95
C2B CLA MJ . 93.42 -12.72 -8.22
C3B CLA MJ . 94.01 -12.62 -6.87
C4B CLA MJ . 92.86 -12.23 -6.00
CMB CLA MJ . 94.08 -13.09 -9.52
CAB CLA MJ . 95.42 -12.88 -6.46
CBB CLA MJ . 95.72 -13.83 -5.60
NC CLA MJ . 90.76 -10.92 -4.08
C1C CLA MJ . 92.02 -11.24 -3.73
C2C CLA MJ . 92.44 -10.78 -2.38
C3C CLA MJ . 91.24 -10.09 -1.88
C4C CLA MJ . 90.28 -10.24 -3.00
CMC CLA MJ . 93.76 -10.97 -1.69
CAC CLA MJ . 91.04 -9.40 -0.56
CBC CLA MJ . 91.43 -7.96 -0.76
ND CLA MJ . 88.47 -10.19 -5.20
C1D CLA MJ . 88.02 -9.63 -3.95
C2D CLA MJ . 86.65 -9.06 -3.95
C3D CLA MJ . 86.25 -9.35 -5.35
C4D CLA MJ . 87.33 -9.97 -5.98
CMD CLA MJ . 85.76 -8.40 -2.94
CAD CLA MJ . 85.17 -9.21 -6.36
OBD CLA MJ . 84.02 -8.69 -6.15
CBD CLA MJ . 85.62 -9.81 -7.63
CGD CLA MJ . 84.73 -10.98 -7.90
O1D CLA MJ . 85.08 -12.11 -7.58
O2D CLA MJ . 83.45 -10.79 -8.57
CED CLA MJ . 82.84 -11.89 -9.24
MG CLA NJ . 67.58 -10.03 1.84
CHA CLA NJ . 67.16 -10.93 -1.48
CHB CLA NJ . 70.77 -9.15 1.12
CHC CLA NJ . 67.70 -8.54 4.85
CHD CLA NJ . 63.96 -10.67 2.36
NA CLA NJ . 68.75 -10.00 0.13
C1A CLA NJ . 68.53 -10.44 -1.06
C2A CLA NJ . 69.71 -10.41 -2.01
C3A CLA NJ . 70.82 -9.88 -1.13
C4A CLA NJ . 70.05 -9.66 0.12
CMA CLA NJ . 71.86 -10.96 -0.89
CAA CLA NJ . 69.60 -9.37 -3.13
CBA CLA NJ . 68.77 -8.14 -2.76
CGA CLA NJ . 69.35 -6.86 -3.29
O1A CLA NJ . 68.63 -5.92 -3.54
O2A CLA NJ . 70.78 -6.74 -3.53
NB CLA NJ . 69.03 -8.98 2.83
C1B CLA NJ . 70.30 -8.81 2.47
C2B CLA NJ . 71.18 -8.19 3.48
C3B CLA NJ . 70.25 -7.99 4.61
C4B CLA NJ . 68.95 -8.52 4.08
CMB CLA NJ . 72.65 -7.85 3.38
CAB CLA NJ . 70.55 -7.42 5.94
CBB CLA NJ . 70.15 -7.92 7.10
NC CLA NJ . 66.15 -9.73 3.30
C1C CLA NJ . 66.39 -9.02 4.40
C2C CLA NJ . 65.22 -8.70 5.24
C3C CLA NJ . 64.11 -9.32 4.50
C4C CLA NJ . 64.80 -9.94 3.33
CMC CLA NJ . 65.17 -7.91 6.53
CAC CLA NJ . 62.64 -9.35 4.85
CBC CLA NJ . 62.05 -8.11 4.23
ND CLA NJ . 65.93 -10.61 0.80
C1D CLA NJ . 64.53 -10.90 1.03
C2D CLA NJ . 63.78 -11.41 -0.13
C3D CLA NJ . 64.87 -11.41 -1.14
C4D CLA NJ . 66.03 -10.94 -0.54
CMD CLA NJ . 62.38 -11.86 -0.42
CAD CLA NJ . 65.20 -11.72 -2.55
OBD CLA NJ . 64.37 -12.17 -3.42
CBD CLA NJ . 66.62 -11.40 -2.78
CGD CLA NJ . 67.34 -12.45 -3.55
O1D CLA NJ . 67.46 -13.60 -3.18
O2D CLA NJ . 67.85 -12.08 -4.85
CED CLA NJ . 67.19 -12.60 -5.98
C1 CLA NJ . 71.31 -5.50 -3.99
MG CLA OJ . 62.73 -3.62 30.08
CHA CLA OJ . 61.08 -2.94 33.05
CHB CLA OJ . 61.59 -6.78 30.25
CHC CLA OJ . 63.66 -3.99 26.84
CHD CLA OJ . 63.52 -0.02 29.84
NA CLA OJ . 61.51 -4.67 31.38
C1A CLA OJ . 61.03 -4.36 32.53
C2A CLA OJ . 60.37 -5.47 33.30
C3A CLA OJ . 60.58 -6.66 32.40
C4A CLA OJ . 61.28 -5.99 31.26
CMA CLA OJ . 61.55 -7.64 33.06
CAA CLA OJ . 58.84 -5.30 33.28
CBA CLA OJ . 58.10 -6.39 34.04
CGA CLA OJ . 56.62 -6.14 33.89
O1A CLA OJ . 56.21 -5.20 33.25
O2A CLA OJ . 55.65 -7.04 34.52
NB CLA OJ . 62.62 -5.16 28.74
C1B CLA OJ . 62.23 -6.40 28.99
C2B CLA OJ . 62.43 -7.35 27.86
C3B CLA OJ . 63.06 -6.48 26.84
C4B CLA OJ . 63.11 -5.16 27.51
CMB CLA OJ . 62.14 -8.81 27.73
CAB CLA OJ . 63.51 -6.86 25.48
CBB CLA OJ . 62.98 -6.31 24.41
NC CLA OJ . 63.46 -2.28 28.68
C1C CLA OJ . 63.70 -2.63 27.42
C2C CLA OJ . 64.05 -1.53 26.51
C3C CLA OJ . 64.01 -0.34 27.38
C4C CLA OJ . 63.64 -0.94 28.70
CMC CLA OJ . 64.36 -1.65 25.05
CAC CLA OJ . 64.29 1.11 27.03
CBC CLA OJ . 62.97 1.84 26.92
ND CLA OJ . 62.42 -1.87 31.09
C1D CLA OJ . 62.77 -0.48 31.00
C2D CLA OJ . 62.32 0.38 32.11
C3D CLA OJ . 61.64 -0.65 32.94
C4D CLA OJ . 61.73 -1.86 32.28
CMD CLA OJ . 62.45 1.83 32.46
CAD CLA OJ . 60.87 -0.87 34.19
OBD CLA OJ . 60.60 0.03 35.05
CBD CLA OJ . 60.53 -2.30 34.29
CGD CLA OJ . 61.31 -2.84 35.45
O1D CLA OJ . 62.46 -2.51 35.62
O2D CLA OJ . 60.70 -3.77 36.38
CED CLA OJ . 61.47 -4.21 37.49
C1 CLA OJ . 54.28 -6.67 34.57
MG CHL PJ . 81.15 1.76 40.45
CHA CHL PJ . 84.44 2.34 41.08
CHB CHL PJ . 81.32 -0.90 42.47
CHC CHL PJ . 78.09 0.82 39.26
CHD CHL PJ . 81.15 4.61 38.20
NA CHL PJ . 82.60 0.82 41.44
C1A CHL PJ . 83.77 1.21 41.75
C2A CHL PJ . 84.48 0.47 42.86
C3A CHL PJ . 83.68 -0.82 42.83
C4A CHL PJ . 82.44 -0.27 42.21
CMA CHL PJ . 84.31 -1.82 41.87
CAA CHL PJ . 84.30 1.21 44.17
CBA CHL PJ . 84.90 0.41 45.32
NB CHL PJ . 79.90 0.18 40.80
C1B CHL PJ . 80.09 -0.79 41.70
C2B CHL PJ . 78.95 -1.74 41.86
C3B CHL PJ . 77.99 -1.20 40.88
C4B CHL PJ . 78.68 -0.02 40.29
CMB CHL PJ . 78.83 -2.92 42.78
CAB CHL PJ . 76.62 -1.69 40.54
CBB CHL PJ . 75.55 -0.92 40.73
NC CHL PJ . 79.90 2.56 39.01
C1C CHL PJ . 78.70 2.04 38.69
C2C CHL PJ . 77.97 2.78 37.63
C3C CHL PJ . 78.88 3.89 37.31
C4C CHL PJ . 80.02 3.65 38.23
CMC CHL PJ . 76.65 2.49 37.02
OMC CHL PJ . 75.68 2.15 37.69
CAC CHL PJ . 78.69 5.01 36.32
CBC CHL PJ . 79.45 4.57 35.07
ND CHL PJ . 82.39 3.20 39.72
C1D CHL PJ . 82.39 4.23 38.88
C2D CHL PJ . 83.66 4.98 38.72
C3D CHL PJ . 84.51 4.18 39.64
C4D CHL PJ . 83.70 3.19 40.15
CMD CHL PJ . 84.14 6.17 37.94
CAD CHL PJ . 85.86 4.00 40.23
OBD CHL PJ . 86.89 4.73 39.98
CBD CHL PJ . 85.85 2.83 41.14
CGD CHL PJ . 86.71 1.78 40.49
O1D CHL PJ . 86.28 1.12 39.55
O2D CHL PJ . 88.06 1.53 40.96
CED CHL PJ . 88.69 0.31 40.63
C1 LUT QJ . 88.76 -9.76 4.90
C2 LUT QJ . 88.61 -11.02 4.05
C3 LUT QJ . 87.23 -11.39 3.54
C4 LUT QJ . 86.14 -10.91 4.48
C5 LUT QJ . 86.31 -9.44 4.72
C6 LUT QJ . 87.50 -8.93 5.04
C7 LUT QJ . 87.60 -7.53 5.50
C8 LUT QJ . 87.44 -7.24 6.80
C9 LUT QJ . 87.55 -5.86 7.29
C10 LUT QJ . 87.54 -5.70 8.61
C11 LUT QJ . 87.66 -4.44 9.32
C12 LUT QJ . 87.58 -4.55 10.64
C13 LUT QJ . 87.72 -3.45 11.59
C14 LUT QJ . 87.76 -3.78 12.89
C15 LUT QJ . 87.96 -2.80 13.95
C16 LUT QJ . 89.82 -8.88 4.23
C17 LUT QJ . 89.29 -10.20 6.26
C18 LUT QJ . 85.07 -8.58 4.57
C19 LUT QJ . 87.62 -4.71 6.33
C20 LUT QJ . 87.84 -2.03 11.14
O3 LUT QJ . 87.12 -12.82 3.48
C21 LUT QJ . 91.67 1.16 25.25
C22 LUT QJ . 92.23 2.46 25.79
C23 LUT QJ . 91.27 3.23 26.68
C24 LUT QJ . 89.88 3.28 26.09
C25 LUT QJ . 89.40 2.28 25.34
C26 LUT QJ . 90.34 1.44 24.51
C27 LUT QJ . 89.73 0.13 24.06
C28 LUT QJ . 89.52 0.03 22.76
C29 LUT QJ . 88.97 -1.15 22.11
C30 LUT QJ . 89.17 -1.19 20.80
C31 LUT QJ . 88.76 -2.25 19.90
C32 LUT QJ . 88.69 -1.88 18.63
C33 LUT QJ . 88.33 -2.81 17.55
C34 LUT QJ . 88.42 -2.39 16.29
C35 LUT QJ . 88.13 -3.28 15.17
C36 LUT QJ . 91.49 0.12 26.35
C37 LUT QJ . 92.70 0.62 24.27
C38 LUT QJ . 87.93 2.00 25.35
C39 LUT QJ . 88.24 -2.24 22.85
C40 LUT QJ . 87.87 -4.18 17.91
O23 LUT QJ . 91.76 4.57 26.80
MG CLA RJ . 61.97 4.38 17.80
CHA CLA RJ . 62.97 6.43 20.42
CHB CLA RJ . 62.28 7.00 15.71
CHC CLA RJ . 61.33 2.25 15.28
CHD CLA RJ . 61.94 1.53 20.16
NA CLA RJ . 62.55 6.37 18.00
C1A CLA RJ . 62.84 7.06 19.05
C2A CLA RJ . 62.98 8.57 18.82
C3A CLA RJ . 62.78 8.68 17.31
C4A CLA RJ . 62.53 7.24 17.00
CMA CLA RJ . 61.51 9.46 16.98
CAA CLA RJ . 64.30 9.25 19.16
CBA CLA RJ . 64.22 10.77 19.08
CGA CLA RJ . 64.00 11.38 20.44
O1A CLA RJ . 64.64 11.00 21.41
O2A CLA RJ . 63.01 12.44 20.62
NB CLA RJ . 61.86 4.59 15.77
C1B CLA RJ . 61.94 5.72 15.08
C2B CLA RJ . 61.58 5.61 13.64
C3B CLA RJ . 61.29 4.16 13.52
C4B CLA RJ . 61.50 3.65 14.91
CMB CLA RJ . 61.54 6.69 12.59
CAB CLA RJ . 60.87 3.39 12.31
CBB CLA RJ . 59.78 2.63 12.29
NC CLA RJ . 61.83 2.32 17.74
C1C CLA RJ . 61.34 1.71 16.65
C2C CLA RJ . 60.73 0.38 16.86
C3C CLA RJ . 60.91 0.16 18.30
C4C CLA RJ . 61.60 1.41 18.72
CMC CLA RJ . 60.09 -0.53 15.84
CAC CLA RJ . 60.49 -1.03 19.12
CBC CLA RJ . 61.60 -2.03 18.98
ND CLA RJ . 62.36 3.97 19.74
C1D CLA RJ . 62.31 2.86 20.65
C2D CLA RJ . 62.65 3.17 22.05
C3D CLA RJ . 62.92 4.63 21.93
C4D CLA RJ . 62.75 4.98 20.61
CMD CLA RJ . 62.75 2.41 23.33
CAD CLA RJ . 63.32 5.84 22.68
OBD CLA RJ . 63.57 5.90 23.94
CBD CLA RJ . 63.33 6.99 21.75
CGD CLA RJ . 62.20 7.86 22.17
O1D CLA RJ . 61.18 7.38 22.65
O2D CLA RJ . 62.28 9.31 22.04
CED CLA RJ . 61.12 10.09 22.30
C1 CLA RJ . 63.04 13.24 21.81
C1 BCR SJ . 71.38 -1.10 43.63
C2 BCR SJ . 70.29 -0.29 44.34
C3 BCR SJ . 68.90 -0.88 44.21
C4 BCR SJ . 68.64 -1.13 42.73
C5 BCR SJ . 69.58 -2.20 42.28
C6 BCR SJ . 70.86 -2.19 42.70
C7 BCR SJ . 71.80 -3.26 42.26
C8 BCR SJ . 72.54 -3.10 41.16
C9 BCR SJ . 73.49 -4.07 40.61
C10 BCR SJ . 74.05 -3.77 39.44
C11 BCR SJ . 75.01 -4.61 38.75
C33 BCR SJ . 69.03 -3.28 41.39
C31 BCR SJ . 72.19 -1.80 44.69
C32 BCR SJ . 72.23 -0.06 42.89
C34 BCR SJ . 73.83 -5.34 41.35
C12 BCR SJ . 75.66 -4.08 37.71
C13 BCR SJ . 76.62 -4.90 36.96
C14 BCR SJ . 76.70 -4.75 35.64
C15 BCR SJ . 77.62 -5.56 34.85
C16 BCR SJ . 77.36 -5.75 33.56
C17 BCR SJ . 78.27 -6.57 32.76
C18 BCR SJ . 78.13 -6.68 31.43
C19 BCR SJ . 79.06 -7.55 30.70
C20 BCR SJ . 79.21 -7.53 29.39
C21 BCR SJ . 80.17 -8.50 28.88
C22 BCR SJ . 80.52 -8.67 27.61
C23 BCR SJ . 81.49 -9.73 27.33
C24 BCR SJ . 81.73 -10.24 26.12
C25 BCR SJ . 82.73 -11.34 25.93
C26 BCR SJ . 82.31 -12.62 25.96
C27 BCR SJ . 83.28 -13.74 25.76
C28 BCR SJ . 84.24 -13.34 24.67
C29 BCR SJ . 85.03 -12.12 25.11
C30 BCR SJ . 84.20 -10.99 25.69
C35 BCR SJ . 77.50 -5.87 37.69
C36 BCR SJ . 77.02 -6.00 30.70
C37 BCR SJ . 79.94 -7.82 26.52
C38 BCR SJ . 80.87 -13.01 26.18
C39 BCR SJ . 84.22 -9.82 24.71
C40 BCR SJ . 84.89 -10.57 26.98
O1 LHG TJ . 90.70 11.07 -1.58
C1 LHG TJ . 90.95 10.45 -0.32
C2 LHG TJ . 90.48 11.36 0.81
O2 LHG TJ . 91.29 12.53 0.87
C3 LHG TJ . 90.56 10.62 2.14
O3 LHG TJ . 89.96 9.33 2.01
P LHG TJ . 89.23 8.67 3.27
O4 LHG TJ . 90.29 8.09 4.19
O5 LHG TJ . 88.22 9.66 3.79
O6 LHG TJ . 88.44 7.43 2.62
C4 LHG TJ . 87.06 7.24 2.96
C5 LHG TJ . 86.70 5.76 2.94
C6 LHG TJ . 86.42 5.33 4.37
O7 LHG TJ . 85.49 5.62 2.20
C7 LHG TJ . 85.68 4.91 0.94
O9 LHG TJ . 86.70 4.27 0.76
C8 LHG TJ . 84.62 4.98 -0.14
C9 LHG TJ . 83.87 3.65 -0.22
C10 LHG TJ . 82.92 3.61 -1.41
O8 LHG TJ . 85.52 4.24 4.34
C23 LHG TJ . 84.52 4.08 5.38
O10 LHG TJ . 84.72 4.60 6.47
C24 LHG TJ . 83.26 3.32 5.11
C11 LHG TJ . 82.47 2.18 -1.67
C12 LHG TJ . 81.47 2.05 -2.82
C13 LHG TJ . 81.35 0.59 -3.24
C14 LHG TJ . 80.09 0.33 -4.04
C15 LHG TJ . 78.85 0.44 -3.17
C16 LHG TJ . 77.59 0.04 -3.93
C25 LHG TJ . 83.62 1.97 4.50
C26 LHG TJ . 82.98 1.74 3.14
C27 LHG TJ . 83.73 0.61 2.45
C28 LHG TJ . 82.93 -0.03 1.32
C29 LHG TJ . 83.61 -1.31 0.86
C30 LHG TJ . 85.01 -1.06 0.36
C31 LHG TJ . 85.02 -0.44 -1.03
C32 LHG TJ . 86.44 -0.10 -1.48
C1 LUT UJ . 78.29 -14.10 17.71
C2 LUT UJ . 78.87 -15.50 17.88
C3 LUT UJ . 80.38 -15.65 17.93
C4 LUT UJ . 81.07 -14.59 17.08
C5 LUT UJ . 80.62 -13.25 17.59
C6 LUT UJ . 79.31 -12.98 17.71
C7 LUT UJ . 78.84 -11.59 17.88
C8 LUT UJ . 78.66 -10.74 16.84
C9 LUT UJ . 78.16 -9.36 17.02
C10 LUT UJ . 77.97 -8.63 15.91
C11 LUT UJ . 77.45 -7.26 15.87
C12 LUT UJ . 77.11 -6.87 14.64
C13 LUT UJ . 76.54 -5.57 14.22
C14 LUT UJ . 76.38 -5.38 12.90
C15 LUT UJ . 75.79 -4.18 12.33
C16 LUT UJ . 77.34 -13.84 18.87
C17 LUT UJ . 77.48 -14.10 16.42
C18 LUT UJ . 81.68 -12.26 17.97
C19 LUT UJ . 77.87 -8.81 18.37
C20 LUT UJ . 76.12 -4.53 15.21
O3 LUT UJ . 80.73 -16.95 17.41
C21 LUT UJ . 70.71 4.54 4.45
C22 LUT UJ . 69.91 5.82 4.45
C23 LUT UJ . 70.74 7.08 4.53
C24 LUT UJ . 71.75 6.98 5.63
C25 LUT UJ . 72.26 5.79 6.02
C26 LUT UJ . 71.63 4.47 5.68
C27 LUT UJ . 72.69 3.39 5.51
C28 LUT UJ . 72.65 2.38 6.38
C29 LUT UJ . 73.58 1.24 6.36
C30 LUT UJ . 73.45 0.39 7.38
C31 LUT UJ . 74.24 -0.83 7.57
C32 LUT UJ . 74.45 -1.19 8.82
C33 LUT UJ . 75.20 -2.40 9.19
C34 LUT UJ . 75.18 -2.76 10.48
C35 LUT UJ . 75.83 -3.95 11.02
C36 LUT UJ . 71.49 4.41 3.15
C37 LUT UJ . 69.72 3.39 4.50
C38 LUT UJ . 73.51 5.83 6.84
C39 LUT UJ . 74.60 1.06 5.29
C40 LUT UJ . 75.92 -3.18 8.14
O23 LUT UJ . 69.90 8.20 4.80
C1 BCR VJ . 65.21 -27.66 29.19
C2 BCR VJ . 64.36 -28.65 29.97
C3 BCR VJ . 62.86 -28.46 29.80
C4 BCR VJ . 62.53 -27.02 30.10
C5 BCR VJ . 63.19 -26.21 29.01
C6 BCR VJ . 64.43 -26.51 28.59
C7 BCR VJ . 65.05 -25.71 27.50
C8 BCR VJ . 65.82 -24.62 27.68
C9 BCR VJ . 66.32 -23.97 26.46
C10 BCR VJ . 66.63 -22.66 26.45
C11 BCR VJ . 67.11 -22.08 25.21
C33 BCR VJ . 62.39 -25.07 28.42
C31 BCR VJ . 65.88 -28.41 28.03
C32 BCR VJ . 66.29 -27.14 30.13
C34 BCR VJ . 66.50 -24.81 25.22
C12 BCR VJ . 67.86 -20.99 25.08
C13 BCR VJ . 68.16 -20.61 23.69
C14 BCR VJ . 68.63 -19.39 23.39
C15 BCR VJ . 68.86 -19.07 21.99
C16 BCR VJ . 69.13 -17.83 21.60
C17 BCR VJ . 69.30 -17.56 20.18
C18 BCR VJ . 69.64 -16.35 19.75
C19 BCR VJ . 69.77 -16.10 18.31
C20 BCR VJ . 69.87 -14.85 17.89
C21 BCR VJ . 69.95 -14.66 16.45
C22 BCR VJ . 70.21 -13.50 15.86
C23 BCR VJ . 70.20 -13.57 14.39
C24 BCR VJ . 70.44 -12.54 13.56
C25 BCR VJ . 70.38 -12.72 12.09
C26 BCR VJ . 69.20 -12.60 11.43
C27 BCR VJ . 69.12 -12.76 9.93
C28 BCR VJ . 70.10 -13.84 9.52
C29 BCR VJ . 71.48 -13.32 9.86
C30 BCR VJ . 71.68 -12.99 11.33
C35 BCR VJ . 67.94 -21.61 22.59
C36 BCR VJ . 69.90 -15.24 20.72
C37 BCR VJ . 70.50 -12.24 16.61
C38 BCR VJ . 67.89 -12.32 12.12
C39 BCR VJ . 72.51 -11.71 11.45
C40 BCR VJ . 72.53 -14.14 11.86
MG CLA WJ . 64.62 1.23 40.61
CHA CLA WJ . 67.42 1.50 38.59
CHB CLA WJ . 62.98 -0.18 38.01
CHC CLA WJ . 61.81 1.35 42.50
CHD CLA WJ . 66.42 3.16 43.19
NA CLA WJ . 65.08 0.78 38.64
C1A CLA WJ . 66.21 0.82 38.02
C2A CLA WJ . 66.26 0.14 36.68
C3A CLA WJ . 64.83 -0.34 36.53
C4A CLA WJ . 64.26 0.13 37.82
CMA CLA WJ . 64.12 0.38 35.39
CAA CLA WJ . 67.08 -1.14 36.77
CBA CLA WJ . 67.07 -1.95 35.48
CGA CLA WJ . 67.01 -3.42 35.84
O1A CLA WJ . 65.94 -4.01 35.84
O2A CLA WJ . 68.23 -4.13 36.19
NB CLA WJ . 62.68 0.66 40.29
C1B CLA WJ . 62.15 0.14 39.17
C2B CLA WJ . 60.69 -0.14 39.23
C3B CLA WJ . 60.36 0.33 40.59
C4B CLA WJ . 61.67 0.79 41.15
CMB CLA WJ . 59.78 -0.72 38.19
CAB CLA WJ . 59.03 0.32 41.26
CBB CLA WJ . 58.83 -0.36 42.37
NC CLA WJ . 64.20 2.14 42.41
C1C CLA WJ . 63.03 1.95 43.06
C2C CLA WJ . 63.02 2.37 44.48
C3C CLA WJ . 64.38 2.91 44.67
C4C CLA WJ . 65.01 2.72 43.34
CMC CLA WJ . 61.89 2.28 45.47
CAC CLA WJ . 64.99 3.50 45.91
CBC CLA WJ . 64.74 4.99 45.80
ND CLA WJ . 66.40 2.16 40.90
C1D CLA WJ . 67.11 2.88 41.92
C2D CLA WJ . 68.50 3.26 41.60
C3D CLA WJ . 68.61 2.68 40.23
C4D CLA WJ . 67.39 2.12 39.92
CMD CLA WJ . 69.62 3.98 42.30
CAD CLA WJ . 69.50 2.51 39.05
OBD CLA WJ . 70.71 2.94 38.97
CBD CLA WJ . 68.77 1.79 38.00
CGD CLA WJ . 68.75 2.61 36.74
O1D CLA WJ . 68.81 2.07 35.65
O2D CLA WJ . 68.67 4.06 36.78
CED CLA WJ . 68.67 4.78 35.56
C1 CLA WJ . 68.25 -5.56 36.23
C2 CLA WJ . 68.05 -6.07 37.64
C3 CLA WJ . 69.07 -6.16 38.52
C4 CLA WJ . 70.46 -5.75 38.14
C5 CLA WJ . 68.81 -6.68 39.91
C6 CLA WJ . 69.77 -7.81 40.26
C7 CLA WJ . 69.16 -8.78 41.27
C8 CLA WJ . 68.99 -10.17 40.66
C9 CLA WJ . 67.73 -10.24 39.81
C10 CLA WJ . 68.95 -11.20 41.78
C11 CLA WJ . 70.29 -11.89 41.95
C12 CLA WJ . 70.73 -11.91 43.41
C13 CLA WJ . 71.10 -13.32 43.87
C14 CLA WJ . 71.59 -13.32 45.31
C15 CLA WJ . 72.13 -13.94 42.92
C16 CLA WJ . 73.56 -13.46 43.16
C17 CLA WJ . 74.57 -14.46 42.61
C18 CLA WJ . 75.98 -14.10 43.05
C19 CLA WJ . 76.10 -14.07 44.57
C20 CLA WJ . 76.44 -12.80 42.43
MG CLA XJ . 52.59 1.17 45.71
CHA CLA XJ . 53.54 4.47 45.17
CHB CLA XJ . 49.40 2.24 45.98
CHC CLA XJ . 51.67 -2.08 45.79
CHD CLA XJ . 56.03 0.16 44.78
NA CLA XJ . 51.62 3.00 45.54
C1A CLA XJ . 52.08 4.20 45.43
C2A CLA XJ . 51.08 5.33 45.58
C3A CLA XJ . 49.80 4.57 45.87
C4A CLA XJ . 50.32 3.17 45.79
CMA CLA XJ . 49.36 4.88 47.29
CAA CLA XJ . 50.80 6.12 44.29
CBA CLA XJ . 50.76 5.29 43.02
CGA CLA XJ . 49.34 5.18 42.52
O1A CLA XJ . 48.60 6.15 42.53
O2A CLA XJ . 48.84 3.90 42.02
NB CLA XJ . 50.80 0.22 45.87
C1B CLA XJ . 49.59 0.79 45.96
C2B CLA XJ . 48.43 -0.14 46.01
C3B CLA XJ . 49.12 -1.45 45.95
C4B CLA XJ . 50.58 -1.10 45.87
CMB CLA XJ . 46.97 0.18 46.10
CAB CLA XJ . 48.43 -2.77 45.97
CBB CLA XJ . 48.84 -3.75 46.73
NC CLA XJ . 53.63 -0.56 45.31
C1C CLA XJ . 53.10 -1.78 45.49
C2C CLA XJ . 54.06 -2.90 45.39
C3C CLA XJ . 55.33 -2.23 45.09
C4C CLA XJ . 54.94 -0.80 45.07
CMC CLA XJ . 53.82 -4.38 45.53
CAC CLA XJ . 56.69 -2.85 44.86
CBC CLA XJ . 56.74 -3.17 43.38
ND CLA XJ . 54.35 1.99 45.06
C1D CLA XJ . 55.71 1.59 44.83
C2D CLA XJ . 56.69 2.69 44.65
C3D CLA XJ . 55.78 3.85 44.79
C4D CLA XJ . 54.50 3.36 45.00
CMD CLA XJ . 58.16 2.81 44.39
CAD CLA XJ . 55.71 5.32 44.79
OBD CLA XJ . 56.69 6.12 44.61
CBD CLA XJ . 54.31 5.74 45.03
CGD CLA XJ . 54.23 6.55 46.27
O1D CLA XJ . 54.48 6.08 47.37
O2D CLA XJ . 53.79 7.93 46.19
CED CLA XJ . 53.06 8.50 47.27
C1 CLA XJ . 47.81 3.22 42.73
C2 CLA XJ . 48.11 1.74 42.75
C3 CLA XJ . 47.16 0.83 42.48
C4 CLA XJ . 45.76 1.24 42.17
C5 CLA XJ . 47.51 -0.65 42.49
C6 CLA XJ . 47.66 -1.17 41.07
C7 CLA XJ . 46.61 -2.21 40.74
C8 CLA XJ . 46.69 -2.57 39.25
C9 CLA XJ . 45.34 -2.36 38.58
C10 CLA XJ . 47.16 -4.01 39.11
C11 CLA XJ . 48.45 -4.09 38.30
C12 CLA XJ . 49.52 -4.91 39.02
C13 CLA XJ . 50.17 -5.92 38.08
C14 CLA XJ . 49.37 -7.22 38.04
C15 CLA XJ . 51.60 -6.17 38.52
C16 CLA XJ . 51.68 -6.80 39.90
C17 CLA XJ . 53.10 -7.23 40.20
C18 CLA XJ . 53.48 -8.46 39.41
C19 CLA XJ . 52.95 -9.71 40.11
C20 CLA XJ . 54.99 -8.55 39.20
MG CLA YJ . 44.41 -6.81 46.65
CHA CLA YJ . 41.69 -4.68 46.85
CHB CLA YJ . 45.48 -5.01 43.98
CHC CLA YJ . 46.76 -9.18 46.17
CHD CLA YJ . 42.72 -9.03 49.08
NA CLA YJ . 43.69 -5.18 45.56
C1A CLA YJ . 42.73 -4.36 45.82
C2A CLA YJ . 42.69 -3.09 45.00
C3A CLA YJ . 43.89 -3.26 44.10
C4A CLA YJ . 44.38 -4.58 44.59
CMA CLA YJ . 43.45 -3.42 42.65
CAA CLA YJ . 42.99 -1.86 45.85
CBA CLA YJ . 42.94 -0.57 45.05
CGA CLA YJ . 41.54 -0.33 44.55
O1A CLA YJ . 40.62 -0.16 45.34
O2A CLA YJ . 41.27 -0.29 43.13
NB CLA YJ . 45.92 -7.03 45.30
C1B CLA YJ . 46.18 -6.27 44.23
C2B CLA YJ . 47.23 -6.78 43.33
C3B CLA YJ . 47.62 -8.04 43.98
C4B CLA YJ . 46.74 -8.09 45.19
CMB CLA YJ . 47.77 -6.18 42.06
CAB CLA YJ . 48.63 -9.03 43.56
CBB CLA YJ . 48.33 -10.30 43.34
NC CLA YJ . 44.68 -8.67 47.48
C1C CLA YJ . 45.67 -9.49 47.10
C2C CLA YJ . 45.64 -10.85 47.71
C3C CLA YJ . 44.45 -10.80 48.56
C4C CLA YJ . 43.94 -9.41 48.35
CMC CLA YJ . 46.59 -11.99 47.49
CAC CLA YJ . 43.88 -11.88 49.44
CBC CLA YJ . 44.50 -11.67 50.80
ND CLA YJ . 42.66 -6.95 47.69
C1D CLA YJ . 42.07 -7.78 48.71
C2D CLA YJ . 40.80 -7.27 49.30
C3D CLA YJ . 40.67 -6.02 48.51
C4D CLA YJ . 41.75 -5.92 47.65
CMD CLA YJ . 39.82 -7.72 50.33
CAD CLA YJ . 39.84 -4.81 48.31
OBD CLA YJ . 38.76 -4.56 48.93
CBD CLA YJ . 40.43 -3.97 47.25
CGD CLA YJ . 39.46 -3.93 46.10
O1D CLA YJ . 38.95 -2.87 45.77
O2D CLA YJ . 39.12 -5.14 45.39
CED CLA YJ . 38.32 -5.08 44.22
C1 CLA YJ . 39.92 -0.31 42.64
MG CLA ZJ . 50.16 -18.84 61.23
CHA CLA ZJ . 50.06 -22.29 61.61
CHB CLA ZJ . 47.36 -19.06 59.34
CHC CLA ZJ . 50.55 -15.55 60.55
CHD CLA ZJ . 53.46 -18.85 62.90
NA CLA ZJ . 48.94 -20.38 60.56
C1A CLA ZJ . 48.94 -21.64 60.84
C2A CLA ZJ . 47.75 -22.44 60.32
C3A CLA ZJ . 46.95 -21.38 59.60
C4A CLA ZJ . 47.83 -20.19 59.85
CMA CLA ZJ . 46.94 -21.67 58.10
CAA CLA ZJ . 46.84 -23.01 61.41
CBA CLA ZJ . 46.45 -22.00 62.48
CGA CLA ZJ . 46.02 -22.73 63.73
O1A CLA ZJ . 45.37 -23.75 63.66
O2A CLA ZJ . 46.40 -22.21 65.03
NB CLA ZJ . 49.13 -17.51 60.07
C1B CLA ZJ . 47.98 -17.73 59.44
C2B CLA ZJ . 47.32 -16.52 58.88
C3B CLA ZJ . 48.28 -15.47 59.27
C4B CLA ZJ . 49.36 -16.21 59.97
CMB CLA ZJ . 46.04 -16.40 58.13
CAB CLA ZJ . 48.22 -14.03 58.97
CBB CLA ZJ . 49.05 -13.51 58.09
NC CLA ZJ . 51.71 -17.52 61.59
C1C CLA ZJ . 51.61 -16.20 61.32
C2C CLA ZJ . 52.70 -15.37 61.89
C3C CLA ZJ . 53.55 -16.35 62.59
C4C CLA ZJ . 52.84 -17.63 62.33
CMC CLA ZJ . 52.89 -13.88 61.79
CAC CLA ZJ . 54.82 -16.12 63.37
CBC CLA ZJ . 54.39 -15.88 64.80
ND CLA ZJ . 51.49 -20.15 62.03
C1D CLA ZJ . 52.75 -20.13 62.75
C2D CLA ZJ . 53.22 -21.43 63.26
C3D CLA ZJ . 52.10 -22.30 62.79
C4D CLA ZJ . 51.20 -21.50 62.11
CMD CLA ZJ . 54.39 -21.94 64.04
CAD CLA ZJ . 51.59 -23.70 62.75
OBD CLA ZJ . 52.16 -24.72 63.28
CBD CLA ZJ . 50.31 -23.71 62.02
CGD CLA ZJ . 50.36 -24.67 60.88
O1D CLA ZJ . 50.47 -24.30 59.74
O2D CLA ZJ . 50.26 -26.10 61.13
CED CLA ZJ . 49.93 -26.97 60.04
C1 CLA ZJ . 45.55 -22.39 66.17
C2 CLA ZJ . 44.94 -21.05 66.55
C3 CLA ZJ . 45.50 -20.26 67.49
C4 CLA ZJ . 46.76 -20.67 68.19
C5 CLA ZJ . 44.86 -18.94 67.84
C6 CLA ZJ . 45.86 -17.79 67.80
C7 CLA ZJ . 46.00 -17.10 69.15
C8 CLA ZJ . 47.10 -16.04 69.09
C9 CLA ZJ . 48.04 -16.17 70.28
C10 CLA ZJ . 46.47 -14.65 69.05
C11 CLA ZJ . 47.41 -13.62 68.46
C12 CLA ZJ . 46.69 -12.82 67.36
C13 CLA ZJ . 47.39 -11.51 67.04
C14 CLA ZJ . 47.43 -10.60 68.26
C15 CLA ZJ . 46.68 -10.84 65.86
C16 CLA ZJ . 47.53 -9.75 65.24
C17 CLA ZJ . 47.05 -9.38 63.84
C18 CLA ZJ . 47.42 -10.41 62.78
C19 CLA ZJ . 48.91 -10.73 62.80
C20 CLA ZJ . 47.01 -9.92 61.40
MG CHL AK . 41.89 -18.57 61.32
CHA CHL AK . 41.47 -18.92 64.70
CHB CHL AK . 41.52 -15.26 61.67
CHC CHL AK . 42.93 -18.26 58.10
CHD CHL AK . 42.32 -22.18 61.10
NA CHL AK . 41.65 -17.33 62.86
C1A CHL AK . 41.40 -17.55 64.10
C2A CHL AK . 40.99 -16.37 64.95
C3A CHL AK . 40.70 -15.33 63.89
C4A CHL AK . 41.33 -16.02 62.73
CMA CHL AK . 39.19 -15.22 63.66
CAA CHL AK . 42.08 -15.83 65.87
CBA CHL AK . 41.48 -14.76 66.77
CGA CHL AK . 42.58 -14.00 67.46
O1A CHL AK . 43.74 -14.27 67.23
O2A CHL AK . 42.28 -12.93 68.41
NB CHL AK . 42.21 -16.98 60.06
C1B CHL AK . 41.95 -15.71 60.34
C2B CHL AK . 42.10 -14.75 59.22
C3B CHL AK . 42.54 -15.65 58.12
C4B CHL AK . 42.57 -17.00 58.77
CMB CHL AK . 41.89 -13.26 59.19
CAB CHL AK . 42.84 -15.17 56.74
CBB CHL AK . 43.41 -15.85 55.77
NC CHL AK . 42.50 -19.95 59.92
C1C CHL AK . 42.89 -19.62 58.66
C2C CHL AK . 43.29 -20.80 57.81
C3C CHL AK . 43.09 -21.93 58.73
C4C CHL AK . 42.61 -21.30 59.96
CMC CHL AK . 43.76 -20.91 56.41
OMC CHL AK . 43.63 -20.04 55.60
CAC CHL AK . 43.33 -23.40 58.45
CBC CHL AK . 42.06 -23.85 57.76
ND CHL AK . 41.91 -20.24 62.49
C1D CHL AK . 42.07 -21.56 62.40
C2D CHL AK . 41.99 -22.35 63.65
C3D CHL AK . 41.74 -21.24 64.59
C4D CHL AK . 41.71 -20.08 63.85
CMD CHL AK . 42.10 -23.79 64.07
CAD CHL AK . 41.51 -20.87 66.00
OBD CHL AK . 41.46 -21.70 66.98
CBD CHL AK . 41.30 -19.41 66.10
CGD CHL AK . 39.88 -19.25 66.52
O1D CHL AK . 38.99 -19.17 65.69
O2D CHL AK . 39.51 -19.19 67.93
CED CHL AK . 38.23 -18.67 68.30
C1 CHL AK . 43.36 -12.28 69.08
C2 CHL AK . 43.65 -10.93 68.46
C3 CHL AK . 43.25 -9.78 69.00
C4 CHL AK . 42.48 -9.75 70.30
C5 CHL AK . 43.58 -8.48 68.31
C6 CHL AK . 44.90 -7.89 68.78
C7 CHL AK . 44.69 -6.74 69.76
C8 CHL AK . 45.67 -5.61 69.49
C9 CHL AK . 46.44 -5.21 70.74
C10 CHL AK . 44.91 -4.41 68.92
MG CHL BK . 42.70 -21.19 51.89
CHA CHL BK . 42.87 -24.04 50.03
CHB CHL BK . 44.72 -19.68 49.66
CHC CHL BK . 41.85 -18.21 53.30
CHD CHL BK . 40.38 -22.88 54.13
NA CHL BK . 43.54 -21.70 50.17
C1A CHL BK . 43.66 -22.85 49.60
C2A CHL BK . 44.67 -22.96 48.48
C3A CHL BK . 45.48 -21.70 48.72
C4A CHL BK . 44.51 -20.98 49.58
CMA CHL BK . 46.69 -21.96 49.60
CAA CHL BK . 44.06 -22.94 47.07
CBA CHL BK . 42.62 -22.45 46.99
CGA CHL BK . 42.27 -22.05 45.59
O1A CHL BK . 42.88 -22.49 44.64
O2A CHL BK . 41.18 -21.11 45.37
NB CHL BK . 43.20 -19.23 51.52
C1B CHL BK . 44.06 -18.78 50.62
C2B CHL BK . 44.33 -17.33 50.64
C3B CHL BK . 43.46 -16.88 51.74
C4B CHL BK . 42.81 -18.15 52.21
CMB CHL BK . 45.24 -16.50 49.78
CAB CHL BK . 43.27 -15.51 52.28
CBB CHL BK . 42.08 -14.93 52.28
NC CHL BK . 41.38 -20.68 53.39
C1C CHL BK . 41.18 -19.42 53.82
C2C CHL BK . 40.20 -19.29 54.92
C3C CHL BK . 39.76 -20.67 55.15
C4C CHL BK . 40.57 -21.43 54.16
CMC CHL BK . 39.74 -18.07 55.60
OMC CHL BK . 40.58 -17.31 56.06
CAC CHL BK . 38.75 -21.19 56.17
CBC CHL BK . 39.45 -21.17 57.51
ND CHL BK . 41.77 -22.98 52.14
C1D CHL BK . 40.92 -23.58 52.97
C2D CHL BK . 40.56 -24.99 52.67
C3D CHL BK . 41.37 -25.17 51.45
C4D CHL BK . 42.02 -23.97 51.23
CMD CHL BK . 39.68 -26.04 53.27
CAD CHL BK . 41.76 -26.10 50.36
OBD CHL BK . 41.36 -27.31 50.23
CBD CHL BK . 42.71 -25.41 49.46
CGD CHL BK . 43.97 -26.21 49.50
O1D CHL BK . 44.75 -26.09 50.41
O2D CHL BK . 44.25 -27.14 48.41
CED CHL BK . 45.48 -27.06 47.71
C1 CHL BK . 40.04 -21.50 44.62
C2 CHL BK . 38.80 -21.34 45.47
C3 CHL BK . 38.17 -20.16 45.59
C4 CHL BK . 38.71 -18.95 44.87
C5 CHL BK . 36.94 -20.07 46.46
C6 CHL BK . 36.45 -18.64 46.66
C7 CHL BK . 36.96 -18.05 47.98
C8 CHL BK . 36.92 -16.52 48.00
C9 CHL BK . 37.45 -15.91 46.71
C10 CHL BK . 37.74 -16.04 49.18
MG CHL CK . 42.52 -2.27 63.74
CHA CHL CK . 44.82 -3.13 61.42
CHB CHL CK . 42.62 -5.35 64.96
CHC CHL CK . 39.80 -1.44 65.66
CHD CHL CK . 42.56 1.12 62.41
NA CHL CK . 43.29 -3.98 63.10
C1A CHL CK . 44.35 -4.12 62.42
C2A CHL CK . 45.25 -5.29 62.72
C3A CHL CK . 44.25 -6.18 63.41
C4A CHL CK . 43.32 -5.10 63.85
CMA CHL CK . 43.52 -7.08 62.41
CAA CHL CK . 46.29 -4.74 63.69
CBA CHL CK . 46.94 -5.77 64.61
CGA CHL CK . 48.01 -5.06 65.38
O1A CHL CK . 47.92 -3.87 65.64
O2A CHL CK . 49.18 -5.78 65.86
NB CHL CK . 41.34 -3.28 65.07
C1B CHL CK . 41.61 -4.48 65.56
C2B CHL CK . 40.81 -4.88 66.75
C3B CHL CK . 39.96 -3.69 66.93
C4B CHL CK . 40.39 -2.77 65.84
CMB CHL CK . 40.84 -6.13 67.56
CAB CHL CK . 38.94 -3.44 67.97
CBB CHL CK . 39.23 -2.60 68.93
NC CHL CK . 41.42 -0.53 63.98
C1C CHL CK . 40.35 -0.39 64.80
C2C CHL CK . 39.74 0.97 64.79
C3C CHL CK . 40.59 1.69 63.84
C4C CHL CK . 41.57 0.68 63.41
CMC CHL CK . 38.59 1.57 65.51
OMC CHL CK . 37.80 0.93 66.18
CAC CHL CK . 40.50 3.11 63.38
CBC CHL CK . 41.24 3.93 64.41
ND CHL CK . 43.41 -1.13 62.30
C1D CHL CK . 43.41 0.10 61.81
C2D CHL CK . 44.31 0.37 60.66
C3D CHL CK . 44.90 -0.98 60.52
C4D CHL CK . 44.33 -1.76 61.48
CMD CHL CK . 44.67 1.55 59.80
CAD CHL CK . 45.85 -1.84 59.76
OBD CHL CK . 46.57 -1.44 58.77
CBD CHL CK . 45.82 -3.21 60.34
CGD CHL CK . 45.48 -4.24 59.32
O1D CHL CK . 44.33 -4.40 58.93
O2D CHL CK . 46.52 -5.09 58.78
CED CHL CK . 46.57 -6.47 59.14
C1 CHL CK . 49.91 -5.27 66.98
C2 CHL CK . 49.61 -6.10 68.21
C3 CHL CK . 50.21 -7.27 68.46
C4 CHL CK . 51.24 -7.84 67.52
C5 CHL CK . 49.84 -8.04 69.71
MG CLA DK . 38.94 -6.47 54.19
CHA CLA DK . 39.89 -3.81 52.17
CHB CLA DK . 35.83 -5.17 54.29
CHC CLA DK . 37.86 -9.44 55.43
CHD CLA DK . 42.25 -7.98 53.60
NA CLA DK . 38.00 -4.82 53.35
C1A CLA DK . 38.48 -3.81 52.70
C2A CLA DK . 37.51 -2.66 52.47
C3A CLA DK . 36.28 -3.13 53.20
C4A CLA DK . 36.75 -4.46 53.65
CMA CLA DK . 36.06 -2.27 54.44
CAA CLA DK . 37.08 -2.43 51.00
CBA CLA DK . 36.09 -3.45 50.41
CGA CLA DK . 35.84 -3.22 48.95
O1A CLA DK . 35.48 -2.12 48.54
O2A CLA DK . 36.02 -4.32 48.02
NB CLA DK . 37.09 -7.21 54.71
C1B CLA DK . 35.98 -6.51 54.86
C2B CLA DK . 34.90 -7.15 55.64
C3B CLA DK . 35.52 -8.44 55.99
C4B CLA DK . 36.86 -8.37 55.34
CMB CLA DK . 33.55 -6.60 55.98
CAB CLA DK . 34.94 -9.57 56.77
CBB CLA DK . 34.80 -10.77 56.25
NC CLA DK . 39.88 -8.28 54.50
C1C CLA DK . 39.22 -9.37 54.91
C2C CLA DK . 39.98 -10.65 54.80
C3C CLA DK . 41.28 -10.22 54.25
C4C CLA DK . 41.10 -8.75 54.14
CMC CLA DK . 39.49 -12.04 55.15
CAC CLA DK . 42.49 -11.05 53.89
CBC CLA DK . 43.17 -11.47 55.17
ND CLA DK . 40.66 -6.10 53.17
C1D CLA DK . 41.95 -6.69 52.97
C2D CLA DK . 42.90 -5.91 52.14
C3D CLA DK . 42.03 -4.74 51.81
C4D CLA DK . 40.79 -4.95 52.42
CMD CLA DK . 44.31 -6.08 51.66
CAD CLA DK . 41.97 -3.45 51.09
OBD CLA DK . 42.92 -2.94 50.40
CBD CLA DK . 40.63 -2.86 51.29
CGD CLA DK . 40.81 -1.50 51.90
O1D CLA DK . 40.87 -1.34 53.09
O2D CLA DK . 40.92 -0.34 51.02
CED CLA DK . 41.12 0.95 51.57
C1 CLA DK . 34.96 -4.75 47.18
C2 CLA DK . 34.41 -6.05 47.70
C3 CLA DK . 34.87 -7.24 47.28
C4 CLA DK . 35.99 -7.32 46.27
C5 CLA DK . 34.28 -8.51 47.84
MG CLA EK . 53.45 -1.12 61.66
CHA CLA EK . 52.13 1.44 63.60
CHB CLA EK . 56.41 0.50 61.70
CHC CLA EK . 54.83 -3.89 60.28
CHD CLA EK . 50.23 -2.88 61.96
NA CLA EK . 54.17 0.62 62.52
C1A CLA EK . 53.57 1.55 63.17
C2A CLA EK . 54.41 2.76 63.51
C3A CLA EK . 55.71 2.46 62.81
C4A CLA EK . 55.40 1.09 62.32
CMA CLA EK . 55.68 3.36 61.58
CAA CLA EK . 54.79 2.84 64.99
CBA CLA EK . 54.88 1.50 65.74
CGA CLA EK . 56.30 0.99 65.85
O1A CLA EK . 57.18 1.73 66.23
O2A CLA EK . 56.65 -0.37 65.49
NB CLA EK . 55.35 -1.62 61.12
C1B CLA EK . 56.41 -0.83 61.10
C2B CLA EK . 57.62 -1.36 60.45
C3B CLA EK . 57.13 -2.69 60.01
C4B CLA EK . 55.73 -2.74 60.49
CMB CLA EK . 58.95 -0.70 60.27
CAB CLA EK . 57.88 -3.74 59.27
CBB CLA EK . 58.82 -4.41 59.90
NC CLA EK . 52.67 -2.97 61.24
C1C CLA EK . 53.40 -3.95 60.66
C2C CLA EK . 52.65 -5.22 60.39
C3C CLA EK . 51.30 -4.91 60.90
C4C CLA EK . 51.44 -3.51 61.38
CMC CLA EK . 53.15 -6.48 59.78
CAC CLA EK . 50.09 -5.79 60.91
CBC CLA EK . 50.13 -6.54 62.22
ND CLA EK . 51.63 -0.90 62.54
C1D CLA EK . 50.36 -1.57 62.61
C2D CLA EK . 49.30 -0.86 63.36
C3D CLA EK . 50.04 0.37 63.75
C4D CLA EK . 51.34 0.24 63.27
CMD CLA EK . 47.86 -1.11 63.71
CAD CLA EK . 49.96 1.66 64.49
OBD CLA EK . 48.94 2.14 65.08
CBD CLA EK . 51.27 2.34 64.41
CGD CLA EK . 51.14 3.75 63.93
O1D CLA EK . 51.44 4.03 62.80
O2D CLA EK . 50.74 4.80 64.85
CED CLA EK . 51.01 6.16 64.54
C1 CLA EK . 57.95 -0.60 64.95
C2 CLA EK . 58.02 -1.92 64.20
C3 CLA EK . 58.90 -2.88 64.55
C4 CLA EK . 59.84 -2.66 65.69
C5 CLA EK . 58.92 -4.17 63.77
C6 CLA EK . 59.64 -5.31 64.51
C7 CLA EK . 59.55 -6.62 63.76
C8 CLA EK . 58.85 -7.70 64.58
C9 CLA EK . 59.48 -7.84 65.96
C10 CLA EK . 58.91 -9.03 63.83
C11 CLA EK . 58.20 -10.14 64.61
C12 CLA EK . 58.64 -11.51 64.12
C13 CLA EK . 57.68 -12.08 63.08
C14 CLA EK . 56.30 -12.32 63.68
C15 CLA EK . 58.28 -13.36 62.51
MG CLA FK . 68.47 -0.50 51.11
CHA CLA FK . 66.85 0.80 53.89
CHB CLA FK . 71.01 1.64 51.68
CHC CLA FK . 70.17 -2.10 48.67
CHD CLA FK . 65.83 -3.10 50.92
NA CLA FK . 68.89 0.93 52.55
C1A CLA FK . 68.17 1.42 53.49
C2A CLA FK . 68.75 2.61 54.24
C3A CLA FK . 70.04 2.85 53.48
C4A CLA FK . 69.97 1.73 52.50
CMA CLA FK . 69.96 4.18 52.73
CAA CLA FK . 69.22 2.30 55.67
CBA CLA FK . 69.73 0.87 55.84
CGA CLA FK . 70.52 0.68 57.11
O1A CLA FK . 71.44 1.45 57.39
O2A CLA FK . 70.19 -0.40 58.01
NB CLA FK . 70.32 -0.24 50.28
C1B CLA FK . 71.24 0.64 50.65
C2B CLA FK . 72.55 0.50 49.96
C3B CLA FK . 72.30 -0.63 49.05
C4B CLA FK . 70.88 -1.01 49.34
CMB CLA FK . 73.81 1.32 50.14
CAB CLA FK . 73.24 -1.25 48.09
CBB CLA FK . 73.52 -2.54 48.11
NC CLA FK . 68.07 -2.23 50.05
C1C CLA FK . 68.89 -2.70 49.09
C2C CLA FK . 68.44 -3.94 48.43
C3C CLA FK . 67.15 -4.23 49.10
C4C CLA FK . 67.03 -3.11 50.06
CMC CLA FK . 69.12 -4.73 47.33
CAC CLA FK . 66.20 -5.37 48.86
CBC CLA FK . 65.31 -4.99 47.72
ND CLA FK . 66.80 -1.10 52.10
C1D CLA FK . 65.75 -2.09 51.97
C2D CLA FK . 64.64 -1.97 52.95
C3D CLA FK . 65.11 -0.79 53.73
C4D CLA FK . 66.31 -0.37 53.17
CMD CLA FK . 63.37 -2.73 53.23
CAD CLA FK . 64.81 0.12 54.86
OBD CLA FK . 63.77 0.06 55.61
CBD CLA FK . 65.89 1.12 54.98
CGD CLA FK . 65.31 2.49 54.79
O1D CLA FK . 65.40 3.07 53.72
O2D CLA FK . 64.69 3.18 55.91
CED CLA FK . 64.47 4.59 55.85
C1 CLA FK . 71.09 -1.50 58.20
C2 CLA FK . 70.58 -2.71 57.43
C3 CLA FK . 70.34 -3.90 58.01
C4 CLA FK . 70.58 -4.08 59.48
C5 CLA FK . 69.83 -5.05 57.16
C6 CLA FK . 69.31 -6.25 57.93
C7 CLA FK . 67.78 -6.20 58.05
C8 CLA FK . 67.10 -7.56 57.91
C9 CLA FK . 67.23 -8.39 59.18
C10 CLA FK . 67.65 -8.33 56.70
MG CLA GK . 63.46 -6.14 57.02
CHA CLA GK . 64.79 -3.32 58.54
CHB CLA GK . 61.77 -6.74 59.88
CHC CLA GK . 62.85 -9.27 55.86
CHD CLA GK . 65.90 -5.66 54.29
NA CLA GK . 63.35 -5.25 58.90
C1A CLA GK . 63.73 -4.07 59.28
C2A CLA GK . 63.16 -3.56 60.58
C3A CLA GK . 62.24 -4.68 60.98
C4A CLA GK . 62.47 -5.61 59.84
CMA CLA GK . 62.75 -5.34 62.25
CAA CLA GK . 62.33 -2.28 60.47
CBA CLA GK . 62.08 -1.68 61.86
CGA CLA GK . 63.35 -1.25 62.54
O1A CLA GK . 64.27 -0.73 61.92
O2A CLA GK . 63.49 -1.42 63.97
NB CLA GK . 62.43 -7.75 57.74
C1B CLA GK . 61.83 -7.85 58.94
C2B CLA GK . 61.31 -9.19 59.28
C3B CLA GK . 61.62 -9.97 58.06
C4B CLA GK . 62.31 -8.97 57.19
CMB CLA GK . 60.59 -9.65 60.53
CAB CLA GK . 61.30 -11.41 57.84
CBB CLA GK . 61.03 -11.99 56.69
NC CLA GK . 64.21 -7.20 55.41
C1C CLA GK . 63.85 -8.47 55.13
C2C CLA GK . 64.54 -9.08 53.97
C3C CLA GK . 65.45 -8.00 53.52
C4C CLA GK . 65.14 -6.90 54.47
CMC CLA GK . 64.39 -10.46 53.39
CAC CLA GK . 66.42 -8.01 52.37
CBC CLA GK . 67.71 -8.59 52.90
ND CLA GK . 64.97 -4.90 56.47
C1D CLA GK . 65.91 -4.72 55.40
C2D CLA GK . 66.81 -3.54 55.51
C3D CLA GK . 66.35 -2.99 56.81
C4D CLA GK . 65.33 -3.82 57.27
CMD CLA GK . 67.92 -2.96 54.68
CAD CLA GK . 66.53 -1.92 57.80
OBD CLA GK . 67.39 -0.97 57.72
CBD CLA GK . 65.58 -2.11 58.92
CGD CLA GK . 66.40 -2.35 60.15
O1D CLA GK . 66.59 -3.47 60.58
O2D CLA GK . 67.00 -1.22 60.84
CED CLA GK . 67.82 -1.44 61.98
C1 CLA GK . 64.74 -1.79 64.56
C2 CLA GK . 64.69 -3.26 64.91
C3 CLA GK . 64.77 -3.70 66.17
C4 CLA GK . 64.73 -5.17 66.44
C5 CLA GK . 64.90 -2.72 67.33
C6 CLA GK . 65.78 -3.26 68.46
C7 CLA GK . 65.33 -2.70 69.81
MG CLA HK . 60.84 -15.94 42.44
CHA CLA HK . 61.87 -18.92 41.01
CHB CLA HK . 63.76 -15.82 44.12
CHC CLA HK . 59.97 -12.83 43.41
CHD CLA HK . 57.89 -16.03 40.21
NA CLA HK . 62.54 -17.13 42.53
C1A CLA HK . 62.82 -18.25 41.97
C2A CLA HK . 64.16 -18.86 42.31
C3A CLA HK . 64.71 -17.87 43.31
C4A CLA HK . 63.59 -16.89 43.33
CMA CLA HK . 64.91 -18.54 44.66
CAA CLA HK . 65.12 -18.86 41.10
CBA CLA HK . 65.53 -17.50 40.50
CGA CLA HK . 64.54 -16.98 39.50
O1A CLA HK . 64.54 -17.36 38.35
O2A CLA HK . 63.53 -16.01 39.92
NB CLA HK . 61.75 -14.53 43.61
C1B CLA HK . 62.87 -14.67 44.29
C2B CLA HK . 63.25 -13.52 45.15
C3B CLA HK . 62.10 -12.60 44.95
C4B CLA HK . 61.24 -13.34 43.97
CMB CLA HK . 64.45 -13.36 46.04
CAB CLA HK . 61.92 -11.27 45.59
CBB CLA HK . 60.77 -10.71 45.91
NC CLA HK . 59.26 -14.72 41.93
C1C CLA HK . 59.11 -13.48 42.41
C2C CLA HK . 57.95 -12.73 41.88
C3C CLA HK . 57.34 -13.68 40.93
C4C CLA HK . 58.22 -14.87 41.05
CMC CLA HK . 57.50 -11.33 42.21
CAC CLA HK . 56.11 -13.50 40.07
CBC CLA HK . 56.57 -12.97 38.72
ND CLA HK . 60.04 -17.07 40.94
C1D CLA HK . 58.83 -17.15 40.18
C2D CLA HK . 58.63 -18.40 39.41
C3D CLA HK . 59.88 -19.12 39.77
C4D CLA HK . 60.59 -18.30 40.64
CMD CLA HK . 57.57 -18.95 38.50
CAD CLA HK . 60.67 -20.36 39.58
OBD CLA HK . 60.32 -21.36 38.85
CBD CLA HK . 61.91 -20.27 40.37
CGD CLA HK . 61.92 -21.36 41.40
O1D CLA HK . 61.40 -21.20 42.49
O2D CLA HK . 62.60 -22.60 41.11
CED CLA HK . 63.12 -23.39 42.17
C1 CLA HK . 62.61 -15.42 39.01
C2 CLA HK . 62.49 -13.95 39.29
C3 CLA HK . 61.38 -13.25 38.97
C4 CLA HK . 60.23 -13.90 38.27
C5 CLA HK . 61.30 -11.77 39.27
C6 CLA HK . 61.85 -11.37 40.63
C7 CLA HK . 61.63 -9.87 40.85
C8 CLA HK . 62.28 -9.37 42.13
C9 CLA HK . 62.01 -7.87 42.31
C10 CLA HK . 63.78 -9.64 42.09
C11 CLA HK . 64.45 -9.21 43.39
MG CLA IK . 70.01 -16.68 42.00
CHA CLA IK . 68.68 -14.97 39.29
CHB CLA IK . 72.61 -17.58 40.02
CHC CLA IK . 71.59 -17.80 44.79
CHD CLA IK . 67.44 -15.07 44.12
NA CLA IK . 70.59 -16.30 40.04
C1A CLA IK . 69.93 -15.76 39.07
C2A CLA IK . 70.54 -15.90 37.68
C3A CLA IK . 71.74 -16.75 37.96
C4A CLA IK . 71.63 -16.89 39.44
CMA CLA IK . 71.55 -18.12 37.32
CAA CLA IK . 71.15 -14.59 37.14
CBA CLA IK . 71.71 -13.67 38.24
CGA CLA IK . 72.12 -12.33 37.70
O1A CLA IK . 72.43 -11.41 38.44
O2A CLA IK . 72.14 -12.13 36.26
NB CLA IK . 71.81 -17.60 42.34
C1B CLA IK . 72.77 -17.83 41.45
C2B CLA IK . 74.07 -18.29 42.00
C3B CLA IK . 73.76 -18.34 43.45
C4B CLA IK . 72.33 -17.91 43.52
CMB CLA IK . 75.35 -18.62 41.30
CAB CLA IK . 74.64 -18.76 44.56
CBB CLA IK . 74.69 -20.03 44.91
NC CLA IK . 69.59 -16.48 44.01
C1C CLA IK . 70.37 -16.98 44.98
C2C CLA IK . 69.91 -16.68 46.36
C3C CLA IK . 68.69 -15.88 46.15
C4C CLA IK . 68.59 -15.82 44.67
CMC CLA IK . 70.54 -17.09 47.67
CAC CLA IK . 67.78 -15.27 47.18
CBC CLA IK . 68.27 -13.87 47.41
ND CLA IK . 68.48 -15.34 41.87
C1D CLA IK . 67.44 -14.78 42.68
C2D CLA IK . 66.44 -13.93 41.97
C3D CLA IK . 66.98 -14.03 40.60
C4D CLA IK . 68.11 -14.81 40.63
CMD CLA IK . 65.22 -13.11 42.26
CAD CLA IK . 66.77 -13.58 39.20
OBD CLA IK . 65.81 -12.83 38.80
CBD CLA IK . 67.83 -14.17 38.36
CGD CLA IK . 67.13 -15.09 37.42
O1D CLA IK . 67.16 -16.30 37.58
O2D CLA IK . 66.39 -14.54 36.31
CED CLA IK . 64.99 -14.79 36.27
MG CLA JK . 60.65 -15.81 24.03
CHA CLA JK . 62.51 -15.11 21.19
CHB CLA JK . 63.47 -16.97 25.46
CHC CLA JK . 58.98 -15.85 26.98
CHD CLA JK . 57.72 -14.32 22.38
NA CLA JK . 62.64 -15.98 23.46
C1A CLA JK . 63.23 -15.73 22.36
C2A CLA JK . 64.70 -16.05 22.31
C3A CLA JK . 64.94 -16.69 23.66
C4A CLA JK . 63.59 -16.53 24.23
CMA CLA JK . 65.21 -18.17 23.48
CAA CLA JK . 65.42 -14.71 22.43
CBA CLA JK . 66.91 -14.78 22.74
CGA CLA JK . 67.48 -13.41 22.46
O1A CLA JK . 66.91 -12.63 21.72
O2A CLA JK . 68.75 -13.01 23.05
NB CLA JK . 61.18 -16.28 25.95
C1B CLA JK . 62.29 -16.93 26.30
C2B CLA JK . 62.29 -17.59 27.61
C3B CLA JK . 60.92 -17.26 28.08
C4B CLA JK . 60.34 -16.43 26.98
CMB CLA JK . 63.40 -18.38 28.24
CAB CLA JK . 60.29 -17.64 29.37
CBB CLA JK . 60.00 -16.71 30.23
NC CLA JK . 58.78 -15.13 24.57
C1C CLA JK . 58.26 -15.36 25.79
C2C CLA JK . 56.79 -15.11 25.89
C3C CLA JK . 56.43 -14.66 24.53
C4C CLA JK . 57.73 -14.72 23.81
CMC CLA JK . 55.88 -15.27 27.08
CAC CLA JK . 55.06 -14.27 24.02
CBC CLA JK . 54.95 -12.76 24.06
ND CLA JK . 60.14 -14.90 22.29
C1D CLA JK . 58.98 -14.36 21.63
C2D CLA JK . 59.18 -13.91 20.24
C3D CLA JK . 60.63 -14.23 20.08
C4D CLA JK . 61.07 -14.77 21.27
CMD CLA JK . 58.34 -13.30 19.16
CAD CLA JK . 61.78 -14.18 19.14
OBD CLA JK . 61.74 -13.73 17.94
CBD CLA JK . 62.97 -14.73 19.82
CGD CLA JK . 63.55 -15.89 19.06
O1D CLA JK . 62.87 -16.81 18.67
O2D CLA JK . 64.99 -15.93 18.85
CED CLA JK . 65.66 -17.17 18.71
C1 CLA JK . 69.45 -11.89 22.51
MG CLA KK . 28.56 -6.43 55.51
CHA CLA KK . 25.75 -5.31 57.18
CHB CLA KK . 27.13 -9.49 55.36
CHC CLA KK . 31.00 -7.33 53.35
CHD CLA KK . 29.72 -2.92 55.30
NA CLA KK . 26.75 -7.26 56.10
C1A CLA KK . 25.82 -6.78 56.85
C2A CLA KK . 24.76 -7.75 57.31
C3A CLA KK . 25.25 -9.06 56.74
C4A CLA KK . 26.46 -8.56 56.01
CMA CLA KK . 25.69 -9.99 57.86
CAA CLA KK . 23.43 -7.56 56.57
CBA CLA KK . 22.29 -8.35 57.20
CGA CLA KK . 21.05 -8.14 56.36
O1A CLA KK . 21.05 -8.39 55.17
O2A CLA KK . 19.83 -7.61 56.97
NB CLA KK . 29.00 -8.17 54.52
C1B CLA KK . 28.33 -9.32 54.55
C2B CLA KK . 28.85 -10.39 53.67
C3B CLA KK . 30.02 -9.72 53.06
C4B CLA KK . 30.01 -8.37 53.67
CMB CLA KK . 28.32 -11.79 53.45
CAB CLA KK . 30.99 -10.28 52.08
CBB CLA KK . 32.28 -10.35 52.35
NC CLA KK . 30.03 -5.35 54.55
C1C CLA KK . 30.91 -5.90 53.70
C2C CLA KK . 31.89 -4.97 53.11
C3C CLA KK . 31.51 -3.67 53.69
C4C CLA KK . 30.36 -4.03 54.56
CMC CLA KK . 32.99 -5.28 52.14
CAC CLA KK . 32.14 -2.32 53.46
CBC CLA KK . 31.39 -1.67 52.33
ND CLA KK . 27.97 -4.56 56.03
C1D CLA KK . 28.45 -3.21 55.98
C2D CLA KK . 27.60 -2.20 56.65
C3D CLA KK . 26.50 -3.08 57.13
C4D CLA KK . 26.79 -4.37 56.72
CMD CLA KK . 27.65 -0.72 56.87
CAD CLA KK . 25.20 -3.11 57.86
OBD CLA KK . 24.61 -2.11 58.38
CBD CLA KK . 24.72 -4.50 57.91
CGD CLA KK . 24.74 -4.94 59.34
O1D CLA KK . 25.78 -5.04 59.96
O2D CLA KK . 23.49 -5.29 60.00
CED CLA KK . 23.50 -5.97 61.25
C1 CLA KK . 18.71 -7.31 56.14
MG CHL LK . 38.92 -1.35 74.12
CHA CHL LK . 41.44 -0.81 76.37
CHB CHL LK . 38.25 -4.25 75.69
CHC CHL LK . 36.86 -2.11 71.53
CHD CHL LK . 39.95 1.69 72.39
NA CHL LK . 39.74 -2.38 75.63
C1A CHL LK . 40.56 -2.00 76.52
C2A CHL LK . 40.62 -2.79 77.81
C3A CHL LK . 39.94 -4.07 77.36
C4A CHL LK . 39.25 -3.52 76.14
CMA CHL LK . 40.97 -5.11 76.93
CAA CHL LK . 39.79 -2.10 78.89
CBA CHL LK . 40.49 -2.21 80.24
NB CHL LK . 37.75 -2.95 73.67
C1B CHL LK . 37.54 -4.03 74.43
C2B CHL LK . 36.53 -4.99 73.91
C3B CHL LK . 36.11 -4.34 72.65
C4B CHL LK . 36.93 -3.08 72.62
CMB CHL LK . 36.06 -6.29 74.51
CAB CHL LK . 35.11 -4.79 71.66
CBB CHL LK . 34.07 -4.05 71.34
NC CHL LK . 38.51 -0.40 72.34
C1C CHL LK . 37.65 -0.87 71.41
C2C CHL LK . 37.50 -0.01 70.20
C3C CHL LK . 38.42 1.10 70.48
C4C CHL LK . 38.97 0.75 71.81
CMC CHL LK . 36.67 -0.18 68.98
OMC CHL LK . 36.29 -1.26 68.57
CAC CHL LK . 38.72 2.30 69.60
CBC CHL LK . 39.95 1.91 68.81
ND CHL LK . 40.31 0.15 74.23
C1D CHL LK . 40.67 1.25 73.59
C2D CHL LK . 41.82 2.02 74.13
C3D CHL LK . 42.13 1.15 75.29
C4D CHL LK . 41.22 0.11 75.27
CMD CHL LK . 42.54 3.29 73.75
CAD CHL LK . 43.01 0.91 76.48
OBD CHL LK . 43.98 1.66 76.83
CBD CHL LK . 42.58 -0.33 77.17
CGD CHL LK . 43.72 -1.31 77.10
O1D CHL LK . 44.34 -1.48 76.07
O2D CHL LK . 44.10 -2.07 78.28
CED CHL LK . 44.71 -3.35 78.12
O1 LHG MK . 69.02 3.82 45.76
C1 LHG MK . 70.26 3.14 45.95
C2 LHG MK . 70.81 3.45 47.35
O2 LHG MK . 71.87 2.54 47.65
C3 LHG MK . 69.68 3.28 48.36
O3 LHG MK . 68.97 2.09 48.07
P LHG MK . 67.58 1.78 48.79
O4 LHG MK . 67.85 1.18 50.15
O5 LHG MK . 66.72 3.02 48.69
O6 LHG MK . 66.94 0.63 47.85
C4 LHG MK . 65.54 0.37 47.95
C5 LHG MK . 65.21 -1.03 47.46
C6 LHG MK . 63.97 -1.49 48.23
O7 LHG MK . 64.88 -0.99 46.07
C7 LHG MK . 65.62 -1.94 45.27
O9 LHG MK . 66.53 -2.58 45.77
C8 LHG MK . 65.26 -2.15 43.82
C9 LHG MK . 65.04 -0.78 43.19
C10 LHG MK . 65.06 -0.67 41.66
O8 LHG MK . 62.85 -1.45 47.37
C23 LHG MK . 61.62 -2.12 47.73
O10 LHG MK . 61.41 -2.40 48.90
C24 LHG MK . 60.63 -2.49 46.65
C11 LHG MK . 64.31 -1.87 41.07
C12 LHG MK . 65.20 -2.73 40.17
C13 LHG MK . 64.77 -4.18 40.32
C14 LHG MK . 64.85 -4.91 38.98
C15 LHG MK . 64.19 -6.29 39.09
C16 LHG MK . 64.04 -6.92 37.72
C17 LHG MK . 64.94 -8.14 37.59
C18 LHG MK . 64.12 -9.40 37.34
C19 LHG MK . 63.26 -9.22 36.10
C20 LHG MK . 62.45 -10.48 35.80
C21 LHG MK . 63.32 -11.55 35.17
C22 LHG MK . 62.45 -12.62 34.54
C25 LHG MK . 61.31 -3.44 45.68
C26 LHG MK . 60.95 -3.13 44.23
C27 LHG MK . 61.61 -4.14 43.30
C28 LHG MK . 61.30 -3.86 41.83
C29 LHG MK . 59.83 -4.14 41.50
C30 LHG MK . 59.70 -5.32 40.55
C31 LHG MK . 58.26 -5.47 40.05
C32 LHG MK . 57.74 -4.17 39.44
C33 LHG MK . 56.30 -4.31 38.98
C34 LHG MK . 55.82 -3.03 38.29
C35 LHG MK . 56.44 -2.88 36.91
C36 LHG MK . 56.12 -1.51 36.31
C37 LHG MK . 56.63 -1.39 34.87
C38 LHG MK . 56.51 0.03 34.38
C1 LUT NK . 62.90 -16.79 49.33
C2 LUT NK . 62.99 -18.03 48.42
C3 LUT NK . 62.21 -17.98 47.12
C4 LUT NK . 60.88 -17.30 47.30
C5 LUT NK . 61.15 -15.90 47.80
C6 LUT NK . 62.04 -15.69 48.78
C7 LUT NK . 62.19 -14.31 49.32
C8 LUT NK . 61.52 -13.88 50.38
C9 LUT NK . 61.69 -12.51 50.89
C10 LUT NK . 60.92 -12.12 51.93
C11 LUT NK . 60.93 -10.80 52.56
C12 LUT NK . 59.94 -10.59 53.44
C13 LUT NK . 59.72 -9.37 54.23
C14 LUT NK . 59.02 -9.52 55.37
C15 LUT NK . 58.72 -8.45 56.31
C16 LUT NK . 64.30 -16.23 49.51
C17 LUT NK . 62.40 -17.28 50.68
C18 LUT NK . 60.38 -14.79 47.15
C19 LUT NK . 62.71 -11.61 50.26
C20 LUT NK . 60.24 -8.03 53.80
O3 LUT NK . 61.98 -19.33 46.65
C21 LUT NK . 55.03 -3.81 67.77
C22 LUT NK . 55.14 -2.52 68.58
C23 LUT NK . 54.01 -1.50 68.38
C24 LUT NK . 53.42 -1.52 66.99
C25 LUT NK . 53.50 -2.61 66.21
C26 LUT NK . 54.70 -3.50 66.30
C27 LUT NK . 54.50 -4.79 65.53
C28 LUT NK . 55.24 -4.94 64.43
C29 LUT NK . 55.15 -6.13 63.59
C30 LUT NK . 56.04 -6.22 62.60
C31 LUT NK . 56.13 -7.34 61.67
C32 LUT NK . 56.88 -7.13 60.59
C33 LUT NK . 57.09 -8.14 59.56
C34 LUT NK . 57.94 -7.86 58.56
C35 LUT NK . 58.23 -8.82 57.50
C36 LUT NK . 53.99 -4.75 68.38
C37 LUT NK . 56.38 -4.51 67.83
C38 LUT NK . 52.38 -2.90 65.27
C39 LUT NK . 54.14 -7.21 63.84
C40 LUT NK . 56.38 -9.45 59.64
O23 LUT NK . 54.52 -0.19 68.64
MG CLA OK . 54.47 -13.45 31.51
CHA CLA OK . 55.02 -14.93 34.60
CHB CLA OK . 51.26 -13.03 32.36
CHC CLA OK . 54.17 -11.45 28.78
CHD CLA OK . 58.09 -13.73 30.86
NA CLA OK . 53.34 -13.85 33.19
C1A CLA OK . 53.62 -14.52 34.26
C2A CLA OK . 52.44 -14.85 35.16
C3A CLA OK . 51.29 -14.23 34.40
C4A CLA OK . 52.02 -13.66 33.24
CMA CLA OK . 50.44 -15.37 33.87
CAA CLA OK . 52.40 -14.22 36.57
CBA CLA OK . 52.49 -12.71 36.60
CGA CLA OK . 51.84 -12.25 37.88
O1A CLA OK . 52.12 -12.78 38.94
O2A CLA OK . 50.87 -11.16 37.85
NB CLA OK . 52.93 -12.38 30.70
C1B CLA OK . 51.67 -12.36 31.12
C2B CLA OK . 50.72 -11.58 30.28
C3B CLA OK . 51.62 -11.11 29.20
C4B CLA OK . 52.95 -11.66 29.57
CMB CLA OK . 49.25 -11.34 30.46
CAB CLA OK . 51.27 -10.27 28.01
CBB CLA OK . 51.86 -9.11 27.79
NC CLA OK . 55.85 -12.73 30.15
C1C CLA OK . 55.50 -11.99 29.08
C2C CLA OK . 56.61 -11.71 28.12
C3C CLA OK . 57.76 -12.39 28.74
C4C CLA OK . 57.18 -12.97 29.97
CMC CLA OK . 56.56 -10.93 26.83
CAC CLA OK . 59.18 -12.46 28.23
CBC CLA OK . 59.95 -11.40 28.98
ND CLA OK . 56.18 -14.12 32.40
C1D CLA OK . 57.58 -14.20 32.13
C2D CLA OK . 58.40 -14.81 33.21
C3D CLA OK . 57.35 -15.09 34.21
C4D CLA OK . 56.14 -14.64 33.68
CMD CLA OK . 59.86 -15.11 33.41
CAD CLA OK . 57.08 -15.63 35.55
OBD CLA OK . 57.97 -16.11 36.34
CBD CLA OK . 55.63 -15.54 35.82
CGD CLA OK . 55.14 -16.95 36.00
O1D CLA OK . 54.39 -17.23 36.91
O2D CLA OK . 55.58 -17.99 35.09
CED CLA OK . 55.26 -19.34 35.40
C1 BCR PK . 28.56 -3.99 71.22
C2 BCR PK . 27.23 -3.55 71.83
C3 BCR PK . 26.21 -4.67 72.05
C4 BCR PK . 26.18 -5.62 70.87
C5 BCR PK . 27.55 -6.23 70.77
C6 BCR PK . 28.64 -5.48 70.94
C7 BCR PK . 29.95 -6.18 70.83
C8 BCR PK . 30.77 -6.13 69.79
C9 BCR PK . 32.01 -6.94 69.83
C10 BCR PK . 33.09 -6.56 69.15
C11 BCR PK . 34.30 -7.38 69.16
C33 BCR PK . 27.62 -7.71 70.50
C31 BCR PK . 29.69 -3.60 72.17
C32 BCR PK . 28.72 -3.17 69.94
C34 BCR PK . 32.01 -8.21 70.64
C12 BCR PK . 35.50 -6.91 68.84
C13 BCR PK . 36.61 -7.89 68.88
C14 BCR PK . 37.49 -7.89 67.87
C15 BCR PK . 38.57 -8.87 67.82
C16 BCR PK . 39.09 -9.16 66.62
C17 BCR PK . 40.13 -10.16 66.47
C18 BCR PK . 40.79 -10.34 65.32
C19 BCR PK . 41.80 -11.41 65.27
C20 BCR PK . 42.55 -11.65 64.20
C21 BCR PK . 43.48 -12.77 64.32
C22 BCR PK . 44.29 -13.19 63.36
C23 BCR PK . 45.15 -14.36 63.66
C24 BCR PK . 46.07 -14.81 62.80
C25 BCR PK . 46.92 -16.00 63.11
C26 BCR PK . 46.54 -17.21 62.65
C27 BCR PK . 47.37 -18.43 62.93
C28 BCR PK . 48.82 -18.02 62.69
C29 BCR PK . 49.20 -16.98 63.74
C30 BCR PK . 48.19 -15.84 63.92
C35 BCR PK . 36.71 -8.87 70.00
C36 BCR PK . 40.50 -9.50 64.11
C37 BCR PK . 44.33 -12.52 62.01
C38 BCR PK . 45.28 -17.40 61.84
C39 BCR PK . 48.84 -14.52 63.53
C40 BCR PK . 47.89 -15.76 65.41
C1 LUT QK . 47.34 -18.47 53.69
C2 LUT QK . 47.72 -19.87 54.19
C3 LUT QK . 48.77 -19.94 55.29
C4 LUT QK . 49.81 -18.88 55.10
C5 LUT QK . 49.11 -17.55 55.14
C6 LUT QK . 48.06 -17.32 54.35
C7 LUT QK . 47.56 -15.93 54.14
C8 LUT QK . 48.10 -15.12 53.22
C9 LUT QK . 47.64 -13.74 52.97
C10 LUT QK . 48.31 -13.03 52.05
C11 LUT QK . 48.03 -11.67 51.60
C12 LUT QK . 48.87 -11.19 50.69
C13 LUT QK . 48.79 -9.87 50.05
C14 LUT QK . 49.56 -9.64 48.98
C15 LUT QK . 49.51 -8.40 48.23
C16 LUT QK . 45.87 -18.26 53.98
C17 LUT QK . 47.53 -18.46 52.17
C18 LUT QK . 49.59 -16.55 56.14
C19 LUT QK . 46.48 -13.15 53.70
C20 LUT QK . 47.83 -8.82 50.55
O3 LUT QK . 49.40 -21.23 55.22
C21 LUT QK . 51.38 0.12 38.63
C22 LUT QK . 50.86 1.46 38.12
C23 LUT QK . 51.36 2.67 38.89
C24 LUT QK . 51.32 2.43 40.37
C25 LUT QK . 51.57 1.22 40.88
C26 LUT QK . 51.16 -0.02 40.14
C27 LUT QK . 51.88 -1.24 40.68
C28 LUT QK . 51.15 -2.15 41.31
C29 LUT QK . 51.71 -3.37 41.89
C30 LUT QK . 50.87 -4.11 42.63
C31 LUT QK . 51.22 -5.37 43.28
C32 LUT QK . 50.61 -5.63 44.43
C33 LUT QK . 50.84 -6.88 45.19
C34 LUT QK . 50.07 -7.11 46.26
C35 LUT QK . 50.16 -8.31 47.07
C36 LUT QK . 52.84 -0.05 38.27
C37 LUT QK . 50.60 -0.98 37.91
C38 LUT QK . 52.29 1.15 42.20
C39 LUT QK . 53.14 -3.77 41.67
C40 LUT QK . 51.90 -7.84 44.75
O23 LUT QK . 50.55 3.80 38.56
C1 BCR RK . 29.95 -31.94 56.89
C2 BCR RK . 28.81 -32.89 57.30
C3 BCR RK . 27.60 -32.88 56.38
C4 BCR RK . 27.17 -31.45 56.15
C5 BCR RK . 28.30 -30.78 55.40
C6 BCR RK . 29.58 -31.02 55.74
C7 BCR RK . 30.65 -30.36 54.96
C8 BCR RK . 31.24 -29.21 55.30
C9 BCR RK . 32.28 -28.64 54.43
C10 BCR RK . 32.58 -27.34 54.51
C11 BCR RK . 33.59 -26.72 53.66
C33 BCR RK . 27.92 -29.89 54.25
C31 BCR RK . 31.14 -32.78 56.46
C32 BCR RK . 30.32 -31.14 58.12
C34 BCR RK . 33.01 -29.53 53.47
C12 BCR RK . 33.98 -25.48 53.86
C13 BCR RK . 34.98 -24.92 52.94
C14 BCR RK . 35.85 -23.96 53.32
C15 BCR RK . 36.81 -23.46 52.34
C16 BCR RK . 37.35 -22.25 52.37
C17 BCR RK . 38.30 -21.92 51.33
C18 BCR RK . 38.68 -20.67 51.03
C19 BCR RK . 39.65 -20.47 49.95
C20 BCR RK . 40.12 -19.28 49.58
C21 BCR RK . 41.07 -19.33 48.48
C22 BCR RK . 41.71 -18.28 47.94
C23 BCR RK . 42.64 -18.59 46.83
C24 BCR RK . 43.15 -17.69 45.98
C25 BCR RK . 44.08 -18.09 44.89
C26 BCR RK . 43.61 -18.53 43.70
C27 BCR RK . 44.55 -18.93 42.59
C28 BCR RK . 45.70 -17.95 42.62
C29 BCR RK . 46.45 -18.16 43.93
C30 BCR RK . 45.58 -17.96 45.15
C35 BCR RK . 35.00 -25.45 51.53
C36 BCR RK . 38.12 -19.50 51.79
C37 BCR RK . 41.51 -16.88 48.44
C38 BCR RK . 42.16 -18.66 43.37
C39 BCR RK . 45.81 -16.55 45.68
C40 BCR RK . 46.07 -18.96 46.20
#